data_5DOU
#
_entry.id   5DOU
#
_cell.length_a   78.919
_cell.length_b   98.558
_cell.length_c   214.890
_cell.angle_alpha   90.660
_cell.angle_beta   98.650
_cell.angle_gamma   90.080
#
_symmetry.space_group_name_H-M   'P 1'
#
loop_
_entity.id
_entity.type
_entity.pdbx_description
1 polymer 'Carbamoyl-phosphate synthase [ammonia], mitochondrial'
2 non-polymer 'NICKEL (II) ION'
3 non-polymer 'MAGNESIUM ION'
4 non-polymer 'POTASSIUM ION'
5 non-polymer 'PHOSPHATE ION'
6 non-polymer "ADENOSINE-5'-DIPHOSPHATE"
7 non-polymer N-ACETYL-L-GLUTAMATE
8 non-polymer 'CHLORIDE ION'
9 non-polymer GLYCEROL
10 non-polymer 1,2-ETHANEDIOL
11 water water
#
_entity_poly.entity_id   1
_entity_poly.type   'polypeptide(L)'
_entity_poly.pdbx_seq_one_letter_code
;MSYYHHHHHHDYDIPTTENLYFQGAMDPSVKAQTAHIVLEDGTKMKGYSFGHPSSVAGEVVFNTGLGGYPEAITDPAYKG
QILTMANPIIGNGGAPDTTALDELGLSKYLESNGIKVSGLLVLDYSKDYNHWLATKSLGQWLQEEKVPAIYGVDTRMLTK
IIRDKGTMLGKIEFEGQPVDFVDPNKQNLIAEVSTKDVKVYGKGNPTKVVAVDCGIKNNVIRLLVKRGAEVHLVPWNHDF
TKMEYDGILIAGGPGNPALAEPLIQNVRKILESDRKEPLFGISTGNLITGLAAGAKTYKMSMANRGQNQPVLNITNKQAF
ITAQNHGYALDNTLPAGWKPLFVNVNDQTNEGIMHESKPFFAVQFHPEVTPGPIDTEYLFDSFFSLIKKGKATTITSVLP
KPALVASRVEVSKVLILGSGGLSIGQAGEFDYSGSQAVKAMKEENVKTVLMNPNIASVQTNEVGLKQADTVYFLPITPQF
VTEVIKAEQPDGLILGMGGQTALNCGVELFKRGVLKEYGVKVLGTSVESIMATEDRQLFSDKLNEINEKIAPSFAVESIE
DALKAADTIGYPVMIRSAYALGGLGSGICPNRETLMDLSTKAFAMTNQILVEKSVTGWKEIEYEVVRDADDNCVTVCNME
NVDAMGVHTGDSVVVAPAQTLSNAEFQMLRRTSINVVRHLGIVGECNIQFALHPTSMEYCIIEVNARLSRSSALASKATG
YPLAFIAAKIALGIPLPEIKNVVSGKTSACFEPSLDYMVTKIPRWDLDRFHGTSSRIGSSMKSVGEVMAIGRTFEESFQK
ALRMCHPSIEGFTPRLPMNKEWPSNLDLRKELSEPSSTRIYAIAKAIDDNMSLDEIEKLTYIDKWFLYKMRDILNMEKTL
KGLNSESMTEETLKRAKEIGFSDKQISKCLGLTEAQTRELRLKKNIHPWVKQIDTLAAEYPSVTNYLYVTYNGQEHDVNF
DDHGMMVLGCGPYHIGSSVEFDWCAVSSIRTLRQLGKKTVVVNCNPETVSTDFDECDKLYFEELSLERILDIYHQEACGG
CIISVGGQIPNNLAVPLYKNGVKIMGTSPLQIDRAEDRSIFSAVLDELKVAQAPWKAVNTLNEALEFAKSVDYPCLLRPS
YVLSGSAMNVVFSEDEMKKFLEEATRVSQEHPVVLTKFVEGAREVEMDAVGKDGRVISHAISEHVEDAGVHSGDATLMLP
TQTISQGAIEKVKDATRKIAKAFAISGPFNVQFLVKGNDVLVIECNLRASRSFPFVSKTLGVDFIDVATKVMIGENVDEK
HLPTLDHPIIPADYVAIKAPMFSWPRLRDADPILRCEMASTGEVACFGEGIHTAFLKAMLSTGFKIPQKGILIGIQQSFR
PRFLGVAEQLHNEGFKLFATEATSDWLNANNVPATPVAWPSQEGQNPSLSSIRKLIRDGSIDLVINLPNNNTKFVHDNYV
IRRTAVDSGIPLLTNFQVTKLFAEAVQKSRKVDSKSLFHYRQYSAGKAA
;
_entity_poly.pdbx_strand_id   A,B,C,D
#
# COMPACT_ATOMS: atom_id res chain seq x y z
N ALA A 32 -23.60 -71.23 -68.26
CA ALA A 32 -22.58 -70.19 -68.62
C ALA A 32 -21.18 -70.80 -68.85
N GLN A 33 -20.39 -70.16 -69.68
CA GLN A 33 -19.16 -70.70 -70.20
C GLN A 33 -17.92 -70.61 -69.28
N THR A 34 -17.16 -71.69 -69.18
CA THR A 34 -16.03 -71.74 -68.29
C THR A 34 -14.73 -71.84 -69.06
N ALA A 35 -13.63 -71.78 -68.33
CA ALA A 35 -12.28 -71.82 -68.88
C ALA A 35 -11.31 -71.91 -67.74
N HIS A 36 -10.09 -72.33 -68.01
CA HIS A 36 -9.12 -72.47 -66.94
C HIS A 36 -8.01 -71.46 -67.07
N ILE A 37 -7.41 -71.14 -65.92
CA ILE A 37 -6.10 -70.55 -65.85
C ILE A 37 -5.17 -71.69 -65.54
N VAL A 38 -4.19 -71.89 -66.40
CA VAL A 38 -3.22 -72.96 -66.27
C VAL A 38 -1.85 -72.34 -66.24
N LEU A 39 -1.10 -72.61 -65.19
CA LEU A 39 0.26 -72.11 -65.08
C LEU A 39 1.27 -73.18 -65.49
N GLU A 40 2.46 -72.75 -65.89
CA GLU A 40 3.50 -73.71 -66.29
C GLU A 40 3.93 -74.69 -65.18
N ASP A 41 3.69 -74.34 -63.92
CA ASP A 41 4.11 -75.23 -62.81
C ASP A 41 3.06 -76.31 -62.46
N GLY A 42 1.96 -76.37 -63.21
CA GLY A 42 0.92 -77.35 -62.96
C GLY A 42 -0.34 -76.77 -62.34
N THR A 43 -0.26 -75.63 -61.66
CA THR A 43 -1.47 -75.06 -61.13
C THR A 43 -2.53 -74.90 -62.22
N LYS A 44 -3.79 -75.11 -61.83
CA LYS A 44 -4.93 -75.08 -62.73
C LYS A 44 -6.12 -74.61 -61.90
N MET A 45 -6.89 -73.64 -62.40
CA MET A 45 -8.09 -73.19 -61.69
C MET A 45 -9.21 -72.88 -62.68
N LYS A 46 -10.42 -73.32 -62.36
CA LYS A 46 -11.53 -73.21 -63.29
C LYS A 46 -12.29 -71.96 -63.01
N GLY A 47 -12.47 -71.12 -64.04
CA GLY A 47 -13.20 -69.87 -63.85
C GLY A 47 -14.37 -69.76 -64.80
N TYR A 48 -15.23 -68.78 -64.56
CA TYR A 48 -16.29 -68.43 -65.46
C TYR A 48 -15.82 -67.29 -66.36
N SER A 49 -16.02 -67.45 -67.66
CA SER A 49 -15.57 -66.47 -68.63
C SER A 49 -16.47 -65.28 -68.64
N PHE A 50 -15.92 -64.08 -68.58
CA PHE A 50 -16.72 -62.86 -68.74
C PHE A 50 -16.20 -61.92 -69.84
N GLY A 51 -15.06 -62.26 -70.42
CA GLY A 51 -14.53 -61.51 -71.55
C GLY A 51 -14.79 -62.24 -72.87
N HIS A 52 -13.83 -62.13 -73.76
CA HIS A 52 -13.92 -62.76 -75.03
C HIS A 52 -13.68 -64.25 -74.89
N PRO A 53 -14.60 -65.07 -75.38
CA PRO A 53 -14.43 -66.48 -75.22
C PRO A 53 -13.39 -67.05 -76.18
N SER A 54 -12.11 -66.84 -75.86
CA SER A 54 -11.04 -67.40 -76.64
C SER A 54 -9.78 -67.51 -75.79
N SER A 55 -8.94 -68.51 -76.09
CA SER A 55 -7.73 -68.75 -75.29
C SER A 55 -6.61 -67.74 -75.56
N VAL A 56 -5.71 -67.59 -74.60
CA VAL A 56 -4.56 -66.70 -74.73
C VAL A 56 -3.47 -67.07 -73.75
N ALA A 57 -2.22 -66.94 -74.17
CA ALA A 57 -1.06 -67.30 -73.33
C ALA A 57 -0.13 -66.12 -73.12
N GLY A 58 0.36 -65.98 -71.90
CA GLY A 58 1.32 -64.94 -71.58
C GLY A 58 1.98 -65.11 -70.23
N GLU A 59 2.71 -64.07 -69.81
CA GLU A 59 3.26 -64.03 -68.46
C GLU A 59 2.13 -63.61 -67.49
N VAL A 60 1.91 -64.42 -66.45
CA VAL A 60 0.94 -64.08 -65.45
C VAL A 60 1.64 -63.17 -64.46
N VAL A 61 0.96 -62.07 -64.13
CA VAL A 61 1.43 -61.14 -63.12
C VAL A 61 0.30 -60.74 -62.19
N PHE A 62 0.65 -60.06 -61.12
CA PHE A 62 -0.32 -59.53 -60.19
C PHE A 62 0.03 -58.09 -59.87
N ASN A 63 -1.00 -57.33 -59.53
CA ASN A 63 -0.83 -55.94 -59.12
C ASN A 63 -1.73 -55.68 -57.90
N THR A 64 -1.17 -55.06 -56.87
CA THR A 64 -1.91 -54.87 -55.61
C THR A 64 -2.75 -53.59 -55.54
N GLY A 65 -2.72 -52.78 -56.59
CA GLY A 65 -3.56 -51.59 -56.60
C GLY A 65 -5.01 -52.02 -56.66
N LEU A 66 -5.87 -51.38 -55.87
CA LEU A 66 -7.24 -51.83 -55.73
C LEU A 66 -8.19 -51.15 -56.66
N GLY A 67 -7.89 -49.93 -57.10
CA GLY A 67 -8.81 -49.19 -57.93
C GLY A 67 -8.28 -48.78 -59.26
N GLY A 68 -9.17 -48.30 -60.13
CA GLY A 68 -8.83 -47.83 -61.45
C GLY A 68 -8.61 -48.94 -62.48
N TYR A 69 -9.45 -49.98 -62.44
CA TYR A 69 -9.29 -51.07 -63.39
C TYR A 69 -9.33 -50.55 -64.83
N PRO A 70 -10.16 -49.54 -65.11
CA PRO A 70 -10.17 -49.12 -66.51
C PRO A 70 -8.84 -48.50 -66.96
N GLU A 71 -8.33 -47.62 -66.16
CA GLU A 71 -7.01 -47.03 -66.41
C GLU A 71 -5.95 -48.12 -66.40
N ALA A 72 -5.99 -48.98 -65.39
CA ALA A 72 -5.03 -50.03 -65.20
C ALA A 72 -4.90 -50.92 -66.40
N ILE A 73 -6.03 -51.47 -66.88
CA ILE A 73 -5.97 -52.45 -67.98
C ILE A 73 -5.61 -51.84 -69.31
N THR A 74 -5.64 -50.51 -69.42
CA THR A 74 -5.11 -49.84 -70.61
C THR A 74 -3.67 -49.36 -70.44
N ASP A 75 -2.98 -49.78 -69.39
CA ASP A 75 -1.54 -49.53 -69.23
C ASP A 75 -0.70 -50.31 -70.27
N PRO A 76 0.06 -49.62 -71.14
CA PRO A 76 0.94 -50.35 -72.07
C PRO A 76 1.95 -51.30 -71.42
N ALA A 77 2.32 -51.07 -70.18
CA ALA A 77 3.17 -52.02 -69.47
C ALA A 77 2.63 -53.48 -69.38
N TYR A 78 1.33 -53.69 -69.57
CA TYR A 78 0.75 -55.03 -69.47
C TYR A 78 0.73 -55.80 -70.79
N LYS A 79 1.22 -55.20 -71.87
CA LYS A 79 1.37 -55.88 -73.16
C LYS A 79 2.00 -57.25 -73.05
N GLY A 80 1.32 -58.28 -73.51
CA GLY A 80 1.78 -59.65 -73.34
C GLY A 80 1.39 -60.35 -72.05
N GLN A 81 0.70 -59.66 -71.17
CA GLN A 81 0.53 -60.19 -69.81
C GLN A 81 -0.90 -60.48 -69.43
N ILE A 82 -1.02 -61.51 -68.60
CA ILE A 82 -2.26 -61.94 -67.99
C ILE A 82 -2.27 -61.39 -66.58
N LEU A 83 -3.15 -60.43 -66.37
CA LEU A 83 -3.21 -59.66 -65.11
C LEU A 83 -4.09 -60.30 -64.03
N THR A 84 -3.51 -60.47 -62.84
CA THR A 84 -4.26 -60.98 -61.71
C THR A 84 -4.54 -59.87 -60.74
N MET A 85 -5.83 -59.57 -60.53
CA MET A 85 -6.27 -58.46 -59.71
C MET A 85 -6.33 -58.84 -58.24
N ALA A 86 -5.70 -58.02 -57.41
CA ALA A 86 -5.81 -58.16 -55.98
C ALA A 86 -7.22 -57.87 -55.46
N ASN A 87 -7.78 -56.80 -55.97
CA ASN A 87 -9.12 -56.44 -55.59
C ASN A 87 -10.06 -57.55 -56.02
N PRO A 88 -10.74 -58.17 -55.06
CA PRO A 88 -11.56 -59.32 -55.45
C PRO A 88 -12.85 -58.94 -56.19
N ILE A 89 -13.23 -57.68 -56.16
CA ILE A 89 -14.54 -57.26 -56.67
C ILE A 89 -14.35 -56.24 -57.80
N ILE A 90 -14.48 -56.74 -59.03
CA ILE A 90 -14.07 -56.03 -60.20
C ILE A 90 -15.25 -55.83 -61.12
N GLY A 91 -15.35 -54.57 -61.63
CA GLY A 91 -16.36 -54.17 -62.61
C GLY A 91 -17.46 -53.28 -62.08
N ASN A 92 -17.33 -52.80 -60.85
CA ASN A 92 -18.41 -52.11 -60.18
C ASN A 92 -18.91 -50.90 -60.96
N GLY A 93 -18.02 -50.17 -61.60
CA GLY A 93 -18.41 -48.98 -62.37
C GLY A 93 -18.49 -49.24 -63.87
N GLY A 94 -18.55 -50.50 -64.28
CA GLY A 94 -18.61 -50.81 -65.68
C GLY A 94 -17.40 -50.26 -66.42
N ALA A 95 -17.59 -49.79 -67.65
CA ALA A 95 -16.53 -49.18 -68.45
C ALA A 95 -16.99 -47.83 -68.95
N PRO A 96 -16.07 -46.87 -69.12
CA PRO A 96 -16.50 -45.53 -69.52
C PRO A 96 -16.68 -45.40 -71.03
N ASP A 97 -16.69 -44.16 -71.55
CA ASP A 97 -16.71 -43.95 -73.01
C ASP A 97 -15.34 -44.24 -73.56
N THR A 98 -15.18 -45.41 -74.17
CA THR A 98 -13.88 -45.85 -74.61
C THR A 98 -13.51 -45.31 -75.98
N THR A 99 -14.40 -44.55 -76.61
CA THR A 99 -14.10 -43.93 -77.90
C THR A 99 -13.93 -42.41 -77.78
N ALA A 100 -14.37 -41.80 -76.69
CA ALA A 100 -14.28 -40.34 -76.56
C ALA A 100 -12.83 -39.89 -76.49
N LEU A 101 -12.50 -38.85 -77.23
CA LEU A 101 -11.17 -38.25 -77.21
C LEU A 101 -11.29 -36.98 -76.45
N ASP A 102 -10.16 -36.46 -75.99
CA ASP A 102 -10.13 -35.12 -75.42
C ASP A 102 -9.68 -34.12 -76.49
N GLU A 103 -9.44 -32.87 -76.10
CA GLU A 103 -9.06 -31.83 -77.08
C GLU A 103 -7.63 -31.96 -77.57
N LEU A 104 -6.84 -32.84 -76.98
CA LEU A 104 -5.53 -33.15 -77.54
C LEU A 104 -5.55 -34.33 -78.54
N GLY A 105 -6.65 -35.06 -78.64
CA GLY A 105 -6.70 -36.24 -79.48
C GLY A 105 -6.31 -37.50 -78.73
N LEU A 106 -6.20 -37.42 -77.42
CA LEU A 106 -5.97 -38.59 -76.60
C LEU A 106 -7.28 -39.10 -76.05
N SER A 107 -7.28 -40.37 -75.65
CA SER A 107 -8.41 -40.98 -74.99
C SER A 107 -8.77 -40.13 -73.80
N LYS A 108 -10.05 -39.82 -73.66
CA LYS A 108 -10.48 -39.00 -72.56
C LYS A 108 -10.37 -39.71 -71.23
N TYR A 109 -10.75 -40.98 -71.18
CA TYR A 109 -10.87 -41.71 -69.92
C TYR A 109 -9.85 -42.82 -69.77
N LEU A 110 -9.07 -43.11 -70.80
CA LEU A 110 -8.14 -44.25 -70.78
C LEU A 110 -6.70 -43.78 -70.93
N GLU A 111 -5.76 -44.70 -70.72
CA GLU A 111 -4.35 -44.34 -70.72
C GLU A 111 -3.62 -44.78 -71.97
N SER A 112 -4.30 -45.49 -72.84
CA SER A 112 -3.77 -45.80 -74.16
C SER A 112 -4.97 -46.01 -75.08
N ASN A 113 -4.69 -46.25 -76.35
CA ASN A 113 -5.75 -46.42 -77.36
C ASN A 113 -6.56 -47.68 -77.22
N GLY A 114 -6.25 -48.55 -76.28
CA GLY A 114 -7.05 -49.73 -76.07
C GLY A 114 -6.60 -50.54 -74.90
N ILE A 115 -7.26 -51.67 -74.70
CA ILE A 115 -6.90 -52.59 -73.61
C ILE A 115 -5.62 -53.31 -73.96
N LYS A 116 -4.66 -53.32 -73.04
CA LYS A 116 -3.30 -53.81 -73.31
C LYS A 116 -3.00 -55.15 -72.62
N VAL A 117 -3.81 -55.54 -71.62
CA VAL A 117 -3.61 -56.84 -71.02
C VAL A 117 -3.98 -57.90 -72.07
N SER A 118 -3.23 -59.00 -72.10
CA SER A 118 -3.58 -60.14 -72.94
C SER A 118 -4.75 -60.87 -72.35
N GLY A 119 -4.91 -60.79 -71.04
CA GLY A 119 -6.00 -61.48 -70.35
C GLY A 119 -6.17 -60.97 -68.93
N LEU A 120 -7.30 -61.28 -68.32
CA LEU A 120 -7.63 -60.76 -67.01
C LEU A 120 -8.09 -61.85 -66.05
N LEU A 121 -7.67 -61.75 -64.79
CA LEU A 121 -8.07 -62.73 -63.78
C LEU A 121 -8.60 -62.04 -62.52
N VAL A 122 -9.87 -62.32 -62.19
CA VAL A 122 -10.48 -61.78 -60.99
C VAL A 122 -11.19 -62.82 -60.19
N LEU A 123 -11.54 -62.49 -58.96
CA LEU A 123 -12.30 -63.39 -58.10
C LEU A 123 -13.83 -63.23 -58.32
N ASP A 124 -14.28 -62.00 -58.39
CA ASP A 124 -15.67 -61.70 -58.61
C ASP A 124 -15.80 -60.57 -59.64
N TYR A 125 -16.73 -60.79 -60.58
CA TYR A 125 -17.06 -59.81 -61.61
C TYR A 125 -18.49 -59.32 -61.34
N SER A 126 -18.66 -57.99 -61.30
CA SER A 126 -19.97 -57.38 -61.25
C SER A 126 -20.56 -57.25 -62.65
N LYS A 127 -21.49 -58.15 -62.97
CA LYS A 127 -22.22 -58.09 -64.22
C LYS A 127 -22.97 -56.75 -64.25
N ASP A 128 -23.57 -56.40 -63.11
CA ASP A 128 -24.31 -55.14 -62.95
C ASP A 128 -23.45 -54.02 -62.35
N TYR A 129 -23.51 -52.83 -62.94
CA TYR A 129 -22.59 -51.76 -62.60
C TYR A 129 -23.37 -50.48 -62.32
N ASN A 130 -22.72 -49.48 -61.74
CA ASN A 130 -23.39 -48.23 -61.54
C ASN A 130 -22.43 -47.10 -61.31
N HIS A 131 -22.28 -46.27 -62.32
CA HIS A 131 -21.47 -45.09 -62.15
C HIS A 131 -21.90 -44.08 -63.17
N TRP A 132 -21.76 -42.81 -62.82
CA TRP A 132 -22.32 -41.75 -63.65
C TRP A 132 -21.65 -41.59 -65.00
N LEU A 133 -20.39 -42.02 -65.10
CA LEU A 133 -19.62 -42.13 -66.36
C LEU A 133 -19.62 -43.52 -67.08
N ALA A 134 -20.35 -44.50 -66.58
CA ALA A 134 -20.34 -45.83 -67.18
C ALA A 134 -21.19 -45.85 -68.45
N THR A 135 -20.70 -46.41 -69.54
CA THR A 135 -21.50 -46.56 -70.78
C THR A 135 -21.75 -48.05 -71.14
N LYS A 136 -21.07 -48.97 -70.46
CA LYS A 136 -21.33 -50.36 -70.66
C LYS A 136 -20.67 -51.19 -69.55
N SER A 137 -20.93 -52.49 -69.52
CA SER A 137 -20.27 -53.36 -68.54
C SER A 137 -18.81 -53.55 -68.98
N LEU A 138 -17.95 -53.91 -68.03
CA LEU A 138 -16.55 -54.19 -68.27
C LEU A 138 -16.39 -55.45 -69.14
N GLY A 139 -17.30 -56.41 -69.00
CA GLY A 139 -17.25 -57.61 -69.80
C GLY A 139 -17.56 -57.34 -71.26
N GLN A 140 -18.54 -56.49 -71.51
CA GLN A 140 -18.84 -56.06 -72.89
C GLN A 140 -17.66 -55.37 -73.52
N TRP A 141 -16.97 -54.54 -72.74
CA TRP A 141 -15.76 -53.86 -73.20
C TRP A 141 -14.63 -54.84 -73.55
N LEU A 142 -14.41 -55.79 -72.66
CA LEU A 142 -13.48 -56.87 -72.88
C LEU A 142 -13.82 -57.69 -74.12
N GLN A 143 -15.10 -57.92 -74.37
CA GLN A 143 -15.50 -58.71 -75.53
C GLN A 143 -15.21 -57.96 -76.84
N GLU A 144 -15.57 -56.68 -76.87
CA GLU A 144 -15.23 -55.80 -78.00
C GLU A 144 -13.77 -55.79 -78.37
N GLU A 145 -12.88 -55.77 -77.37
CA GLU A 145 -11.44 -55.72 -77.62
C GLU A 145 -10.81 -57.10 -77.71
N LYS A 146 -11.63 -58.13 -77.77
CA LYS A 146 -11.14 -59.50 -77.91
C LYS A 146 -10.20 -59.93 -76.79
N VAL A 147 -10.49 -59.53 -75.55
CA VAL A 147 -9.65 -59.86 -74.40
C VAL A 147 -10.32 -60.91 -73.52
N PRO A 148 -9.68 -62.08 -73.37
CA PRO A 148 -10.19 -63.12 -72.47
C PRO A 148 -10.21 -62.63 -71.08
N ALA A 149 -11.19 -63.07 -70.31
CA ALA A 149 -11.26 -62.75 -68.91
C ALA A 149 -12.06 -63.80 -68.19
N ILE A 150 -11.64 -64.22 -67.00
CA ILE A 150 -12.42 -65.18 -66.19
C ILE A 150 -12.52 -64.74 -64.73
N TYR A 151 -13.67 -65.00 -64.10
CA TYR A 151 -13.80 -64.79 -62.69
C TYR A 151 -13.99 -66.11 -61.94
N GLY A 152 -14.03 -66.03 -60.63
CA GLY A 152 -14.25 -67.19 -59.81
C GLY A 152 -12.99 -67.92 -59.44
N VAL A 153 -11.85 -67.30 -59.66
CA VAL A 153 -10.55 -67.93 -59.32
C VAL A 153 -9.90 -67.27 -58.12
N ASP A 154 -9.18 -68.06 -57.34
CA ASP A 154 -8.61 -67.58 -56.09
C ASP A 154 -7.38 -66.75 -56.41
N THR A 155 -7.61 -65.45 -56.62
CA THR A 155 -6.53 -64.52 -56.98
C THR A 155 -5.45 -64.38 -55.91
N ARG A 156 -5.76 -64.78 -54.69
CA ARG A 156 -4.76 -64.69 -53.61
C ARG A 156 -3.77 -65.81 -53.74
N MET A 157 -4.31 -67.00 -53.97
CA MET A 157 -3.52 -68.17 -54.15
C MET A 157 -2.61 -68.00 -55.35
N LEU A 158 -3.20 -67.52 -56.44
CA LEU A 158 -2.42 -67.19 -57.65
C LEU A 158 -1.26 -66.27 -57.31
N THR A 159 -1.56 -65.18 -56.61
CA THR A 159 -0.55 -64.20 -56.22
C THR A 159 0.59 -64.83 -55.46
N LYS A 160 0.27 -65.61 -54.43
CA LYS A 160 1.32 -66.25 -53.63
C LYS A 160 2.16 -67.22 -54.47
N ILE A 161 1.55 -67.88 -55.44
CA ILE A 161 2.30 -68.74 -56.38
C ILE A 161 3.25 -67.96 -57.28
N ILE A 162 2.77 -66.85 -57.82
CA ILE A 162 3.56 -65.99 -58.71
C ILE A 162 4.68 -65.31 -57.95
N ARG A 163 4.35 -64.84 -56.76
CA ARG A 163 5.28 -64.09 -55.93
CA ARG A 163 5.29 -64.04 -55.96
C ARG A 163 6.68 -64.72 -55.93
N ASP A 164 7.68 -63.93 -56.31
CA ASP A 164 9.12 -64.25 -56.22
C ASP A 164 9.65 -65.38 -57.14
N LYS A 165 8.90 -65.70 -58.20
CA LYS A 165 9.34 -66.69 -59.18
C LYS A 165 9.87 -66.04 -60.45
N GLY A 166 10.02 -64.73 -60.47
CA GLY A 166 10.61 -64.07 -61.62
C GLY A 166 9.73 -64.00 -62.84
N THR A 167 9.30 -65.14 -63.32
CA THR A 167 8.50 -65.20 -64.54
C THR A 167 7.64 -66.43 -64.51
N MET A 168 6.35 -66.24 -64.22
CA MET A 168 5.40 -67.33 -64.31
C MET A 168 4.66 -67.18 -65.64
N LEU A 169 4.85 -68.16 -66.52
CA LEU A 169 4.04 -68.29 -67.72
C LEU A 169 2.70 -68.99 -67.43
N GLY A 170 1.67 -68.57 -68.13
CA GLY A 170 0.34 -69.15 -67.93
C GLY A 170 -0.50 -69.00 -69.18
N LYS A 171 -1.73 -69.46 -69.11
CA LYS A 171 -2.64 -69.21 -70.21
C LYS A 171 -4.06 -69.35 -69.75
N ILE A 172 -4.96 -68.57 -70.35
CA ILE A 172 -6.38 -68.82 -70.15
C ILE A 172 -6.79 -69.76 -71.28
N GLU A 173 -7.12 -71.00 -70.90
CA GLU A 173 -7.45 -72.06 -71.86
C GLU A 173 -8.93 -72.46 -71.88
N PHE A 174 -9.54 -72.29 -73.05
CA PHE A 174 -10.92 -72.69 -73.27
C PHE A 174 -10.95 -74.09 -73.88
N GLU A 175 -12.07 -74.78 -73.64
CA GLU A 175 -12.29 -76.12 -74.13
C GLU A 175 -12.33 -76.07 -75.63
N GLY A 176 -11.52 -76.90 -76.27
CA GLY A 176 -11.43 -76.93 -77.73
C GLY A 176 -10.61 -75.82 -78.33
N GLN A 177 -9.82 -75.13 -77.50
CA GLN A 177 -8.92 -74.09 -77.98
C GLN A 177 -7.59 -74.18 -77.25
N PRO A 178 -6.77 -75.15 -77.66
CA PRO A 178 -5.45 -75.23 -77.03
C PRO A 178 -4.51 -74.14 -77.50
N VAL A 179 -3.66 -73.67 -76.59
CA VAL A 179 -2.59 -72.77 -76.95
C VAL A 179 -1.33 -73.19 -76.20
N ASP A 180 -0.17 -72.89 -76.79
CA ASP A 180 1.10 -73.14 -76.13
C ASP A 180 1.45 -71.98 -75.24
N PHE A 181 2.24 -72.28 -74.21
CA PHE A 181 2.87 -71.26 -73.41
C PHE A 181 3.80 -70.46 -74.30
N VAL A 182 3.85 -69.16 -74.06
CA VAL A 182 4.74 -68.24 -74.77
C VAL A 182 5.29 -67.25 -73.76
N ASP A 183 6.56 -66.86 -73.92
CA ASP A 183 7.17 -65.79 -73.11
C ASP A 183 7.26 -64.51 -73.94
N PRO A 184 6.41 -63.53 -73.67
CA PRO A 184 6.47 -62.34 -74.50
C PRO A 184 7.71 -61.50 -74.25
N ASN A 185 8.42 -61.79 -73.16
CA ASN A 185 9.66 -61.09 -72.86
C ASN A 185 10.81 -61.41 -73.79
N LYS A 186 10.68 -62.50 -74.53
CA LYS A 186 11.64 -62.79 -75.55
C LYS A 186 11.51 -61.79 -76.69
N GLN A 187 10.41 -61.05 -76.77
CA GLN A 187 10.23 -59.98 -77.78
C GLN A 187 10.55 -58.61 -77.22
N ASN A 188 10.93 -57.72 -78.13
CA ASN A 188 10.98 -56.29 -77.86
C ASN A 188 9.56 -55.69 -77.88
N LEU A 189 8.91 -55.70 -76.71
CA LEU A 189 7.52 -55.23 -76.59
C LEU A 189 7.44 -53.73 -76.75
N ILE A 190 8.53 -53.06 -76.41
CA ILE A 190 8.63 -51.62 -76.65
C ILE A 190 8.20 -51.30 -78.09
N ALA A 191 8.77 -52.02 -79.06
CA ALA A 191 8.40 -51.83 -80.48
C ALA A 191 6.93 -52.17 -80.81
N GLU A 192 6.37 -53.17 -80.18
CA GLU A 192 4.99 -53.53 -80.41
C GLU A 192 4.00 -52.43 -79.95
N VAL A 193 4.35 -51.64 -78.94
CA VAL A 193 3.46 -50.57 -78.43
C VAL A 193 3.91 -49.14 -78.76
N SER A 194 5.04 -48.96 -79.42
CA SER A 194 5.46 -47.60 -79.69
C SER A 194 4.61 -47.07 -80.84
N THR A 195 4.48 -45.74 -80.89
CA THR A 195 3.91 -45.05 -82.04
C THR A 195 4.79 -45.28 -83.25
N LYS A 196 4.15 -45.41 -84.41
CA LYS A 196 4.84 -45.69 -85.67
C LYS A 196 5.28 -44.41 -86.36
N ASP A 197 4.71 -43.29 -85.96
CA ASP A 197 5.16 -42.01 -86.48
C ASP A 197 4.95 -40.88 -85.48
N VAL A 198 5.63 -39.77 -85.76
CA VAL A 198 5.71 -38.67 -84.82
C VAL A 198 4.35 -38.04 -84.67
N LYS A 199 3.97 -37.75 -83.45
CA LYS A 199 2.71 -37.09 -83.18
C LYS A 199 2.95 -35.92 -82.25
N VAL A 200 2.26 -34.82 -82.51
CA VAL A 200 2.39 -33.66 -81.66
C VAL A 200 1.13 -33.41 -80.80
N TYR A 201 1.34 -33.16 -79.52
CA TYR A 201 0.29 -32.71 -78.61
C TYR A 201 0.65 -31.34 -77.98
N GLY A 202 -0.34 -30.53 -77.69
CA GLY A 202 -0.10 -29.15 -77.28
C GLY A 202 0.46 -28.30 -78.42
N LYS A 203 -0.08 -28.51 -79.61
CA LYS A 203 0.35 -27.81 -80.79
C LYS A 203 0.35 -26.35 -80.59
N GLY A 204 1.51 -25.73 -80.76
CA GLY A 204 1.63 -24.29 -80.58
C GLY A 204 2.22 -23.82 -79.25
N ASN A 205 2.33 -24.72 -78.28
CA ASN A 205 2.84 -24.37 -76.97
C ASN A 205 4.31 -23.97 -77.00
N PRO A 206 4.74 -23.12 -76.07
CA PRO A 206 6.08 -22.56 -76.11
C PRO A 206 7.24 -23.53 -75.93
N THR A 207 7.10 -24.55 -75.08
CA THR A 207 8.24 -25.44 -74.72
C THR A 207 8.24 -26.77 -75.48
N LYS A 208 9.28 -27.00 -76.29
CA LYS A 208 9.34 -28.19 -77.11
C LYS A 208 9.92 -29.35 -76.32
N VAL A 209 9.12 -30.40 -76.14
CA VAL A 209 9.56 -31.63 -75.45
C VAL A 209 9.44 -32.84 -76.37
N VAL A 210 10.57 -33.50 -76.63
CA VAL A 210 10.54 -34.77 -77.32
C VAL A 210 10.24 -35.87 -76.31
N ALA A 211 9.21 -36.65 -76.61
CA ALA A 211 8.79 -37.77 -75.75
C ALA A 211 9.06 -39.09 -76.47
N VAL A 212 10.02 -39.85 -76.00
CA VAL A 212 10.35 -41.11 -76.64
C VAL A 212 9.36 -42.20 -76.16
N ASP A 213 8.51 -42.67 -77.08
CA ASP A 213 7.42 -43.51 -76.73
C ASP A 213 7.89 -44.92 -76.60
N CYS A 214 7.88 -45.43 -75.37
CA CYS A 214 8.22 -46.82 -75.09
C CYS A 214 7.01 -47.46 -74.43
N GLY A 215 5.84 -46.99 -74.80
CA GLY A 215 4.59 -47.43 -74.15
C GLY A 215 4.21 -46.41 -73.10
N ILE A 216 4.22 -45.16 -73.50
CA ILE A 216 3.84 -44.07 -72.67
C ILE A 216 2.34 -44.13 -72.31
N LYS A 217 2.01 -43.72 -71.09
CA LYS A 217 0.63 -43.55 -70.69
C LYS A 217 0.17 -42.14 -70.96
N ASN A 218 -1.13 -42.01 -71.27
CA ASN A 218 -1.67 -40.75 -71.75
C ASN A 218 -1.46 -39.61 -70.80
N ASN A 219 -1.47 -39.92 -69.54
CA ASN A 219 -1.37 -38.86 -68.56
C ASN A 219 -0.01 -38.19 -68.52
N VAL A 220 1.06 -38.90 -68.92
CA VAL A 220 2.34 -38.22 -69.05
C VAL A 220 2.13 -37.01 -70.02
N ILE A 221 1.43 -37.25 -71.10
CA ILE A 221 1.24 -36.25 -72.12
C ILE A 221 0.35 -35.12 -71.61
N ARG A 222 -0.71 -35.49 -70.90
CA ARG A 222 -1.61 -34.47 -70.37
C ARG A 222 -0.84 -33.53 -69.44
N LEU A 223 -0.02 -34.10 -68.56
CA LEU A 223 0.68 -33.31 -67.55
C LEU A 223 1.74 -32.41 -68.15
N LEU A 224 2.35 -32.85 -69.25
CA LEU A 224 3.35 -32.04 -69.97
C LEU A 224 2.73 -30.82 -70.63
N VAL A 225 1.71 -31.09 -71.45
CA VAL A 225 0.96 -30.07 -72.19
C VAL A 225 0.35 -29.05 -71.26
N LYS A 226 -0.22 -29.52 -70.16
CA LYS A 226 -0.77 -28.63 -69.14
C LYS A 226 0.26 -27.66 -68.53
N ARG A 227 1.54 -28.02 -68.56
CA ARG A 227 2.61 -27.17 -68.03
C ARG A 227 3.28 -26.33 -69.08
N GLY A 228 2.81 -26.42 -70.32
CA GLY A 228 3.26 -25.53 -71.37
C GLY A 228 4.02 -26.19 -72.48
N ALA A 229 4.01 -27.52 -72.50
CA ALA A 229 4.80 -28.22 -73.50
C ALA A 229 4.06 -28.41 -74.80
N GLU A 230 4.80 -28.33 -75.90
CA GLU A 230 4.39 -28.92 -77.18
C GLU A 230 5.14 -30.22 -77.23
N VAL A 231 4.42 -31.32 -77.14
CA VAL A 231 5.02 -32.65 -77.00
C VAL A 231 5.09 -33.36 -78.34
N HIS A 232 6.33 -33.72 -78.75
CA HIS A 232 6.58 -34.43 -79.97
C HIS A 232 6.82 -35.85 -79.55
N LEU A 233 5.83 -36.69 -79.79
CA LEU A 233 5.88 -38.10 -79.39
C LEU A 233 6.48 -38.87 -80.55
N VAL A 234 7.63 -39.50 -80.33
CA VAL A 234 8.39 -40.11 -81.42
C VAL A 234 8.59 -41.61 -81.21
N PRO A 235 8.70 -42.38 -82.30
CA PRO A 235 8.84 -43.81 -82.10
C PRO A 235 10.11 -44.11 -81.27
N TRP A 236 10.13 -45.28 -80.64
CA TRP A 236 11.19 -45.69 -79.77
C TRP A 236 12.56 -45.75 -80.47
N ASN A 237 12.57 -46.01 -81.77
CA ASN A 237 13.82 -46.06 -82.54
C ASN A 237 14.05 -44.82 -83.41
N HIS A 238 13.32 -43.77 -83.13
CA HIS A 238 13.48 -42.52 -83.82
C HIS A 238 14.82 -41.86 -83.45
N ASP A 239 15.50 -41.30 -84.43
CA ASP A 239 16.76 -40.61 -84.18
C ASP A 239 16.49 -39.17 -83.82
N PHE A 240 16.45 -38.95 -82.53
CA PHE A 240 16.13 -37.64 -81.93
C PHE A 240 17.38 -36.84 -81.61
N THR A 241 18.54 -37.45 -81.84
CA THR A 241 19.81 -36.96 -81.33
C THR A 241 20.30 -35.62 -81.91
N LYS A 242 19.84 -35.24 -83.10
CA LYS A 242 20.14 -33.89 -83.65
C LYS A 242 18.88 -33.02 -83.77
N MET A 243 17.74 -33.50 -83.27
CA MET A 243 16.55 -32.67 -83.19
C MET A 243 16.74 -31.49 -82.25
N GLU A 244 16.03 -30.41 -82.55
CA GLU A 244 15.98 -29.27 -81.64
C GLU A 244 14.86 -29.53 -80.67
N TYR A 245 15.15 -29.41 -79.36
CA TYR A 245 14.11 -29.46 -78.35
C TYR A 245 14.61 -28.77 -77.12
N ASP A 246 13.70 -28.41 -76.23
CA ASP A 246 14.05 -27.79 -74.95
C ASP A 246 14.17 -28.80 -73.82
N GLY A 247 13.59 -29.97 -74.01
CA GLY A 247 13.69 -31.04 -73.00
C GLY A 247 13.37 -32.36 -73.64
N ILE A 248 13.82 -33.44 -73.03
CA ILE A 248 13.52 -34.75 -73.57
C ILE A 248 13.03 -35.65 -72.44
N LEU A 249 12.06 -36.48 -72.75
CA LEU A 249 11.49 -37.37 -71.76
C LEU A 249 11.45 -38.75 -72.38
N ILE A 250 11.62 -39.79 -71.57
CA ILE A 250 11.50 -41.14 -72.04
C ILE A 250 10.61 -41.92 -71.14
N ALA A 251 9.53 -42.47 -71.66
CA ALA A 251 8.50 -43.04 -70.80
C ALA A 251 8.02 -44.35 -71.34
N GLY A 252 7.84 -45.32 -70.46
CA GLY A 252 7.22 -46.51 -70.87
C GLY A 252 7.05 -47.58 -69.82
N GLY A 253 6.59 -48.72 -70.32
CA GLY A 253 6.15 -49.80 -69.55
C GLY A 253 6.70 -51.11 -69.99
N PRO A 254 6.24 -51.69 -71.13
CA PRO A 254 6.44 -53.12 -71.31
C PRO A 254 7.87 -53.50 -71.74
N GLY A 255 8.34 -54.66 -71.28
CA GLY A 255 9.45 -55.31 -71.91
C GLY A 255 10.78 -55.22 -71.21
N ASN A 256 11.70 -56.04 -71.73
CA ASN A 256 13.08 -56.00 -71.33
C ASN A 256 13.72 -54.84 -72.08
N PRO A 257 14.26 -53.87 -71.32
CA PRO A 257 14.80 -52.68 -71.96
C PRO A 257 16.07 -52.98 -72.68
N ALA A 258 16.75 -54.06 -72.29
CA ALA A 258 18.00 -54.43 -72.94
C ALA A 258 17.78 -54.73 -74.42
N LEU A 259 16.56 -55.11 -74.81
CA LEU A 259 16.21 -55.41 -76.21
C LEU A 259 15.94 -54.17 -77.08
N ALA A 260 16.16 -52.97 -76.54
CA ALA A 260 15.91 -51.75 -77.28
C ALA A 260 17.19 -51.05 -77.67
N GLU A 261 18.10 -51.79 -78.33
CA GLU A 261 19.42 -51.26 -78.70
C GLU A 261 19.44 -49.97 -79.50
N PRO A 262 18.68 -49.90 -80.59
CA PRO A 262 18.68 -48.62 -81.27
C PRO A 262 18.55 -47.45 -80.31
N LEU A 263 17.60 -47.55 -79.36
CA LEU A 263 17.32 -46.45 -78.41
C LEU A 263 18.44 -46.22 -77.40
N ILE A 264 18.88 -47.28 -76.74
CA ILE A 264 19.97 -47.19 -75.78
C ILE A 264 21.14 -46.45 -76.44
N GLN A 265 21.44 -46.80 -77.69
CA GLN A 265 22.46 -46.09 -78.49
C GLN A 265 22.20 -44.59 -78.61
N ASN A 266 21.01 -44.25 -79.07
CA ASN A 266 20.63 -42.87 -79.21
C ASN A 266 20.73 -42.08 -77.94
N VAL A 267 20.29 -42.64 -76.83
CA VAL A 267 20.39 -41.92 -75.56
C VAL A 267 21.87 -41.80 -75.14
N ARG A 268 22.66 -42.84 -75.42
CA ARG A 268 24.07 -42.81 -75.14
C ARG A 268 24.76 -41.70 -75.92
N LYS A 269 24.39 -41.51 -77.17
CA LYS A 269 24.94 -40.41 -77.94
C LYS A 269 24.67 -39.05 -77.27
N ILE A 270 23.45 -38.81 -76.81
CA ILE A 270 23.12 -37.60 -76.03
C ILE A 270 24.06 -37.40 -74.79
N LEU A 271 24.23 -38.46 -74.01
CA LEU A 271 25.03 -38.40 -72.80
C LEU A 271 26.50 -38.18 -73.07
N GLU A 272 26.97 -38.72 -74.19
CA GLU A 272 28.37 -38.56 -74.58
C GLU A 272 28.66 -37.22 -75.25
N SER A 273 27.65 -36.40 -75.48
CA SER A 273 27.80 -35.17 -76.25
C SER A 273 27.85 -34.00 -75.29
N ASP A 274 27.81 -32.80 -75.84
CA ASP A 274 27.79 -31.60 -75.03
C ASP A 274 26.38 -31.08 -74.79
N ARG A 275 25.35 -31.82 -75.22
CA ARG A 275 23.97 -31.35 -75.10
C ARG A 275 23.54 -31.32 -73.63
N LYS A 276 22.78 -30.29 -73.25
CA LYS A 276 22.44 -30.08 -71.83
C LYS A 276 20.94 -29.82 -71.58
N GLU A 277 20.13 -30.18 -72.58
CA GLU A 277 18.68 -30.10 -72.45
C GLU A 277 18.27 -31.07 -71.33
N PRO A 278 17.41 -30.59 -70.42
CA PRO A 278 17.04 -31.46 -69.31
C PRO A 278 16.47 -32.75 -69.82
N LEU A 279 16.79 -33.84 -69.14
CA LEU A 279 16.27 -35.16 -69.52
C LEU A 279 15.56 -35.80 -68.34
N PHE A 280 14.40 -36.38 -68.62
CA PHE A 280 13.54 -36.88 -67.58
C PHE A 280 13.01 -38.22 -67.97
N GLY A 281 13.34 -39.23 -67.22
CA GLY A 281 12.94 -40.62 -67.55
C GLY A 281 11.91 -41.19 -66.58
N ILE A 282 10.90 -41.87 -67.13
CA ILE A 282 9.93 -42.59 -66.34
C ILE A 282 9.91 -44.09 -66.62
N SER A 283 9.99 -44.86 -65.54
CA SER A 283 9.96 -46.36 -65.53
C SER A 283 10.93 -46.95 -66.54
N THR A 284 10.49 -47.31 -67.75
CA THR A 284 11.42 -47.77 -68.77
C THR A 284 12.55 -46.77 -69.00
N GLY A 285 12.19 -45.48 -68.96
CA GLY A 285 13.15 -44.38 -69.09
C GLY A 285 14.29 -44.46 -68.12
N ASN A 286 13.98 -44.83 -66.88
CA ASN A 286 15.03 -45.00 -65.88
C ASN A 286 15.95 -46.08 -66.37
N LEU A 287 15.40 -47.16 -66.87
CA LEU A 287 16.21 -48.30 -67.24
C LEU A 287 17.02 -48.08 -68.51
N ILE A 288 16.39 -47.50 -69.52
CA ILE A 288 17.06 -47.10 -70.75
C ILE A 288 18.17 -46.11 -70.45
N THR A 289 17.91 -45.13 -69.59
CA THR A 289 18.91 -44.11 -69.34
C THR A 289 20.11 -44.68 -68.60
N GLY A 290 19.83 -45.52 -67.61
CA GLY A 290 20.85 -46.29 -66.90
C GLY A 290 21.70 -47.14 -67.82
N LEU A 291 21.06 -47.77 -68.81
CA LEU A 291 21.75 -48.59 -69.80
C LEU A 291 22.63 -47.70 -70.68
N ALA A 292 22.06 -46.62 -71.19
CA ALA A 292 22.84 -45.65 -71.98
C ALA A 292 24.06 -45.12 -71.21
N ALA A 293 23.87 -44.86 -69.92
CA ALA A 293 24.97 -44.40 -69.08
C ALA A 293 26.06 -45.46 -68.79
N GLY A 294 25.70 -46.75 -68.81
CA GLY A 294 26.64 -47.82 -68.48
C GLY A 294 26.29 -48.72 -67.31
N ALA A 295 25.08 -48.61 -66.78
CA ALA A 295 24.62 -49.51 -65.69
C ALA A 295 23.99 -50.82 -66.20
N LYS A 296 23.90 -51.83 -65.33
CA LYS A 296 23.20 -53.10 -65.65
C LYS A 296 21.72 -53.05 -65.24
N THR A 297 20.91 -53.85 -65.94
CA THR A 297 19.51 -54.08 -65.58
C THR A 297 19.34 -55.57 -65.34
N TYR A 298 18.29 -55.96 -64.63
CA TYR A 298 18.01 -57.37 -64.38
C TYR A 298 16.50 -57.60 -64.23
N LYS A 299 16.06 -58.81 -64.50
CA LYS A 299 14.65 -59.19 -64.34
C LYS A 299 14.48 -59.49 -62.87
N MET A 300 13.49 -58.86 -62.25
CA MET A 300 13.28 -58.98 -60.81
C MET A 300 12.56 -60.28 -60.57
N SER A 301 12.88 -60.97 -59.48
CA SER A 301 12.07 -62.16 -59.11
C SER A 301 10.81 -61.69 -58.41
N MET A 302 10.92 -60.59 -57.67
CA MET A 302 9.78 -59.97 -57.05
C MET A 302 9.66 -58.59 -57.71
N ALA A 303 8.73 -58.47 -58.66
CA ALA A 303 8.48 -57.19 -59.39
C ALA A 303 7.85 -56.12 -58.44
N ASN A 304 7.82 -54.87 -58.85
CA ASN A 304 7.08 -53.87 -58.15
C ASN A 304 5.81 -53.49 -58.95
N ARG A 305 4.65 -53.99 -58.50
CA ARG A 305 3.36 -53.69 -59.12
C ARG A 305 2.32 -53.37 -58.08
N GLY A 306 1.96 -52.10 -57.99
CA GLY A 306 1.00 -51.68 -56.98
C GLY A 306 0.76 -50.19 -57.06
N GLN A 307 -0.08 -49.69 -56.16
CA GLN A 307 -0.33 -48.24 -55.98
C GLN A 307 0.11 -47.75 -54.59
N ASN A 308 0.75 -48.64 -53.84
CA ASN A 308 1.16 -48.44 -52.46
C ASN A 308 2.67 -48.72 -52.24
N GLN A 309 3.51 -48.45 -53.25
CA GLN A 309 4.92 -48.80 -53.20
C GLN A 309 5.74 -47.64 -52.64
N PRO A 310 6.31 -47.82 -51.43
CA PRO A 310 7.03 -46.72 -50.79
C PRO A 310 8.42 -46.52 -51.37
N VAL A 311 8.78 -45.26 -51.66
CA VAL A 311 10.13 -44.89 -52.05
C VAL A 311 10.69 -43.79 -51.16
N LEU A 312 12.01 -43.76 -51.00
CA LEU A 312 12.66 -42.73 -50.23
C LEU A 312 13.57 -41.95 -51.15
N ASN A 313 13.52 -40.63 -51.07
CA ASN A 313 14.53 -39.76 -51.68
C ASN A 313 15.82 -39.82 -50.84
N ILE A 314 16.83 -40.52 -51.34
CA ILE A 314 18.15 -40.67 -50.69
C ILE A 314 18.69 -39.35 -50.12
N THR A 315 18.74 -38.33 -50.95
CA THR A 315 19.21 -37.00 -50.59
C THR A 315 18.59 -36.38 -49.33
N ASN A 316 17.27 -36.32 -49.26
CA ASN A 316 16.61 -35.62 -48.16
C ASN A 316 15.69 -36.47 -47.28
N LYS A 317 15.64 -37.76 -47.51
CA LYS A 317 14.99 -38.66 -46.55
C LYS A 317 13.43 -38.49 -46.52
N GLN A 318 12.89 -37.85 -47.56
CA GLN A 318 11.46 -37.73 -47.71
C GLN A 318 10.94 -39.00 -48.36
N ALA A 319 9.78 -39.45 -47.92
CA ALA A 319 9.18 -40.68 -48.42
C ALA A 319 7.96 -40.39 -49.28
N PHE A 320 7.70 -41.28 -50.22
CA PHE A 320 6.60 -41.10 -51.10
C PHE A 320 5.97 -42.43 -51.44
N ILE A 321 4.65 -42.40 -51.58
CA ILE A 321 3.84 -43.53 -52.03
C ILE A 321 3.64 -43.40 -53.55
N THR A 322 3.83 -44.50 -54.27
CA THR A 322 3.97 -44.44 -55.71
C THR A 322 3.24 -45.55 -56.36
N ALA A 323 2.84 -45.35 -57.60
CA ALA A 323 2.35 -46.45 -58.41
C ALA A 323 3.54 -46.91 -59.23
N GLN A 324 3.73 -48.22 -59.25
CA GLN A 324 4.73 -48.87 -60.09
C GLN A 324 4.10 -50.05 -60.81
N ASN A 325 4.73 -50.39 -61.92
CA ASN A 325 4.38 -51.51 -62.71
C ASN A 325 5.60 -51.92 -63.55
N HIS A 326 6.64 -52.41 -62.89
CA HIS A 326 7.86 -52.85 -63.54
C HIS A 326 8.43 -54.17 -62.99
N GLY A 327 8.99 -54.97 -63.91
CA GLY A 327 9.55 -56.28 -63.64
C GLY A 327 11.05 -56.37 -63.88
N TYR A 328 11.62 -55.33 -64.51
CA TYR A 328 13.05 -55.18 -64.68
C TYR A 328 13.50 -54.02 -63.83
N ALA A 329 14.72 -54.05 -63.33
CA ALA A 329 15.23 -53.01 -62.47
C ALA A 329 16.70 -52.73 -62.78
N LEU A 330 17.14 -51.57 -62.36
CA LEU A 330 18.51 -51.15 -62.54
C LEU A 330 19.35 -51.64 -61.38
N ASP A 331 20.48 -52.28 -61.72
CA ASP A 331 21.49 -52.64 -60.76
C ASP A 331 21.96 -51.37 -60.06
N ASN A 332 22.13 -51.45 -58.74
CA ASN A 332 22.51 -50.27 -57.95
C ASN A 332 23.94 -49.75 -58.10
N THR A 333 24.82 -50.50 -58.77
CA THR A 333 26.16 -50.00 -59.13
C THR A 333 26.15 -49.16 -60.44
N LEU A 334 26.32 -47.85 -60.31
CA LEU A 334 26.21 -46.92 -61.43
C LEU A 334 27.55 -46.26 -61.80
N PRO A 335 27.70 -45.86 -63.08
CA PRO A 335 28.99 -45.27 -63.48
C PRO A 335 29.20 -43.85 -62.92
N ALA A 336 30.46 -43.44 -62.79
CA ALA A 336 30.87 -42.11 -62.37
C ALA A 336 30.01 -41.01 -62.95
N GLY A 337 29.65 -40.06 -62.08
CA GLY A 337 28.78 -38.96 -62.43
C GLY A 337 27.30 -39.22 -62.21
N TRP A 338 26.93 -40.45 -61.91
CA TRP A 338 25.53 -40.83 -61.68
C TRP A 338 25.30 -41.34 -60.26
N LYS A 339 24.22 -40.92 -59.63
CA LYS A 339 23.93 -41.25 -58.25
C LYS A 339 22.48 -41.69 -58.15
N PRO A 340 22.17 -42.64 -57.25
CA PRO A 340 20.78 -42.97 -57.03
C PRO A 340 20.01 -41.79 -56.47
N LEU A 341 18.75 -41.70 -56.82
CA LEU A 341 17.87 -40.62 -56.39
C LEU A 341 16.79 -41.16 -55.45
N PHE A 342 16.11 -42.20 -55.87
CA PHE A 342 15.11 -42.83 -55.04
C PHE A 342 15.47 -44.28 -54.81
N VAL A 343 15.11 -44.80 -53.65
CA VAL A 343 15.24 -46.22 -53.34
C VAL A 343 13.89 -46.74 -52.85
N ASN A 344 13.65 -48.03 -53.06
CA ASN A 344 12.42 -48.69 -52.62
C ASN A 344 12.56 -49.06 -51.16
N VAL A 345 11.63 -48.62 -50.32
CA VAL A 345 11.79 -48.76 -48.89
C VAL A 345 11.52 -50.20 -48.40
N ASN A 346 10.84 -50.99 -49.21
CA ASN A 346 10.63 -52.39 -48.88
C ASN A 346 11.81 -53.28 -49.21
N ASP A 347 12.36 -53.15 -50.41
CA ASP A 347 13.30 -54.14 -50.94
C ASP A 347 14.62 -53.55 -51.39
N GLN A 348 14.79 -52.26 -51.13
CA GLN A 348 16.04 -51.54 -51.42
C GLN A 348 16.45 -51.45 -52.92
N THR A 349 15.58 -51.87 -53.84
CA THR A 349 15.88 -51.77 -55.24
C THR A 349 15.91 -50.30 -55.65
N ASN A 350 16.60 -50.01 -56.73
CA ASN A 350 16.63 -48.65 -57.25
C ASN A 350 15.27 -48.14 -57.75
N GLU A 351 15.03 -46.85 -57.56
CA GLU A 351 13.77 -46.23 -58.01
C GLU A 351 14.00 -44.89 -58.70
N GLY A 352 15.26 -44.63 -59.07
CA GLY A 352 15.64 -43.34 -59.62
C GLY A 352 17.16 -43.11 -59.70
N ILE A 353 17.54 -42.32 -60.69
CA ILE A 353 18.91 -41.87 -60.82
C ILE A 353 18.97 -40.40 -61.24
N MET A 354 20.12 -39.79 -60.95
CA MET A 354 20.45 -38.42 -61.34
C MET A 354 21.94 -38.27 -61.66
N HIS A 355 22.24 -37.31 -62.54
CA HIS A 355 23.59 -36.89 -62.83
C HIS A 355 23.98 -35.90 -61.74
N GLU A 356 25.26 -35.83 -61.40
CA GLU A 356 25.74 -34.95 -60.34
C GLU A 356 25.84 -33.48 -60.70
N SER A 357 25.76 -33.14 -61.99
CA SER A 357 25.94 -31.76 -62.47
C SER A 357 25.00 -31.38 -63.64
N LYS A 358 24.73 -32.31 -64.56
CA LYS A 358 23.79 -32.07 -65.66
C LYS A 358 22.34 -32.33 -65.26
N PRO A 359 21.37 -31.72 -65.96
CA PRO A 359 19.96 -31.84 -65.56
C PRO A 359 19.32 -33.12 -66.06
N PHE A 360 19.98 -34.25 -65.88
CA PHE A 360 19.39 -35.53 -66.28
C PHE A 360 18.92 -36.28 -65.04
N PHE A 361 17.66 -36.66 -65.03
CA PHE A 361 17.22 -37.60 -64.03
C PHE A 361 16.18 -38.58 -64.56
N ALA A 362 15.97 -39.63 -63.77
CA ALA A 362 14.93 -40.59 -64.08
C ALA A 362 14.33 -41.19 -62.79
N VAL A 363 13.05 -41.55 -62.88
CA VAL A 363 12.36 -42.29 -61.84
C VAL A 363 11.78 -43.60 -62.40
N GLN A 364 11.76 -44.64 -61.55
CA GLN A 364 11.36 -45.99 -61.94
C GLN A 364 9.89 -46.15 -61.83
N PHE A 365 9.26 -45.20 -61.14
CA PHE A 365 7.83 -45.25 -60.87
C PHE A 365 7.12 -44.27 -61.80
N HIS A 366 5.79 -44.20 -61.67
CA HIS A 366 4.96 -43.37 -62.54
C HIS A 366 4.36 -42.17 -61.80
N PRO A 367 5.02 -41.00 -61.88
CA PRO A 367 4.45 -39.81 -61.23
C PRO A 367 3.10 -39.36 -61.81
N GLU A 368 2.85 -39.76 -63.05
CA GLU A 368 1.57 -39.52 -63.75
C GLU A 368 0.48 -40.40 -63.25
N VAL A 369 0.86 -41.44 -62.49
CA VAL A 369 -0.10 -42.38 -61.83
C VAL A 369 -1.25 -42.73 -62.76
N THR A 370 -2.54 -42.62 -62.36
CA THR A 370 -3.68 -42.90 -63.26
C THR A 370 -3.65 -44.35 -63.71
N PRO A 371 -3.92 -45.31 -62.81
CA PRO A 371 -4.23 -45.09 -61.40
C PRO A 371 -3.06 -44.92 -60.43
N GLY A 372 -3.37 -44.36 -59.27
CA GLY A 372 -2.40 -44.24 -58.20
C GLY A 372 -2.37 -42.90 -57.49
N PRO A 373 -1.52 -42.81 -56.45
CA PRO A 373 -1.45 -41.63 -55.60
C PRO A 373 -0.76 -40.42 -56.24
N ILE A 374 -1.45 -39.29 -56.20
CA ILE A 374 -0.94 -38.03 -56.76
C ILE A 374 -0.05 -37.36 -55.73
N ASP A 375 1.12 -37.95 -55.55
CA ASP A 375 2.05 -37.55 -54.52
C ASP A 375 3.40 -37.17 -55.09
N THR A 376 3.64 -37.51 -56.36
CA THR A 376 4.95 -37.23 -56.97
C THR A 376 4.83 -36.50 -58.32
N GLU A 377 3.74 -35.78 -58.49
CA GLU A 377 3.54 -34.94 -59.67
C GLU A 377 4.51 -33.74 -59.75
N TYR A 378 4.98 -33.26 -58.59
CA TYR A 378 6.00 -32.22 -58.53
C TYR A 378 7.21 -32.47 -59.45
N LEU A 379 7.48 -33.75 -59.75
CA LEU A 379 8.59 -34.13 -60.63
C LEU A 379 8.46 -33.54 -62.03
N PHE A 380 7.23 -33.30 -62.50
CA PHE A 380 7.00 -32.57 -63.75
C PHE A 380 7.35 -31.08 -63.59
N ASP A 381 6.92 -30.44 -62.49
CA ASP A 381 7.31 -29.07 -62.18
C ASP A 381 8.79 -28.95 -62.12
N SER A 382 9.45 -29.94 -61.54
CA SER A 382 10.93 -29.92 -61.45
C SER A 382 11.60 -29.96 -62.80
N PHE A 383 11.08 -30.80 -63.68
CA PHE A 383 11.57 -30.92 -65.04
C PHE A 383 11.50 -29.57 -65.75
N PHE A 384 10.38 -28.86 -65.57
CA PHE A 384 10.12 -27.61 -66.30
C PHE A 384 10.99 -26.54 -65.73
N SER A 385 11.23 -26.59 -64.42
CA SER A 385 12.18 -25.65 -63.80
C SER A 385 13.58 -25.81 -64.31
N LEU A 386 13.99 -27.05 -64.57
CA LEU A 386 15.32 -27.30 -65.18
C LEU A 386 15.40 -26.65 -66.54
N ILE A 387 14.33 -26.75 -67.33
CA ILE A 387 14.29 -26.13 -68.65
C ILE A 387 14.36 -24.60 -68.58
N LYS A 388 13.59 -24.01 -67.68
CA LYS A 388 13.49 -22.55 -67.54
C LYS A 388 14.76 -21.92 -67.00
N LYS A 389 15.34 -22.49 -65.95
CA LYS A 389 16.63 -22.01 -65.40
C LYS A 389 17.81 -22.18 -66.36
N GLY A 390 17.87 -23.34 -67.00
CA GLY A 390 18.72 -23.55 -68.18
C GLY A 390 20.16 -23.05 -68.13
N LYS A 391 20.84 -23.36 -67.03
CA LYS A 391 22.27 -23.06 -66.89
C LYS A 391 22.93 -24.23 -66.18
N ALA A 392 22.68 -25.43 -66.71
CA ALA A 392 23.09 -26.69 -66.08
C ALA A 392 22.70 -26.80 -64.60
N THR A 393 21.53 -26.25 -64.23
CA THR A 393 20.96 -26.45 -62.89
C THR A 393 20.98 -27.94 -62.58
N THR A 394 21.09 -28.28 -61.30
CA THR A 394 21.09 -29.71 -60.92
C THR A 394 19.72 -30.17 -60.40
N ILE A 395 19.47 -31.47 -60.55
CA ILE A 395 18.17 -32.04 -60.13
C ILE A 395 17.82 -31.75 -58.66
N THR A 396 18.81 -31.82 -57.78
CA THR A 396 18.59 -31.59 -56.34
C THR A 396 18.11 -30.19 -56.03
N SER A 397 18.64 -29.21 -56.76
CA SER A 397 18.34 -27.81 -56.50
C SER A 397 16.89 -27.44 -56.74
N VAL A 398 16.20 -28.20 -57.59
CA VAL A 398 14.82 -27.91 -57.90
C VAL A 398 13.87 -28.94 -57.29
N LEU A 399 14.29 -29.62 -56.23
CA LEU A 399 13.37 -30.57 -55.58
C LEU A 399 12.87 -30.03 -54.25
N PRO A 400 11.61 -30.34 -53.91
CA PRO A 400 11.02 -29.72 -52.73
C PRO A 400 11.92 -29.96 -51.53
N LYS A 401 12.14 -28.94 -50.71
CA LYS A 401 12.88 -29.07 -49.45
C LYS A 401 11.97 -29.58 -48.31
N PRO A 402 12.51 -30.42 -47.40
CA PRO A 402 11.70 -30.89 -46.29
C PRO A 402 11.11 -29.76 -45.45
N ALA A 403 9.78 -29.83 -45.28
CA ALA A 403 9.00 -28.87 -44.48
C ALA A 403 8.99 -29.23 -42.97
N LEU A 404 9.34 -30.48 -42.62
CA LEU A 404 9.66 -30.88 -41.23
C LEU A 404 10.89 -31.81 -41.11
N VAL A 405 11.62 -31.65 -39.99
CA VAL A 405 12.80 -32.46 -39.71
C VAL A 405 12.57 -33.09 -38.35
N ALA A 406 12.15 -34.35 -38.35
CA ALA A 406 11.83 -35.14 -37.14
C ALA A 406 12.96 -35.31 -36.12
N SER A 407 12.89 -34.51 -35.06
CA SER A 407 13.76 -34.62 -33.89
C SER A 407 12.96 -35.39 -32.85
N ARG A 408 13.58 -36.37 -32.18
CA ARG A 408 12.88 -37.17 -31.19
CA ARG A 408 12.88 -37.16 -31.19
C ARG A 408 12.66 -36.38 -29.91
N VAL A 409 11.40 -36.30 -29.51
CA VAL A 409 10.99 -35.60 -28.32
C VAL A 409 11.53 -36.43 -27.18
N GLU A 410 12.05 -35.77 -26.16
CA GLU A 410 12.50 -36.46 -24.97
C GLU A 410 11.43 -36.31 -23.91
N VAL A 411 10.92 -37.45 -23.45
CA VAL A 411 9.94 -37.52 -22.40
C VAL A 411 10.28 -38.73 -21.59
N SER A 412 10.21 -38.60 -20.27
CA SER A 412 10.45 -39.73 -19.38
C SER A 412 9.16 -40.29 -18.75
N LYS A 413 8.16 -39.46 -18.59
CA LYS A 413 6.89 -39.94 -18.06
C LYS A 413 5.66 -39.31 -18.75
N VAL A 414 4.82 -40.16 -19.35
CA VAL A 414 3.61 -39.71 -20.04
C VAL A 414 2.32 -40.03 -19.32
N LEU A 415 1.41 -39.07 -19.32
CA LEU A 415 0.06 -39.28 -18.81
C LEU A 415 -0.83 -39.54 -19.99
N ILE A 416 -1.60 -40.62 -19.94
CA ILE A 416 -2.59 -40.94 -20.99
C ILE A 416 -4.00 -40.85 -20.40
N LEU A 417 -4.91 -40.25 -21.14
CA LEU A 417 -6.32 -40.14 -20.71
C LEU A 417 -7.25 -41.11 -21.41
N GLY A 418 -8.10 -41.77 -20.63
CA GLY A 418 -9.11 -42.66 -21.15
C GLY A 418 -10.40 -41.88 -21.37
N SER A 419 -11.41 -42.56 -21.89
CA SER A 419 -12.75 -41.97 -22.13
C SER A 419 -13.66 -41.91 -20.91
N GLY A 420 -13.32 -42.63 -19.87
CA GLY A 420 -14.22 -42.87 -18.77
C GLY A 420 -15.22 -43.93 -19.14
N GLY A 421 -16.40 -43.87 -18.51
CA GLY A 421 -17.43 -44.85 -18.73
C GLY A 421 -17.90 -44.82 -20.13
N LEU A 422 -18.26 -45.99 -20.66
CA LEU A 422 -18.73 -46.07 -22.02
C LEU A 422 -20.14 -45.49 -22.15
N SER A 423 -20.35 -44.85 -23.29
CA SER A 423 -21.60 -44.18 -23.59
C SER A 423 -21.73 -44.23 -25.11
N ILE A 424 -22.94 -44.11 -25.62
CA ILE A 424 -23.21 -44.11 -27.05
C ILE A 424 -22.33 -43.11 -27.77
N GLY A 425 -21.58 -43.58 -28.77
CA GLY A 425 -20.61 -42.76 -29.51
C GLY A 425 -19.19 -42.66 -28.97
N GLN A 426 -18.98 -43.18 -27.77
CA GLN A 426 -17.69 -43.09 -27.08
C GLN A 426 -17.54 -44.36 -26.29
N ALA A 427 -17.14 -45.37 -27.04
CA ALA A 427 -17.23 -46.74 -26.60
C ALA A 427 -15.82 -47.34 -26.43
N GLY A 428 -15.67 -48.63 -26.68
CA GLY A 428 -14.46 -49.33 -26.28
C GLY A 428 -13.31 -49.12 -27.21
N GLU A 429 -13.57 -48.45 -28.34
CA GLU A 429 -12.49 -48.20 -29.29
C GLU A 429 -11.28 -47.55 -28.57
N PHE A 430 -11.53 -46.75 -27.55
CA PHE A 430 -10.43 -46.08 -26.83
C PHE A 430 -9.67 -46.90 -25.80
N ASP A 431 -10.31 -47.91 -25.24
CA ASP A 431 -9.65 -48.95 -24.44
C ASP A 431 -8.63 -49.61 -25.35
N TYR A 432 -9.11 -50.07 -26.51
CA TYR A 432 -8.25 -50.69 -27.54
C TYR A 432 -7.09 -49.77 -27.95
N SER A 433 -7.39 -48.50 -28.26
CA SER A 433 -6.36 -47.57 -28.74
C SER A 433 -5.33 -47.32 -27.68
N GLY A 434 -5.84 -46.96 -26.52
CA GLY A 434 -4.98 -46.60 -25.40
C GLY A 434 -4.10 -47.72 -24.92
N SER A 435 -4.56 -48.95 -25.04
CA SER A 435 -3.69 -50.09 -24.76
C SER A 435 -2.54 -50.16 -25.77
N GLN A 436 -2.82 -49.87 -27.04
CA GLN A 436 -1.75 -49.87 -28.03
C GLN A 436 -0.75 -48.76 -27.74
N ALA A 437 -1.27 -47.61 -27.36
CA ALA A 437 -0.38 -46.47 -27.02
C ALA A 437 0.60 -46.79 -25.89
N VAL A 438 0.13 -47.45 -24.85
CA VAL A 438 0.97 -47.78 -23.70
C VAL A 438 2.07 -48.74 -24.12
N LYS A 439 1.71 -49.70 -24.98
CA LYS A 439 2.69 -50.62 -25.51
C LYS A 439 3.80 -49.92 -26.25
N ALA A 440 3.42 -48.97 -27.10
CA ALA A 440 4.38 -48.19 -27.85
C ALA A 440 5.30 -47.45 -26.89
N MET A 441 4.72 -46.88 -25.86
CA MET A 441 5.47 -46.09 -24.88
C MET A 441 6.51 -46.90 -24.14
N LYS A 442 6.12 -48.13 -23.81
CA LYS A 442 6.99 -49.02 -23.09
C LYS A 442 8.13 -49.50 -23.96
N GLU A 443 7.83 -49.75 -25.24
CA GLU A 443 8.88 -50.19 -26.14
C GLU A 443 9.98 -49.15 -26.18
N GLU A 444 9.59 -47.87 -26.08
CA GLU A 444 10.55 -46.77 -26.10
C GLU A 444 10.98 -46.31 -24.70
N ASN A 445 10.82 -47.18 -23.72
CA ASN A 445 11.27 -46.91 -22.35
C ASN A 445 10.67 -45.69 -21.70
N VAL A 446 9.40 -45.43 -21.95
CA VAL A 446 8.77 -44.28 -21.38
C VAL A 446 7.77 -44.70 -20.32
N LYS A 447 7.94 -44.16 -19.12
CA LYS A 447 7.05 -44.43 -18.01
C LYS A 447 5.69 -43.86 -18.33
N THR A 448 4.64 -44.55 -17.91
CA THR A 448 3.28 -44.16 -18.27
C THR A 448 2.32 -44.15 -17.07
N VAL A 449 1.50 -43.11 -17.00
CA VAL A 449 0.39 -43.05 -16.06
C VAL A 449 -0.96 -42.99 -16.78
N LEU A 450 -1.91 -43.80 -16.34
CA LEU A 450 -3.21 -43.83 -16.95
C LEU A 450 -4.27 -43.34 -16.00
N MET A 451 -5.19 -42.53 -16.53
CA MET A 451 -6.41 -42.14 -15.85
C MET A 451 -7.60 -42.67 -16.60
N ASN A 452 -8.30 -43.62 -16.03
CA ASN A 452 -9.56 -44.02 -16.55
C ASN A 452 -10.40 -44.62 -15.46
N PRO A 453 -11.55 -43.98 -15.15
CA PRO A 453 -12.47 -44.56 -14.15
C PRO A 453 -13.27 -45.76 -14.65
N ASN A 454 -13.11 -46.14 -15.91
CA ASN A 454 -13.77 -47.34 -16.43
C ASN A 454 -13.02 -48.61 -15.99
N ILE A 455 -13.42 -49.09 -14.84
CA ILE A 455 -12.88 -50.30 -14.21
C ILE A 455 -13.05 -51.55 -15.07
N ALA A 456 -14.02 -51.56 -15.98
CA ALA A 456 -14.24 -52.68 -16.88
C ALA A 456 -13.29 -52.67 -18.08
N SER A 457 -12.54 -51.60 -18.26
CA SER A 457 -11.62 -51.50 -19.36
C SER A 457 -10.44 -52.43 -19.14
N VAL A 458 -9.94 -53.00 -20.24
CA VAL A 458 -8.73 -53.82 -20.22
C VAL A 458 -7.47 -52.95 -20.00
N GLN A 459 -7.49 -51.77 -20.57
CA GLN A 459 -6.53 -50.73 -20.28
C GLN A 459 -6.09 -50.64 -18.82
N THR A 460 -7.03 -50.75 -17.90
CA THR A 460 -6.75 -50.43 -16.50
C THR A 460 -6.18 -51.61 -15.73
N ASN A 461 -6.01 -52.78 -16.36
CA ASN A 461 -5.28 -53.87 -15.72
C ASN A 461 -3.86 -53.50 -15.28
N GLU A 462 -3.34 -54.25 -14.29
CA GLU A 462 -1.98 -54.07 -13.80
C GLU A 462 -0.91 -54.75 -14.68
N VAL A 463 -1.18 -55.96 -15.18
CA VAL A 463 -0.10 -56.77 -15.76
C VAL A 463 -0.03 -56.86 -17.29
N GLY A 464 1.18 -56.72 -17.81
CA GLY A 464 1.45 -56.92 -19.22
C GLY A 464 2.00 -55.69 -19.91
N LEU A 465 2.54 -55.90 -21.12
CA LEU A 465 3.13 -54.84 -21.93
C LEU A 465 2.22 -53.68 -22.32
N LYS A 466 0.90 -53.85 -22.22
CA LYS A 466 -0.03 -52.76 -22.50
C LYS A 466 -0.54 -52.06 -21.26
N GLN A 467 0.00 -52.40 -20.10
CA GLN A 467 -0.53 -51.84 -18.84
C GLN A 467 0.34 -50.70 -18.36
N ALA A 468 -0.27 -49.60 -17.96
CA ALA A 468 0.48 -48.46 -17.50
C ALA A 468 1.21 -48.81 -16.21
N ASP A 469 2.27 -48.09 -15.89
CA ASP A 469 2.98 -48.33 -14.62
C ASP A 469 2.09 -47.92 -13.48
N THR A 470 1.24 -46.94 -13.68
CA THR A 470 0.35 -46.47 -12.63
C THR A 470 -1.04 -46.09 -13.14
N VAL A 471 -2.06 -46.46 -12.41
CA VAL A 471 -3.45 -46.36 -12.87
C VAL A 471 -4.28 -45.60 -11.85
N TYR A 472 -4.97 -44.56 -12.32
CA TYR A 472 -5.83 -43.77 -11.48
C TYR A 472 -7.27 -43.97 -11.89
N PHE A 473 -8.10 -44.49 -11.00
CA PHE A 473 -9.52 -44.52 -11.24
C PHE A 473 -10.21 -43.28 -10.73
N LEU A 474 -10.18 -42.22 -11.56
CA LEU A 474 -10.73 -40.93 -11.18
C LEU A 474 -11.44 -40.25 -12.35
N PRO A 475 -12.27 -39.21 -12.05
CA PRO A 475 -12.92 -38.45 -13.12
C PRO A 475 -11.94 -37.85 -14.08
N ILE A 476 -12.22 -37.98 -15.37
CA ILE A 476 -11.45 -37.31 -16.36
C ILE A 476 -12.00 -35.90 -16.49
N THR A 477 -11.66 -35.05 -15.53
CA THR A 477 -12.04 -33.64 -15.48
C THR A 477 -10.81 -32.86 -15.07
N PRO A 478 -10.76 -31.58 -15.44
CA PRO A 478 -9.55 -30.79 -15.18
C PRO A 478 -9.14 -30.73 -13.70
N GLN A 479 -10.11 -30.68 -12.81
CA GLN A 479 -9.85 -30.72 -11.37
C GLN A 479 -8.95 -31.91 -11.04
N PHE A 480 -9.32 -33.10 -11.51
CA PHE A 480 -8.61 -34.31 -11.08
C PHE A 480 -7.37 -34.58 -11.89
N VAL A 481 -7.39 -34.20 -13.16
CA VAL A 481 -6.20 -34.39 -13.99
C VAL A 481 -5.11 -33.48 -13.48
N THR A 482 -5.52 -32.36 -12.89
CA THR A 482 -4.53 -31.45 -12.33
C THR A 482 -3.91 -32.09 -11.12
N GLU A 483 -4.74 -32.62 -10.23
CA GLU A 483 -4.18 -33.28 -9.06
C GLU A 483 -3.18 -34.37 -9.45
N VAL A 484 -3.48 -35.13 -10.48
CA VAL A 484 -2.60 -36.23 -10.91
C VAL A 484 -1.27 -35.71 -11.47
N ILE A 485 -1.36 -34.70 -12.31
CA ILE A 485 -0.20 -34.00 -12.84
C ILE A 485 0.72 -33.53 -11.73
N LYS A 486 0.15 -32.82 -10.75
CA LYS A 486 0.89 -32.34 -9.57
C LYS A 486 1.61 -33.45 -8.89
N ALA A 487 0.89 -34.53 -8.62
CA ALA A 487 1.45 -35.64 -7.87
C ALA A 487 2.45 -36.46 -8.68
N GLU A 488 2.24 -36.60 -9.98
CA GLU A 488 3.06 -37.49 -10.80
C GLU A 488 4.12 -36.75 -11.62
N GLN A 489 3.97 -35.43 -11.76
CA GLN A 489 4.92 -34.61 -12.52
C GLN A 489 5.32 -35.22 -13.86
N PRO A 490 4.34 -35.52 -14.71
CA PRO A 490 4.66 -36.05 -16.00
C PRO A 490 5.14 -34.94 -16.91
N ASP A 491 5.93 -35.27 -17.94
CA ASP A 491 6.42 -34.27 -18.92
C ASP A 491 5.75 -34.40 -20.29
N GLY A 492 4.97 -35.46 -20.48
CA GLY A 492 4.16 -35.62 -21.67
C GLY A 492 2.73 -35.97 -21.40
N LEU A 493 1.87 -35.57 -22.32
CA LEU A 493 0.43 -35.82 -22.23
C LEU A 493 -0.12 -36.32 -23.56
N ILE A 494 -0.74 -37.50 -23.51
CA ILE A 494 -1.56 -38.03 -24.61
C ILE A 494 -3.03 -37.73 -24.34
N LEU A 495 -3.59 -36.83 -25.14
CA LEU A 495 -5.02 -36.48 -25.04
C LEU A 495 -5.82 -36.89 -26.30
N GLY A 496 -5.20 -37.63 -27.19
CA GLY A 496 -5.87 -38.04 -28.42
C GLY A 496 -6.42 -39.47 -28.46
N MET A 497 -6.51 -40.14 -27.32
CA MET A 497 -6.96 -41.54 -27.29
C MET A 497 -8.01 -41.81 -26.23
N GLY A 498 -8.80 -40.79 -25.89
CA GLY A 498 -9.89 -40.91 -24.97
C GLY A 498 -11.15 -40.22 -25.44
N GLY A 499 -11.38 -40.25 -26.75
CA GLY A 499 -12.55 -39.60 -27.30
C GLY A 499 -12.62 -38.12 -26.89
N GLN A 500 -13.87 -37.63 -26.81
CA GLN A 500 -14.14 -36.22 -26.60
C GLN A 500 -13.91 -35.79 -25.16
N THR A 501 -14.16 -36.72 -24.25
CA THR A 501 -13.85 -36.54 -22.85
C THR A 501 -12.40 -36.09 -22.66
N ALA A 502 -11.46 -36.87 -23.17
CA ALA A 502 -10.06 -36.58 -23.02
C ALA A 502 -9.65 -35.35 -23.80
N LEU A 503 -10.10 -35.25 -25.03
CA LEU A 503 -9.87 -34.06 -25.85
C LEU A 503 -10.30 -32.78 -25.12
N ASN A 504 -11.56 -32.70 -24.69
CA ASN A 504 -12.08 -31.49 -24.07
C ASN A 504 -11.41 -31.17 -22.75
N CYS A 505 -11.09 -32.22 -22.02
CA CYS A 505 -10.39 -32.02 -20.79
C CYS A 505 -9.03 -31.38 -21.06
N GLY A 506 -8.31 -31.90 -22.06
CA GLY A 506 -6.96 -31.45 -22.39
C GLY A 506 -6.95 -30.04 -22.94
N VAL A 507 -7.98 -29.67 -23.70
CA VAL A 507 -8.07 -28.31 -24.24
C VAL A 507 -8.35 -27.32 -23.11
N GLU A 508 -9.15 -27.72 -22.15
CA GLU A 508 -9.46 -26.86 -21.01
C GLU A 508 -8.22 -26.64 -20.14
N LEU A 509 -7.46 -27.70 -19.92
CA LEU A 509 -6.19 -27.58 -19.19
C LEU A 509 -5.26 -26.62 -19.87
N PHE A 510 -5.21 -26.73 -21.19
CA PHE A 510 -4.36 -25.88 -22.02
C PHE A 510 -4.76 -24.42 -21.94
N LYS A 511 -6.04 -24.16 -22.19
CA LYS A 511 -6.59 -22.83 -22.05
C LYS A 511 -6.29 -22.20 -20.71
N ARG A 512 -6.28 -23.00 -19.65
CA ARG A 512 -6.01 -22.50 -18.31
C ARG A 512 -4.53 -22.38 -18.02
N GLY A 513 -3.68 -22.91 -18.89
CA GLY A 513 -2.23 -22.84 -18.69
C GLY A 513 -1.68 -23.83 -17.67
N VAL A 514 -2.44 -24.85 -17.32
CA VAL A 514 -1.96 -25.84 -16.37
C VAL A 514 -0.78 -26.60 -16.98
N LEU A 515 -0.84 -26.85 -18.28
CA LEU A 515 0.19 -27.64 -18.93
C LEU A 515 1.51 -26.87 -18.90
N LYS A 516 1.44 -25.62 -19.31
CA LYS A 516 2.57 -24.72 -19.28
C LYS A 516 3.09 -24.62 -17.87
N GLU A 517 2.19 -24.39 -16.93
CA GLU A 517 2.60 -24.27 -15.53
C GLU A 517 3.41 -25.43 -14.96
N TYR A 518 3.08 -26.68 -15.32
CA TYR A 518 3.81 -27.83 -14.81
C TYR A 518 4.74 -28.44 -15.84
N GLY A 519 4.99 -27.73 -16.93
CA GLY A 519 5.91 -28.22 -17.95
C GLY A 519 5.47 -29.52 -18.59
N VAL A 520 4.21 -29.64 -19.01
CA VAL A 520 3.69 -30.88 -19.62
C VAL A 520 3.45 -30.66 -21.11
N LYS A 521 4.27 -31.32 -21.93
CA LYS A 521 4.17 -31.25 -23.38
C LYS A 521 3.07 -32.14 -23.86
N VAL A 522 2.25 -31.63 -24.75
CA VAL A 522 1.31 -32.44 -25.48
C VAL A 522 2.02 -33.19 -26.58
N LEU A 523 1.99 -34.53 -26.49
CA LEU A 523 2.66 -35.35 -27.46
C LEU A 523 1.71 -35.59 -28.63
N GLY A 524 2.25 -35.45 -29.84
CA GLY A 524 1.49 -35.65 -31.04
C GLY A 524 0.91 -34.34 -31.51
N THR A 525 -0.31 -34.42 -32.03
CA THR A 525 -1.03 -33.29 -32.54
C THR A 525 -1.20 -32.24 -31.44
N SER A 526 -0.92 -30.99 -31.78
CA SER A 526 -0.94 -29.91 -30.84
C SER A 526 -2.36 -29.51 -30.48
N VAL A 527 -2.49 -28.83 -29.34
CA VAL A 527 -3.79 -28.32 -28.93
C VAL A 527 -4.31 -27.31 -29.92
N GLU A 528 -3.40 -26.68 -30.65
CA GLU A 528 -3.78 -25.70 -31.67
C GLU A 528 -4.43 -26.41 -32.85
N SER A 529 -3.81 -27.48 -33.34
CA SER A 529 -4.42 -28.28 -34.38
C SER A 529 -5.76 -28.85 -33.92
N ILE A 530 -5.83 -29.27 -32.67
CA ILE A 530 -7.05 -29.81 -32.14
C ILE A 530 -8.17 -28.78 -32.14
N MET A 531 -7.89 -27.63 -31.54
CA MET A 531 -8.89 -26.58 -31.52
C MET A 531 -9.37 -26.24 -32.91
N ALA A 532 -8.45 -26.26 -33.87
CA ALA A 532 -8.78 -25.92 -35.25
C ALA A 532 -9.69 -26.96 -35.93
N THR A 533 -9.74 -28.18 -35.39
CA THR A 533 -10.65 -29.19 -35.91
C THR A 533 -11.94 -29.38 -35.08
N GLU A 534 -11.96 -28.87 -33.84
CA GLU A 534 -13.10 -29.05 -32.94
C GLU A 534 -14.05 -27.87 -32.95
N ASP A 535 -13.49 -26.69 -33.21
CA ASP A 535 -14.23 -25.46 -33.40
C ASP A 535 -14.59 -25.34 -34.88
N ARG A 536 -15.88 -25.37 -35.17
CA ARG A 536 -16.33 -25.46 -36.56
C ARG A 536 -15.98 -24.21 -37.36
N GLN A 537 -15.82 -23.08 -36.69
CA GLN A 537 -15.51 -21.84 -37.38
C GLN A 537 -14.06 -21.87 -37.77
N LEU A 538 -13.20 -22.24 -36.81
CA LEU A 538 -11.76 -22.29 -37.08
C LEU A 538 -11.47 -23.28 -38.19
N PHE A 539 -12.21 -24.39 -38.19
CA PHE A 539 -12.09 -25.35 -39.26
C PHE A 539 -12.39 -24.66 -40.60
N SER A 540 -13.50 -23.96 -40.68
CA SER A 540 -13.85 -23.28 -41.93
C SER A 540 -12.72 -22.33 -42.36
N ASP A 541 -12.15 -21.59 -41.42
CA ASP A 541 -11.09 -20.61 -41.71
C ASP A 541 -9.88 -21.25 -42.33
N LYS A 542 -9.51 -22.40 -41.77
CA LYS A 542 -8.38 -23.18 -42.20
C LYS A 542 -8.49 -23.69 -43.62
N LEU A 543 -9.67 -24.19 -43.97
CA LEU A 543 -9.91 -24.76 -45.30
C LEU A 543 -10.06 -23.63 -46.33
N ASN A 544 -10.65 -22.52 -45.91
CA ASN A 544 -10.68 -21.32 -46.76
C ASN A 544 -9.30 -20.77 -47.02
N GLU A 545 -8.37 -20.92 -46.08
CA GLU A 545 -7.01 -20.51 -46.35
C GLU A 545 -6.44 -21.24 -47.55
N ILE A 546 -6.73 -22.53 -47.70
CA ILE A 546 -6.25 -23.26 -48.88
C ILE A 546 -7.31 -23.43 -49.96
N ASN A 547 -8.33 -22.58 -49.96
CA ASN A 547 -9.43 -22.67 -50.91
C ASN A 547 -9.98 -24.06 -51.08
N GLU A 548 -10.10 -24.78 -49.98
CA GLU A 548 -10.77 -26.06 -50.07
C GLU A 548 -12.30 -25.89 -50.12
N LYS A 549 -12.99 -26.98 -50.42
CA LYS A 549 -14.40 -26.95 -50.70
C LYS A 549 -15.21 -27.35 -49.48
N ILE A 550 -16.04 -26.43 -49.01
CA ILE A 550 -17.01 -26.69 -47.95
C ILE A 550 -18.33 -26.19 -48.43
N ALA A 551 -19.38 -26.59 -47.74
CA ALA A 551 -20.75 -26.16 -48.09
C ALA A 551 -21.01 -24.82 -47.47
N PRO A 552 -21.99 -24.11 -48.03
CA PRO A 552 -22.39 -22.82 -47.43
C PRO A 552 -22.76 -23.03 -45.98
N SER A 553 -22.19 -22.23 -45.09
CA SER A 553 -22.39 -22.42 -43.65
C SER A 553 -22.07 -21.17 -42.85
N PHE A 554 -22.57 -21.12 -41.59
CA PHE A 554 -22.19 -20.09 -40.60
C PHE A 554 -22.12 -20.75 -39.27
N ALA A 555 -21.04 -20.49 -38.55
CA ALA A 555 -20.90 -20.93 -37.18
C ALA A 555 -21.50 -19.87 -36.34
N VAL A 556 -22.44 -20.21 -35.48
CA VAL A 556 -23.16 -19.24 -34.66
C VAL A 556 -23.15 -19.64 -33.21
N GLU A 557 -23.45 -18.67 -32.34
CA GLU A 557 -23.46 -18.89 -30.90
C GLU A 557 -24.78 -18.54 -30.23
N SER A 558 -25.86 -18.45 -30.99
CA SER A 558 -27.15 -18.18 -30.39
C SER A 558 -28.21 -18.68 -31.31
N ILE A 559 -29.40 -18.79 -30.76
CA ILE A 559 -30.57 -19.22 -31.50
C ILE A 559 -30.97 -18.14 -32.50
N GLU A 560 -30.89 -16.88 -32.10
CA GLU A 560 -31.19 -15.82 -33.04
C GLU A 560 -30.27 -15.86 -34.27
N ASP A 561 -28.97 -16.05 -34.07
CA ASP A 561 -28.01 -16.08 -35.18
C ASP A 561 -28.16 -17.30 -36.10
N ALA A 562 -28.54 -18.43 -35.52
CA ALA A 562 -28.81 -19.61 -36.28
C ALA A 562 -30.00 -19.39 -37.21
N LEU A 563 -31.06 -18.80 -36.69
CA LEU A 563 -32.22 -18.49 -37.56
C LEU A 563 -31.78 -17.62 -38.74
N LYS A 564 -30.98 -16.60 -38.47
CA LYS A 564 -30.47 -15.75 -39.53
C LYS A 564 -29.68 -16.54 -40.57
N ALA A 565 -28.76 -17.39 -40.11
CA ALA A 565 -27.93 -18.16 -41.00
C ALA A 565 -28.81 -19.03 -41.85
N ALA A 566 -29.80 -19.66 -41.24
CA ALA A 566 -30.63 -20.58 -42.04
C ALA A 566 -31.41 -19.87 -43.14
N ASP A 567 -31.85 -18.65 -42.90
CA ASP A 567 -32.55 -17.88 -43.93
C ASP A 567 -31.65 -17.48 -45.10
N THR A 568 -30.44 -17.04 -44.79
CA THR A 568 -29.43 -16.79 -45.83
C THR A 568 -29.05 -18.03 -46.71
N ILE A 569 -28.85 -19.16 -46.05
CA ILE A 569 -28.47 -20.39 -46.72
C ILE A 569 -29.66 -21.04 -47.43
N GLY A 570 -30.82 -21.00 -46.80
CA GLY A 570 -31.97 -21.69 -47.31
C GLY A 570 -32.13 -23.10 -46.76
N TYR A 571 -33.37 -23.42 -46.41
CA TYR A 571 -33.74 -24.67 -45.86
C TYR A 571 -33.75 -25.68 -46.96
N PRO A 572 -33.42 -26.93 -46.67
CA PRO A 572 -33.10 -27.43 -45.34
C PRO A 572 -31.65 -27.22 -44.91
N VAL A 573 -31.39 -27.19 -43.61
CA VAL A 573 -30.03 -27.08 -43.10
C VAL A 573 -29.71 -28.13 -42.04
N MET A 574 -28.41 -28.45 -41.93
CA MET A 574 -27.90 -29.33 -40.88
C MET A 574 -27.27 -28.43 -39.84
N ILE A 575 -27.53 -28.71 -38.56
CA ILE A 575 -26.75 -28.12 -37.50
C ILE A 575 -25.89 -29.21 -36.91
N ARG A 576 -24.65 -28.85 -36.59
CA ARG A 576 -23.77 -29.80 -35.91
C ARG A 576 -22.88 -29.06 -34.92
N SER A 577 -22.63 -29.69 -33.78
CA SER A 577 -22.07 -28.98 -32.61
C SER A 577 -20.56 -28.96 -32.72
N ALA A 578 -19.97 -27.98 -32.06
CA ALA A 578 -18.56 -27.90 -31.83
C ALA A 578 -18.19 -28.70 -30.57
N TYR A 579 -16.95 -29.15 -30.49
CA TYR A 579 -16.43 -29.81 -29.30
C TYR A 579 -17.30 -30.99 -28.90
N ALA A 580 -17.68 -31.76 -29.91
CA ALA A 580 -18.41 -32.98 -29.72
C ALA A 580 -18.18 -33.95 -30.88
N LEU A 581 -18.60 -35.21 -30.62
CA LEU A 581 -18.50 -36.29 -31.58
C LEU A 581 -19.84 -37.03 -31.67
N GLY A 582 -19.99 -37.95 -32.63
CA GLY A 582 -21.20 -38.76 -32.66
C GLY A 582 -22.50 -37.98 -32.88
N GLY A 583 -22.38 -36.72 -33.35
CA GLY A 583 -23.54 -35.93 -33.74
C GLY A 583 -24.37 -35.42 -32.59
N LEU A 584 -23.72 -35.24 -31.44
CA LEU A 584 -24.41 -34.70 -30.27
C LEU A 584 -24.95 -33.32 -30.58
N GLY A 585 -26.25 -33.16 -30.33
CA GLY A 585 -26.97 -31.94 -30.59
C GLY A 585 -27.23 -31.65 -32.04
N SER A 586 -26.97 -32.60 -32.94
CA SER A 586 -27.07 -32.32 -34.39
C SER A 586 -28.42 -32.72 -34.92
N GLY A 587 -28.71 -32.30 -36.14
CA GLY A 587 -29.97 -32.68 -36.76
C GLY A 587 -30.29 -31.90 -38.00
N ILE A 588 -30.99 -32.57 -38.93
CA ILE A 588 -31.48 -31.92 -40.13
C ILE A 588 -32.68 -31.05 -39.72
N CYS A 589 -32.75 -29.85 -40.31
CA CYS A 589 -33.79 -28.88 -40.05
C CYS A 589 -34.48 -28.48 -41.35
N PRO A 590 -35.66 -29.07 -41.65
CA PRO A 590 -36.36 -28.64 -42.87
C PRO A 590 -36.99 -27.27 -42.80
N ASN A 591 -37.09 -26.73 -41.58
CA ASN A 591 -37.82 -25.47 -41.36
C ASN A 591 -37.41 -24.72 -40.07
N ARG A 592 -37.75 -23.44 -40.05
CA ARG A 592 -37.57 -22.57 -38.90
C ARG A 592 -37.86 -23.23 -37.52
N GLU A 593 -38.98 -23.90 -37.39
CA GLU A 593 -39.42 -24.40 -36.07
C GLU A 593 -38.55 -25.56 -35.62
N THR A 594 -38.19 -26.43 -36.55
CA THR A 594 -37.26 -27.52 -36.25
C THR A 594 -35.93 -26.97 -35.83
N LEU A 595 -35.45 -25.94 -36.52
CA LEU A 595 -34.24 -25.27 -36.12
C LEU A 595 -34.31 -24.66 -34.71
N MET A 596 -35.45 -24.08 -34.36
CA MET A 596 -35.61 -23.54 -33.01
C MET A 596 -35.51 -24.66 -32.02
N ASP A 597 -36.27 -25.73 -32.21
CA ASP A 597 -36.29 -26.80 -31.23
C ASP A 597 -34.87 -27.32 -31.04
N LEU A 598 -34.18 -27.64 -32.14
CA LEU A 598 -32.90 -28.34 -32.06
C LEU A 598 -31.73 -27.47 -31.60
N SER A 599 -31.70 -26.22 -32.02
CA SER A 599 -30.60 -25.38 -31.64
C SER A 599 -30.65 -25.12 -30.14
N THR A 600 -31.87 -24.98 -29.61
CA THR A 600 -32.06 -24.79 -28.19
C THR A 600 -31.46 -25.92 -27.39
N LYS A 601 -31.77 -27.13 -27.82
CA LYS A 601 -31.19 -28.33 -27.21
C LYS A 601 -29.70 -28.47 -27.47
N ALA A 602 -29.25 -28.12 -28.65
CA ALA A 602 -27.82 -28.12 -28.92
C ALA A 602 -27.05 -27.19 -27.96
N PHE A 603 -27.60 -26.02 -27.63
CA PHE A 603 -26.85 -25.07 -26.84
C PHE A 603 -26.72 -25.43 -25.37
N ALA A 604 -27.49 -26.39 -24.89
CA ALA A 604 -27.27 -26.93 -23.54
C ALA A 604 -26.00 -27.75 -23.49
N MET A 605 -25.48 -28.16 -24.65
CA MET A 605 -24.33 -29.09 -24.74
C MET A 605 -23.14 -28.56 -25.48
N THR A 606 -23.23 -27.39 -26.12
CA THR A 606 -22.06 -26.76 -26.73
C THR A 606 -22.26 -25.28 -26.76
N ASN A 607 -21.20 -24.53 -27.04
CA ASN A 607 -21.31 -23.07 -27.19
C ASN A 607 -21.39 -22.56 -28.60
N GLN A 608 -21.13 -23.45 -29.55
CA GLN A 608 -21.11 -23.07 -30.97
C GLN A 608 -21.67 -24.24 -31.78
N ILE A 609 -22.63 -23.93 -32.64
CA ILE A 609 -23.07 -24.84 -33.67
C ILE A 609 -22.73 -24.30 -35.05
N LEU A 610 -22.58 -25.20 -36.03
CA LEU A 610 -22.49 -24.82 -37.44
C LEU A 610 -23.82 -25.06 -38.11
N VAL A 611 -24.32 -24.05 -38.81
CA VAL A 611 -25.58 -24.16 -39.55
C VAL A 611 -25.15 -24.26 -40.98
N GLU A 612 -25.53 -25.35 -41.64
CA GLU A 612 -24.94 -25.76 -42.90
C GLU A 612 -25.99 -26.24 -43.88
N LYS A 613 -25.79 -25.88 -45.14
CA LYS A 613 -26.63 -26.35 -46.21
C LYS A 613 -26.62 -27.86 -46.26
N SER A 614 -27.80 -28.42 -46.50
CA SER A 614 -27.96 -29.85 -46.46
C SER A 614 -27.28 -30.47 -47.67
N VAL A 615 -26.52 -31.54 -47.45
CA VAL A 615 -26.10 -32.41 -48.56
C VAL A 615 -26.51 -33.85 -48.23
N THR A 616 -27.66 -33.98 -47.59
CA THR A 616 -28.31 -35.25 -47.43
C THR A 616 -28.31 -35.99 -48.79
N GLY A 617 -27.96 -37.26 -48.78
CA GLY A 617 -27.99 -38.07 -50.01
C GLY A 617 -26.68 -38.16 -50.73
N TRP A 618 -25.76 -37.22 -50.54
CA TRP A 618 -24.44 -37.36 -51.16
C TRP A 618 -23.79 -38.56 -50.50
N LYS A 619 -22.82 -39.16 -51.19
CA LYS A 619 -22.08 -40.28 -50.67
C LYS A 619 -21.20 -39.79 -49.53
N GLU A 620 -21.09 -40.56 -48.45
CA GLU A 620 -20.26 -40.21 -47.34
C GLU A 620 -19.03 -41.08 -47.34
N ILE A 621 -17.87 -40.46 -47.47
CA ILE A 621 -16.59 -41.15 -47.62
C ILE A 621 -15.61 -40.69 -46.54
N GLU A 622 -15.03 -41.67 -45.84
CA GLU A 622 -14.02 -41.44 -44.80
C GLU A 622 -12.59 -41.94 -45.19
N TYR A 623 -11.58 -41.25 -44.68
CA TYR A 623 -10.18 -41.65 -44.80
C TYR A 623 -9.53 -41.60 -43.43
N GLU A 624 -8.64 -42.53 -43.19
CA GLU A 624 -7.80 -42.50 -42.01
C GLU A 624 -6.46 -42.08 -42.51
N VAL A 625 -5.90 -41.07 -41.88
CA VAL A 625 -4.71 -40.43 -42.38
C VAL A 625 -3.70 -40.43 -41.28
N VAL A 626 -2.47 -40.74 -41.66
CA VAL A 626 -1.33 -40.68 -40.76
C VAL A 626 -0.30 -39.62 -41.25
N ARG A 627 0.28 -38.88 -40.32
CA ARG A 627 1.31 -37.94 -40.68
C ARG A 627 2.37 -37.85 -39.60
N ASP A 628 3.62 -38.01 -39.98
CA ASP A 628 4.69 -38.02 -39.01
C ASP A 628 5.42 -36.66 -38.93
N ALA A 629 6.43 -36.59 -38.07
CA ALA A 629 7.15 -35.35 -37.81
C ALA A 629 8.19 -35.07 -38.88
N ASP A 630 8.38 -35.98 -39.80
CA ASP A 630 9.11 -35.70 -41.03
C ASP A 630 8.21 -35.21 -42.19
N ASP A 631 6.90 -35.09 -41.96
CA ASP A 631 5.98 -34.62 -42.97
C ASP A 631 5.67 -35.70 -44.00
N ASN A 632 5.95 -36.95 -43.68
CA ASN A 632 5.42 -38.06 -44.46
C ASN A 632 3.99 -38.26 -44.06
N CYS A 633 3.10 -38.34 -45.04
CA CYS A 633 1.67 -38.33 -44.81
C CYS A 633 0.97 -39.32 -45.75
N VAL A 634 0.30 -40.33 -45.19
CA VAL A 634 -0.37 -41.37 -46.00
C VAL A 634 -1.81 -41.57 -45.58
N THR A 635 -2.66 -42.07 -46.48
CA THR A 635 -3.99 -42.52 -46.10
C THR A 635 -4.02 -44.01 -45.89
N VAL A 636 -4.11 -44.46 -44.65
CA VAL A 636 -4.08 -45.90 -44.34
C VAL A 636 -5.34 -46.70 -44.70
N CYS A 637 -6.47 -46.03 -44.77
CA CYS A 637 -7.70 -46.74 -45.03
C CYS A 637 -8.72 -45.78 -45.59
N ASN A 638 -9.62 -46.31 -46.37
CA ASN A 638 -10.72 -45.55 -46.82
C ASN A 638 -12.01 -46.34 -46.75
N MET A 639 -13.07 -45.69 -46.33
CA MET A 639 -14.32 -46.33 -46.11
C MET A 639 -15.46 -45.64 -46.83
N GLU A 640 -16.29 -46.47 -47.49
CA GLU A 640 -17.53 -45.98 -48.10
C GLU A 640 -18.69 -46.32 -47.24
N ASN A 641 -19.40 -45.29 -46.80
CA ASN A 641 -20.63 -45.49 -46.09
C ASN A 641 -21.71 -45.96 -47.06
N VAL A 642 -22.41 -47.02 -46.72
CA VAL A 642 -23.53 -47.44 -47.54
C VAL A 642 -24.76 -46.52 -47.36
N ASP A 643 -25.16 -46.23 -46.12
CA ASP A 643 -26.15 -45.18 -45.85
C ASP A 643 -25.53 -43.82 -46.14
N ALA A 644 -26.26 -42.96 -46.83
CA ALA A 644 -25.68 -41.73 -47.39
C ALA A 644 -25.46 -40.64 -46.34
N MET A 645 -25.08 -39.45 -46.78
CA MET A 645 -24.99 -38.32 -45.88
C MET A 645 -26.35 -38.08 -45.24
N GLY A 646 -26.29 -37.82 -43.94
CA GLY A 646 -27.46 -37.62 -43.14
C GLY A 646 -27.62 -38.68 -42.06
N VAL A 647 -27.12 -39.88 -42.29
CA VAL A 647 -27.05 -40.92 -41.26
C VAL A 647 -25.60 -40.93 -40.77
N HIS A 648 -25.40 -40.73 -39.46
CA HIS A 648 -24.06 -40.58 -38.89
C HIS A 648 -23.24 -41.77 -39.24
N THR A 649 -21.98 -41.54 -39.58
CA THR A 649 -21.03 -42.66 -39.93
C THR A 649 -21.17 -43.84 -38.95
N GLY A 650 -21.33 -43.50 -37.68
CA GLY A 650 -21.49 -44.47 -36.59
C GLY A 650 -22.74 -45.30 -36.59
N ASP A 651 -23.83 -44.73 -37.11
CA ASP A 651 -25.07 -45.44 -37.27
C ASP A 651 -25.25 -45.95 -38.70
N SER A 652 -24.17 -45.97 -39.48
CA SER A 652 -24.23 -46.34 -40.90
C SER A 652 -23.66 -47.71 -41.11
N VAL A 653 -24.12 -48.36 -42.16
CA VAL A 653 -23.42 -49.53 -42.68
C VAL A 653 -22.23 -48.94 -43.43
N VAL A 654 -21.07 -49.51 -43.27
CA VAL A 654 -19.89 -48.96 -43.88
C VAL A 654 -19.07 -50.10 -44.52
N VAL A 655 -18.55 -49.88 -45.73
CA VAL A 655 -17.68 -50.92 -46.35
C VAL A 655 -16.30 -50.42 -46.53
N ALA A 656 -15.37 -51.36 -46.55
CA ALA A 656 -13.96 -51.03 -46.80
C ALA A 656 -13.31 -52.10 -47.66
N PRO A 657 -12.55 -51.72 -48.68
CA PRO A 657 -12.36 -50.35 -49.09
C PRO A 657 -13.56 -49.93 -49.85
N ALA A 658 -13.51 -48.72 -50.43
CA ALA A 658 -14.61 -48.20 -51.18
C ALA A 658 -14.89 -49.06 -52.38
N GLN A 659 -16.15 -49.08 -52.82
CA GLN A 659 -16.63 -49.94 -53.92
C GLN A 659 -17.16 -49.20 -55.13
N THR A 660 -17.63 -47.97 -54.97
CA THR A 660 -18.33 -47.28 -56.07
C THR A 660 -17.61 -46.03 -56.55
N LEU A 661 -16.39 -45.78 -56.08
CA LEU A 661 -15.60 -44.64 -56.58
C LEU A 661 -14.74 -45.00 -57.85
N SER A 662 -14.54 -44.02 -58.72
CA SER A 662 -13.57 -44.07 -59.77
C SER A 662 -12.17 -43.76 -59.21
N ASN A 663 -11.13 -44.06 -59.98
CA ASN A 663 -9.80 -43.67 -59.59
C ASN A 663 -9.74 -42.16 -59.41
N ALA A 664 -10.43 -41.40 -60.24
CA ALA A 664 -10.32 -39.95 -60.18
C ALA A 664 -10.96 -39.44 -58.89
N GLU A 665 -12.07 -40.06 -58.51
CA GLU A 665 -12.77 -39.64 -57.29
C GLU A 665 -11.89 -40.03 -56.15
N PHE A 666 -11.49 -41.28 -56.13
CA PHE A 666 -10.77 -41.79 -54.98
C PHE A 666 -9.48 -41.04 -54.78
N GLN A 667 -8.82 -40.70 -55.84
CA GLN A 667 -7.52 -40.01 -55.70
C GLN A 667 -7.63 -38.51 -55.39
N MET A 668 -8.66 -37.89 -55.93
CA MET A 668 -8.97 -36.50 -55.62
C MET A 668 -9.17 -36.38 -54.13
N LEU A 669 -10.05 -37.22 -53.57
CA LEU A 669 -10.34 -37.15 -52.12
C LEU A 669 -9.16 -37.54 -51.23
N ARG A 670 -8.39 -38.51 -51.67
CA ARG A 670 -7.17 -38.87 -50.99
C ARG A 670 -6.20 -37.72 -50.93
N ARG A 671 -5.98 -37.07 -52.05
CA ARG A 671 -5.00 -36.01 -52.08
C ARG A 671 -5.48 -34.76 -51.33
N THR A 672 -6.75 -34.41 -51.44
CA THR A 672 -7.34 -33.42 -50.57
C THR A 672 -7.16 -33.73 -49.08
N SER A 673 -7.35 -35.00 -48.69
CA SER A 673 -7.12 -35.41 -47.30
C SER A 673 -5.73 -35.10 -46.86
N ILE A 674 -4.77 -35.50 -47.67
CA ILE A 674 -3.37 -35.25 -47.36
C ILE A 674 -3.07 -33.76 -47.30
N ASN A 675 -3.60 -32.98 -48.22
CA ASN A 675 -3.36 -31.53 -48.15
C ASN A 675 -3.92 -30.89 -46.90
N VAL A 676 -5.17 -31.21 -46.59
CA VAL A 676 -5.85 -30.67 -45.45
C VAL A 676 -5.13 -31.07 -44.17
N VAL A 677 -4.83 -32.35 -44.05
CA VAL A 677 -4.18 -32.84 -42.81
C VAL A 677 -2.81 -32.18 -42.60
N ARG A 678 -2.08 -32.02 -43.69
CA ARG A 678 -0.80 -31.30 -43.68
C ARG A 678 -0.99 -29.85 -43.22
N HIS A 679 -1.88 -29.14 -43.87
CA HIS A 679 -2.16 -27.72 -43.54
C HIS A 679 -2.57 -27.52 -42.09
N LEU A 680 -3.27 -28.51 -41.53
CA LEU A 680 -3.78 -28.43 -40.18
C LEU A 680 -2.72 -28.72 -39.13
N GLY A 681 -1.53 -29.10 -39.54
CA GLY A 681 -0.44 -29.31 -38.59
C GLY A 681 -0.58 -30.58 -37.83
N ILE A 682 -1.32 -31.55 -38.37
CA ILE A 682 -1.61 -32.75 -37.60
C ILE A 682 -0.42 -33.67 -37.61
N VAL A 683 -0.07 -34.17 -36.44
CA VAL A 683 0.96 -35.17 -36.31
C VAL A 683 0.41 -36.34 -35.53
N GLY A 684 0.24 -37.45 -36.18
CA GLY A 684 -0.32 -38.64 -35.57
C GLY A 684 -1.33 -39.14 -36.56
N GLU A 685 -2.50 -39.48 -36.07
CA GLU A 685 -3.50 -40.05 -36.92
C GLU A 685 -4.71 -39.20 -36.81
N CYS A 686 -5.54 -39.27 -37.83
CA CYS A 686 -6.78 -38.60 -37.75
C CYS A 686 -7.74 -39.17 -38.77
N ASN A 687 -8.99 -38.84 -38.56
CA ASN A 687 -10.07 -39.27 -39.39
C ASN A 687 -10.65 -38.05 -40.10
N ILE A 688 -10.99 -38.20 -41.39
CA ILE A 688 -11.54 -37.10 -42.21
C ILE A 688 -12.76 -37.59 -42.99
N GLN A 689 -13.79 -36.74 -43.10
CA GLN A 689 -15.06 -37.08 -43.71
C GLN A 689 -15.38 -36.17 -44.86
N PHE A 690 -15.92 -36.76 -45.93
CA PHE A 690 -16.29 -36.02 -47.15
C PHE A 690 -17.75 -36.29 -47.57
N ALA A 691 -18.38 -35.29 -48.16
CA ALA A 691 -19.59 -35.52 -48.88
C ALA A 691 -19.24 -35.45 -50.34
N LEU A 692 -19.57 -36.49 -51.10
CA LEU A 692 -19.24 -36.56 -52.52
C LEU A 692 -20.55 -36.64 -53.30
N HIS A 693 -20.66 -35.76 -54.28
CA HIS A 693 -21.87 -35.71 -55.08
C HIS A 693 -21.97 -37.02 -55.89
N PRO A 694 -23.17 -37.62 -55.96
CA PRO A 694 -23.21 -39.00 -56.50
C PRO A 694 -23.00 -39.13 -58.00
N THR A 695 -23.08 -38.02 -58.72
CA THR A 695 -23.02 -38.02 -60.17
C THR A 695 -22.19 -36.87 -60.68
N SER A 696 -21.13 -36.51 -59.96
CA SER A 696 -20.14 -35.51 -60.41
C SER A 696 -18.89 -35.61 -59.54
N MET A 697 -17.95 -34.71 -59.74
CA MET A 697 -16.73 -34.62 -58.95
C MET A 697 -16.83 -33.62 -57.79
N GLU A 698 -18.01 -33.06 -57.60
CA GLU A 698 -18.25 -32.05 -56.58
C GLU A 698 -18.16 -32.73 -55.22
N TYR A 699 -17.50 -32.08 -54.28
CA TYR A 699 -17.42 -32.63 -52.95
C TYR A 699 -17.38 -31.52 -51.90
N CYS A 700 -17.62 -31.94 -50.66
CA CYS A 700 -17.57 -31.08 -49.48
C CYS A 700 -16.78 -31.77 -48.41
N ILE A 701 -15.89 -31.04 -47.75
CA ILE A 701 -15.18 -31.56 -46.57
C ILE A 701 -16.06 -31.23 -45.39
N ILE A 702 -16.35 -32.26 -44.59
CA ILE A 702 -17.32 -32.13 -43.50
C ILE A 702 -16.66 -31.93 -42.13
N GLU A 703 -15.73 -32.77 -41.78
CA GLU A 703 -15.04 -32.63 -40.50
C GLU A 703 -13.76 -33.49 -40.53
N VAL A 704 -12.82 -33.13 -39.65
CA VAL A 704 -11.63 -33.94 -39.37
C VAL A 704 -11.62 -34.21 -37.88
N ASN A 705 -11.37 -35.45 -37.48
CA ASN A 705 -11.20 -35.81 -36.05
C ASN A 705 -9.75 -36.10 -35.78
N ALA A 706 -9.11 -35.15 -35.10
CA ALA A 706 -7.66 -35.13 -34.88
C ALA A 706 -7.45 -35.89 -33.61
N ARG A 707 -7.62 -37.21 -33.72
CA ARG A 707 -7.65 -38.13 -32.56
C ARG A 707 -8.01 -39.50 -33.07
N LEU A 708 -7.69 -40.50 -32.27
CA LEU A 708 -8.14 -41.86 -32.54
C LEU A 708 -9.66 -41.89 -32.44
N SER A 709 -10.28 -42.82 -33.13
CA SER A 709 -11.73 -42.78 -33.26
C SER A 709 -12.34 -44.17 -33.45
N ARG A 710 -13.66 -44.20 -33.51
CA ARG A 710 -14.32 -45.45 -33.72
C ARG A 710 -14.00 -45.90 -35.15
N SER A 711 -13.77 -44.93 -36.03
CA SER A 711 -13.29 -45.17 -37.39
C SER A 711 -11.83 -45.68 -37.54
N SER A 712 -10.91 -45.21 -36.68
CA SER A 712 -9.57 -45.77 -36.67
C SER A 712 -9.54 -47.20 -36.14
N ALA A 713 -10.33 -47.48 -35.11
CA ALA A 713 -10.39 -48.85 -34.60
C ALA A 713 -10.82 -49.74 -35.74
N LEU A 714 -11.94 -49.38 -36.37
CA LEU A 714 -12.47 -50.19 -37.45
C LEU A 714 -11.42 -50.39 -38.56
N ALA A 715 -10.75 -49.31 -38.95
CA ALA A 715 -9.76 -49.37 -40.02
C ALA A 715 -8.56 -50.26 -39.64
N SER A 716 -8.13 -50.17 -38.39
CA SER A 716 -7.06 -51.01 -37.91
C SER A 716 -7.43 -52.49 -38.01
N LYS A 717 -8.69 -52.84 -37.80
CA LYS A 717 -9.08 -54.23 -37.83
C LYS A 717 -9.24 -54.65 -39.27
N ALA A 718 -9.76 -53.74 -40.08
CA ALA A 718 -9.96 -54.05 -41.46
C ALA A 718 -8.64 -54.28 -42.16
N THR A 719 -7.62 -53.50 -41.83
CA THR A 719 -6.39 -53.50 -42.60
C THR A 719 -5.26 -54.28 -41.98
N GLY A 720 -5.37 -54.57 -40.69
CA GLY A 720 -4.25 -55.09 -39.95
C GLY A 720 -3.13 -54.07 -39.67
N TYR A 721 -3.38 -52.79 -39.89
CA TYR A 721 -2.43 -51.72 -39.61
C TYR A 721 -2.83 -51.08 -38.27
N PRO A 722 -1.97 -51.16 -37.23
CA PRO A 722 -2.41 -50.70 -35.87
C PRO A 722 -2.25 -49.19 -35.65
N LEU A 723 -3.24 -48.44 -36.09
CA LEU A 723 -3.15 -46.98 -36.15
C LEU A 723 -2.76 -46.28 -34.85
N ALA A 724 -3.29 -46.77 -33.74
CA ALA A 724 -3.02 -46.15 -32.45
C ALA A 724 -1.56 -46.38 -32.00
N PHE A 725 -1.09 -47.60 -32.20
CA PHE A 725 0.30 -47.93 -31.93
C PHE A 725 1.23 -47.01 -32.72
N ILE A 726 0.96 -46.93 -34.03
CA ILE A 726 1.74 -46.07 -34.92
C ILE A 726 1.64 -44.62 -34.52
N ALA A 727 0.43 -44.19 -34.21
CA ALA A 727 0.20 -42.81 -33.76
C ALA A 727 1.08 -42.42 -32.59
N ALA A 728 1.21 -43.34 -31.64
CA ALA A 728 1.90 -43.12 -30.41
C ALA A 728 3.41 -43.05 -30.59
N LYS A 729 3.94 -43.92 -31.47
CA LYS A 729 5.36 -43.86 -31.90
C LYS A 729 5.67 -42.56 -32.59
N ILE A 730 4.81 -42.15 -33.50
CA ILE A 730 4.89 -40.87 -34.17
C ILE A 730 4.89 -39.71 -33.18
N ALA A 731 4.16 -39.83 -32.08
CA ALA A 731 4.08 -38.77 -31.11
C ALA A 731 5.40 -38.61 -30.39
N LEU A 732 6.28 -39.60 -30.52
CA LEU A 732 7.64 -39.51 -29.96
C LEU A 732 8.67 -39.11 -31.00
N GLY A 733 8.24 -38.65 -32.17
CA GLY A 733 9.14 -38.18 -33.21
C GLY A 733 9.79 -39.22 -34.10
N ILE A 734 9.43 -40.49 -33.91
CA ILE A 734 9.83 -41.54 -34.81
C ILE A 734 9.03 -41.44 -36.11
N PRO A 735 9.72 -41.34 -37.25
CA PRO A 735 9.04 -41.25 -38.54
C PRO A 735 8.63 -42.64 -39.06
N LEU A 736 7.68 -42.67 -39.99
CA LEU A 736 7.02 -43.91 -40.45
C LEU A 736 7.92 -44.94 -41.04
N PRO A 737 8.87 -44.52 -41.88
CA PRO A 737 9.87 -45.51 -42.36
C PRO A 737 10.67 -46.25 -41.27
N GLU A 738 10.87 -45.65 -40.11
CA GLU A 738 11.58 -46.32 -38.98
C GLU A 738 10.69 -47.16 -38.04
N ILE A 739 9.43 -47.36 -38.40
CA ILE A 739 8.50 -48.12 -37.57
C ILE A 739 8.12 -49.36 -38.35
N LYS A 740 8.25 -50.52 -37.73
CA LYS A 740 8.02 -51.79 -38.39
C LYS A 740 6.55 -52.07 -38.60
N ASN A 741 6.23 -52.61 -39.77
CA ASN A 741 4.98 -53.29 -40.01
C ASN A 741 5.06 -54.65 -39.32
N VAL A 742 4.42 -54.73 -38.15
CA VAL A 742 4.48 -55.94 -37.31
C VAL A 742 3.83 -57.13 -37.94
N VAL A 743 2.98 -56.93 -38.95
CA VAL A 743 2.29 -58.02 -39.63
C VAL A 743 3.21 -58.70 -40.62
N SER A 744 3.82 -57.91 -41.48
CA SER A 744 4.81 -58.47 -42.43
C SER A 744 6.14 -58.82 -41.78
N GLY A 745 6.49 -58.14 -40.69
CA GLY A 745 7.76 -58.37 -39.99
C GLY A 745 9.02 -57.95 -40.75
N LYS A 746 8.87 -57.50 -41.98
CA LYS A 746 10.01 -57.19 -42.83
C LYS A 746 9.93 -55.83 -43.56
N THR A 747 8.87 -55.07 -43.35
CA THR A 747 8.65 -53.83 -44.05
C THR A 747 8.28 -52.77 -43.03
N SER A 748 8.10 -51.52 -43.47
CA SER A 748 7.81 -50.42 -42.56
C SER A 748 6.35 -50.11 -42.52
N ALA A 749 6.00 -49.16 -41.66
CA ALA A 749 4.64 -48.66 -41.62
C ALA A 749 4.45 -47.49 -42.57
N CYS A 750 5.43 -47.22 -43.41
CA CYS A 750 5.23 -46.21 -44.47
C CYS A 750 4.60 -46.85 -45.72
N PHE A 751 3.29 -47.01 -45.72
CA PHE A 751 2.59 -47.55 -46.84
C PHE A 751 1.10 -47.42 -46.66
N GLU A 752 0.36 -47.89 -47.67
CA GLU A 752 -1.11 -47.87 -47.63
C GLU A 752 -1.53 -49.28 -47.90
N PRO A 753 -2.14 -49.95 -46.91
CA PRO A 753 -2.45 -51.32 -47.09
C PRO A 753 -3.17 -51.65 -48.40
N SER A 754 -3.16 -52.93 -48.76
CA SER A 754 -3.92 -53.42 -49.85
C SER A 754 -4.75 -54.55 -49.29
N LEU A 755 -6.06 -54.48 -49.52
CA LEU A 755 -6.96 -55.50 -49.02
C LEU A 755 -7.36 -56.38 -50.20
N ASP A 756 -7.19 -57.70 -50.07
CA ASP A 756 -7.73 -58.66 -51.06
C ASP A 756 -9.02 -59.32 -50.55
N TYR A 757 -9.82 -58.53 -49.86
CA TYR A 757 -11.09 -58.92 -49.29
C TYR A 757 -11.81 -57.63 -49.04
N MET A 758 -13.10 -57.71 -48.73
CA MET A 758 -13.91 -56.54 -48.38
C MET A 758 -14.45 -56.73 -46.96
N VAL A 759 -14.42 -55.68 -46.13
CA VAL A 759 -15.07 -55.73 -44.80
C VAL A 759 -16.33 -54.91 -44.80
N THR A 760 -17.31 -55.35 -44.03
CA THR A 760 -18.59 -54.60 -43.83
C THR A 760 -18.73 -54.38 -42.32
N LYS A 761 -18.99 -53.16 -41.90
CA LYS A 761 -19.39 -52.89 -40.50
C LYS A 761 -20.85 -52.52 -40.44
N ILE A 762 -21.58 -53.14 -39.53
CA ILE A 762 -22.97 -52.76 -39.30
C ILE A 762 -23.18 -52.38 -37.82
N PRO A 763 -24.04 -51.37 -37.56
CA PRO A 763 -24.23 -51.01 -36.14
C PRO A 763 -25.21 -51.94 -35.47
N ARG A 764 -25.21 -51.95 -34.14
CA ARG A 764 -26.19 -52.66 -33.35
C ARG A 764 -26.93 -51.65 -32.51
N TRP A 765 -28.26 -51.65 -32.61
CA TRP A 765 -29.11 -50.78 -31.82
C TRP A 765 -29.90 -51.57 -30.82
N ASP A 766 -30.25 -50.92 -29.72
CA ASP A 766 -31.11 -51.46 -28.73
C ASP A 766 -32.15 -50.37 -28.41
N LEU A 767 -33.28 -50.33 -29.11
CA LEU A 767 -34.22 -49.21 -28.95
C LEU A 767 -35.60 -49.55 -28.51
N ASP A 768 -36.00 -50.80 -28.67
CA ASP A 768 -37.34 -51.26 -28.29
C ASP A 768 -37.69 -50.94 -26.85
N ARG A 769 -36.75 -51.10 -25.95
CA ARG A 769 -36.98 -50.78 -24.54
C ARG A 769 -37.20 -49.31 -24.24
N PHE A 770 -36.76 -48.40 -25.10
CA PHE A 770 -36.98 -46.98 -24.85
C PHE A 770 -38.18 -46.52 -25.64
N HIS A 771 -39.34 -46.59 -24.98
CA HIS A 771 -40.63 -46.38 -25.65
C HIS A 771 -40.75 -44.98 -26.27
N GLY A 772 -40.12 -43.99 -25.62
CA GLY A 772 -40.20 -42.62 -26.09
C GLY A 772 -39.32 -42.24 -27.27
N THR A 773 -38.38 -43.10 -27.60
CA THR A 773 -37.38 -42.85 -28.63
C THR A 773 -37.77 -43.63 -29.86
N SER A 774 -37.73 -43.00 -31.01
CA SER A 774 -38.06 -43.70 -32.24
C SER A 774 -36.86 -44.56 -32.69
N SER A 775 -37.13 -45.50 -33.59
CA SER A 775 -36.07 -46.30 -34.18
C SER A 775 -35.54 -45.64 -35.45
N ARG A 776 -35.92 -44.40 -35.71
CA ARG A 776 -35.34 -43.69 -36.83
C ARG A 776 -33.92 -43.32 -36.51
N ILE A 777 -33.08 -43.29 -37.56
CA ILE A 777 -31.68 -42.86 -37.38
C ILE A 777 -31.32 -41.70 -38.31
N GLY A 778 -30.38 -40.88 -37.85
CA GLY A 778 -29.96 -39.68 -38.56
C GLY A 778 -28.57 -39.26 -38.11
N SER A 779 -28.36 -37.94 -38.03
CA SER A 779 -27.05 -37.35 -37.81
C SER A 779 -26.50 -37.53 -36.38
N SER A 780 -27.36 -37.87 -35.43
CA SER A 780 -26.93 -38.10 -34.06
C SER A 780 -27.01 -39.57 -33.72
N MET A 781 -25.86 -40.19 -33.51
CA MET A 781 -25.80 -41.59 -33.19
C MET A 781 -26.78 -42.01 -32.12
N LYS A 782 -27.32 -43.19 -32.35
CA LYS A 782 -28.06 -43.94 -31.33
C LYS A 782 -27.63 -45.42 -31.13
N SER A 783 -26.68 -45.95 -31.93
CA SER A 783 -26.29 -47.34 -31.82
C SER A 783 -25.48 -47.57 -30.55
N VAL A 784 -25.59 -48.79 -29.99
CA VAL A 784 -24.85 -49.18 -28.78
C VAL A 784 -23.68 -50.13 -29.05
N GLY A 785 -23.45 -50.51 -30.29
CA GLY A 785 -22.39 -51.42 -30.64
C GLY A 785 -22.23 -51.53 -32.15
N GLU A 786 -21.25 -52.31 -32.56
CA GLU A 786 -20.98 -52.57 -33.96
C GLU A 786 -20.27 -53.90 -34.15
N VAL A 787 -20.38 -54.41 -35.35
CA VAL A 787 -19.70 -55.63 -35.79
C VAL A 787 -18.90 -55.35 -37.05
N MET A 788 -17.98 -56.24 -37.39
CA MET A 788 -17.27 -56.17 -38.65
C MET A 788 -17.18 -57.58 -39.21
N ALA A 789 -17.63 -57.80 -40.45
CA ALA A 789 -17.42 -59.10 -41.09
C ALA A 789 -16.48 -58.94 -42.28
N ILE A 790 -15.70 -59.98 -42.51
CA ILE A 790 -14.84 -60.03 -43.69
C ILE A 790 -15.29 -61.11 -44.67
N GLY A 791 -15.33 -60.76 -45.95
CA GLY A 791 -15.60 -61.71 -47.03
C GLY A 791 -14.92 -61.28 -48.30
N ARG A 792 -14.88 -62.16 -49.30
CA ARG A 792 -14.31 -61.80 -50.61
C ARG A 792 -15.36 -61.58 -51.68
N THR A 793 -16.60 -61.43 -51.25
CA THR A 793 -17.66 -60.82 -52.06
C THR A 793 -18.39 -59.91 -51.09
N PHE A 794 -18.92 -58.82 -51.61
CA PHE A 794 -19.80 -57.97 -50.82
C PHE A 794 -20.87 -58.79 -50.10
N GLU A 795 -21.54 -59.65 -50.83
CA GLU A 795 -22.60 -60.46 -50.29
C GLU A 795 -22.15 -61.33 -49.10
N GLU A 796 -20.98 -61.93 -49.21
CA GLU A 796 -20.43 -62.77 -48.13
C GLU A 796 -20.21 -61.91 -46.89
N SER A 797 -19.42 -60.85 -47.04
CA SER A 797 -19.11 -59.93 -46.00
C SER A 797 -20.40 -59.42 -45.36
N PHE A 798 -21.34 -59.04 -46.20
CA PHE A 798 -22.60 -58.40 -45.78
C PHE A 798 -23.54 -59.29 -45.02
N GLN A 799 -23.77 -60.52 -45.47
CA GLN A 799 -24.68 -61.40 -44.73
C GLN A 799 -24.13 -61.89 -43.37
N LYS A 800 -22.81 -62.12 -43.29
CA LYS A 800 -22.12 -62.40 -42.00
C LYS A 800 -22.35 -61.26 -41.03
N ALA A 801 -22.10 -60.04 -41.50
CA ALA A 801 -22.20 -58.89 -40.63
C ALA A 801 -23.61 -58.75 -40.08
N LEU A 802 -24.63 -58.96 -40.92
CA LEU A 802 -25.99 -58.96 -40.42
C LEU A 802 -26.24 -60.01 -39.33
N ARG A 803 -25.78 -61.22 -39.55
CA ARG A 803 -25.90 -62.27 -38.51
C ARG A 803 -25.18 -61.93 -37.19
N MET A 804 -24.03 -61.26 -37.29
CA MET A 804 -23.28 -60.86 -36.12
C MET A 804 -24.01 -59.89 -35.21
N CYS A 805 -24.98 -59.16 -35.74
CA CYS A 805 -25.59 -58.07 -34.98
C CYS A 805 -26.50 -58.56 -33.88
N HIS A 806 -27.18 -59.66 -34.12
CA HIS A 806 -28.11 -60.15 -33.19
C HIS A 806 -28.42 -61.57 -33.58
N PRO A 807 -28.52 -62.48 -32.60
CA PRO A 807 -28.75 -63.92 -32.92
C PRO A 807 -30.00 -64.21 -33.73
N SER A 808 -31.03 -63.37 -33.62
CA SER A 808 -32.27 -63.55 -34.37
C SER A 808 -32.16 -63.21 -35.88
N ILE A 809 -31.10 -62.54 -36.30
CA ILE A 809 -30.93 -62.17 -37.69
C ILE A 809 -30.24 -63.28 -38.45
N GLU A 810 -30.85 -63.71 -39.56
CA GLU A 810 -30.35 -64.85 -40.32
C GLU A 810 -29.45 -64.48 -41.48
N GLY A 811 -29.49 -63.20 -41.84
CA GLY A 811 -28.70 -62.66 -42.96
C GLY A 811 -29.53 -61.54 -43.56
N PHE A 812 -29.41 -61.38 -44.87
CA PHE A 812 -30.21 -60.38 -45.56
C PHE A 812 -31.53 -61.00 -46.00
N THR A 813 -32.58 -60.71 -45.25
CA THR A 813 -33.91 -61.25 -45.53
C THR A 813 -34.91 -60.13 -45.40
N PRO A 814 -36.13 -60.34 -45.93
CA PRO A 814 -37.18 -59.33 -45.81
C PRO A 814 -37.98 -59.50 -44.54
N ARG A 815 -37.37 -60.11 -43.54
CA ARG A 815 -38.01 -60.34 -42.28
C ARG A 815 -37.27 -59.52 -41.25
N LEU A 816 -38.00 -59.01 -40.29
CA LEU A 816 -37.44 -58.15 -39.24
C LEU A 816 -36.70 -58.95 -38.18
N PRO A 817 -35.80 -58.29 -37.46
CA PRO A 817 -35.19 -58.94 -36.31
C PRO A 817 -36.18 -59.22 -35.17
N MET A 818 -35.74 -59.98 -34.16
CA MET A 818 -36.51 -60.33 -32.93
C MET A 818 -37.82 -61.03 -33.27
N ASN A 819 -37.89 -61.65 -34.43
CA ASN A 819 -39.12 -62.23 -34.94
C ASN A 819 -40.36 -61.37 -34.78
N LYS A 820 -40.24 -60.12 -35.21
CA LYS A 820 -41.36 -59.20 -35.23
C LYS A 820 -41.98 -59.20 -36.58
N GLU A 821 -43.30 -59.08 -36.60
CA GLU A 821 -44.03 -59.02 -37.87
C GLU A 821 -44.05 -57.61 -38.38
N TRP A 822 -44.14 -57.45 -39.70
CA TRP A 822 -44.29 -56.14 -40.25
C TRP A 822 -45.67 -55.61 -39.86
N PRO A 823 -45.78 -54.32 -39.53
CA PRO A 823 -47.10 -53.71 -39.25
C PRO A 823 -48.05 -53.81 -40.43
N SER A 824 -49.34 -53.97 -40.15
CA SER A 824 -50.33 -54.06 -41.21
C SER A 824 -50.51 -52.72 -41.94
N ASN A 825 -50.22 -51.62 -41.23
CA ASN A 825 -50.27 -50.26 -41.80
C ASN A 825 -48.94 -49.79 -42.43
N LEU A 826 -48.02 -50.73 -42.67
CA LEU A 826 -46.73 -50.43 -43.28
C LEU A 826 -46.82 -49.51 -44.52
N ASP A 827 -46.01 -48.46 -44.51
CA ASP A 827 -45.79 -47.61 -45.69
C ASP A 827 -44.33 -47.85 -46.12
N LEU A 828 -44.15 -48.82 -47.00
CA LEU A 828 -42.81 -49.24 -47.43
C LEU A 828 -41.97 -48.11 -48.01
N ARG A 829 -42.58 -47.18 -48.72
CA ARG A 829 -41.84 -46.05 -49.26
C ARG A 829 -41.32 -45.15 -48.15
N LYS A 830 -42.14 -44.94 -47.12
CA LYS A 830 -41.74 -44.11 -46.00
C LYS A 830 -40.52 -44.73 -45.28
N GLU A 831 -40.57 -46.02 -45.05
CA GLU A 831 -39.48 -46.71 -44.39
C GLU A 831 -38.16 -46.52 -45.15
N LEU A 832 -38.24 -46.63 -46.48
CA LEU A 832 -37.08 -46.51 -47.34
C LEU A 832 -36.52 -45.10 -47.35
N SER A 833 -37.42 -44.13 -47.37
CA SER A 833 -36.99 -42.75 -47.47
C SER A 833 -36.52 -42.22 -46.12
N GLU A 834 -37.04 -42.79 -45.02
CA GLU A 834 -36.65 -42.37 -43.64
C GLU A 834 -35.82 -43.44 -42.94
N PRO A 835 -34.48 -43.24 -42.92
CA PRO A 835 -33.65 -44.25 -42.34
C PRO A 835 -34.08 -44.66 -40.92
N SER A 836 -33.83 -45.91 -40.58
CA SER A 836 -34.16 -46.43 -39.30
C SER A 836 -33.27 -47.62 -39.02
N SER A 837 -33.33 -48.10 -37.79
CA SER A 837 -32.60 -49.28 -37.38
C SER A 837 -33.00 -50.51 -38.15
N THR A 838 -34.15 -50.50 -38.86
CA THR A 838 -34.58 -51.69 -39.58
C THR A 838 -34.73 -51.50 -41.10
N ARG A 839 -34.27 -50.38 -41.62
CA ARG A 839 -34.37 -50.14 -43.04
C ARG A 839 -33.71 -51.22 -43.94
N ILE A 840 -32.58 -51.81 -43.54
CA ILE A 840 -32.02 -52.87 -44.34
C ILE A 840 -33.08 -53.94 -44.71
N TYR A 841 -33.95 -54.29 -43.78
CA TYR A 841 -34.89 -55.39 -44.02
C TYR A 841 -36.07 -54.89 -44.80
N ALA A 842 -36.32 -53.59 -44.69
CA ALA A 842 -37.36 -52.96 -45.48
C ALA A 842 -36.97 -52.90 -46.98
N ILE A 843 -35.68 -52.73 -47.21
CA ILE A 843 -35.16 -52.83 -48.58
C ILE A 843 -35.30 -54.22 -49.14
N ALA A 844 -34.91 -55.22 -48.38
CA ALA A 844 -35.15 -56.61 -48.75
C ALA A 844 -36.62 -56.79 -49.11
N LYS A 845 -37.49 -56.25 -48.29
CA LYS A 845 -38.88 -56.45 -48.52
C LYS A 845 -39.28 -55.80 -49.80
N ALA A 846 -38.82 -54.58 -50.02
CA ALA A 846 -39.22 -53.84 -51.21
C ALA A 846 -38.72 -54.54 -52.46
N ILE A 847 -37.47 -54.99 -52.45
CA ILE A 847 -36.97 -55.73 -53.60
C ILE A 847 -37.85 -56.95 -53.87
N ASP A 848 -38.21 -57.68 -52.82
CA ASP A 848 -39.10 -58.81 -52.91
C ASP A 848 -40.46 -58.41 -53.50
N ASP A 849 -41.01 -57.30 -53.04
CA ASP A 849 -42.33 -56.86 -53.47
C ASP A 849 -42.28 -56.15 -54.81
N ASN A 850 -41.17 -56.27 -55.54
CA ASN A 850 -41.04 -55.77 -56.93
C ASN A 850 -40.98 -54.27 -57.19
N MET A 851 -40.54 -53.52 -56.19
CA MET A 851 -40.20 -52.15 -56.39
C MET A 851 -38.93 -52.13 -57.22
N SER A 852 -38.81 -51.12 -58.08
CA SER A 852 -37.65 -51.09 -58.93
C SER A 852 -36.46 -50.70 -58.09
N LEU A 853 -35.29 -51.21 -58.48
CA LEU A 853 -34.04 -50.77 -57.89
C LEU A 853 -33.84 -49.27 -58.08
N ASP A 854 -34.23 -48.74 -59.22
CA ASP A 854 -34.05 -47.32 -59.48
C ASP A 854 -34.81 -46.49 -58.44
N GLU A 855 -36.04 -46.90 -58.11
CA GLU A 855 -36.83 -46.13 -57.15
C GLU A 855 -36.31 -46.29 -55.71
N ILE A 856 -35.80 -47.46 -55.40
CA ILE A 856 -35.16 -47.65 -54.13
C ILE A 856 -33.91 -46.74 -53.97
N GLU A 857 -33.07 -46.66 -54.99
CA GLU A 857 -31.91 -45.77 -54.92
C GLU A 857 -32.41 -44.34 -54.74
N LYS A 858 -33.52 -44.02 -55.36
CA LYS A 858 -34.04 -42.66 -55.35
C LYS A 858 -34.53 -42.25 -53.97
N LEU A 859 -35.16 -43.19 -53.27
CA LEU A 859 -35.70 -42.96 -51.95
C LEU A 859 -34.67 -43.14 -50.83
N THR A 860 -33.82 -44.17 -50.91
CA THR A 860 -32.87 -44.49 -49.79
C THR A 860 -31.60 -43.70 -49.90
N TYR A 861 -31.25 -43.35 -51.14
CA TYR A 861 -30.00 -42.74 -51.48
C TYR A 861 -28.88 -43.72 -51.48
N ILE A 862 -29.12 -44.98 -51.23
CA ILE A 862 -28.07 -45.98 -51.27
C ILE A 862 -27.72 -46.24 -52.72
N ASP A 863 -26.44 -46.16 -53.05
CA ASP A 863 -25.99 -46.41 -54.42
C ASP A 863 -26.53 -47.74 -54.95
N LYS A 864 -27.15 -47.68 -56.11
CA LYS A 864 -27.72 -48.85 -56.77
C LYS A 864 -26.81 -50.09 -56.84
N TRP A 865 -25.49 -49.90 -56.94
CA TRP A 865 -24.59 -51.04 -57.01
C TRP A 865 -24.83 -51.98 -55.83
N PHE A 866 -24.86 -51.39 -54.63
CA PHE A 866 -25.12 -52.15 -53.40
C PHE A 866 -26.45 -52.85 -53.49
N LEU A 867 -27.44 -52.20 -54.11
CA LEU A 867 -28.77 -52.78 -54.34
C LEU A 867 -28.83 -53.99 -55.31
N TYR A 868 -28.00 -53.95 -56.34
CA TYR A 868 -27.79 -55.09 -57.22
C TYR A 868 -27.35 -56.33 -56.43
N LYS A 869 -26.37 -56.15 -55.55
CA LYS A 869 -25.88 -57.25 -54.72
C LYS A 869 -27.01 -57.79 -53.85
N MET A 870 -27.79 -56.90 -53.28
CA MET A 870 -28.88 -57.32 -52.42
C MET A 870 -29.88 -58.12 -53.22
N ARG A 871 -30.20 -57.66 -54.44
CA ARG A 871 -31.09 -58.42 -55.31
C ARG A 871 -30.54 -59.81 -55.65
N ASP A 872 -29.24 -59.90 -55.95
CA ASP A 872 -28.59 -61.20 -56.16
C ASP A 872 -28.83 -62.17 -54.98
N ILE A 873 -28.75 -61.64 -53.77
CA ILE A 873 -28.93 -62.47 -52.60
C ILE A 873 -30.35 -63.03 -52.57
N LEU A 874 -31.34 -62.15 -52.72
CA LEU A 874 -32.75 -62.57 -52.76
C LEU A 874 -33.13 -63.50 -53.93
N ASN A 875 -32.46 -63.39 -55.07
CA ASN A 875 -32.63 -64.36 -56.16
C ASN A 875 -32.12 -65.73 -55.81
N MET A 876 -31.01 -65.78 -55.10
CA MET A 876 -30.51 -67.06 -54.58
C MET A 876 -31.49 -67.71 -53.59
N GLU A 877 -32.12 -66.89 -52.74
CA GLU A 877 -33.15 -67.37 -51.83
C GLU A 877 -34.31 -67.97 -52.60
N LYS A 878 -34.75 -67.31 -53.65
CA LYS A 878 -35.82 -67.86 -54.52
C LYS A 878 -35.43 -69.18 -55.14
N THR A 879 -34.26 -69.21 -55.76
CA THR A 879 -33.72 -70.41 -56.30
C THR A 879 -33.71 -71.53 -55.27
N LEU A 880 -33.15 -71.28 -54.09
CA LEU A 880 -33.02 -72.33 -53.10
C LEU A 880 -34.38 -72.88 -52.60
N LYS A 881 -35.37 -71.98 -52.47
CA LYS A 881 -36.72 -72.33 -52.02
C LYS A 881 -37.40 -73.34 -52.96
N GLY A 882 -37.08 -73.27 -54.24
CA GLY A 882 -37.59 -74.25 -55.18
C GLY A 882 -36.78 -75.52 -55.22
N LEU A 883 -35.78 -75.68 -54.36
CA LEU A 883 -34.99 -76.92 -54.35
C LEU A 883 -35.15 -77.74 -53.07
N ASN A 884 -34.58 -78.95 -53.08
CA ASN A 884 -34.51 -79.83 -51.90
C ASN A 884 -33.19 -80.60 -51.86
N SER A 885 -33.02 -81.43 -50.84
CA SER A 885 -31.76 -82.16 -50.60
C SER A 885 -31.34 -83.03 -51.77
N GLU A 886 -32.32 -83.49 -52.53
CA GLU A 886 -32.06 -84.24 -53.75
C GLU A 886 -31.86 -83.32 -54.95
N SER A 887 -32.60 -82.22 -55.04
CA SER A 887 -32.58 -81.43 -56.27
C SER A 887 -31.51 -80.37 -56.32
N MET A 888 -31.05 -79.90 -55.19
CA MET A 888 -29.99 -78.92 -55.20
C MET A 888 -28.64 -79.49 -55.65
N THR A 889 -28.01 -78.86 -56.62
CA THR A 889 -26.72 -79.31 -57.11
C THR A 889 -25.59 -78.75 -56.30
N GLU A 890 -24.41 -79.33 -56.50
CA GLU A 890 -23.20 -78.87 -55.89
C GLU A 890 -22.84 -77.44 -56.38
N GLU A 891 -23.08 -77.16 -57.66
CA GLU A 891 -22.73 -75.87 -58.21
C GLU A 891 -23.51 -74.80 -57.44
N THR A 892 -24.81 -75.04 -57.21
CA THR A 892 -25.72 -74.08 -56.52
C THR A 892 -25.42 -73.84 -55.03
N LEU A 893 -25.16 -74.91 -54.31
CA LEU A 893 -24.80 -74.82 -52.92
C LEU A 893 -23.55 -73.96 -52.76
N LYS A 894 -22.52 -74.31 -53.50
CA LYS A 894 -21.25 -73.58 -53.52
C LYS A 894 -21.48 -72.10 -53.76
N ARG A 895 -22.33 -71.75 -54.71
CA ARG A 895 -22.59 -70.34 -54.96
C ARG A 895 -23.30 -69.72 -53.79
N ALA A 896 -24.28 -70.42 -53.23
CA ALA A 896 -25.02 -69.86 -52.11
C ALA A 896 -24.08 -69.53 -50.95
N LYS A 897 -23.13 -70.41 -50.67
CA LYS A 897 -22.17 -70.16 -49.60
C LYS A 897 -21.23 -69.00 -49.91
N GLU A 898 -20.83 -68.92 -51.16
CA GLU A 898 -19.97 -67.89 -51.67
C GLU A 898 -20.56 -66.47 -51.58
N ILE A 899 -21.90 -66.37 -51.57
CA ILE A 899 -22.58 -65.10 -51.29
C ILE A 899 -23.20 -64.98 -49.87
N GLY A 900 -22.68 -65.76 -48.93
CA GLY A 900 -22.93 -65.56 -47.51
C GLY A 900 -24.12 -66.30 -46.89
N PHE A 901 -24.78 -67.16 -47.63
CA PHE A 901 -25.87 -67.92 -47.02
C PHE A 901 -25.36 -68.86 -45.92
N SER A 902 -25.94 -68.78 -44.75
CA SER A 902 -25.67 -69.77 -43.71
C SER A 902 -26.43 -71.06 -44.00
N ASP A 903 -26.05 -72.11 -43.29
CA ASP A 903 -26.75 -73.40 -43.33
C ASP A 903 -28.15 -73.28 -42.75
N LYS A 904 -28.37 -72.41 -41.77
CA LYS A 904 -29.70 -72.17 -41.29
C LYS A 904 -30.61 -71.60 -42.35
N GLN A 905 -30.17 -70.54 -43.04
CA GLN A 905 -30.95 -69.96 -44.15
C GLN A 905 -31.28 -71.00 -45.24
N ILE A 906 -30.27 -71.76 -45.64
CA ILE A 906 -30.45 -72.85 -46.61
C ILE A 906 -31.43 -73.89 -46.07
N SER A 907 -31.27 -74.29 -44.82
CA SER A 907 -32.13 -75.31 -44.23
C SER A 907 -33.60 -74.90 -44.39
N LYS A 908 -33.89 -73.62 -44.22
CA LYS A 908 -35.28 -73.19 -44.30
C LYS A 908 -35.81 -73.21 -45.72
N CYS A 909 -34.92 -73.05 -46.70
CA CYS A 909 -35.35 -73.18 -48.06
C CYS A 909 -35.56 -74.65 -48.41
N LEU A 910 -34.67 -75.52 -47.96
CA LEU A 910 -34.68 -76.88 -48.45
C LEU A 910 -35.70 -77.72 -47.72
N GLY A 911 -36.10 -77.34 -46.53
CA GLY A 911 -36.97 -78.18 -45.73
C GLY A 911 -36.18 -79.18 -44.89
N LEU A 912 -35.04 -78.76 -44.39
CA LEU A 912 -34.17 -79.54 -43.53
C LEU A 912 -33.93 -78.81 -42.21
N THR A 913 -33.36 -79.53 -41.24
CA THR A 913 -32.78 -78.89 -40.08
C THR A 913 -31.41 -78.36 -40.48
N GLU A 914 -30.89 -77.52 -39.61
CA GLU A 914 -29.55 -76.98 -39.78
C GLU A 914 -28.51 -78.10 -39.73
N ALA A 915 -28.67 -79.06 -38.84
CA ALA A 915 -27.68 -80.12 -38.71
C ALA A 915 -27.63 -80.90 -39.99
N GLN A 916 -28.82 -81.20 -40.52
CA GLN A 916 -28.94 -82.02 -41.74
C GLN A 916 -28.28 -81.36 -42.90
N THR A 917 -28.49 -80.04 -42.98
CA THR A 917 -27.95 -79.21 -44.04
C THR A 917 -26.44 -79.11 -43.93
N ARG A 918 -25.92 -78.93 -42.71
CA ARG A 918 -24.46 -79.02 -42.48
C ARG A 918 -23.88 -80.35 -42.99
N GLU A 919 -24.52 -81.46 -42.60
CA GLU A 919 -24.14 -82.80 -43.08
C GLU A 919 -24.15 -82.90 -44.62
N LEU A 920 -25.21 -82.40 -45.23
CA LEU A 920 -25.35 -82.44 -46.67
C LEU A 920 -24.19 -81.68 -47.33
N ARG A 921 -23.86 -80.53 -46.79
CA ARG A 921 -22.81 -79.71 -47.35
C ARG A 921 -21.43 -80.40 -47.29
N LEU A 922 -21.08 -80.87 -46.10
CA LEU A 922 -19.79 -81.54 -45.88
C LEU A 922 -19.73 -82.81 -46.72
N LYS A 923 -20.88 -83.43 -46.94
CA LYS A 923 -20.93 -84.64 -47.78
C LYS A 923 -20.47 -84.31 -49.23
N LYS A 924 -20.80 -83.11 -49.72
CA LYS A 924 -20.25 -82.64 -51.00
C LYS A 924 -18.85 -81.97 -50.87
N ASN A 925 -18.24 -82.04 -49.68
CA ASN A 925 -16.93 -81.43 -49.42
C ASN A 925 -16.86 -79.94 -49.75
N ILE A 926 -17.95 -79.23 -49.46
CA ILE A 926 -17.99 -77.79 -49.61
C ILE A 926 -17.76 -77.17 -48.25
N HIS A 927 -16.61 -76.51 -48.11
CA HIS A 927 -16.20 -75.94 -46.82
C HIS A 927 -15.50 -74.59 -47.00
N PRO A 928 -15.41 -73.78 -45.92
CA PRO A 928 -14.70 -72.52 -46.13
C PRO A 928 -13.22 -72.67 -45.98
N TRP A 929 -12.49 -71.65 -46.36
CA TRP A 929 -11.06 -71.67 -46.31
C TRP A 929 -10.59 -70.58 -45.39
N VAL A 930 -9.42 -70.79 -44.80
CA VAL A 930 -8.91 -69.88 -43.79
C VAL A 930 -7.86 -69.02 -44.47
N LYS A 931 -8.02 -67.69 -44.37
CA LYS A 931 -7.17 -66.74 -45.07
C LYS A 931 -6.64 -65.73 -44.10
N GLN A 932 -5.44 -65.29 -44.37
CA GLN A 932 -4.81 -64.22 -43.61
C GLN A 932 -5.11 -62.82 -44.15
N ILE A 933 -5.17 -61.91 -43.20
CA ILE A 933 -5.01 -60.50 -43.41
C ILE A 933 -3.52 -60.22 -43.24
N ASP A 934 -2.85 -59.83 -44.32
CA ASP A 934 -1.44 -59.53 -44.23
C ASP A 934 -1.08 -58.08 -44.54
N THR A 935 -2.08 -57.25 -44.76
CA THR A 935 -1.89 -55.81 -45.05
C THR A 935 -1.45 -55.45 -46.45
N LEU A 936 -1.00 -56.43 -47.22
CA LEU A 936 -0.33 -56.17 -48.51
C LEU A 936 -0.86 -57.01 -49.64
N ALA A 937 -2.05 -57.57 -49.49
CA ALA A 937 -2.64 -58.53 -50.43
C ALA A 937 -1.61 -59.53 -50.99
N ALA A 938 -0.91 -60.14 -50.05
CA ALA A 938 0.05 -61.23 -50.31
C ALA A 938 1.40 -60.81 -50.92
N GLU A 939 1.63 -59.52 -51.09
CA GLU A 939 2.88 -59.07 -51.66
C GLU A 939 3.98 -59.63 -50.81
N TYR A 940 3.83 -59.48 -49.48
CA TYR A 940 4.76 -60.07 -48.51
C TYR A 940 3.96 -60.93 -47.56
N PRO A 941 4.55 -62.07 -47.14
CA PRO A 941 3.82 -62.97 -46.24
C PRO A 941 3.73 -62.46 -44.81
N SER A 942 2.70 -62.95 -44.12
CA SER A 942 2.41 -62.57 -42.76
C SER A 942 3.21 -63.43 -41.80
N VAL A 943 3.85 -62.79 -40.83
CA VAL A 943 4.42 -63.51 -39.68
C VAL A 943 3.35 -63.74 -38.58
N THR A 944 2.29 -62.95 -38.57
CA THR A 944 1.21 -63.11 -37.64
C THR A 944 0.09 -64.00 -38.22
N ASN A 945 -0.86 -64.36 -37.37
CA ASN A 945 -2.03 -65.09 -37.82
C ASN A 945 -3.33 -64.41 -37.45
N TYR A 946 -3.64 -63.40 -38.25
CA TYR A 946 -4.85 -62.66 -38.13
C TYR A 946 -5.69 -63.20 -39.28
N LEU A 947 -6.82 -63.82 -38.95
CA LEU A 947 -7.51 -64.71 -39.87
C LEU A 947 -9.01 -64.43 -39.97
N TYR A 948 -9.54 -64.83 -41.11
CA TYR A 948 -10.97 -64.83 -41.39
C TYR A 948 -11.22 -66.06 -42.22
N VAL A 949 -12.49 -66.33 -42.49
CA VAL A 949 -12.86 -67.57 -43.18
C VAL A 949 -13.74 -67.21 -44.37
N THR A 950 -13.54 -67.89 -45.50
CA THR A 950 -14.26 -67.52 -46.72
C THR A 950 -14.49 -68.74 -47.58
N TYR A 951 -15.62 -68.75 -48.28
CA TYR A 951 -15.95 -69.78 -49.25
C TYR A 951 -15.37 -69.49 -50.62
N ASN A 952 -14.77 -68.32 -50.79
CA ASN A 952 -14.23 -67.86 -52.09
C ASN A 952 -12.70 -67.99 -52.12
N GLY A 953 -12.24 -69.21 -52.12
CA GLY A 953 -10.84 -69.50 -52.22
C GLY A 953 -10.65 -70.98 -52.51
N GLN A 954 -9.40 -71.39 -52.71
CA GLN A 954 -9.07 -72.76 -53.07
C GLN A 954 -7.99 -73.33 -52.18
N GLU A 955 -7.63 -72.62 -51.12
CA GLU A 955 -6.63 -73.08 -50.19
C GLU A 955 -6.68 -72.31 -48.86
N HIS A 956 -5.99 -72.86 -47.89
CA HIS A 956 -5.82 -72.28 -46.58
C HIS A 956 -4.49 -71.56 -46.56
N ASP A 957 -4.39 -70.51 -45.78
CA ASP A 957 -3.15 -69.77 -45.67
C ASP A 957 -2.30 -70.21 -44.49
N VAL A 958 -2.74 -71.17 -43.70
CA VAL A 958 -1.99 -71.63 -42.54
C VAL A 958 -2.18 -73.11 -42.31
N ASN A 959 -1.40 -73.66 -41.40
CA ASN A 959 -1.52 -75.06 -40.99
C ASN A 959 -2.33 -75.14 -39.76
N PHE A 960 -2.68 -76.36 -39.44
CA PHE A 960 -3.51 -76.68 -38.31
C PHE A 960 -2.83 -77.74 -37.46
N ASP A 961 -1.64 -77.39 -36.98
CA ASP A 961 -0.87 -78.25 -36.07
C ASP A 961 -0.86 -77.84 -34.62
N ASP A 962 -1.26 -76.61 -34.30
CA ASP A 962 -1.24 -76.13 -32.92
C ASP A 962 -2.23 -76.84 -32.01
N HIS A 963 -3.45 -77.06 -32.48
CA HIS A 963 -4.51 -77.62 -31.64
C HIS A 963 -4.75 -76.83 -30.37
N GLY A 964 -4.76 -75.52 -30.51
CA GLY A 964 -4.86 -74.60 -29.39
C GLY A 964 -6.19 -74.64 -28.67
N MET A 965 -6.27 -73.87 -27.61
CA MET A 965 -7.44 -73.73 -26.78
C MET A 965 -8.24 -72.55 -27.28
N MET A 966 -9.49 -72.80 -27.65
CA MET A 966 -10.37 -71.76 -28.19
C MET A 966 -11.03 -70.97 -27.08
N VAL A 967 -11.07 -69.66 -27.24
CA VAL A 967 -11.79 -68.80 -26.36
C VAL A 967 -12.76 -67.99 -27.22
N LEU A 968 -14.04 -68.03 -26.87
CA LEU A 968 -15.04 -67.24 -27.55
C LEU A 968 -15.24 -65.86 -26.89
N GLY A 969 -15.30 -64.80 -27.71
CA GLY A 969 -15.54 -63.45 -27.28
C GLY A 969 -17.03 -63.05 -27.26
N CYS A 970 -17.28 -61.76 -27.03
CA CYS A 970 -18.60 -61.29 -26.59
C CYS A 970 -19.49 -60.92 -27.75
N GLY A 971 -18.94 -60.62 -28.90
CA GLY A 971 -19.74 -60.10 -29.99
C GLY A 971 -19.91 -58.59 -29.89
N PRO A 972 -20.90 -58.01 -30.60
CA PRO A 972 -21.10 -56.58 -30.47
C PRO A 972 -21.52 -56.22 -29.06
N TYR A 973 -21.06 -55.08 -28.57
CA TYR A 973 -21.59 -54.58 -27.31
C TYR A 973 -23.05 -54.20 -27.51
N HIS A 974 -23.83 -54.30 -26.47
CA HIS A 974 -25.17 -53.79 -26.48
C HIS A 974 -25.47 -53.57 -25.02
N ILE A 975 -26.68 -53.11 -24.73
CA ILE A 975 -27.03 -52.82 -23.37
C ILE A 975 -27.05 -54.10 -22.56
N GLY A 976 -26.28 -54.10 -21.49
CA GLY A 976 -26.19 -55.28 -20.62
C GLY A 976 -25.03 -56.16 -20.95
N SER A 977 -24.33 -55.83 -22.04
CA SER A 977 -23.20 -56.62 -22.49
C SER A 977 -22.11 -55.72 -23.10
N SER A 978 -21.16 -55.34 -22.27
CA SER A 978 -20.19 -54.32 -22.65
C SER A 978 -18.76 -54.83 -22.44
N VAL A 979 -17.83 -53.90 -22.36
CA VAL A 979 -16.41 -54.18 -22.29
C VAL A 979 -15.98 -55.08 -21.14
N GLU A 980 -16.76 -55.19 -20.08
CA GLU A 980 -16.52 -56.22 -19.02
C GLU A 980 -16.35 -57.63 -19.56
N PHE A 981 -17.05 -57.94 -20.66
CA PHE A 981 -16.97 -59.24 -21.26
C PHE A 981 -15.78 -59.37 -22.22
N ASP A 982 -15.19 -58.24 -22.57
CA ASP A 982 -13.91 -58.29 -23.23
C ASP A 982 -12.81 -58.45 -22.21
N TRP A 983 -12.91 -57.77 -21.09
CA TRP A 983 -12.02 -57.97 -19.94
C TRP A 983 -11.89 -59.47 -19.54
N CYS A 984 -13.04 -60.11 -19.29
CA CYS A 984 -13.05 -61.50 -18.91
C CYS A 984 -12.34 -62.30 -19.99
N ALA A 985 -12.72 -62.10 -21.25
CA ALA A 985 -12.12 -62.90 -22.34
C ALA A 985 -10.59 -62.70 -22.45
N VAL A 986 -10.16 -61.44 -22.35
CA VAL A 986 -8.74 -61.10 -22.47
C VAL A 986 -7.93 -61.65 -21.29
N SER A 987 -8.51 -61.61 -20.10
CA SER A 987 -7.87 -62.16 -18.93
C SER A 987 -7.60 -63.64 -19.17
N SER A 988 -8.57 -64.31 -19.75
CA SER A 988 -8.45 -65.73 -20.02
C SER A 988 -7.39 -66.03 -21.10
N ILE A 989 -7.40 -65.23 -22.17
CA ILE A 989 -6.40 -65.29 -23.25
C ILE A 989 -4.99 -65.04 -22.75
N ARG A 990 -4.83 -64.05 -21.87
CA ARG A 990 -3.53 -63.76 -21.27
C ARG A 990 -3.06 -64.84 -20.32
N THR A 991 -3.99 -65.41 -19.54
CA THR A 991 -3.64 -66.49 -18.65
C THR A 991 -3.13 -67.68 -19.43
N LEU A 992 -3.82 -68.00 -20.53
CA LEU A 992 -3.42 -69.13 -21.35
C LEU A 992 -2.00 -68.89 -21.91
N ARG A 993 -1.77 -67.72 -22.47
CA ARG A 993 -0.45 -67.37 -22.98
C ARG A 993 0.62 -67.51 -21.90
N GLN A 994 0.37 -66.95 -20.74
CA GLN A 994 1.35 -66.93 -19.68
C GLN A 994 1.72 -68.36 -19.28
N LEU A 995 0.79 -69.28 -19.45
CA LEU A 995 1.03 -70.69 -19.19
C LEU A 995 1.56 -71.46 -20.39
N GLY A 996 1.96 -70.78 -21.47
CA GLY A 996 2.55 -71.48 -22.61
C GLY A 996 1.62 -72.33 -23.48
N LYS A 997 0.31 -72.07 -23.41
CA LYS A 997 -0.72 -72.79 -24.17
C LYS A 997 -1.04 -72.02 -25.46
N LYS A 998 -1.24 -72.74 -26.55
CA LYS A 998 -1.67 -72.12 -27.80
C LYS A 998 -3.13 -71.72 -27.70
N THR A 999 -3.46 -70.56 -28.25
CA THR A 999 -4.78 -69.97 -28.10
C THR A 999 -5.39 -69.70 -29.45
N VAL A 1000 -6.71 -69.86 -29.52
CA VAL A 1000 -7.47 -69.49 -30.69
C VAL A 1000 -8.67 -68.66 -30.24
N VAL A 1001 -8.76 -67.44 -30.75
CA VAL A 1001 -9.79 -66.50 -30.35
C VAL A 1001 -10.74 -66.28 -31.51
N VAL A 1002 -12.05 -66.22 -31.22
CA VAL A 1002 -13.05 -65.86 -32.20
C VAL A 1002 -13.92 -64.76 -31.63
N ASN A 1003 -13.92 -63.59 -32.30
CA ASN A 1003 -14.77 -62.47 -31.89
C ASN A 1003 -14.91 -61.53 -33.08
N CYS A 1004 -16.04 -60.81 -33.12
CA CYS A 1004 -16.36 -59.97 -34.27
C CYS A 1004 -16.58 -58.48 -33.93
N ASN A 1005 -16.08 -58.06 -32.79
CA ASN A 1005 -16.30 -56.70 -32.31
C ASN A 1005 -15.03 -55.94 -32.55
N PRO A 1006 -15.07 -54.96 -33.48
CA PRO A 1006 -13.90 -54.20 -33.84
C PRO A 1006 -13.34 -53.33 -32.74
N GLU A 1007 -14.09 -53.05 -31.70
CA GLU A 1007 -13.67 -52.15 -30.61
C GLU A 1007 -12.82 -52.80 -29.51
N THR A 1008 -12.67 -54.12 -29.57
CA THR A 1008 -12.16 -54.90 -28.45
C THR A 1008 -10.69 -55.19 -28.57
N VAL A 1009 -10.06 -55.29 -27.41
CA VAL A 1009 -8.69 -55.76 -27.28
C VAL A 1009 -8.61 -57.27 -27.56
N SER A 1010 -9.72 -58.01 -27.37
CA SER A 1010 -9.74 -59.41 -27.78
C SER A 1010 -9.54 -59.58 -29.30
N THR A 1011 -9.91 -58.57 -30.09
CA THR A 1011 -9.69 -58.65 -31.54
C THR A 1011 -8.46 -57.95 -31.94
N ASP A 1012 -7.49 -57.85 -31.02
CA ASP A 1012 -6.14 -57.38 -31.38
C ASP A 1012 -5.23 -58.57 -31.49
N PHE A 1013 -4.58 -58.69 -32.66
CA PHE A 1013 -3.87 -59.94 -33.01
C PHE A 1013 -2.65 -60.24 -32.15
N ASP A 1014 -2.10 -59.23 -31.49
CA ASP A 1014 -0.93 -59.50 -30.65
C ASP A 1014 -1.25 -60.24 -29.34
N GLU A 1015 -2.53 -60.44 -29.03
CA GLU A 1015 -2.94 -61.12 -27.80
C GLU A 1015 -2.98 -62.68 -27.89
N CYS A 1016 -3.13 -63.24 -29.08
CA CYS A 1016 -3.21 -64.69 -29.22
C CYS A 1016 -2.49 -65.25 -30.42
N ASP A 1017 -2.35 -66.55 -30.42
CA ASP A 1017 -1.68 -67.23 -31.53
C ASP A 1017 -2.51 -67.24 -32.80
N LYS A 1018 -3.83 -67.42 -32.66
CA LYS A 1018 -4.74 -67.33 -33.83
C LYS A 1018 -6.05 -66.58 -33.57
N LEU A 1019 -6.18 -65.42 -34.22
CA LEU A 1019 -7.36 -64.61 -34.09
C LEU A 1019 -8.19 -64.79 -35.34
N TYR A 1020 -9.39 -65.34 -35.18
CA TYR A 1020 -10.36 -65.39 -36.24
C TYR A 1020 -11.33 -64.29 -35.98
N PHE A 1021 -11.34 -63.31 -36.88
CA PHE A 1021 -12.29 -62.25 -36.78
C PHE A 1021 -13.54 -62.75 -37.48
N GLU A 1022 -14.38 -63.48 -36.76
CA GLU A 1022 -15.45 -64.26 -37.36
C GLU A 1022 -16.77 -64.34 -36.59
N GLU A 1023 -17.82 -64.81 -37.25
CA GLU A 1023 -19.13 -64.98 -36.62
C GLU A 1023 -19.02 -65.89 -35.43
N LEU A 1024 -19.84 -65.57 -34.42
CA LEU A 1024 -19.95 -66.41 -33.25
C LEU A 1024 -21.22 -67.23 -33.41
N SER A 1025 -21.33 -67.93 -34.52
CA SER A 1025 -22.42 -68.86 -34.76
C SER A 1025 -21.97 -70.31 -34.51
N LEU A 1026 -22.91 -71.19 -34.18
CA LEU A 1026 -22.65 -72.62 -34.12
C LEU A 1026 -21.97 -73.02 -35.42
N GLU A 1027 -22.55 -72.62 -36.54
CA GLU A 1027 -21.99 -73.01 -37.82
C GLU A 1027 -20.50 -72.71 -37.91
N ARG A 1028 -20.16 -71.45 -37.63
CA ARG A 1028 -18.80 -70.97 -37.87
C ARG A 1028 -17.81 -71.40 -36.80
N ILE A 1029 -18.28 -71.53 -35.58
CA ILE A 1029 -17.41 -72.02 -34.51
C ILE A 1029 -17.04 -73.48 -34.76
N LEU A 1030 -18.01 -74.24 -35.21
CA LEU A 1030 -17.77 -75.60 -35.56
C LEU A 1030 -16.76 -75.67 -36.71
N ASP A 1031 -16.95 -74.80 -37.72
CA ASP A 1031 -16.05 -74.78 -38.85
C ASP A 1031 -14.62 -74.64 -38.31
N ILE A 1032 -14.43 -73.67 -37.43
CA ILE A 1032 -13.09 -73.29 -36.96
C ILE A 1032 -12.53 -74.31 -35.98
N TYR A 1033 -13.33 -74.71 -34.99
CA TYR A 1033 -12.91 -75.74 -34.04
C TYR A 1033 -12.43 -77.00 -34.73
N HIS A 1034 -13.24 -77.48 -35.66
CA HIS A 1034 -12.91 -78.77 -36.31
C HIS A 1034 -11.77 -78.63 -37.26
N GLN A 1035 -11.60 -77.43 -37.85
CA GLN A 1035 -10.52 -77.18 -38.80
C GLN A 1035 -9.16 -77.08 -38.06
N GLU A 1036 -9.17 -76.43 -36.92
CA GLU A 1036 -7.99 -76.36 -36.07
C GLU A 1036 -7.73 -77.65 -35.30
N ALA A 1037 -8.76 -78.49 -35.15
CA ALA A 1037 -8.76 -79.57 -34.16
C ALA A 1037 -8.29 -79.01 -32.82
N CYS A 1038 -9.06 -78.05 -32.31
CA CYS A 1038 -8.74 -77.40 -31.06
C CYS A 1038 -8.87 -78.43 -29.96
N GLY A 1039 -8.03 -78.27 -28.94
CA GLY A 1039 -8.07 -79.11 -27.78
C GLY A 1039 -9.28 -78.88 -26.91
N GLY A 1040 -9.84 -77.70 -26.98
CA GLY A 1040 -11.03 -77.42 -26.22
C GLY A 1040 -11.48 -75.99 -26.48
N CYS A 1041 -12.57 -75.61 -25.83
CA CYS A 1041 -13.21 -74.33 -26.05
C CYS A 1041 -13.67 -73.80 -24.73
N ILE A 1042 -13.37 -72.53 -24.44
CA ILE A 1042 -13.87 -71.89 -23.23
C ILE A 1042 -15.06 -70.99 -23.54
N ILE A 1043 -16.23 -71.32 -23.06
CA ILE A 1043 -17.46 -70.63 -23.40
C ILE A 1043 -18.06 -69.79 -22.31
N SER A 1044 -17.28 -69.55 -21.26
CA SER A 1044 -17.78 -68.93 -20.02
C SER A 1044 -17.26 -67.53 -19.73
N VAL A 1045 -16.51 -66.93 -20.65
CA VAL A 1045 -15.89 -65.64 -20.39
C VAL A 1045 -16.22 -64.59 -21.45
N GLY A 1046 -17.32 -64.79 -22.16
CA GLY A 1046 -17.76 -63.81 -23.16
C GLY A 1046 -19.24 -63.49 -23.10
N GLY A 1047 -19.85 -63.55 -21.92
CA GLY A 1047 -21.30 -63.31 -21.79
C GLY A 1047 -22.24 -64.37 -22.37
N GLN A 1048 -23.42 -63.91 -22.79
CA GLN A 1048 -24.53 -64.71 -23.25
C GLN A 1048 -24.28 -65.51 -24.57
N ILE A 1049 -23.85 -64.85 -25.64
CA ILE A 1049 -23.63 -65.52 -26.92
C ILE A 1049 -22.90 -66.89 -26.74
N PRO A 1050 -21.64 -66.90 -26.27
CA PRO A 1050 -20.95 -68.18 -26.20
C PRO A 1050 -21.63 -69.17 -25.27
N ASN A 1051 -22.12 -68.67 -24.15
CA ASN A 1051 -22.80 -69.52 -23.17
C ASN A 1051 -24.03 -70.20 -23.73
N ASN A 1052 -24.77 -69.52 -24.59
CA ASN A 1052 -25.93 -70.14 -25.21
C ASN A 1052 -25.60 -71.17 -26.25
N LEU A 1053 -24.36 -71.21 -26.72
CA LEU A 1053 -23.90 -72.25 -27.61
C LEU A 1053 -23.41 -73.52 -26.86
N ALA A 1054 -23.38 -73.49 -25.53
CA ALA A 1054 -22.76 -74.59 -24.74
C ALA A 1054 -23.26 -75.97 -25.13
N VAL A 1055 -24.56 -76.13 -25.13
CA VAL A 1055 -25.16 -77.44 -25.45
C VAL A 1055 -25.04 -77.82 -26.93
N PRO A 1056 -25.41 -76.91 -27.87
CA PRO A 1056 -25.18 -77.23 -29.26
C PRO A 1056 -23.75 -77.63 -29.56
N LEU A 1057 -22.79 -76.97 -28.93
CA LEU A 1057 -21.38 -77.30 -29.16
C LEU A 1057 -21.06 -78.68 -28.61
N TYR A 1058 -21.45 -78.89 -27.38
CA TYR A 1058 -21.28 -80.15 -26.73
C TYR A 1058 -21.71 -81.28 -27.70
N LYS A 1059 -22.92 -81.15 -28.23
CA LYS A 1059 -23.53 -82.12 -29.11
C LYS A 1059 -22.86 -82.30 -30.44
N ASN A 1060 -22.02 -81.37 -30.83
CA ASN A 1060 -21.28 -81.45 -32.06
C ASN A 1060 -19.76 -81.66 -31.80
N GLY A 1061 -19.45 -82.47 -30.80
CA GLY A 1061 -18.11 -82.95 -30.60
C GLY A 1061 -17.12 -81.96 -30.08
N VAL A 1062 -17.59 -80.86 -29.50
CA VAL A 1062 -16.69 -79.86 -29.02
C VAL A 1062 -16.43 -80.13 -27.56
N LYS A 1063 -15.16 -80.10 -27.18
CA LYS A 1063 -14.80 -80.23 -25.81
C LYS A 1063 -14.84 -78.87 -25.12
N ILE A 1064 -15.80 -78.75 -24.21
CA ILE A 1064 -16.05 -77.58 -23.40
C ILE A 1064 -15.24 -77.68 -22.11
N MET A 1065 -14.47 -76.65 -21.80
CA MET A 1065 -13.67 -76.65 -20.56
C MET A 1065 -14.50 -76.14 -19.38
N GLY A 1066 -14.33 -76.77 -18.23
CA GLY A 1066 -15.05 -76.36 -17.03
C GLY A 1066 -16.44 -76.98 -16.88
N THR A 1067 -17.32 -76.23 -16.23
CA THR A 1067 -18.69 -76.63 -15.94
C THR A 1067 -19.42 -77.18 -17.13
N SER A 1068 -19.96 -78.37 -16.97
CA SER A 1068 -20.59 -79.09 -18.07
C SER A 1068 -21.75 -78.29 -18.67
N PRO A 1069 -21.92 -78.39 -19.98
CA PRO A 1069 -23.10 -77.78 -20.58
C PRO A 1069 -24.43 -78.40 -20.07
N LEU A 1070 -24.37 -79.64 -19.61
CA LEU A 1070 -25.52 -80.30 -19.01
C LEU A 1070 -25.95 -79.54 -17.74
N GLN A 1071 -24.97 -79.05 -16.99
CA GLN A 1071 -25.20 -78.26 -15.79
C GLN A 1071 -25.68 -76.86 -16.10
N ILE A 1072 -25.17 -76.28 -17.18
CA ILE A 1072 -25.64 -74.97 -17.61
C ILE A 1072 -27.07 -75.04 -18.07
N ASP A 1073 -27.45 -76.15 -18.68
CA ASP A 1073 -28.83 -76.34 -19.09
C ASP A 1073 -29.69 -76.45 -17.85
N ARG A 1074 -29.34 -77.38 -16.97
CA ARG A 1074 -30.07 -77.59 -15.72
C ARG A 1074 -30.33 -76.26 -15.02
N ALA A 1075 -29.30 -75.40 -14.96
CA ALA A 1075 -29.42 -74.13 -14.23
C ALA A 1075 -30.24 -73.03 -14.95
N GLU A 1076 -30.27 -73.04 -16.28
CA GLU A 1076 -31.12 -72.08 -17.01
C GLU A 1076 -32.57 -72.60 -17.14
N ASP A 1077 -32.83 -73.81 -16.69
CA ASP A 1077 -34.18 -74.35 -16.67
C ASP A 1077 -34.83 -73.98 -15.34
N ARG A 1078 -35.64 -72.94 -15.37
CA ARG A 1078 -36.25 -72.41 -14.17
C ARG A 1078 -36.87 -73.50 -13.26
N SER A 1079 -37.46 -74.53 -13.84
CA SER A 1079 -38.15 -75.56 -13.06
C SER A 1079 -37.18 -76.52 -12.36
N ILE A 1080 -36.12 -76.89 -13.08
CA ILE A 1080 -35.08 -77.76 -12.54
C ILE A 1080 -34.30 -77.01 -11.45
N PHE A 1081 -33.97 -75.77 -11.76
CA PHE A 1081 -33.19 -74.96 -10.87
C PHE A 1081 -33.91 -74.80 -9.57
N SER A 1082 -35.18 -74.43 -9.67
CA SER A 1082 -36.05 -74.25 -8.51
C SER A 1082 -36.22 -75.51 -7.68
N ALA A 1083 -36.35 -76.64 -8.35
CA ALA A 1083 -36.49 -77.89 -7.64
C ALA A 1083 -35.20 -78.26 -6.92
N VAL A 1084 -34.07 -78.01 -7.57
CA VAL A 1084 -32.76 -78.15 -6.92
C VAL A 1084 -32.67 -77.30 -5.66
N LEU A 1085 -33.07 -76.04 -5.75
CA LEU A 1085 -33.05 -75.17 -4.61
C LEU A 1085 -33.93 -75.72 -3.50
N ASP A 1086 -35.11 -76.23 -3.82
CA ASP A 1086 -35.97 -76.82 -2.80
C ASP A 1086 -35.24 -77.97 -2.14
N GLU A 1087 -34.60 -78.82 -2.92
CA GLU A 1087 -33.87 -79.94 -2.36
C GLU A 1087 -32.82 -79.47 -1.37
N LEU A 1088 -32.13 -78.40 -1.73
CA LEU A 1088 -31.02 -77.87 -0.92
C LEU A 1088 -31.50 -77.04 0.25
N LYS A 1089 -32.83 -76.85 0.32
CA LYS A 1089 -33.46 -75.96 1.27
C LYS A 1089 -32.97 -74.51 1.11
N VAL A 1090 -32.91 -74.03 -0.12
CA VAL A 1090 -32.45 -72.65 -0.36
C VAL A 1090 -33.64 -71.87 -0.81
N ALA A 1091 -33.89 -70.74 -0.18
CA ALA A 1091 -35.14 -70.02 -0.43
C ALA A 1091 -35.09 -69.21 -1.71
N GLN A 1092 -36.28 -68.87 -2.20
CA GLN A 1092 -36.48 -68.12 -3.43
C GLN A 1092 -37.87 -67.54 -3.41
N ALA A 1093 -38.10 -66.53 -4.21
CA ALA A 1093 -39.41 -65.97 -4.33
C ALA A 1093 -40.39 -66.98 -4.96
N PRO A 1094 -41.60 -67.12 -4.39
CA PRO A 1094 -42.71 -67.85 -5.03
C PRO A 1094 -42.83 -67.49 -6.50
N TRP A 1095 -43.00 -68.49 -7.33
CA TRP A 1095 -43.16 -68.24 -8.75
C TRP A 1095 -44.07 -69.28 -9.38
N LYS A 1096 -44.54 -69.03 -10.58
CA LYS A 1096 -45.32 -70.01 -11.33
C LYS A 1096 -45.41 -69.68 -12.81
N ALA A 1097 -45.30 -70.70 -13.66
CA ALA A 1097 -45.63 -70.55 -15.10
C ALA A 1097 -47.13 -70.77 -15.32
N VAL A 1098 -47.75 -69.90 -16.12
CA VAL A 1098 -49.21 -69.95 -16.37
C VAL A 1098 -49.51 -69.74 -17.88
N ASN A 1099 -50.66 -70.25 -18.35
CA ASN A 1099 -51.14 -69.97 -19.72
C ASN A 1099 -52.41 -69.07 -19.71
N THR A 1100 -53.10 -68.98 -18.57
CA THR A 1100 -54.41 -68.35 -18.49
C THR A 1100 -54.31 -67.10 -17.68
N LEU A 1101 -55.22 -66.16 -17.95
CA LEU A 1101 -55.40 -65.00 -17.11
C LEU A 1101 -55.91 -65.40 -15.71
N ASN A 1102 -56.76 -66.41 -15.62
CA ASN A 1102 -57.30 -66.83 -14.32
C ASN A 1102 -56.28 -67.48 -13.41
N GLU A 1103 -55.28 -68.15 -14.03
CA GLU A 1103 -54.19 -68.74 -13.27
C GLU A 1103 -53.34 -67.61 -12.73
N ALA A 1104 -52.95 -66.72 -13.64
CA ALA A 1104 -52.24 -65.49 -13.26
C ALA A 1104 -52.89 -64.84 -12.04
N LEU A 1105 -54.14 -64.44 -12.19
CA LEU A 1105 -54.83 -63.66 -11.16
C LEU A 1105 -54.94 -64.43 -9.86
N GLU A 1106 -55.19 -65.75 -9.98
CA GLU A 1106 -55.26 -66.64 -8.82
C GLU A 1106 -53.93 -66.67 -8.04
N PHE A 1107 -52.83 -66.81 -8.78
CA PHE A 1107 -51.46 -66.88 -8.19
C PHE A 1107 -51.09 -65.54 -7.54
N ALA A 1108 -51.22 -64.48 -8.32
CA ALA A 1108 -50.94 -63.12 -7.83
C ALA A 1108 -51.76 -62.83 -6.59
N LYS A 1109 -53.01 -63.29 -6.57
CA LYS A 1109 -53.83 -63.18 -5.36
C LYS A 1109 -53.27 -64.04 -4.22
N SER A 1110 -52.77 -65.24 -4.54
CA SER A 1110 -52.30 -66.16 -3.51
C SER A 1110 -50.98 -65.72 -2.84
N VAL A 1111 -50.20 -64.88 -3.51
CA VAL A 1111 -48.92 -64.38 -2.94
C VAL A 1111 -48.88 -62.86 -2.67
N ASP A 1112 -49.90 -62.15 -3.15
CA ASP A 1112 -50.03 -60.68 -3.05
C ASP A 1112 -49.22 -59.94 -4.13
N TYR A 1113 -49.85 -58.91 -4.71
CA TYR A 1113 -49.18 -57.97 -5.58
C TYR A 1113 -48.16 -57.17 -4.77
N PRO A 1114 -47.09 -56.70 -5.41
CA PRO A 1114 -46.85 -56.82 -6.85
C PRO A 1114 -46.23 -58.14 -7.29
N CYS A 1115 -46.20 -58.35 -8.61
CA CYS A 1115 -45.64 -59.55 -9.23
C CYS A 1115 -44.80 -59.20 -10.43
N LEU A 1116 -43.64 -59.84 -10.57
CA LEU A 1116 -42.89 -59.76 -11.82
C LEU A 1116 -43.53 -60.64 -12.87
N LEU A 1117 -43.27 -60.30 -14.13
CA LEU A 1117 -43.90 -60.97 -15.26
C LEU A 1117 -42.95 -61.11 -16.42
N ARG A 1118 -42.74 -62.33 -16.88
CA ARG A 1118 -41.90 -62.62 -18.06
C ARG A 1118 -42.71 -63.40 -19.09
N MET A 1128 -39.42 -57.95 -19.61
CA MET A 1128 -39.80 -58.06 -18.20
C MET A 1128 -40.73 -56.94 -17.78
N ASN A 1129 -41.56 -57.18 -16.78
CA ASN A 1129 -42.56 -56.19 -16.39
C ASN A 1129 -43.19 -56.50 -15.02
N VAL A 1130 -43.35 -55.49 -14.17
CA VAL A 1130 -43.96 -55.65 -12.84
C VAL A 1130 -45.38 -55.14 -12.93
N VAL A 1131 -46.29 -55.69 -12.12
CA VAL A 1131 -47.66 -55.16 -12.03
C VAL A 1131 -48.14 -55.16 -10.59
N PHE A 1132 -48.95 -54.16 -10.24
CA PHE A 1132 -49.32 -53.93 -8.84
C PHE A 1132 -50.77 -54.20 -8.54
N SER A 1133 -51.54 -54.56 -9.57
CA SER A 1133 -52.99 -54.69 -9.47
C SER A 1133 -53.56 -55.67 -10.48
N GLU A 1134 -54.77 -56.13 -10.18
CA GLU A 1134 -55.58 -56.94 -11.09
C GLU A 1134 -55.69 -56.28 -12.48
N ASP A 1135 -55.77 -54.95 -12.49
CA ASP A 1135 -55.66 -54.11 -13.69
C ASP A 1135 -54.27 -53.56 -13.92
N PRO A 1152 -46.63 -69.41 -22.59
CA PRO A 1152 -46.96 -69.19 -21.20
C PRO A 1152 -46.13 -68.08 -20.58
N VAL A 1153 -46.66 -67.50 -19.50
CA VAL A 1153 -46.02 -66.40 -18.83
C VAL A 1153 -45.62 -66.80 -17.40
N VAL A 1154 -44.35 -66.55 -17.08
CA VAL A 1154 -43.81 -66.78 -15.74
C VAL A 1154 -44.15 -65.60 -14.84
N LEU A 1155 -44.63 -65.92 -13.64
CA LEU A 1155 -44.96 -64.94 -12.63
C LEU A 1155 -44.12 -65.16 -11.40
N THR A 1156 -43.63 -64.08 -10.83
CA THR A 1156 -42.81 -64.14 -9.62
C THR A 1156 -43.21 -63.10 -8.60
N LYS A 1157 -43.28 -63.49 -7.33
CA LYS A 1157 -43.56 -62.52 -6.27
C LYS A 1157 -42.44 -61.47 -6.28
N PHE A 1158 -42.81 -60.21 -6.48
CA PHE A 1158 -41.89 -59.09 -6.37
C PHE A 1158 -41.75 -58.77 -4.88
N VAL A 1159 -40.55 -58.93 -4.34
CA VAL A 1159 -40.31 -58.60 -2.92
C VAL A 1159 -39.92 -57.12 -2.75
N GLU A 1160 -40.73 -56.38 -2.01
CA GLU A 1160 -40.52 -54.95 -1.81
C GLU A 1160 -39.63 -54.69 -0.60
N GLY A 1161 -38.91 -53.58 -0.64
CA GLY A 1161 -38.14 -53.12 0.49
C GLY A 1161 -36.95 -54.02 0.76
N ALA A 1162 -36.40 -54.59 -0.31
CA ALA A 1162 -35.39 -55.61 -0.17
C ALA A 1162 -34.04 -55.13 -0.68
N ARG A 1163 -32.98 -55.56 0.00
CA ARG A 1163 -31.65 -55.30 -0.46
C ARG A 1163 -31.35 -56.30 -1.56
N GLU A 1164 -30.35 -56.01 -2.37
CA GLU A 1164 -29.88 -56.93 -3.38
C GLU A 1164 -28.37 -57.12 -3.25
N VAL A 1165 -27.91 -58.35 -3.36
CA VAL A 1165 -26.55 -58.74 -3.12
C VAL A 1165 -26.07 -59.58 -4.28
N GLU A 1166 -24.83 -59.37 -4.73
CA GLU A 1166 -24.20 -60.15 -5.80
C GLU A 1166 -23.14 -61.02 -5.22
N MET A 1167 -23.14 -62.28 -5.61
CA MET A 1167 -22.07 -63.19 -5.26
C MET A 1167 -21.31 -63.49 -6.55
N ASP A 1168 -20.05 -63.09 -6.62
CA ASP A 1168 -19.22 -63.43 -7.78
C ASP A 1168 -18.20 -64.42 -7.30
N ALA A 1169 -18.04 -65.51 -8.04
CA ALA A 1169 -17.29 -66.63 -7.54
C ALA A 1169 -16.68 -67.53 -8.62
N VAL A 1170 -15.70 -68.32 -8.19
CA VAL A 1170 -15.10 -69.33 -9.00
C VAL A 1170 -15.21 -70.63 -8.24
N GLY A 1171 -15.63 -71.66 -8.97
CA GLY A 1171 -15.72 -73.02 -8.43
C GLY A 1171 -14.63 -73.90 -8.98
N LYS A 1172 -14.18 -74.83 -8.15
CA LYS A 1172 -13.33 -75.92 -8.57
C LYS A 1172 -13.89 -77.22 -8.03
N ASP A 1173 -14.30 -78.09 -8.95
CA ASP A 1173 -14.93 -79.37 -8.61
C ASP A 1173 -16.05 -79.20 -7.61
N GLY A 1174 -16.91 -78.22 -7.83
CA GLY A 1174 -18.03 -77.96 -6.94
C GLY A 1174 -17.72 -77.19 -5.66
N ARG A 1175 -16.43 -76.93 -5.36
CA ARG A 1175 -16.07 -76.07 -4.22
C ARG A 1175 -15.77 -74.66 -4.70
N VAL A 1176 -16.09 -73.69 -3.85
CA VAL A 1176 -15.84 -72.28 -4.12
C VAL A 1176 -14.45 -71.88 -3.66
N ILE A 1177 -13.58 -71.47 -4.56
CA ILE A 1177 -12.22 -71.11 -4.18
C ILE A 1177 -11.88 -69.62 -4.37
N SER A 1178 -12.84 -68.82 -4.83
CA SER A 1178 -12.73 -67.37 -4.80
C SER A 1178 -14.11 -66.81 -4.81
N HIS A 1179 -14.33 -65.77 -4.05
CA HIS A 1179 -15.65 -65.17 -4.05
C HIS A 1179 -15.62 -63.74 -3.56
N ALA A 1180 -16.69 -63.01 -3.86
CA ALA A 1180 -16.84 -61.64 -3.46
C ALA A 1180 -18.29 -61.24 -3.41
N ILE A 1181 -18.68 -60.64 -2.31
CA ILE A 1181 -20.06 -60.20 -2.10
C ILE A 1181 -20.16 -58.67 -2.09
N SER A 1182 -21.04 -58.14 -2.94
CA SER A 1182 -21.32 -56.70 -2.97
C SER A 1182 -22.79 -56.38 -2.78
N GLU A 1183 -23.07 -55.19 -2.23
CA GLU A 1183 -24.43 -54.73 -1.97
C GLU A 1183 -24.79 -53.56 -2.92
N HIS A 1184 -25.98 -53.58 -3.48
CA HIS A 1184 -26.43 -52.51 -4.29
C HIS A 1184 -26.81 -51.36 -3.34
N VAL A 1185 -26.67 -50.13 -3.81
CA VAL A 1185 -27.21 -49.04 -3.10
C VAL A 1185 -28.74 -49.13 -3.13
N GLU A 1186 -29.26 -49.45 -4.30
CA GLU A 1186 -30.68 -49.43 -4.56
C GLU A 1186 -31.31 -50.72 -4.05
N ASP A 1187 -32.59 -50.64 -3.71
CA ASP A 1187 -33.39 -51.81 -3.36
C ASP A 1187 -33.62 -52.69 -4.60
N ALA A 1188 -33.90 -53.97 -4.40
CA ALA A 1188 -34.24 -54.85 -5.51
C ALA A 1188 -35.35 -54.17 -6.29
N GLY A 1189 -35.30 -54.28 -7.61
CA GLY A 1189 -36.27 -53.58 -8.45
C GLY A 1189 -35.56 -52.73 -9.46
N VAL A 1190 -34.42 -52.18 -9.09
CA VAL A 1190 -33.46 -51.71 -10.06
C VAL A 1190 -32.58 -52.85 -10.49
N HIS A 1191 -32.44 -53.04 -11.77
CA HIS A 1191 -31.64 -54.13 -12.34
C HIS A 1191 -30.17 -54.04 -11.97
N SER A 1192 -29.56 -55.18 -11.67
CA SER A 1192 -28.11 -55.29 -11.35
C SER A 1192 -27.22 -54.35 -12.10
N GLY A 1193 -27.37 -54.35 -13.43
CA GLY A 1193 -26.54 -53.53 -14.29
C GLY A 1193 -26.83 -52.06 -14.28
N ASP A 1194 -27.97 -51.65 -13.75
CA ASP A 1194 -28.23 -50.22 -13.56
C ASP A 1194 -27.94 -49.76 -12.13
N ALA A 1195 -27.56 -50.72 -11.30
CA ALA A 1195 -27.37 -50.53 -9.87
C ALA A 1195 -25.97 -49.98 -9.59
N THR A 1196 -25.86 -49.32 -8.45
CA THR A 1196 -24.61 -48.90 -7.91
C THR A 1196 -24.15 -49.92 -6.86
N LEU A 1197 -22.91 -50.40 -7.00
CA LEU A 1197 -22.43 -51.49 -6.18
C LEU A 1197 -21.41 -51.07 -5.16
N MET A 1198 -21.58 -51.59 -3.96
CA MET A 1198 -20.66 -51.32 -2.85
C MET A 1198 -19.93 -52.62 -2.56
N LEU A 1199 -18.61 -52.50 -2.36
CA LEU A 1199 -17.82 -53.62 -1.94
C LEU A 1199 -16.80 -53.13 -0.87
N PRO A 1200 -16.67 -53.80 0.28
CA PRO A 1200 -17.54 -54.87 0.77
C PRO A 1200 -18.95 -54.40 1.17
N THR A 1201 -19.78 -55.29 1.69
CA THR A 1201 -21.16 -54.92 1.99
C THR A 1201 -21.17 -53.92 3.12
N GLN A 1202 -22.29 -53.24 3.28
CA GLN A 1202 -22.38 -52.13 4.17
C GLN A 1202 -23.47 -52.25 5.19
N THR A 1203 -24.64 -52.73 4.81
CA THR A 1203 -25.80 -52.75 5.71
C THR A 1203 -26.42 -54.14 5.90
N ILE A 1204 -25.73 -55.18 5.45
CA ILE A 1204 -26.24 -56.51 5.48
C ILE A 1204 -25.86 -57.14 6.79
N SER A 1205 -26.79 -57.89 7.37
CA SER A 1205 -26.55 -58.58 8.65
C SER A 1205 -25.50 -59.62 8.44
N GLN A 1206 -24.77 -59.97 9.49
CA GLN A 1206 -23.76 -61.00 9.33
C GLN A 1206 -24.38 -62.42 9.09
N GLY A 1207 -25.57 -62.67 9.64
CA GLY A 1207 -26.28 -63.92 9.41
C GLY A 1207 -26.72 -64.06 7.96
N ALA A 1208 -27.16 -62.99 7.33
CA ALA A 1208 -27.48 -63.01 5.89
C ALA A 1208 -26.27 -63.35 5.06
N ILE A 1209 -25.11 -62.84 5.44
CA ILE A 1209 -23.90 -63.13 4.69
C ILE A 1209 -23.60 -64.62 4.77
N GLU A 1210 -23.76 -65.16 5.97
CA GLU A 1210 -23.55 -66.59 6.18
C GLU A 1210 -24.52 -67.36 5.29
N LYS A 1211 -25.77 -66.95 5.21
CA LYS A 1211 -26.71 -67.60 4.31
C LYS A 1211 -26.33 -67.45 2.86
N VAL A 1212 -26.01 -66.25 2.43
CA VAL A 1212 -25.50 -66.06 1.08
C VAL A 1212 -24.37 -67.04 0.79
N LYS A 1213 -23.42 -67.15 1.71
CA LYS A 1213 -22.28 -68.05 1.54
C LYS A 1213 -22.71 -69.51 1.52
N ASP A 1214 -23.64 -69.89 2.39
CA ASP A 1214 -24.00 -71.30 2.48
C ASP A 1214 -24.77 -71.71 1.22
N ALA A 1215 -25.62 -70.80 0.73
CA ALA A 1215 -26.37 -71.07 -0.49
C ALA A 1215 -25.43 -71.19 -1.67
N THR A 1216 -24.39 -70.38 -1.67
CA THR A 1216 -23.39 -70.50 -2.74
C THR A 1216 -22.56 -71.78 -2.68
N ARG A 1217 -22.22 -72.25 -1.47
CA ARG A 1217 -21.56 -73.54 -1.31
C ARG A 1217 -22.42 -74.65 -1.90
N LYS A 1218 -23.69 -74.62 -1.62
CA LYS A 1218 -24.57 -75.71 -2.07
C LYS A 1218 -24.83 -75.70 -3.56
N ILE A 1219 -24.99 -74.50 -4.11
CA ILE A 1219 -25.20 -74.35 -5.54
C ILE A 1219 -23.99 -74.78 -6.33
N ALA A 1220 -22.81 -74.36 -5.91
CA ALA A 1220 -21.60 -74.79 -6.58
C ALA A 1220 -21.49 -76.31 -6.62
N LYS A 1221 -21.85 -76.95 -5.53
CA LYS A 1221 -21.75 -78.39 -5.43
C LYS A 1221 -22.82 -79.06 -6.27
N ALA A 1222 -24.06 -78.59 -6.21
CA ALA A 1222 -25.19 -79.16 -6.96
C ALA A 1222 -25.00 -79.14 -8.48
N PHE A 1223 -24.27 -78.14 -8.97
CA PHE A 1223 -24.02 -77.99 -10.41
C PHE A 1223 -22.56 -78.24 -10.79
N ALA A 1224 -21.82 -78.88 -9.88
CA ALA A 1224 -20.42 -79.29 -10.10
C ALA A 1224 -19.66 -78.23 -10.82
N ILE A 1225 -19.64 -77.04 -10.26
CA ILE A 1225 -19.09 -75.91 -10.95
C ILE A 1225 -17.57 -75.95 -10.92
N SER A 1226 -16.97 -75.80 -12.12
CA SER A 1226 -15.53 -75.67 -12.32
C SER A 1226 -15.32 -74.51 -13.27
N GLY A 1227 -15.20 -73.31 -12.73
CA GLY A 1227 -15.14 -72.13 -13.54
C GLY A 1227 -15.85 -71.00 -12.86
N PRO A 1228 -16.05 -69.91 -13.58
CA PRO A 1228 -16.66 -68.73 -13.01
C PRO A 1228 -18.19 -68.83 -12.98
N PHE A 1229 -18.80 -68.19 -12.02
CA PHE A 1229 -20.26 -68.10 -11.93
C PHE A 1229 -20.65 -66.99 -11.02
N ASN A 1230 -21.94 -66.79 -10.90
CA ASN A 1230 -22.51 -65.68 -10.14
C ASN A 1230 -23.94 -66.05 -9.66
N VAL A 1231 -24.32 -65.54 -8.50
CA VAL A 1231 -25.63 -65.76 -7.96
C VAL A 1231 -26.14 -64.43 -7.42
N GLN A 1232 -27.38 -64.09 -7.72
CA GLN A 1232 -27.94 -62.84 -7.25
C GLN A 1232 -28.99 -63.11 -6.18
N PHE A 1233 -29.00 -62.30 -5.13
CA PHE A 1233 -29.79 -62.56 -3.94
C PHE A 1233 -30.66 -61.39 -3.52
N LEU A 1234 -31.90 -61.67 -3.09
CA LEU A 1234 -32.68 -60.70 -2.33
C LEU A 1234 -32.38 -60.93 -0.88
N VAL A 1235 -32.20 -59.85 -0.13
CA VAL A 1235 -31.97 -59.93 1.31
C VAL A 1235 -32.90 -58.99 2.04
N LYS A 1236 -33.61 -59.51 3.02
CA LYS A 1236 -34.49 -58.67 3.82
C LYS A 1236 -34.36 -59.15 5.23
N GLY A 1237 -33.48 -58.51 5.98
CA GLY A 1237 -33.16 -58.88 7.36
C GLY A 1237 -32.26 -60.09 7.37
N ASN A 1238 -32.83 -61.25 7.69
CA ASN A 1238 -32.16 -62.53 7.56
C ASN A 1238 -32.76 -63.43 6.48
N ASP A 1239 -33.91 -63.07 5.90
CA ASP A 1239 -34.40 -63.78 4.74
C ASP A 1239 -33.49 -63.54 3.55
N VAL A 1240 -32.91 -64.62 3.04
CA VAL A 1240 -32.02 -64.57 1.90
C VAL A 1240 -32.63 -65.45 0.83
N LEU A 1241 -33.01 -64.83 -0.29
CA LEU A 1241 -33.64 -65.53 -1.42
C LEU A 1241 -32.78 -65.49 -2.67
N VAL A 1242 -32.71 -66.60 -3.38
CA VAL A 1242 -31.99 -66.58 -4.65
C VAL A 1242 -32.87 -66.09 -5.77
N ILE A 1243 -32.34 -65.15 -6.54
CA ILE A 1243 -33.02 -64.58 -7.69
C ILE A 1243 -32.67 -65.39 -8.90
N GLU A 1244 -31.36 -65.49 -9.19
CA GLU A 1244 -30.91 -66.14 -10.42
C GLU A 1244 -29.51 -66.62 -10.18
N CYS A 1245 -29.07 -67.56 -10.99
CA CYS A 1245 -27.69 -68.01 -10.99
C CYS A 1245 -27.17 -68.01 -12.42
N ASN A 1246 -25.96 -67.54 -12.66
CA ASN A 1246 -25.41 -67.56 -14.01
C ASN A 1246 -24.14 -68.30 -14.01
N LEU A 1247 -24.05 -69.38 -14.78
CA LEU A 1247 -22.88 -70.24 -14.75
C LEU A 1247 -21.85 -69.73 -15.73
N ARG A 1248 -21.50 -68.48 -15.52
CA ARG A 1248 -20.48 -67.83 -16.32
C ARG A 1248 -20.02 -66.57 -15.60
N ALA A 1249 -18.97 -65.96 -16.11
CA ALA A 1249 -18.54 -64.66 -15.63
C ALA A 1249 -19.67 -63.64 -15.77
N SER A 1250 -19.90 -62.88 -14.69
CA SER A 1250 -20.81 -61.73 -14.65
C SER A 1250 -20.09 -60.42 -14.97
N ARG A 1251 -20.86 -59.38 -15.22
CA ARG A 1251 -20.34 -58.08 -15.55
C ARG A 1251 -19.64 -57.43 -14.39
N SER A 1252 -19.84 -57.90 -13.17
CA SER A 1252 -19.09 -57.32 -12.04
C SER A 1252 -17.74 -58.00 -11.77
N PHE A 1253 -17.28 -58.88 -12.66
CA PHE A 1253 -16.03 -59.60 -12.39
C PHE A 1253 -14.77 -58.72 -12.41
N PRO A 1254 -14.71 -57.70 -13.30
CA PRO A 1254 -13.56 -56.79 -13.28
C PRO A 1254 -13.50 -55.97 -12.00
N PHE A 1255 -14.66 -55.47 -11.59
CA PHE A 1255 -14.79 -54.58 -10.44
C PHE A 1255 -14.22 -55.32 -9.24
N VAL A 1256 -14.84 -56.45 -9.00
CA VAL A 1256 -14.50 -57.34 -7.92
C VAL A 1256 -13.05 -57.79 -7.98
N SER A 1257 -12.55 -58.09 -9.16
CA SER A 1257 -11.18 -58.60 -9.28
C SER A 1257 -10.16 -57.56 -8.95
N LYS A 1258 -10.33 -56.40 -9.54
CA LYS A 1258 -9.39 -55.33 -9.32
C LYS A 1258 -9.48 -54.82 -7.88
N THR A 1259 -10.69 -54.69 -7.39
CA THR A 1259 -10.86 -54.20 -6.05
C THR A 1259 -10.18 -55.12 -5.06
N LEU A 1260 -10.35 -56.43 -5.16
CA LEU A 1260 -9.73 -57.32 -4.21
C LEU A 1260 -8.29 -57.69 -4.56
N GLY A 1261 -7.74 -57.19 -5.67
CA GLY A 1261 -6.40 -57.55 -6.11
C GLY A 1261 -6.23 -59.03 -6.42
N VAL A 1262 -7.24 -59.64 -7.04
CA VAL A 1262 -7.18 -61.06 -7.47
C VAL A 1262 -7.93 -61.22 -8.76
N ASP A 1263 -7.23 -61.70 -9.79
CA ASP A 1263 -7.87 -61.94 -11.10
C ASP A 1263 -8.69 -63.23 -11.03
N PHE A 1264 -9.99 -63.05 -10.79
CA PHE A 1264 -10.95 -64.17 -10.73
C PHE A 1264 -10.93 -64.99 -12.01
N ILE A 1265 -10.73 -64.33 -13.16
CA ILE A 1265 -10.66 -65.04 -14.41
C ILE A 1265 -9.35 -65.78 -14.62
N ASP A 1266 -8.24 -65.24 -14.14
CA ASP A 1266 -7.01 -66.00 -14.10
C ASP A 1266 -7.20 -67.28 -13.30
N VAL A 1267 -7.80 -67.17 -12.12
CA VAL A 1267 -8.04 -68.33 -11.29
C VAL A 1267 -8.92 -69.34 -12.02
N ALA A 1268 -10.00 -68.83 -12.62
CA ALA A 1268 -11.03 -69.67 -13.22
C ALA A 1268 -10.48 -70.36 -14.44
N THR A 1269 -9.67 -69.65 -15.21
CA THR A 1269 -9.05 -70.23 -16.39
C THR A 1269 -8.14 -71.41 -16.01
N LYS A 1270 -7.38 -71.27 -14.91
CA LYS A 1270 -6.49 -72.35 -14.43
C LYS A 1270 -7.25 -73.60 -13.95
N VAL A 1271 -8.35 -73.39 -13.24
CA VAL A 1271 -9.27 -74.45 -12.92
C VAL A 1271 -9.76 -75.16 -14.18
N MET A 1272 -10.20 -74.40 -15.18
CA MET A 1272 -10.86 -74.99 -16.34
C MET A 1272 -9.92 -75.84 -17.17
N ILE A 1273 -8.64 -75.51 -17.21
CA ILE A 1273 -7.68 -76.33 -17.97
C ILE A 1273 -6.82 -77.25 -17.09
N GLY A 1274 -7.19 -77.39 -15.82
CA GLY A 1274 -6.50 -78.29 -14.92
C GLY A 1274 -5.16 -77.80 -14.41
N GLU A 1275 -4.82 -76.54 -14.57
CA GLU A 1275 -3.61 -76.02 -13.98
C GLU A 1275 -3.76 -75.93 -12.47
N ASN A 1276 -2.65 -76.04 -11.75
CA ASN A 1276 -2.64 -75.90 -10.30
C ASN A 1276 -3.01 -74.55 -9.82
N VAL A 1277 -3.48 -74.49 -8.60
CA VAL A 1277 -3.95 -73.27 -7.95
C VAL A 1277 -3.70 -73.32 -6.44
N ASP A 1278 -2.91 -72.38 -5.94
CA ASP A 1278 -2.73 -72.21 -4.51
C ASP A 1278 -3.92 -71.42 -3.91
N GLU A 1279 -4.73 -72.09 -3.09
CA GLU A 1279 -5.92 -71.48 -2.51
C GLU A 1279 -5.66 -70.73 -1.21
N LYS A 1280 -4.42 -70.76 -0.76
CA LYS A 1280 -4.05 -70.18 0.54
C LYS A 1280 -4.38 -68.71 0.57
N HIS A 1281 -3.95 -68.01 -0.47
CA HIS A 1281 -4.20 -66.58 -0.57
C HIS A 1281 -5.42 -66.17 -1.39
N LEU A 1282 -6.29 -67.08 -1.73
CA LEU A 1282 -7.48 -66.69 -2.46
C LEU A 1282 -8.63 -66.49 -1.49
N PRO A 1283 -9.64 -65.71 -1.91
CA PRO A 1283 -10.81 -65.46 -1.05
C PRO A 1283 -11.80 -66.63 -1.09
N THR A 1284 -11.44 -67.72 -0.44
CA THR A 1284 -12.34 -68.88 -0.40
C THR A 1284 -13.51 -68.56 0.54
N LEU A 1285 -14.53 -69.43 0.59
CA LEU A 1285 -15.66 -69.18 1.51
C LEU A 1285 -15.17 -69.14 2.94
N ASP A 1286 -14.14 -69.91 3.23
CA ASP A 1286 -13.61 -70.00 4.59
C ASP A 1286 -12.71 -68.82 4.97
N HIS A 1287 -11.95 -68.27 4.01
CA HIS A 1287 -11.15 -67.06 4.30
C HIS A 1287 -11.33 -65.95 3.28
N PRO A 1288 -12.43 -65.20 3.41
CA PRO A 1288 -12.74 -64.16 2.40
C PRO A 1288 -11.67 -63.13 2.47
N ILE A 1289 -11.55 -62.34 1.42
CA ILE A 1289 -10.76 -61.12 1.45
C ILE A 1289 -11.77 -60.00 1.53
N ILE A 1290 -11.70 -59.22 2.62
CA ILE A 1290 -12.61 -58.12 2.85
C ILE A 1290 -11.75 -56.87 3.08
N PRO A 1291 -11.78 -55.90 2.15
CA PRO A 1291 -11.07 -54.64 2.39
C PRO A 1291 -11.46 -54.00 3.72
N ALA A 1292 -10.47 -53.65 4.52
CA ALA A 1292 -10.71 -52.98 5.78
C ALA A 1292 -10.51 -51.48 5.64
N ASP A 1293 -9.48 -51.10 4.92
CA ASP A 1293 -9.05 -49.72 4.97
C ASP A 1293 -9.62 -48.88 3.85
N TYR A 1294 -10.42 -49.49 3.01
CA TYR A 1294 -11.03 -48.76 1.89
C TYR A 1294 -12.31 -49.44 1.42
N VAL A 1295 -13.12 -48.70 0.66
CA VAL A 1295 -14.31 -49.26 -0.02
C VAL A 1295 -14.26 -48.88 -1.51
N ALA A 1296 -14.93 -49.70 -2.31
CA ALA A 1296 -15.06 -49.59 -3.74
C ALA A 1296 -16.53 -49.41 -4.10
N ILE A 1297 -16.78 -48.50 -5.03
CA ILE A 1297 -18.10 -48.24 -5.54
C ILE A 1297 -18.13 -48.21 -7.07
N LYS A 1298 -19.02 -48.99 -7.66
CA LYS A 1298 -19.28 -48.99 -9.09
C LYS A 1298 -20.60 -48.27 -9.39
N ALA A 1299 -20.54 -47.31 -10.31
CA ALA A 1299 -21.71 -46.53 -10.73
C ALA A 1299 -21.99 -46.77 -12.21
N PRO A 1300 -23.29 -46.81 -12.59
CA PRO A 1300 -23.68 -46.95 -13.94
C PRO A 1300 -23.68 -45.66 -14.69
N MET A 1301 -23.44 -45.77 -15.98
CA MET A 1301 -23.38 -44.70 -16.95
C MET A 1301 -24.65 -44.79 -17.80
N PHE A 1302 -25.14 -43.66 -18.26
CA PHE A 1302 -26.36 -43.67 -19.06
C PHE A 1302 -26.11 -42.81 -20.27
N SER A 1303 -26.93 -42.95 -21.28
CA SER A 1303 -26.81 -42.13 -22.46
C SER A 1303 -28.18 -41.52 -22.75
N TRP A 1304 -28.75 -40.87 -21.74
CA TRP A 1304 -30.07 -40.27 -21.92
C TRP A 1304 -30.10 -39.13 -22.95
N PRO A 1305 -29.11 -38.23 -22.93
CA PRO A 1305 -29.29 -37.15 -23.92
C PRO A 1305 -29.37 -37.67 -25.35
N ARG A 1306 -28.62 -38.73 -25.68
CA ARG A 1306 -28.67 -39.27 -27.06
C ARG A 1306 -29.90 -40.11 -27.36
N LEU A 1307 -30.59 -40.57 -26.35
CA LEU A 1307 -31.82 -41.31 -26.57
C LEU A 1307 -32.97 -40.33 -26.51
N ARG A 1308 -33.09 -39.57 -27.58
CA ARG A 1308 -34.07 -38.49 -27.66
C ARG A 1308 -35.47 -38.92 -27.19
N ASP A 1309 -36.05 -38.11 -26.30
CA ASP A 1309 -37.37 -38.31 -25.67
C ASP A 1309 -37.48 -39.51 -24.73
N ALA A 1310 -36.40 -40.27 -24.55
CA ALA A 1310 -36.49 -41.40 -23.64
C ALA A 1310 -36.80 -40.93 -22.21
N ASP A 1311 -37.64 -41.69 -21.50
CA ASP A 1311 -37.93 -41.44 -20.08
C ASP A 1311 -36.74 -41.93 -19.30
N PRO A 1312 -36.01 -41.02 -18.65
CA PRO A 1312 -34.76 -41.40 -17.98
C PRO A 1312 -34.99 -41.99 -16.62
N ILE A 1313 -35.49 -43.20 -16.57
CA ILE A 1313 -36.05 -43.74 -15.35
C ILE A 1313 -35.81 -45.24 -15.43
N LEU A 1314 -35.39 -45.82 -14.33
CA LEU A 1314 -34.97 -47.24 -14.30
C LEU A 1314 -36.16 -48.19 -14.19
N ARG A 1315 -36.22 -49.12 -15.13
CA ARG A 1315 -37.23 -50.20 -15.13
C ARG A 1315 -36.62 -51.53 -14.64
N CYS A 1316 -37.32 -52.64 -14.85
CA CYS A 1316 -36.70 -53.96 -14.57
C CYS A 1316 -35.81 -54.42 -15.73
N GLU A 1317 -36.13 -53.94 -16.94
CA GLU A 1317 -35.21 -53.97 -18.05
C GLU A 1317 -34.16 -52.91 -17.85
N MET A 1318 -32.94 -53.25 -18.20
CA MET A 1318 -31.75 -52.47 -17.99
C MET A 1318 -31.50 -51.36 -19.07
N ALA A 1319 -30.90 -50.23 -18.66
CA ALA A 1319 -30.71 -49.06 -19.57
C ALA A 1319 -29.31 -48.44 -19.58
N SER A 1320 -28.40 -48.87 -18.71
CA SER A 1320 -27.13 -48.24 -18.63
C SER A 1320 -26.23 -48.71 -19.76
N THR A 1321 -25.27 -47.85 -20.12
CA THR A 1321 -24.43 -48.07 -21.28
C THR A 1321 -22.94 -48.25 -20.92
N GLY A 1322 -22.61 -48.31 -19.65
CA GLY A 1322 -21.23 -48.44 -19.21
C GLY A 1322 -21.15 -48.29 -17.71
N GLU A 1323 -19.94 -48.30 -17.20
CA GLU A 1323 -19.75 -48.27 -15.78
C GLU A 1323 -18.48 -47.53 -15.44
N VAL A 1324 -18.44 -46.92 -14.25
CA VAL A 1324 -17.21 -46.43 -13.66
C VAL A 1324 -17.10 -46.96 -12.25
N ALA A 1325 -15.89 -46.92 -11.69
CA ALA A 1325 -15.68 -47.22 -10.29
C ALA A 1325 -14.54 -46.36 -9.72
N CYS A 1326 -14.72 -45.98 -8.45
CA CYS A 1326 -13.77 -45.25 -7.68
C CYS A 1326 -13.71 -45.82 -6.26
N PHE A 1327 -12.70 -45.36 -5.51
CA PHE A 1327 -12.30 -45.89 -4.22
C PHE A 1327 -12.17 -44.76 -3.22
N GLY A 1328 -12.31 -45.09 -1.94
CA GLY A 1328 -12.29 -44.08 -0.88
C GLY A 1328 -12.12 -44.70 0.50
N GLU A 1329 -11.72 -43.87 1.45
CA GLU A 1329 -11.54 -44.36 2.82
C GLU A 1329 -12.90 -44.84 3.32
N GLY A 1330 -13.96 -44.20 2.83
CA GLY A 1330 -15.30 -44.58 3.15
C GLY A 1330 -16.23 -44.44 1.99
N ILE A 1331 -17.48 -44.70 2.26
CA ILE A 1331 -18.44 -44.76 1.19
C ILE A 1331 -18.79 -43.40 0.59
N HIS A 1332 -18.86 -42.37 1.41
CA HIS A 1332 -19.24 -41.05 0.89
C HIS A 1332 -18.26 -40.54 -0.14
N THR A 1333 -16.99 -40.66 0.18
CA THR A 1333 -15.94 -40.23 -0.72
C THR A 1333 -15.90 -41.00 -2.02
N ALA A 1334 -15.99 -42.31 -1.88
CA ALA A 1334 -15.96 -43.22 -3.02
C ALA A 1334 -17.16 -42.96 -3.91
N PHE A 1335 -18.31 -42.75 -3.26
CA PHE A 1335 -19.54 -42.51 -3.96
C PHE A 1335 -19.50 -41.23 -4.73
N LEU A 1336 -19.02 -40.16 -4.10
CA LEU A 1336 -18.91 -38.87 -4.81
C LEU A 1336 -17.96 -39.00 -5.99
N LYS A 1337 -16.85 -39.69 -5.82
CA LYS A 1337 -15.91 -39.87 -6.90
C LYS A 1337 -16.49 -40.67 -8.08
N ALA A 1338 -17.18 -41.76 -7.74
CA ALA A 1338 -17.89 -42.54 -8.76
C ALA A 1338 -18.91 -41.66 -9.52
N MET A 1339 -19.75 -40.94 -8.78
CA MET A 1339 -20.75 -40.12 -9.41
C MET A 1339 -20.15 -39.04 -10.33
N LEU A 1340 -19.14 -38.32 -9.88
CA LEU A 1340 -18.44 -37.36 -10.73
C LEU A 1340 -17.88 -38.04 -11.98
N SER A 1341 -17.37 -39.25 -11.84
CA SER A 1341 -16.87 -39.98 -12.99
C SER A 1341 -17.96 -40.26 -14.03
N THR A 1342 -19.22 -40.25 -13.64
CA THR A 1342 -20.31 -40.46 -14.60
C THR A 1342 -20.74 -39.21 -15.32
N GLY A 1343 -20.20 -38.04 -14.95
CA GLY A 1343 -20.61 -36.78 -15.56
C GLY A 1343 -21.51 -35.99 -14.63
N PHE A 1344 -21.95 -36.62 -13.54
CA PHE A 1344 -22.80 -35.95 -12.55
C PHE A 1344 -22.04 -34.76 -12.01
N LYS A 1345 -22.73 -33.65 -11.86
CA LYS A 1345 -22.10 -32.41 -11.44
C LYS A 1345 -22.74 -31.90 -10.14
N ILE A 1346 -21.93 -31.65 -9.10
CA ILE A 1346 -22.48 -31.32 -7.80
C ILE A 1346 -23.16 -29.98 -7.92
N PRO A 1347 -24.44 -29.89 -7.54
CA PRO A 1347 -25.15 -28.63 -7.73
C PRO A 1347 -24.53 -27.51 -6.92
N GLN A 1348 -24.47 -26.33 -7.54
CA GLN A 1348 -24.05 -25.12 -6.87
C GLN A 1348 -25.18 -24.17 -6.60
N LYS A 1349 -26.39 -24.53 -7.04
CA LYS A 1349 -27.54 -23.64 -7.01
C LYS A 1349 -28.71 -24.33 -6.32
N GLY A 1350 -29.90 -24.23 -6.88
CA GLY A 1350 -31.07 -24.76 -6.23
C GLY A 1350 -31.30 -26.16 -6.70
N ILE A 1351 -32.08 -26.88 -5.92
CA ILE A 1351 -32.44 -28.26 -6.20
C ILE A 1351 -33.93 -28.30 -6.29
N LEU A 1352 -34.44 -28.95 -7.33
CA LEU A 1352 -35.89 -29.15 -7.51
C LEU A 1352 -36.23 -30.51 -6.98
N ILE A 1353 -37.27 -30.58 -6.14
CA ILE A 1353 -37.73 -31.84 -5.51
C ILE A 1353 -39.22 -32.10 -5.79
N GLY A 1354 -39.51 -33.25 -6.37
CA GLY A 1354 -40.88 -33.68 -6.61
C GLY A 1354 -40.88 -35.15 -6.32
N ILE A 1355 -41.72 -35.57 -5.38
CA ILE A 1355 -41.76 -36.99 -4.96
C ILE A 1355 -43.18 -37.52 -4.85
N GLN A 1356 -43.37 -38.78 -5.16
CA GLN A 1356 -44.66 -39.40 -4.91
C GLN A 1356 -44.91 -39.43 -3.39
N GLN A 1357 -46.15 -39.22 -3.04
CA GLN A 1357 -46.56 -39.07 -1.65
C GLN A 1357 -45.97 -40.15 -0.71
N SER A 1358 -45.91 -41.39 -1.15
CA SER A 1358 -45.50 -42.41 -0.25
C SER A 1358 -44.04 -42.27 0.16
N PHE A 1359 -43.23 -41.52 -0.58
CA PHE A 1359 -41.82 -41.37 -0.17
C PHE A 1359 -41.62 -40.36 0.95
N ARG A 1360 -42.68 -39.68 1.37
CA ARG A 1360 -42.53 -38.59 2.37
C ARG A 1360 -41.89 -38.96 3.71
N PRO A 1361 -42.39 -40.02 4.38
CA PRO A 1361 -41.76 -40.41 5.66
C PRO A 1361 -40.26 -40.56 5.53
N ARG A 1362 -39.77 -41.30 4.55
CA ARG A 1362 -38.33 -41.45 4.39
C ARG A 1362 -37.63 -40.21 3.82
N PHE A 1363 -38.33 -39.40 3.05
CA PHE A 1363 -37.63 -38.30 2.39
C PHE A 1363 -37.43 -37.06 3.28
N LEU A 1364 -38.27 -36.89 4.29
CA LEU A 1364 -38.21 -35.71 5.12
C LEU A 1364 -36.77 -35.43 5.55
N GLY A 1365 -36.07 -36.44 6.03
CA GLY A 1365 -34.71 -36.25 6.52
C GLY A 1365 -33.69 -35.97 5.44
N VAL A 1366 -33.88 -36.57 4.27
CA VAL A 1366 -33.07 -36.23 3.14
C VAL A 1366 -33.21 -34.73 2.83
N ALA A 1367 -34.45 -34.22 2.92
CA ALA A 1367 -34.73 -32.82 2.58
C ALA A 1367 -34.19 -31.84 3.62
N GLU A 1368 -34.31 -32.21 4.87
CA GLU A 1368 -33.78 -31.36 5.94
C GLU A 1368 -32.30 -31.26 5.77
N GLN A 1369 -31.69 -32.38 5.44
CA GLN A 1369 -30.25 -32.47 5.28
C GLN A 1369 -29.77 -31.58 4.11
N LEU A 1370 -30.43 -31.67 2.98
CA LEU A 1370 -30.09 -30.82 1.86
C LEU A 1370 -30.24 -29.36 2.26
N HIS A 1371 -31.28 -29.04 3.04
CA HIS A 1371 -31.55 -27.66 3.50
C HIS A 1371 -30.48 -27.20 4.44
N ASN A 1372 -30.09 -28.04 5.36
CA ASN A 1372 -29.01 -27.69 6.29
C ASN A 1372 -27.66 -27.54 5.65
N GLU A 1373 -27.43 -28.16 4.48
CA GLU A 1373 -26.22 -27.94 3.72
C GLU A 1373 -26.28 -26.67 2.90
N GLY A 1374 -27.39 -25.95 2.93
CA GLY A 1374 -27.44 -24.65 2.27
C GLY A 1374 -28.04 -24.62 0.86
N PHE A 1375 -28.60 -25.72 0.40
CA PHE A 1375 -29.24 -25.73 -0.89
C PHE A 1375 -30.62 -25.14 -0.81
N LYS A 1376 -30.88 -24.15 -1.64
CA LYS A 1376 -32.22 -23.60 -1.81
C LYS A 1376 -33.09 -24.66 -2.48
N LEU A 1377 -34.27 -24.87 -1.95
CA LEU A 1377 -35.10 -25.91 -2.44
C LEU A 1377 -36.30 -25.41 -3.25
N PHE A 1378 -36.49 -25.98 -4.43
CA PHE A 1378 -37.75 -25.80 -5.17
C PHE A 1378 -38.54 -27.11 -5.20
N ALA A 1379 -39.85 -27.01 -5.33
CA ALA A 1379 -40.67 -28.20 -5.38
C ALA A 1379 -42.02 -28.05 -6.10
N THR A 1380 -42.51 -29.17 -6.62
CA THR A 1380 -43.82 -29.25 -7.22
C THR A 1380 -44.90 -29.09 -6.14
N GLU A 1381 -46.14 -28.82 -6.56
CA GLU A 1381 -47.20 -28.28 -5.69
C GLU A 1381 -47.33 -28.90 -4.30
N ALA A 1382 -47.71 -30.17 -4.27
CA ALA A 1382 -47.98 -30.89 -3.02
C ALA A 1382 -46.73 -31.09 -2.18
N THR A 1383 -45.62 -31.38 -2.83
CA THR A 1383 -44.32 -31.54 -2.17
C THR A 1383 -43.86 -30.28 -1.49
N SER A 1384 -44.09 -29.11 -2.11
CA SER A 1384 -43.72 -27.83 -1.53
C SER A 1384 -44.58 -27.51 -0.32
N ASP A 1385 -45.89 -27.68 -0.43
CA ASP A 1385 -46.76 -27.51 0.77
C ASP A 1385 -46.27 -28.38 1.91
N TRP A 1386 -45.92 -29.62 1.61
CA TRP A 1386 -45.51 -30.56 2.63
C TRP A 1386 -44.18 -30.18 3.29
N LEU A 1387 -43.20 -29.81 2.49
CA LEU A 1387 -41.93 -29.37 3.05
C LEU A 1387 -42.13 -28.16 3.95
N ASN A 1388 -42.87 -27.17 3.47
CA ASN A 1388 -43.11 -25.99 4.29
C ASN A 1388 -43.89 -26.33 5.55
N ALA A 1389 -44.83 -27.27 5.45
CA ALA A 1389 -45.58 -27.67 6.64
C ALA A 1389 -44.66 -28.30 7.67
N ASN A 1390 -43.52 -28.81 7.22
CA ASN A 1390 -42.53 -29.42 8.10
C ASN A 1390 -41.36 -28.48 8.36
N ASN A 1391 -41.55 -27.18 8.14
CA ASN A 1391 -40.51 -26.16 8.35
C ASN A 1391 -39.23 -26.43 7.61
N VAL A 1392 -39.34 -26.95 6.40
CA VAL A 1392 -38.23 -26.97 5.48
C VAL A 1392 -38.64 -26.02 4.37
N PRO A 1393 -37.93 -24.90 4.22
CA PRO A 1393 -38.40 -23.94 3.18
C PRO A 1393 -38.27 -24.44 1.76
N ALA A 1394 -39.36 -24.34 1.00
CA ALA A 1394 -39.34 -24.64 -0.44
C ALA A 1394 -40.14 -23.62 -1.18
N THR A 1395 -39.66 -23.23 -2.38
CA THR A 1395 -40.40 -22.40 -3.31
C THR A 1395 -41.20 -23.28 -4.28
N PRO A 1396 -42.52 -23.13 -4.30
CA PRO A 1396 -43.25 -23.96 -5.23
C PRO A 1396 -42.98 -23.55 -6.68
N VAL A 1397 -43.14 -24.50 -7.59
CA VAL A 1397 -43.07 -24.26 -9.02
C VAL A 1397 -44.29 -24.88 -9.74
N ALA A 1398 -44.46 -24.50 -11.00
CA ALA A 1398 -45.64 -24.83 -11.76
C ALA A 1398 -45.43 -26.14 -12.44
N TRP A 1399 -46.50 -26.87 -12.66
CA TRP A 1399 -46.40 -28.04 -13.52
C TRP A 1399 -46.24 -27.54 -14.94
N PRO A 1400 -45.45 -28.25 -15.77
CA PRO A 1400 -45.30 -27.91 -17.19
C PRO A 1400 -46.63 -27.83 -17.92
N SER A 1401 -47.52 -28.75 -17.58
CA SER A 1401 -48.84 -28.75 -18.19
C SER A 1401 -49.72 -27.56 -17.79
N GLN A 1402 -49.22 -26.70 -16.90
CA GLN A 1402 -50.02 -25.60 -16.38
C GLN A 1402 -49.28 -24.26 -16.37
N GLU A 1403 -48.43 -24.03 -17.36
CA GLU A 1403 -47.59 -22.83 -17.37
C GLU A 1403 -48.35 -21.63 -17.89
N GLY A 1404 -48.58 -20.64 -17.02
CA GLY A 1404 -49.35 -19.45 -17.34
C GLY A 1404 -50.63 -19.37 -16.51
N GLN A 1405 -51.01 -20.48 -15.92
CA GLN A 1405 -52.29 -20.53 -15.24
C GLN A 1405 -52.21 -19.98 -13.82
N ASN A 1406 -50.99 -19.67 -13.37
CA ASN A 1406 -50.80 -19.02 -12.09
C ASN A 1406 -49.55 -18.15 -12.12
N PRO A 1407 -49.73 -16.82 -12.08
CA PRO A 1407 -48.57 -15.95 -12.27
C PRO A 1407 -47.67 -15.87 -11.02
N SER A 1408 -48.12 -16.43 -9.92
CA SER A 1408 -47.28 -16.47 -8.75
C SER A 1408 -46.19 -17.56 -8.88
N LEU A 1409 -46.31 -18.48 -9.84
CA LEU A 1409 -45.38 -19.60 -9.97
C LEU A 1409 -44.49 -19.56 -11.19
N SER A 1410 -43.19 -19.81 -11.01
CA SER A 1410 -42.21 -19.84 -12.11
C SER A 1410 -42.23 -21.17 -12.81
N SER A 1411 -41.92 -21.16 -14.09
CA SER A 1411 -41.81 -22.39 -14.82
C SER A 1411 -40.42 -22.98 -14.53
N ILE A 1412 -40.36 -24.31 -14.61
CA ILE A 1412 -39.16 -25.04 -14.32
C ILE A 1412 -38.13 -24.82 -15.41
N ARG A 1413 -38.58 -24.88 -16.66
CA ARG A 1413 -37.72 -24.59 -17.81
C ARG A 1413 -36.97 -23.25 -17.62
N LYS A 1414 -37.71 -22.25 -17.19
CA LYS A 1414 -37.15 -20.94 -16.98
C LYS A 1414 -36.17 -20.95 -15.78
N LEU A 1415 -36.51 -21.65 -14.70
CA LEU A 1415 -35.60 -21.68 -13.56
C LEU A 1415 -34.33 -22.43 -13.91
N ILE A 1416 -34.43 -23.42 -14.77
CA ILE A 1416 -33.23 -24.14 -15.20
C ILE A 1416 -32.39 -23.29 -16.08
N ARG A 1417 -33.00 -22.78 -17.17
CA ARG A 1417 -32.38 -21.81 -18.08
C ARG A 1417 -31.72 -20.65 -17.39
N ASP A 1418 -32.38 -20.08 -16.42
CA ASP A 1418 -31.80 -18.96 -15.65
C ASP A 1418 -30.64 -19.34 -14.78
N GLY A 1419 -30.48 -20.64 -14.52
CA GLY A 1419 -29.46 -21.11 -13.63
C GLY A 1419 -29.87 -21.15 -12.15
N SER A 1420 -31.15 -21.02 -11.84
CA SER A 1420 -31.60 -21.15 -10.44
C SER A 1420 -31.61 -22.61 -9.94
N ILE A 1421 -31.79 -23.54 -10.87
CA ILE A 1421 -31.93 -24.96 -10.54
C ILE A 1421 -30.84 -25.72 -11.26
N ASP A 1422 -29.98 -26.42 -10.54
CA ASP A 1422 -29.00 -27.26 -11.22
C ASP A 1422 -28.91 -28.70 -10.68
N LEU A 1423 -29.98 -29.17 -10.04
CA LEU A 1423 -30.17 -30.60 -9.75
C LEU A 1423 -31.67 -30.85 -9.68
N VAL A 1424 -32.13 -31.93 -10.30
CA VAL A 1424 -33.51 -32.30 -10.17
C VAL A 1424 -33.60 -33.66 -9.48
N ILE A 1425 -34.49 -33.73 -8.50
CA ILE A 1425 -34.84 -34.94 -7.79
C ILE A 1425 -36.31 -35.23 -8.10
N ASN A 1426 -36.55 -36.31 -8.83
CA ASN A 1426 -37.88 -36.74 -9.22
C ASN A 1426 -38.08 -38.22 -8.85
N LEU A 1427 -38.98 -38.49 -7.91
CA LEU A 1427 -39.18 -39.89 -7.40
C LEU A 1427 -40.59 -40.35 -7.63
N PRO A 1428 -40.82 -40.91 -8.80
CA PRO A 1428 -42.12 -41.46 -9.06
C PRO A 1428 -42.15 -42.91 -8.59
N ASN A 1429 -43.37 -43.42 -8.47
CA ASN A 1429 -43.59 -44.85 -8.29
C ASN A 1429 -44.89 -45.17 -9.03
N ASN A 1430 -45.42 -46.35 -8.83
CA ASN A 1430 -46.62 -46.84 -9.47
C ASN A 1430 -47.87 -46.00 -9.18
N ASN A 1431 -47.92 -45.33 -8.03
CA ASN A 1431 -49.05 -44.47 -7.72
C ASN A 1431 -48.91 -43.02 -8.09
N THR A 1432 -47.88 -42.69 -8.85
CA THR A 1432 -47.69 -41.35 -9.35
C THR A 1432 -48.95 -40.89 -10.11
N LYS A 1433 -49.45 -39.71 -9.77
CA LYS A 1433 -50.66 -39.18 -10.43
C LYS A 1433 -50.36 -38.42 -11.70
N PHE A 1434 -49.33 -37.60 -11.66
CA PHE A 1434 -49.01 -36.75 -12.79
C PHE A 1434 -47.87 -37.42 -13.59
N VAL A 1435 -48.23 -38.45 -14.33
CA VAL A 1435 -47.22 -39.27 -14.99
C VAL A 1435 -46.54 -38.51 -16.12
N HIS A 1436 -47.32 -37.92 -16.98
CA HIS A 1436 -46.77 -37.13 -18.06
C HIS A 1436 -45.98 -35.91 -17.60
N ASP A 1437 -46.57 -35.15 -16.67
CA ASP A 1437 -45.91 -33.95 -16.14
C ASP A 1437 -44.55 -34.26 -15.55
N ASN A 1438 -44.47 -35.33 -14.75
CA ASN A 1438 -43.21 -35.74 -14.15
C ASN A 1438 -42.19 -36.30 -15.15
N TYR A 1439 -42.69 -36.96 -16.20
CA TYR A 1439 -41.87 -37.33 -17.34
C TYR A 1439 -41.29 -36.07 -17.94
N VAL A 1440 -42.12 -35.07 -18.17
CA VAL A 1440 -41.61 -33.85 -18.76
C VAL A 1440 -40.54 -33.22 -17.86
N ILE A 1441 -40.77 -33.18 -16.55
CA ILE A 1441 -39.72 -32.62 -15.66
C ILE A 1441 -38.40 -33.42 -15.83
N ARG A 1442 -38.47 -34.73 -15.75
CA ARG A 1442 -37.29 -35.56 -15.87
C ARG A 1442 -36.56 -35.28 -17.21
N ARG A 1443 -37.30 -35.26 -18.29
CA ARG A 1443 -36.67 -35.11 -19.61
C ARG A 1443 -36.14 -33.68 -19.84
N THR A 1444 -36.77 -32.70 -19.22
CA THR A 1444 -36.27 -31.36 -19.24
C THR A 1444 -34.86 -31.26 -18.65
N ALA A 1445 -34.61 -31.98 -17.56
CA ALA A 1445 -33.31 -31.90 -16.90
C ALA A 1445 -32.29 -32.48 -17.83
N VAL A 1446 -32.63 -33.63 -18.41
CA VAL A 1446 -31.67 -34.29 -19.26
C VAL A 1446 -31.31 -33.38 -20.38
N ASP A 1447 -32.31 -32.86 -21.08
CA ASP A 1447 -32.10 -32.03 -22.25
C ASP A 1447 -31.55 -30.65 -21.98
N SER A 1448 -31.52 -30.26 -20.71
CA SER A 1448 -30.87 -29.00 -20.30
C SER A 1448 -29.45 -29.26 -19.81
N GLY A 1449 -29.09 -30.53 -19.74
CA GLY A 1449 -27.80 -30.93 -19.25
C GLY A 1449 -27.57 -30.70 -17.78
N ILE A 1450 -28.59 -30.83 -16.94
CA ILE A 1450 -28.35 -30.84 -15.51
C ILE A 1450 -28.65 -32.23 -14.92
N PRO A 1451 -28.00 -32.57 -13.79
CA PRO A 1451 -28.18 -33.89 -13.28
C PRO A 1451 -29.57 -34.12 -12.74
N LEU A 1452 -29.97 -35.39 -12.84
CA LEU A 1452 -31.28 -35.85 -12.41
C LEU A 1452 -31.11 -37.08 -11.52
N LEU A 1453 -31.83 -37.10 -10.39
CA LEU A 1453 -31.84 -38.29 -9.48
C LEU A 1453 -33.23 -38.80 -9.40
N THR A 1454 -33.43 -40.06 -9.73
CA THR A 1454 -34.76 -40.65 -9.73
C THR A 1454 -34.93 -41.86 -8.84
N ASN A 1455 -33.90 -42.19 -8.06
CA ASN A 1455 -33.94 -43.30 -7.14
C ASN A 1455 -33.71 -42.82 -5.71
N PHE A 1456 -34.57 -43.23 -4.79
CA PHE A 1456 -34.53 -42.70 -3.43
C PHE A 1456 -33.22 -43.01 -2.70
N GLN A 1457 -32.71 -44.21 -2.88
CA GLN A 1457 -31.54 -44.62 -2.13
C GLN A 1457 -30.34 -43.82 -2.58
N VAL A 1458 -30.24 -43.62 -3.90
CA VAL A 1458 -29.13 -42.90 -4.47
C VAL A 1458 -29.21 -41.46 -4.00
N THR A 1459 -30.44 -40.98 -3.87
CA THR A 1459 -30.69 -39.61 -3.47
C THR A 1459 -30.34 -39.35 -2.00
N LYS A 1460 -30.67 -40.33 -1.17
CA LYS A 1460 -30.34 -40.32 0.25
C LYS A 1460 -28.84 -40.28 0.45
N LEU A 1461 -28.15 -41.21 -0.20
CA LEU A 1461 -26.73 -41.32 -0.13
C LEU A 1461 -26.03 -40.07 -0.65
N PHE A 1462 -26.52 -39.50 -1.74
CA PHE A 1462 -25.99 -38.22 -2.18
C PHE A 1462 -26.06 -37.13 -1.10
N ALA A 1463 -27.26 -36.89 -0.58
CA ALA A 1463 -27.46 -35.93 0.47
C ALA A 1463 -26.52 -36.19 1.62
N GLU A 1464 -26.34 -37.43 2.00
CA GLU A 1464 -25.43 -37.73 3.11
C GLU A 1464 -23.98 -37.38 2.75
N ALA A 1465 -23.62 -37.61 1.48
CA ALA A 1465 -22.23 -37.52 1.06
C ALA A 1465 -21.77 -36.09 0.81
N VAL A 1466 -22.66 -35.20 0.35
CA VAL A 1466 -22.30 -33.77 0.19
C VAL A 1466 -22.07 -33.09 1.53
N GLN A 1467 -22.51 -33.71 2.61
CA GLN A 1467 -22.19 -33.18 3.92
C GLN A 1467 -20.67 -33.03 4.13
N LYS A 1468 -19.88 -33.70 3.28
CA LYS A 1468 -18.44 -33.41 3.10
C LYS A 1468 -17.83 -34.25 1.97
N ASP A 1473 -10.97 -35.67 -2.66
CA ASP A 1473 -9.59 -36.11 -2.72
C ASP A 1473 -9.34 -36.97 -3.94
N SER A 1474 -8.07 -37.26 -4.15
CA SER A 1474 -7.57 -37.67 -5.45
C SER A 1474 -6.84 -39.01 -5.45
N LYS A 1475 -7.09 -39.82 -4.42
CA LYS A 1475 -6.52 -41.16 -4.31
C LYS A 1475 -7.27 -42.21 -5.12
N SER A 1476 -6.62 -43.33 -5.29
CA SER A 1476 -7.14 -44.42 -6.11
C SER A 1476 -6.78 -45.76 -5.42
N LEU A 1477 -7.12 -46.87 -6.06
CA LEU A 1477 -6.95 -48.15 -5.48
C LEU A 1477 -5.52 -48.37 -4.96
N PHE A 1478 -4.50 -48.15 -5.80
CA PHE A 1478 -3.09 -48.39 -5.40
C PHE A 1478 -2.69 -47.66 -4.10
N HIS A 1479 -3.27 -46.48 -3.84
CA HIS A 1479 -2.99 -45.78 -2.62
C HIS A 1479 -3.42 -46.65 -1.46
N TYR A 1480 -4.67 -47.07 -1.50
CA TYR A 1480 -5.30 -47.82 -0.41
C TYR A 1480 -4.73 -49.24 -0.24
N ARG A 1481 -4.31 -49.86 -1.34
CA ARG A 1481 -3.71 -51.18 -1.29
C ARG A 1481 -2.31 -51.17 -0.64
N GLN A 1482 -1.67 -50.00 -0.60
CA GLN A 1482 -0.41 -49.84 0.16
C GLN A 1482 -0.61 -49.84 1.67
N ALA B 32 -7.91 -55.37 84.12
CA ALA B 32 -8.97 -56.36 84.51
C ALA B 32 -8.36 -57.74 84.77
N GLN B 33 -9.04 -58.50 85.62
CA GLN B 33 -8.53 -59.76 86.15
C GLN B 33 -8.69 -60.98 85.23
N THR B 34 -7.64 -61.79 85.10
CA THR B 34 -7.67 -62.95 84.22
C THR B 34 -7.71 -64.24 85.03
N ALA B 35 -7.84 -65.35 84.30
CA ALA B 35 -7.82 -66.69 84.89
C ALA B 35 -7.79 -67.69 83.75
N HIS B 36 -7.40 -68.93 84.05
CA HIS B 36 -7.33 -69.95 83.01
C HIS B 36 -8.41 -71.01 83.18
N ILE B 37 -8.78 -71.59 82.04
CA ILE B 37 -9.45 -72.89 82.00
C ILE B 37 -8.35 -73.89 81.67
N VAL B 38 -8.19 -74.86 82.56
CA VAL B 38 -7.18 -75.88 82.43
C VAL B 38 -7.90 -77.21 82.43
N LEU B 39 -7.68 -78.01 81.39
CA LEU B 39 -8.25 -79.33 81.29
C LEU B 39 -7.23 -80.40 81.69
N GLU B 40 -7.71 -81.56 82.12
CA GLU B 40 -6.81 -82.65 82.54
C GLU B 40 -5.89 -83.16 81.43
N ASP B 41 -6.25 -82.93 80.16
CA ASP B 41 -5.40 -83.40 79.06
C ASP B 41 -4.27 -82.43 78.66
N GLY B 42 -4.12 -81.32 79.39
CA GLY B 42 -3.07 -80.35 79.10
C GLY B 42 -3.57 -79.05 78.48
N THR B 43 -4.73 -79.08 77.82
CA THR B 43 -5.28 -77.84 77.29
C THR B 43 -5.38 -76.76 78.35
N LYS B 44 -5.09 -75.53 77.95
CA LYS B 44 -5.02 -74.37 78.83
C LYS B 44 -5.44 -73.16 77.99
N MET B 45 -6.35 -72.33 78.49
CA MET B 45 -6.74 -71.10 77.79
C MET B 45 -6.96 -69.96 78.76
N LYS B 46 -6.44 -68.79 78.42
CA LYS B 46 -6.51 -67.65 79.33
C LYS B 46 -7.74 -66.83 79.03
N GLY B 47 -8.57 -66.59 80.05
CA GLY B 47 -9.78 -65.80 79.87
C GLY B 47 -9.81 -64.60 80.79
N TYR B 48 -10.75 -63.71 80.53
CA TYR B 48 -11.02 -62.59 81.44
C TYR B 48 -12.16 -62.98 82.38
N SER B 49 -11.95 -62.79 83.69
CA SER B 49 -12.95 -63.16 84.69
C SER B 49 -14.10 -62.17 84.70
N PHE B 50 -15.34 -62.66 84.66
CA PHE B 50 -16.52 -61.79 84.82
C PHE B 50 -17.46 -62.24 85.93
N GLY B 51 -17.20 -63.40 86.51
CA GLY B 51 -17.95 -63.87 87.66
C GLY B 51 -17.19 -63.65 88.95
N HIS B 52 -17.34 -64.60 89.87
CA HIS B 52 -16.68 -64.51 91.17
C HIS B 52 -15.20 -64.84 91.03
N PRO B 53 -14.32 -63.95 91.52
CA PRO B 53 -12.90 -64.17 91.29
C PRO B 53 -12.35 -65.24 92.24
N SER B 54 -12.66 -66.50 91.95
CA SER B 54 -12.16 -67.59 92.75
C SER B 54 -12.12 -68.86 91.91
N SER B 55 -11.18 -69.75 92.21
CA SER B 55 -11.02 -70.97 91.42
C SER B 55 -12.09 -72.03 91.72
N VAL B 56 -12.31 -72.92 90.77
CA VAL B 56 -13.26 -74.01 90.93
C VAL B 56 -12.93 -75.16 89.97
N ALA B 57 -13.14 -76.40 90.42
CA ALA B 57 -12.85 -77.58 89.59
C ALA B 57 -14.09 -78.45 89.41
N GLY B 58 -14.27 -78.96 88.20
CA GLY B 58 -15.38 -79.86 87.93
C GLY B 58 -15.26 -80.57 86.59
N GLU B 59 -16.34 -81.25 86.21
CA GLU B 59 -16.43 -81.79 84.87
C GLU B 59 -16.79 -80.64 83.90
N VAL B 60 -15.98 -80.52 82.85
CA VAL B 60 -16.29 -79.58 81.80
C VAL B 60 -17.27 -80.24 80.81
N VAL B 61 -18.35 -79.51 80.51
CA VAL B 61 -19.34 -79.95 79.52
C VAL B 61 -19.68 -78.81 78.55
N PHE B 62 -20.39 -79.13 77.48
CA PHE B 62 -20.89 -78.15 76.51
C PHE B 62 -22.33 -78.42 76.19
N ASN B 63 -23.04 -77.36 75.83
CA ASN B 63 -24.44 -77.44 75.45
C ASN B 63 -24.65 -76.56 74.21
N THR B 64 -25.30 -77.11 73.20
CA THR B 64 -25.49 -76.39 71.93
C THR B 64 -26.72 -75.47 71.85
N GLY B 65 -27.53 -75.42 72.89
CA GLY B 65 -28.68 -74.53 72.92
C GLY B 65 -28.15 -73.12 72.96
N LEU B 66 -28.75 -72.23 72.18
CA LEU B 66 -28.21 -70.89 72.03
C LEU B 66 -28.83 -69.88 72.98
N GLY B 67 -30.07 -70.10 73.43
CA GLY B 67 -30.78 -69.11 74.20
C GLY B 67 -31.22 -69.60 75.53
N GLY B 68 -31.60 -68.66 76.40
CA GLY B 68 -32.06 -68.97 77.75
C GLY B 68 -30.95 -69.22 78.76
N TYR B 69 -29.86 -68.45 78.71
CA TYR B 69 -28.76 -68.65 79.65
C TYR B 69 -29.24 -68.54 81.12
N PRO B 70 -30.18 -67.62 81.40
CA PRO B 70 -30.63 -67.59 82.80
C PRO B 70 -31.33 -68.89 83.26
N GLU B 71 -32.26 -69.37 82.44
CA GLU B 71 -32.93 -70.62 82.73
C GLU B 71 -31.90 -71.73 82.75
N ALA B 72 -31.05 -71.75 81.71
CA ALA B 72 -30.05 -72.80 81.53
C ALA B 72 -29.14 -72.97 82.77
N ILE B 73 -28.52 -71.87 83.24
CA ILE B 73 -27.52 -71.98 84.31
C ILE B 73 -28.16 -72.28 85.65
N THR B 74 -29.49 -72.17 85.74
CA THR B 74 -30.19 -72.61 86.95
C THR B 74 -30.75 -74.03 86.82
N ASP B 75 -30.36 -74.77 85.79
CA ASP B 75 -30.69 -76.17 85.65
C ASP B 75 -29.94 -77.02 86.69
N PRO B 76 -30.68 -77.72 87.57
CA PRO B 76 -29.97 -78.61 88.52
C PRO B 76 -29.06 -79.66 87.88
N ALA B 77 -29.30 -80.04 86.62
CA ALA B 77 -28.40 -80.99 85.93
C ALA B 77 -26.93 -80.55 85.81
N TYR B 78 -26.67 -79.25 85.99
CA TYR B 78 -25.30 -78.72 85.89
C TYR B 78 -24.51 -78.70 87.20
N LYS B 79 -25.12 -79.15 88.29
CA LYS B 79 -24.42 -79.33 89.56
C LYS B 79 -23.08 -80.03 89.41
N GLY B 80 -22.00 -79.38 89.86
CA GLY B 80 -20.66 -79.94 89.74
C GLY B 80 -19.96 -79.63 88.43
N GLN B 81 -20.63 -78.92 87.54
CA GLN B 81 -20.11 -78.82 86.19
C GLN B 81 -19.73 -77.43 85.78
N ILE B 82 -18.70 -77.39 84.95
CA ILE B 82 -18.22 -76.17 84.32
C ILE B 82 -18.83 -76.17 82.90
N LEU B 83 -19.74 -75.23 82.68
CA LEU B 83 -20.52 -75.16 81.43
C LEU B 83 -19.84 -74.34 80.34
N THR B 84 -19.70 -74.94 79.16
CA THR B 84 -19.17 -74.26 77.99
C THR B 84 -20.29 -73.94 77.04
N MET B 85 -20.51 -72.66 76.82
CA MET B 85 -21.61 -72.16 75.98
C MET B 85 -21.26 -72.17 74.51
N ALA B 86 -22.11 -72.77 73.69
CA ALA B 86 -22.00 -72.71 72.22
C ALA B 86 -22.22 -71.30 71.69
N ASN B 87 -23.27 -70.65 72.20
CA ASN B 87 -23.55 -69.29 71.82
C ASN B 87 -22.36 -68.41 72.24
N PRO B 88 -21.69 -67.82 71.26
CA PRO B 88 -20.48 -67.05 71.62
C PRO B 88 -20.76 -65.71 72.34
N ILE B 89 -22.02 -65.25 72.32
CA ILE B 89 -22.36 -63.91 72.82
C ILE B 89 -23.38 -64.01 73.96
N ILE B 90 -22.86 -63.86 75.16
CA ILE B 90 -23.58 -64.21 76.38
C ILE B 90 -23.70 -63.01 77.29
N GLY B 91 -24.91 -62.83 77.80
CA GLY B 91 -25.23 -61.79 78.78
C GLY B 91 -26.04 -60.63 78.23
N ASN B 92 -26.56 -60.78 77.01
CA ASN B 92 -27.23 -59.67 76.33
C ASN B 92 -28.43 -59.09 77.10
N GLY B 93 -29.20 -59.95 77.75
CA GLY B 93 -30.35 -59.49 78.53
C GLY B 93 -30.06 -59.39 80.02
N GLY B 94 -28.79 -59.39 80.43
CA GLY B 94 -28.45 -59.32 81.85
C GLY B 94 -29.05 -60.48 82.61
N ALA B 95 -29.50 -60.23 83.84
CA ALA B 95 -30.18 -61.24 84.65
C ALA B 95 -31.52 -60.68 85.13
N PRO B 96 -32.55 -61.54 85.28
CA PRO B 96 -33.87 -61.04 85.72
C PRO B 96 -33.96 -60.82 87.23
N ASP B 97 -35.17 -60.71 87.77
CA ASP B 97 -35.38 -60.67 89.22
C ASP B 97 -35.18 -62.07 89.78
N THR B 98 -34.01 -62.28 90.40
CA THR B 98 -33.63 -63.60 90.87
C THR B 98 -34.18 -63.94 92.24
N THR B 99 -34.89 -62.99 92.88
CA THR B 99 -35.53 -63.24 94.17
C THR B 99 -37.06 -63.32 94.06
N ALA B 100 -37.64 -62.84 92.95
CA ALA B 100 -39.10 -62.83 92.82
C ALA B 100 -39.64 -64.25 92.78
N LEU B 101 -40.70 -64.48 93.56
CA LEU B 101 -41.37 -65.76 93.55
C LEU B 101 -42.65 -65.58 92.79
N ASP B 102 -43.25 -66.68 92.34
CA ASP B 102 -44.59 -66.66 91.74
C ASP B 102 -45.63 -67.00 92.82
N GLU B 103 -46.89 -67.15 92.43
CA GLU B 103 -47.99 -67.43 93.36
C GLU B 103 -47.93 -68.88 93.94
N LEU B 104 -47.07 -69.74 93.38
CA LEU B 104 -46.81 -71.06 93.98
C LEU B 104 -45.65 -71.10 95.00
N GLY B 105 -44.86 -70.03 95.05
CA GLY B 105 -43.66 -70.02 95.89
C GLY B 105 -42.42 -70.50 95.14
N LEU B 106 -42.52 -70.64 93.82
CA LEU B 106 -41.35 -70.99 93.00
C LEU B 106 -40.76 -69.73 92.44
N SER B 107 -39.49 -69.83 92.05
CA SER B 107 -38.80 -68.74 91.38
C SER B 107 -39.64 -68.36 90.17
N LYS B 108 -39.89 -67.06 90.02
CA LYS B 108 -40.70 -66.58 88.91
C LYS B 108 -40.00 -66.78 87.57
N TYR B 109 -38.70 -66.48 87.51
CA TYR B 109 -37.99 -66.44 86.24
C TYR B 109 -36.93 -67.52 86.10
N LEU B 110 -36.68 -68.29 87.16
CA LEU B 110 -35.61 -69.28 87.12
C LEU B 110 -36.17 -70.68 87.27
N GLU B 111 -35.30 -71.66 87.04
CA GLU B 111 -35.70 -73.07 87.09
C GLU B 111 -35.27 -73.81 88.36
N SER B 112 -34.53 -73.14 89.23
CA SER B 112 -34.27 -73.66 90.56
C SER B 112 -33.97 -72.48 91.47
N ASN B 113 -33.74 -72.76 92.75
CA ASN B 113 -33.51 -71.71 93.74
C ASN B 113 -32.20 -70.94 93.56
N GLY B 114 -31.36 -71.30 92.61
CA GLY B 114 -30.13 -70.55 92.38
C GLY B 114 -29.34 -71.08 91.23
N ILE B 115 -28.17 -70.49 91.00
CA ILE B 115 -27.29 -70.93 89.91
C ILE B 115 -26.65 -72.27 90.29
N LYS B 116 -26.70 -73.23 89.36
CA LYS B 116 -26.26 -74.59 89.63
C LYS B 116 -24.95 -74.99 88.94
N VAL B 117 -24.50 -74.22 87.96
CA VAL B 117 -23.20 -74.49 87.34
C VAL B 117 -22.10 -74.15 88.35
N SER B 118 -21.06 -74.97 88.40
CA SER B 118 -19.88 -74.67 89.24
C SER B 118 -19.07 -73.55 88.63
N GLY B 119 -19.17 -73.40 87.32
CA GLY B 119 -18.45 -72.37 86.61
C GLY B 119 -18.98 -72.21 85.19
N LEU B 120 -18.60 -71.11 84.55
CA LEU B 120 -19.14 -70.77 83.24
C LEU B 120 -18.02 -70.40 82.26
N LEU B 121 -18.17 -70.83 81.01
CA LEU B 121 -17.17 -70.52 79.97
C LEU B 121 -17.85 -69.98 78.72
N VAL B 122 -17.51 -68.75 78.36
CA VAL B 122 -18.05 -68.13 77.16
C VAL B 122 -16.95 -67.50 76.34
N LEU B 123 -17.29 -67.15 75.12
CA LEU B 123 -16.35 -66.44 74.26
C LEU B 123 -16.42 -64.92 74.47
N ASP B 124 -17.64 -64.41 74.54
CA ASP B 124 -17.87 -63.00 74.74
C ASP B 124 -18.95 -62.78 75.78
N TYR B 125 -18.69 -61.85 76.69
CA TYR B 125 -19.64 -61.45 77.71
C TYR B 125 -20.04 -60.00 77.45
N SER B 126 -21.35 -59.77 77.43
CA SER B 126 -21.89 -58.43 77.35
C SER B 126 -21.95 -57.79 78.72
N LYS B 127 -20.99 -56.92 79.01
CA LYS B 127 -20.98 -56.15 80.25
C LYS B 127 -22.28 -55.35 80.30
N ASP B 128 -22.63 -54.75 79.16
CA ASP B 128 -23.84 -53.95 79.03
C ASP B 128 -24.98 -54.77 78.47
N TYR B 129 -26.15 -54.64 79.07
CA TYR B 129 -27.31 -55.46 78.72
C TYR B 129 -28.55 -54.61 78.46
N ASN B 130 -29.59 -55.22 77.91
CA ASN B 130 -30.79 -54.48 77.64
C ASN B 130 -31.97 -55.39 77.43
N HIS B 131 -32.80 -55.49 78.44
CA HIS B 131 -34.04 -56.22 78.29
C HIS B 131 -35.02 -55.68 79.28
N TRP B 132 -36.30 -55.74 78.93
CA TRP B 132 -37.31 -55.11 79.74
C TRP B 132 -37.45 -55.76 81.12
N LEU B 133 -37.08 -57.04 81.23
CA LEU B 133 -37.06 -57.79 82.50
C LEU B 133 -35.68 -57.86 83.21
N ALA B 134 -34.68 -57.16 82.70
CA ALA B 134 -33.33 -57.22 83.30
C ALA B 134 -33.25 -56.37 84.56
N THR B 135 -32.71 -56.88 85.66
CA THR B 135 -32.49 -56.09 86.87
C THR B 135 -31.00 -55.89 87.21
N LYS B 136 -30.14 -56.64 86.55
CA LYS B 136 -28.71 -56.49 86.76
C LYS B 136 -27.95 -57.20 85.66
N SER B 137 -26.63 -57.01 85.62
CA SER B 137 -25.80 -57.75 84.66
C SER B 137 -25.69 -59.20 85.10
N LEU B 138 -25.38 -60.08 84.16
CA LEU B 138 -25.17 -61.49 84.45
C LEU B 138 -23.92 -61.71 85.32
N GLY B 139 -22.92 -60.85 85.16
CA GLY B 139 -21.68 -60.95 85.93
C GLY B 139 -21.92 -60.61 87.38
N GLN B 140 -22.72 -59.58 87.63
CA GLN B 140 -23.12 -59.24 89.00
C GLN B 140 -23.89 -60.38 89.66
N TRP B 141 -24.79 -61.02 88.91
CA TRP B 141 -25.53 -62.19 89.38
C TRP B 141 -24.60 -63.34 89.72
N LEU B 142 -23.68 -63.64 88.81
CA LEU B 142 -22.62 -64.64 89.05
C LEU B 142 -21.76 -64.35 90.28
N GLN B 143 -21.45 -63.08 90.50
CA GLN B 143 -20.65 -62.70 91.64
C GLN B 143 -21.41 -62.93 92.95
N GLU B 144 -22.66 -62.50 93.00
CA GLU B 144 -23.54 -62.75 94.15
C GLU B 144 -23.62 -64.21 94.55
N GLU B 145 -23.73 -65.10 93.58
CA GLU B 145 -23.86 -66.54 93.83
C GLU B 145 -22.50 -67.23 93.94
N LYS B 146 -21.40 -66.46 93.98
CA LYS B 146 -20.05 -67.03 94.12
C LYS B 146 -19.68 -68.00 92.99
N VAL B 147 -20.09 -67.70 91.76
CA VAL B 147 -19.83 -68.59 90.62
C VAL B 147 -18.72 -67.99 89.75
N PRO B 148 -17.58 -68.68 89.63
CA PRO B 148 -16.55 -68.26 88.67
C PRO B 148 -17.07 -68.25 87.26
N ALA B 149 -16.58 -67.31 86.46
CA ALA B 149 -16.94 -67.24 85.04
C ALA B 149 -15.85 -66.50 84.30
N ILE B 150 -15.45 -66.98 83.12
CA ILE B 150 -14.45 -66.26 82.30
C ILE B 150 -14.90 -66.17 80.85
N TYR B 151 -14.56 -65.07 80.20
CA TYR B 151 -14.80 -64.92 78.76
C TYR B 151 -13.48 -64.81 77.99
N GLY B 152 -13.59 -64.79 76.67
CA GLY B 152 -12.44 -64.65 75.82
C GLY B 152 -11.79 -65.95 75.46
N VAL B 153 -12.47 -67.07 75.71
CA VAL B 153 -11.91 -68.41 75.40
C VAL B 153 -12.64 -69.08 74.25
N ASP B 154 -11.90 -69.86 73.48
CA ASP B 154 -12.41 -70.43 72.25
C ASP B 154 -13.31 -71.61 72.60
N THR B 155 -14.59 -71.30 72.80
CA THR B 155 -15.59 -72.31 73.19
C THR B 155 -15.80 -73.40 72.14
N ARG B 156 -15.43 -73.16 70.90
CA ARG B 156 -15.57 -74.16 69.86
C ARG B 156 -14.48 -75.23 69.98
N MET B 157 -13.25 -74.76 70.17
CA MET B 157 -12.10 -75.61 70.38
C MET B 157 -12.32 -76.48 71.61
N LEU B 158 -12.78 -75.84 72.69
CA LEU B 158 -13.16 -76.55 73.91
C LEU B 158 -14.15 -77.66 73.61
N THR B 159 -15.22 -77.31 72.89
CA THR B 159 -16.27 -78.28 72.52
C THR B 159 -15.71 -79.49 71.77
N LYS B 160 -14.92 -79.25 70.74
CA LYS B 160 -14.35 -80.35 69.97
C LYS B 160 -13.42 -81.22 70.83
N ILE B 161 -12.71 -80.62 71.79
CA ILE B 161 -11.85 -81.39 72.70
C ILE B 161 -12.68 -82.26 73.64
N ILE B 162 -13.76 -81.71 74.19
CA ILE B 162 -14.66 -82.43 75.09
C ILE B 162 -15.43 -83.53 74.36
N ARG B 163 -15.92 -83.20 73.17
CA ARG B 163 -16.72 -84.10 72.36
C ARG B 163 -16.15 -85.53 72.38
N ASP B 164 -16.99 -86.48 72.80
CA ASP B 164 -16.75 -87.94 72.74
C ASP B 164 -15.64 -88.51 73.66
N LYS B 165 -15.25 -87.76 74.69
CA LYS B 165 -14.26 -88.22 75.68
C LYS B 165 -14.90 -88.69 76.98
N GLY B 166 -16.23 -88.76 77.01
CA GLY B 166 -16.91 -89.29 78.18
C GLY B 166 -16.90 -88.38 79.38
N THR B 167 -15.72 -88.00 79.85
CA THR B 167 -15.62 -87.18 81.03
C THR B 167 -14.35 -86.38 80.97
N MET B 168 -14.47 -85.09 80.65
CA MET B 168 -13.32 -84.20 80.70
C MET B 168 -13.40 -83.40 82.00
N LEU B 169 -12.40 -83.61 82.85
CA LEU B 169 -12.25 -82.82 84.06
C LEU B 169 -11.49 -81.53 83.73
N GLY B 170 -11.85 -80.46 84.42
CA GLY B 170 -11.20 -79.19 84.20
C GLY B 170 -11.31 -78.31 85.42
N LYS B 171 -10.76 -77.11 85.33
CA LYS B 171 -10.90 -76.17 86.43
C LYS B 171 -10.68 -74.75 85.93
N ILE B 172 -11.41 -73.80 86.51
CA ILE B 172 -11.10 -72.39 86.30
C ILE B 172 -10.10 -72.01 87.40
N GLU B 173 -8.85 -71.75 86.99
CA GLU B 173 -7.76 -71.49 87.95
C GLU B 173 -7.31 -70.04 87.94
N PHE B 174 -7.42 -69.41 89.10
CA PHE B 174 -6.94 -68.06 89.30
C PHE B 174 -5.51 -68.11 89.83
N GLU B 175 -4.76 -67.05 89.54
CA GLU B 175 -3.38 -66.85 90.00
C GLU B 175 -3.40 -66.77 91.53
N GLY B 176 -2.61 -67.63 92.17
CA GLY B 176 -2.55 -67.71 93.64
C GLY B 176 -3.69 -68.49 94.28
N GLN B 177 -4.44 -69.24 93.49
CA GLN B 177 -5.54 -70.06 94.00
C GLN B 177 -5.52 -71.39 93.28
N PRO B 178 -4.58 -72.26 93.65
CA PRO B 178 -4.60 -73.59 93.05
C PRO B 178 -5.74 -74.46 93.59
N VAL B 179 -6.29 -75.28 92.72
CA VAL B 179 -7.26 -76.29 93.11
C VAL B 179 -6.92 -77.60 92.39
N ASP B 180 -7.26 -78.71 93.00
CA ASP B 180 -7.09 -80.02 92.37
C ASP B 180 -8.28 -80.31 91.48
N PHE B 181 -8.04 -81.14 90.47
CA PHE B 181 -9.11 -81.74 89.69
C PHE B 181 -9.95 -82.63 90.60
N VAL B 182 -11.25 -82.60 90.39
CA VAL B 182 -12.20 -83.41 91.14
C VAL B 182 -13.27 -83.90 90.17
N ASP B 183 -13.75 -85.13 90.37
CA ASP B 183 -14.85 -85.68 89.58
C ASP B 183 -16.11 -85.67 90.45
N PRO B 184 -17.04 -84.73 90.20
CA PRO B 184 -18.25 -84.71 91.01
C PRO B 184 -19.16 -85.92 90.76
N ASN B 185 -18.94 -86.67 89.68
CA ASN B 185 -19.71 -87.89 89.42
C ASN B 185 -19.43 -89.02 90.39
N LYS B 186 -18.34 -88.93 91.14
CA LYS B 186 -18.08 -89.88 92.21
C LYS B 186 -19.07 -89.67 93.35
N GLN B 187 -19.74 -88.52 93.39
CA GLN B 187 -20.78 -88.26 94.37
C GLN B 187 -22.18 -88.53 93.83
N ASN B 188 -23.07 -88.83 94.76
CA ASN B 188 -24.49 -88.81 94.48
C ASN B 188 -24.99 -87.36 94.47
N LEU B 189 -24.96 -86.75 93.30
CA LEU B 189 -25.36 -85.35 93.15
C LEU B 189 -26.87 -85.18 93.33
N ILE B 190 -27.62 -86.23 93.02
CA ILE B 190 -29.06 -86.24 93.27
C ILE B 190 -29.33 -85.74 94.70
N ALA B 191 -28.63 -86.31 95.67
CA ALA B 191 -28.78 -85.91 97.08
C ALA B 191 -28.38 -84.46 97.35
N GLU B 192 -27.34 -83.97 96.69
CA GLU B 192 -26.89 -82.59 96.90
C GLU B 192 -27.92 -81.56 96.43
N VAL B 193 -28.77 -81.91 95.46
CA VAL B 193 -29.79 -80.99 94.94
C VAL B 193 -31.23 -81.34 95.28
N SER B 194 -31.48 -82.45 95.97
CA SER B 194 -32.86 -82.78 96.28
C SER B 194 -33.34 -81.88 97.42
N THR B 195 -34.65 -81.65 97.47
CA THR B 195 -35.29 -81.00 98.60
C THR B 195 -35.07 -81.84 99.84
N LYS B 196 -34.90 -81.18 100.99
CA LYS B 196 -34.66 -81.86 102.28
C LYS B 196 -35.97 -82.23 102.98
N ASP B 197 -37.06 -81.62 102.58
CA ASP B 197 -38.36 -81.99 103.11
C ASP B 197 -39.47 -81.77 102.10
N VAL B 198 -40.62 -82.37 102.41
CA VAL B 198 -41.74 -82.41 101.50
C VAL B 198 -42.31 -81.00 101.33
N LYS B 199 -42.59 -80.62 100.09
CA LYS B 199 -43.20 -79.34 99.81
C LYS B 199 -44.38 -79.54 98.88
N VAL B 200 -45.44 -78.78 99.13
CA VAL B 200 -46.63 -78.89 98.33
C VAL B 200 -46.89 -77.65 97.46
N TYR B 201 -47.19 -77.88 96.18
CA TYR B 201 -47.56 -76.84 95.26
C TYR B 201 -48.93 -77.15 94.66
N GLY B 202 -49.69 -76.11 94.36
CA GLY B 202 -51.08 -76.29 93.91
C GLY B 202 -51.94 -76.78 95.07
N LYS B 203 -51.68 -76.22 96.25
CA LYS B 203 -52.40 -76.60 97.47
C LYS B 203 -53.89 -76.53 97.28
N GLY B 204 -54.58 -77.66 97.47
CA GLY B 204 -56.02 -77.73 97.31
C GLY B 204 -56.51 -78.34 96.00
N ASN B 205 -55.62 -78.49 95.02
CA ASN B 205 -55.99 -79.02 93.70
C ASN B 205 -56.46 -80.47 93.76
N PRO B 206 -57.34 -80.87 92.82
CA PRO B 206 -58.00 -82.17 92.90
C PRO B 206 -57.11 -83.39 92.73
N THR B 207 -56.07 -83.30 91.90
CA THR B 207 -55.23 -84.47 91.57
C THR B 207 -53.90 -84.51 92.34
N LYS B 208 -53.71 -85.53 93.17
CA LYS B 208 -52.50 -85.63 93.97
C LYS B 208 -51.37 -86.31 93.18
N VAL B 209 -50.27 -85.57 92.98
CA VAL B 209 -49.10 -86.10 92.30
C VAL B 209 -47.87 -86.03 93.22
N VAL B 210 -47.25 -87.18 93.48
CA VAL B 210 -45.96 -87.18 94.16
C VAL B 210 -44.86 -86.97 93.13
N ALA B 211 -44.03 -85.96 93.39
CA ALA B 211 -42.92 -85.64 92.53
C ALA B 211 -41.61 -85.96 93.25
N VAL B 212 -40.91 -86.98 92.78
CA VAL B 212 -39.64 -87.34 93.40
C VAL B 212 -38.54 -86.42 92.88
N ASP B 213 -38.04 -85.58 93.78
CA ASP B 213 -37.10 -84.55 93.40
C ASP B 213 -35.70 -85.15 93.27
N CYS B 214 -35.21 -85.22 92.03
CA CYS B 214 -33.82 -85.61 91.75
C CYS B 214 -33.10 -84.44 91.08
N GLY B 215 -33.49 -83.22 91.44
CA GLY B 215 -33.03 -82.04 90.72
C GLY B 215 -34.03 -81.62 89.67
N ILE B 216 -35.28 -81.53 90.10
CA ILE B 216 -36.39 -81.12 89.24
C ILE B 216 -36.24 -79.66 88.84
N LYS B 217 -36.66 -79.35 87.61
CA LYS B 217 -36.76 -77.96 87.17
C LYS B 217 -38.15 -77.42 87.46
N ASN B 218 -38.22 -76.14 87.77
CA ASN B 218 -39.47 -75.53 88.25
C ASN B 218 -40.63 -75.68 87.30
N ASN B 219 -40.33 -75.69 86.02
CA ASN B 219 -41.39 -75.74 85.04
C ASN B 219 -42.14 -77.07 85.01
N VAL B 220 -41.49 -78.16 85.43
CA VAL B 220 -42.22 -79.42 85.64
C VAL B 220 -43.40 -79.14 86.61
N ILE B 221 -43.10 -78.42 87.69
CA ILE B 221 -44.09 -78.14 88.73
C ILE B 221 -45.16 -77.18 88.19
N ARG B 222 -44.76 -76.16 87.44
CA ARG B 222 -45.73 -75.21 86.91
C ARG B 222 -46.72 -75.94 85.99
N LEU B 223 -46.21 -76.79 85.11
CA LEU B 223 -47.03 -77.50 84.13
C LEU B 223 -47.99 -78.51 84.77
N LEU B 224 -47.57 -79.10 85.89
CA LEU B 224 -48.42 -80.05 86.65
C LEU B 224 -49.60 -79.37 87.33
N VAL B 225 -49.28 -78.35 88.13
CA VAL B 225 -50.26 -77.54 88.85
C VAL B 225 -51.27 -76.89 87.89
N LYS B 226 -50.77 -76.35 86.78
CA LYS B 226 -51.65 -75.76 85.76
C LYS B 226 -52.67 -76.77 85.17
N ARG B 227 -52.36 -78.07 85.20
CA ARG B 227 -53.28 -79.11 84.73
C ARG B 227 -54.14 -79.72 85.83
N GLY B 228 -54.02 -79.20 87.05
CA GLY B 228 -54.93 -79.57 88.12
C GLY B 228 -54.30 -80.36 89.24
N ALA B 229 -52.97 -80.45 89.25
CA ALA B 229 -52.28 -81.24 90.26
C ALA B 229 -52.04 -80.47 91.56
N GLU B 230 -52.15 -81.18 92.68
CA GLU B 230 -51.54 -80.76 93.93
C GLU B 230 -50.26 -81.57 94.00
N VAL B 231 -49.12 -80.90 93.89
CA VAL B 231 -47.84 -81.58 93.75
C VAL B 231 -47.11 -81.66 95.08
N HIS B 232 -46.82 -82.88 95.50
CA HIS B 232 -46.07 -83.15 96.72
C HIS B 232 -44.66 -83.48 96.31
N LEU B 233 -43.77 -82.53 96.53
CA LEU B 233 -42.39 -82.65 96.11
C LEU B 233 -41.63 -83.25 97.27
N VAL B 234 -41.05 -84.42 97.05
CA VAL B 234 -40.47 -85.18 98.14
C VAL B 234 -38.98 -85.43 97.91
N PRO B 235 -38.19 -85.49 99.01
CA PRO B 235 -36.80 -85.83 98.81
C PRO B 235 -36.58 -87.12 98.00
N TRP B 236 -35.41 -87.22 97.36
CA TRP B 236 -35.05 -88.36 96.52
C TRP B 236 -35.04 -89.71 97.24
N ASN B 237 -34.77 -89.69 98.54
CA ASN B 237 -34.78 -90.93 99.34
C ASN B 237 -36.03 -91.04 100.23
N HIS B 238 -37.06 -90.27 99.91
CA HIS B 238 -38.32 -90.34 100.63
C HIS B 238 -39.06 -91.65 100.29
N ASP B 239 -39.61 -92.28 101.32
CA ASP B 239 -40.35 -93.49 101.11
C ASP B 239 -41.79 -93.13 100.75
N PHE B 240 -42.04 -93.11 99.45
CA PHE B 240 -43.32 -92.77 98.88
C PHE B 240 -44.21 -93.99 98.60
N THR B 241 -43.66 -95.19 98.86
CA THR B 241 -44.22 -96.45 98.38
C THR B 241 -45.59 -96.83 98.98
N LYS B 242 -45.92 -96.32 100.17
CA LYS B 242 -47.25 -96.54 100.77
C LYS B 242 -48.07 -95.26 100.83
N MET B 243 -47.56 -94.17 100.26
CA MET B 243 -48.32 -92.93 100.19
C MET B 243 -49.52 -93.10 99.27
N GLU B 244 -50.57 -92.36 99.56
CA GLU B 244 -51.71 -92.26 98.66
C GLU B 244 -51.40 -91.15 97.66
N TYR B 245 -51.53 -91.46 96.37
CA TYR B 245 -51.43 -90.45 95.32
C TYR B 245 -52.18 -90.95 94.11
N ASP B 246 -52.51 -90.04 93.20
CA ASP B 246 -53.16 -90.38 91.93
C ASP B 246 -52.18 -90.56 90.77
N GLY B 247 -50.97 -90.02 90.92
CA GLY B 247 -49.92 -90.24 89.95
C GLY B 247 -48.58 -89.99 90.60
N ILE B 248 -47.53 -90.52 90.00
CA ILE B 248 -46.19 -90.26 90.50
C ILE B 248 -45.26 -89.85 89.35
N LEU B 249 -44.39 -88.90 89.62
CA LEU B 249 -43.49 -88.41 88.61
C LEU B 249 -42.11 -88.42 89.20
N ILE B 250 -41.10 -88.69 88.39
CA ILE B 250 -39.72 -88.64 88.84
C ILE B 250 -38.91 -87.78 87.87
N ALA B 251 -38.31 -86.72 88.38
CA ALA B 251 -37.68 -85.76 87.49
C ALA B 251 -36.34 -85.36 88.02
N GLY B 252 -35.38 -85.27 87.12
CA GLY B 252 -34.14 -84.69 87.51
C GLY B 252 -33.08 -84.59 86.45
N GLY B 253 -31.93 -84.18 86.93
CA GLY B 253 -30.81 -83.81 86.12
C GLY B 253 -29.53 -84.46 86.56
N PRO B 254 -28.92 -84.00 87.68
CA PRO B 254 -27.49 -84.28 87.84
C PRO B 254 -27.19 -85.69 88.30
N GLY B 255 -26.05 -86.21 87.86
CA GLY B 255 -25.43 -87.36 88.51
C GLY B 255 -25.59 -88.71 87.85
N ASN B 256 -24.81 -89.66 88.36
CA ASN B 256 -24.95 -91.05 88.01
C ASN B 256 -26.14 -91.58 88.78
N PRO B 257 -27.16 -92.07 88.04
CA PRO B 257 -28.37 -92.54 88.70
C PRO B 257 -28.14 -93.84 89.46
N ALA B 258 -27.10 -94.58 89.07
CA ALA B 258 -26.76 -95.82 89.77
C ALA B 258 -26.43 -95.60 91.25
N LEU B 259 -26.00 -94.38 91.60
CA LEU B 259 -25.68 -94.03 92.98
C LEU B 259 -26.88 -93.67 93.87
N ALA B 260 -28.11 -93.82 93.34
CA ALA B 260 -29.31 -93.46 94.08
C ALA B 260 -30.08 -94.70 94.51
N GLU B 261 -29.38 -95.61 95.20
CA GLU B 261 -29.94 -96.89 95.58
C GLU B 261 -31.23 -96.83 96.40
N PRO B 262 -31.26 -96.01 97.46
CA PRO B 262 -32.53 -95.94 98.19
C PRO B 262 -33.72 -95.76 97.23
N LEU B 263 -33.56 -94.86 96.25
CA LEU B 263 -34.64 -94.55 95.31
C LEU B 263 -34.93 -95.69 94.33
N ILE B 264 -33.89 -96.21 93.69
CA ILE B 264 -34.06 -97.32 92.74
C ILE B 264 -34.86 -98.42 93.41
N GLN B 265 -34.51 -98.72 94.66
CA GLN B 265 -35.26 -99.67 95.49
C GLN B 265 -36.74 -99.30 95.59
N ASN B 266 -37.01 -98.08 96.06
CA ASN B 266 -38.38 -97.62 96.24
C ASN B 266 -39.20 -97.69 94.96
N VAL B 267 -38.64 -97.32 93.83
CA VAL B 267 -39.35 -97.44 92.57
C VAL B 267 -39.55 -98.90 92.18
N ARG B 268 -38.53 -99.73 92.46
CA ARG B 268 -38.65 -101.15 92.21
C ARG B 268 -39.81 -101.77 93.01
N LYS B 269 -39.98 -101.35 94.26
CA LYS B 269 -41.10 -101.82 95.07
C LYS B 269 -42.44 -101.52 94.41
N ILE B 270 -42.60 -100.31 93.91
CA ILE B 270 -43.79 -99.94 93.16
C ILE B 270 -44.05 -100.89 91.97
N LEU B 271 -43.01 -101.13 91.17
CA LEU B 271 -43.12 -101.96 89.97
C LEU B 271 -43.44 -103.41 90.28
N GLU B 272 -42.92 -103.89 91.41
CA GLU B 272 -43.15 -105.27 91.84
C GLU B 272 -44.49 -105.47 92.56
N SER B 273 -45.24 -104.40 92.78
CA SER B 273 -46.47 -104.46 93.54
C SER B 273 -47.67 -104.47 92.60
N ASP B 274 -48.86 -104.35 93.17
CA ASP B 274 -50.09 -104.30 92.39
C ASP B 274 -50.55 -102.87 92.14
N ARG B 275 -49.75 -101.88 92.53
CA ARG B 275 -50.11 -100.47 92.36
C ARG B 275 -50.14 -100.08 90.87
N LYS B 276 -51.13 -99.28 90.47
CA LYS B 276 -51.35 -98.95 89.05
C LYS B 276 -51.53 -97.46 88.76
N GLU B 277 -51.11 -96.64 89.72
CA GLU B 277 -51.11 -95.20 89.53
C GLU B 277 -50.16 -94.89 88.38
N PRO B 278 -50.60 -94.04 87.44
CA PRO B 278 -49.71 -93.71 86.34
C PRO B 278 -48.37 -93.19 86.83
N LEU B 279 -47.31 -93.59 86.16
CA LEU B 279 -45.97 -93.14 86.50
C LEU B 279 -45.32 -92.47 85.30
N PHE B 280 -44.67 -91.34 85.55
CA PHE B 280 -44.13 -90.55 84.48
C PHE B 280 -42.73 -90.10 84.87
N GLY B 281 -41.74 -90.50 84.09
CA GLY B 281 -40.34 -90.16 84.38
C GLY B 281 -39.71 -89.21 83.37
N ILE B 282 -38.97 -88.24 83.88
CA ILE B 282 -38.25 -87.29 83.05
C ILE B 282 -36.74 -87.34 83.30
N SER B 283 -35.98 -87.48 82.21
CA SER B 283 -34.52 -87.53 82.20
C SER B 283 -33.95 -88.50 83.23
N THR B 284 -33.57 -88.04 84.42
CA THR B 284 -33.14 -88.97 85.48
C THR B 284 -34.21 -90.04 85.73
N GLY B 285 -35.48 -89.61 85.73
CA GLY B 285 -36.62 -90.49 85.88
C GLY B 285 -36.63 -91.66 84.92
N ASN B 286 -36.27 -91.41 83.67
CA ASN B 286 -36.13 -92.49 82.72
C ASN B 286 -35.08 -93.47 83.21
N LEU B 287 -33.95 -92.96 83.68
CA LEU B 287 -32.82 -93.81 84.07
C LEU B 287 -33.06 -94.56 85.37
N ILE B 288 -33.61 -93.87 86.37
CA ILE B 288 -34.05 -94.52 87.62
C ILE B 288 -35.11 -95.61 87.36
N THR B 289 -36.10 -95.32 86.52
CA THR B 289 -37.18 -96.27 86.29
C THR B 289 -36.67 -97.51 85.57
N GLY B 290 -35.82 -97.28 84.56
CA GLY B 290 -35.11 -98.36 83.89
C GLY B 290 -34.28 -99.23 84.83
N LEU B 291 -33.60 -98.60 85.78
CA LEU B 291 -32.81 -99.30 86.77
C LEU B 291 -33.71 -100.13 87.72
N ALA B 292 -34.77 -99.50 88.23
CA ALA B 292 -35.78 -100.20 89.04
C ALA B 292 -36.38 -101.40 88.29
N ALA B 293 -36.64 -101.24 86.99
CA ALA B 293 -37.17 -102.32 86.16
C ALA B 293 -36.17 -103.45 85.86
N GLY B 294 -34.87 -103.17 85.90
CA GLY B 294 -33.85 -104.19 85.61
C GLY B 294 -32.91 -103.92 84.43
N ALA B 295 -32.96 -102.71 83.86
CA ALA B 295 -32.07 -102.34 82.75
C ALA B 295 -30.73 -101.78 83.23
N LYS B 296 -29.72 -101.77 82.35
CA LYS B 296 -28.42 -101.12 82.61
C LYS B 296 -28.42 -99.64 82.19
N THR B 297 -27.60 -98.84 82.87
CA THR B 297 -27.29 -97.47 82.45
C THR B 297 -25.78 -97.39 82.16
N TYR B 298 -25.35 -96.37 81.43
CA TYR B 298 -23.93 -96.19 81.15
C TYR B 298 -23.62 -94.70 80.99
N LYS B 299 -22.38 -94.32 81.24
CA LYS B 299 -21.95 -92.95 81.04
C LYS B 299 -21.67 -92.81 79.57
N MET B 300 -22.26 -91.81 78.93
CA MET B 300 -22.15 -91.62 77.49
C MET B 300 -20.80 -90.96 77.21
N SER B 301 -20.12 -91.38 76.15
CA SER B 301 -18.92 -90.65 75.73
C SER B 301 -19.33 -89.38 74.97
N MET B 302 -20.43 -89.46 74.25
CA MET B 302 -21.02 -88.30 73.62
C MET B 302 -22.37 -88.09 74.29
N ALA B 303 -22.43 -87.13 75.21
CA ALA B 303 -23.67 -86.78 75.92
C ALA B 303 -24.71 -86.12 74.99
N ASN B 304 -25.97 -86.04 75.41
CA ASN B 304 -26.96 -85.23 74.68
C ASN B 304 -27.27 -83.92 75.43
N ARG B 305 -26.71 -82.81 74.97
CA ARG B 305 -26.93 -81.48 75.58
C ARG B 305 -27.20 -80.42 74.54
N GLY B 306 -28.46 -80.02 74.45
CA GLY B 306 -28.85 -79.07 73.42
C GLY B 306 -30.32 -78.75 73.52
N GLN B 307 -30.78 -77.91 72.60
CA GLN B 307 -32.22 -77.60 72.43
C GLN B 307 -32.75 -78.07 71.05
N ASN B 308 -31.88 -78.76 70.29
CA ASN B 308 -32.13 -79.16 68.90
C ASN B 308 -31.97 -80.67 68.70
N GLN B 309 -32.27 -81.46 69.73
CA GLN B 309 -32.01 -82.90 69.73
C GLN B 309 -33.20 -83.68 69.16
N PRO B 310 -33.05 -84.27 67.96
CA PRO B 310 -34.18 -84.96 67.32
C PRO B 310 -34.44 -86.33 67.95
N VAL B 311 -35.71 -86.60 68.26
CA VAL B 311 -36.13 -87.95 68.70
C VAL B 311 -37.25 -88.47 67.81
N LEU B 312 -37.36 -89.78 67.69
CA LEU B 312 -38.44 -90.40 66.94
C LEU B 312 -39.25 -91.24 67.92
N ASN B 313 -40.56 -91.14 67.84
CA ASN B 313 -41.47 -92.08 68.51
C ASN B 313 -41.50 -93.40 67.71
N ILE B 314 -40.83 -94.44 68.25
CA ILE B 314 -40.75 -95.77 67.62
C ILE B 314 -42.10 -96.27 67.08
N THR B 315 -43.12 -96.23 67.94
CA THR B 315 -44.49 -96.64 67.61
C THR B 315 -45.08 -96.05 66.34
N ASN B 316 -45.05 -94.73 66.21
CA ASN B 316 -45.74 -94.07 65.09
C ASN B 316 -44.87 -93.24 64.15
N LYS B 317 -43.55 -93.24 64.35
CA LYS B 317 -42.65 -92.63 63.36
C LYS B 317 -42.75 -91.08 63.32
N GLN B 318 -43.35 -90.48 64.34
CA GLN B 318 -43.41 -89.02 64.47
C GLN B 318 -42.12 -88.52 65.07
N ALA B 319 -41.61 -87.41 64.55
CA ALA B 319 -40.35 -86.87 65.02
C ALA B 319 -40.57 -85.64 65.89
N PHE B 320 -39.67 -85.41 66.83
CA PHE B 320 -39.78 -84.26 67.71
C PHE B 320 -38.41 -83.67 68.03
N ILE B 321 -38.37 -82.33 68.09
CA ILE B 321 -37.19 -81.59 68.51
C ILE B 321 -37.29 -81.37 70.01
N THR B 322 -36.20 -81.64 70.74
CA THR B 322 -36.25 -81.70 72.21
C THR B 322 -35.06 -80.99 72.82
N ALA B 323 -35.25 -80.54 74.07
CA ALA B 323 -34.13 -80.11 74.89
C ALA B 323 -33.70 -81.27 75.77
N GLN B 324 -32.39 -81.54 75.77
CA GLN B 324 -31.80 -82.55 76.61
C GLN B 324 -30.58 -81.99 77.29
N ASN B 325 -30.29 -82.60 78.45
CA ASN B 325 -29.10 -82.29 79.24
C ASN B 325 -28.72 -83.50 80.10
N HIS B 326 -28.28 -84.57 79.43
CA HIS B 326 -27.92 -85.80 80.13
C HIS B 326 -26.64 -86.44 79.58
N GLY B 327 -25.88 -87.04 80.50
CA GLY B 327 -24.61 -87.71 80.19
C GLY B 327 -24.61 -89.20 80.46
N TYR B 328 -25.65 -89.70 81.13
CA TYR B 328 -25.85 -91.13 81.35
C TYR B 328 -27.06 -91.53 80.54
N ALA B 329 -27.07 -92.76 80.07
CA ALA B 329 -28.15 -93.23 79.22
C ALA B 329 -28.50 -94.66 79.58
N LEU B 330 -29.70 -95.05 79.17
CA LEU B 330 -30.20 -96.39 79.40
C LEU B 330 -29.75 -97.29 78.26
N ASP B 331 -29.14 -98.42 78.62
CA ASP B 331 -28.85 -99.48 77.67
C ASP B 331 -30.15 -99.93 76.98
N ASN B 332 -30.10 -100.14 75.67
CA ASN B 332 -31.31 -100.47 74.90
C ASN B 332 -31.91 -101.87 75.10
N THR B 333 -31.21 -102.75 75.80
CA THR B 333 -31.74 -104.06 76.21
C THR B 333 -32.54 -104.02 77.53
N LEU B 334 -33.86 -104.13 77.42
CA LEU B 334 -34.78 -103.91 78.56
C LEU B 334 -35.45 -105.20 78.97
N PRO B 335 -35.81 -105.30 80.26
CA PRO B 335 -36.51 -106.52 80.69
C PRO B 335 -37.95 -106.67 80.15
N ALA B 336 -38.41 -107.91 80.03
CA ALA B 336 -39.76 -108.24 79.59
C ALA B 336 -40.82 -107.30 80.17
N GLY B 337 -41.78 -106.93 79.34
CA GLY B 337 -42.85 -106.01 79.74
C GLY B 337 -42.53 -104.55 79.48
N TRP B 338 -41.28 -104.25 79.16
CA TRP B 338 -40.83 -102.87 78.86
C TRP B 338 -40.34 -102.73 77.43
N LYS B 339 -40.75 -101.63 76.78
CA LYS B 339 -40.40 -101.38 75.38
C LYS B 339 -39.88 -99.96 75.23
N PRO B 340 -38.91 -99.73 74.31
CA PRO B 340 -38.51 -98.35 74.04
C PRO B 340 -39.67 -97.54 73.47
N LEU B 341 -39.70 -96.25 73.79
CA LEU B 341 -40.73 -95.35 73.35
C LEU B 341 -40.15 -94.32 72.36
N PHE B 342 -39.07 -93.64 72.76
CA PHE B 342 -38.40 -92.69 71.89
C PHE B 342 -36.96 -93.12 71.66
N VAL B 343 -36.45 -92.83 70.47
CA VAL B 343 -35.05 -93.07 70.13
C VAL B 343 -34.46 -91.77 69.57
N ASN B 344 -33.17 -91.60 69.77
CA ASN B 344 -32.46 -90.43 69.29
C ASN B 344 -32.13 -90.64 67.83
N VAL B 345 -32.55 -89.71 66.98
CA VAL B 345 -32.43 -89.88 65.52
C VAL B 345 -30.99 -89.73 65.01
N ASN B 346 -30.15 -89.03 65.78
CA ASN B 346 -28.75 -88.90 65.43
C ASN B 346 -27.87 -90.10 65.80
N ASP B 347 -28.01 -90.60 67.04
CA ASP B 347 -27.07 -91.59 67.59
C ASP B 347 -27.74 -92.86 68.10
N GLN B 348 -29.05 -92.99 67.85
CA GLN B 348 -29.81 -94.20 68.17
C GLN B 348 -29.88 -94.58 69.67
N THR B 349 -29.41 -93.71 70.56
CA THR B 349 -29.52 -93.98 72.00
C THR B 349 -30.99 -93.89 72.44
N ASN B 350 -31.31 -94.54 73.56
CA ASN B 350 -32.66 -94.51 74.11
C ASN B 350 -33.11 -93.12 74.55
N GLU B 351 -34.38 -92.82 74.37
CA GLU B 351 -34.93 -91.52 74.79
C GLU B 351 -36.25 -91.65 75.52
N GLY B 352 -36.57 -92.88 75.92
CA GLY B 352 -37.87 -93.18 76.49
C GLY B 352 -38.17 -94.66 76.64
N ILE B 353 -38.98 -94.99 77.63
CA ILE B 353 -39.49 -96.35 77.78
C ILE B 353 -40.95 -96.31 78.23
N MET B 354 -41.62 -97.45 77.98
CA MET B 354 -43.00 -97.68 78.40
C MET B 354 -43.20 -99.15 78.80
N HIS B 355 -44.15 -99.37 79.71
CA HIS B 355 -44.66 -100.71 80.02
C HIS B 355 -45.71 -101.07 78.98
N GLU B 356 -45.85 -102.37 78.67
CA GLU B 356 -46.76 -102.84 77.62
C GLU B 356 -48.25 -102.83 77.99
N SER B 357 -48.56 -102.70 79.27
CA SER B 357 -49.93 -102.78 79.76
C SER B 357 -50.24 -101.78 80.86
N LYS B 358 -49.28 -101.53 81.77
CA LYS B 358 -49.48 -100.56 82.85
C LYS B 358 -49.17 -99.13 82.39
N PRO B 359 -49.75 -98.12 83.07
CA PRO B 359 -49.53 -96.73 82.66
C PRO B 359 -48.20 -96.15 83.15
N PHE B 360 -47.10 -96.87 82.97
CA PHE B 360 -45.78 -96.35 83.36
C PHE B 360 -44.99 -95.95 82.12
N PHE B 361 -44.52 -94.72 82.07
CA PHE B 361 -43.61 -94.33 81.01
C PHE B 361 -42.59 -93.33 81.49
N ALA B 362 -41.56 -93.17 80.68
CA ALA B 362 -40.53 -92.20 80.95
C ALA B 362 -39.91 -91.69 79.66
N VAL B 363 -39.47 -90.44 79.72
CA VAL B 363 -38.72 -89.82 78.64
C VAL B 363 -37.37 -89.31 79.17
N GLN B 364 -36.37 -89.37 78.31
CA GLN B 364 -35.00 -89.01 78.65
C GLN B 364 -34.75 -87.51 78.49
N PHE B 365 -35.67 -86.86 77.77
CA PHE B 365 -35.59 -85.44 77.47
C PHE B 365 -36.53 -84.66 78.38
N HIS B 366 -36.54 -83.34 78.23
CA HIS B 366 -37.30 -82.44 79.10
C HIS B 366 -38.47 -81.79 78.37
N PRO B 367 -39.67 -82.39 78.46
CA PRO B 367 -40.85 -81.77 77.82
C PRO B 367 -41.24 -80.41 78.40
N GLU B 368 -40.80 -80.15 79.63
CA GLU B 368 -40.96 -78.85 80.28
C GLU B 368 -40.03 -77.78 79.70
N VAL B 369 -39.03 -78.22 78.93
CA VAL B 369 -38.06 -77.35 78.28
C VAL B 369 -37.63 -76.20 79.22
N THR B 370 -37.67 -74.94 78.78
CA THR B 370 -37.30 -73.82 79.64
C THR B 370 -35.82 -73.96 80.08
N PRO B 371 -34.86 -73.77 79.17
CA PRO B 371 -35.09 -73.41 77.76
C PRO B 371 -35.36 -74.58 76.80
N GLY B 372 -35.92 -74.28 75.63
CA GLY B 372 -36.11 -75.28 74.59
C GLY B 372 -37.46 -75.27 73.89
N PRO B 373 -37.62 -76.15 72.87
CA PRO B 373 -38.79 -76.14 71.99
C PRO B 373 -40.02 -76.76 72.65
N ILE B 374 -41.13 -76.02 72.61
CA ILE B 374 -42.41 -76.43 73.20
C ILE B 374 -43.14 -77.30 72.19
N ASP B 375 -42.59 -78.49 72.01
CA ASP B 375 -43.06 -79.42 71.00
C ASP B 375 -43.51 -80.74 71.64
N THR B 376 -43.17 -80.97 72.92
CA THR B 376 -43.48 -82.23 73.60
C THR B 376 -44.19 -82.06 74.95
N GLU B 377 -44.86 -80.93 75.11
CA GLU B 377 -45.66 -80.65 76.30
C GLU B 377 -46.89 -81.55 76.41
N TYR B 378 -47.41 -82.03 75.28
CA TYR B 378 -48.52 -82.99 75.26
C TYR B 378 -48.30 -84.22 76.18
N LEU B 379 -47.04 -84.54 76.48
CA LEU B 379 -46.71 -85.64 77.39
C LEU B 379 -47.28 -85.44 78.79
N PHE B 380 -47.45 -84.18 79.22
CA PHE B 380 -48.15 -83.88 80.48
C PHE B 380 -49.65 -84.17 80.36
N ASP B 381 -50.26 -83.74 79.26
CA ASP B 381 -51.67 -84.05 78.98
C ASP B 381 -51.88 -85.54 78.97
N SER B 382 -50.93 -86.26 78.38
CA SER B 382 -51.01 -87.73 78.31
C SER B 382 -50.99 -88.36 79.69
N PHE B 383 -50.11 -87.87 80.56
CA PHE B 383 -50.00 -88.31 81.94
C PHE B 383 -51.31 -88.14 82.68
N PHE B 384 -51.95 -86.99 82.49
CA PHE B 384 -53.19 -86.69 83.18
C PHE B 384 -54.36 -87.51 82.62
N SER B 385 -54.34 -87.77 81.32
CA SER B 385 -55.32 -88.68 80.71
C SER B 385 -55.23 -90.10 81.27
N LEU B 386 -54.01 -90.58 81.54
CA LEU B 386 -53.84 -91.88 82.18
C LEU B 386 -54.47 -91.91 83.58
N ILE B 387 -54.29 -90.84 84.35
CA ILE B 387 -54.89 -90.72 85.68
C ILE B 387 -56.44 -90.69 85.62
N LYS B 388 -56.98 -89.91 84.69
CA LYS B 388 -58.43 -89.74 84.54
C LYS B 388 -59.14 -91.00 84.06
N LYS B 389 -58.61 -91.64 83.01
CA LYS B 389 -59.17 -92.89 82.48
C LYS B 389 -59.05 -94.03 83.47
N GLY B 390 -57.90 -94.15 84.12
CA GLY B 390 -57.74 -94.99 85.31
C GLY B 390 -58.33 -96.39 85.26
N LYS B 391 -58.05 -97.11 84.17
CA LYS B 391 -58.42 -98.52 84.06
C LYS B 391 -57.26 -99.27 83.40
N ALA B 392 -56.07 -99.06 83.93
CA ALA B 392 -54.82 -99.57 83.35
C ALA B 392 -54.68 -99.23 81.86
N THR B 393 -55.15 -98.04 81.45
CA THR B 393 -54.95 -97.53 80.09
C THR B 393 -53.47 -97.63 79.77
N THR B 394 -53.14 -97.80 78.49
CA THR B 394 -51.74 -97.89 78.10
C THR B 394 -51.22 -96.56 77.53
N ILE B 395 -49.91 -96.35 77.65
CA ILE B 395 -49.27 -95.11 77.18
C ILE B 395 -49.55 -94.79 75.70
N THR B 396 -49.55 -95.80 74.85
CA THR B 396 -49.79 -95.63 73.43
C THR B 396 -51.18 -95.09 73.10
N SER B 397 -52.18 -95.56 73.85
CA SER B 397 -53.56 -95.20 73.58
C SER B 397 -53.85 -93.71 73.80
N VAL B 398 -53.06 -93.04 74.64
CA VAL B 398 -53.27 -91.63 74.92
C VAL B 398 -52.24 -90.73 74.24
N LEU B 399 -51.62 -91.20 73.15
CA LEU B 399 -50.64 -90.37 72.44
C LEU B 399 -51.22 -89.92 71.09
N SER B 407 -46.99 -90.71 51.51
CA SER B 407 -46.83 -91.38 50.24
C SER B 407 -45.99 -90.52 49.26
N ARG B 408 -45.04 -91.14 48.57
CA ARG B 408 -44.21 -90.43 47.59
C ARG B 408 -44.97 -90.14 46.32
N VAL B 409 -45.00 -88.87 45.94
CA VAL B 409 -45.64 -88.44 44.71
C VAL B 409 -44.83 -89.05 43.57
N GLU B 410 -45.52 -89.53 42.55
CA GLU B 410 -44.85 -90.02 41.36
C GLU B 410 -44.95 -88.95 40.29
N VAL B 411 -43.78 -88.52 39.82
CA VAL B 411 -43.65 -87.55 38.74
C VAL B 411 -42.43 -87.94 37.94
N SER B 412 -42.57 -87.89 36.63
CA SER B 412 -41.47 -88.24 35.75
C SER B 412 -40.83 -87.00 35.07
N LYS B 413 -41.61 -85.94 34.90
CA LYS B 413 -41.06 -84.69 34.36
C LYS B 413 -41.60 -83.42 35.01
N VAL B 414 -40.69 -82.63 35.60
CA VAL B 414 -41.08 -81.40 36.30
C VAL B 414 -40.66 -80.14 35.53
N LEU B 415 -41.57 -79.16 35.51
CA LEU B 415 -41.27 -77.83 34.99
C LEU B 415 -40.96 -76.93 36.19
N ILE B 416 -39.83 -76.23 36.13
CA ILE B 416 -39.42 -75.29 37.18
C ILE B 416 -39.40 -73.89 36.59
N LEU B 417 -39.94 -72.94 37.34
CA LEU B 417 -39.98 -71.55 36.89
C LEU B 417 -38.92 -70.69 37.58
N GLY B 418 -38.22 -69.89 36.78
CA GLY B 418 -37.28 -68.90 37.29
C GLY B 418 -37.98 -67.59 37.54
N SER B 419 -37.24 -66.62 38.09
CA SER B 419 -37.76 -65.24 38.30
C SER B 419 -37.73 -64.35 37.07
N GLY B 420 -37.05 -64.78 35.99
CA GLY B 420 -36.77 -63.88 34.88
C GLY B 420 -35.63 -62.94 35.24
N GLY B 421 -35.62 -61.78 34.60
CA GLY B 421 -34.57 -60.80 34.82
C GLY B 421 -34.57 -60.30 36.26
N LEU B 422 -33.39 -60.04 36.80
CA LEU B 422 -33.28 -59.54 38.14
C LEU B 422 -33.79 -58.11 38.24
N SER B 423 -34.40 -57.84 39.39
CA SER B 423 -34.99 -56.53 39.67
C SER B 423 -34.92 -56.42 41.17
N ILE B 424 -34.96 -55.18 41.67
CA ILE B 424 -34.94 -54.90 43.13
C ILE B 424 -36.01 -55.72 43.86
N GLY B 425 -35.59 -56.48 44.86
CA GLY B 425 -36.50 -57.39 45.62
C GLY B 425 -36.74 -58.79 45.06
N GLN B 426 -36.24 -59.06 43.86
CA GLN B 426 -36.36 -60.37 43.20
C GLN B 426 -35.07 -60.61 42.44
N ALA B 427 -34.06 -61.02 43.19
CA ALA B 427 -32.70 -61.02 42.75
C ALA B 427 -32.18 -62.45 42.57
N GLY B 428 -30.90 -62.67 42.81
CA GLY B 428 -30.27 -63.94 42.43
C GLY B 428 -30.53 -65.09 43.39
N GLU B 429 -31.20 -64.80 44.50
CA GLU B 429 -31.56 -65.84 45.45
C GLU B 429 -32.26 -67.01 44.72
N PHE B 430 -33.05 -66.72 43.69
CA PHE B 430 -33.81 -67.77 42.99
C PHE B 430 -33.04 -68.58 41.94
N ASP B 431 -31.99 -67.99 41.38
CA ASP B 431 -30.98 -68.72 40.61
C ASP B 431 -30.37 -69.79 41.54
N TYR B 432 -29.85 -69.34 42.68
CA TYR B 432 -29.34 -70.22 43.71
C TYR B 432 -30.34 -71.32 44.14
N SER B 433 -31.58 -70.95 44.45
CA SER B 433 -32.59 -71.89 44.95
C SER B 433 -32.94 -72.91 43.88
N GLY B 434 -33.26 -72.40 42.70
CA GLY B 434 -33.67 -73.24 41.58
C GLY B 434 -32.60 -74.18 41.11
N SER B 435 -31.33 -73.82 41.27
CA SER B 435 -30.25 -74.76 41.00
C SER B 435 -30.25 -75.90 42.00
N GLN B 436 -30.52 -75.61 43.28
CA GLN B 436 -30.59 -76.66 44.28
C GLN B 436 -31.75 -77.59 44.00
N ALA B 437 -32.88 -77.01 43.60
CA ALA B 437 -34.06 -77.80 43.27
C ALA B 437 -33.80 -78.81 42.15
N VAL B 438 -33.09 -78.40 41.11
CA VAL B 438 -32.84 -79.25 39.96
C VAL B 438 -31.93 -80.39 40.37
N LYS B 439 -30.96 -80.10 41.24
CA LYS B 439 -30.09 -81.14 41.79
C LYS B 439 -30.86 -82.19 42.54
N ALA B 440 -31.78 -81.73 43.40
CA ALA B 440 -32.63 -82.64 44.16
C ALA B 440 -33.42 -83.52 43.21
N MET B 441 -33.97 -82.91 42.15
CA MET B 441 -34.82 -83.62 41.18
C MET B 441 -34.08 -84.68 40.42
N LYS B 442 -32.85 -84.38 40.08
CA LYS B 442 -32.00 -85.32 39.39
C LYS B 442 -31.58 -86.47 40.29
N GLU B 443 -31.30 -86.20 41.56
CA GLU B 443 -30.94 -87.26 42.50
C GLU B 443 -32.05 -88.30 42.56
N GLU B 444 -33.30 -87.82 42.44
CA GLU B 444 -34.46 -88.68 42.45
C GLU B 444 -34.94 -89.08 41.05
N ASN B 445 -34.04 -89.00 40.06
CA ASN B 445 -34.32 -89.46 38.70
C ASN B 445 -35.51 -88.81 38.04
N VAL B 446 -35.69 -87.53 38.29
CA VAL B 446 -36.82 -86.84 37.71
C VAL B 446 -36.32 -85.91 36.64
N LYS B 447 -36.88 -86.06 35.44
CA LYS B 447 -36.59 -85.19 34.32
C LYS B 447 -37.08 -83.78 34.62
N THR B 448 -36.31 -82.77 34.17
CA THR B 448 -36.61 -81.38 34.52
C THR B 448 -36.54 -80.47 33.32
N VAL B 449 -37.52 -79.58 33.24
CA VAL B 449 -37.53 -78.47 32.29
C VAL B 449 -37.48 -77.14 33.03
N LEU B 450 -36.59 -76.25 32.59
CA LEU B 450 -36.49 -74.91 33.18
C LEU B 450 -36.95 -73.83 32.19
N MET B 451 -37.73 -72.86 32.71
CA MET B 451 -38.05 -71.62 31.99
C MET B 451 -37.45 -70.43 32.73
N ASN B 452 -36.46 -69.79 32.13
CA ASN B 452 -35.94 -68.57 32.67
C ASN B 452 -35.28 -67.79 31.57
N PRO B 453 -35.83 -66.62 31.24
CA PRO B 453 -35.22 -65.76 30.24
C PRO B 453 -33.95 -65.07 30.74
N ASN B 454 -33.59 -65.24 32.00
CA ASN B 454 -32.37 -64.65 32.51
C ASN B 454 -31.13 -65.46 32.10
N ILE B 455 -30.60 -65.08 30.95
CA ILE B 455 -29.43 -65.70 30.33
C ILE B 455 -28.17 -65.60 31.18
N ALA B 456 -28.12 -64.62 32.08
CA ALA B 456 -26.97 -64.48 32.98
C ALA B 456 -27.03 -65.44 34.18
N SER B 457 -28.17 -66.12 34.38
CA SER B 457 -28.33 -67.00 35.52
C SER B 457 -27.50 -68.26 35.32
N VAL B 458 -26.94 -68.75 36.43
CA VAL B 458 -26.18 -70.00 36.40
C VAL B 458 -27.14 -71.18 36.18
N GLN B 459 -28.31 -71.08 36.76
CA GLN B 459 -29.43 -71.97 36.48
C GLN B 459 -29.52 -72.41 35.03
N THR B 460 -29.36 -71.49 34.09
CA THR B 460 -29.69 -71.77 32.69
C THR B 460 -28.55 -72.43 31.92
N ASN B 461 -27.41 -72.65 32.54
CA ASN B 461 -26.37 -73.45 31.91
C ASN B 461 -26.85 -74.85 31.48
N GLU B 462 -26.12 -75.42 30.53
CA GLU B 462 -26.42 -76.75 30.00
C GLU B 462 -25.82 -77.90 30.89
N VAL B 463 -24.58 -77.69 31.38
CA VAL B 463 -23.76 -78.79 31.91
C VAL B 463 -23.65 -78.86 33.46
N GLY B 464 -23.89 -80.06 34.02
CA GLY B 464 -23.73 -80.33 35.45
C GLY B 464 -24.99 -80.79 36.16
N LEU B 465 -24.81 -81.33 37.37
CA LEU B 465 -25.91 -81.85 38.19
C LEU B 465 -27.02 -80.87 38.59
N LYS B 466 -26.77 -79.56 38.47
CA LYS B 466 -27.79 -78.59 38.77
C LYS B 466 -28.45 -78.04 37.52
N GLN B 467 -28.15 -78.59 36.36
CA GLN B 467 -28.69 -78.04 35.11
C GLN B 467 -29.89 -78.85 34.64
N ALA B 468 -30.96 -78.17 34.24
CA ALA B 468 -32.14 -78.85 33.76
C ALA B 468 -31.82 -79.61 32.48
N ASP B 469 -32.60 -80.64 32.20
CA ASP B 469 -32.40 -81.36 30.94
C ASP B 469 -32.76 -80.47 29.74
N THR B 470 -33.69 -79.56 29.95
CA THR B 470 -34.13 -78.69 28.88
C THR B 470 -34.42 -77.27 29.39
N VAL B 471 -33.97 -76.26 28.62
CA VAL B 471 -34.00 -74.89 29.09
C VAL B 471 -34.72 -74.04 28.05
N TYR B 472 -35.70 -73.27 28.52
CA TYR B 472 -36.45 -72.34 27.66
C TYR B 472 -36.19 -70.90 28.04
N PHE B 473 -35.62 -70.11 27.14
CA PHE B 473 -35.42 -68.66 27.39
C PHE B 473 -36.61 -67.89 26.89
N LEU B 474 -37.66 -67.85 27.70
CA LEU B 474 -38.93 -67.24 27.30
C LEU B 474 -39.54 -66.48 28.48
N PRO B 475 -40.51 -65.58 28.19
CA PRO B 475 -41.24 -64.89 29.25
C PRO B 475 -41.91 -65.83 30.21
N ILE B 476 -41.75 -65.57 31.50
CA ILE B 476 -42.49 -66.29 32.49
C ILE B 476 -43.86 -65.66 32.62
N THR B 477 -44.71 -65.93 31.63
CA THR B 477 -46.09 -65.44 31.59
C THR B 477 -46.95 -66.61 31.17
N PRO B 478 -48.24 -66.58 31.52
CA PRO B 478 -49.12 -67.73 31.30
C PRO B 478 -49.22 -68.16 29.83
N GLN B 479 -49.20 -67.20 28.94
CA GLN B 479 -49.16 -67.48 27.50
C GLN B 479 -48.04 -68.46 27.18
N PHE B 480 -46.83 -68.17 27.64
CA PHE B 480 -45.67 -68.95 27.22
C PHE B 480 -45.46 -70.21 28.04
N VAL B 481 -45.86 -70.16 29.31
CA VAL B 481 -45.73 -71.32 30.14
C VAL B 481 -46.72 -72.35 29.66
N THR B 482 -47.82 -71.90 29.09
CA THR B 482 -48.78 -72.82 28.52
C THR B 482 -48.16 -73.50 27.32
N GLU B 483 -47.59 -72.72 26.42
CA GLU B 483 -46.96 -73.31 25.23
C GLU B 483 -45.93 -74.37 25.61
N VAL B 484 -45.14 -74.10 26.65
CA VAL B 484 -44.10 -75.05 27.08
C VAL B 484 -44.72 -76.34 27.66
N ILE B 485 -45.74 -76.18 28.51
CA ILE B 485 -46.51 -77.28 29.05
C ILE B 485 -47.05 -78.18 27.94
N LYS B 486 -47.74 -77.57 26.97
CA LYS B 486 -48.26 -78.29 25.79
C LYS B 486 -47.18 -79.12 25.14
N ALA B 487 -46.05 -78.49 24.89
CA ALA B 487 -44.97 -79.13 24.14
C ALA B 487 -44.22 -80.15 24.93
N GLU B 488 -44.06 -79.92 26.23
CA GLU B 488 -43.24 -80.80 27.07
C GLU B 488 -44.04 -81.79 27.93
N GLN B 489 -45.35 -81.55 28.06
CA GLN B 489 -46.26 -82.44 28.80
C GLN B 489 -45.68 -82.87 30.13
N PRO B 490 -45.33 -81.90 30.99
CA PRO B 490 -44.79 -82.26 32.29
C PRO B 490 -45.92 -82.65 33.19
N ASP B 491 -45.63 -83.44 34.21
CA ASP B 491 -46.66 -83.84 35.20
C ASP B 491 -46.49 -83.17 36.55
N GLY B 492 -45.38 -82.46 36.74
CA GLY B 492 -45.16 -81.68 37.95
C GLY B 492 -44.73 -80.25 37.65
N LEU B 493 -45.05 -79.35 38.59
CA LEU B 493 -44.73 -77.94 38.47
C LEU B 493 -44.22 -77.41 39.79
N ILE B 494 -43.01 -76.87 39.75
CA ILE B 494 -42.41 -76.10 40.84
C ILE B 494 -42.60 -74.62 40.56
N LEU B 495 -43.47 -73.99 41.36
CA LEU B 495 -43.72 -72.56 41.25
C LEU B 495 -43.26 -71.78 42.49
N GLY B 496 -42.54 -72.43 43.38
CA GLY B 496 -42.12 -71.78 44.62
C GLY B 496 -40.68 -71.35 44.66
N MET B 497 -40.00 -71.32 43.50
CA MET B 497 -38.57 -70.94 43.47
C MET B 497 -38.23 -69.90 42.43
N GLY B 498 -39.22 -69.09 42.07
CA GLY B 498 -39.03 -68.00 41.11
C GLY B 498 -39.65 -66.71 41.59
N GLY B 499 -39.60 -66.46 42.90
CA GLY B 499 -40.16 -65.25 43.46
C GLY B 499 -41.62 -65.08 43.08
N GLN B 500 -42.02 -63.80 42.97
CA GLN B 500 -43.41 -63.43 42.73
C GLN B 500 -43.85 -63.66 41.29
N THR B 501 -42.89 -63.51 40.39
CA THR B 501 -43.10 -63.79 38.98
C THR B 501 -43.66 -65.19 38.81
N ALA B 502 -42.93 -66.17 39.30
CA ALA B 502 -43.32 -67.57 39.15
C ALA B 502 -44.59 -67.85 39.92
N LEU B 503 -44.65 -67.35 41.15
CA LEU B 503 -45.84 -67.51 41.96
C LEU B 503 -47.09 -67.03 41.24
N ASN B 504 -47.10 -65.79 40.80
CA ASN B 504 -48.29 -65.20 40.19
C ASN B 504 -48.62 -65.87 38.90
N CYS B 505 -47.59 -66.25 38.17
CA CYS B 505 -47.82 -66.94 36.92
C CYS B 505 -48.53 -68.27 37.17
N GLY B 506 -48.06 -69.01 38.18
CA GLY B 506 -48.64 -70.29 38.54
C GLY B 506 -50.05 -70.18 39.08
N VAL B 507 -50.34 -69.14 39.84
CA VAL B 507 -51.69 -68.96 40.39
C VAL B 507 -52.66 -68.61 39.25
N GLU B 508 -52.20 -67.83 38.28
CA GLU B 508 -53.03 -67.47 37.14
C GLU B 508 -53.35 -68.71 36.30
N LEU B 509 -52.34 -69.55 36.09
CA LEU B 509 -52.54 -70.79 35.34
C LEU B 509 -53.58 -71.64 36.03
N PHE B 510 -53.48 -71.69 37.36
CA PHE B 510 -54.37 -72.49 38.18
C PHE B 510 -55.78 -71.97 38.07
N LYS B 511 -55.95 -70.68 38.30
CA LYS B 511 -57.23 -70.02 38.16
C LYS B 511 -57.88 -70.28 36.81
N ARG B 512 -57.07 -70.35 35.77
CA ARG B 512 -57.59 -70.65 34.44
C ARG B 512 -57.82 -72.13 34.16
N GLY B 513 -57.36 -73.01 35.04
CA GLY B 513 -57.53 -74.44 34.85
C GLY B 513 -56.60 -75.06 33.81
N VAL B 514 -55.52 -74.37 33.47
CA VAL B 514 -54.54 -74.92 32.56
C VAL B 514 -53.84 -76.16 33.19
N LEU B 515 -53.60 -76.11 34.50
CA LEU B 515 -52.88 -77.20 35.18
C LEU B 515 -53.72 -78.46 35.17
N LYS B 516 -54.97 -78.29 35.58
CA LYS B 516 -55.95 -79.35 35.53
C LYS B 516 -56.08 -79.87 34.12
N GLU B 517 -56.23 -78.98 33.14
CA GLU B 517 -56.40 -79.38 31.75
C GLU B 517 -55.29 -80.27 31.18
N TYR B 518 -54.03 -80.01 31.55
CA TYR B 518 -52.91 -80.83 31.06
C TYR B 518 -52.36 -81.80 32.11
N GLY B 519 -53.08 -81.99 33.20
CA GLY B 519 -52.66 -82.92 34.23
C GLY B 519 -51.30 -82.57 34.83
N VAL B 520 -51.12 -81.32 35.23
CA VAL B 520 -49.87 -80.89 35.86
C VAL B 520 -50.07 -80.64 37.36
N LYS B 521 -49.45 -81.50 38.18
CA LYS B 521 -49.54 -81.38 39.63
C LYS B 521 -48.59 -80.35 40.13
N VAL B 522 -49.06 -79.51 41.04
CA VAL B 522 -48.18 -78.60 41.74
C VAL B 522 -47.46 -79.37 42.85
N LEU B 523 -46.13 -79.40 42.76
CA LEU B 523 -45.32 -80.12 43.73
C LEU B 523 -44.99 -79.22 44.90
N GLY B 524 -45.16 -79.73 46.11
CA GLY B 524 -44.96 -78.95 47.33
C GLY B 524 -46.24 -78.27 47.79
N THR B 525 -46.09 -77.05 48.30
CA THR B 525 -47.19 -76.25 48.80
C THR B 525 -48.22 -76.00 47.70
N SER B 526 -49.49 -76.19 48.05
CA SER B 526 -50.57 -76.12 47.09
C SER B 526 -50.87 -74.69 46.70
N VAL B 527 -51.55 -74.53 45.56
CA VAL B 527 -51.96 -73.20 45.14
C VAL B 527 -52.97 -72.60 46.12
N GLU B 528 -53.69 -73.45 46.82
CA GLU B 528 -54.61 -72.98 47.85
C GLU B 528 -53.85 -72.37 49.03
N SER B 529 -52.83 -73.07 49.53
CA SER B 529 -51.97 -72.52 50.57
C SER B 529 -51.31 -71.22 50.11
N ILE B 530 -50.89 -71.19 48.86
CA ILE B 530 -50.25 -70.00 48.32
C ILE B 530 -51.22 -68.83 48.29
N MET B 531 -52.38 -69.04 47.69
CA MET B 531 -53.38 -67.98 47.66
C MET B 531 -53.73 -67.47 49.08
N ALA B 532 -53.79 -68.38 50.06
CA ALA B 532 -54.07 -68.00 51.44
C ALA B 532 -52.98 -67.17 52.09
N THR B 533 -51.75 -67.22 51.56
CA THR B 533 -50.66 -66.36 52.07
C THR B 533 -50.38 -65.12 51.21
N GLU B 534 -50.90 -65.08 49.99
CA GLU B 534 -50.63 -63.97 49.07
C GLU B 534 -51.76 -62.96 49.08
N ASP B 535 -52.98 -63.43 49.37
CA ASP B 535 -54.15 -62.59 49.54
C ASP B 535 -54.23 -62.20 51.00
N ARG B 536 -54.11 -60.91 51.28
CA ARG B 536 -54.00 -60.45 52.66
C ARG B 536 -55.28 -60.68 53.47
N GLN B 537 -56.42 -60.74 52.79
CA GLN B 537 -57.70 -60.99 53.46
C GLN B 537 -57.79 -62.46 53.86
N LEU B 538 -57.48 -63.36 52.93
CA LEU B 538 -57.49 -64.78 53.23
C LEU B 538 -56.51 -65.12 54.34
N PHE B 539 -55.36 -64.46 54.35
CA PHE B 539 -54.38 -64.64 55.41
C PHE B 539 -55.03 -64.28 56.74
N SER B 540 -55.67 -63.12 56.82
CA SER B 540 -56.34 -62.72 58.05
C SER B 540 -57.35 -63.77 58.50
N ASP B 541 -58.13 -64.30 57.55
CA ASP B 541 -59.16 -65.28 57.88
C ASP B 541 -58.57 -66.51 58.53
N LYS B 542 -57.46 -66.95 57.97
CA LYS B 542 -56.77 -68.16 58.41
C LYS B 542 -56.23 -68.09 59.82
N LEU B 543 -55.65 -66.95 60.16
CA LEU B 543 -55.10 -66.73 61.48
C LEU B 543 -56.23 -66.50 62.48
N ASN B 544 -57.30 -65.85 62.05
CA ASN B 544 -58.48 -65.69 62.90
C ASN B 544 -59.13 -67.03 63.20
N GLU B 545 -59.06 -67.98 62.27
CA GLU B 545 -59.55 -69.32 62.56
C GLU B 545 -58.88 -69.91 63.79
N ILE B 546 -57.57 -69.70 63.93
CA ILE B 546 -56.86 -70.21 65.10
C ILE B 546 -56.61 -69.12 66.14
N ASN B 547 -57.41 -68.07 66.13
CA ASN B 547 -57.27 -66.94 67.07
C ASN B 547 -55.84 -66.48 67.25
N GLU B 548 -55.08 -66.43 66.16
CA GLU B 548 -53.77 -65.86 66.25
C GLU B 548 -53.82 -64.34 66.28
N LYS B 549 -52.69 -63.72 66.58
CA LYS B 549 -52.64 -62.30 66.82
C LYS B 549 -52.18 -61.54 65.58
N ILE B 550 -53.06 -60.66 65.09
CA ILE B 550 -52.74 -59.71 64.04
C ILE B 550 -53.15 -58.31 64.49
N ALA B 551 -52.68 -57.29 63.79
CA ALA B 551 -53.03 -55.91 64.13
C ALA B 551 -54.38 -55.57 63.50
N PRO B 552 -55.08 -54.57 64.06
CA PRO B 552 -56.29 -54.04 63.43
C PRO B 552 -56.03 -53.68 61.96
N SER B 553 -56.87 -54.19 61.06
CA SER B 553 -56.65 -54.04 59.64
C SER B 553 -57.94 -54.27 58.85
N PHE B 554 -57.94 -53.79 57.60
CA PHE B 554 -58.97 -54.13 56.62
C PHE B 554 -58.29 -54.30 55.29
N ALA B 555 -58.61 -55.40 54.60
CA ALA B 555 -58.20 -55.59 53.23
C ALA B 555 -59.24 -54.88 52.37
N VAL B 556 -58.82 -54.00 51.48
CA VAL B 556 -59.73 -53.22 50.64
C VAL B 556 -59.31 -53.29 49.17
N GLU B 557 -60.25 -52.94 48.29
CA GLU B 557 -60.04 -52.97 46.84
C GLU B 557 -60.31 -51.66 46.14
N SER B 558 -60.37 -50.58 46.89
CA SER B 558 -60.55 -49.29 46.28
C SER B 558 -59.97 -48.22 47.18
N ILE B 559 -59.76 -47.07 46.58
CA ILE B 559 -59.24 -45.92 47.31
C ILE B 559 -60.29 -45.42 48.31
N GLU B 560 -61.57 -45.44 47.92
CA GLU B 560 -62.61 -45.02 48.84
C GLU B 560 -62.64 -45.92 50.08
N ASP B 561 -62.54 -47.24 49.89
CA ASP B 561 -62.57 -48.17 51.03
C ASP B 561 -61.35 -48.06 51.94
N ALA B 562 -60.19 -47.79 51.36
CA ALA B 562 -58.97 -47.57 52.14
C ALA B 562 -59.10 -46.35 53.05
N LEU B 563 -59.62 -45.26 52.51
CA LEU B 563 -59.86 -44.09 53.34
C LEU B 563 -60.78 -44.42 54.54
N LYS B 564 -61.86 -45.16 54.28
CA LYS B 564 -62.75 -45.61 55.35
C LYS B 564 -62.04 -46.46 56.41
N ALA B 565 -61.27 -47.44 55.97
CA ALA B 565 -60.51 -48.28 56.89
C ALA B 565 -59.58 -47.44 57.74
N ALA B 566 -58.86 -46.51 57.13
CA ALA B 566 -57.88 -45.73 57.88
C ALA B 566 -58.53 -44.89 58.97
N ASP B 567 -59.71 -44.37 58.69
CA ASP B 567 -60.42 -43.57 59.71
C ASP B 567 -60.90 -44.44 60.89
N THR B 568 -61.42 -45.63 60.61
CA THR B 568 -61.76 -46.59 61.67
C THR B 568 -60.58 -47.02 62.55
N ILE B 569 -59.45 -47.31 61.91
CA ILE B 569 -58.24 -47.79 62.60
C ILE B 569 -57.51 -46.64 63.29
N GLY B 570 -57.46 -45.49 62.63
CA GLY B 570 -56.73 -44.36 63.15
C GLY B 570 -55.32 -44.31 62.58
N TYR B 571 -54.94 -43.10 62.19
CA TYR B 571 -53.64 -42.82 61.63
C TYR B 571 -52.62 -42.85 62.76
N PRO B 572 -51.38 -43.23 62.48
CA PRO B 572 -50.89 -43.65 61.17
C PRO B 572 -51.18 -45.11 60.78
N VAL B 573 -51.24 -45.38 59.48
CA VAL B 573 -51.44 -46.75 58.99
C VAL B 573 -50.40 -47.16 57.98
N MET B 574 -50.17 -48.45 57.89
CA MET B 574 -49.37 -49.04 56.85
C MET B 574 -50.31 -49.63 55.81
N ILE B 575 -50.01 -49.41 54.53
CA ILE B 575 -50.65 -50.20 53.47
C ILE B 575 -49.61 -51.15 52.89
N ARG B 576 -50.05 -52.36 52.58
CA ARG B 576 -49.17 -53.31 51.91
C ARG B 576 -49.98 -54.13 50.92
N SER B 577 -49.36 -54.45 49.79
CA SER B 577 -50.08 -54.99 48.66
C SER B 577 -50.22 -56.50 48.77
N ALA B 578 -51.25 -57.03 48.11
CA ALA B 578 -51.42 -58.46 47.89
C ALA B 578 -50.68 -58.91 46.64
N TYR B 579 -50.31 -60.19 46.59
CA TYR B 579 -49.66 -60.77 45.42
C TYR B 579 -48.41 -60.00 45.01
N ALA B 580 -47.61 -59.66 46.02
CA ALA B 580 -46.35 -58.99 45.84
C ALA B 580 -45.39 -59.26 47.00
N LEU B 581 -44.14 -58.89 46.75
CA LEU B 581 -43.06 -59.05 47.70
C LEU B 581 -42.20 -57.78 47.75
N GLY B 582 -41.25 -57.71 48.69
CA GLY B 582 -40.39 -56.55 48.79
C GLY B 582 -41.09 -55.21 49.03
N GLY B 583 -42.35 -55.25 49.46
CA GLY B 583 -43.08 -54.02 49.80
C GLY B 583 -43.49 -53.16 48.63
N LEU B 584 -43.75 -53.80 47.49
CA LEU B 584 -44.24 -53.12 46.31
C LEU B 584 -45.57 -52.49 46.64
N GLY B 585 -45.65 -51.19 46.36
CA GLY B 585 -46.82 -50.40 46.60
C GLY B 585 -47.12 -50.09 48.05
N SER B 586 -46.18 -50.40 48.96
CA SER B 586 -46.43 -50.25 50.40
C SER B 586 -45.92 -48.93 50.93
N GLY B 587 -46.33 -48.59 52.13
CA GLY B 587 -45.89 -47.34 52.72
C GLY B 587 -46.64 -46.95 53.97
N ILE B 588 -45.94 -46.28 54.87
CA ILE B 588 -46.55 -45.69 56.04
C ILE B 588 -47.33 -44.44 55.61
N CYS B 589 -48.50 -44.27 56.21
CA CYS B 589 -49.40 -43.17 55.91
C CYS B 589 -49.75 -42.43 57.19
N PRO B 590 -49.10 -41.30 57.47
CA PRO B 590 -49.50 -40.51 58.65
C PRO B 590 -50.84 -39.79 58.51
N ASN B 591 -51.38 -39.69 57.29
CA ASN B 591 -52.59 -38.91 57.05
C ASN B 591 -53.35 -39.29 55.78
N ARG B 592 -54.59 -38.84 55.72
CA ARG B 592 -55.47 -38.99 54.57
C ARG B 592 -54.81 -38.78 53.19
N GLU B 593 -54.08 -37.70 53.04
CA GLU B 593 -53.53 -37.35 51.74
C GLU B 593 -52.41 -38.31 51.33
N THR B 594 -51.56 -38.70 52.26
CA THR B 594 -50.53 -39.68 51.99
C THR B 594 -51.18 -40.99 51.57
N LEU B 595 -52.25 -41.37 52.26
CA LEU B 595 -52.99 -42.56 51.89
C LEU B 595 -53.58 -42.48 50.48
N MET B 596 -54.09 -41.30 50.09
CA MET B 596 -54.62 -41.13 48.73
C MET B 596 -53.52 -41.32 47.72
N ASP B 597 -52.40 -40.63 47.91
CA ASP B 597 -51.29 -40.72 46.97
C ASP B 597 -50.85 -42.18 46.83
N LEU B 598 -50.57 -42.86 47.95
CA LEU B 598 -49.97 -44.21 47.90
C LEU B 598 -50.92 -45.32 47.47
N SER B 599 -52.18 -45.27 47.87
CA SER B 599 -53.10 -46.33 47.51
C SER B 599 -53.39 -46.29 46.02
N THR B 600 -53.47 -45.08 45.46
CA THR B 600 -53.63 -44.90 44.02
C THR B 600 -52.51 -45.62 43.26
N LYS B 601 -51.27 -45.38 43.67
CA LYS B 601 -50.11 -46.02 43.09
C LYS B 601 -50.08 -47.49 43.36
N ALA B 602 -50.47 -47.90 44.57
CA ALA B 602 -50.55 -49.32 44.87
C ALA B 602 -51.52 -50.07 43.93
N PHE B 603 -52.65 -49.45 43.59
CA PHE B 603 -53.67 -50.16 42.79
C PHE B 603 -53.32 -50.37 41.32
N ALA B 604 -52.33 -49.65 40.82
CA ALA B 604 -51.80 -49.93 39.49
C ALA B 604 -51.04 -51.24 39.48
N MET B 605 -50.66 -51.75 40.65
CA MET B 605 -49.80 -52.95 40.76
C MET B 605 -50.41 -54.12 41.53
N THR B 606 -51.58 -53.93 42.14
CA THR B 606 -52.30 -55.03 42.76
C THR B 606 -53.79 -54.72 42.76
N ASN B 607 -54.61 -55.71 43.05
CA ASN B 607 -56.06 -55.50 43.18
C ASN B 607 -56.54 -55.32 44.61
N GLN B 608 -55.69 -55.64 45.57
CA GLN B 608 -56.03 -55.61 46.99
C GLN B 608 -54.84 -55.14 47.82
N ILE B 609 -55.08 -54.15 48.69
CA ILE B 609 -54.12 -53.74 49.70
C ILE B 609 -54.71 -53.98 51.09
N LEU B 610 -53.84 -54.15 52.06
CA LEU B 610 -54.22 -54.23 53.46
C LEU B 610 -53.89 -52.91 54.13
N VAL B 611 -54.89 -52.33 54.79
CA VAL B 611 -54.68 -51.07 55.52
C VAL B 611 -54.61 -51.50 56.95
N GLU B 612 -53.49 -51.18 57.60
CA GLU B 612 -53.13 -51.79 58.88
C GLU B 612 -52.58 -50.77 59.86
N LYS B 613 -52.96 -50.90 61.13
CA LYS B 613 -52.44 -50.06 62.19
C LYS B 613 -50.94 -50.17 62.27
N SER B 614 -50.29 -49.02 62.46
CA SER B 614 -48.85 -48.97 62.40
C SER B 614 -48.28 -49.65 63.63
N VAL B 615 -47.29 -50.51 63.43
CA VAL B 615 -46.45 -50.98 64.54
C VAL B 615 -44.98 -50.70 64.22
N THR B 616 -44.77 -49.55 63.55
CA THR B 616 -43.44 -48.99 63.41
C THR B 616 -42.73 -49.03 64.78
N GLY B 617 -41.47 -49.46 64.79
CA GLY B 617 -40.69 -49.47 66.02
C GLY B 617 -40.68 -50.79 66.78
N TRP B 618 -41.69 -51.64 66.61
CA TRP B 618 -41.64 -52.96 67.26
C TRP B 618 -40.48 -53.69 66.63
N LYS B 619 -39.93 -54.67 67.32
CA LYS B 619 -38.85 -55.49 66.78
C LYS B 619 -39.41 -56.33 65.65
N GLU B 620 -38.65 -56.49 64.57
CA GLU B 620 -39.07 -57.34 63.46
C GLU B 620 -38.26 -58.63 63.45
N ILE B 621 -38.97 -59.75 63.57
CA ILE B 621 -38.35 -61.06 63.77
C ILE B 621 -38.86 -62.06 62.74
N GLU B 622 -37.92 -62.71 62.06
CA GLU B 622 -38.23 -63.70 61.01
C GLU B 622 -37.84 -65.13 61.40
N TYR B 623 -38.58 -66.10 60.87
CA TYR B 623 -38.25 -67.53 61.01
C TYR B 623 -38.32 -68.19 59.64
N GLU B 624 -37.43 -69.15 59.41
CA GLU B 624 -37.52 -70.01 58.23
C GLU B 624 -38.02 -71.32 58.75
N VAL B 625 -39.08 -71.81 58.13
CA VAL B 625 -39.82 -72.95 58.64
C VAL B 625 -39.88 -73.98 57.56
N VAL B 626 -39.66 -75.24 57.95
CA VAL B 626 -39.78 -76.36 57.06
C VAL B 626 -40.87 -77.29 57.54
N ARG B 627 -41.65 -77.82 56.62
CA ARG B 627 -42.68 -78.77 56.99
C ARG B 627 -42.82 -79.83 55.91
N ASP B 628 -42.74 -81.10 56.32
CA ASP B 628 -42.80 -82.20 55.37
C ASP B 628 -44.19 -82.81 55.28
N ALA B 629 -44.33 -83.81 54.41
CA ALA B 629 -45.63 -84.45 54.17
C ALA B 629 -46.00 -85.42 55.29
N ASP B 630 -45.09 -85.63 56.23
CA ASP B 630 -45.39 -86.38 57.45
C ASP B 630 -45.82 -85.47 58.58
N ASP B 631 -45.86 -84.17 58.33
CA ASP B 631 -46.28 -83.20 59.33
C ASP B 631 -45.18 -82.94 60.37
N ASN B 632 -43.94 -83.31 60.04
CA ASN B 632 -42.78 -82.86 60.81
C ASN B 632 -42.50 -81.43 60.40
N CYS B 633 -42.37 -80.54 61.38
CA CYS B 633 -42.29 -79.11 61.14
C CYS B 633 -41.25 -78.48 62.07
N VAL B 634 -40.21 -77.88 61.52
CA VAL B 634 -39.14 -77.30 62.35
C VAL B 634 -38.81 -75.88 61.88
N THR B 635 -38.25 -75.07 62.76
CA THR B 635 -37.75 -73.74 62.38
C THR B 635 -36.25 -73.80 62.17
N VAL B 636 -35.80 -73.72 60.92
CA VAL B 636 -34.39 -73.90 60.61
C VAL B 636 -33.52 -72.69 60.95
N CYS B 637 -34.11 -71.51 61.00
CA CYS B 637 -33.32 -70.31 61.25
C CYS B 637 -34.21 -69.23 61.81
N ASN B 638 -33.61 -68.34 62.59
CA ASN B 638 -34.33 -67.19 63.04
C ASN B 638 -33.44 -65.97 62.99
N MET B 639 -34.04 -64.87 62.56
CA MET B 639 -33.31 -63.67 62.30
C MET B 639 -33.93 -62.48 63.03
N GLU B 640 -33.07 -61.71 63.68
CA GLU B 640 -33.47 -60.46 64.27
C GLU B 640 -33.05 -59.34 63.36
N ASN B 641 -34.03 -58.56 62.94
CA ASN B 641 -33.74 -57.33 62.23
C ASN B 641 -33.22 -56.28 63.17
N VAL B 642 -32.13 -55.63 62.82
CA VAL B 642 -31.63 -54.55 63.64
C VAL B 642 -32.49 -53.30 63.45
N ASP B 643 -32.75 -52.91 62.21
CA ASP B 643 -33.72 -51.84 61.94
C ASP B 643 -35.10 -52.38 62.25
N ALA B 644 -35.93 -51.58 62.93
CA ALA B 644 -37.19 -52.06 63.47
C ALA B 644 -38.26 -52.21 62.41
N MET B 645 -39.48 -52.52 62.84
CA MET B 645 -40.62 -52.52 61.93
C MET B 645 -40.75 -51.14 61.29
N GLY B 646 -41.05 -51.18 59.99
CA GLY B 646 -41.17 -50.00 59.18
C GLY B 646 -40.10 -49.94 58.11
N VAL B 647 -38.94 -50.55 58.36
CA VAL B 647 -37.90 -50.73 57.34
C VAL B 647 -37.98 -52.16 56.83
N HIS B 648 -38.21 -52.36 55.53
CA HIS B 648 -38.43 -53.69 54.97
C HIS B 648 -37.28 -54.60 55.34
N THR B 649 -37.58 -55.85 55.69
CA THR B 649 -36.55 -56.84 56.02
C THR B 649 -35.35 -56.83 55.06
N GLY B 650 -35.67 -56.72 53.78
CA GLY B 650 -34.69 -56.60 52.70
C GLY B 650 -33.81 -55.37 52.72
N ASP B 651 -34.32 -54.25 53.19
CA ASP B 651 -33.52 -53.04 53.35
C ASP B 651 -33.01 -52.86 54.77
N SER B 652 -33.04 -53.92 55.58
CA SER B 652 -32.67 -53.85 56.98
C SER B 652 -31.33 -54.52 57.19
N VAL B 653 -30.64 -54.08 58.25
CA VAL B 653 -29.53 -54.82 58.79
C VAL B 653 -30.20 -55.96 59.55
N VAL B 654 -29.69 -57.16 59.41
CA VAL B 654 -30.30 -58.32 60.00
C VAL B 654 -29.23 -59.22 60.65
N VAL B 655 -29.46 -59.68 61.88
CA VAL B 655 -28.51 -60.60 62.50
C VAL B 655 -29.12 -61.98 62.66
N ALA B 656 -28.26 -62.98 62.69
CA ALA B 656 -28.67 -64.34 62.98
C ALA B 656 -27.61 -65.04 63.84
N PRO B 657 -28.03 -65.79 64.87
CA PRO B 657 -29.42 -65.87 65.31
C PRO B 657 -29.75 -64.63 66.10
N ALA B 658 -30.96 -64.59 66.67
CA ALA B 658 -31.43 -63.42 67.41
C ALA B 658 -30.55 -63.19 68.62
N GLN B 659 -30.45 -61.93 69.02
CA GLN B 659 -29.56 -61.49 70.10
C GLN B 659 -30.26 -60.88 71.31
N THR B 660 -31.45 -60.32 71.13
CA THR B 660 -32.12 -59.58 72.20
C THR B 660 -33.41 -60.22 72.69
N LEU B 661 -33.72 -61.44 72.24
CA LEU B 661 -34.91 -62.16 72.75
C LEU B 661 -34.60 -63.01 73.97
N SER B 662 -35.61 -63.15 74.83
CA SER B 662 -35.59 -64.11 75.92
C SER B 662 -35.98 -65.48 75.38
N ASN B 663 -35.71 -66.51 76.17
CA ASN B 663 -36.19 -67.82 75.81
C ASN B 663 -37.72 -67.82 75.63
N ALA B 664 -38.43 -67.07 76.45
CA ALA B 664 -39.89 -67.09 76.39
C ALA B 664 -40.37 -66.43 75.11
N GLU B 665 -39.71 -65.34 74.72
CA GLU B 665 -40.07 -64.65 73.49
C GLU B 665 -39.72 -65.52 72.32
N PHE B 666 -38.48 -65.98 72.28
CA PHE B 666 -38.05 -66.80 71.16
C PHE B 666 -38.88 -68.08 71.00
N GLN B 667 -39.27 -68.72 72.09
CA GLN B 667 -40.02 -69.98 71.99
C GLN B 667 -41.51 -69.77 71.69
N MET B 668 -42.07 -68.69 72.23
CA MET B 668 -43.43 -68.31 71.91
C MET B 668 -43.55 -68.14 70.39
N LEU B 669 -42.68 -67.32 69.80
CA LEU B 669 -42.76 -67.02 68.37
C LEU B 669 -42.43 -68.23 67.51
N ARG B 670 -41.47 -69.03 67.93
CA ARG B 670 -41.17 -70.28 67.27
C ARG B 670 -42.41 -71.17 67.20
N ARG B 671 -43.07 -71.33 68.32
CA ARG B 671 -44.18 -72.25 68.38
C ARG B 671 -45.37 -71.71 67.62
N THR B 672 -45.62 -70.41 67.68
CA THR B 672 -46.62 -69.78 66.81
C THR B 672 -46.33 -70.02 65.33
N SER B 673 -45.06 -69.90 64.93
CA SER B 673 -44.65 -70.15 63.53
C SER B 673 -45.05 -71.54 63.10
N ILE B 674 -44.71 -72.52 63.93
CA ILE B 674 -45.04 -73.89 63.65
C ILE B 674 -46.55 -74.08 63.56
N ASN B 675 -47.30 -73.49 64.48
CA ASN B 675 -48.75 -73.63 64.44
C ASN B 675 -49.36 -73.04 63.17
N VAL B 676 -48.95 -71.83 62.86
CA VAL B 676 -49.46 -71.13 61.68
C VAL B 676 -49.11 -71.88 60.38
N VAL B 677 -47.84 -72.26 60.25
CA VAL B 677 -47.40 -72.96 59.05
C VAL B 677 -48.15 -74.28 58.87
N ARG B 678 -48.35 -74.99 59.97
CA ARG B 678 -49.14 -76.22 59.97
C ARG B 678 -50.59 -75.94 59.52
N HIS B 679 -51.24 -74.99 60.17
CA HIS B 679 -52.63 -74.62 59.84
C HIS B 679 -52.81 -74.23 58.37
N LEU B 680 -51.80 -73.60 57.79
CA LEU B 680 -51.87 -73.12 56.41
C LEU B 680 -51.65 -74.20 55.36
N GLY B 681 -51.34 -75.42 55.80
CA GLY B 681 -51.19 -76.53 54.87
C GLY B 681 -49.90 -76.47 54.08
N ILE B 682 -48.90 -75.77 54.62
CA ILE B 682 -47.68 -75.58 53.85
C ILE B 682 -46.84 -76.83 53.87
N VAL B 683 -46.38 -77.23 52.69
CA VAL B 683 -45.44 -78.35 52.57
C VAL B 683 -44.22 -77.91 51.77
N GLY B 684 -43.10 -77.79 52.45
CA GLY B 684 -41.89 -77.29 51.84
C GLY B 684 -41.31 -76.29 52.81
N GLU B 685 -40.86 -75.17 52.30
CA GLU B 685 -40.21 -74.19 53.15
C GLU B 685 -41.02 -72.93 53.07
N CYS B 686 -40.91 -72.10 54.08
CA CYS B 686 -41.51 -70.80 54.00
C CYS B 686 -40.89 -69.87 55.01
N ASN B 687 -41.15 -68.60 54.79
CA ASN B 687 -40.63 -67.54 55.61
C ASN B 687 -41.82 -66.87 56.30
N ILE B 688 -41.65 -66.52 57.57
CA ILE B 688 -42.70 -65.89 58.38
C ILE B 688 -42.14 -64.72 59.18
N GLN B 689 -42.93 -63.65 59.27
CA GLN B 689 -42.52 -62.38 59.86
C GLN B 689 -43.40 -61.98 61.04
N PHE B 690 -42.78 -61.48 62.10
CA PHE B 690 -43.48 -61.02 63.30
C PHE B 690 -43.12 -59.58 63.67
N ALA B 691 -44.09 -58.89 64.26
CA ALA B 691 -43.78 -57.67 65.00
C ALA B 691 -43.90 -58.02 66.48
N LEU B 692 -42.82 -57.79 67.23
CA LEU B 692 -42.78 -58.08 68.65
C LEU B 692 -42.63 -56.77 69.41
N HIS B 693 -43.50 -56.59 70.41
CA HIS B 693 -43.48 -55.40 71.21
C HIS B 693 -42.17 -55.38 72.00
N PRO B 694 -41.48 -54.22 72.05
CA PRO B 694 -40.10 -54.26 72.59
C PRO B 694 -39.98 -54.45 74.11
N THR B 695 -41.09 -54.28 74.83
CA THR B 695 -41.06 -54.32 76.29
C THR B 695 -42.23 -55.13 76.85
N SER B 696 -42.63 -56.18 76.16
CA SER B 696 -43.70 -57.07 76.62
C SER B 696 -43.67 -58.35 75.78
N MET B 697 -44.66 -59.23 75.97
CA MET B 697 -44.83 -60.43 75.14
C MET B 697 -45.83 -60.27 73.99
N GLU B 698 -46.33 -59.04 73.78
CA GLU B 698 -47.33 -58.75 72.76
C GLU B 698 -46.68 -58.85 71.37
N TYR B 699 -47.39 -59.45 70.43
CA TYR B 699 -46.83 -59.63 69.09
C TYR B 699 -47.93 -59.63 68.02
N CYS B 700 -47.49 -59.39 66.78
CA CYS B 700 -48.35 -59.43 65.60
C CYS B 700 -47.68 -60.30 64.57
N ILE B 701 -48.46 -61.16 63.93
CA ILE B 701 -48.00 -61.87 62.74
C ILE B 701 -48.27 -60.98 61.54
N ILE B 702 -47.24 -60.77 60.73
CA ILE B 702 -47.29 -59.80 59.63
C ILE B 702 -47.54 -60.46 58.27
N GLU B 703 -46.73 -61.45 57.92
CA GLU B 703 -46.93 -62.17 56.66
C GLU B 703 -46.19 -63.48 56.71
N VAL B 704 -46.57 -64.37 55.81
CA VAL B 704 -45.84 -65.60 55.54
C VAL B 704 -45.59 -65.64 54.05
N ASN B 705 -44.37 -65.99 53.65
CA ASN B 705 -44.05 -66.20 52.23
C ASN B 705 -43.88 -67.71 51.99
N ALA B 706 -44.87 -68.30 51.32
CA ALA B 706 -44.96 -69.71 51.06
C ALA B 706 -44.20 -70.02 49.81
N ARG B 707 -42.87 -69.92 49.91
CA ARG B 707 -41.96 -70.00 48.78
C ARG B 707 -40.55 -69.72 49.29
N LEU B 708 -39.57 -70.09 48.48
CA LEU B 708 -38.18 -69.73 48.76
C LEU B 708 -38.08 -68.22 48.65
N SER B 709 -37.10 -67.64 49.32
CA SER B 709 -37.06 -66.21 49.43
C SER B 709 -35.64 -65.69 49.60
N ARG B 710 -35.50 -64.37 49.65
CA ARG B 710 -34.20 -63.80 49.87
C ARG B 710 -33.78 -64.16 51.30
N SER B 711 -34.76 -64.30 52.19
CA SER B 711 -34.53 -64.75 53.56
C SER B 711 -34.11 -66.23 53.70
N SER B 712 -34.64 -67.11 52.85
CA SER B 712 -34.18 -68.50 52.85
C SER B 712 -32.77 -68.67 52.29
N ALA B 713 -32.43 -67.93 51.23
CA ALA B 713 -31.05 -67.91 50.74
C ALA B 713 -30.10 -67.50 51.86
N LEU B 714 -30.40 -66.36 52.48
CA LEU B 714 -29.59 -65.88 53.61
C LEU B 714 -29.46 -66.93 54.75
N ALA B 715 -30.59 -67.51 55.15
CA ALA B 715 -30.57 -68.47 56.23
C ALA B 715 -29.74 -69.68 55.86
N SER B 716 -29.83 -70.11 54.60
CA SER B 716 -29.09 -71.26 54.12
C SER B 716 -27.60 -71.02 54.23
N LYS B 717 -27.17 -69.79 53.98
CA LYS B 717 -25.76 -69.47 54.03
C LYS B 717 -25.32 -69.32 55.46
N ALA B 718 -26.21 -68.74 56.27
CA ALA B 718 -25.91 -68.55 57.68
C ALA B 718 -25.76 -69.88 58.40
N THR B 719 -26.61 -70.85 58.07
CA THR B 719 -26.69 -72.07 58.87
C THR B 719 -25.98 -73.26 58.23
N GLY B 720 -25.67 -73.17 56.93
CA GLY B 720 -25.21 -74.34 56.20
C GLY B 720 -26.29 -75.41 55.95
N TYR B 721 -27.55 -75.07 56.18
CA TYR B 721 -28.68 -75.96 55.89
C TYR B 721 -29.29 -75.54 54.54
N PRO B 722 -29.24 -76.40 53.49
CA PRO B 722 -29.70 -75.97 52.16
C PRO B 722 -31.23 -76.05 51.96
N LEU B 723 -31.93 -75.00 52.39
CA LEU B 723 -33.38 -75.00 52.44
C LEU B 723 -34.10 -75.37 51.12
N ALA B 724 -33.58 -74.90 50.00
CA ALA B 724 -34.23 -75.12 48.70
C ALA B 724 -34.07 -76.57 48.27
N PHE B 725 -32.89 -77.12 48.47
CA PHE B 725 -32.63 -78.53 48.21
C PHE B 725 -33.62 -79.38 49.02
N ILE B 726 -33.69 -79.10 50.33
CA ILE B 726 -34.60 -79.81 51.24
C ILE B 726 -36.05 -79.61 50.83
N ALA B 727 -36.41 -78.39 50.50
CA ALA B 727 -37.75 -78.07 50.07
C ALA B 727 -38.19 -78.95 48.90
N ALA B 728 -37.29 -79.12 47.94
CA ALA B 728 -37.56 -79.82 46.70
C ALA B 728 -37.74 -81.32 46.93
N LYS B 729 -36.89 -81.89 47.79
CA LYS B 729 -37.03 -83.30 48.22
C LYS B 729 -38.37 -83.53 48.91
N ILE B 730 -38.71 -82.63 49.83
CA ILE B 730 -40.00 -82.62 50.50
C ILE B 730 -41.17 -82.54 49.51
N ALA B 731 -40.98 -81.83 48.41
CA ALA B 731 -42.04 -81.71 47.39
C ALA B 731 -42.30 -83.05 46.69
N LEU B 732 -41.37 -83.99 46.81
CA LEU B 732 -41.54 -85.33 46.27
C LEU B 732 -42.03 -86.33 47.33
N GLY B 733 -42.46 -85.84 48.50
CA GLY B 733 -42.98 -86.71 49.57
C GLY B 733 -41.95 -87.38 50.48
N ILE B 734 -40.66 -87.10 50.30
CA ILE B 734 -39.63 -87.56 51.21
C ILE B 734 -39.69 -86.75 52.50
N PRO B 735 -39.83 -87.40 53.66
CA PRO B 735 -39.85 -86.70 54.93
C PRO B 735 -38.45 -86.37 55.42
N LEU B 736 -38.38 -85.41 56.34
CA LEU B 736 -37.10 -84.86 56.82
C LEU B 736 -36.12 -85.86 57.40
N PRO B 737 -36.61 -86.79 58.25
CA PRO B 737 -35.67 -87.79 58.79
C PRO B 737 -34.97 -88.61 57.69
N GLU B 738 -35.60 -88.77 56.52
CA GLU B 738 -34.99 -89.56 55.42
C GLU B 738 -34.11 -88.75 54.47
N ILE B 739 -33.83 -87.49 54.82
CA ILE B 739 -33.00 -86.65 54.01
C ILE B 739 -31.72 -86.35 54.80
N LYS B 740 -30.57 -86.59 54.17
CA LYS B 740 -29.30 -86.43 54.84
C LYS B 740 -28.93 -84.95 55.06
N ASN B 741 -28.39 -84.66 56.24
CA ASN B 741 -27.62 -83.44 56.45
C ASN B 741 -26.27 -83.62 55.73
N VAL B 742 -26.16 -83.01 54.54
CA VAL B 742 -24.96 -83.16 53.71
C VAL B 742 -23.70 -82.57 54.36
N VAL B 743 -23.85 -81.67 55.32
CA VAL B 743 -22.70 -81.06 55.99
C VAL B 743 -22.08 -82.02 57.01
N SER B 744 -22.90 -82.55 57.90
CA SER B 744 -22.41 -83.54 58.86
C SER B 744 -22.12 -84.89 58.21
N GLY B 745 -22.82 -85.20 57.10
CA GLY B 745 -22.69 -86.50 56.44
C GLY B 745 -23.19 -87.71 57.20
N LYS B 746 -23.63 -87.51 58.45
CA LYS B 746 -24.00 -88.61 59.33
C LYS B 746 -25.33 -88.44 60.07
N THR B 747 -26.03 -87.33 59.84
CA THR B 747 -27.27 -87.04 60.55
C THR B 747 -28.33 -86.64 59.50
N SER B 748 -29.57 -86.41 59.93
CA SER B 748 -30.65 -86.08 59.01
C SER B 748 -30.86 -84.58 58.96
N ALA B 749 -31.77 -84.17 58.06
CA ALA B 749 -32.20 -82.79 57.99
C ALA B 749 -33.36 -82.51 58.96
N CYS B 750 -33.71 -83.47 59.83
CA CYS B 750 -34.69 -83.20 60.88
C CYS B 750 -33.98 -82.64 62.12
N PHE B 751 -33.72 -81.33 62.09
CA PHE B 751 -33.15 -80.63 63.23
C PHE B 751 -33.21 -79.13 63.05
N GLU B 752 -32.70 -78.40 64.03
CA GLU B 752 -32.62 -76.95 63.99
C GLU B 752 -31.18 -76.59 64.26
N PRO B 753 -30.48 -76.06 63.26
CA PRO B 753 -29.07 -75.81 63.43
C PRO B 753 -28.69 -75.09 64.71
N SER B 754 -27.42 -75.18 65.06
CA SER B 754 -26.87 -74.42 66.16
C SER B 754 -25.68 -73.69 65.61
N LEU B 755 -25.66 -72.38 65.82
CA LEU B 755 -24.61 -71.54 65.29
C LEU B 755 -23.71 -71.15 66.46
N ASP B 756 -22.41 -71.41 66.34
CA ASP B 756 -21.42 -70.90 67.31
C ASP B 756 -20.67 -69.68 66.78
N TYR B 757 -21.42 -68.84 66.06
CA TYR B 757 -20.92 -67.62 65.43
C TYR B 757 -22.18 -66.82 65.17
N MET B 758 -22.01 -65.55 64.86
CA MET B 758 -23.13 -64.68 64.54
C MET B 758 -22.90 -64.16 63.11
N VAL B 759 -23.94 -64.15 62.29
CA VAL B 759 -23.86 -63.52 60.98
C VAL B 759 -24.63 -62.19 60.99
N THR B 760 -24.13 -61.24 60.22
CA THR B 760 -24.79 -59.96 60.00
C THR B 760 -25.00 -59.83 58.47
N LYS B 761 -26.22 -59.49 58.04
CA LYS B 761 -26.46 -59.11 56.64
C LYS B 761 -26.74 -57.62 56.55
N ILE B 762 -26.08 -56.95 55.62
CA ILE B 762 -26.34 -55.54 55.38
C ILE B 762 -26.75 -55.35 53.89
N PRO B 763 -27.73 -54.48 53.62
CA PRO B 763 -28.05 -54.23 52.21
C PRO B 763 -27.04 -53.31 51.55
N ARG B 764 -27.03 -53.32 50.22
CA ARG B 764 -26.24 -52.41 49.41
C ARG B 764 -27.22 -51.62 48.60
N TRP B 765 -27.14 -50.29 48.69
CA TRP B 765 -27.94 -49.42 47.86
C TRP B 765 -27.10 -48.72 46.84
N ASP B 766 -27.74 -48.31 45.75
CA ASP B 766 -27.12 -47.47 44.73
C ASP B 766 -28.15 -46.39 44.42
N LEU B 767 -28.12 -45.26 45.12
CA LEU B 767 -29.15 -44.24 44.94
C LEU B 767 -28.71 -42.88 44.45
N ASP B 768 -27.42 -42.55 44.57
CA ASP B 768 -26.90 -41.25 44.17
C ASP B 768 -27.24 -40.88 42.74
N ARG B 769 -27.13 -41.86 41.85
CA ARG B 769 -27.44 -41.64 40.44
C ARG B 769 -28.90 -41.35 40.14
N PHE B 770 -29.82 -41.71 41.00
CA PHE B 770 -31.20 -41.37 40.79
C PHE B 770 -31.55 -40.14 41.61
N HIS B 771 -31.40 -38.96 40.98
CA HIS B 771 -31.57 -37.66 41.68
C HIS B 771 -32.97 -37.49 42.26
N GLY B 772 -33.98 -38.02 41.57
CA GLY B 772 -35.37 -37.88 42.01
C GLY B 772 -35.80 -38.74 43.18
N THR B 773 -34.98 -39.74 43.50
CA THR B 773 -35.26 -40.70 44.55
C THR B 773 -34.44 -40.38 45.79
N SER B 774 -35.10 -40.34 46.95
CA SER B 774 -34.39 -40.03 48.16
C SER B 774 -33.62 -41.27 48.62
N SER B 775 -32.66 -41.05 49.51
CA SER B 775 -31.94 -42.16 50.13
C SER B 775 -32.63 -42.64 51.42
N ARG B 776 -33.85 -42.17 51.66
CA ARG B 776 -34.60 -42.67 52.77
C ARG B 776 -35.10 -44.08 52.47
N ILE B 777 -35.18 -44.91 53.51
CA ILE B 777 -35.69 -46.28 53.36
C ILE B 777 -36.86 -46.54 54.29
N GLY B 778 -37.72 -47.44 53.85
CA GLY B 778 -38.95 -47.77 54.56
C GLY B 778 -39.46 -49.14 54.13
N SER B 779 -40.79 -49.27 54.04
CA SER B 779 -41.45 -50.57 53.86
C SER B 779 -41.29 -51.14 52.45
N SER B 780 -40.89 -50.30 51.48
CA SER B 780 -40.70 -50.75 50.11
C SER B 780 -39.23 -50.78 49.73
N MET B 781 -38.68 -51.98 49.54
CA MET B 781 -37.27 -52.15 49.21
C MET B 781 -36.76 -51.24 48.12
N LYS B 782 -35.55 -50.74 48.35
CA LYS B 782 -34.79 -50.06 47.35
C LYS B 782 -33.37 -50.58 47.15
N SER B 783 -32.92 -51.56 47.96
CA SER B 783 -31.54 -52.01 47.87
C SER B 783 -31.36 -52.85 46.59
N VAL B 784 -30.14 -52.83 46.04
CA VAL B 784 -29.80 -53.59 44.84
C VAL B 784 -28.90 -54.80 45.11
N GLY B 785 -28.56 -55.03 46.36
CA GLY B 785 -27.70 -56.14 46.72
C GLY B 785 -27.61 -56.31 48.23
N GLU B 786 -26.90 -57.35 48.66
CA GLU B 786 -26.69 -57.59 50.06
C GLU B 786 -25.42 -58.40 50.27
N VAL B 787 -24.88 -58.28 51.48
CA VAL B 787 -23.70 -59.02 51.90
C VAL B 787 -24.03 -59.78 53.17
N MET B 788 -23.17 -60.73 53.53
CA MET B 788 -23.30 -61.43 54.78
C MET B 788 -21.89 -61.62 55.34
N ALA B 789 -21.67 -61.17 56.58
CA ALA B 789 -20.40 -61.43 57.24
C ALA B 789 -20.58 -62.31 58.46
N ILE B 790 -19.59 -63.15 58.70
CA ILE B 790 -19.60 -64.04 59.86
C ILE B 790 -18.49 -63.65 60.82
N GLY B 791 -18.84 -63.56 62.10
CA GLY B 791 -17.88 -63.32 63.17
C GLY B 791 -18.36 -63.96 64.45
N ARG B 792 -17.49 -64.02 65.46
CA ARG B 792 -17.87 -64.56 66.76
C ARG B 792 -18.01 -63.47 67.84
N THR B 793 -18.07 -62.22 67.39
CA THR B 793 -18.61 -61.13 68.18
C THR B 793 -19.47 -60.35 67.20
N PHE B 794 -20.54 -59.75 67.71
CA PHE B 794 -21.35 -58.86 66.90
C PHE B 794 -20.44 -57.89 66.18
N GLU B 795 -19.52 -57.27 66.91
CA GLU B 795 -18.64 -56.24 66.37
C GLU B 795 -17.79 -56.75 65.21
N GLU B 796 -17.27 -57.95 65.33
CA GLU B 796 -16.49 -58.54 64.25
C GLU B 796 -17.36 -58.73 63.01
N SER B 797 -18.48 -59.43 63.20
CA SER B 797 -19.46 -59.71 62.14
C SER B 797 -19.91 -58.42 61.47
N PHE B 798 -20.22 -57.45 62.30
CA PHE B 798 -20.77 -56.18 61.88
C PHE B 798 -19.79 -55.33 61.08
N GLN B 799 -18.56 -55.17 61.53
CA GLN B 799 -17.61 -54.31 60.79
C GLN B 799 -17.19 -54.91 59.45
N LYS B 800 -17.06 -56.23 59.39
CA LYS B 800 -16.81 -56.93 58.14
C LYS B 800 -17.93 -56.65 57.12
N ALA B 801 -19.16 -56.82 57.58
CA ALA B 801 -20.31 -56.68 56.71
C ALA B 801 -20.35 -55.26 56.14
N LEU B 802 -20.04 -54.27 56.97
CA LEU B 802 -19.98 -52.91 56.44
C LEU B 802 -18.91 -52.77 55.36
N ARG B 803 -17.74 -53.33 55.57
CA ARG B 803 -16.68 -53.26 54.56
C ARG B 803 -17.07 -53.95 53.25
N MET B 804 -17.79 -55.06 53.35
CA MET B 804 -18.21 -55.81 52.18
C MET B 804 -19.18 -55.03 51.29
N CYS B 805 -19.88 -54.02 51.83
CA CYS B 805 -20.91 -53.32 51.05
C CYS B 805 -20.34 -52.43 49.95
N HIS B 806 -19.19 -51.85 50.18
CA HIS B 806 -18.61 -50.95 49.22
C HIS B 806 -17.17 -50.71 49.59
N PRO B 807 -16.27 -50.66 48.60
CA PRO B 807 -14.83 -50.55 48.93
C PRO B 807 -14.44 -49.31 49.75
N SER B 808 -15.20 -48.23 49.62
CA SER B 808 -14.93 -47.00 50.38
C SER B 808 -15.27 -47.07 51.87
N ILE B 809 -16.02 -48.09 52.30
CA ILE B 809 -16.43 -48.21 53.70
C ILE B 809 -15.36 -48.97 54.47
N GLU B 810 -14.90 -48.36 55.57
CA GLU B 810 -13.78 -48.89 56.35
C GLU B 810 -14.21 -49.78 57.50
N GLY B 811 -15.49 -49.66 57.86
CA GLY B 811 -16.09 -50.40 58.98
C GLY B 811 -17.13 -49.49 59.57
N PHE B 812 -17.32 -49.59 60.89
CA PHE B 812 -18.26 -48.71 61.59
C PHE B 812 -17.54 -47.42 62.01
N THR B 813 -17.75 -46.36 61.23
CA THR B 813 -17.14 -45.07 61.51
C THR B 813 -18.22 -44.00 61.39
N PRO B 814 -17.96 -42.79 61.94
CA PRO B 814 -18.86 -41.65 61.76
C PRO B 814 -18.59 -40.88 60.47
N ARG B 815 -18.02 -41.55 59.47
CA ARG B 815 -17.76 -40.96 58.18
C ARG B 815 -18.61 -41.69 57.16
N LEU B 816 -19.08 -40.93 56.17
CA LEU B 816 -20.00 -41.43 55.14
C LEU B 816 -19.28 -42.25 54.09
N PRO B 817 -20.01 -43.11 53.36
CA PRO B 817 -19.42 -43.79 52.22
C PRO B 817 -19.10 -42.82 51.07
N MET B 818 -18.35 -43.32 50.08
CA MET B 818 -17.91 -42.55 48.88
C MET B 818 -17.09 -41.30 49.22
N ASN B 819 -16.46 -41.29 50.39
CA ASN B 819 -15.77 -40.11 50.91
C ASN B 819 -16.54 -38.80 50.73
N LYS B 820 -17.81 -38.82 51.14
CA LYS B 820 -18.63 -37.63 51.14
C LYS B 820 -18.56 -36.97 52.51
N GLU B 821 -18.55 -35.65 52.54
CA GLU B 821 -18.61 -34.92 53.81
C GLU B 821 -20.09 -34.76 54.28
N TRP B 822 -20.27 -34.65 55.59
CA TRP B 822 -21.60 -34.45 56.12
C TRP B 822 -22.04 -33.06 55.72
N PRO B 823 -23.34 -32.89 55.40
CA PRO B 823 -23.86 -31.53 55.08
C PRO B 823 -23.71 -30.59 56.25
N SER B 824 -23.47 -29.31 55.97
CA SER B 824 -23.32 -28.31 57.03
C SER B 824 -24.66 -28.10 57.74
N ASN B 825 -25.76 -28.30 57.00
CA ASN B 825 -27.12 -28.17 57.54
C ASN B 825 -27.69 -29.47 58.14
N LEU B 826 -26.80 -30.43 58.40
CA LEU B 826 -27.18 -31.67 59.05
C LEU B 826 -28.09 -31.49 60.27
N ASP B 827 -29.20 -32.24 60.29
CA ASP B 827 -30.05 -32.39 61.47
C ASP B 827 -29.89 -33.84 61.93
N LEU B 828 -28.93 -34.07 62.82
CA LEU B 828 -28.60 -35.41 63.27
C LEU B 828 -29.77 -36.17 63.88
N ARG B 829 -30.67 -35.48 64.56
CA ARG B 829 -31.85 -36.14 65.13
C ARG B 829 -32.79 -36.63 64.03
N LYS B 830 -32.94 -35.81 62.98
CA LYS B 830 -33.80 -36.18 61.85
C LYS B 830 -33.28 -37.46 61.17
N GLU B 831 -31.96 -37.49 60.93
CA GLU B 831 -31.33 -38.64 60.30
C GLU B 831 -31.61 -39.92 61.08
N LEU B 832 -31.50 -39.82 62.41
CA LEU B 832 -31.69 -40.96 63.29
C LEU B 832 -33.15 -41.43 63.31
N SER B 833 -34.07 -40.47 63.32
CA SER B 833 -35.48 -40.81 63.41
C SER B 833 -36.03 -41.26 62.07
N GLU B 834 -35.43 -40.78 60.97
CA GLU B 834 -35.85 -41.16 59.60
C GLU B 834 -34.82 -42.07 58.92
N PRO B 835 -35.12 -43.38 58.90
CA PRO B 835 -34.16 -44.31 58.33
C PRO B 835 -33.71 -43.94 56.91
N SER B 836 -32.48 -44.28 56.58
CA SER B 836 -31.94 -44.01 55.28
C SER B 836 -30.81 -44.98 55.02
N SER B 837 -30.32 -44.96 53.78
CA SER B 837 -29.19 -45.76 53.41
C SER B 837 -27.92 -45.45 54.20
N THR B 838 -27.85 -44.30 54.86
CA THR B 838 -26.64 -43.90 55.57
C THR B 838 -26.81 -43.74 57.08
N ARG B 839 -27.96 -44.14 57.62
CA ARG B 839 -28.23 -43.98 59.02
C ARG B 839 -27.21 -44.67 59.94
N ILE B 840 -26.69 -45.81 59.53
CA ILE B 840 -25.64 -46.45 60.33
C ILE B 840 -24.49 -45.49 60.66
N TYR B 841 -24.08 -44.65 59.72
CA TYR B 841 -22.95 -43.75 59.95
C TYR B 841 -23.39 -42.50 60.72
N ALA B 842 -24.66 -42.16 60.61
CA ALA B 842 -25.24 -41.07 61.39
C ALA B 842 -25.32 -41.46 62.88
N ILE B 843 -25.56 -42.73 63.14
CA ILE B 843 -25.50 -43.25 64.50
C ILE B 843 -24.08 -43.15 65.05
N ALA B 844 -23.10 -43.63 64.29
CA ALA B 844 -21.71 -43.49 64.67
C ALA B 844 -21.42 -42.03 65.02
N LYS B 845 -21.88 -41.14 64.17
CA LYS B 845 -21.62 -39.74 64.38
C LYS B 845 -22.26 -39.27 65.69
N ALA B 846 -23.52 -39.64 65.91
CA ALA B 846 -24.23 -39.22 67.11
C ALA B 846 -23.55 -39.73 68.38
N ILE B 847 -23.17 -41.00 68.38
CA ILE B 847 -22.45 -41.55 69.53
C ILE B 847 -21.16 -40.75 69.77
N ASP B 848 -20.42 -40.46 68.70
CA ASP B 848 -19.24 -39.61 68.77
C ASP B 848 -19.54 -38.20 69.32
N ASP B 849 -20.62 -37.60 68.86
CA ASP B 849 -20.99 -36.26 69.32
C ASP B 849 -21.71 -36.26 70.67
N ASN B 850 -21.66 -37.37 71.43
CA ASN B 850 -22.14 -37.47 72.82
C ASN B 850 -23.63 -37.45 73.07
N MET B 851 -24.41 -37.82 72.07
CA MET B 851 -25.82 -38.07 72.27
C MET B 851 -25.92 -39.32 73.13
N SER B 852 -26.93 -39.36 74.00
CA SER B 852 -27.06 -40.52 74.88
C SER B 852 -27.54 -41.70 74.05
N LEU B 853 -27.10 -42.89 74.44
CA LEU B 853 -27.61 -44.11 73.85
C LEU B 853 -29.12 -44.24 74.05
N ASP B 854 -29.62 -43.78 75.19
CA ASP B 854 -31.06 -43.83 75.47
C ASP B 854 -31.85 -43.04 74.44
N GLU B 855 -31.38 -41.84 74.08
CA GLU B 855 -32.09 -41.03 73.09
C GLU B 855 -31.95 -41.60 71.66
N ILE B 856 -30.82 -42.22 71.36
CA ILE B 856 -30.65 -42.87 70.06
C ILE B 856 -31.60 -44.05 69.92
N GLU B 857 -31.74 -44.88 70.95
CA GLU B 857 -32.72 -45.97 70.91
C GLU B 857 -34.12 -45.39 70.72
N LYS B 858 -34.38 -44.25 71.36
CA LYS B 858 -35.70 -43.65 71.35
C LYS B 858 -36.08 -43.16 69.95
N LEU B 859 -35.11 -42.61 69.24
CA LEU B 859 -35.32 -42.06 67.91
C LEU B 859 -35.23 -43.11 66.80
N THR B 860 -34.25 -44.01 66.88
CA THR B 860 -34.01 -44.98 65.80
C THR B 860 -34.91 -46.19 65.90
N TYR B 861 -35.27 -46.50 67.14
CA TYR B 861 -35.94 -47.75 67.50
C TYR B 861 -35.00 -48.95 67.49
N ILE B 862 -33.70 -48.75 67.24
CA ILE B 862 -32.75 -49.85 67.31
C ILE B 862 -32.50 -50.19 68.75
N ASP B 863 -32.64 -51.47 69.09
CA ASP B 863 -32.43 -51.92 70.46
C ASP B 863 -31.07 -51.49 71.02
N LYS B 864 -31.09 -50.85 72.19
CA LYS B 864 -29.90 -50.31 72.84
C LYS B 864 -28.73 -51.28 72.95
N TRP B 865 -29.01 -52.58 73.07
CA TRP B 865 -27.93 -53.54 73.10
C TRP B 865 -26.99 -53.37 71.89
N PHE B 866 -27.57 -53.34 70.70
CA PHE B 866 -26.79 -53.16 69.49
C PHE B 866 -25.98 -51.86 69.57
N LEU B 867 -26.57 -50.82 70.17
CA LEU B 867 -25.93 -49.51 70.36
C LEU B 867 -24.71 -49.53 71.32
N TYR B 868 -24.80 -50.36 72.35
CA TYR B 868 -23.67 -50.62 73.23
C TYR B 868 -22.47 -51.14 72.45
N LYS B 869 -22.71 -52.14 71.60
CA LYS B 869 -21.65 -52.70 70.75
C LYS B 869 -21.05 -51.63 69.87
N MET B 870 -21.89 -50.79 69.29
CA MET B 870 -21.41 -49.73 68.44
C MET B 870 -20.53 -48.76 69.23
N ARG B 871 -20.96 -48.39 70.45
CA ARG B 871 -20.15 -47.54 71.31
C ARG B 871 -18.80 -48.19 71.66
N ASP B 872 -18.79 -49.48 71.97
CA ASP B 872 -17.54 -50.21 72.20
C ASP B 872 -16.56 -50.02 71.02
N ILE B 873 -17.09 -50.09 69.80
CA ILE B 873 -16.25 -49.99 68.62
C ILE B 873 -15.60 -48.62 68.59
N LEU B 874 -16.43 -47.57 68.72
CA LEU B 874 -15.93 -46.20 68.74
C LEU B 874 -14.97 -45.87 69.90
N ASN B 875 -15.12 -46.51 71.05
CA ASN B 875 -14.14 -46.35 72.12
C ASN B 875 -12.80 -46.94 71.74
N MET B 876 -12.81 -48.08 71.06
CA MET B 876 -11.58 -48.68 70.58
C MET B 876 -10.87 -47.76 69.58
N GLU B 877 -11.66 -47.10 68.72
CA GLU B 877 -11.10 -46.12 67.80
C GLU B 877 -10.40 -44.98 68.56
N LYS B 878 -11.04 -44.48 69.62
CA LYS B 878 -10.43 -43.42 70.44
C LYS B 878 -9.15 -43.89 71.06
N THR B 879 -9.20 -45.05 71.70
CA THR B 879 -8.02 -45.67 72.24
C THR B 879 -6.89 -45.75 71.22
N LEU B 880 -7.19 -46.30 70.05
CA LEU B 880 -6.15 -46.52 69.05
C LEU B 880 -5.54 -45.22 68.56
N LYS B 881 -6.36 -44.17 68.41
CA LYS B 881 -5.91 -42.84 67.96
C LYS B 881 -4.86 -42.21 68.88
N GLY B 882 -4.95 -42.49 70.16
CA GLY B 882 -3.94 -42.04 71.09
C GLY B 882 -2.69 -42.90 71.11
N LEU B 883 -2.61 -43.94 70.27
CA LEU B 883 -1.45 -44.84 70.27
C LEU B 883 -0.63 -44.75 68.99
N ASN B 884 0.54 -45.39 69.01
CA ASN B 884 1.41 -45.53 67.82
C ASN B 884 2.08 -46.92 67.81
N SER B 885 2.90 -47.15 66.79
CA SER B 885 3.56 -48.44 66.58
C SER B 885 4.41 -48.91 67.74
N GLU B 886 4.97 -47.96 68.50
CA GLU B 886 5.72 -48.29 69.70
C GLU B 886 4.79 -48.43 70.91
N SER B 887 3.76 -47.59 71.01
CA SER B 887 2.96 -47.53 72.25
C SER B 887 1.83 -48.55 72.31
N MET B 888 1.31 -48.99 71.17
CA MET B 888 0.23 -49.96 71.19
C MET B 888 0.71 -51.33 71.66
N THR B 889 0.04 -51.90 72.65
CA THR B 889 0.40 -53.21 73.19
C THR B 889 -0.23 -54.33 72.37
N GLU B 890 0.27 -55.55 72.59
CA GLU B 890 -0.27 -56.75 72.00
C GLU B 890 -1.70 -57.01 72.50
N GLU B 891 -1.96 -56.72 73.78
CA GLU B 891 -3.29 -56.96 74.32
C GLU B 891 -4.31 -56.12 73.55
N THR B 892 -3.98 -54.85 73.31
CA THR B 892 -4.87 -53.90 72.60
C THR B 892 -5.13 -54.20 71.12
N LEU B 893 -4.07 -54.53 70.40
CA LEU B 893 -4.18 -54.90 68.99
C LEU B 893 -5.10 -56.12 68.83
N LYS B 894 -4.81 -57.17 69.58
CA LYS B 894 -5.63 -58.36 69.62
C LYS B 894 -7.10 -58.01 69.85
N ARG B 895 -7.39 -57.12 70.80
CA ARG B 895 -8.78 -56.78 71.07
C ARG B 895 -9.38 -56.04 69.87
N ALA B 896 -8.62 -55.12 69.30
CA ALA B 896 -9.11 -54.37 68.16
C ALA B 896 -9.52 -55.32 67.03
N LYS B 897 -8.70 -56.34 66.77
CA LYS B 897 -9.00 -57.29 65.69
C LYS B 897 -10.23 -58.13 66.01
N GLU B 898 -10.35 -58.49 67.28
CA GLU B 898 -11.44 -59.30 67.77
C GLU B 898 -12.79 -58.61 67.65
N ILE B 899 -12.80 -57.29 67.61
CA ILE B 899 -14.04 -56.55 67.35
C ILE B 899 -14.12 -55.94 65.93
N GLY B 900 -13.35 -56.51 65.00
CA GLY B 900 -13.54 -56.28 63.57
C GLY B 900 -12.72 -55.17 62.94
N PHE B 901 -11.82 -54.53 63.68
CA PHE B 901 -10.99 -53.50 63.07
C PHE B 901 -10.09 -54.08 61.98
N SER B 902 -10.14 -53.51 60.79
CA SER B 902 -9.17 -53.85 59.77
C SER B 902 -7.83 -53.17 60.05
N ASP B 903 -6.80 -53.63 59.35
CA ASP B 903 -5.49 -53.01 59.39
C ASP B 903 -5.54 -51.59 58.80
N LYS B 904 -6.40 -51.33 57.83
CA LYS B 904 -6.54 -49.99 57.29
C LYS B 904 -7.05 -49.02 58.34
N GLN B 905 -8.10 -49.41 59.06
CA GLN B 905 -8.63 -48.57 60.17
C GLN B 905 -7.58 -48.27 61.24
N ILE B 906 -6.88 -49.32 61.65
CA ILE B 906 -5.80 -49.22 62.62
C ILE B 906 -4.68 -48.34 62.07
N SER B 907 -4.30 -48.52 60.82
CA SER B 907 -3.24 -47.72 60.22
C SER B 907 -3.54 -46.23 60.37
N LYS B 908 -4.81 -45.86 60.19
CA LYS B 908 -5.16 -44.44 60.26
C LYS B 908 -5.11 -43.89 61.68
N CYS B 909 -5.32 -44.75 62.67
CA CYS B 909 -5.17 -44.32 64.04
C CYS B 909 -3.69 -44.23 64.43
N LEU B 910 -2.89 -45.19 63.99
CA LEU B 910 -1.50 -45.23 64.43
C LEU B 910 -0.60 -44.26 63.68
N GLY B 911 -0.97 -43.85 62.47
CA GLY B 911 -0.09 -43.03 61.64
C GLY B 911 0.84 -43.88 60.79
N LEU B 912 0.34 -45.02 60.34
CA LEU B 912 1.08 -45.94 59.48
C LEU B 912 0.33 -46.16 58.19
N THR B 913 1.02 -46.79 57.23
CA THR B 913 0.37 -47.35 56.07
C THR B 913 -0.26 -48.66 56.48
N GLU B 914 -1.17 -49.13 55.64
CA GLU B 914 -1.76 -50.43 55.83
C GLU B 914 -0.68 -51.53 55.79
N ALA B 915 0.29 -51.41 54.90
CA ALA B 915 1.28 -52.47 54.73
C ALA B 915 2.08 -52.58 56.00
N GLN B 916 2.47 -51.43 56.51
CA GLN B 916 3.26 -51.34 57.74
C GLN B 916 2.54 -51.97 58.91
N THR B 917 1.24 -51.67 59.00
CA THR B 917 0.37 -52.14 60.06
C THR B 917 0.19 -53.66 59.97
N ARG B 918 0.01 -54.17 58.76
CA ARG B 918 -0.01 -55.63 58.55
C ARG B 918 1.30 -56.27 59.08
N GLU B 919 2.44 -55.70 58.68
CA GLU B 919 3.75 -56.16 59.15
C GLU B 919 3.89 -56.15 60.69
N LEU B 920 3.45 -55.05 61.30
CA LEU B 920 3.47 -54.90 62.75
C LEU B 920 2.64 -56.01 63.44
N ARG B 921 1.45 -56.27 62.90
CA ARG B 921 0.56 -57.28 63.47
C ARG B 921 1.16 -58.68 63.42
N LEU B 922 1.63 -59.07 62.24
CA LEU B 922 2.24 -60.39 62.04
C LEU B 922 3.48 -60.54 62.87
N LYS B 923 4.20 -59.42 63.09
CA LYS B 923 5.40 -59.44 63.93
C LYS B 923 5.05 -59.88 65.38
N LYS B 924 3.86 -59.49 65.87
CA LYS B 924 3.33 -59.98 67.15
C LYS B 924 2.59 -61.32 67.03
N ASN B 925 2.65 -61.95 65.86
CA ASN B 925 1.94 -63.22 65.60
C ASN B 925 0.43 -63.20 65.92
N ILE B 926 -0.21 -62.06 65.66
CA ILE B 926 -1.64 -61.94 65.79
C ILE B 926 -2.30 -62.15 64.40
N HIS B 927 -3.03 -63.25 64.23
CA HIS B 927 -3.61 -63.62 62.94
C HIS B 927 -5.00 -64.21 63.14
N PRO B 928 -5.81 -64.23 62.08
CA PRO B 928 -7.10 -64.89 62.30
C PRO B 928 -7.03 -66.41 62.17
N TRP B 929 -8.12 -67.06 62.54
CA TRP B 929 -8.20 -68.51 62.49
C TRP B 929 -9.35 -68.92 61.59
N VAL B 930 -9.23 -70.11 61.02
CA VAL B 930 -10.14 -70.59 59.98
C VAL B 930 -11.05 -71.57 60.65
N LYS B 931 -12.36 -71.31 60.57
CA LYS B 931 -13.38 -72.07 61.28
C LYS B 931 -14.44 -72.57 60.34
N GLN B 932 -14.98 -73.75 60.65
CA GLN B 932 -16.07 -74.33 59.88
C GLN B 932 -17.43 -73.94 60.40
N ILE B 933 -18.34 -73.84 59.44
CA ILE B 933 -19.77 -73.87 59.66
C ILE B 933 -20.14 -75.34 59.51
N ASP B 934 -20.56 -75.96 60.61
CA ASP B 934 -20.97 -77.36 60.54
C ASP B 934 -22.44 -77.63 60.87
N THR B 935 -23.22 -76.57 61.07
CA THR B 935 -24.66 -76.65 61.35
C THR B 935 -25.04 -77.07 62.76
N LEU B 936 -24.07 -77.56 63.54
CA LEU B 936 -24.36 -78.19 64.83
C LEU B 936 -23.46 -77.70 65.96
N ALA B 937 -22.83 -76.54 65.78
CA ALA B 937 -21.85 -76.00 66.73
C ALA B 937 -20.91 -77.09 67.29
N ALA B 938 -20.34 -77.86 66.36
CA ALA B 938 -19.30 -78.86 66.63
C ALA B 938 -19.80 -80.14 67.26
N GLU B 939 -21.11 -80.28 67.42
CA GLU B 939 -21.65 -81.50 68.02
C GLU B 939 -21.18 -82.68 67.18
N TYR B 940 -21.32 -82.55 65.86
CA TYR B 940 -20.77 -83.51 64.90
C TYR B 940 -19.85 -82.77 63.96
N PRO B 941 -18.75 -83.43 63.55
CA PRO B 941 -17.81 -82.77 62.63
C PRO B 941 -18.34 -82.66 61.20
N SER B 942 -17.79 -81.68 60.49
CA SER B 942 -18.17 -81.38 59.11
C SER B 942 -17.36 -82.23 58.13
N VAL B 943 -18.05 -82.85 57.17
CA VAL B 943 -17.39 -83.51 56.04
C VAL B 943 -17.08 -82.48 54.93
N THR B 944 -17.81 -81.37 54.91
CA THR B 944 -17.59 -80.31 53.94
C THR B 944 -16.63 -79.25 54.49
N ASN B 945 -16.22 -78.33 53.63
CA ASN B 945 -15.39 -77.21 54.08
C ASN B 945 -15.99 -75.86 53.71
N TYR B 946 -16.98 -75.48 54.49
CA TYR B 946 -17.66 -74.21 54.39
C TYR B 946 -17.07 -73.38 55.53
N LEU B 947 -16.35 -72.32 55.19
CA LEU B 947 -15.39 -71.68 56.09
C LEU B 947 -15.58 -70.19 56.20
N TYR B 948 -15.20 -69.66 57.37
CA TYR B 948 -15.08 -68.25 57.62
C TYR B 948 -13.84 -68.06 58.45
N VAL B 949 -13.45 -66.81 58.67
CA VAL B 949 -12.20 -66.51 59.35
C VAL B 949 -12.51 -65.59 60.52
N THR B 950 -11.85 -65.81 61.65
CA THR B 950 -12.16 -65.04 62.87
C THR B 950 -10.91 -64.86 63.72
N TYR B 951 -10.82 -63.71 64.39
CA TYR B 951 -9.78 -63.46 65.37
C TYR B 951 -10.12 -64.01 66.74
N ASN B 952 -11.35 -64.50 66.91
CA ASN B 952 -11.84 -65.00 68.21
C ASN B 952 -11.80 -66.52 68.25
N GLY B 953 -10.59 -67.05 68.24
CA GLY B 953 -10.37 -68.47 68.36
C GLY B 953 -8.92 -68.73 68.68
N GLN B 954 -8.58 -69.99 68.87
CA GLN B 954 -7.23 -70.36 69.22
C GLN B 954 -6.71 -71.50 68.34
N GLU B 955 -7.45 -71.84 67.30
CA GLU B 955 -7.04 -72.90 66.38
C GLU B 955 -7.81 -72.82 65.05
N HIS B 956 -7.30 -73.60 64.09
CA HIS B 956 -7.89 -73.78 62.79
C HIS B 956 -8.70 -75.06 62.80
N ASP B 957 -9.79 -75.09 62.05
CA ASP B 957 -10.60 -76.28 61.95
C ASP B 957 -10.24 -77.19 60.77
N VAL B 958 -9.24 -76.80 59.99
CA VAL B 958 -8.83 -77.62 58.82
C VAL B 958 -7.33 -77.57 58.64
N ASN B 959 -6.83 -78.42 57.75
CA ASN B 959 -5.45 -78.36 57.30
C ASN B 959 -5.30 -77.51 56.06
N PHE B 960 -4.04 -77.25 55.71
CA PHE B 960 -3.69 -76.45 54.56
C PHE B 960 -2.67 -77.19 53.70
N ASP B 961 -3.10 -78.36 53.23
CA ASP B 961 -2.27 -79.20 52.36
C ASP B 961 -2.69 -79.20 50.89
N ASP B 962 -3.90 -78.74 50.58
CA ASP B 962 -4.40 -78.77 49.20
C ASP B 962 -3.61 -77.85 48.28
N HIS B 963 -3.32 -76.64 48.74
CA HIS B 963 -2.68 -75.61 47.89
C HIS B 963 -3.46 -75.32 46.59
N GLY B 964 -4.78 -75.23 46.73
CA GLY B 964 -5.67 -75.08 45.61
C GLY B 964 -5.49 -73.78 44.86
N MET B 965 -6.26 -73.68 43.79
CA MET B 965 -6.35 -72.50 42.95
C MET B 965 -7.50 -71.62 43.46
N MET B 966 -7.17 -70.38 43.81
CA MET B 966 -8.17 -69.44 44.34
C MET B 966 -8.93 -68.74 43.23
N VAL B 967 -10.23 -68.63 43.41
CA VAL B 967 -11.08 -67.87 42.52
C VAL B 967 -11.84 -66.84 43.37
N LEU B 968 -11.71 -65.56 43.02
CA LEU B 968 -12.43 -64.49 43.71
C LEU B 968 -13.77 -64.20 43.05
N GLY B 969 -14.82 -64.07 43.87
CA GLY B 969 -16.16 -63.76 43.40
C GLY B 969 -16.45 -62.27 43.34
N CYS B 970 -17.72 -61.94 43.11
CA CYS B 970 -18.14 -60.61 42.70
C CYS B 970 -18.48 -59.67 43.85
N GLY B 971 -18.81 -60.19 45.01
CA GLY B 971 -19.24 -59.34 46.10
C GLY B 971 -20.72 -59.08 46.00
N PRO B 972 -21.23 -58.04 46.69
CA PRO B 972 -22.65 -57.76 46.56
C PRO B 972 -22.96 -57.34 45.14
N TYR B 973 -24.13 -57.73 44.65
CA TYR B 973 -24.61 -57.18 43.42
C TYR B 973 -24.91 -55.69 43.60
N HIS B 974 -24.73 -54.93 42.54
CA HIS B 974 -25.15 -53.55 42.54
C HIS B 974 -25.32 -53.23 41.08
N ILE B 975 -25.70 -52.00 40.78
CA ILE B 975 -26.00 -51.66 39.41
C ILE B 975 -24.73 -51.71 38.55
N GLY B 976 -24.78 -52.50 37.49
CA GLY B 976 -23.60 -52.69 36.66
C GLY B 976 -22.80 -53.92 36.99
N SER B 977 -23.19 -54.60 38.07
CA SER B 977 -22.46 -55.76 38.56
C SER B 977 -23.43 -56.78 39.20
N SER B 978 -23.87 -57.72 38.40
CA SER B 978 -24.96 -58.60 38.77
C SER B 978 -24.55 -60.07 38.62
N VAL B 979 -25.55 -60.92 38.49
CA VAL B 979 -25.35 -62.36 38.42
C VAL B 979 -24.45 -62.86 37.27
N GLU B 980 -24.33 -62.10 36.20
CA GLU B 980 -23.32 -62.42 35.17
C GLU B 980 -21.91 -62.68 35.72
N PHE B 981 -21.55 -61.99 36.79
CA PHE B 981 -20.22 -62.14 37.37
C PHE B 981 -20.18 -63.31 38.33
N ASP B 982 -21.35 -63.84 38.68
CA ASP B 982 -21.40 -65.12 39.36
C ASP B 982 -21.28 -66.24 38.35
N TRP B 983 -21.96 -66.09 37.22
CA TRP B 983 -21.83 -67.01 36.07
C TRP B 983 -20.36 -67.25 35.68
N CYS B 984 -19.65 -66.15 35.42
CA CYS B 984 -18.23 -66.22 35.05
C CYS B 984 -17.46 -66.97 36.12
N ALA B 985 -17.62 -66.54 37.37
CA ALA B 985 -16.90 -67.19 38.46
C ALA B 985 -17.21 -68.71 38.58
N VAL B 986 -18.49 -69.06 38.52
CA VAL B 986 -18.93 -70.47 38.65
C VAL B 986 -18.46 -71.32 37.46
N SER B 987 -18.46 -70.74 36.25
CA SER B 987 -17.93 -71.43 35.09
C SER B 987 -16.47 -71.80 35.34
N SER B 988 -15.73 -70.86 35.91
CA SER B 988 -14.32 -71.05 36.19
C SER B 988 -14.10 -72.12 37.27
N ILE B 989 -14.89 -72.04 38.35
CA ILE B 989 -14.88 -73.02 39.45
C ILE B 989 -15.22 -74.43 38.96
N ARG B 990 -16.21 -74.55 38.07
CA ARG B 990 -16.59 -75.85 37.48
C ARG B 990 -15.54 -76.39 36.52
N THR B 991 -14.93 -75.51 35.74
CA THR B 991 -13.84 -75.91 34.85
C THR B 991 -12.67 -76.48 35.63
N LEU B 992 -12.30 -75.81 36.71
CA LEU B 992 -11.19 -76.26 37.55
C LEU B 992 -11.52 -77.65 38.13
N ARG B 993 -12.71 -77.79 38.71
CA ARG B 993 -13.14 -79.10 39.22
C ARG B 993 -13.06 -80.19 38.15
N GLN B 994 -13.61 -79.91 36.98
CA GLN B 994 -13.66 -80.91 35.93
C GLN B 994 -12.25 -81.36 35.59
N LEU B 995 -11.29 -80.48 35.77
CA LEU B 995 -9.89 -80.81 35.48
C LEU B 995 -9.16 -81.38 36.68
N GLY B 996 -9.85 -81.74 37.75
CA GLY B 996 -9.22 -82.35 38.90
C GLY B 996 -8.30 -81.46 39.73
N LYS B 997 -8.50 -80.16 39.65
CA LYS B 997 -7.72 -79.17 40.40
C LYS B 997 -8.48 -78.77 41.67
N LYS B 998 -7.74 -78.60 42.76
CA LYS B 998 -8.33 -78.14 44.00
C LYS B 998 -8.63 -76.66 43.89
N THR B 999 -9.77 -76.26 44.45
CA THR B 999 -10.29 -74.91 44.30
C THR B 999 -10.54 -74.27 45.65
N VAL B 1000 -10.29 -72.97 45.72
CA VAL B 1000 -10.62 -72.17 46.89
C VAL B 1000 -11.39 -70.93 46.43
N VAL B 1001 -12.59 -70.76 46.94
CA VAL B 1001 -13.46 -69.67 46.54
C VAL B 1001 -13.63 -68.71 47.69
N VAL B 1002 -13.61 -67.42 47.38
CA VAL B 1002 -13.93 -66.39 48.35
C VAL B 1002 -14.99 -65.46 47.76
N ASN B 1003 -16.13 -65.37 48.42
CA ASN B 1003 -17.19 -64.45 48.03
C ASN B 1003 -18.12 -64.21 49.21
N CYS B 1004 -18.77 -63.06 49.25
CA CYS B 1004 -19.58 -62.65 50.40
C CYS B 1004 -21.03 -62.31 50.05
N ASN B 1005 -21.48 -62.80 48.91
CA ASN B 1005 -22.83 -62.53 48.45
C ASN B 1005 -23.69 -63.76 48.69
N PRO B 1006 -24.69 -63.63 49.60
CA PRO B 1006 -25.51 -64.75 49.99
C PRO B 1006 -26.39 -65.27 48.89
N GLU B 1007 -26.62 -64.49 47.84
CA GLU B 1007 -27.55 -64.87 46.75
C GLU B 1007 -26.96 -65.78 45.66
N THR B 1008 -25.66 -66.00 45.73
CA THR B 1008 -24.92 -66.60 44.65
C THR B 1008 -24.74 -68.11 44.77
N VAL B 1009 -24.66 -68.75 43.61
CA VAL B 1009 -24.27 -70.14 43.49
C VAL B 1009 -22.77 -70.32 43.76
N SER B 1010 -21.97 -69.27 43.54
CA SER B 1010 -20.56 -69.32 43.97
C SER B 1010 -20.39 -69.52 45.49
N THR B 1011 -21.37 -69.07 46.28
CA THR B 1011 -21.30 -69.26 47.71
C THR B 1011 -22.09 -70.48 48.15
N ASP B 1012 -22.26 -71.44 47.25
CA ASP B 1012 -22.81 -72.73 47.62
C ASP B 1012 -21.63 -73.70 47.74
N PHE B 1013 -21.56 -74.36 48.88
CA PHE B 1013 -20.38 -75.16 49.25
C PHE B 1013 -20.16 -76.41 48.38
N ASP B 1014 -21.18 -76.92 47.72
CA ASP B 1014 -20.99 -78.08 46.89
C ASP B 1014 -20.24 -77.80 45.57
N GLU B 1015 -19.92 -76.55 45.28
CA GLU B 1015 -19.23 -76.19 44.03
C GLU B 1015 -17.70 -76.23 44.10
N CYS B 1016 -17.13 -76.11 45.31
CA CYS B 1016 -15.67 -76.11 45.44
C CYS B 1016 -15.17 -76.88 46.64
N ASP B 1017 -13.87 -77.10 46.65
CA ASP B 1017 -13.25 -77.81 47.76
C ASP B 1017 -13.20 -76.94 49.02
N LYS B 1018 -12.96 -75.64 48.88
CA LYS B 1018 -12.96 -74.72 50.04
C LYS B 1018 -13.63 -73.38 49.77
N LEU B 1019 -14.77 -73.15 50.44
CA LEU B 1019 -15.51 -71.92 50.30
C LEU B 1019 -15.27 -71.10 51.54
N TYR B 1020 -14.64 -69.95 51.38
CA TYR B 1020 -14.53 -68.96 52.43
C TYR B 1020 -15.59 -67.93 52.17
N PHE B 1021 -16.56 -67.84 53.05
CA PHE B 1021 -17.56 -66.83 52.96
C PHE B 1021 -16.98 -65.60 53.65
N GLU B 1022 -16.20 -64.82 52.91
CA GLU B 1022 -15.35 -63.79 53.51
C GLU B 1022 -15.22 -62.48 52.74
N GLU B 1023 -14.67 -61.45 53.40
CA GLU B 1023 -14.42 -60.16 52.75
C GLU B 1023 -13.53 -60.35 51.53
N LEU B 1024 -13.79 -59.54 50.52
CA LEU B 1024 -12.94 -59.48 49.35
C LEU B 1024 -12.04 -58.27 49.51
N SER B 1025 -11.32 -58.20 50.63
CA SER B 1025 -10.32 -57.17 50.86
C SER B 1025 -8.92 -57.71 50.61
N LEU B 1026 -8.00 -56.81 50.24
CA LEU B 1026 -6.58 -57.17 50.22
C LEU B 1026 -6.20 -57.86 51.53
N GLU B 1027 -6.52 -57.24 52.64
CA GLU B 1027 -6.17 -57.82 53.93
C GLU B 1027 -6.59 -59.30 54.01
N ARG B 1028 -7.86 -59.56 53.75
CA ARG B 1028 -8.46 -60.88 54.00
C ARG B 1028 -8.12 -61.90 52.91
N ILE B 1029 -7.98 -61.46 51.69
CA ILE B 1029 -7.51 -62.36 50.65
C ILE B 1029 -6.06 -62.81 50.92
N LEU B 1030 -5.23 -61.88 51.37
CA LEU B 1030 -3.86 -62.21 51.71
C LEU B 1030 -3.84 -63.20 52.85
N ASP B 1031 -4.68 -62.94 53.85
CA ASP B 1031 -4.79 -63.84 54.99
C ASP B 1031 -5.02 -65.26 54.44
N ILE B 1032 -6.04 -65.41 53.59
CA ILE B 1032 -6.48 -66.74 53.12
C ILE B 1032 -5.50 -67.38 52.15
N TYR B 1033 -5.06 -66.61 51.13
CA TYR B 1033 -4.07 -67.08 50.16
C TYR B 1033 -2.82 -67.62 50.87
N HIS B 1034 -2.29 -66.84 51.81
CA HIS B 1034 -1.06 -67.22 52.47
C HIS B 1034 -1.24 -68.37 53.43
N GLN B 1035 -2.44 -68.47 54.01
CA GLN B 1035 -2.74 -69.51 54.96
C GLN B 1035 -2.92 -70.86 54.23
N GLU B 1036 -3.55 -70.82 53.08
CA GLU B 1036 -3.72 -72.03 52.26
C GLU B 1036 -2.46 -72.38 51.49
N ALA B 1037 -1.56 -71.39 51.32
CA ALA B 1037 -0.47 -71.44 50.34
C ALA B 1037 -1.06 -71.91 49.01
N CYS B 1038 -1.97 -71.08 48.49
CA CYS B 1038 -2.64 -71.37 47.22
C CYS B 1038 -1.61 -71.33 46.12
N GLY B 1039 -1.80 -72.16 45.11
CA GLY B 1039 -0.94 -72.21 43.95
C GLY B 1039 -1.10 -70.99 43.07
N GLY B 1040 -2.26 -70.33 43.15
CA GLY B 1040 -2.47 -69.12 42.40
C GLY B 1040 -3.84 -68.59 42.68
N CYS B 1041 -4.16 -67.47 42.02
CA CYS B 1041 -5.42 -66.79 42.21
C CYS B 1041 -5.91 -66.32 40.87
N ILE B 1042 -7.21 -66.53 40.59
CA ILE B 1042 -7.85 -66.01 39.39
C ILE B 1042 -8.69 -64.76 39.71
N ILE B 1043 -8.26 -63.61 39.21
CA ILE B 1043 -8.89 -62.32 39.54
C ILE B 1043 -9.71 -61.70 38.43
N SER B 1044 -9.98 -62.48 37.38
CA SER B 1044 -10.54 -61.96 36.13
C SER B 1044 -11.96 -62.45 35.83
N VAL B 1045 -12.58 -63.15 36.77
CA VAL B 1045 -13.93 -63.66 36.51
C VAL B 1045 -14.95 -63.23 37.55
N GLY B 1046 -14.69 -62.13 38.26
CA GLY B 1046 -15.64 -61.60 39.24
C GLY B 1046 -15.86 -60.08 39.22
N GLY B 1047 -15.77 -59.47 38.04
CA GLY B 1047 -15.95 -58.04 37.91
C GLY B 1047 -14.86 -57.18 38.50
N GLN B 1048 -15.26 -55.99 38.92
CA GLN B 1048 -14.35 -54.91 39.35
C GLN B 1048 -13.55 -55.18 40.65
N ILE B 1049 -14.23 -55.57 41.72
CA ILE B 1049 -13.57 -55.83 42.99
C ILE B 1049 -12.25 -56.63 42.80
N PRO B 1050 -12.33 -57.88 42.32
CA PRO B 1050 -11.09 -58.64 42.29
C PRO B 1050 -10.06 -58.06 41.37
N ASN B 1051 -10.53 -57.54 40.23
CA ASN B 1051 -9.63 -56.93 39.25
C ASN B 1051 -8.86 -55.76 39.82
N ASN B 1052 -9.50 -54.96 40.67
CA ASN B 1052 -8.81 -53.83 41.29
C ASN B 1052 -7.78 -54.22 42.31
N LEU B 1053 -7.83 -55.45 42.78
CA LEU B 1053 -6.81 -55.96 43.68
C LEU B 1053 -5.58 -56.53 42.94
N ALA B 1054 -5.63 -56.56 41.62
CA ALA B 1054 -4.61 -57.27 40.85
C ALA B 1054 -3.20 -56.86 41.28
N VAL B 1055 -2.93 -55.56 41.25
CA VAL B 1055 -1.59 -55.06 41.54
C VAL B 1055 -1.22 -55.21 43.02
N PRO B 1056 -2.07 -54.74 43.95
CA PRO B 1056 -1.79 -54.99 45.38
C PRO B 1056 -1.49 -56.45 45.72
N LEU B 1057 -2.21 -57.38 45.10
CA LEU B 1057 -1.96 -58.80 45.30
C LEU B 1057 -0.62 -59.22 44.74
N TYR B 1058 -0.38 -58.86 43.49
CA TYR B 1058 0.89 -59.11 42.83
C TYR B 1058 2.04 -58.74 43.76
N LYS B 1059 1.97 -57.51 44.28
CA LYS B 1059 2.99 -56.96 45.18
C LYS B 1059 3.13 -57.63 46.53
N ASN B 1060 2.15 -58.42 46.93
CA ASN B 1060 2.21 -59.14 48.19
C ASN B 1060 2.33 -60.64 47.96
N GLY B 1061 3.11 -61.01 46.95
CA GLY B 1061 3.49 -62.39 46.74
C GLY B 1061 2.41 -63.34 46.24
N VAL B 1062 1.34 -62.80 45.68
CA VAL B 1062 0.26 -63.65 45.17
C VAL B 1062 0.49 -63.93 43.69
N LYS B 1063 0.40 -65.19 43.33
CA LYS B 1063 0.55 -65.57 41.95
C LYS B 1063 -0.80 -65.45 41.24
N ILE B 1064 -0.85 -64.50 40.32
CA ILE B 1064 -2.02 -64.18 39.52
C ILE B 1064 -1.99 -64.99 38.23
N MET B 1065 -3.07 -65.70 37.92
CA MET B 1065 -3.12 -66.50 36.72
C MET B 1065 -3.59 -65.67 35.52
N GLY B 1066 -2.95 -65.87 34.38
CA GLY B 1066 -3.31 -65.15 33.18
C GLY B 1066 -2.62 -63.83 33.03
N THR B 1067 -3.32 -62.90 32.37
CA THR B 1067 -2.82 -61.56 32.06
C THR B 1067 -2.22 -60.86 33.26
N SER B 1068 -0.97 -60.42 33.10
CA SER B 1068 -0.22 -59.79 34.18
C SER B 1068 -0.95 -58.56 34.75
N PRO B 1069 -0.87 -58.38 36.07
CA PRO B 1069 -1.39 -57.15 36.67
C PRO B 1069 -0.68 -55.90 36.17
N LEU B 1070 0.56 -56.04 35.71
CA LEU B 1070 1.30 -54.95 35.09
C LEU B 1070 0.58 -54.49 33.82
N GLN B 1071 0.04 -55.44 33.08
CA GLN B 1071 -0.74 -55.15 31.87
C GLN B 1071 -2.11 -54.57 32.17
N ILE B 1072 -2.73 -55.03 33.25
CA ILE B 1072 -4.01 -54.48 33.65
C ILE B 1072 -3.85 -53.04 34.10
N ASP B 1073 -2.71 -52.74 34.71
CA ASP B 1073 -2.44 -51.37 35.11
C ASP B 1073 -2.27 -50.53 33.85
N ARG B 1074 -1.37 -50.95 32.96
CA ARG B 1074 -1.10 -50.23 31.72
C ARG B 1074 -2.41 -49.89 31.04
N ALA B 1075 -3.34 -50.86 30.99
CA ALA B 1075 -4.60 -50.69 30.25
C ALA B 1075 -5.65 -49.80 30.95
N GLU B 1076 -5.66 -49.75 32.28
CA GLU B 1076 -6.55 -48.80 32.96
C GLU B 1076 -5.91 -47.40 33.06
N ASP B 1077 -4.66 -47.25 32.62
CA ASP B 1077 -4.01 -45.92 32.61
C ASP B 1077 -4.32 -45.24 31.28
N ARG B 1078 -5.29 -44.36 31.31
CA ARG B 1078 -5.81 -43.77 30.10
C ARG B 1078 -4.72 -43.25 29.16
N SER B 1079 -3.65 -42.71 29.74
CA SER B 1079 -2.58 -42.10 28.93
C SER B 1079 -1.69 -43.14 28.23
N ILE B 1080 -1.35 -44.20 28.96
CA ILE B 1080 -0.56 -45.30 28.45
C ILE B 1080 -1.36 -46.07 27.39
N PHE B 1081 -2.60 -46.33 27.73
CA PHE B 1081 -3.49 -47.04 26.84
C PHE B 1081 -3.63 -46.33 25.50
N SER B 1082 -3.95 -45.05 25.59
CA SER B 1082 -4.07 -44.20 24.42
C SER B 1082 -2.80 -44.14 23.60
N ALA B 1083 -1.66 -44.07 24.26
CA ALA B 1083 -0.38 -43.97 23.54
C ALA B 1083 -0.08 -45.26 22.82
N VAL B 1084 -0.37 -46.38 23.47
CA VAL B 1084 -0.32 -47.69 22.85
C VAL B 1084 -1.20 -47.76 21.60
N LEU B 1085 -2.46 -47.31 21.70
CA LEU B 1085 -3.33 -47.27 20.54
C LEU B 1085 -2.73 -46.43 19.41
N ASP B 1086 -2.14 -45.27 19.73
CA ASP B 1086 -1.54 -44.45 18.65
C ASP B 1086 -0.44 -45.26 17.99
N GLU B 1087 0.39 -45.90 18.78
CA GLU B 1087 1.47 -46.68 18.22
C GLU B 1087 0.91 -47.74 17.24
N LEU B 1088 -0.19 -48.37 17.63
CA LEU B 1088 -0.79 -49.45 16.85
C LEU B 1088 -1.61 -48.95 15.69
N LYS B 1089 -1.73 -47.62 15.59
CA LYS B 1089 -2.59 -46.97 14.63
C LYS B 1089 -4.04 -47.34 14.82
N VAL B 1090 -4.51 -47.35 16.06
CA VAL B 1090 -5.91 -47.71 16.29
C VAL B 1090 -6.61 -46.46 16.75
N ALA B 1091 -7.74 -46.16 16.15
CA ALA B 1091 -8.35 -44.86 16.39
C ALA B 1091 -9.16 -44.83 17.68
N GLN B 1092 -9.38 -43.61 18.17
CA GLN B 1092 -10.12 -43.36 19.38
C GLN B 1092 -10.59 -41.92 19.37
N ALA B 1093 -11.59 -41.63 20.18
CA ALA B 1093 -12.11 -40.29 20.27
C ALA B 1093 -11.05 -39.39 20.92
N PRO B 1094 -10.84 -38.19 20.34
CA PRO B 1094 -10.02 -37.17 20.96
C PRO B 1094 -10.38 -37.00 22.42
N TRP B 1095 -9.38 -36.90 23.26
CA TRP B 1095 -9.64 -36.72 24.67
C TRP B 1095 -8.51 -35.90 25.28
N LYS B 1096 -8.72 -35.39 26.49
CA LYS B 1096 -7.68 -34.71 27.22
C LYS B 1096 -7.99 -34.55 28.70
N ALA B 1097 -6.98 -34.73 29.55
CA ALA B 1097 -7.09 -34.41 30.97
C ALA B 1097 -6.76 -32.94 31.16
N VAL B 1098 -7.56 -32.25 31.97
CA VAL B 1098 -7.37 -30.81 32.20
C VAL B 1098 -7.54 -30.47 33.68
N ASN B 1099 -6.90 -29.38 34.10
CA ASN B 1099 -7.00 -28.87 35.46
C ASN B 1099 -7.59 -27.44 35.53
N THR B 1100 -7.89 -26.84 34.39
CA THR B 1100 -8.49 -25.51 34.30
C THR B 1100 -9.79 -25.51 33.49
N LEU B 1101 -10.65 -24.55 33.77
CA LEU B 1101 -11.79 -24.25 32.92
C LEU B 1101 -11.36 -23.80 31.52
N ASN B 1102 -10.27 -23.03 31.42
CA ASN B 1102 -9.83 -22.52 30.12
C ASN B 1102 -9.24 -23.59 29.21
N GLU B 1103 -8.66 -24.63 29.83
CA GLU B 1103 -8.17 -25.78 29.07
C GLU B 1103 -9.38 -26.54 28.56
N ALA B 1104 -10.30 -26.84 29.47
CA ALA B 1104 -11.59 -27.44 29.11
C ALA B 1104 -12.19 -26.77 27.90
N LEU B 1105 -12.49 -25.49 28.03
CA LEU B 1105 -13.21 -24.76 27.01
C LEU B 1105 -12.44 -24.72 25.70
N GLU B 1106 -11.12 -24.59 25.81
CA GLU B 1106 -10.25 -24.59 24.64
C GLU B 1106 -10.33 -25.91 23.88
N PHE B 1107 -10.27 -27.01 24.63
CA PHE B 1107 -10.31 -28.36 24.04
C PHE B 1107 -11.67 -28.65 23.42
N ALA B 1108 -12.73 -28.44 24.19
CA ALA B 1108 -14.10 -28.61 23.70
C ALA B 1108 -14.36 -27.78 22.47
N LYS B 1109 -13.81 -26.57 22.44
CA LYS B 1109 -13.85 -25.77 21.23
C LYS B 1109 -13.04 -26.40 20.10
N SER B 1110 -11.89 -26.97 20.41
CA SER B 1110 -11.01 -27.50 19.38
C SER B 1110 -11.54 -28.79 18.72
N VAL B 1111 -12.45 -29.51 19.39
CA VAL B 1111 -13.04 -30.74 18.84
C VAL B 1111 -14.55 -30.67 18.56
N ASP B 1112 -15.20 -29.60 19.04
CA ASP B 1112 -16.65 -29.38 18.94
C ASP B 1112 -17.44 -30.11 20.01
N TYR B 1113 -18.41 -29.41 20.57
CA TYR B 1113 -19.39 -30.02 21.46
C TYR B 1113 -20.28 -30.99 20.65
N PRO B 1114 -20.84 -32.00 21.29
CA PRO B 1114 -20.73 -32.24 22.74
C PRO B 1114 -19.44 -32.98 23.19
N CYS B 1115 -19.22 -33.00 24.52
CA CYS B 1115 -18.07 -33.62 25.15
C CYS B 1115 -18.47 -34.42 26.37
N LEU B 1116 -17.92 -35.62 26.52
CA LEU B 1116 -18.07 -36.36 27.77
C LEU B 1116 -17.13 -35.77 28.81
N LEU B 1117 -17.49 -35.98 30.07
CA LEU B 1117 -16.80 -35.38 31.19
C LEU B 1117 -16.72 -36.35 32.37
N ARG B 1118 -15.51 -36.66 32.82
CA ARG B 1118 -15.29 -37.52 34.00
C ARG B 1118 -14.44 -36.80 35.04
N PRO B 1119 -15.09 -36.29 36.09
CA PRO B 1119 -14.35 -35.69 37.17
C PRO B 1119 -14.09 -36.68 38.31
N ALA B 1127 -20.03 -40.18 38.61
CA ALA B 1127 -20.64 -39.19 37.78
C ALA B 1127 -19.81 -38.89 36.51
N MET B 1128 -20.26 -39.57 35.49
CA MET B 1128 -19.98 -39.26 34.11
C MET B 1128 -21.03 -38.25 33.70
N ASN B 1129 -20.74 -37.43 32.70
CA ASN B 1129 -21.65 -36.39 32.29
C ASN B 1129 -21.31 -35.78 30.95
N VAL B 1130 -22.32 -35.56 30.11
CA VAL B 1130 -22.12 -34.97 28.77
C VAL B 1130 -22.51 -33.51 28.84
N VAL B 1131 -21.90 -32.65 28.02
CA VAL B 1131 -22.33 -31.25 27.91
C VAL B 1131 -22.27 -30.77 26.46
N PHE B 1132 -23.21 -29.90 26.11
CA PHE B 1132 -23.42 -29.51 24.71
C PHE B 1132 -23.04 -28.09 24.37
N SER B 1133 -22.59 -27.34 25.38
CA SER B 1133 -22.29 -25.91 25.23
C SER B 1133 -21.24 -25.41 26.24
N GLU B 1134 -20.69 -24.24 25.93
CA GLU B 1134 -19.82 -23.48 26.86
C GLU B 1134 -20.46 -23.24 28.22
N ASP B 1135 -21.75 -22.91 28.24
CA ASP B 1135 -22.41 -22.55 29.49
C ASP B 1135 -22.71 -23.81 30.29
N GLU B 1136 -23.13 -24.84 29.58
CA GLU B 1136 -23.53 -26.10 30.21
C GLU B 1136 -22.36 -26.65 31.00
N MET B 1137 -21.15 -26.41 30.49
CA MET B 1137 -19.93 -26.92 31.10
C MET B 1137 -19.57 -26.15 32.35
N LYS B 1138 -19.37 -24.84 32.20
CA LYS B 1138 -19.06 -23.96 33.32
C LYS B 1138 -19.88 -24.33 34.53
N LYS B 1139 -21.19 -24.49 34.34
CA LYS B 1139 -22.09 -24.80 35.45
C LYS B 1139 -22.06 -26.26 35.96
N PHE B 1140 -21.42 -27.18 35.22
CA PHE B 1140 -21.17 -28.52 35.74
C PHE B 1140 -19.93 -28.54 36.62
N LEU B 1141 -18.84 -27.94 36.11
CA LEU B 1141 -17.55 -27.84 36.83
C LEU B 1141 -17.62 -27.05 38.13
N GLU B 1142 -18.19 -25.85 38.06
CA GLU B 1142 -18.47 -25.01 39.23
C GLU B 1142 -19.30 -25.78 40.28
N GLU B 1143 -19.62 -27.05 39.99
CA GLU B 1143 -20.02 -28.03 41.00
C GLU B 1143 -19.19 -29.36 41.01
N ALA B 1144 -17.86 -29.21 40.92
CA ALA B 1144 -16.86 -30.32 41.08
C ALA B 1144 -15.46 -29.85 40.68
N HIS B 1151 -6.97 -32.41 41.27
CA HIS B 1151 -8.33 -32.84 40.90
C HIS B 1151 -8.66 -32.51 39.43
N PRO B 1152 -8.07 -33.23 38.47
CA PRO B 1152 -8.29 -32.93 37.06
C PRO B 1152 -9.50 -33.67 36.46
N VAL B 1153 -10.03 -33.08 35.39
CA VAL B 1153 -11.20 -33.65 34.70
C VAL B 1153 -10.83 -34.10 33.29
N VAL B 1154 -11.19 -35.36 32.99
CA VAL B 1154 -11.00 -35.93 31.66
C VAL B 1154 -12.15 -35.52 30.74
N LEU B 1155 -11.79 -35.07 29.53
CA LEU B 1155 -12.74 -34.68 28.53
C LEU B 1155 -12.59 -35.55 27.32
N THR B 1156 -13.70 -35.97 26.74
CA THR B 1156 -13.70 -36.80 25.56
C THR B 1156 -14.70 -36.32 24.52
N LYS B 1157 -14.31 -36.31 23.26
CA LYS B 1157 -15.28 -35.97 22.22
C LYS B 1157 -16.40 -37.02 22.24
N PHE B 1158 -17.64 -36.55 22.44
CA PHE B 1158 -18.82 -37.36 22.30
C PHE B 1158 -19.14 -37.49 20.81
N VAL B 1159 -19.07 -38.70 20.28
CA VAL B 1159 -19.39 -38.92 18.86
C VAL B 1159 -20.88 -39.23 18.68
N GLU B 1160 -21.56 -38.38 17.95
CA GLU B 1160 -22.99 -38.49 17.76
C GLU B 1160 -23.33 -39.39 16.59
N GLY B 1161 -24.48 -40.04 16.66
CA GLY B 1161 -25.00 -40.79 15.53
C GLY B 1161 -24.19 -42.04 15.25
N ALA B 1162 -23.66 -42.61 16.32
CA ALA B 1162 -22.70 -43.68 16.18
C ALA B 1162 -23.27 -45.00 16.69
N ARG B 1163 -22.91 -46.09 16.01
CA ARG B 1163 -23.25 -47.41 16.47
C ARG B 1163 -22.24 -47.77 17.56
N GLU B 1164 -22.61 -48.74 18.39
CA GLU B 1164 -21.71 -49.25 19.41
C GLU B 1164 -21.67 -50.76 19.30
N VAL B 1165 -20.46 -51.29 19.43
CA VAL B 1165 -20.17 -52.68 19.17
C VAL B 1165 -19.37 -53.21 20.35
N GLU B 1166 -19.67 -54.42 20.80
CA GLU B 1166 -18.91 -55.09 21.87
C GLU B 1166 -18.06 -56.22 21.27
N MET B 1167 -16.80 -56.29 21.66
CA MET B 1167 -15.98 -57.41 21.32
C MET B 1167 -15.73 -58.17 22.63
N ASP B 1168 -16.23 -59.40 22.73
CA ASP B 1168 -15.94 -60.25 23.89
C ASP B 1168 -15.00 -61.33 23.42
N ALA B 1169 -13.91 -61.53 24.14
CA ALA B 1169 -12.85 -62.37 23.63
C ALA B 1169 -12.01 -63.04 24.71
N VAL B 1170 -11.28 -64.07 24.28
CA VAL B 1170 -10.29 -64.73 25.09
C VAL B 1170 -8.96 -64.75 24.37
N GLY B 1171 -7.92 -64.41 25.11
CA GLY B 1171 -6.58 -64.36 24.58
C GLY B 1171 -5.76 -65.51 25.13
N LYS B 1172 -4.84 -65.97 24.31
CA LYS B 1172 -3.82 -66.89 24.73
C LYS B 1172 -2.48 -66.42 24.20
N ASP B 1173 -1.57 -66.06 25.11
CA ASP B 1173 -0.25 -65.49 24.76
C ASP B 1173 -0.34 -64.37 23.74
N GLY B 1174 -1.30 -63.47 23.94
CA GLY B 1174 -1.48 -62.35 23.04
C GLY B 1174 -2.25 -62.62 21.74
N ARG B 1175 -2.58 -63.87 21.44
CA ARG B 1175 -3.47 -64.18 20.32
C ARG B 1175 -4.89 -64.37 20.80
N VAL B 1176 -5.85 -64.01 19.95
CA VAL B 1176 -7.28 -64.18 20.24
C VAL B 1176 -7.76 -65.55 19.79
N ILE B 1177 -8.25 -66.38 20.69
CA ILE B 1177 -8.69 -67.72 20.31
C ILE B 1177 -10.19 -67.94 20.50
N SER B 1178 -10.90 -66.91 20.94
CA SER B 1178 -12.36 -66.93 20.92
C SER B 1178 -12.82 -65.54 20.92
N HIS B 1179 -13.86 -65.24 20.16
CA HIS B 1179 -14.41 -63.89 20.14
C HIS B 1179 -15.85 -63.83 19.63
N ALA B 1180 -16.52 -62.75 19.94
CA ALA B 1180 -17.88 -62.55 19.56
C ALA B 1180 -18.19 -61.05 19.50
N ILE B 1181 -18.75 -60.62 18.38
CA ILE B 1181 -19.11 -59.25 18.17
C ILE B 1181 -20.63 -59.05 18.20
N SER B 1182 -21.10 -58.13 19.05
CA SER B 1182 -22.52 -57.77 19.08
C SER B 1182 -22.75 -56.28 18.91
N GLU B 1183 -23.91 -55.91 18.36
CA GLU B 1183 -24.28 -54.53 18.05
C GLU B 1183 -25.42 -54.10 18.99
N HIS B 1184 -25.33 -52.90 19.53
CA HIS B 1184 -26.42 -52.38 20.32
C HIS B 1184 -27.51 -51.93 19.37
N VAL B 1185 -28.75 -52.01 19.81
CA VAL B 1185 -29.85 -51.39 19.09
C VAL B 1185 -29.65 -49.87 19.13
N GLU B 1186 -29.27 -49.36 20.31
CA GLU B 1186 -29.18 -47.93 20.59
C GLU B 1186 -27.86 -47.40 20.09
N ASP B 1187 -27.85 -46.11 19.75
CA ASP B 1187 -26.62 -45.40 19.37
C ASP B 1187 -25.73 -45.21 20.60
N ALA B 1188 -24.43 -45.01 20.39
CA ALA B 1188 -23.52 -44.72 21.50
C ALA B 1188 -24.10 -43.55 22.28
N GLY B 1189 -23.99 -43.61 23.60
CA GLY B 1189 -24.64 -42.63 24.44
C GLY B 1189 -25.53 -43.30 25.45
N VAL B 1190 -26.15 -44.40 25.07
CA VAL B 1190 -26.72 -45.30 26.05
C VAL B 1190 -25.63 -46.25 26.49
N HIS B 1191 -25.46 -46.39 27.80
CA HIS B 1191 -24.42 -47.25 28.38
C HIS B 1191 -24.61 -48.73 28.02
N SER B 1192 -23.50 -49.42 27.73
CA SER B 1192 -23.50 -50.85 27.37
C SER B 1192 -24.49 -51.68 28.13
N GLY B 1193 -24.47 -51.55 29.45
CA GLY B 1193 -25.35 -52.30 30.32
C GLY B 1193 -26.81 -51.94 30.28
N ASP B 1194 -27.15 -50.77 29.75
CA ASP B 1194 -28.56 -50.41 29.57
C ASP B 1194 -29.02 -50.71 28.15
N ALA B 1195 -28.09 -51.19 27.32
CA ALA B 1195 -28.28 -51.35 25.87
C ALA B 1195 -28.88 -52.70 25.57
N THR B 1196 -29.59 -52.74 24.45
CA THR B 1196 -30.13 -53.97 23.92
C THR B 1196 -29.16 -54.51 22.87
N LEU B 1197 -28.75 -55.76 23.03
CA LEU B 1197 -27.66 -56.32 22.22
C LEU B 1197 -28.17 -57.30 21.20
N MET B 1198 -27.65 -57.18 19.99
CA MET B 1198 -27.97 -58.08 18.92
C MET B 1198 -26.72 -58.89 18.63
N LEU B 1199 -26.90 -60.17 18.44
CA LEU B 1199 -25.82 -61.04 18.03
C LEU B 1199 -26.36 -62.04 16.98
N PRO B 1200 -25.70 -62.22 15.82
CA PRO B 1200 -24.57 -61.43 15.32
C PRO B 1200 -24.94 -60.00 14.88
N THR B 1201 -24.00 -59.24 14.35
CA THR B 1201 -24.29 -57.83 14.04
C THR B 1201 -25.28 -57.75 12.90
N GLN B 1202 -25.93 -56.62 12.80
CA GLN B 1202 -27.07 -56.44 11.88
C GLN B 1202 -26.87 -55.35 10.83
N THR B 1203 -26.28 -54.21 11.21
CA THR B 1203 -26.21 -53.07 10.32
C THR B 1203 -24.78 -52.51 10.18
N ILE B 1204 -23.79 -53.26 10.65
CA ILE B 1204 -22.38 -52.88 10.57
C ILE B 1204 -21.76 -53.32 9.24
N SER B 1205 -20.93 -52.47 8.67
CA SER B 1205 -20.29 -52.75 7.39
C SER B 1205 -19.27 -53.82 7.61
N GLN B 1206 -18.93 -54.55 6.56
CA GLN B 1206 -17.98 -55.64 6.69
C GLN B 1206 -16.60 -55.13 6.96
N GLY B 1207 -16.28 -53.98 6.37
CA GLY B 1207 -14.99 -53.35 6.62
C GLY B 1207 -14.82 -52.94 8.07
N ALA B 1208 -15.87 -52.40 8.70
CA ALA B 1208 -15.80 -52.06 10.11
C ALA B 1208 -15.54 -53.29 10.97
N ILE B 1209 -16.14 -54.42 10.61
CA ILE B 1209 -15.94 -55.63 11.38
C ILE B 1209 -14.48 -55.99 11.26
N GLU B 1210 -13.92 -55.87 10.06
CA GLU B 1210 -12.51 -56.19 9.88
C GLU B 1210 -11.67 -55.30 10.75
N LYS B 1211 -12.01 -54.03 10.81
CA LYS B 1211 -11.29 -53.13 11.73
C LYS B 1211 -11.46 -53.51 13.19
N VAL B 1212 -12.69 -53.74 13.62
CA VAL B 1212 -12.91 -54.22 14.99
C VAL B 1212 -12.02 -55.41 15.30
N LYS B 1213 -11.98 -56.36 14.38
CA LYS B 1213 -11.13 -57.54 14.56
C LYS B 1213 -9.65 -57.20 14.57
N ASP B 1214 -9.20 -56.32 13.68
CA ASP B 1214 -7.77 -56.06 13.60
C ASP B 1214 -7.33 -55.33 14.86
N ALA B 1215 -8.15 -54.42 15.32
CA ALA B 1215 -7.81 -53.68 16.50
C ALA B 1215 -7.74 -54.63 17.69
N THR B 1216 -8.64 -55.59 17.74
CA THR B 1216 -8.60 -56.55 18.82
C THR B 1216 -7.35 -57.44 18.75
N ARG B 1217 -6.91 -57.81 17.54
CA ARG B 1217 -5.68 -58.58 17.39
C ARG B 1217 -4.50 -57.79 17.97
N LYS B 1218 -4.41 -56.51 17.64
CA LYS B 1218 -3.30 -55.73 18.09
C LYS B 1218 -3.30 -55.43 19.57
N ILE B 1219 -4.48 -55.18 20.13
CA ILE B 1219 -4.62 -54.97 21.57
C ILE B 1219 -4.27 -56.20 22.39
N ALA B 1220 -4.78 -57.35 22.01
CA ALA B 1220 -4.43 -58.61 22.69
C ALA B 1220 -2.92 -58.81 22.71
N LYS B 1221 -2.24 -58.48 21.62
CA LYS B 1221 -0.83 -58.66 21.55
C LYS B 1221 -0.09 -57.64 22.37
N ALA B 1222 -0.50 -56.36 22.29
CA ALA B 1222 0.17 -55.26 23.03
C ALA B 1222 0.14 -55.45 24.55
N PHE B 1223 -0.88 -56.12 25.05
CA PHE B 1223 -1.04 -56.34 26.48
C PHE B 1223 -0.89 -57.78 26.88
N ALA B 1224 -0.29 -58.57 25.98
CA ALA B 1224 0.01 -60.00 26.23
C ALA B 1224 -1.12 -60.69 26.97
N ILE B 1225 -2.32 -60.63 26.38
CA ILE B 1225 -3.48 -61.11 27.09
C ILE B 1225 -3.54 -62.63 27.07
N SER B 1226 -3.77 -63.20 28.25
CA SER B 1226 -3.97 -64.64 28.45
C SER B 1226 -5.13 -64.74 29.40
N GLY B 1227 -6.32 -64.77 28.85
CA GLY B 1227 -7.51 -64.80 29.66
C GLY B 1227 -8.59 -64.04 28.96
N PRO B 1228 -9.66 -63.76 29.69
CA PRO B 1228 -10.79 -63.08 29.12
C PRO B 1228 -10.57 -61.57 29.09
N PHE B 1229 -11.18 -60.93 28.10
CA PHE B 1229 -11.17 -59.48 28.00
C PHE B 1229 -12.29 -59.01 27.12
N ASN B 1230 -12.42 -57.69 27.00
CA ASN B 1230 -13.45 -57.06 26.22
C ASN B 1230 -13.00 -55.70 25.72
N VAL B 1231 -13.46 -55.31 24.56
CA VAL B 1231 -13.17 -54.00 24.00
C VAL B 1231 -14.47 -53.44 23.48
N GLN B 1232 -14.75 -52.18 23.79
CA GLN B 1232 -15.95 -51.54 23.30
C GLN B 1232 -15.57 -50.57 22.20
N PHE B 1233 -16.39 -50.52 21.14
CA PHE B 1233 -16.10 -49.71 19.97
C PHE B 1233 -17.24 -48.75 19.59
N LEU B 1234 -16.89 -47.55 19.13
CA LEU B 1234 -17.79 -46.72 18.34
C LEU B 1234 -17.56 -47.04 16.89
N VAL B 1235 -18.65 -47.14 16.12
CA VAL B 1235 -18.59 -47.36 14.70
C VAL B 1235 -19.47 -46.38 13.99
N LYS B 1236 -18.91 -45.71 13.00
CA LYS B 1236 -19.67 -44.77 12.20
C LYS B 1236 -19.21 -44.92 10.77
N GLY B 1237 -19.90 -45.76 10.03
CA GLY B 1237 -19.54 -46.12 8.68
C GLY B 1237 -18.38 -47.08 8.71
N ASN B 1238 -17.20 -46.60 8.35
CA ASN B 1238 -15.98 -47.37 8.45
C ASN B 1238 -15.02 -46.83 9.50
N ASP B 1239 -15.31 -45.66 10.10
CA ASP B 1239 -14.57 -45.21 11.28
C ASP B 1239 -14.89 -46.10 12.44
N VAL B 1240 -13.86 -46.76 12.94
CA VAL B 1240 -13.97 -47.61 14.09
C VAL B 1240 -13.06 -47.05 15.15
N LEU B 1241 -13.65 -46.61 16.28
CA LEU B 1241 -12.92 -46.03 17.42
C LEU B 1241 -13.01 -46.91 18.68
N VAL B 1242 -11.91 -47.05 19.40
CA VAL B 1242 -11.97 -47.76 20.65
C VAL B 1242 -12.39 -46.83 21.78
N ILE B 1243 -13.36 -47.29 22.57
CA ILE B 1243 -13.86 -46.57 23.69
C ILE B 1243 -13.06 -46.97 24.91
N GLU B 1244 -13.02 -48.25 25.22
CA GLU B 1244 -12.43 -48.74 26.46
C GLU B 1244 -12.05 -50.17 26.21
N CYS B 1245 -11.13 -50.66 27.02
CA CYS B 1245 -10.78 -52.06 27.01
C CYS B 1245 -10.81 -52.56 28.44
N ASN B 1246 -11.40 -53.72 28.69
CA ASN B 1246 -11.44 -54.29 30.06
C ASN B 1246 -10.74 -55.60 30.05
N LEU B 1247 -9.66 -55.74 30.83
CA LEU B 1247 -8.89 -56.97 30.83
C LEU B 1247 -9.47 -57.96 31.83
N ARG B 1248 -10.75 -58.25 31.62
CA ARG B 1248 -11.49 -59.20 32.42
C ARG B 1248 -12.76 -59.57 31.70
N ALA B 1249 -13.43 -60.58 32.22
CA ALA B 1249 -14.75 -60.94 31.70
C ALA B 1249 -15.71 -59.77 31.86
N SER B 1250 -16.46 -59.50 30.78
CA SER B 1250 -17.52 -58.50 30.76
C SER B 1250 -18.86 -59.15 31.09
N ARG B 1251 -19.85 -58.31 31.36
CA ARG B 1251 -21.20 -58.76 31.66
C ARG B 1251 -21.91 -59.44 30.50
N SER B 1252 -21.43 -59.26 29.28
CA SER B 1252 -22.05 -59.97 28.14
C SER B 1252 -21.43 -61.35 27.86
N PHE B 1253 -20.58 -61.85 28.74
CA PHE B 1253 -19.95 -63.16 28.50
C PHE B 1253 -20.92 -64.36 28.53
N PRO B 1254 -21.94 -64.33 29.39
CA PRO B 1254 -22.91 -65.43 29.40
C PRO B 1254 -23.79 -65.46 28.14
N PHE B 1255 -24.24 -64.28 27.75
CA PHE B 1255 -25.08 -64.10 26.56
C PHE B 1255 -24.35 -64.71 25.35
N VAL B 1256 -23.19 -64.16 25.09
CA VAL B 1256 -22.32 -64.57 24.02
C VAL B 1256 -21.95 -66.04 24.11
N SER B 1257 -21.65 -66.56 25.31
CA SER B 1257 -21.23 -67.96 25.44
C SER B 1257 -22.35 -68.94 25.12
N LYS B 1258 -23.52 -68.67 25.68
CA LYS B 1258 -24.64 -69.55 25.47
C LYS B 1258 -25.14 -69.44 24.06
N THR B 1259 -25.20 -68.21 23.55
CA THR B 1259 -25.65 -68.01 22.18
C THR B 1259 -24.80 -68.76 21.18
N LEU B 1260 -23.48 -68.68 21.30
CA LEU B 1260 -22.61 -69.36 20.35
C LEU B 1260 -22.31 -70.80 20.71
N GLY B 1261 -22.83 -71.29 21.85
CA GLY B 1261 -22.57 -72.65 22.30
C GLY B 1261 -21.09 -72.91 22.60
N VAL B 1262 -20.41 -71.95 23.20
CA VAL B 1262 -19.02 -72.09 23.62
C VAL B 1262 -18.83 -71.37 24.93
N ASP B 1263 -18.40 -72.08 25.98
CA ASP B 1263 -18.13 -71.47 27.27
C ASP B 1263 -16.79 -70.73 27.19
N PHE B 1264 -16.91 -69.42 26.95
CA PHE B 1264 -15.73 -68.54 26.88
C PHE B 1264 -14.90 -68.62 28.15
N ILE B 1265 -15.56 -68.80 29.29
CA ILE B 1265 -14.85 -68.88 30.57
C ILE B 1265 -14.17 -70.20 30.75
N ASP B 1266 -14.79 -71.28 30.28
CA ASP B 1266 -14.12 -72.57 30.28
C ASP B 1266 -12.85 -72.50 29.46
N VAL B 1267 -12.94 -71.90 28.27
CA VAL B 1267 -11.74 -71.69 27.44
C VAL B 1267 -10.68 -70.86 28.16
N ALA B 1268 -11.12 -69.74 28.75
CA ALA B 1268 -10.21 -68.78 29.35
C ALA B 1268 -9.56 -69.38 30.56
N THR B 1269 -10.34 -70.10 31.35
CA THR B 1269 -9.79 -70.76 32.55
C THR B 1269 -8.67 -71.74 32.19
N LYS B 1270 -8.85 -72.48 31.11
CA LYS B 1270 -7.82 -73.42 30.63
C LYS B 1270 -6.54 -72.73 30.17
N VAL B 1271 -6.69 -71.65 29.43
CA VAL B 1271 -5.57 -70.81 29.09
C VAL B 1271 -4.81 -70.34 30.33
N MET B 1272 -5.55 -69.85 31.33
CA MET B 1272 -4.93 -69.24 32.50
C MET B 1272 -4.14 -70.22 33.34
N ILE B 1273 -4.54 -71.47 33.38
CA ILE B 1273 -3.78 -72.47 34.15
C ILE B 1273 -2.89 -73.37 33.28
N GLY B 1274 -2.71 -73.01 32.01
CA GLY B 1274 -1.87 -73.77 31.12
C GLY B 1274 -2.43 -75.08 30.60
N GLU B 1275 -3.71 -75.34 30.78
CA GLU B 1275 -4.31 -76.52 30.18
C GLU B 1275 -4.37 -76.36 28.65
N ASN B 1276 -4.30 -77.47 27.95
CA ASN B 1276 -4.42 -77.46 26.50
C ASN B 1276 -5.80 -77.06 26.00
N VAL B 1277 -5.85 -76.58 24.75
CA VAL B 1277 -7.05 -76.05 24.14
C VAL B 1277 -7.05 -76.30 22.63
N ASP B 1278 -8.06 -77.01 22.13
CA ASP B 1278 -8.23 -77.20 20.69
C ASP B 1278 -8.94 -75.98 20.09
N GLU B 1279 -8.23 -75.23 19.26
CA GLU B 1279 -8.74 -74.02 18.68
C GLU B 1279 -9.50 -74.23 17.38
N LYS B 1280 -9.54 -75.47 16.92
CA LYS B 1280 -10.11 -75.79 15.60
C LYS B 1280 -11.56 -75.37 15.57
N HIS B 1281 -12.30 -75.76 16.60
CA HIS B 1281 -13.71 -75.44 16.68
C HIS B 1281 -14.06 -74.23 17.54
N LEU B 1282 -13.07 -73.41 17.90
CA LEU B 1282 -13.39 -72.17 18.61
C LEU B 1282 -13.53 -71.00 17.62
N PRO B 1283 -14.27 -69.95 18.01
CA PRO B 1283 -14.42 -68.76 17.19
C PRO B 1283 -13.20 -67.84 17.21
N THR B 1284 -12.12 -68.25 16.56
CA THR B 1284 -10.90 -67.46 16.53
C THR B 1284 -11.16 -66.28 15.60
N LEU B 1285 -10.23 -65.32 15.56
CA LEU B 1285 -10.42 -64.20 14.63
C LEU B 1285 -10.52 -64.70 13.17
N ASP B 1286 -9.81 -65.78 12.85
CA ASP B 1286 -9.76 -66.28 11.49
C ASP B 1286 -10.99 -67.10 11.13
N HIS B 1287 -11.59 -67.79 12.10
CA HIS B 1287 -12.84 -68.52 11.82
C HIS B 1287 -13.91 -68.27 12.87
N PRO B 1288 -14.57 -67.12 12.74
CA PRO B 1288 -15.60 -66.77 13.71
C PRO B 1288 -16.72 -67.78 13.64
N ILE B 1289 -17.51 -67.83 14.70
CA ILE B 1289 -18.77 -68.55 14.66
C ILE B 1289 -19.84 -67.49 14.59
N ILE B 1290 -20.63 -67.55 13.52
CA ILE B 1290 -21.69 -66.59 13.25
C ILE B 1290 -22.97 -67.33 13.02
N PRO B 1291 -23.92 -67.24 13.96
CA PRO B 1291 -25.24 -67.85 13.71
C PRO B 1291 -25.85 -67.41 12.39
N ALA B 1292 -26.24 -68.37 11.57
CA ALA B 1292 -26.89 -68.09 10.30
C ALA B 1292 -28.41 -68.20 10.45
N ASP B 1293 -28.90 -69.16 11.22
CA ASP B 1293 -30.33 -69.49 11.18
C ASP B 1293 -31.14 -68.91 12.30
N TYR B 1294 -30.49 -68.12 13.11
CA TYR B 1294 -31.15 -67.50 14.22
C TYR B 1294 -30.39 -66.27 14.69
N VAL B 1295 -31.07 -65.40 15.45
CA VAL B 1295 -30.45 -64.27 16.13
C VAL B 1295 -30.83 -64.26 17.60
N ALA B 1296 -29.96 -63.64 18.38
CA ALA B 1296 -30.07 -63.52 19.83
C ALA B 1296 -30.16 -62.05 20.17
N ILE B 1297 -31.05 -61.74 21.11
CA ILE B 1297 -31.22 -60.41 21.64
C ILE B 1297 -31.24 -60.39 23.15
N LYS B 1298 -30.38 -59.57 23.73
CA LYS B 1298 -30.36 -59.29 25.16
C LYS B 1298 -30.99 -57.92 25.47
N ALA B 1299 -31.95 -57.90 26.39
CA ALA B 1299 -32.66 -56.67 26.79
C ALA B 1299 -32.38 -56.41 28.26
N PRO B 1300 -32.20 -55.13 28.62
CA PRO B 1300 -32.04 -54.74 30.01
C PRO B 1300 -33.36 -54.69 30.75
N MET B 1301 -33.26 -54.96 32.03
CA MET B 1301 -34.34 -54.89 33.02
C MET B 1301 -34.17 -53.62 33.87
N PHE B 1302 -35.27 -53.02 34.27
CA PHE B 1302 -35.19 -51.81 35.09
C PHE B 1302 -36.08 -51.98 36.31
N SER B 1303 -35.85 -51.16 37.33
CA SER B 1303 -36.67 -51.24 38.50
C SER B 1303 -37.20 -49.83 38.80
N TRP B 1304 -37.82 -49.23 37.80
CA TRP B 1304 -38.34 -47.87 37.98
C TRP B 1304 -39.47 -47.77 38.99
N PRO B 1305 -40.44 -48.70 38.94
CA PRO B 1305 -41.47 -48.45 39.93
C PRO B 1305 -40.93 -48.39 41.35
N ARG B 1306 -39.96 -49.21 41.70
CA ARG B 1306 -39.43 -49.19 43.07
C ARG B 1306 -38.51 -47.99 43.38
N LEU B 1307 -38.00 -47.32 42.36
CA LEU B 1307 -37.18 -46.14 42.56
C LEU B 1307 -38.08 -44.93 42.52
N ARG B 1308 -38.82 -44.74 43.61
CA ARG B 1308 -39.86 -43.73 43.69
C ARG B 1308 -39.35 -42.37 43.18
N ASP B 1309 -40.13 -41.77 42.28
CA ASP B 1309 -39.83 -40.47 41.65
C ASP B 1309 -38.61 -40.44 40.71
N ALA B 1310 -37.92 -41.54 40.54
CA ALA B 1310 -36.80 -41.56 39.62
C ALA B 1310 -37.26 -41.24 38.21
N ASP B 1311 -36.44 -40.45 37.52
CA ASP B 1311 -36.70 -40.14 36.11
C ASP B 1311 -36.30 -41.38 35.33
N PRO B 1312 -37.27 -42.05 34.70
CA PRO B 1312 -36.95 -43.29 34.01
C PRO B 1312 -36.37 -43.04 32.63
N ILE B 1313 -35.11 -42.64 32.58
CA ILE B 1313 -34.51 -42.15 31.36
C ILE B 1313 -33.04 -42.49 31.42
N LEU B 1314 -32.48 -42.96 30.32
CA LEU B 1314 -31.11 -43.47 30.29
C LEU B 1314 -30.09 -42.37 30.16
N ARG B 1315 -29.14 -42.36 31.09
CA ARG B 1315 -28.06 -41.40 31.15
C ARG B 1315 -26.73 -42.10 30.65
N CYS B 1316 -25.57 -41.48 30.84
CA CYS B 1316 -24.30 -42.16 30.55
C CYS B 1316 -23.89 -43.08 31.69
N GLU B 1317 -24.34 -42.73 32.89
CA GLU B 1317 -24.34 -43.65 34.02
C GLU B 1317 -25.49 -44.62 33.84
N MET B 1318 -25.23 -45.85 34.23
CA MET B 1318 -26.10 -46.99 34.01
C MET B 1318 -27.20 -47.18 35.08
N ALA B 1319 -28.37 -47.68 34.67
CA ALA B 1319 -29.55 -47.79 35.56
C ALA B 1319 -30.27 -49.14 35.57
N SER B 1320 -29.89 -50.07 34.69
CA SER B 1320 -30.61 -51.32 34.64
C SER B 1320 -30.19 -52.24 35.80
N THR B 1321 -31.09 -53.14 36.19
CA THR B 1321 -30.92 -54.01 37.35
C THR B 1321 -30.86 -55.49 37.02
N GLY B 1322 -30.82 -55.82 35.74
CA GLY B 1322 -30.76 -57.21 35.28
C GLY B 1322 -30.90 -57.29 33.76
N GLU B 1323 -30.99 -58.51 33.24
CA GLU B 1323 -31.03 -58.69 31.82
C GLU B 1323 -31.85 -59.92 31.52
N VAL B 1324 -32.46 -59.92 30.33
CA VAL B 1324 -33.03 -61.14 29.74
C VAL B 1324 -32.52 -61.28 28.33
N ALA B 1325 -32.66 -62.49 27.80
CA ALA B 1325 -32.36 -62.74 26.39
C ALA B 1325 -33.27 -63.80 25.84
N CYS B 1326 -33.62 -63.62 24.57
CA CYS B 1326 -34.42 -64.55 23.81
C CYS B 1326 -33.86 -64.67 22.40
N PHE B 1327 -34.41 -65.60 21.65
CA PHE B 1327 -33.91 -66.04 20.36
C PHE B 1327 -35.03 -66.07 19.34
N GLY B 1328 -34.67 -65.96 18.08
CA GLY B 1328 -35.68 -65.96 17.02
C GLY B 1328 -35.09 -66.22 15.64
N GLU B 1329 -35.94 -66.58 14.68
CA GLU B 1329 -35.49 -66.77 13.32
C GLU B 1329 -34.94 -65.44 12.79
N GLY B 1330 -35.52 -64.33 13.26
CA GLY B 1330 -35.03 -63.01 12.96
C GLY B 1330 -35.13 -62.05 14.13
N ILE B 1331 -34.78 -60.80 13.86
CA ILE B 1331 -34.64 -59.81 14.90
C ILE B 1331 -36.00 -59.45 15.50
N HIS B 1332 -37.02 -59.30 14.67
CA HIS B 1332 -38.29 -58.83 15.17
C HIS B 1332 -38.88 -59.79 16.20
N THR B 1333 -38.85 -61.07 15.89
CA THR B 1333 -39.33 -62.10 16.80
C THR B 1333 -38.56 -62.19 18.09
N ALA B 1334 -37.23 -62.20 17.94
CA ALA B 1334 -36.33 -62.27 19.09
C ALA B 1334 -36.53 -61.05 19.98
N PHE B 1335 -36.66 -59.90 19.33
CA PHE B 1335 -36.79 -58.64 20.04
C PHE B 1335 -38.09 -58.62 20.81
N LEU B 1336 -39.19 -59.04 20.18
CA LEU B 1336 -40.47 -59.04 20.90
C LEU B 1336 -40.44 -59.99 22.09
N LYS B 1337 -39.80 -61.12 21.94
CA LYS B 1337 -39.69 -62.06 23.04
C LYS B 1337 -38.85 -61.52 24.19
N ALA B 1338 -37.71 -60.90 23.84
CA ALA B 1338 -36.87 -60.26 24.84
C ALA B 1338 -37.69 -59.17 25.59
N MET B 1339 -38.39 -58.33 24.85
CA MET B 1339 -39.14 -57.25 25.49
C MET B 1339 -40.23 -57.77 26.39
N LEU B 1340 -41.01 -58.72 25.91
CA LEU B 1340 -42.00 -59.37 26.78
C LEU B 1340 -41.35 -59.93 28.05
N SER B 1341 -40.16 -60.51 27.93
CA SER B 1341 -39.46 -61.06 29.08
C SER B 1341 -39.11 -60.00 30.12
N THR B 1342 -39.04 -58.74 29.73
CA THR B 1342 -38.76 -57.68 30.68
C THR B 1342 -40.00 -57.21 31.44
N GLY B 1343 -41.19 -57.67 31.08
CA GLY B 1343 -42.42 -57.16 31.66
C GLY B 1343 -43.16 -56.20 30.74
N PHE B 1344 -42.51 -55.82 29.64
CA PHE B 1344 -43.14 -54.95 28.64
C PHE B 1344 -44.37 -55.62 28.10
N LYS B 1345 -45.43 -54.87 27.94
CA LYS B 1345 -46.71 -55.45 27.54
C LYS B 1345 -47.18 -54.79 26.25
N ILE B 1346 -47.47 -55.58 25.23
CA ILE B 1346 -47.77 -55.00 23.91
C ILE B 1346 -49.09 -54.27 24.00
N PRO B 1347 -49.11 -52.98 23.54
CA PRO B 1347 -50.31 -52.19 23.76
C PRO B 1347 -51.45 -52.75 22.97
N GLN B 1348 -52.63 -52.75 23.57
CA GLN B 1348 -53.85 -53.13 22.89
C GLN B 1348 -54.72 -51.93 22.62
N LYS B 1349 -54.31 -50.75 23.07
CA LYS B 1349 -55.16 -49.57 23.03
C LYS B 1349 -54.45 -48.43 22.32
N GLY B 1350 -54.48 -47.23 22.88
CA GLY B 1350 -53.83 -46.09 22.26
C GLY B 1350 -52.39 -45.93 22.74
N ILE B 1351 -51.63 -45.17 21.98
CA ILE B 1351 -50.25 -44.90 22.25
C ILE B 1351 -50.13 -43.40 22.35
N LEU B 1352 -49.42 -42.94 23.39
CA LEU B 1352 -49.16 -41.52 23.57
C LEU B 1352 -47.77 -41.24 23.04
N ILE B 1353 -47.66 -40.23 22.20
CA ILE B 1353 -46.41 -39.84 21.58
C ILE B 1353 -46.07 -38.39 21.92
N GLY B 1354 -44.89 -38.16 22.47
CA GLY B 1354 -44.35 -36.82 22.66
C GLY B 1354 -42.86 -36.90 22.36
N ILE B 1355 -42.39 -36.08 21.43
CA ILE B 1355 -40.97 -36.12 21.03
C ILE B 1355 -40.36 -34.73 20.90
N GLN B 1356 -39.07 -34.64 21.16
CA GLN B 1356 -38.38 -33.40 20.95
C GLN B 1356 -38.34 -33.14 19.44
N GLN B 1357 -38.47 -31.87 19.09
CA GLN B 1357 -38.62 -31.43 17.72
C GLN B 1357 -37.62 -32.06 16.77
N SER B 1358 -36.38 -32.20 17.21
CA SER B 1358 -35.37 -32.65 16.29
C SER B 1358 -35.57 -34.10 15.87
N PHE B 1359 -36.33 -34.89 16.62
CA PHE B 1359 -36.59 -36.26 16.19
C PHE B 1359 -37.57 -36.39 15.04
N ARG B 1360 -38.21 -35.29 14.62
CA ARG B 1360 -39.34 -35.40 13.67
C ARG B 1360 -39.02 -36.06 12.33
N PRO B 1361 -37.96 -35.61 11.66
CA PRO B 1361 -37.61 -36.26 10.39
C PRO B 1361 -37.54 -37.77 10.52
N ARG B 1362 -36.81 -38.29 11.49
CA ARG B 1362 -36.73 -39.75 11.67
C ARG B 1362 -37.99 -40.39 12.26
N PHE B 1363 -38.78 -39.65 13.00
CA PHE B 1363 -39.90 -40.28 13.65
C PHE B 1363 -41.12 -40.42 12.76
N LEU B 1364 -41.23 -39.57 11.75
CA LEU B 1364 -42.43 -39.58 10.89
C LEU B 1364 -42.81 -41.00 10.48
N GLY B 1365 -41.86 -41.76 9.97
CA GLY B 1365 -42.11 -43.12 9.50
C GLY B 1365 -42.43 -44.11 10.61
N VAL B 1366 -41.85 -43.91 11.78
CA VAL B 1366 -42.23 -44.68 12.92
C VAL B 1366 -43.71 -44.46 13.24
N ALA B 1367 -44.14 -43.21 13.13
CA ALA B 1367 -45.53 -42.86 13.46
C ALA B 1367 -46.54 -43.35 12.44
N GLU B 1368 -46.16 -43.26 11.17
CA GLU B 1368 -47.02 -43.74 10.10
C GLU B 1368 -47.21 -45.21 10.26
N GLN B 1369 -46.14 -45.88 10.62
CA GLN B 1369 -46.13 -47.31 10.78
C GLN B 1369 -47.04 -47.75 11.92
N LEU B 1370 -46.92 -47.08 13.06
CA LEU B 1370 -47.81 -47.38 14.20
C LEU B 1370 -49.25 -47.14 13.79
N HIS B 1371 -49.51 -46.07 13.04
CA HIS B 1371 -50.85 -45.76 12.54
C HIS B 1371 -51.38 -46.81 11.57
N ASN B 1372 -50.55 -47.24 10.64
CA ASN B 1372 -50.94 -48.28 9.71
C ASN B 1372 -51.20 -49.63 10.35
N GLU B 1373 -50.62 -49.86 11.52
CA GLU B 1373 -50.94 -51.08 12.27
C GLU B 1373 -52.23 -50.97 13.05
N GLY B 1374 -52.88 -49.81 13.02
CA GLY B 1374 -54.17 -49.63 13.68
C GLY B 1374 -54.16 -49.02 15.09
N PHE B 1375 -53.01 -48.59 15.58
CA PHE B 1375 -52.96 -47.98 16.89
C PHE B 1375 -53.49 -46.57 16.80
N LYS B 1376 -54.45 -46.26 17.65
CA LYS B 1376 -54.89 -44.89 17.85
C LYS B 1376 -53.78 -44.08 18.53
N LEU B 1377 -53.51 -42.90 18.01
CA LEU B 1377 -52.39 -42.12 18.50
C LEU B 1377 -52.85 -40.91 19.30
N PHE B 1378 -52.28 -40.73 20.49
CA PHE B 1378 -52.40 -39.49 21.24
C PHE B 1378 -51.05 -38.77 21.27
N ALA B 1379 -51.08 -37.45 21.44
CA ALA B 1379 -49.85 -36.69 21.48
C ALA B 1379 -49.93 -35.36 22.20
N THR B 1380 -48.78 -34.94 22.71
CA THR B 1380 -48.63 -33.62 23.29
C THR B 1380 -48.77 -32.54 22.21
N GLU B 1381 -48.98 -31.30 22.63
CA GLU B 1381 -49.45 -30.21 21.77
C GLU B 1381 -48.81 -30.14 20.39
N ALA B 1382 -47.51 -29.83 20.36
CA ALA B 1382 -46.78 -29.58 19.12
C ALA B 1382 -46.68 -30.84 18.27
N THR B 1383 -46.44 -31.97 18.93
CA THR B 1383 -46.33 -33.27 18.28
C THR B 1383 -47.63 -33.66 17.61
N SER B 1384 -48.78 -33.36 18.21
CA SER B 1384 -50.07 -33.64 17.63
C SER B 1384 -50.36 -32.76 16.40
N ASP B 1385 -50.14 -31.46 16.52
CA ASP B 1385 -50.25 -30.60 15.32
C ASP B 1385 -49.41 -31.18 14.18
N TRP B 1386 -48.18 -31.59 14.49
CA TRP B 1386 -47.24 -31.99 13.47
C TRP B 1386 -47.71 -33.29 12.82
N LEU B 1387 -48.10 -34.26 13.62
CA LEU B 1387 -48.59 -35.48 13.06
C LEU B 1387 -49.78 -35.22 12.15
N ASN B 1388 -50.76 -34.44 12.62
CA ASN B 1388 -51.93 -34.13 11.79
C ASN B 1388 -51.53 -33.38 10.53
N ALA B 1389 -50.56 -32.49 10.61
CA ALA B 1389 -50.12 -31.76 9.43
C ALA B 1389 -49.50 -32.71 8.43
N ASN B 1390 -49.03 -33.86 8.89
CA ASN B 1390 -48.48 -34.88 8.02
C ASN B 1390 -49.48 -35.99 7.76
N ASN B 1391 -50.76 -35.72 7.94
CA ASN B 1391 -51.81 -36.71 7.69
C ASN B 1391 -51.63 -38.00 8.42
N VAL B 1392 -51.15 -37.92 9.65
CA VAL B 1392 -51.19 -39.04 10.59
C VAL B 1392 -52.14 -38.59 11.71
N PRO B 1393 -53.29 -39.25 11.85
CA PRO B 1393 -54.21 -38.73 12.86
C PRO B 1393 -53.70 -38.88 14.30
N ALA B 1394 -53.76 -37.79 15.07
CA ALA B 1394 -53.49 -37.86 16.50
C ALA B 1394 -54.47 -37.00 17.24
N THR B 1395 -54.86 -37.44 18.44
CA THR B 1395 -55.65 -36.63 19.40
C THR B 1395 -54.77 -35.89 20.41
N PRO B 1396 -54.87 -34.55 20.45
CA PRO B 1396 -53.94 -33.88 21.33
C PRO B 1396 -54.35 -34.12 22.79
N VAL B 1397 -53.37 -34.01 23.69
CA VAL B 1397 -53.64 -34.07 25.10
C VAL B 1397 -52.99 -32.89 25.82
N ALA B 1398 -53.37 -32.70 27.07
CA ALA B 1398 -52.94 -31.57 27.85
C ALA B 1398 -51.60 -31.88 28.50
N TRP B 1399 -50.79 -30.86 28.71
CA TRP B 1399 -49.65 -31.01 29.58
C TRP B 1399 -50.16 -31.18 31.03
N PRO B 1400 -49.48 -32.01 31.85
CA PRO B 1400 -49.83 -32.15 33.28
C PRO B 1400 -49.83 -30.82 34.06
N SER B 1401 -48.87 -29.95 33.72
CA SER B 1401 -48.79 -28.66 34.34
C SER B 1401 -49.98 -27.75 34.00
N GLN B 1402 -50.86 -28.19 33.12
CA GLN B 1402 -51.92 -27.32 32.61
C GLN B 1402 -53.27 -28.00 32.59
N GLU B 1403 -53.52 -28.85 33.58
CA GLU B 1403 -54.76 -29.61 33.59
C GLU B 1403 -55.92 -28.80 34.16
N GLY B 1404 -56.92 -28.55 33.33
CA GLY B 1404 -58.07 -27.72 33.68
C GLY B 1404 -58.12 -26.46 32.84
N GLN B 1405 -57.00 -26.10 32.24
CA GLN B 1405 -56.90 -24.81 31.58
C GLN B 1405 -57.46 -24.88 30.16
N ASN B 1406 -57.84 -26.08 29.72
CA ASN B 1406 -58.51 -26.23 28.43
C ASN B 1406 -59.40 -27.45 28.45
N PRO B 1407 -60.73 -27.25 28.49
CA PRO B 1407 -61.62 -28.39 28.61
C PRO B 1407 -61.76 -29.21 27.32
N SER B 1408 -61.22 -28.72 26.21
CA SER B 1408 -61.20 -29.50 24.99
C SER B 1408 -60.17 -30.66 25.07
N LEU B 1409 -59.23 -30.59 26.01
CA LEU B 1409 -58.12 -31.55 26.08
C LEU B 1409 -58.21 -32.44 27.30
N SER B 1410 -58.04 -33.74 27.08
CA SER B 1410 -58.11 -34.70 28.19
C SER B 1410 -56.77 -34.73 28.90
N SER B 1411 -56.80 -35.06 30.19
CA SER B 1411 -55.57 -35.27 30.93
C SER B 1411 -55.07 -36.69 30.62
N ILE B 1412 -53.75 -36.83 30.70
CA ILE B 1412 -53.09 -38.07 30.40
C ILE B 1412 -53.38 -39.08 31.49
N ARG B 1413 -53.31 -38.65 32.75
CA ARG B 1413 -53.62 -39.52 33.91
C ARG B 1413 -55.01 -40.16 33.72
N LYS B 1414 -55.97 -39.36 33.26
CA LYS B 1414 -57.32 -39.83 33.01
C LYS B 1414 -57.41 -40.78 31.81
N LEU B 1415 -56.71 -40.47 30.73
CA LEU B 1415 -56.68 -41.38 29.59
C LEU B 1415 -56.00 -42.71 29.95
N ILE B 1416 -55.00 -42.68 30.82
CA ILE B 1416 -54.35 -43.92 31.24
C ILE B 1416 -55.29 -44.72 32.10
N ARG B 1417 -55.78 -44.09 33.16
CA ARG B 1417 -56.78 -44.67 34.06
C ARG B 1417 -58.00 -45.25 33.35
N ASP B 1418 -58.54 -44.54 32.37
CA ASP B 1418 -59.67 -45.02 31.58
C ASP B 1418 -59.33 -46.19 30.68
N GLY B 1419 -58.03 -46.43 30.46
CA GLY B 1419 -57.60 -47.50 29.58
C GLY B 1419 -57.54 -47.09 28.13
N SER B 1420 -57.57 -45.80 27.82
CA SER B 1420 -57.39 -45.35 26.44
C SER B 1420 -55.94 -45.45 25.96
N ILE B 1421 -55.01 -45.34 26.89
CA ILE B 1421 -53.59 -45.27 26.57
C ILE B 1421 -52.90 -46.40 27.30
N ASP B 1422 -52.22 -47.30 26.58
CA ASP B 1422 -51.42 -48.29 27.27
C ASP B 1422 -49.99 -48.46 26.72
N LEU B 1423 -49.47 -47.41 26.08
CA LEU B 1423 -48.05 -47.29 25.81
C LEU B 1423 -47.71 -45.83 25.73
N VAL B 1424 -46.59 -45.43 26.33
CA VAL B 1424 -46.13 -44.06 26.20
C VAL B 1424 -44.77 -44.04 25.52
N ILE B 1425 -44.65 -43.15 24.57
CA ILE B 1425 -43.42 -42.89 23.87
C ILE B 1425 -43.05 -41.44 24.19
N ASN B 1426 -41.94 -41.27 24.91
CA ASN B 1426 -41.44 -39.97 25.26
C ASN B 1426 -39.96 -39.85 24.88
N LEU B 1427 -39.62 -38.97 23.95
CA LEU B 1427 -38.25 -38.85 23.45
C LEU B 1427 -37.70 -37.44 23.67
N PRO B 1428 -37.11 -37.23 24.86
CA PRO B 1428 -36.45 -35.99 25.10
C PRO B 1428 -34.99 -36.05 24.61
N ASN B 1429 -34.39 -34.88 24.52
CA ASN B 1429 -32.98 -34.75 24.30
C ASN B 1429 -32.56 -33.47 25.03
N ASN B 1430 -31.33 -33.03 24.79
CA ASN B 1430 -30.74 -31.83 25.43
C ASN B 1430 -31.53 -30.55 25.14
N ASN B 1431 -32.21 -30.48 24.01
CA ASN B 1431 -33.01 -29.32 23.69
C ASN B 1431 -34.47 -29.35 24.11
N THR B 1432 -34.85 -30.34 24.91
CA THR B 1432 -36.22 -30.43 25.39
C THR B 1432 -36.60 -29.16 26.16
N LYS B 1433 -37.74 -28.58 25.83
CA LYS B 1433 -38.18 -27.36 26.50
C LYS B 1433 -38.95 -27.63 27.76
N PHE B 1434 -39.84 -28.61 27.71
CA PHE B 1434 -40.67 -28.91 28.87
C PHE B 1434 -40.11 -30.07 29.61
N VAL B 1435 -39.04 -29.80 30.35
CA VAL B 1435 -38.28 -30.85 30.98
C VAL B 1435 -39.08 -31.47 32.10
N HIS B 1436 -39.62 -30.63 32.97
CA HIS B 1436 -40.43 -31.14 34.04
C HIS B 1436 -41.70 -31.82 33.55
N ASP B 1437 -42.43 -31.18 32.65
CA ASP B 1437 -43.70 -31.75 32.18
C ASP B 1437 -43.49 -33.15 31.59
N ASN B 1438 -42.44 -33.29 30.79
CA ASN B 1438 -42.14 -34.58 30.16
C ASN B 1438 -41.64 -35.63 31.15
N TYR B 1439 -40.92 -35.18 32.17
CA TYR B 1439 -40.58 -36.01 33.32
C TYR B 1439 -41.86 -36.53 33.96
N VAL B 1440 -42.83 -35.64 34.21
CA VAL B 1440 -44.07 -36.10 34.82
C VAL B 1440 -44.77 -37.13 33.90
N ILE B 1441 -44.81 -36.88 32.59
CA ILE B 1441 -45.42 -37.87 31.71
C ILE B 1441 -44.72 -39.22 31.87
N ARG B 1442 -43.39 -39.23 31.77
CA ARG B 1442 -42.63 -40.46 31.89
C ARG B 1442 -42.94 -41.17 33.23
N ARG B 1443 -42.92 -40.41 34.33
CA ARG B 1443 -43.12 -41.03 35.65
C ARG B 1443 -44.58 -41.47 35.88
N THR B 1444 -45.54 -40.77 35.28
CA THR B 1444 -46.94 -41.21 35.30
C THR B 1444 -47.14 -42.60 34.68
N ALA B 1445 -46.45 -42.87 33.56
CA ALA B 1445 -46.55 -44.18 32.91
C ALA B 1445 -46.00 -45.24 33.86
N VAL B 1446 -44.83 -44.97 34.43
CA VAL B 1446 -44.20 -45.96 35.28
C VAL B 1446 -45.14 -46.28 36.45
N ASP B 1447 -45.61 -45.24 37.13
CA ASP B 1447 -46.45 -45.40 38.29
C ASP B 1447 -47.88 -45.84 38.00
N SER B 1448 -48.29 -45.85 36.74
CA SER B 1448 -49.56 -46.45 36.34
C SER B 1448 -49.39 -47.89 35.88
N GLY B 1449 -48.13 -48.33 35.82
CA GLY B 1449 -47.79 -49.65 35.32
C GLY B 1449 -48.06 -49.86 33.85
N ILE B 1450 -47.86 -48.85 33.00
CA ILE B 1450 -47.86 -49.08 31.55
C ILE B 1450 -46.50 -48.84 30.96
N PRO B 1451 -46.21 -49.53 29.85
CA PRO B 1451 -44.86 -49.45 29.34
C PRO B 1451 -44.54 -48.08 28.78
N LEU B 1452 -43.25 -47.74 28.87
CA LEU B 1452 -42.71 -46.48 28.47
C LEU B 1452 -41.49 -46.70 27.57
N LEU B 1453 -41.44 -46.04 26.42
CA LEU B 1453 -40.27 -46.10 25.55
C LEU B 1453 -39.67 -44.71 25.52
N THR B 1454 -38.38 -44.59 25.85
CA THR B 1454 -37.72 -43.29 25.78
C THR B 1454 -36.53 -43.19 24.84
N ASN B 1455 -36.26 -44.25 24.08
CA ASN B 1455 -35.14 -44.30 23.16
C ASN B 1455 -35.64 -44.50 21.77
N PHE B 1456 -35.16 -43.68 20.83
CA PHE B 1456 -35.66 -43.68 19.47
C PHE B 1456 -35.43 -45.00 18.76
N GLN B 1457 -34.25 -45.58 18.93
CA GLN B 1457 -33.91 -46.77 18.18
C GLN B 1457 -34.75 -47.94 18.62
N VAL B 1458 -34.95 -48.02 19.93
CA VAL B 1458 -35.78 -49.05 20.50
C VAL B 1458 -37.23 -48.88 20.03
N THR B 1459 -37.64 -47.63 19.89
CA THR B 1459 -39.00 -47.30 19.53
C THR B 1459 -39.26 -47.65 18.05
N LYS B 1460 -38.26 -47.37 17.23
CA LYS B 1460 -38.31 -47.71 15.80
C LYS B 1460 -38.44 -49.20 15.60
N LEU B 1461 -37.55 -49.93 16.24
CA LEU B 1461 -37.52 -51.38 16.17
C LEU B 1461 -38.82 -51.97 16.67
N PHE B 1462 -39.36 -51.43 17.76
CA PHE B 1462 -40.68 -51.88 18.22
C PHE B 1462 -41.75 -51.76 17.15
N ALA B 1463 -41.93 -50.56 16.62
CA ALA B 1463 -42.87 -50.30 15.56
C ALA B 1463 -42.68 -51.24 14.40
N GLU B 1464 -41.44 -51.52 14.03
CA GLU B 1464 -41.21 -52.46 12.93
C GLU B 1464 -41.65 -53.89 13.30
N ALA B 1465 -41.45 -54.26 14.57
CA ALA B 1465 -41.64 -55.63 15.01
C ALA B 1465 -43.08 -56.01 15.27
N VAL B 1466 -43.92 -55.07 15.73
CA VAL B 1466 -45.37 -55.35 15.89
C VAL B 1466 -46.05 -55.53 14.54
N GLN B 1467 -45.40 -55.15 13.46
CA GLN B 1467 -45.93 -55.43 12.14
C GLN B 1467 -46.16 -56.93 11.91
N LYS B 1468 -45.55 -57.77 12.77
CA LYS B 1468 -45.96 -59.19 12.97
C LYS B 1468 -45.15 -59.92 14.05
N SER B 1474 -42.60 -69.59 20.31
CA SER B 1474 -42.36 -70.20 21.60
C SER B 1474 -41.07 -71.03 21.62
N LYS B 1475 -40.24 -70.83 20.61
CA LYS B 1475 -38.95 -71.51 20.50
C LYS B 1475 -37.84 -70.80 21.29
N SER B 1476 -36.74 -71.51 21.44
CA SER B 1476 -35.64 -71.06 22.26
C SER B 1476 -34.35 -71.50 21.59
N LEU B 1477 -33.23 -71.23 22.24
CA LEU B 1477 -31.93 -71.53 21.66
C LEU B 1477 -31.83 -72.96 21.13
N PHE B 1478 -32.12 -73.97 21.96
CA PHE B 1478 -31.97 -75.40 21.56
C PHE B 1478 -32.73 -75.74 20.26
N HIS B 1479 -33.86 -75.10 20.02
CA HIS B 1479 -34.61 -75.32 18.78
C HIS B 1479 -33.71 -74.94 17.62
N TYR B 1480 -33.19 -73.71 17.68
CA TYR B 1480 -32.40 -73.14 16.59
C TYR B 1480 -31.02 -73.78 16.44
N ARG B 1481 -30.42 -74.24 17.53
CA ARG B 1481 -29.14 -74.93 17.46
C ARG B 1481 -29.25 -76.30 16.77
N GLN B 1482 -30.45 -76.88 16.73
CA GLN B 1482 -30.71 -78.11 15.96
C GLN B 1482 -30.72 -77.86 14.45
N ALA C 32 61.80 111.48 30.06
CA ALA C 32 62.48 112.04 28.85
C ALA C 32 61.80 113.32 28.35
N GLN C 33 62.59 114.17 27.71
CA GLN C 33 62.19 115.54 27.39
C GLN C 33 61.33 115.69 26.13
N THR C 34 60.26 116.48 26.22
CA THR C 34 59.35 116.67 25.10
C THR C 34 59.46 118.06 24.50
N ALA C 35 58.74 118.27 23.40
CA ALA C 35 58.71 119.55 22.70
C ALA C 35 57.62 119.46 21.64
N HIS C 36 57.16 120.61 21.15
CA HIS C 36 56.13 120.60 20.12
C HIS C 36 56.64 121.06 18.78
N ILE C 37 55.98 120.56 17.74
CA ILE C 37 56.01 121.15 16.41
C ILE C 37 54.74 121.97 16.33
N VAL C 38 54.90 123.26 16.09
CA VAL C 38 53.79 124.20 15.99
C VAL C 38 53.85 124.86 14.62
N LEU C 39 52.79 124.75 13.87
CA LEU C 39 52.71 125.36 12.54
C LEU C 39 51.95 126.66 12.60
N GLU C 40 52.20 127.55 11.65
CA GLU C 40 51.51 128.85 11.62
C GLU C 40 49.98 128.74 11.48
N ASP C 41 49.46 127.62 10.97
CA ASP C 41 48.01 127.47 10.80
C ASP C 41 47.29 126.95 12.05
N GLY C 42 48.01 126.76 13.16
CA GLY C 42 47.41 126.27 14.39
C GLY C 42 47.76 124.85 14.75
N THR C 43 48.12 124.03 13.75
CA THR C 43 48.52 122.66 14.07
C THR C 43 49.62 122.63 15.12
N LYS C 44 49.54 121.65 16.01
CA LYS C 44 50.43 121.48 17.14
C LYS C 44 50.55 119.98 17.41
N MET C 45 51.75 119.46 17.58
CA MET C 45 51.95 118.04 17.90
C MET C 45 53.10 117.87 18.88
N LYS C 46 52.90 117.04 19.89
CA LYS C 46 53.89 116.87 20.93
C LYS C 46 54.80 115.71 20.59
N GLY C 47 56.11 115.96 20.58
CA GLY C 47 57.08 114.91 20.27
C GLY C 47 58.08 114.74 21.38
N TYR C 48 58.85 113.66 21.32
CA TYR C 48 59.98 113.44 22.22
C TYR C 48 61.25 113.93 21.55
N SER C 49 62.03 114.74 22.27
CA SER C 49 63.25 115.34 21.72
C SER C 49 64.34 114.29 21.65
N PHE C 50 65.01 114.18 20.51
CA PHE C 50 66.20 113.33 20.41
C PHE C 50 67.44 114.06 19.89
N GLY C 51 67.26 115.31 19.47
CA GLY C 51 68.39 116.15 19.08
C GLY C 51 68.79 117.12 20.17
N HIS C 52 69.20 118.32 19.75
CA HIS C 52 69.62 119.33 20.69
C HIS C 52 68.40 119.96 21.36
N PRO C 53 68.39 119.99 22.70
CA PRO C 53 67.20 120.47 23.38
C PRO C 53 67.14 122.00 23.34
N SER C 54 66.76 122.54 22.19
CA SER C 54 66.59 123.98 22.03
C SER C 54 65.62 124.26 20.89
N SER C 55 64.88 125.37 20.99
CA SER C 55 63.86 125.70 19.99
C SER C 55 64.46 126.24 18.69
N VAL C 56 63.71 126.14 17.59
CA VAL C 56 64.13 126.65 16.30
C VAL C 56 62.92 126.86 15.39
N ALA C 57 62.96 127.91 14.57
CA ALA C 57 61.85 128.24 13.66
C ALA C 57 62.31 128.28 12.21
N GLY C 58 61.48 127.75 11.32
CA GLY C 58 61.80 127.78 9.89
C GLY C 58 60.62 127.40 9.03
N GLU C 59 60.90 127.21 7.74
CA GLU C 59 59.91 126.64 6.85
C GLU C 59 59.89 125.11 7.04
N VAL C 60 58.69 124.59 7.28
CA VAL C 60 58.51 123.14 7.38
C VAL C 60 58.35 122.61 5.96
N VAL C 61 59.11 121.57 5.66
CA VAL C 61 59.00 120.86 4.38
C VAL C 61 58.97 119.34 4.61
N PHE C 62 58.65 118.60 3.55
CA PHE C 62 58.69 117.13 3.58
C PHE C 62 59.42 116.63 2.36
N ASN C 63 60.02 115.45 2.50
CA ASN C 63 60.70 114.78 1.40
C ASN C 63 60.34 113.30 1.43
N THR C 64 59.95 112.75 0.29
CA THR C 64 59.47 111.35 0.22
C THR C 64 60.56 110.30 0.00
N GLY C 65 61.82 110.72 -0.11
CA GLY C 65 62.92 109.76 -0.20
C GLY C 65 63.02 109.01 1.11
N LEU C 66 63.20 107.70 1.04
CA LEU C 66 63.14 106.87 2.25
C LEU C 66 64.50 106.63 2.88
N GLY C 67 65.57 106.67 2.09
CA GLY C 67 66.89 106.30 2.59
C GLY C 67 67.92 107.39 2.42
N GLY C 68 69.03 107.23 3.11
CA GLY C 68 70.14 108.18 3.08
C GLY C 68 69.95 109.41 3.97
N TYR C 69 69.39 109.22 5.17
CA TYR C 69 69.17 110.35 6.08
C TYR C 69 70.49 111.10 6.37
N PRO C 70 71.63 110.39 6.49
CA PRO C 70 72.87 111.16 6.71
C PRO C 70 73.24 112.08 5.55
N GLU C 71 73.21 111.55 4.34
CA GLU C 71 73.47 112.36 3.15
C GLU C 71 72.40 113.45 3.07
N ALA C 72 71.13 113.06 3.22
CA ALA C 72 69.99 113.96 3.08
C ALA C 72 70.08 115.18 3.99
N ILE C 73 70.29 114.96 5.29
CA ILE C 73 70.31 116.09 6.23
C ILE C 73 71.52 117.00 6.09
N THR C 74 72.55 116.55 5.36
CA THR C 74 73.67 117.43 5.03
C THR C 74 73.53 118.09 3.66
N ASP C 75 72.35 118.01 3.05
CA ASP C 75 72.05 118.74 1.81
C ASP C 75 71.95 120.25 2.07
N PRO C 76 72.81 121.06 1.41
CA PRO C 76 72.67 122.52 1.59
C PRO C 76 71.28 123.09 1.23
N ALA C 77 70.51 122.41 0.39
CA ALA C 77 69.16 122.86 0.07
C ALA C 77 68.21 122.99 1.28
N TYR C 78 68.54 122.33 2.40
CA TYR C 78 67.68 122.36 3.59
C TYR C 78 67.99 123.50 4.56
N LYS C 79 68.99 124.33 4.24
CA LYS C 79 69.28 125.52 5.02
C LYS C 79 68.03 126.32 5.34
N GLY C 80 67.78 126.55 6.62
CA GLY C 80 66.59 127.30 7.07
C GLY C 80 65.35 126.45 7.28
N GLN C 81 65.45 125.15 7.04
CA GLN C 81 64.24 124.35 6.96
C GLN C 81 64.15 123.28 8.02
N ILE C 82 62.92 123.03 8.43
CA ILE C 82 62.55 121.98 9.34
C ILE C 82 62.04 120.81 8.48
N LEU C 83 62.82 119.72 8.44
CA LEU C 83 62.57 118.57 7.56
C LEU C 83 61.65 117.54 8.17
N THR C 84 60.60 117.19 7.44
CA THR C 84 59.70 116.13 7.85
C THR C 84 59.96 114.88 7.00
N MET C 85 60.38 113.81 7.66
CA MET C 85 60.74 112.57 6.99
C MET C 85 59.53 111.69 6.72
N ALA C 86 59.40 111.25 5.47
CA ALA C 86 58.38 110.26 5.08
C ALA C 86 58.64 108.89 5.71
N ASN C 87 59.89 108.46 5.66
CA ASN C 87 60.26 107.21 6.27
C ASN C 87 59.99 107.29 7.78
N PRO C 88 59.09 106.45 8.28
CA PRO C 88 58.73 106.57 9.70
C PRO C 88 59.80 106.07 10.67
N ILE C 89 60.81 105.35 10.16
CA ILE C 89 61.79 104.69 11.03
C ILE C 89 63.19 105.20 10.70
N ILE C 90 63.66 106.11 11.56
CA ILE C 90 64.85 106.90 11.28
C ILE C 90 65.92 106.67 12.34
N GLY C 91 67.16 106.50 11.86
CA GLY C 91 68.33 106.36 12.70
C GLY C 91 68.92 104.96 12.75
N ASN C 92 68.43 104.07 11.90
CA ASN C 92 68.79 102.65 11.99
C ASN C 92 70.30 102.39 11.89
N GLY C 93 70.99 103.14 11.04
CA GLY C 93 72.43 102.98 10.89
C GLY C 93 73.25 104.01 11.66
N GLY C 94 72.63 104.71 12.61
CA GLY C 94 73.34 105.73 13.37
C GLY C 94 73.89 106.80 12.46
N ALA C 95 75.07 107.31 12.78
CA ALA C 95 75.75 108.31 11.96
C ALA C 95 77.17 107.83 11.65
N PRO C 96 77.70 108.15 10.46
CA PRO C 96 79.06 107.69 10.11
C PRO C 96 80.17 108.55 10.72
N ASP C 97 81.40 108.44 10.21
CA ASP C 97 82.50 109.33 10.63
C ASP C 97 82.30 110.71 10.02
N THR C 98 81.82 111.64 10.83
CA THR C 98 81.42 112.96 10.35
C THR C 98 82.59 113.92 10.26
N THR C 99 83.78 113.48 10.68
CA THR C 99 84.98 114.30 10.55
C THR C 99 85.95 113.77 9.48
N ALA C 100 85.80 112.53 9.04
CA ALA C 100 86.73 111.98 8.05
C ALA C 100 86.63 112.71 6.72
N LEU C 101 87.78 113.06 6.16
CA LEU C 101 87.85 113.66 4.85
C LEU C 101 88.28 112.59 3.88
N ASP C 102 88.05 112.82 2.60
CA ASP C 102 88.63 111.96 1.56
C ASP C 102 89.95 112.58 1.06
N GLU C 103 90.53 112.01 0.01
CA GLU C 103 91.80 112.54 -0.53
C GLU C 103 91.67 113.86 -1.28
N LEU C 104 90.45 114.33 -1.55
CA LEU C 104 90.24 115.66 -2.12
C LEU C 104 90.09 116.75 -1.03
N GLY C 105 89.90 116.35 0.22
CA GLY C 105 89.61 117.30 1.28
C GLY C 105 88.12 117.52 1.47
N LEU C 106 87.28 116.69 0.85
CA LEU C 106 85.83 116.74 1.08
C LEU C 106 85.44 115.72 2.12
N SER C 107 84.29 115.94 2.74
CA SER C 107 83.72 115.00 3.68
C SER C 107 83.65 113.66 3.00
N LYS C 108 84.13 112.63 3.67
CA LYS C 108 84.12 111.29 3.08
C LYS C 108 82.71 110.76 2.93
N TYR C 109 81.88 110.94 3.95
CA TYR C 109 80.55 110.30 3.99
C TYR C 109 79.38 111.27 3.89
N LEU C 110 79.65 112.56 3.90
CA LEU C 110 78.57 113.54 3.89
C LEU C 110 78.61 114.37 2.62
N GLU C 111 77.57 115.16 2.42
CA GLU C 111 77.45 115.98 1.23
C GLU C 111 77.75 117.48 1.45
N SER C 112 78.01 117.87 2.68
CA SER C 112 78.52 119.19 2.97
C SER C 112 79.27 119.13 4.29
N ASN C 113 79.84 120.25 4.70
CA ASN C 113 80.66 120.30 5.92
C ASN C 113 79.88 120.13 7.21
N GLY C 114 78.56 120.00 7.16
CA GLY C 114 77.80 119.75 8.38
C GLY C 114 76.32 119.58 8.11
N ILE C 115 75.56 119.41 9.19
CA ILE C 115 74.11 119.26 9.07
C ILE C 115 73.49 120.60 8.70
N LYS C 116 72.64 120.61 7.69
CA LYS C 116 72.08 121.85 7.14
C LYS C 116 70.59 122.08 7.47
N VAL C 117 69.89 121.05 7.92
CA VAL C 117 68.50 121.25 8.34
C VAL C 117 68.51 122.06 9.63
N SER C 118 67.55 122.97 9.76
CA SER C 118 67.38 123.73 11.01
C SER C 118 66.77 122.86 12.08
N GLY C 119 66.03 121.83 11.66
CA GLY C 119 65.40 120.91 12.59
C GLY C 119 64.89 119.68 11.87
N LEU C 120 64.56 118.65 12.64
CA LEU C 120 64.17 117.36 12.06
C LEU C 120 62.89 116.82 12.69
N LEU C 121 62.03 116.22 11.86
CA LEU C 121 60.79 115.63 12.36
C LEU C 121 60.60 114.21 11.85
N VAL C 122 60.52 113.27 12.77
CA VAL C 122 60.30 111.87 12.44
C VAL C 122 59.20 111.26 13.30
N LEU C 123 58.75 110.08 12.89
CA LEU C 123 57.75 109.35 13.67
C LEU C 123 58.41 108.46 14.72
N ASP C 124 59.47 107.75 14.32
CA ASP C 124 60.20 106.87 15.21
C ASP C 124 61.71 107.08 15.02
N TYR C 125 62.40 107.17 16.14
CA TYR C 125 63.85 107.26 16.16
C TYR C 125 64.41 105.98 16.76
N SER C 126 65.38 105.36 16.08
CA SER C 126 66.13 104.24 16.63
C SER C 126 67.27 104.71 17.50
N LYS C 127 67.07 104.64 18.81
CA LYS C 127 68.12 104.98 19.77
C LYS C 127 69.31 104.05 19.51
N ASP C 128 69.00 102.76 19.29
CA ASP C 128 70.00 101.74 19.01
C ASP C 128 70.16 101.53 17.51
N TYR C 129 71.41 101.46 17.06
CA TYR C 129 71.72 101.41 15.64
C TYR C 129 72.66 100.25 15.33
N ASN C 130 72.82 99.93 14.05
CA ASN C 130 73.75 98.88 13.70
C ASN C 130 74.15 98.98 12.25
N HIS C 131 75.36 99.45 12.02
CA HIS C 131 75.88 99.42 10.67
C HIS C 131 77.38 99.39 10.76
N TRP C 132 78.01 98.78 9.78
CA TRP C 132 79.45 98.58 9.84
C TRP C 132 80.25 99.90 9.78
N LEU C 133 79.67 100.94 9.19
CA LEU C 133 80.22 102.32 9.14
C LEU C 133 79.70 103.29 10.23
N ALA C 134 78.89 102.83 11.18
CA ALA C 134 78.32 103.73 12.19
C ALA C 134 79.35 104.03 13.28
N THR C 135 79.52 105.30 13.65
CA THR C 135 80.42 105.64 14.77
C THR C 135 79.67 106.22 15.98
N LYS C 136 78.40 106.56 15.79
CA LYS C 136 77.59 107.07 16.89
C LYS C 136 76.12 107.04 16.49
N SER C 137 75.23 107.34 17.44
CA SER C 137 73.81 107.45 17.15
C SER C 137 73.57 108.74 16.39
N LEU C 138 72.46 108.81 15.66
CA LEU C 138 72.05 110.00 14.93
C LEU C 138 71.67 111.14 15.90
N GLY C 139 71.14 110.79 17.07
CA GLY C 139 70.76 111.79 18.07
C GLY C 139 71.99 112.45 18.67
N GLN C 140 73.03 111.67 18.93
CA GLN C 140 74.30 112.24 19.39
C GLN C 140 74.90 113.19 18.35
N TRP C 141 74.83 112.81 17.08
CA TRP C 141 75.30 113.66 15.98
C TRP C 141 74.51 114.98 15.92
N LEU C 142 73.20 114.86 15.99
CA LEU C 142 72.31 116.03 16.06
C LEU C 142 72.60 116.95 17.25
N GLN C 143 72.93 116.35 18.39
CA GLN C 143 73.25 117.14 19.58
C GLN C 143 74.55 117.93 19.42
N GLU C 144 75.58 117.25 18.92
CA GLU C 144 76.85 117.90 18.57
C GLU C 144 76.70 119.12 17.66
N GLU C 145 75.86 119.01 16.63
CA GLU C 145 75.66 120.09 15.67
C GLU C 145 74.56 121.07 16.09
N LYS C 146 74.08 120.95 17.34
CA LYS C 146 73.07 121.86 17.88
C LYS C 146 71.78 121.89 17.04
N VAL C 147 71.37 120.72 16.53
CA VAL C 147 70.16 120.63 15.70
C VAL C 147 69.02 120.02 16.52
N PRO C 148 67.93 120.77 16.72
CA PRO C 148 66.72 120.20 17.33
C PRO C 148 66.16 119.07 16.51
N ALA C 149 65.59 118.08 17.18
CA ALA C 149 64.95 116.97 16.51
C ALA C 149 63.94 116.35 17.46
N ILE C 150 62.75 116.00 16.97
CA ILE C 150 61.76 115.30 17.82
C ILE C 150 61.15 114.11 17.09
N TYR C 151 60.83 113.05 17.83
CA TYR C 151 60.10 111.92 17.27
C TYR C 151 58.73 111.77 17.92
N GLY C 152 57.95 110.83 17.40
CA GLY C 152 56.65 110.54 17.94
C GLY C 152 55.55 111.38 17.34
N VAL C 153 55.83 112.08 16.24
CA VAL C 153 54.83 112.93 15.58
C VAL C 153 54.35 112.31 14.26
N ASP C 154 53.09 112.55 13.94
CA ASP C 154 52.47 111.93 12.79
C ASP C 154 52.95 112.64 11.53
N THR C 155 54.07 112.16 10.99
CA THR C 155 54.69 112.77 9.80
C THR C 155 53.81 112.72 8.56
N ARG C 156 52.83 111.83 8.55
CA ARG C 156 51.94 111.75 7.40
C ARG C 156 50.93 112.89 7.44
N MET C 157 50.35 113.12 8.62
CA MET C 157 49.43 114.21 8.84
C MET C 157 50.10 115.55 8.54
N LEU C 158 51.31 115.70 9.05
CA LEU C 158 52.14 116.87 8.73
C LEU C 158 52.28 117.08 7.24
N THR C 159 52.67 116.01 6.54
CA THR C 159 52.85 116.05 5.09
C THR C 159 51.59 116.53 4.37
N LYS C 160 50.45 115.93 4.70
CA LYS C 160 49.19 116.32 4.03
C LYS C 160 48.84 117.78 4.32
N ILE C 161 49.16 118.28 5.51
CA ILE C 161 48.95 119.69 5.85
C ILE C 161 49.83 120.62 5.05
N ILE C 162 51.11 120.26 4.93
CA ILE C 162 52.09 121.05 4.17
C ILE C 162 51.78 121.03 2.67
N ARG C 163 51.45 119.85 2.18
CA ARG C 163 51.22 119.64 0.77
CA ARG C 163 51.26 119.65 0.73
C ARG C 163 50.41 120.77 0.13
N ASP C 164 50.95 121.39 -0.92
CA ASP C 164 50.30 122.42 -1.76
C ASP C 164 49.96 123.79 -1.13
N LYS C 165 50.61 124.13 -0.01
CA LYS C 165 50.42 125.42 0.65
C LYS C 165 51.54 126.39 0.35
N GLY C 166 52.46 126.03 -0.54
CA GLY C 166 53.53 126.94 -0.94
C GLY C 166 54.60 127.15 0.11
N THR C 167 54.19 127.59 1.29
CA THR C 167 55.16 127.88 2.33
C THR C 167 54.49 127.73 3.68
N MET C 168 54.77 126.63 4.38
CA MET C 168 54.30 126.46 5.74
C MET C 168 55.45 126.79 6.68
N LEU C 169 55.26 127.83 7.49
CA LEU C 169 56.19 128.18 8.56
C LEU C 169 55.84 127.37 9.82
N GLY C 170 56.87 127.00 10.56
CA GLY C 170 56.68 126.22 11.76
C GLY C 170 57.83 126.43 12.70
N LYS C 171 57.79 125.75 13.84
CA LYS C 171 58.90 125.81 14.77
C LYS C 171 58.87 124.63 15.71
N ILE C 172 60.04 124.16 16.09
CA ILE C 172 60.13 123.19 17.17
C ILE C 172 60.29 123.99 18.47
N GLU C 173 59.25 123.97 19.30
CA GLU C 173 59.20 124.79 20.51
C GLU C 173 59.33 123.99 21.80
N PHE C 174 60.36 124.32 22.57
CA PHE C 174 60.58 123.72 23.88
C PHE C 174 59.96 124.61 24.96
N GLU C 175 59.59 123.98 26.08
CA GLU C 175 59.06 124.68 27.26
C GLU C 175 60.10 125.64 27.78
N GLY C 176 59.69 126.89 27.96
CA GLY C 176 60.57 127.93 28.44
C GLY C 176 61.53 128.48 27.40
N GLN C 177 61.26 128.18 26.12
CA GLN C 177 62.09 128.67 25.02
C GLN C 177 61.17 129.07 23.88
N PRO C 178 60.50 130.21 24.03
CA PRO C 178 59.70 130.68 22.90
C PRO C 178 60.56 131.23 21.76
N VAL C 179 60.11 131.00 20.53
CA VAL C 179 60.71 131.61 19.35
C VAL C 179 59.59 132.10 18.42
N ASP C 180 59.87 133.14 17.65
CA ASP C 180 58.92 133.64 16.65
C ASP C 180 59.09 132.86 15.38
N PHE C 181 58.00 132.79 14.62
CA PHE C 181 58.04 132.28 13.27
C PHE C 181 58.94 133.20 12.45
N VAL C 182 59.70 132.61 11.54
CA VAL C 182 60.59 133.33 10.63
C VAL C 182 60.54 132.64 9.27
N ASP C 183 60.60 133.43 8.18
CA ASP C 183 60.68 132.90 6.83
C ASP C 183 62.12 133.06 6.31
N PRO C 184 62.88 131.96 6.25
CA PRO C 184 64.24 132.10 5.79
C PRO C 184 64.35 132.41 4.29
N ASN C 185 63.25 132.26 3.55
CA ASN C 185 63.23 132.62 2.13
C ASN C 185 63.30 134.12 1.86
N LYS C 186 63.04 134.92 2.90
CA LYS C 186 63.26 136.35 2.78
C LYS C 186 64.75 136.66 2.69
N GLN C 187 65.61 135.71 3.06
CA GLN C 187 67.06 135.85 2.90
C GLN C 187 67.60 135.20 1.65
N ASN C 188 68.73 135.73 1.17
CA ASN C 188 69.54 135.08 0.18
C ASN C 188 70.34 133.96 0.85
N LEU C 189 69.75 132.77 0.88
CA LEU C 189 70.38 131.62 1.53
C LEU C 189 71.58 131.14 0.74
N ILE C 190 71.57 131.37 -0.56
CA ILE C 190 72.71 131.06 -1.41
C ILE C 190 73.99 131.60 -0.75
N ALA C 191 73.97 132.86 -0.36
CA ALA C 191 75.11 133.50 0.30
C ALA C 191 75.47 132.87 1.65
N GLU C 192 74.47 132.46 2.43
CA GLU C 192 74.73 131.84 3.73
C GLU C 192 75.47 130.50 3.61
N VAL C 193 75.30 129.79 2.49
CA VAL C 193 75.96 128.49 2.29
C VAL C 193 77.07 128.47 1.24
N SER C 194 77.35 129.58 0.56
CA SER C 194 78.40 129.56 -0.46
C SER C 194 79.76 129.60 0.24
N THR C 195 80.77 129.05 -0.44
CA THR C 195 82.16 129.17 -0.01
C THR C 195 82.54 130.64 -0.03
N LYS C 196 83.38 131.03 0.93
CA LYS C 196 83.83 132.42 1.06
C LYS C 196 85.04 132.69 0.21
N ASP C 197 85.73 131.63 -0.20
CA ASP C 197 86.87 131.81 -1.09
C ASP C 197 87.06 130.60 -2.00
N VAL C 198 87.84 130.83 -3.04
CA VAL C 198 88.02 129.86 -4.09
C VAL C 198 88.74 128.65 -3.55
N LYS C 199 88.26 127.47 -3.92
CA LYS C 199 88.91 126.24 -3.52
C LYS C 199 89.07 125.35 -4.73
N VAL C 200 90.20 124.65 -4.81
CA VAL C 200 90.47 123.77 -5.93
C VAL C 200 90.48 122.30 -5.53
N TYR C 201 89.78 121.49 -6.32
CA TYR C 201 89.76 120.04 -6.16
C TYR C 201 90.23 119.37 -7.46
N GLY C 202 90.88 118.23 -7.33
CA GLY C 202 91.50 117.59 -8.49
C GLY C 202 92.69 118.40 -8.97
N LYS C 203 93.45 118.92 -8.01
CA LYS C 203 94.61 119.76 -8.30
C LYS C 203 95.53 119.08 -9.28
N GLY C 204 95.78 119.72 -10.42
CA GLY C 204 96.65 119.19 -11.45
C GLY C 204 95.94 118.53 -12.64
N ASN C 205 94.66 118.26 -12.50
CA ASN C 205 93.88 117.58 -13.56
C ASN C 205 93.80 118.41 -14.85
N PRO C 206 93.66 117.74 -16.01
CA PRO C 206 93.75 118.43 -17.30
C PRO C 206 92.63 119.41 -17.63
N THR C 207 91.39 119.14 -17.20
CA THR C 207 90.25 119.98 -17.58
C THR C 207 89.81 120.98 -16.49
N LYS C 208 89.89 122.27 -16.78
CA LYS C 208 89.55 123.28 -15.81
C LYS C 208 88.04 123.58 -15.81
N VAL C 209 87.40 123.32 -14.69
CA VAL C 209 85.97 123.62 -14.53
C VAL C 209 85.76 124.60 -13.38
N VAL C 210 85.14 125.74 -13.68
CA VAL C 210 84.68 126.61 -12.63
C VAL C 210 83.32 126.14 -12.13
N ALA C 211 83.22 125.95 -10.81
CA ALA C 211 81.99 125.51 -10.17
C ALA C 211 81.46 126.65 -9.30
N VAL C 212 80.35 127.24 -9.71
CA VAL C 212 79.76 128.33 -8.93
C VAL C 212 78.96 127.73 -7.78
N ASP C 213 79.46 127.96 -6.57
CA ASP C 213 78.88 127.34 -5.39
C ASP C 213 77.65 128.11 -4.94
N CYS C 214 76.49 127.48 -5.09
CA CYS C 214 75.23 128.01 -4.58
C CYS C 214 74.66 127.04 -3.55
N GLY C 215 75.54 126.34 -2.84
CA GLY C 215 75.14 125.25 -1.97
C GLY C 215 75.26 123.93 -2.71
N ILE C 216 76.43 123.74 -3.30
CA ILE C 216 76.77 122.53 -4.01
C ILE C 216 76.89 121.35 -3.04
N LYS C 217 76.49 120.17 -3.52
CA LYS C 217 76.70 118.94 -2.78
C LYS C 217 78.02 118.32 -3.21
N ASN C 218 78.68 117.65 -2.26
CA ASN C 218 80.05 117.16 -2.45
C ASN C 218 80.18 116.23 -3.63
N ASN C 219 79.13 115.48 -3.91
CA ASN C 219 79.21 114.52 -4.97
C ASN C 219 79.31 115.13 -6.37
N VAL C 220 78.80 116.33 -6.56
CA VAL C 220 79.03 117.04 -7.82
C VAL C 220 80.55 117.11 -8.05
N ILE C 221 81.28 117.46 -6.99
CA ILE C 221 82.72 117.64 -7.07
C ILE C 221 83.42 116.31 -7.28
N ARG C 222 82.98 115.27 -6.59
CA ARG C 222 83.60 113.97 -6.76
C ARG C 222 83.45 113.48 -8.21
N LEU C 223 82.25 113.63 -8.76
CA LEU C 223 81.97 113.16 -10.12
C LEU C 223 82.72 113.92 -11.20
N LEU C 224 82.97 115.20 -10.96
CA LEU C 224 83.74 116.03 -11.89
C LEU C 224 85.22 115.62 -11.93
N VAL C 225 85.83 115.60 -10.75
CA VAL C 225 87.23 115.24 -10.57
C VAL C 225 87.52 113.84 -11.10
N LYS C 226 86.62 112.91 -10.80
CA LYS C 226 86.75 111.55 -11.30
C LYS C 226 86.75 111.46 -12.85
N ARG C 227 86.18 112.44 -13.54
CA ARG C 227 86.15 112.49 -15.01
C ARG C 227 87.28 113.32 -15.60
N GLY C 228 88.15 113.84 -14.75
CA GLY C 228 89.35 114.52 -15.21
C GLY C 228 89.40 116.00 -14.96
N ALA C 229 88.46 116.52 -14.17
CA ALA C 229 88.40 117.95 -13.92
C ALA C 229 89.31 118.41 -12.80
N GLU C 230 89.89 119.60 -12.96
CA GLU C 230 90.41 120.38 -11.86
C GLU C 230 89.32 121.40 -11.57
N VAL C 231 88.67 121.27 -10.42
CA VAL C 231 87.47 122.04 -10.11
C VAL C 231 87.82 123.25 -9.25
N HIS C 232 87.51 124.43 -9.77
CA HIS C 232 87.69 125.67 -9.06
C HIS C 232 86.34 126.08 -8.51
N LEU C 233 86.17 125.89 -7.21
CA LEU C 233 84.90 126.17 -6.54
C LEU C 233 84.95 127.60 -6.07
N VAL C 234 84.04 128.41 -6.59
CA VAL C 234 84.10 129.86 -6.36
C VAL C 234 82.85 130.37 -5.65
N PRO C 235 83.00 131.41 -4.82
CA PRO C 235 81.79 131.96 -4.21
C PRO C 235 80.71 132.33 -5.23
N TRP C 236 79.45 132.35 -4.76
CA TRP C 236 78.28 132.65 -5.61
C TRP C 236 78.32 134.03 -6.28
N ASN C 237 78.98 134.99 -5.64
CA ASN C 237 79.12 136.35 -6.22
C ASN C 237 80.53 136.60 -6.79
N HIS C 238 81.29 135.53 -7.04
CA HIS C 238 82.60 135.66 -7.65
C HIS C 238 82.48 136.03 -9.14
N ASP C 239 83.33 136.95 -9.58
CA ASP C 239 83.33 137.37 -10.97
C ASP C 239 84.19 136.42 -11.78
N PHE C 240 83.52 135.43 -12.37
CA PHE C 240 84.14 134.37 -13.15
C PHE C 240 84.19 134.69 -14.64
N THR C 241 83.61 135.82 -15.02
CA THR C 241 83.29 136.14 -16.41
C THR C 241 84.49 136.34 -17.35
N LYS C 242 85.66 136.69 -16.80
CA LYS C 242 86.90 136.79 -17.60
C LYS C 242 87.92 135.72 -17.20
N MET C 243 87.54 134.80 -16.32
CA MET C 243 88.42 133.68 -15.98
C MET C 243 88.59 132.76 -17.18
N GLU C 244 89.74 132.11 -17.24
CA GLU C 244 89.98 131.05 -18.22
C GLU C 244 89.46 129.77 -17.61
N TYR C 245 88.61 129.06 -18.35
CA TYR C 245 88.17 127.72 -17.96
C TYR C 245 87.72 126.98 -19.20
N ASP C 246 87.65 125.65 -19.09
CA ASP C 246 87.17 124.80 -20.20
C ASP C 246 85.69 124.49 -20.10
N GLY C 247 85.12 124.66 -18.91
CA GLY C 247 83.70 124.47 -18.72
C GLY C 247 83.28 125.21 -17.47
N ILE C 248 81.98 125.50 -17.36
CA ILE C 248 81.46 126.12 -16.15
C ILE C 248 80.20 125.38 -15.68
N LEU C 249 80.08 125.24 -14.36
CA LEU C 249 78.97 124.51 -13.78
C LEU C 249 78.39 125.37 -12.68
N ILE C 250 77.09 125.33 -12.50
CA ILE C 250 76.44 126.07 -11.44
C ILE C 250 75.54 125.13 -10.67
N ALA C 251 75.78 124.99 -9.38
CA ALA C 251 75.07 123.98 -8.63
C ALA C 251 74.61 124.51 -7.31
N GLY C 252 73.39 124.17 -6.94
CA GLY C 252 72.98 124.46 -5.60
C GLY C 252 71.58 124.05 -5.24
N GLY C 253 71.23 124.48 -4.04
CA GLY C 253 70.06 124.05 -3.35
C GLY C 253 69.24 125.19 -2.81
N PRO C 254 69.69 125.84 -1.72
CA PRO C 254 68.73 126.61 -0.94
C PRO C 254 68.36 127.96 -1.56
N GLY C 255 67.13 128.39 -1.35
CA GLY C 255 66.75 129.77 -1.50
C GLY C 255 66.01 130.17 -2.75
N ASN C 256 65.51 131.39 -2.73
CA ASN C 256 64.94 132.04 -3.89
C ASN C 256 66.10 132.50 -4.76
N PRO C 257 66.18 131.98 -6.01
CA PRO C 257 67.28 132.34 -6.89
C PRO C 257 67.19 133.79 -7.37
N ALA C 258 65.99 134.37 -7.35
CA ALA C 258 65.81 135.76 -7.73
C ALA C 258 66.62 136.72 -6.85
N LEU C 259 66.93 136.31 -5.62
CA LEU C 259 67.72 137.11 -4.68
C LEU C 259 69.24 137.07 -4.92
N ALA C 260 69.69 136.42 -5.99
CA ALA C 260 71.13 136.29 -6.27
C ALA C 260 71.54 137.14 -7.46
N GLU C 261 71.21 138.43 -7.42
CA GLU C 261 71.45 139.34 -8.56
C GLU C 261 72.91 139.41 -9.02
N PRO C 262 73.87 139.58 -8.10
CA PRO C 262 75.25 139.58 -8.60
C PRO C 262 75.50 138.43 -9.57
N LEU C 263 75.05 137.24 -9.21
CA LEU C 263 75.26 136.03 -10.00
C LEU C 263 74.48 136.00 -11.31
N ILE C 264 73.17 136.26 -11.22
CA ILE C 264 72.32 136.28 -12.42
C ILE C 264 72.96 137.20 -13.45
N GLN C 265 73.45 138.36 -13.00
CA GLN C 265 74.20 139.29 -13.85
C GLN C 265 75.41 138.64 -14.51
N ASN C 266 76.28 138.06 -13.69
CA ASN C 266 77.48 137.42 -14.20
C ASN C 266 77.19 136.34 -15.22
N VAL C 267 76.18 135.51 -14.98
CA VAL C 267 75.84 134.48 -15.97
C VAL C 267 75.25 135.13 -17.23
N ARG C 268 74.47 136.20 -17.06
CA ARG C 268 73.93 136.92 -18.20
C ARG C 268 75.05 137.47 -19.08
N LYS C 269 76.10 137.99 -18.47
CA LYS C 269 77.26 138.48 -19.23
C LYS C 269 77.85 137.38 -20.12
N ILE C 270 78.02 136.19 -19.57
CA ILE C 270 78.49 135.04 -20.34
C ILE C 270 77.58 134.78 -21.56
N LEU C 271 76.28 134.76 -21.34
CA LEU C 271 75.31 134.44 -22.40
C LEU C 271 75.26 135.50 -23.47
N GLU C 272 75.48 136.75 -23.08
CA GLU C 272 75.48 137.86 -24.02
C GLU C 272 76.80 138.03 -24.77
N SER C 273 77.80 137.22 -24.44
CA SER C 273 79.12 137.37 -25.02
C SER C 273 79.32 136.34 -26.12
N ASP C 274 80.56 136.25 -26.62
CA ASP C 274 80.90 135.26 -27.64
C ASP C 274 81.51 133.99 -27.04
N ARG C 275 81.54 133.89 -25.71
CA ARG C 275 82.13 132.72 -25.03
C ARG C 275 81.31 131.44 -25.30
N LYS C 276 81.99 130.31 -25.50
CA LYS C 276 81.31 129.07 -25.91
C LYS C 276 81.74 127.85 -25.11
N GLU C 277 82.34 128.09 -23.94
CA GLU C 277 82.68 127.02 -23.03
C GLU C 277 81.37 126.36 -22.58
N PRO C 278 81.33 125.02 -22.63
CA PRO C 278 80.10 124.35 -22.21
C PRO C 278 79.66 124.80 -20.83
N LEU C 279 78.36 124.95 -20.64
CA LEU C 279 77.81 125.35 -19.35
C LEU C 279 76.79 124.33 -18.90
N PHE C 280 76.85 123.96 -17.62
CA PHE C 280 76.04 122.90 -17.09
C PHE C 280 75.48 123.32 -15.76
N GLY C 281 74.15 123.40 -15.66
CA GLY C 281 73.50 123.86 -14.43
C GLY C 281 72.72 122.77 -13.72
N ILE C 282 72.84 122.73 -12.40
CA ILE C 282 72.10 121.79 -11.56
C ILE C 282 71.21 122.50 -10.54
N SER C 283 69.94 122.10 -10.53
CA SER C 283 68.89 122.64 -9.63
C SER C 283 68.88 124.17 -9.59
N THR C 284 69.53 124.80 -8.62
CA THR C 284 69.61 126.26 -8.62
C THR C 284 70.19 126.78 -9.93
N GLY C 285 71.19 126.07 -10.44
CA GLY C 285 71.80 126.36 -11.74
C GLY C 285 70.82 126.47 -12.89
N ASN C 286 69.83 125.57 -12.91
CA ASN C 286 68.77 125.69 -13.91
C ASN C 286 68.06 127.03 -13.74
N LEU C 287 67.73 127.39 -12.49
CA LEU C 287 66.93 128.58 -12.23
C LEU C 287 67.72 129.86 -12.47
N ILE C 288 68.96 129.89 -12.01
CA ILE C 288 69.87 131.01 -12.28
C ILE C 288 70.09 131.19 -13.78
N THR C 289 70.32 130.10 -14.50
CA THR C 289 70.61 130.22 -15.93
C THR C 289 69.40 130.72 -16.69
N GLY C 290 68.23 130.18 -16.35
CA GLY C 290 66.96 130.66 -16.88
C GLY C 290 66.71 132.13 -16.63
N LEU C 291 67.06 132.58 -15.42
CA LEU C 291 66.94 134.00 -15.06
C LEU C 291 67.93 134.86 -15.88
N ALA C 292 69.19 134.44 -15.95
CA ALA C 292 70.19 135.10 -16.79
C ALA C 292 69.74 135.19 -18.26
N ALA C 293 69.13 134.12 -18.76
CA ALA C 293 68.62 134.11 -20.14
C ALA C 293 67.40 134.99 -20.37
N GLY C 294 66.61 135.26 -19.34
CA GLY C 294 65.38 136.06 -19.49
C GLY C 294 64.06 135.38 -19.12
N ALA C 295 64.11 134.19 -18.51
CA ALA C 295 62.88 133.50 -18.07
C ALA C 295 62.44 133.89 -16.65
N LYS C 296 61.18 133.63 -16.30
CA LYS C 296 60.67 133.84 -14.93
C LYS C 296 60.83 132.59 -14.05
N THR C 297 60.93 132.80 -12.75
CA THR C 297 60.89 131.72 -11.75
C THR C 297 59.69 131.98 -10.85
N TYR C 298 59.25 130.97 -10.13
CA TYR C 298 58.15 131.14 -9.16
C TYR C 298 58.28 130.16 -8.00
N LYS C 299 57.71 130.50 -6.84
CA LYS C 299 57.73 129.61 -5.69
C LYS C 299 56.60 128.61 -5.94
N MET C 300 56.91 127.33 -5.84
CA MET C 300 55.95 126.27 -6.15
C MET C 300 55.04 126.11 -4.93
N SER C 301 53.75 125.89 -5.13
CA SER C 301 52.88 125.51 -4.00
C SER C 301 53.08 124.04 -3.65
N MET C 302 53.35 123.23 -4.66
CA MET C 302 53.71 121.85 -4.47
C MET C 302 55.14 121.69 -4.97
N ALA C 303 56.09 121.66 -4.03
CA ALA C 303 57.52 121.52 -4.34
C ALA C 303 57.84 120.12 -4.87
N ASN C 304 59.02 119.94 -5.45
CA ASN C 304 59.50 118.59 -5.82
C ASN C 304 60.61 118.13 -4.85
N ARG C 305 60.25 117.27 -3.89
CA ARG C 305 61.21 116.73 -2.91
C ARG C 305 61.05 115.22 -2.75
N GLY C 306 61.99 114.48 -3.29
CA GLY C 306 61.91 113.04 -3.25
C GLY C 306 63.10 112.40 -3.94
N GLN C 307 63.10 111.07 -3.96
CA GLN C 307 64.07 110.29 -4.73
C GLN C 307 63.39 109.51 -5.88
N ASN C 308 62.09 109.73 -6.06
CA ASN C 308 61.23 108.99 -6.98
C ASN C 308 60.50 109.90 -7.98
N GLN C 309 61.13 111.01 -8.34
CA GLN C 309 60.49 112.05 -9.16
C GLN C 309 60.71 111.76 -10.64
N PRO C 310 59.63 111.39 -11.36
CA PRO C 310 59.79 111.08 -12.77
C PRO C 310 59.96 112.32 -13.68
N VAL C 311 60.94 112.26 -14.59
CA VAL C 311 61.08 113.29 -15.63
C VAL C 311 61.13 112.64 -17.02
N LEU C 312 60.72 113.39 -18.03
CA LEU C 312 60.78 112.93 -19.41
C LEU C 312 61.69 113.85 -20.18
N ASN C 313 62.58 113.27 -20.98
CA ASN C 313 63.35 114.02 -21.97
C ASN C 313 62.44 114.33 -23.16
N ILE C 314 62.01 115.59 -23.26
CA ILE C 314 61.12 116.07 -24.36
C ILE C 314 61.53 115.58 -25.74
N THR C 315 62.81 115.78 -26.08
CA THR C 315 63.41 115.35 -27.35
C THR C 315 63.18 113.90 -27.76
N ASN C 316 63.50 112.96 -26.87
CA ASN C 316 63.46 111.54 -27.23
C ASN C 316 62.52 110.66 -26.40
N LYS C 317 61.75 111.25 -25.50
CA LYS C 317 60.65 110.51 -24.85
C LYS C 317 61.18 109.43 -23.85
N GLN C 318 62.45 109.53 -23.47
CA GLN C 318 63.04 108.65 -22.47
C GLN C 318 62.70 109.19 -21.09
N ALA C 319 62.36 108.29 -20.17
CA ALA C 319 61.96 108.69 -18.83
C ALA C 319 63.07 108.39 -17.83
N PHE C 320 63.13 109.18 -16.77
CA PHE C 320 64.15 108.98 -15.76
C PHE C 320 63.59 109.28 -14.38
N ILE C 321 64.02 108.47 -13.42
CA ILE C 321 63.71 108.66 -12.01
C ILE C 321 64.83 109.49 -11.39
N THR C 322 64.46 110.50 -10.62
CA THR C 322 65.42 111.51 -10.19
C THR C 322 65.23 111.84 -8.74
N ALA C 323 66.31 112.32 -8.12
CA ALA C 323 66.21 112.96 -6.82
C ALA C 323 66.11 114.46 -7.05
N GLN C 324 65.12 115.07 -6.38
CA GLN C 324 64.93 116.51 -6.41
C GLN C 324 64.71 117.01 -5.01
N ASN C 325 65.06 118.28 -4.84
CA ASN C 325 64.85 119.00 -3.60
C ASN C 325 64.78 120.49 -3.90
N HIS C 326 63.71 120.90 -4.58
CA HIS C 326 63.51 122.30 -4.93
C HIS C 326 62.07 122.78 -4.76
N GLY C 327 61.95 124.05 -4.34
CA GLY C 327 60.67 124.71 -4.09
C GLY C 327 60.36 125.88 -5.01
N TYR C 328 61.37 126.30 -5.78
CA TYR C 328 61.19 127.31 -6.82
C TYR C 328 61.38 126.61 -8.17
N ALA C 329 60.70 127.12 -9.20
CA ALA C 329 60.74 126.49 -10.50
C ALA C 329 60.75 127.54 -11.59
N LEU C 330 61.19 127.12 -12.78
CA LEU C 330 61.27 127.99 -13.93
C LEU C 330 59.93 127.97 -14.65
N ASP C 331 59.39 129.17 -14.93
CA ASP C 331 58.25 129.33 -15.80
C ASP C 331 58.56 128.73 -17.18
N ASN C 332 57.61 128.00 -17.75
CA ASN C 332 57.85 127.28 -19.01
C ASN C 332 57.96 128.14 -20.28
N THR C 333 57.65 129.43 -20.22
CA THR C 333 57.87 130.36 -21.33
C THR C 333 59.30 130.92 -21.34
N LEU C 334 60.11 130.48 -22.30
CA LEU C 334 61.54 130.79 -22.35
C LEU C 334 61.90 131.69 -23.54
N PRO C 335 62.95 132.50 -23.41
CA PRO C 335 63.32 133.37 -24.51
C PRO C 335 63.92 132.63 -25.72
N ALA C 336 63.79 133.24 -26.90
CA ALA C 336 64.34 132.72 -28.16
C ALA C 336 65.73 132.13 -27.99
N GLY C 337 65.95 130.98 -28.64
CA GLY C 337 67.21 130.26 -28.56
C GLY C 337 67.27 129.23 -27.45
N TRP C 338 66.28 129.23 -26.56
CA TRP C 338 66.23 128.28 -25.43
C TRP C 338 65.01 127.37 -25.50
N LYS C 339 65.20 126.09 -25.23
CA LYS C 339 64.14 125.07 -25.32
C LYS C 339 64.14 124.22 -24.06
N PRO C 340 62.95 123.77 -23.60
CA PRO C 340 62.92 122.85 -22.47
C PRO C 340 63.59 121.54 -22.84
N LEU C 341 64.23 120.92 -21.87
CA LEU C 341 64.94 119.67 -22.07
C LEU C 341 64.23 118.54 -21.33
N PHE C 342 63.97 118.74 -20.04
CA PHE C 342 63.24 117.76 -19.26
C PHE C 342 61.95 118.38 -18.70
N VAL C 343 60.91 117.56 -18.60
CA VAL C 343 59.64 117.95 -17.98
C VAL C 343 59.29 116.94 -16.90
N ASN C 344 58.59 117.41 -15.87
CA ASN C 344 58.15 116.56 -14.76
C ASN C 344 56.89 115.82 -15.19
N VAL C 345 56.91 114.48 -15.10
CA VAL C 345 55.83 113.68 -15.67
C VAL C 345 54.55 113.73 -14.80
N ASN C 346 54.70 114.08 -13.54
CA ASN C 346 53.54 114.22 -12.65
C ASN C 346 52.80 115.55 -12.80
N ASP C 347 53.55 116.67 -12.80
CA ASP C 347 52.95 118.00 -12.69
C ASP C 347 53.35 118.95 -13.82
N GLN C 348 54.03 118.42 -14.84
CA GLN C 348 54.39 119.17 -16.06
C GLN C 348 55.30 120.39 -15.85
N THR C 349 55.84 120.58 -14.64
CA THR C 349 56.77 121.68 -14.40
C THR C 349 58.09 121.42 -15.14
N ASN C 350 58.83 122.48 -15.41
CA ASN C 350 60.13 122.37 -16.07
C ASN C 350 61.17 121.60 -15.24
N GLU C 351 62.03 120.85 -15.91
CA GLU C 351 63.09 120.11 -15.22
C GLU C 351 64.43 120.23 -15.91
N GLY C 352 64.51 121.19 -16.82
CA GLY C 352 65.70 121.35 -17.66
C GLY C 352 65.53 122.31 -18.82
N ILE C 353 66.64 122.91 -19.23
CA ILE C 353 66.66 123.74 -20.42
C ILE C 353 67.97 123.53 -21.20
N MET C 354 67.91 123.85 -22.48
CA MET C 354 69.07 123.83 -23.37
C MET C 354 69.01 124.98 -24.38
N HIS C 355 70.18 125.41 -24.83
CA HIS C 355 70.30 126.34 -25.96
C HIS C 355 70.22 125.51 -27.25
N GLU C 356 69.71 126.11 -28.33
CA GLU C 356 69.51 125.39 -29.59
C GLU C 356 70.78 125.14 -30.42
N SER C 357 71.87 125.82 -30.08
CA SER C 357 73.12 125.74 -30.85
C SER C 357 74.38 125.73 -29.98
N LYS C 358 74.38 126.52 -28.89
CA LYS C 358 75.51 126.55 -27.97
C LYS C 358 75.45 125.40 -26.95
N PRO C 359 76.61 124.99 -26.41
CA PRO C 359 76.63 123.89 -25.44
C PRO C 359 76.22 124.28 -24.02
N PHE C 360 75.11 125.01 -23.87
CA PHE C 360 74.62 125.39 -22.55
C PHE C 360 73.40 124.54 -22.20
N PHE C 361 73.44 123.86 -21.06
CA PHE C 361 72.25 123.22 -20.57
C PHE C 361 72.17 123.23 -19.06
N ALA C 362 70.98 122.94 -18.57
CA ALA C 362 70.75 122.81 -17.16
C ALA C 362 69.65 121.82 -16.85
N VAL C 363 69.77 121.20 -15.68
CA VAL C 363 68.74 120.31 -15.15
C VAL C 363 68.32 120.76 -13.75
N GLN C 364 67.04 120.56 -13.44
CA GLN C 364 66.43 121.03 -12.20
C GLN C 364 66.63 120.03 -11.06
N PHE C 365 67.01 118.83 -11.45
CA PHE C 365 67.21 117.73 -10.51
C PHE C 365 68.70 117.51 -10.26
N HIS C 366 69.02 116.55 -9.41
CA HIS C 366 70.40 116.29 -8.99
C HIS C 366 70.93 114.96 -9.55
N PRO C 367 71.65 115.01 -10.69
CA PRO C 367 72.24 113.78 -11.26
C PRO C 367 73.31 113.15 -10.37
N GLU C 368 73.89 113.95 -9.48
CA GLU C 368 74.84 113.49 -8.48
C GLU C 368 74.15 112.73 -7.34
N VAL C 369 72.83 112.84 -7.28
CA VAL C 369 72.00 112.14 -6.28
C VAL C 369 72.66 112.14 -4.90
N THR C 370 72.81 110.99 -4.22
CA THR C 370 73.46 110.95 -2.91
C THR C 370 72.68 111.83 -1.93
N PRO C 371 71.48 111.40 -1.51
CA PRO C 371 70.87 110.13 -1.89
C PRO C 371 70.06 110.18 -3.17
N GLY C 372 69.77 109.00 -3.73
CA GLY C 372 68.89 108.91 -4.88
C GLY C 372 69.38 108.00 -5.99
N PRO C 373 68.55 107.83 -7.02
CA PRO C 373 68.81 106.86 -8.08
C PRO C 373 69.90 107.30 -9.06
N ILE C 374 70.88 106.42 -9.28
CA ILE C 374 72.00 106.67 -10.18
C ILE C 374 71.56 106.33 -11.60
N ASP C 375 70.69 107.17 -12.12
CA ASP C 375 70.08 106.95 -13.42
C ASP C 375 70.39 108.09 -14.41
N THR C 376 70.92 109.21 -13.91
CA THR C 376 71.16 110.37 -14.75
C THR C 376 72.59 110.93 -14.61
N GLU C 377 73.50 110.05 -14.21
CA GLU C 377 74.91 110.40 -14.11
C GLU C 377 75.54 110.66 -15.49
N TYR C 378 75.00 110.04 -16.54
CA TYR C 378 75.46 110.28 -17.92
C TYR C 378 75.53 111.76 -18.30
N LEU C 379 74.75 112.59 -17.61
CA LEU C 379 74.77 114.04 -17.83
C LEU C 379 76.16 114.66 -17.57
N PHE C 380 76.94 114.06 -16.67
CA PHE C 380 78.33 114.48 -16.47
C PHE C 380 79.21 114.08 -17.66
N ASP C 381 79.05 112.84 -18.14
CA ASP C 381 79.75 112.39 -19.35
C ASP C 381 79.40 113.29 -20.53
N SER C 382 78.13 113.67 -20.63
CA SER C 382 77.68 114.57 -21.69
C SER C 382 78.37 115.93 -21.64
N PHE C 383 78.47 116.49 -20.44
CA PHE C 383 79.16 117.75 -20.20
C PHE C 383 80.61 117.70 -20.66
N PHE C 384 81.29 116.59 -20.35
CA PHE C 384 82.71 116.44 -20.69
C PHE C 384 82.89 116.22 -22.19
N SER C 385 81.95 115.51 -22.81
CA SER C 385 81.96 115.37 -24.28
C SER C 385 81.80 116.71 -24.99
N LEU C 386 80.98 117.61 -24.46
CA LEU C 386 80.85 118.96 -25.02
C LEU C 386 82.19 119.69 -24.97
N ILE C 387 82.91 119.57 -23.85
CA ILE C 387 84.21 120.21 -23.70
C ILE C 387 85.24 119.63 -24.68
N LYS C 388 85.27 118.31 -24.82
CA LYS C 388 86.24 117.61 -25.67
C LYS C 388 86.01 117.87 -27.16
N LYS C 389 84.76 117.77 -27.62
CA LYS C 389 84.42 118.04 -29.02
C LYS C 389 84.63 119.51 -29.37
N GLY C 390 84.21 120.39 -28.48
CA GLY C 390 84.58 121.81 -28.53
C GLY C 390 84.53 122.52 -29.88
N LYS C 391 83.41 122.35 -30.59
CA LYS C 391 83.15 123.09 -31.84
C LYS C 391 81.69 123.50 -31.87
N ALA C 392 81.25 124.12 -30.78
CA ALA C 392 79.84 124.45 -30.53
C ALA C 392 78.90 123.24 -30.72
N THR C 393 79.34 122.03 -30.35
CA THR C 393 78.48 120.84 -30.35
C THR C 393 77.20 121.17 -29.58
N THR C 394 76.10 120.53 -29.92
CA THR C 394 74.84 120.79 -29.22
C THR C 394 74.55 119.72 -28.17
N ILE C 395 73.78 120.11 -27.15
CA ILE C 395 73.43 119.20 -26.05
C ILE C 395 72.78 117.89 -26.52
N THR C 396 71.89 117.97 -27.50
CA THR C 396 71.17 116.80 -28.03
C THR C 396 72.09 115.76 -28.65
N SER C 397 73.11 116.23 -29.35
CA SER C 397 74.02 115.35 -30.07
C SER C 397 74.81 114.42 -29.15
N VAL C 398 75.00 114.82 -27.91
CA VAL C 398 75.80 114.04 -26.96
C VAL C 398 74.93 113.36 -25.91
N LEU C 399 73.64 113.15 -26.20
CA LEU C 399 72.78 112.48 -25.22
C LEU C 399 72.47 111.07 -25.67
N PRO C 400 72.37 110.13 -24.71
CA PRO C 400 72.13 108.73 -25.08
C PRO C 400 70.93 108.61 -26.02
N LYS C 401 71.08 107.82 -27.08
CA LYS C 401 69.97 107.53 -28.00
C LYS C 401 69.10 106.38 -27.47
N PRO C 402 67.78 106.45 -27.70
CA PRO C 402 66.92 105.34 -27.27
C PRO C 402 67.37 103.97 -27.84
N ALA C 403 67.65 103.00 -26.96
CA ALA C 403 68.22 101.71 -27.34
C ALA C 403 67.42 101.00 -28.44
N SER C 407 56.58 100.07 -31.31
CA SER C 407 55.23 99.66 -31.75
C SER C 407 54.40 99.04 -30.63
N ARG C 408 53.11 99.39 -30.58
CA ARG C 408 52.14 98.56 -29.89
C ARG C 408 51.98 97.26 -30.67
N VAL C 409 52.17 96.14 -29.97
CA VAL C 409 51.95 94.82 -30.55
C VAL C 409 50.47 94.71 -30.84
N GLU C 410 50.12 94.14 -31.98
CA GLU C 410 48.72 93.89 -32.29
C GLU C 410 48.45 92.43 -32.01
N VAL C 411 47.49 92.21 -31.14
CA VAL C 411 47.01 90.87 -30.81
C VAL C 411 45.51 91.00 -30.58
N SER C 412 44.76 90.05 -31.12
CA SER C 412 43.31 90.03 -30.94
C SER C 412 42.86 88.95 -29.93
N LYS C 413 43.64 87.87 -29.77
CA LYS C 413 43.32 86.85 -28.78
C LYS C 413 44.53 86.29 -28.05
N VAL C 414 44.53 86.44 -26.73
CA VAL C 414 45.63 85.94 -25.91
C VAL C 414 45.25 84.70 -25.06
N LEU C 415 46.17 83.73 -25.01
CA LEU C 415 46.06 82.60 -24.12
C LEU C 415 46.89 82.89 -22.89
N ILE C 416 46.30 82.74 -21.69
CA ILE C 416 47.00 82.93 -20.40
C ILE C 416 47.05 81.61 -19.67
N LEU C 417 48.22 81.28 -19.11
CA LEU C 417 48.38 80.04 -18.36
C LEU C 417 48.39 80.24 -16.84
N GLY C 418 47.64 79.38 -16.14
CA GLY C 418 47.61 79.38 -14.68
C GLY C 418 48.64 78.41 -14.17
N SER C 419 48.78 78.34 -12.84
CA SER C 419 49.73 77.42 -12.16
C SER C 419 49.23 76.01 -12.02
N GLY C 420 47.93 75.81 -12.24
CA GLY C 420 47.28 74.58 -11.87
C GLY C 420 47.01 74.55 -10.37
N GLY C 421 46.96 73.34 -9.82
CA GLY C 421 46.69 73.16 -8.41
C GLY C 421 47.77 73.77 -7.54
N LEU C 422 47.37 74.31 -6.40
CA LEU C 422 48.32 74.92 -5.51
C LEU C 422 49.20 73.89 -4.84
N SER C 423 50.45 74.28 -4.65
CA SER C 423 51.45 73.43 -4.04
C SER C 423 52.40 74.36 -3.34
N ILE C 424 53.14 73.84 -2.37
CA ILE C 424 54.17 74.63 -1.64
C ILE C 424 55.14 75.32 -2.62
N GLY C 425 55.26 76.64 -2.50
CA GLY C 425 56.07 77.46 -3.43
C GLY C 425 55.44 77.95 -4.72
N GLN C 426 54.22 77.49 -5.01
CA GLN C 426 53.49 77.88 -6.22
C GLN C 426 52.01 77.96 -5.82
N ALA C 427 51.66 79.06 -5.19
CA ALA C 427 50.42 79.19 -4.47
C ALA C 427 49.49 80.19 -5.16
N GLY C 428 48.69 80.92 -4.39
CA GLY C 428 47.61 81.72 -4.96
C GLY C 428 48.06 83.05 -5.54
N GLU C 429 49.33 83.39 -5.36
CA GLU C 429 49.85 84.59 -5.95
C GLU C 429 49.51 84.66 -7.47
N PHE C 430 49.47 83.53 -8.16
CA PHE C 430 49.24 83.54 -9.60
C PHE C 430 47.76 83.64 -10.00
N ASP C 431 46.86 83.21 -9.14
CA ASP C 431 45.42 83.50 -9.27
C ASP C 431 45.27 85.02 -9.26
N TYR C 432 45.81 85.63 -8.21
CA TYR C 432 45.83 87.09 -8.10
C TYR C 432 46.45 87.80 -9.33
N SER C 433 47.64 87.37 -9.76
CA SER C 433 48.35 88.03 -10.88
C SER C 433 47.59 87.88 -12.16
N GLY C 434 47.20 86.66 -12.45
CA GLY C 434 46.50 86.35 -13.67
C GLY C 434 45.15 87.03 -13.79
N SER C 435 44.48 87.27 -12.67
CA SER C 435 43.26 88.05 -12.69
C SER C 435 43.55 89.49 -13.10
N GLN C 436 44.67 90.03 -12.63
CA GLN C 436 45.04 91.39 -13.02
C GLN C 436 45.37 91.46 -14.49
N ALA C 437 46.06 90.45 -14.98
CA ALA C 437 46.41 90.36 -16.40
C ALA C 437 45.18 90.40 -17.31
N VAL C 438 44.16 89.67 -16.94
CA VAL C 438 42.96 89.56 -17.76
C VAL C 438 42.25 90.88 -17.79
N LYS C 439 42.24 91.57 -16.66
CA LYS C 439 41.64 92.91 -16.59
C LYS C 439 42.33 93.87 -17.55
N ALA C 440 43.66 93.84 -17.54
CA ALA C 440 44.47 94.69 -18.41
C ALA C 440 44.12 94.39 -19.86
N MET C 441 44.02 93.11 -20.18
CA MET C 441 43.74 92.66 -21.55
C MET C 441 42.41 93.13 -22.05
N LYS C 442 41.42 93.09 -21.16
CA LYS C 442 40.07 93.52 -21.48
C LYS C 442 39.99 95.02 -21.66
N GLU C 443 40.72 95.76 -20.83
CA GLU C 443 40.75 97.22 -20.98
C GLU C 443 41.22 97.60 -22.38
N GLU C 444 42.15 96.81 -22.92
CA GLU C 444 42.69 97.03 -24.25
C GLU C 444 41.99 96.19 -25.34
N ASN C 445 40.76 95.76 -25.05
CA ASN C 445 39.92 95.07 -26.03
C ASN C 445 40.52 93.81 -26.60
N VAL C 446 41.23 93.07 -25.76
CA VAL C 446 41.85 91.85 -26.24
C VAL C 446 41.11 90.65 -25.67
N LYS C 447 40.65 89.79 -26.58
CA LYS C 447 40.01 88.55 -26.22
C LYS C 447 41.00 87.66 -25.46
N THR C 448 40.53 86.93 -24.44
CA THR C 448 41.40 86.14 -23.60
C THR C 448 40.87 84.74 -23.38
N VAL C 449 41.79 83.78 -23.46
CA VAL C 449 41.51 82.40 -23.07
C VAL C 449 42.39 82.00 -21.88
N LEU C 450 41.76 81.41 -20.86
CA LEU C 450 42.49 80.94 -19.69
C LEU C 450 42.52 79.42 -19.60
N MET C 451 43.69 78.89 -19.26
CA MET C 451 43.86 77.48 -18.90
C MET C 451 44.29 77.38 -17.45
N ASN C 452 43.42 76.87 -16.61
CA ASN C 452 43.81 76.55 -15.27
C ASN C 452 42.89 75.48 -14.72
N PRO C 453 43.43 74.29 -14.45
CA PRO C 453 42.63 73.24 -13.82
C PRO C 453 42.30 73.50 -12.34
N ASN C 454 42.83 74.56 -11.74
CA ASN C 454 42.48 74.90 -10.37
C ASN C 454 41.08 75.56 -10.30
N ILE C 455 40.09 74.69 -10.17
CA ILE C 455 38.68 75.07 -10.03
C ILE C 455 38.38 75.96 -8.82
N ALA C 456 39.24 75.93 -7.80
CA ALA C 456 39.08 76.80 -6.62
C ALA C 456 39.60 78.24 -6.85
N SER C 457 40.29 78.47 -7.97
CA SER C 457 40.85 79.79 -8.25
C SER C 457 39.75 80.76 -8.63
N VAL C 458 39.91 82.00 -8.21
CA VAL C 458 38.97 83.05 -8.56
C VAL C 458 39.11 83.39 -10.04
N GLN C 459 40.33 83.33 -10.53
CA GLN C 459 40.65 83.40 -11.96
C GLN C 459 39.65 82.70 -12.85
N THR C 460 39.22 81.52 -12.47
CA THR C 460 38.47 80.68 -13.37
C THR C 460 36.97 80.96 -13.36
N ASN C 461 36.50 81.90 -12.55
CA ASN C 461 35.11 82.33 -12.63
C ASN C 461 34.70 82.82 -14.02
N GLU C 462 33.41 82.80 -14.28
CA GLU C 462 32.82 83.26 -15.54
C GLU C 462 32.62 84.80 -15.57
N VAL C 463 32.16 85.40 -14.45
CA VAL C 463 31.65 86.80 -14.50
C VAL C 463 32.54 87.87 -13.93
N GLY C 464 32.67 88.97 -14.66
CA GLY C 464 33.39 90.16 -14.21
C GLY C 464 34.57 90.53 -15.08
N LEU C 465 35.06 91.75 -14.87
CA LEU C 465 36.19 92.30 -15.64
C LEU C 465 37.53 91.55 -15.57
N LYS C 466 37.68 90.66 -14.59
CA LYS C 466 38.91 89.89 -14.48
C LYS C 466 38.74 88.48 -15.00
N GLN C 467 37.60 88.18 -15.60
CA GLN C 467 37.33 86.81 -16.04
C GLN C 467 37.62 86.66 -17.52
N ALA C 468 38.30 85.59 -17.90
CA ALA C 468 38.61 85.35 -19.29
C ALA C 468 37.32 85.11 -20.06
N ASP C 469 37.33 85.35 -21.36
CA ASP C 469 36.15 85.07 -22.16
C ASP C 469 35.92 83.56 -22.23
N THR C 470 37.00 82.79 -22.15
CA THR C 470 36.89 81.34 -22.22
C THR C 470 37.87 80.65 -21.26
N VAL C 471 37.38 79.63 -20.58
CA VAL C 471 38.13 78.98 -19.50
C VAL C 471 38.23 77.49 -19.75
N TYR C 472 39.45 76.96 -19.72
CA TYR C 472 39.70 75.56 -19.94
C TYR C 472 40.23 74.92 -18.67
N PHE C 473 39.50 73.96 -18.11
CA PHE C 473 40.00 73.24 -16.94
C PHE C 473 40.75 72.00 -17.40
N LEU C 474 42.01 72.18 -17.75
CA LEU C 474 42.83 71.12 -18.31
C LEU C 474 44.26 71.19 -17.80
N PRO C 475 45.04 70.10 -17.96
CA PRO C 475 46.43 70.10 -17.53
C PRO C 475 47.22 71.16 -18.23
N ILE C 476 48.04 71.88 -17.48
CA ILE C 476 48.96 72.77 -18.06
C ILE C 476 50.19 71.98 -18.47
N THR C 477 50.05 71.24 -19.57
CA THR C 477 51.13 70.45 -20.16
C THR C 477 51.10 70.71 -21.66
N PRO C 478 52.23 70.53 -22.35
CA PRO C 478 52.33 70.85 -23.78
C PRO C 478 51.30 70.13 -24.65
N GLN C 479 51.01 68.89 -24.31
CA GLN C 479 49.99 68.13 -25.01
C GLN C 479 48.69 68.95 -25.06
N PHE C 480 48.24 69.45 -23.92
CA PHE C 480 46.92 70.07 -23.84
C PHE C 480 46.90 71.52 -24.22
N VAL C 481 48.01 72.21 -23.99
CA VAL C 481 48.11 73.59 -24.39
C VAL C 481 48.14 73.63 -25.91
N THR C 482 48.69 72.59 -26.53
CA THR C 482 48.71 72.52 -27.97
C THR C 482 47.27 72.39 -28.45
N GLU C 483 46.53 71.45 -27.88
CA GLU C 483 45.15 71.26 -28.32
C GLU C 483 44.36 72.57 -28.24
N VAL C 484 44.57 73.34 -27.17
CA VAL C 484 43.81 74.58 -26.97
C VAL C 484 44.20 75.65 -27.99
N ILE C 485 45.49 75.78 -28.22
CA ILE C 485 46.03 76.62 -29.27
C ILE C 485 45.42 76.30 -30.63
N LYS C 486 45.47 75.03 -31.04
CA LYS C 486 44.83 74.58 -32.28
C LYS C 486 43.41 75.04 -32.38
N ALA C 487 42.66 74.78 -31.34
CA ALA C 487 41.23 75.06 -31.35
C ALA C 487 40.91 76.53 -31.28
N GLU C 488 41.70 77.29 -30.52
CA GLU C 488 41.38 78.68 -30.25
C GLU C 488 42.16 79.66 -31.11
N GLN C 489 43.21 79.17 -31.75
CA GLN C 489 44.06 79.99 -32.65
C GLN C 489 44.37 81.35 -32.08
N PRO C 490 44.98 81.39 -30.90
CA PRO C 490 45.34 82.66 -30.31
C PRO C 490 46.58 83.17 -31.00
N ASP C 491 46.78 84.48 -30.95
CA ASP C 491 48.00 85.08 -31.54
C ASP C 491 48.98 85.59 -30.49
N GLY C 492 48.56 85.59 -29.23
CA GLY C 492 49.44 85.92 -28.13
C GLY C 492 49.41 84.90 -27.00
N LEU C 493 50.52 84.81 -26.29
CA LEU C 493 50.66 83.89 -25.18
C LEU C 493 51.33 84.58 -24.00
N ILE C 494 50.62 84.57 -22.87
CA ILE C 494 51.16 84.96 -21.58
C ILE C 494 51.60 83.70 -20.81
N LEU C 495 52.91 83.54 -20.66
CA LEU C 495 53.47 82.44 -19.90
C LEU C 495 54.19 82.88 -18.62
N GLY C 496 54.07 84.15 -18.26
CA GLY C 496 54.78 84.66 -17.09
C GLY C 496 53.96 84.84 -15.83
N MET C 497 52.75 84.28 -15.79
CA MET C 497 51.85 84.47 -14.64
C MET C 497 51.27 83.18 -14.09
N GLY C 498 51.98 82.08 -14.30
CA GLY C 498 51.56 80.79 -13.81
C GLY C 498 52.70 80.03 -13.16
N GLY C 499 53.62 80.76 -12.52
CA GLY C 499 54.74 80.14 -11.89
C GLY C 499 55.56 79.29 -12.85
N GLN C 500 56.16 78.23 -12.31
CA GLN C 500 57.11 77.41 -13.04
C GLN C 500 56.40 76.48 -14.01
N THR C 501 55.21 76.06 -13.60
CA THR C 501 54.34 75.23 -14.42
C THR C 501 54.18 75.90 -15.78
N ALA C 502 53.68 77.12 -15.77
CA ALA C 502 53.43 77.82 -17.01
C ALA C 502 54.73 78.12 -17.75
N LEU C 503 55.74 78.57 -17.03
CA LEU C 503 57.03 78.86 -17.64
C LEU C 503 57.58 77.66 -18.37
N ASN C 504 57.69 76.54 -17.68
CA ASN C 504 58.30 75.36 -18.29
C ASN C 504 57.48 74.84 -19.42
N CYS C 505 56.18 74.92 -19.28
CA CYS C 505 55.32 74.48 -20.33
C CYS C 505 55.56 75.32 -21.60
N GLY C 506 55.66 76.63 -21.43
CA GLY C 506 55.89 77.54 -22.53
C GLY C 506 57.25 77.36 -23.19
N VAL C 507 58.28 77.08 -22.40
CA VAL C 507 59.62 76.90 -22.95
C VAL C 507 59.69 75.60 -23.73
N GLU C 508 58.99 74.58 -23.27
CA GLU C 508 58.92 73.33 -23.99
C GLU C 508 58.19 73.50 -25.35
N LEU C 509 57.09 74.26 -25.34
CA LEU C 509 56.35 74.52 -26.56
C LEU C 509 57.24 75.22 -27.56
N PHE C 510 58.01 76.18 -27.04
CA PHE C 510 58.93 76.97 -27.85
C PHE C 510 60.00 76.11 -28.47
N LYS C 511 60.69 75.34 -27.63
CA LYS C 511 61.68 74.40 -28.07
C LYS C 511 61.18 73.49 -29.17
N ARG C 512 59.92 73.09 -29.08
CA ARG C 512 59.32 72.23 -30.09
C ARG C 512 58.83 72.96 -31.32
N GLY C 513 58.79 74.29 -31.28
CA GLY C 513 58.32 75.09 -32.42
C GLY C 513 56.82 75.12 -32.60
N VAL C 514 56.08 74.76 -31.56
CA VAL C 514 54.62 74.81 -31.64
C VAL C 514 54.16 76.28 -31.78
N LEU C 515 54.85 77.20 -31.11
CA LEU C 515 54.44 78.61 -31.13
C LEU C 515 54.63 79.21 -32.53
N LYS C 516 55.81 78.98 -33.09
CA LYS C 516 56.12 79.35 -34.45
C LYS C 516 55.10 78.72 -35.38
N GLU C 517 54.88 77.42 -35.23
CA GLU C 517 53.97 76.71 -36.12
C GLU C 517 52.55 77.29 -36.20
N TYR C 518 52.00 77.76 -35.08
CA TYR C 518 50.65 78.32 -35.08
C TYR C 518 50.63 79.83 -34.98
N GLY C 519 51.78 80.47 -35.18
CA GLY C 519 51.86 81.93 -35.15
C GLY C 519 51.42 82.52 -33.83
N VAL C 520 51.96 82.00 -32.73
CA VAL C 520 51.63 82.51 -31.39
C VAL C 520 52.81 83.27 -30.80
N LYS C 521 52.64 84.60 -30.69
CA LYS C 521 53.68 85.46 -30.15
C LYS C 521 53.66 85.39 -28.66
N VAL C 522 54.83 85.26 -28.06
CA VAL C 522 54.98 85.39 -26.62
C VAL C 522 54.97 86.86 -26.26
N LEU C 523 53.97 87.27 -25.49
CA LEU C 523 53.80 88.66 -25.12
C LEU C 523 54.63 88.91 -23.88
N GLY C 524 55.37 90.00 -23.90
CA GLY C 524 56.24 90.35 -22.77
C GLY C 524 57.63 89.79 -22.97
N THR C 525 58.24 89.36 -21.87
CA THR C 525 59.59 88.82 -21.85
C THR C 525 59.69 87.61 -22.76
N SER C 526 60.73 87.57 -23.58
CA SER C 526 60.88 86.53 -24.59
C SER C 526 61.30 85.22 -23.97
N VAL C 527 61.09 84.14 -24.71
CA VAL C 527 61.53 82.83 -24.25
C VAL C 527 63.04 82.76 -24.13
N GLU C 528 63.73 83.58 -24.91
CA GLU C 528 65.19 83.67 -24.84
C GLU C 528 65.62 84.30 -23.51
N SER C 529 65.01 85.41 -23.13
CA SER C 529 65.26 85.99 -21.83
C SER C 529 64.91 85.03 -20.70
N ILE C 530 63.80 84.32 -20.85
CA ILE C 530 63.39 83.36 -19.84
C ILE C 530 64.42 82.25 -19.69
N MET C 531 64.78 81.62 -20.80
CA MET C 531 65.78 80.57 -20.74
C MET C 531 67.08 81.05 -20.10
N ALA C 532 67.47 82.28 -20.40
CA ALA C 532 68.68 82.85 -19.82
C ALA C 532 68.63 83.04 -18.29
N THR C 533 67.41 83.12 -17.72
CA THR C 533 67.27 83.26 -16.28
C THR C 533 66.93 81.95 -15.59
N GLU C 534 66.50 80.94 -16.35
CA GLU C 534 66.07 79.67 -15.76
C GLU C 534 67.16 78.62 -15.81
N ASP C 535 68.03 78.73 -16.81
CA ASP C 535 69.23 77.91 -16.95
C ASP C 535 70.37 78.60 -16.21
N ARG C 536 70.87 77.97 -15.17
CA ARG C 536 71.83 78.63 -14.27
C ARG C 536 73.17 78.90 -14.94
N GLN C 537 73.50 78.13 -15.98
CA GLN C 537 74.72 78.33 -16.72
C GLN C 537 74.60 79.57 -17.63
N LEU C 538 73.49 79.65 -18.37
CA LEU C 538 73.24 80.80 -19.23
C LEU C 538 73.19 82.07 -18.42
N PHE C 539 72.59 82.00 -17.23
CA PHE C 539 72.55 83.14 -16.33
C PHE C 539 73.97 83.59 -16.02
N SER C 540 74.84 82.65 -15.62
CA SER C 540 76.22 82.98 -15.34
C SER C 540 76.89 83.67 -16.55
N ASP C 541 76.66 83.15 -17.75
CA ASP C 541 77.26 83.69 -18.97
C ASP C 541 76.88 85.14 -19.18
N LYS C 542 75.60 85.41 -18.97
CA LYS C 542 75.02 86.73 -19.17
C LYS C 542 75.59 87.81 -18.25
N LEU C 543 75.76 87.45 -16.98
CA LEU C 543 76.31 88.36 -16.00
C LEU C 543 77.82 88.53 -16.21
N ASN C 544 78.49 87.46 -16.62
CA ASN C 544 79.91 87.55 -16.98
C ASN C 544 80.12 88.43 -18.18
N GLU C 545 79.18 88.47 -19.11
CA GLU C 545 79.29 89.39 -20.22
C GLU C 545 79.43 90.81 -19.72
N ILE C 546 78.69 91.18 -18.68
CA ILE C 546 78.79 92.55 -18.15
C ILE C 546 79.66 92.61 -16.90
N ASN C 547 80.54 91.64 -16.71
CA ASN C 547 81.38 91.56 -15.52
C ASN C 547 80.65 91.83 -14.23
N GLU C 548 79.43 91.30 -14.09
CA GLU C 548 78.74 91.40 -12.83
C GLU C 548 79.28 90.38 -11.83
N LYS C 549 78.89 90.54 -10.58
CA LYS C 549 79.46 89.78 -9.49
C LYS C 549 78.58 88.58 -9.14
N ILE C 550 79.15 87.38 -9.28
CA ILE C 550 78.54 86.14 -8.82
C ILE C 550 79.56 85.38 -7.98
N ALA C 551 79.10 84.37 -7.25
CA ALA C 551 79.98 83.57 -6.43
C ALA C 551 80.62 82.49 -7.29
N PRO C 552 81.80 81.96 -6.86
CA PRO C 552 82.39 80.81 -7.53
C PRO C 552 81.39 79.67 -7.65
N SER C 553 81.23 79.14 -8.87
CA SER C 553 80.21 78.15 -9.14
C SER C 553 80.52 77.37 -10.43
N PHE C 554 79.87 76.21 -10.56
CA PHE C 554 79.84 75.45 -11.81
C PHE C 554 78.44 74.88 -11.97
N ALA C 555 77.87 75.06 -13.16
CA ALA C 555 76.62 74.40 -13.51
C ALA C 555 76.99 73.03 -14.05
N VAL C 556 76.41 71.97 -13.49
CA VAL C 556 76.76 70.60 -13.86
C VAL C 556 75.51 69.81 -14.17
N GLU C 557 75.70 68.68 -14.87
CA GLU C 557 74.61 67.81 -15.28
C GLU C 557 74.77 66.38 -14.83
N SER C 558 75.61 66.14 -13.86
CA SER C 558 75.74 64.79 -13.32
C SER C 558 76.26 64.86 -11.91
N ILE C 559 76.10 63.75 -11.21
CA ILE C 559 76.58 63.63 -9.85
C ILE C 559 78.12 63.63 -9.83
N GLU C 560 78.74 62.98 -10.79
CA GLU C 560 80.19 62.98 -10.87
C GLU C 560 80.72 64.41 -11.02
N ASP C 561 80.12 65.19 -11.90
CA ASP C 561 80.59 66.55 -12.14
C ASP C 561 80.37 67.47 -10.96
N ALA C 562 79.27 67.26 -10.23
CA ALA C 562 79.00 68.05 -9.02
C ALA C 562 80.06 67.81 -7.94
N LEU C 563 80.41 66.55 -7.73
CA LEU C 563 81.50 66.24 -6.81
C LEU C 563 82.79 66.97 -7.19
N LYS C 564 83.14 66.95 -8.47
CA LYS C 564 84.31 67.69 -8.97
C LYS C 564 84.24 69.19 -8.69
N ALA C 565 83.09 69.79 -9.01
CA ALA C 565 82.91 71.22 -8.77
C ALA C 565 83.07 71.53 -7.29
N ALA C 566 82.48 70.71 -6.42
CA ALA C 566 82.54 71.02 -4.98
C ALA C 566 83.96 70.97 -4.43
N ASP C 567 84.77 70.05 -4.94
CA ASP C 567 86.17 70.00 -4.49
C ASP C 567 86.98 71.22 -4.95
N THR C 568 86.78 71.66 -6.19
CA THR C 568 87.41 72.90 -6.69
C THR C 568 87.02 74.16 -5.90
N ILE C 569 85.74 74.29 -5.61
CA ILE C 569 85.19 75.45 -4.90
C ILE C 569 85.50 75.37 -3.40
N GLY C 570 85.40 74.17 -2.84
CA GLY C 570 85.58 74.00 -1.41
C GLY C 570 84.27 74.04 -0.66
N TYR C 571 84.13 73.10 0.27
CA TYR C 571 82.95 72.97 1.09
C TYR C 571 82.95 74.10 2.10
N PRO C 572 81.78 74.58 2.52
CA PRO C 572 80.47 74.09 2.11
C PRO C 572 79.96 74.71 0.81
N VAL C 573 79.07 74.00 0.10
CA VAL C 573 78.48 74.52 -1.13
C VAL C 573 76.95 74.43 -1.11
N MET C 574 76.32 75.31 -1.88
CA MET C 574 74.90 75.28 -2.11
C MET C 574 74.71 74.69 -3.49
N ILE C 575 73.74 73.80 -3.62
CA ILE C 575 73.25 73.40 -4.94
C ILE C 575 71.86 74.00 -5.11
N ARG C 576 71.56 74.46 -6.32
CA ARG C 576 70.21 74.92 -6.63
C ARG C 576 69.88 74.55 -8.06
N SER C 577 68.62 74.19 -8.28
CA SER C 577 68.21 73.55 -9.53
C SER C 577 67.90 74.59 -10.59
N ALA C 578 68.02 74.18 -11.85
CA ALA C 578 67.57 74.95 -13.01
C ALA C 578 66.10 74.66 -13.26
N TYR C 579 65.41 75.59 -13.89
CA TYR C 579 64.03 75.40 -14.30
C TYR C 579 63.14 75.01 -13.13
N ALA C 580 63.35 75.70 -12.02
CA ALA C 580 62.56 75.54 -10.83
C ALA C 580 62.55 76.80 -9.95
N LEU C 581 61.64 76.80 -8.98
CA LEU C 581 61.47 77.90 -8.04
C LEU C 581 61.32 77.35 -6.61
N GLY C 582 61.30 78.22 -5.60
CA GLY C 582 61.09 77.77 -4.23
C GLY C 582 62.15 76.81 -3.68
N GLY C 583 63.30 76.72 -4.35
CA GLY C 583 64.41 75.90 -3.88
C GLY C 583 64.22 74.40 -4.03
N LEU C 584 63.46 73.99 -5.04
CA LEU C 584 63.26 72.60 -5.33
C LEU C 584 64.60 71.96 -5.66
N GLY C 585 64.87 70.86 -4.97
CA GLY C 585 66.10 70.12 -5.12
C GLY C 585 67.32 70.81 -4.55
N SER C 586 67.17 71.91 -3.82
CA SER C 586 68.31 72.70 -3.35
C SER C 586 68.71 72.34 -1.94
N GLY C 587 69.89 72.80 -1.54
CA GLY C 587 70.36 72.50 -0.20
C GLY C 587 71.82 72.85 0.01
N ILE C 588 72.11 73.23 1.24
CA ILE C 588 73.48 73.40 1.66
C ILE C 588 74.13 72.02 1.83
N CYS C 589 75.39 71.93 1.42
CA CYS C 589 76.17 70.71 1.49
C CYS C 589 77.48 70.96 2.21
N PRO C 590 77.55 70.59 3.50
CA PRO C 590 78.84 70.73 4.20
C PRO C 590 79.92 69.72 3.79
N ASN C 591 79.53 68.65 3.07
CA ASN C 591 80.47 67.57 2.73
C ASN C 591 80.05 66.73 1.53
N ARG C 592 81.02 66.00 0.99
CA ARG C 592 80.84 65.05 -0.09
C ARG C 592 79.55 64.20 -0.03
N GLU C 593 79.28 63.59 1.12
CA GLU C 593 78.14 62.67 1.20
C GLU C 593 76.80 63.40 1.13
N THR C 594 76.71 64.56 1.77
CA THR C 594 75.50 65.37 1.67
C THR C 594 75.28 65.77 0.22
N LEU C 595 76.35 66.14 -0.47
CA LEU C 595 76.26 66.45 -1.89
C LEU C 595 75.78 65.27 -2.73
N MET C 596 76.25 64.07 -2.41
CA MET C 596 75.80 62.87 -3.12
C MET C 596 74.31 62.67 -2.90
N ASP C 597 73.88 62.70 -1.65
CA ASP C 597 72.48 62.48 -1.36
C ASP C 597 71.63 63.51 -2.10
N LEU C 598 71.94 64.79 -1.96
CA LEU C 598 71.07 65.85 -2.50
C LEU C 598 71.09 66.03 -4.03
N SER C 599 72.24 65.85 -4.65
CA SER C 599 72.32 66.02 -6.10
C SER C 599 71.56 64.89 -6.80
N THR C 600 71.62 63.68 -6.24
CA THR C 600 70.85 62.55 -6.74
C THR C 600 69.39 62.88 -6.77
N LYS C 601 68.88 63.38 -5.66
CA LYS C 601 67.49 63.80 -5.56
C LYS C 601 67.18 64.98 -6.43
N ALA C 602 68.10 65.93 -6.52
CA ALA C 602 67.90 67.07 -7.43
C ALA C 602 67.74 66.65 -8.90
N PHE C 603 68.50 65.65 -9.34
CA PHE C 603 68.45 65.26 -10.76
C PHE C 603 67.20 64.53 -11.18
N ALA C 604 66.42 64.04 -10.23
CA ALA C 604 65.11 63.48 -10.57
C ALA C 604 64.15 64.59 -10.97
N MET C 605 64.48 65.83 -10.63
CA MET C 605 63.58 66.97 -10.84
C MET C 605 64.14 68.08 -11.72
N THR C 606 65.40 67.99 -12.12
CA THR C 606 65.96 68.92 -13.12
C THR C 606 67.10 68.24 -13.87
N ASN C 607 67.54 68.84 -14.97
CA ASN C 607 68.68 68.30 -15.73
C ASN C 607 69.98 69.00 -15.42
N GLN C 608 69.91 70.12 -14.72
CA GLN C 608 71.08 70.93 -14.41
C GLN C 608 70.94 71.53 -13.01
N ILE C 609 71.98 71.38 -12.19
CA ILE C 609 72.10 72.10 -10.92
C ILE C 609 73.33 73.00 -10.96
N LEU C 610 73.30 74.06 -10.15
CA LEU C 610 74.45 74.92 -9.94
C LEU C 610 75.06 74.56 -8.60
N VAL C 611 76.37 74.30 -8.61
CA VAL C 611 77.10 74.03 -7.38
C VAL C 611 77.85 75.31 -7.09
N GLU C 612 77.59 75.89 -5.92
CA GLU C 612 77.98 77.26 -5.64
C GLU C 612 78.56 77.39 -4.23
N LYS C 613 79.60 78.21 -4.11
CA LYS C 613 80.18 78.54 -2.83
C LYS C 613 79.14 79.14 -1.90
N SER C 614 79.18 78.72 -0.65
CA SER C 614 78.17 79.12 0.30
C SER C 614 78.36 80.57 0.63
N VAL C 615 77.27 81.32 0.66
CA VAL C 615 77.26 82.65 1.29
C VAL C 615 76.13 82.71 2.33
N THR C 616 75.93 81.60 3.01
CA THR C 616 75.08 81.54 4.20
C THR C 616 75.46 82.69 5.14
N GLY C 617 74.45 83.39 5.66
CA GLY C 617 74.71 84.49 6.57
C GLY C 617 74.78 85.89 5.97
N TRP C 618 75.09 86.01 4.68
CA TRP C 618 75.03 87.33 4.05
C TRP C 618 73.58 87.77 4.09
N LYS C 619 73.35 89.08 4.01
CA LYS C 619 71.99 89.61 3.96
C LYS C 619 71.38 89.26 2.62
N GLU C 620 70.10 88.90 2.62
CA GLU C 620 69.40 88.55 1.38
C GLU C 620 68.44 89.67 1.03
N ILE C 621 68.66 90.29 -0.13
CA ILE C 621 67.93 91.48 -0.56
C ILE C 621 67.31 91.27 -1.92
N GLU C 622 66.00 91.54 -2.00
CA GLU C 622 65.23 91.41 -3.23
C GLU C 622 64.77 92.75 -3.81
N TYR C 623 64.63 92.82 -5.14
CA TYR C 623 64.04 93.97 -5.82
C TYR C 623 62.99 93.47 -6.81
N GLU C 624 61.91 94.23 -6.97
CA GLU C 624 60.95 94.00 -8.02
C GLU C 624 61.22 95.07 -9.06
N VAL C 625 61.40 94.64 -10.29
CA VAL C 625 61.88 95.50 -11.35
C VAL C 625 60.89 95.44 -12.49
N VAL C 626 60.61 96.61 -13.04
CA VAL C 626 59.76 96.73 -14.21
C VAL C 626 60.54 97.34 -15.37
N ARG C 627 60.33 96.83 -16.56
CA ARG C 627 60.97 97.39 -17.74
C ARG C 627 60.05 97.33 -18.95
N ASP C 628 59.85 98.48 -19.60
CA ASP C 628 58.91 98.56 -20.71
C ASP C 628 59.62 98.47 -22.05
N ALA C 629 58.85 98.50 -23.13
CA ALA C 629 59.38 98.37 -24.48
C ALA C 629 60.04 99.66 -24.99
N ASP C 630 59.94 100.73 -24.22
CA ASP C 630 60.71 101.94 -24.47
C ASP C 630 62.05 101.94 -23.72
N ASP C 631 62.34 100.88 -22.97
CA ASP C 631 63.57 100.77 -22.20
C ASP C 631 63.56 101.65 -20.93
N ASN C 632 62.38 102.06 -20.51
CA ASN C 632 62.23 102.65 -19.17
C ASN C 632 62.21 101.51 -18.18
N CYS C 633 63.03 101.62 -17.13
CA CYS C 633 63.28 100.52 -16.22
C CYS C 633 63.35 101.04 -14.78
N VAL C 634 62.47 100.57 -13.90
CA VAL C 634 62.43 101.07 -12.52
C VAL C 634 62.37 99.91 -11.52
N THR C 635 62.80 100.15 -10.29
CA THR C 635 62.63 99.19 -9.22
C THR C 635 61.45 99.59 -8.35
N VAL C 636 60.34 98.86 -8.46
CA VAL C 636 59.11 99.23 -7.76
C VAL C 636 59.11 98.95 -6.25
N CYS C 637 59.93 98.01 -5.82
CA CYS C 637 59.91 97.61 -4.43
C CYS C 637 61.22 96.96 -4.09
N ASN C 638 61.60 97.08 -2.83
CA ASN C 638 62.76 96.38 -2.37
C ASN C 638 62.50 95.82 -0.99
N MET C 639 62.98 94.60 -0.78
CA MET C 639 62.68 93.86 0.40
C MET C 639 63.95 93.35 1.07
N GLU C 640 64.00 93.55 2.38
CA GLU C 640 65.06 92.98 3.18
C GLU C 640 64.54 91.76 3.88
N ASN C 641 65.19 90.64 3.62
CA ASN C 641 64.92 89.45 4.36
C ASN C 641 65.51 89.55 5.76
N VAL C 642 64.73 89.24 6.77
CA VAL C 642 65.25 89.22 8.12
C VAL C 642 66.13 87.98 8.34
N ASP C 643 65.62 86.80 8.00
CA ASP C 643 66.47 85.60 8.01
C ASP C 643 67.47 85.74 6.86
N ALA C 644 68.73 85.38 7.12
CA ALA C 644 69.80 85.64 6.17
C ALA C 644 69.81 84.67 4.99
N MET C 645 70.84 84.77 4.16
CA MET C 645 71.02 83.80 3.10
C MET C 645 71.15 82.42 3.69
N GLY C 646 70.49 81.47 3.02
CA GLY C 646 70.44 80.10 3.46
C GLY C 646 69.02 79.68 3.81
N VAL C 647 68.19 80.64 4.22
CA VAL C 647 66.75 80.40 4.39
C VAL C 647 66.06 81.00 3.19
N HIS C 648 65.31 80.19 2.45
CA HIS C 648 64.66 80.64 1.21
C HIS C 648 63.82 81.89 1.47
N THR C 649 63.85 82.84 0.55
CA THR C 649 63.03 84.06 0.66
C THR C 649 61.58 83.80 1.10
N GLY C 650 61.01 82.75 0.52
CA GLY C 650 59.67 82.26 0.84
C GLY C 650 59.46 81.76 2.26
N ASP C 651 60.48 81.17 2.86
CA ASP C 651 60.40 80.70 4.22
C ASP C 651 61.04 81.68 5.18
N SER C 652 61.25 82.93 4.73
CA SER C 652 61.91 83.95 5.53
C SER C 652 60.90 84.98 6.02
N VAL C 653 61.24 85.60 7.14
CA VAL C 653 60.58 86.82 7.55
C VAL C 653 61.18 87.87 6.64
N VAL C 654 60.35 88.75 6.10
CA VAL C 654 60.81 89.74 5.13
C VAL C 654 60.19 91.10 5.47
N VAL C 655 61.00 92.16 5.44
CA VAL C 655 60.44 93.50 5.65
C VAL C 655 60.54 94.32 4.38
N ALA C 656 59.64 95.30 4.28
CA ALA C 656 59.67 96.28 3.19
C ALA C 656 59.28 97.67 3.72
N PRO C 657 60.00 98.72 3.32
CA PRO C 657 61.21 98.61 2.51
C PRO C 657 62.35 98.19 3.40
N ALA C 658 63.56 98.15 2.85
CA ALA C 658 64.74 97.73 3.60
C ALA C 658 65.00 98.68 4.75
N GLN C 659 65.61 98.15 5.82
CA GLN C 659 65.81 98.88 7.07
C GLN C 659 67.26 99.05 7.49
N THR C 660 68.14 98.17 7.03
CA THR C 660 69.53 98.19 7.48
C THR C 660 70.56 98.53 6.38
N LEU C 661 70.11 98.94 5.19
CA LEU C 661 71.02 99.37 4.13
C LEU C 661 71.34 100.86 4.15
N SER C 662 72.55 101.20 3.73
CA SER C 662 72.95 102.57 3.49
C SER C 662 72.45 103.00 2.11
N ASN C 663 72.45 104.30 1.87
CA ASN C 663 72.14 104.78 0.55
C ASN C 663 73.09 104.19 -0.48
N ALA C 664 74.36 104.00 -0.13
CA ALA C 664 75.31 103.47 -1.09
C ALA C 664 75.04 102.02 -1.42
N GLU C 665 74.67 101.25 -0.41
CA GLU C 665 74.33 99.85 -0.62
C GLU C 665 73.06 99.79 -1.42
N PHE C 666 72.03 100.48 -0.95
CA PHE C 666 70.73 100.38 -1.60
C PHE C 666 70.81 100.84 -3.05
N GLN C 667 71.59 101.88 -3.35
CA GLN C 667 71.63 102.41 -4.72
C GLN C 667 72.54 101.59 -5.63
N MET C 668 73.61 101.03 -5.08
CA MET C 668 74.47 100.10 -5.80
C MET C 668 73.63 98.92 -6.31
N LEU C 669 72.91 98.27 -5.39
CA LEU C 669 72.12 97.10 -5.76
C LEU C 669 70.95 97.45 -6.68
N ARG C 670 70.32 98.59 -6.45
CA ARG C 670 69.27 99.07 -7.35
C ARG C 670 69.79 99.22 -8.76
N ARG C 671 70.94 99.86 -8.89
CA ARG C 671 71.45 100.14 -10.20
C ARG C 671 71.94 98.87 -10.88
N THR C 672 72.58 97.99 -10.13
CA THR C 672 72.90 96.66 -10.65
C THR C 672 71.66 95.92 -11.16
N SER C 673 70.56 95.99 -10.41
CA SER C 673 69.30 95.36 -10.83
C SER C 673 68.88 95.86 -12.19
N ILE C 674 68.87 97.18 -12.33
CA ILE C 674 68.46 97.80 -13.58
C ILE C 674 69.38 97.39 -14.71
N ASN C 675 70.69 97.37 -14.47
CA ASN C 675 71.62 96.97 -15.51
C ASN C 675 71.41 95.55 -15.95
N VAL C 676 71.31 94.66 -14.98
CA VAL C 676 71.13 93.24 -15.25
C VAL C 676 69.82 93.01 -16.01
N VAL C 677 68.74 93.59 -15.50
CA VAL C 677 67.42 93.39 -16.11
C VAL C 677 67.41 93.90 -17.55
N ARG C 678 68.03 95.05 -17.77
CA ARG C 678 68.19 95.62 -19.10
C ARG C 678 68.99 94.67 -20.02
N HIS C 679 70.17 94.26 -19.57
CA HIS C 679 71.06 93.35 -20.33
C HIS C 679 70.37 92.04 -20.71
N LEU C 680 69.48 91.56 -19.84
CA LEU C 680 68.77 90.29 -20.05
C LEU C 680 67.61 90.40 -21.03
N GLY C 681 67.29 91.59 -21.49
CA GLY C 681 66.22 91.76 -22.47
C GLY C 681 64.84 91.63 -21.88
N ILE C 682 64.70 91.85 -20.58
CA ILE C 682 63.42 91.59 -19.93
C ILE C 682 62.44 92.71 -20.21
N VAL C 683 61.23 92.33 -20.59
CA VAL C 683 60.16 93.30 -20.79
C VAL C 683 58.94 92.84 -20.00
N GLY C 684 58.63 93.57 -18.96
CA GLY C 684 57.55 93.23 -18.06
C GLY C 684 58.09 93.40 -16.66
N GLU C 685 57.80 92.44 -15.79
CA GLU C 685 58.22 92.55 -14.41
C GLU C 685 59.12 91.40 -14.14
N CYS C 686 59.96 91.57 -13.14
CA CYS C 686 60.74 90.45 -12.69
C CYS C 686 61.27 90.70 -11.29
N ASN C 687 61.71 89.61 -10.68
CA ASN C 687 62.21 89.61 -9.34
C ASN C 687 63.70 89.27 -9.40
N ILE C 688 64.51 89.94 -8.58
CA ILE C 688 65.96 89.71 -8.55
C ILE C 688 66.47 89.64 -7.11
N GLN C 689 67.41 88.75 -6.86
CA GLN C 689 67.90 88.41 -5.52
C GLN C 689 69.39 88.63 -5.39
N PHE C 690 69.80 89.21 -4.27
CA PHE C 690 71.21 89.49 -3.98
C PHE C 690 71.66 88.89 -2.65
N ALA C 691 72.93 88.49 -2.60
CA ALA C 691 73.59 88.27 -1.33
C ALA C 691 74.52 89.46 -1.10
N LEU C 692 74.32 90.15 0.03
CA LEU C 692 75.11 91.32 0.37
C LEU C 692 75.93 90.98 1.61
N HIS C 693 77.22 91.24 1.52
CA HIS C 693 78.10 91.01 2.66
C HIS C 693 77.70 91.96 3.80
N PRO C 694 77.61 91.46 5.05
CA PRO C 694 77.02 92.28 6.10
C PRO C 694 77.85 93.47 6.60
N THR C 695 79.14 93.48 6.28
CA THR C 695 80.06 94.50 6.77
C THR C 695 80.99 95.03 5.67
N SER C 696 80.49 95.13 4.45
CA SER C 696 81.25 95.68 3.32
C SER C 696 80.29 95.97 2.17
N MET C 697 80.82 96.36 1.02
CA MET C 697 80.02 96.57 -0.20
C MET C 697 80.00 95.38 -1.14
N GLU C 698 80.60 94.26 -0.71
CA GLU C 698 80.73 93.06 -1.53
C GLU C 698 79.34 92.42 -1.69
N TYR C 699 79.02 91.95 -2.90
CA TYR C 699 77.73 91.35 -3.15
C TYR C 699 77.80 90.29 -4.23
N CYS C 700 76.77 89.45 -4.24
CA CYS C 700 76.58 88.39 -5.22
C CYS C 700 75.18 88.46 -5.75
N ILE C 701 75.04 88.35 -7.07
CA ILE C 701 73.73 88.21 -7.68
C ILE C 701 73.45 86.73 -7.66
N ILE C 702 72.26 86.37 -7.15
CA ILE C 702 71.88 84.98 -6.95
C ILE C 702 70.96 84.44 -8.06
N GLU C 703 69.85 85.12 -8.34
CA GLU C 703 68.95 84.69 -9.40
C GLU C 703 68.04 85.83 -9.79
N VAL C 704 67.45 85.72 -10.97
CA VAL C 704 66.40 86.61 -11.43
C VAL C 704 65.24 85.75 -11.86
N ASN C 705 64.03 86.10 -11.45
CA ASN C 705 62.83 85.39 -11.88
C ASN C 705 62.09 86.28 -12.86
N ALA C 706 62.14 85.89 -14.12
CA ALA C 706 61.58 86.66 -15.22
C ALA C 706 60.13 86.28 -15.40
N ARG C 707 59.31 86.72 -14.44
CA ARG C 707 57.92 86.29 -14.28
C ARG C 707 57.37 86.89 -13.00
N LEU C 708 56.04 86.91 -12.91
CA LEU C 708 55.38 87.29 -11.69
C LEU C 708 55.68 86.21 -10.65
N SER C 709 55.60 86.57 -9.38
CA SER C 709 56.13 85.71 -8.33
C SER C 709 55.44 85.94 -7.01
N ARG C 710 55.79 85.15 -6.01
CA ARG C 710 55.21 85.32 -4.69
C ARG C 710 55.75 86.66 -4.14
N SER C 711 56.95 87.05 -4.57
CA SER C 711 57.53 88.35 -4.23
C SER C 711 56.86 89.56 -4.91
N SER C 712 56.40 89.41 -6.15
CA SER C 712 55.65 90.49 -6.79
C SER C 712 54.27 90.68 -6.18
N ALA C 713 53.59 89.59 -5.84
CA ALA C 713 52.31 89.69 -5.12
C ALA C 713 52.51 90.48 -3.83
N LEU C 714 53.48 90.05 -3.02
CA LEU C 714 53.80 90.73 -1.76
C LEU C 714 54.10 92.23 -1.97
N ALA C 715 54.95 92.53 -2.95
CA ALA C 715 55.33 93.90 -3.23
C ALA C 715 54.12 94.73 -3.65
N SER C 716 53.25 94.13 -4.46
CA SER C 716 52.05 94.82 -4.93
C SER C 716 51.12 95.19 -3.76
N LYS C 717 51.07 94.34 -2.74
CA LYS C 717 50.24 94.62 -1.59
C LYS C 717 50.92 95.64 -0.70
N ALA C 718 52.24 95.50 -0.58
CA ALA C 718 53.00 96.40 0.25
C ALA C 718 52.94 97.81 -0.29
N THR C 719 53.02 97.97 -1.60
CA THR C 719 53.19 99.30 -2.21
C THR C 719 51.91 99.91 -2.78
N GLY C 720 50.89 99.08 -2.99
CA GLY C 720 49.72 99.52 -3.73
C GLY C 720 49.96 99.70 -5.23
N TYR C 721 51.10 99.22 -5.74
CA TYR C 721 51.42 99.26 -7.17
C TYR C 721 51.13 97.88 -7.78
N PRO C 722 50.15 97.79 -8.70
CA PRO C 722 49.73 96.46 -9.17
C PRO C 722 50.63 95.89 -10.27
N LEU C 723 51.73 95.27 -9.87
CA LEU C 723 52.76 94.84 -10.80
C LEU C 723 52.29 93.99 -11.97
N ALA C 724 51.35 93.08 -11.72
CA ALA C 724 50.89 92.15 -12.76
C ALA C 724 50.05 92.90 -13.80
N PHE C 725 49.20 93.79 -13.32
CA PHE C 725 48.40 94.63 -14.19
C PHE C 725 49.33 95.41 -15.12
N ILE C 726 50.32 96.06 -14.51
CA ILE C 726 51.30 96.85 -15.26
C ILE C 726 52.10 95.97 -16.21
N ALA C 727 52.53 94.82 -15.72
CA ALA C 727 53.29 93.89 -16.55
C ALA C 727 52.56 93.54 -17.83
N ALA C 728 51.26 93.32 -17.69
CA ALA C 728 50.41 92.90 -18.79
C ALA C 728 50.24 94.01 -19.84
N LYS C 729 50.03 95.23 -19.37
CA LYS C 729 49.94 96.41 -20.24
C LYS C 729 51.25 96.62 -21.01
N ILE C 730 52.37 96.50 -20.30
CA ILE C 730 53.70 96.52 -20.89
C ILE C 730 53.87 95.45 -21.95
N ALA C 731 53.26 94.30 -21.75
CA ALA C 731 53.37 93.21 -22.72
C ALA C 731 52.67 93.56 -24.04
N LEU C 732 51.81 94.57 -24.02
CA LEU C 732 51.15 95.06 -25.21
C LEU C 732 51.85 96.30 -25.83
N GLY C 733 53.06 96.59 -25.37
CA GLY C 733 53.85 97.69 -25.91
C GLY C 733 53.54 99.07 -25.34
N ILE C 734 52.60 99.16 -24.38
CA ILE C 734 52.32 100.41 -23.72
C ILE C 734 53.45 100.71 -22.75
N PRO C 735 54.10 101.87 -22.91
CA PRO C 735 55.17 102.24 -21.99
C PRO C 735 54.62 102.80 -20.67
N LEU C 736 55.46 102.80 -19.64
CA LEU C 736 55.06 103.14 -18.28
C LEU C 736 54.43 104.52 -18.11
N PRO C 737 55.02 105.55 -18.73
CA PRO C 737 54.40 106.89 -18.64
C PRO C 737 52.96 106.95 -19.13
N GLU C 738 52.58 106.07 -20.05
CA GLU C 738 51.22 106.04 -20.59
C GLU C 738 50.24 105.15 -19.81
N ILE C 739 50.66 104.64 -18.66
CA ILE C 739 49.82 103.78 -17.84
C ILE C 739 49.53 104.48 -16.53
N LYS C 740 48.25 104.57 -16.17
CA LYS C 740 47.84 105.31 -15.00
C LYS C 740 48.20 104.60 -13.70
N ASN C 741 48.67 105.36 -12.74
CA ASN C 741 48.65 104.94 -11.36
C ASN C 741 47.20 105.02 -10.85
N VAL C 742 46.55 103.85 -10.77
CA VAL C 742 45.13 103.79 -10.39
C VAL C 742 44.86 104.28 -8.96
N VAL C 743 45.88 104.29 -8.12
CA VAL C 743 45.71 104.68 -6.72
C VAL C 743 45.62 106.18 -6.61
N SER C 744 46.58 106.87 -7.19
CA SER C 744 46.57 108.33 -7.20
C SER C 744 45.51 108.88 -8.15
N GLY C 745 45.20 108.13 -9.21
CA GLY C 745 44.24 108.59 -10.24
C GLY C 745 44.68 109.76 -11.11
N LYS C 746 45.86 110.31 -10.83
CA LYS C 746 46.33 111.51 -11.51
C LYS C 746 47.79 111.45 -11.99
N THR C 747 48.48 110.33 -11.76
CA THR C 747 49.90 110.21 -12.12
C THR C 747 50.08 108.92 -12.91
N SER C 748 51.30 108.67 -13.38
CA SER C 748 51.57 107.49 -14.17
C SER C 748 52.16 106.37 -13.30
N ALA C 749 52.36 105.23 -13.93
CA ALA C 749 53.05 104.12 -13.29
C ALA C 749 54.57 104.22 -13.50
N CYS C 750 55.06 105.32 -14.07
CA CYS C 750 56.50 105.50 -14.17
C CYS C 750 57.00 106.18 -12.88
N PHE C 751 57.23 105.36 -11.85
CA PHE C 751 57.78 105.85 -10.60
C PHE C 751 58.19 104.70 -9.70
N GLU C 752 58.71 105.06 -8.52
CA GLU C 752 59.08 104.08 -7.50
C GLU C 752 58.36 104.48 -6.23
N PRO C 753 57.40 103.67 -5.76
CA PRO C 753 56.60 104.08 -4.63
C PRO C 753 57.40 104.56 -3.45
N SER C 754 56.72 105.29 -2.57
CA SER C 754 57.30 105.71 -1.32
C SER C 754 56.35 105.23 -0.25
N LEU C 755 56.88 104.52 0.72
CA LEU C 755 56.06 103.95 1.77
C LEU C 755 56.33 104.79 3.02
N ASP C 756 55.26 105.30 3.64
CA ASP C 756 55.36 105.94 4.96
C ASP C 756 54.88 105.00 6.09
N TYR C 757 55.21 103.72 5.94
CA TYR C 757 54.86 102.64 6.86
C TYR C 757 55.80 101.52 6.51
N MET C 758 55.90 100.52 7.35
CA MET C 758 56.73 99.36 7.09
C MET C 758 55.83 98.12 7.08
N VAL C 759 56.03 97.22 6.12
CA VAL C 759 55.31 95.93 6.12
C VAL C 759 56.26 94.79 6.53
N THR C 760 55.70 93.79 7.21
CA THR C 760 56.43 92.58 7.57
C THR C 760 55.65 91.39 7.02
N LYS C 761 56.33 90.48 6.32
CA LYS C 761 55.71 89.21 5.89
C LYS C 761 56.31 88.07 6.67
N ILE C 762 55.47 87.20 7.21
CA ILE C 762 55.94 86.01 7.91
C ILE C 762 55.32 84.77 7.26
N PRO C 763 56.11 83.68 7.10
CA PRO C 763 55.50 82.47 6.55
C PRO C 763 54.67 81.71 7.58
N ARG C 764 53.80 80.83 7.08
CA ARG C 764 53.01 79.94 7.92
C ARG C 764 53.42 78.55 7.52
N TRP C 765 53.83 77.75 8.49
CA TRP C 765 54.11 76.35 8.27
C TRP C 765 53.10 75.46 8.91
N ASP C 766 52.96 74.25 8.38
CA ASP C 766 52.12 73.21 8.97
C ASP C 766 52.98 71.95 8.90
N LEU C 767 53.76 71.67 9.93
CA LEU C 767 54.70 70.54 9.88
C LEU C 767 54.50 69.44 10.91
N ASP C 768 53.79 69.72 12.01
CA ASP C 768 53.59 68.76 13.08
C ASP C 768 53.00 67.45 12.58
N ARG C 769 52.05 67.54 11.64
CA ARG C 769 51.42 66.33 11.08
C ARG C 769 52.33 65.45 10.23
N PHE C 770 53.42 65.99 9.71
CA PHE C 770 54.34 65.17 8.96
C PHE C 770 55.50 64.76 9.86
N HIS C 771 55.34 63.60 10.50
CA HIS C 771 56.29 63.13 11.52
C HIS C 771 57.69 62.95 10.97
N GLY C 772 57.80 62.54 9.71
CA GLY C 772 59.12 62.31 9.08
C GLY C 772 59.92 63.54 8.68
N THR C 773 59.25 64.69 8.67
CA THR C 773 59.83 65.93 8.21
C THR C 773 60.16 66.80 9.40
N SER C 774 61.37 67.36 9.42
CA SER C 774 61.76 68.21 10.53
C SER C 774 61.14 69.59 10.36
N SER C 775 61.10 70.36 11.45
CA SER C 775 60.65 71.76 11.39
C SER C 775 61.80 72.72 11.07
N ARG C 776 62.96 72.18 10.71
CA ARG C 776 64.04 73.02 10.29
C ARG C 776 63.74 73.60 8.91
N ILE C 777 64.21 74.83 8.67
CA ILE C 777 64.03 75.47 7.37
C ILE C 777 65.36 75.89 6.78
N GLY C 778 65.40 75.91 5.45
CA GLY C 778 66.60 76.21 4.70
C GLY C 778 66.27 76.69 3.30
N SER C 779 67.08 76.27 2.33
CA SER C 779 67.00 76.80 0.96
C SER C 779 65.79 76.30 0.18
N SER C 780 65.15 75.23 0.63
CA SER C 780 64.00 74.66 -0.06
C SER C 780 62.75 74.91 0.73
N MET C 781 61.87 75.75 0.19
CA MET C 781 60.61 76.10 0.89
C MET C 781 59.84 74.94 1.43
N LYS C 782 59.30 75.16 2.63
CA LYS C 782 58.34 74.28 3.22
C LYS C 782 57.06 74.94 3.71
N SER C 783 56.96 76.26 3.64
CA SER C 783 55.79 76.93 4.19
C SER C 783 54.57 76.69 3.28
N VAL C 784 53.38 76.70 3.87
CA VAL C 784 52.14 76.53 3.14
C VAL C 784 51.32 77.81 3.00
N GLY C 785 51.81 78.91 3.54
CA GLY C 785 51.12 80.18 3.47
C GLY C 785 51.97 81.34 3.97
N GLU C 786 51.42 82.54 3.90
CA GLU C 786 52.10 83.73 4.39
C GLU C 786 51.10 84.84 4.72
N VAL C 787 51.54 85.75 5.59
CA VAL C 787 50.76 86.88 6.03
C VAL C 787 51.59 88.14 5.80
N MET C 788 50.93 89.29 5.84
CA MET C 788 51.60 90.56 5.72
C MET C 788 50.91 91.50 6.67
N ALA C 789 51.69 92.12 7.56
CA ALA C 789 51.14 93.15 8.45
C ALA C 789 51.79 94.49 8.16
N ILE C 790 50.99 95.54 8.33
CA ILE C 790 51.47 96.91 8.14
C ILE C 790 51.44 97.67 9.45
N GLY C 791 52.53 98.36 9.73
CA GLY C 791 52.63 99.23 10.90
C GLY C 791 53.59 100.36 10.61
N ARG C 792 53.62 101.36 11.49
CA ARG C 792 54.56 102.48 11.34
C ARG C 792 55.70 102.41 12.35
N THR C 793 55.84 101.26 12.99
CA THR C 793 57.09 100.89 13.67
C THR C 793 57.30 99.45 13.29
N PHE C 794 58.57 99.05 13.19
CA PHE C 794 58.89 97.65 13.00
C PHE C 794 58.10 96.79 13.99
N GLU C 795 58.14 97.16 15.26
CA GLU C 795 57.52 96.38 16.34
C GLU C 795 56.01 96.22 16.13
N GLU C 796 55.34 97.28 15.69
CA GLU C 796 53.90 97.21 15.39
C GLU C 796 53.64 96.21 14.26
N SER C 797 54.30 96.45 13.14
CA SER C 797 54.19 95.60 11.96
C SER C 797 54.48 94.14 12.32
N PHE C 798 55.55 93.94 13.07
CA PHE C 798 56.06 92.64 13.40
C PHE C 798 55.16 91.84 14.33
N GLN C 799 54.64 92.44 15.39
CA GLN C 799 53.78 91.68 16.30
C GLN C 799 52.41 91.32 15.71
N LYS C 800 51.86 92.21 14.89
CA LYS C 800 50.65 91.89 14.11
C LYS C 800 50.87 90.66 13.21
N ALA C 801 51.96 90.68 12.45
CA ALA C 801 52.24 89.63 11.50
C ALA C 801 52.36 88.29 12.23
N LEU C 802 52.99 88.28 13.39
CA LEU C 802 53.05 87.04 14.17
C LEU C 802 51.66 86.53 14.58
N ARG C 803 50.81 87.45 15.06
CA ARG C 803 49.44 87.07 15.40
C ARG C 803 48.64 86.52 14.20
N MET C 804 48.87 87.10 13.02
CA MET C 804 48.17 86.66 11.81
C MET C 804 48.49 85.23 11.39
N CYS C 805 49.63 84.70 11.81
CA CYS C 805 50.06 83.40 11.33
C CYS C 805 49.23 82.25 11.87
N HIS C 806 48.76 82.37 13.10
CA HIS C 806 48.05 81.30 13.74
C HIS C 806 47.37 81.86 14.97
N PRO C 807 46.10 81.47 15.22
CA PRO C 807 45.37 82.06 16.35
C PRO C 807 46.05 81.92 17.73
N SER C 808 46.84 80.88 17.93
CA SER C 808 47.53 80.65 19.22
C SER C 808 48.68 81.59 19.48
N ILE C 809 49.15 82.30 18.46
CA ILE C 809 50.29 83.19 18.62
C ILE C 809 49.81 84.55 19.08
N GLU C 810 50.38 85.06 20.18
CA GLU C 810 49.94 86.32 20.81
C GLU C 810 50.71 87.55 20.33
N GLY C 811 51.87 87.30 19.73
CA GLY C 811 52.77 88.34 19.27
C GLY C 811 54.18 87.79 19.41
N PHE C 812 55.13 88.68 19.70
CA PHE C 812 56.50 88.25 19.94
C PHE C 812 56.69 87.92 21.41
N THR C 813 56.67 86.61 21.72
CA THR C 813 56.85 86.13 23.09
C THR C 813 57.84 84.97 23.07
N PRO C 814 58.40 84.63 24.25
CA PRO C 814 59.29 83.47 24.35
C PRO C 814 58.51 82.18 24.58
N ARG C 815 57.26 82.15 24.15
CA ARG C 815 56.43 80.96 24.26
C ARG C 815 56.12 80.48 22.85
N LEU C 816 56.05 79.16 22.71
CA LEU C 816 55.87 78.50 21.41
C LEU C 816 54.42 78.56 20.95
N PRO C 817 54.19 78.42 19.64
CA PRO C 817 52.82 78.29 19.15
C PRO C 817 52.16 76.97 19.60
N MET C 818 50.85 76.88 19.39
CA MET C 818 50.02 75.71 19.75
C MET C 818 50.05 75.35 21.26
N ASN C 819 50.37 76.33 22.10
CA ASN C 819 50.61 76.12 23.53
C ASN C 819 51.48 74.90 23.86
N LYS C 820 52.61 74.79 23.18
CA LYS C 820 53.57 73.72 23.43
C LYS C 820 54.61 74.23 24.41
N GLU C 821 55.05 73.37 25.31
CA GLU C 821 56.15 73.74 26.20
C GLU C 821 57.49 73.48 25.52
N TRP C 822 58.50 74.21 25.96
CA TRP C 822 59.83 74.00 25.44
C TRP C 822 60.32 72.65 25.95
N PRO C 823 61.07 71.90 25.11
CA PRO C 823 61.65 70.62 25.58
C PRO C 823 62.61 70.81 26.75
N SER C 824 62.65 69.84 27.66
CA SER C 824 63.55 69.93 28.81
C SER C 824 65.02 69.82 28.37
N ASN C 825 65.25 69.13 27.25
CA ASN C 825 66.59 68.98 26.66
C ASN C 825 66.98 70.09 25.65
N LEU C 826 66.23 71.19 25.66
CA LEU C 826 66.49 72.31 24.79
C LEU C 826 67.97 72.73 24.74
N ASP C 827 68.49 72.87 23.53
CA ASP C 827 69.79 73.50 23.29
C ASP C 827 69.52 74.82 22.58
N LEU C 828 69.37 75.87 23.37
CA LEU C 828 69.00 77.19 22.84
C LEU C 828 69.96 77.72 21.78
N ARG C 829 71.25 77.43 21.91
CA ARG C 829 72.22 77.87 20.90
C ARG C 829 72.01 77.16 19.57
N LYS C 830 71.71 75.86 19.64
CA LYS C 830 71.46 75.09 18.44
C LYS C 830 70.25 75.65 17.69
N GLU C 831 69.17 75.92 18.43
CA GLU C 831 67.96 76.46 17.83
C GLU C 831 68.24 77.74 17.08
N LEU C 832 69.04 78.60 17.67
CA LEU C 832 69.36 79.88 17.09
C LEU C 832 70.23 79.74 15.85
N SER C 833 71.18 78.81 15.91
CA SER C 833 72.11 78.65 14.81
C SER C 833 71.49 77.87 13.67
N GLU C 834 70.51 77.01 13.99
CA GLU C 834 69.80 76.20 12.98
C GLU C 834 68.37 76.69 12.79
N PRO C 835 68.13 77.45 11.71
CA PRO C 835 66.81 77.98 11.50
C PRO C 835 65.71 76.93 11.53
N SER C 836 64.53 77.33 11.99
CA SER C 836 63.40 76.46 12.03
C SER C 836 62.14 77.30 12.02
N SER C 837 61.01 76.63 11.90
CA SER C 837 59.72 77.28 11.93
C SER C 837 59.46 78.00 13.24
N THR C 838 60.21 77.71 14.29
CA THR C 838 59.95 78.30 15.61
C THR C 838 61.11 79.13 16.16
N ARG C 839 62.11 79.40 15.34
CA ARG C 839 63.28 80.17 15.77
C ARG C 839 62.92 81.55 16.29
N ILE C 840 61.94 82.22 15.71
CA ILE C 840 61.53 83.52 16.25
C ILE C 840 61.28 83.46 17.77
N TYR C 841 60.65 82.41 18.26
CA TYR C 841 60.28 82.33 19.68
C TYR C 841 61.48 81.88 20.52
N ALA C 842 62.39 81.17 19.88
CA ALA C 842 63.65 80.78 20.51
C ALA C 842 64.54 82.02 20.76
N ILE C 843 64.48 82.96 19.83
CA ILE C 843 65.14 84.23 20.00
C ILE C 843 64.56 84.99 21.19
N ALA C 844 63.23 85.12 21.21
CA ALA C 844 62.56 85.73 22.34
C ALA C 844 63.04 85.09 23.62
N LYS C 845 63.09 83.78 23.62
CA LYS C 845 63.50 83.08 24.81
C LYS C 845 64.93 83.43 25.18
N ALA C 846 65.83 83.45 24.20
CA ALA C 846 67.24 83.71 24.46
C ALA C 846 67.44 85.11 25.00
N ILE C 847 66.78 86.09 24.40
CA ILE C 847 66.85 87.46 24.90
C ILE C 847 66.38 87.49 26.36
N ASP C 848 65.26 86.81 26.66
CA ASP C 848 64.75 86.68 28.01
C ASP C 848 65.74 86.03 28.96
N ASP C 849 66.40 84.96 28.50
CA ASP C 849 67.37 84.25 29.33
C ASP C 849 68.76 84.92 29.37
N ASN C 850 68.86 86.18 28.92
CA ASN C 850 70.06 87.02 29.04
C ASN C 850 71.27 86.69 28.19
N MET C 851 71.03 86.04 27.06
CA MET C 851 72.05 85.89 26.05
C MET C 851 72.29 87.27 25.46
N SER C 852 73.54 87.57 25.09
CA SER C 852 73.83 88.88 24.54
C SER C 852 73.25 88.95 23.13
N LEU C 853 72.82 90.15 22.75
CA LEU C 853 72.39 90.43 21.39
C LEU C 853 73.53 90.15 20.41
N ASP C 854 74.76 90.46 20.81
CA ASP C 854 75.91 90.22 19.94
C ASP C 854 76.05 88.74 19.60
N GLU C 855 75.89 87.85 20.58
CA GLU C 855 75.98 86.41 20.30
C GLU C 855 74.79 85.88 19.49
N ILE C 856 73.62 86.46 19.71
CA ILE C 856 72.46 86.08 18.92
C ILE C 856 72.65 86.46 17.46
N GLU C 857 73.14 87.66 17.18
CA GLU C 857 73.45 88.05 15.80
C GLU C 857 74.49 87.08 15.22
N LYS C 858 75.43 86.67 16.05
CA LYS C 858 76.52 85.82 15.59
C LYS C 858 76.03 84.44 15.18
N LEU C 859 75.05 83.91 15.91
CA LEU C 859 74.53 82.57 15.68
C LEU C 859 73.41 82.55 14.63
N THR C 860 72.50 83.53 14.69
CA THR C 860 71.33 83.53 13.80
C THR C 860 71.64 84.13 12.45
N TYR C 861 72.58 85.06 12.46
CA TYR C 861 72.89 85.90 11.32
C TYR C 861 71.86 86.99 11.12
N ILE C 862 70.88 87.12 12.00
CA ILE C 862 69.91 88.20 11.88
C ILE C 862 70.59 89.50 12.33
N ASP C 863 70.50 90.52 11.49
CA ASP C 863 71.09 91.83 11.82
C ASP C 863 70.63 92.34 13.18
N LYS C 864 71.60 92.69 14.01
CA LYS C 864 71.36 93.15 15.39
C LYS C 864 70.29 94.24 15.52
N TRP C 865 70.13 95.07 14.49
CA TRP C 865 69.11 96.12 14.55
C TRP C 865 67.73 95.51 14.84
N PHE C 866 67.40 94.49 14.07
CA PHE C 866 66.14 93.79 14.25
C PHE C 866 66.05 93.25 15.69
N LEU C 867 67.18 92.78 16.22
CA LEU C 867 67.27 92.24 17.59
C LEU C 867 67.04 93.29 18.70
N TYR C 868 67.52 94.51 18.45
CA TYR C 868 67.22 95.63 19.33
C TYR C 868 65.72 95.84 19.46
N LYS C 869 65.02 95.86 18.32
CA LYS C 869 63.56 96.01 18.33
C LYS C 869 62.90 94.91 19.13
N MET C 870 63.40 93.68 18.95
CA MET C 870 62.85 92.55 19.67
C MET C 870 63.05 92.70 21.18
N ARG C 871 64.24 93.13 21.59
CA ARG C 871 64.51 93.42 23.00
C ARG C 871 63.61 94.51 23.57
N ASP C 872 63.39 95.58 22.81
CA ASP C 872 62.43 96.63 23.20
C ASP C 872 61.05 96.04 23.52
N ILE C 873 60.60 95.10 22.69
CA ILE C 873 59.28 94.50 22.87
C ILE C 873 59.24 93.75 24.21
N LEU C 874 60.23 92.89 24.44
CA LEU C 874 60.34 92.14 25.70
C LEU C 874 60.54 93.02 26.95
N ASN C 875 61.19 94.16 26.84
CA ASN C 875 61.26 95.10 27.96
C ASN C 875 59.90 95.68 28.29
N MET C 876 59.10 95.97 27.26
CA MET C 876 57.75 96.47 27.49
C MET C 876 56.92 95.40 28.20
N GLU C 877 57.11 94.13 27.85
CA GLU C 877 56.43 93.03 28.55
C GLU C 877 56.80 93.01 30.03
N LYS C 878 58.10 93.17 30.34
CA LYS C 878 58.55 93.21 31.73
C LYS C 878 57.93 94.38 32.47
N THR C 879 58.02 95.55 31.88
CA THR C 879 57.36 96.72 32.41
C THR C 879 55.88 96.44 32.72
N LEU C 880 55.14 95.93 31.73
CA LEU C 880 53.69 95.75 31.90
C LEU C 880 53.36 94.75 33.01
N LYS C 881 54.17 93.69 33.12
CA LYS C 881 53.99 92.65 34.15
C LYS C 881 54.07 93.18 35.58
N GLY C 882 54.88 94.21 35.79
CA GLY C 882 54.93 94.87 37.08
C GLY C 882 53.83 95.89 37.31
N LEU C 883 52.89 96.02 36.38
CA LEU C 883 51.79 97.00 36.53
C LEU C 883 50.41 96.34 36.67
N ASN C 884 49.41 97.16 36.99
CA ASN C 884 48.01 96.73 37.03
C ASN C 884 47.08 97.87 36.53
N SER C 885 45.78 97.60 36.55
CA SER C 885 44.77 98.52 36.01
C SER C 885 44.79 99.91 36.65
N GLU C 886 45.21 99.97 37.90
CA GLU C 886 45.39 101.25 38.57
C GLU C 886 46.78 101.85 38.35
N SER C 887 47.82 101.01 38.31
CA SER C 887 49.18 101.55 38.25
C SER C 887 49.68 101.88 36.84
N MET C 888 49.15 101.25 35.81
CA MET C 888 49.60 101.56 34.45
C MET C 888 49.12 102.94 34.01
N THR C 889 50.05 103.77 33.54
CA THR C 889 49.72 105.11 33.08
C THR C 889 49.27 105.10 31.63
N GLU C 890 48.68 106.21 31.21
CA GLU C 890 48.26 106.42 29.84
C GLU C 890 49.49 106.47 28.91
N GLU C 891 50.59 107.07 29.39
CA GLU C 891 51.79 107.17 28.57
C GLU C 891 52.27 105.77 28.20
N THR C 892 52.29 104.86 29.18
CA THR C 892 52.75 103.46 29.00
C THR C 892 51.87 102.59 28.10
N LEU C 893 50.57 102.66 28.31
CA LEU C 893 49.62 101.93 27.48
C LEU C 893 49.78 102.32 26.01
N LYS C 894 49.72 103.62 25.77
CA LYS C 894 49.93 104.19 24.45
C LYS C 894 51.19 103.65 23.81
N ARG C 895 52.29 103.61 24.54
CA ARG C 895 53.55 103.10 23.97
C ARG C 895 53.41 101.60 23.68
N ALA C 896 52.81 100.86 24.58
CA ALA C 896 52.65 99.42 24.36
C ALA C 896 51.89 99.15 23.06
N LYS C 897 50.82 99.91 22.80
CA LYS C 897 50.03 99.73 21.57
C LYS C 897 50.80 100.14 20.33
N GLU C 898 51.59 101.20 20.46
CA GLU C 898 52.43 101.71 19.40
C GLU C 898 53.52 100.74 18.95
N ILE C 899 53.93 99.81 19.82
CA ILE C 899 54.85 98.73 19.43
C ILE C 899 54.18 97.35 19.27
N GLY C 900 52.87 97.35 19.05
CA GLY C 900 52.15 96.17 18.60
C GLY C 900 51.53 95.26 19.64
N PHE C 901 51.58 95.64 20.92
CA PHE C 901 50.93 94.80 21.93
C PHE C 901 49.41 94.75 21.73
N SER C 902 48.85 93.55 21.66
CA SER C 902 47.40 93.40 21.69
C SER C 902 46.88 93.57 23.11
N ASP C 903 45.57 93.74 23.21
CA ASP C 903 44.89 93.77 24.50
C ASP C 903 45.01 92.42 25.23
N LYS C 904 45.06 91.32 24.48
CA LYS C 904 45.23 90.02 25.11
C LYS C 904 46.58 89.93 25.80
N GLN C 905 47.64 90.34 25.12
CA GLN C 905 48.97 90.35 25.74
C GLN C 905 49.05 91.21 27.00
N ILE C 906 48.51 92.42 26.88
CA ILE C 906 48.42 93.34 27.99
C ILE C 906 47.58 92.74 29.13
N SER C 907 46.43 92.16 28.80
CA SER C 907 45.58 91.56 29.82
C SER C 907 46.37 90.56 30.68
N LYS C 908 47.24 89.77 30.05
CA LYS C 908 47.97 88.76 30.79
C LYS C 908 49.02 89.37 31.69
N CYS C 909 49.53 90.53 31.33
CA CYS C 909 50.45 91.22 32.21
C CYS C 909 49.71 91.89 33.36
N LEU C 910 48.56 92.50 33.09
CA LEU C 910 47.89 93.28 34.11
C LEU C 910 47.10 92.43 35.09
N GLY C 911 46.70 91.22 34.70
CA GLY C 911 45.82 90.39 35.52
C GLY C 911 44.36 90.67 35.24
N LEU C 912 44.05 90.97 33.99
CA LEU C 912 42.70 91.26 33.56
C LEU C 912 42.30 90.30 32.47
N THR C 913 41.02 90.29 32.15
CA THR C 913 40.53 89.66 30.95
C THR C 913 40.80 90.61 29.79
N GLU C 914 40.71 90.06 28.59
CA GLU C 914 40.83 90.88 27.39
C GLU C 914 39.72 91.92 27.34
N ALA C 915 38.50 91.56 27.72
CA ALA C 915 37.36 92.48 27.59
C ALA C 915 37.59 93.66 28.49
N GLN C 916 38.04 93.36 29.72
CA GLN C 916 38.32 94.38 30.71
C GLN C 916 39.37 95.35 30.24
N THR C 917 40.42 94.78 29.64
CA THR C 917 41.56 95.54 29.13
C THR C 917 41.14 96.42 27.95
N ARG C 918 40.32 95.89 27.05
CA ARG C 918 39.73 96.71 25.99
C ARG C 918 38.98 97.91 26.60
N GLU C 919 38.13 97.64 27.58
CA GLU C 919 37.36 98.69 28.28
C GLU C 919 38.26 99.75 28.93
N LEU C 920 39.32 99.29 29.59
CA LEU C 920 40.30 100.17 30.22
C LEU C 920 40.95 101.11 29.17
N ARG C 921 41.34 100.53 28.04
CA ARG C 921 42.01 101.31 26.98
C ARG C 921 41.11 102.40 26.40
N LEU C 922 39.89 102.01 26.02
CA LEU C 922 38.91 102.95 25.44
C LEU C 922 38.54 104.01 26.46
N LYS C 923 38.54 103.65 27.74
CA LYS C 923 38.26 104.61 28.81
C LYS C 923 39.30 105.76 28.81
N LYS C 924 40.55 105.44 28.48
CA LYS C 924 41.58 106.46 28.26
C LYS C 924 41.59 107.03 26.82
N ASN C 925 40.59 106.66 26.01
CA ASN C 925 40.51 107.11 24.62
C ASN C 925 41.77 106.83 23.76
N ILE C 926 42.39 105.69 24.01
CA ILE C 926 43.52 105.25 23.23
C ILE C 926 43.01 104.25 22.19
N HIS C 927 43.06 104.65 20.92
CA HIS C 927 42.51 103.86 19.83
C HIS C 927 43.40 103.96 18.58
N PRO C 928 43.27 103.00 17.65
CA PRO C 928 44.11 103.15 16.47
C PRO C 928 43.49 104.09 15.44
N TRP C 929 44.28 104.44 14.43
CA TRP C 929 43.86 105.34 13.40
C TRP C 929 43.91 104.62 12.06
N VAL C 930 43.07 105.07 11.14
CA VAL C 930 42.89 104.41 9.87
C VAL C 930 43.67 105.23 8.84
N LYS C 931 44.60 104.58 8.16
CA LYS C 931 45.51 105.26 7.24
C LYS C 931 45.48 104.60 5.89
N GLN C 932 45.67 105.42 4.85
CA GLN C 932 45.75 104.93 3.49
C GLN C 932 47.14 104.58 3.05
N ILE C 933 47.19 103.57 2.20
CA ILE C 933 48.31 103.28 1.33
C ILE C 933 48.02 104.04 0.03
N ASP C 934 48.83 105.06 -0.28
CA ASP C 934 48.62 105.83 -1.51
C ASP C 934 49.76 105.75 -2.52
N THR C 935 50.77 104.93 -2.22
CA THR C 935 51.93 104.70 -3.11
C THR C 935 52.97 105.80 -3.14
N LEU C 936 52.65 106.96 -2.58
CA LEU C 936 53.49 108.14 -2.74
C LEU C 936 53.77 108.86 -1.42
N ALA C 937 53.58 108.19 -0.28
CA ALA C 937 53.68 108.79 1.05
C ALA C 937 53.06 110.19 1.11
N ALA C 938 51.81 110.26 0.64
CA ALA C 938 50.96 111.45 0.71
C ALA C 938 51.30 112.58 -0.27
N GLU C 939 52.27 112.36 -1.16
CA GLU C 939 52.65 113.39 -2.13
C GLU C 939 51.41 113.76 -2.93
N TYR C 940 50.69 112.74 -3.40
CA TYR C 940 49.39 112.89 -4.02
C TYR C 940 48.38 112.08 -3.24
N PRO C 941 47.15 112.60 -3.09
CA PRO C 941 46.11 111.85 -2.37
C PRO C 941 45.57 110.63 -3.12
N SER C 942 45.03 109.70 -2.36
CA SER C 942 44.48 108.46 -2.89
C SER C 942 43.02 108.63 -3.30
N VAL C 943 42.68 108.17 -4.50
CA VAL C 943 41.28 108.05 -4.92
C VAL C 943 40.68 106.75 -4.41
N THR C 944 41.52 105.76 -4.13
CA THR C 944 41.08 104.46 -3.61
C THR C 944 41.10 104.43 -2.10
N ASN C 945 40.53 103.37 -1.52
CA ASN C 945 40.60 103.16 -0.06
C ASN C 945 41.19 101.82 0.30
N TYR C 946 42.51 101.77 0.21
CA TYR C 946 43.31 100.63 0.60
C TYR C 946 43.90 101.04 1.94
N LEU C 947 43.52 100.33 3.00
CA LEU C 947 43.66 100.82 4.37
C LEU C 947 44.35 99.83 5.29
N TYR C 948 45.01 100.39 6.29
CA TYR C 948 45.54 99.65 7.41
C TYR C 948 45.27 100.49 8.63
N VAL C 949 45.54 99.93 9.80
CA VAL C 949 45.22 100.59 11.06
C VAL C 949 46.51 100.68 11.89
N THR C 950 46.70 101.81 12.57
CA THR C 950 47.93 102.01 13.32
C THR C 950 47.67 102.86 14.55
N TYR C 951 48.41 102.58 15.62
CA TYR C 951 48.41 103.41 16.81
C TYR C 951 49.36 104.60 16.73
N ASN C 952 50.17 104.66 15.66
CA ASN C 952 51.18 105.70 15.47
C ASN C 952 50.69 106.76 14.48
N GLY C 953 49.68 107.51 14.90
CA GLY C 953 49.18 108.62 14.12
C GLY C 953 48.30 109.50 14.98
N GLN C 954 47.80 110.58 14.41
CA GLN C 954 46.96 111.51 15.15
C GLN C 954 45.67 111.83 14.40
N GLU C 955 45.39 111.09 13.32
CA GLU C 955 44.17 111.31 12.54
C GLU C 955 43.86 110.13 11.63
N HIS C 956 42.64 110.15 11.11
CA HIS C 956 42.14 109.17 10.15
C HIS C 956 42.29 109.76 8.76
N ASP C 957 42.55 108.92 7.77
CA ASP C 957 42.68 109.39 6.40
C ASP C 957 41.36 109.31 5.62
N VAL C 958 40.29 108.83 6.24
CA VAL C 958 39.00 108.71 5.54
C VAL C 958 37.84 109.03 6.47
N ASN C 959 36.65 109.13 5.90
CA ASN C 959 35.41 109.24 6.67
C ASN C 959 34.76 107.89 6.90
N PHE C 960 33.75 107.90 7.77
CA PHE C 960 33.04 106.71 8.16
C PHE C 960 31.54 106.95 8.02
N ASP C 961 31.16 107.27 6.77
CA ASP C 961 29.76 107.50 6.44
C ASP C 961 29.11 106.37 5.66
N ASP C 962 29.90 105.46 5.09
CA ASP C 962 29.34 104.39 4.27
C ASP C 962 28.50 103.41 5.07
N HIS C 963 28.98 102.99 6.24
CA HIS C 963 28.32 101.95 7.04
C HIS C 963 28.13 100.65 6.27
N GLY C 964 29.16 100.27 5.53
CA GLY C 964 29.10 99.11 4.64
C GLY C 964 28.94 97.78 5.37
N MET C 965 28.80 96.75 4.55
CA MET C 965 28.67 95.37 4.99
C MET C 965 30.05 94.73 5.03
N MET C 966 30.45 94.25 6.19
CA MET C 966 31.77 93.70 6.36
C MET C 966 31.81 92.24 5.92
N VAL C 967 32.87 91.87 5.22
CA VAL C 967 33.11 90.48 4.88
C VAL C 967 34.51 90.11 5.37
N LEU C 968 34.61 89.06 6.17
CA LEU C 968 35.89 88.59 6.67
C LEU C 968 36.49 87.54 5.73
N GLY C 969 37.78 87.68 5.43
CA GLY C 969 38.53 86.72 4.64
C GLY C 969 39.16 85.57 5.43
N CYS C 970 39.99 84.78 4.75
CA CYS C 970 40.45 83.49 5.23
C CYS C 970 41.72 83.54 6.07
N GLY C 971 42.52 84.57 5.93
CA GLY C 971 43.82 84.61 6.61
C GLY C 971 44.87 83.90 5.77
N PRO C 972 46.00 83.52 6.38
CA PRO C 972 46.99 82.78 5.60
C PRO C 972 46.43 81.44 5.17
N TYR C 973 46.78 80.99 3.98
CA TYR C 973 46.46 79.62 3.60
C TYR C 973 47.25 78.67 4.47
N HIS C 974 46.70 77.51 4.70
CA HIS C 974 47.43 76.44 5.34
C HIS C 974 46.70 75.18 4.90
N ILE C 975 47.16 74.04 5.38
CA ILE C 975 46.59 72.78 4.91
C ILE C 975 45.16 72.66 5.38
N GLY C 976 44.25 72.46 4.44
CA GLY C 976 42.83 72.38 4.76
C GLY C 976 42.10 73.69 4.58
N SER C 977 42.86 74.74 4.31
CA SER C 977 42.30 76.07 4.17
C SER C 977 43.04 76.89 3.11
N SER C 978 42.53 76.82 1.89
CA SER C 978 43.24 77.33 0.73
C SER C 978 42.38 78.31 -0.06
N VAL C 979 42.73 78.50 -1.33
CA VAL C 979 42.12 79.51 -2.19
C VAL C 979 40.60 79.37 -2.36
N GLU C 980 40.06 78.18 -2.14
CA GLU C 980 38.60 78.01 -2.07
C GLU C 980 37.89 78.97 -1.11
N PHE C 981 38.56 79.34 -0.02
CA PHE C 981 37.98 80.27 0.91
C PHE C 981 38.20 81.73 0.50
N ASP C 982 39.07 81.96 -0.46
CA ASP C 982 39.13 83.26 -1.11
C ASP C 982 38.05 83.37 -2.17
N TRP C 983 37.83 82.31 -2.91
CA TRP C 983 36.71 82.20 -3.85
C TRP C 983 35.36 82.55 -3.20
N CYS C 984 35.04 81.86 -2.11
CA CYS C 984 33.82 82.11 -1.39
C CYS C 984 33.75 83.57 -1.03
N ALA C 985 34.80 84.08 -0.39
CA ALA C 985 34.79 85.46 0.06
C ALA C 985 34.57 86.45 -1.08
N VAL C 986 35.30 86.25 -2.18
CA VAL C 986 35.24 87.15 -3.35
C VAL C 986 33.86 87.09 -4.01
N SER C 987 33.27 85.90 -4.04
CA SER C 987 31.94 85.73 -4.61
C SER C 987 30.98 86.60 -3.84
N SER C 988 31.14 86.61 -2.52
CA SER C 988 30.28 87.36 -1.62
C SER C 988 30.47 88.87 -1.79
N ILE C 989 31.73 89.28 -1.86
CA ILE C 989 32.12 90.70 -2.14
C ILE C 989 31.60 91.19 -3.48
N ARG C 990 31.68 90.35 -4.52
CA ARG C 990 31.16 90.72 -5.84
C ARG C 990 29.64 90.77 -5.86
N THR C 991 28.99 89.87 -5.14
CA THR C 991 27.54 89.88 -5.05
C THR C 991 27.06 91.14 -4.42
N LEU C 992 27.71 91.53 -3.32
CA LEU C 992 27.32 92.75 -2.62
C LEU C 992 27.48 93.97 -3.55
N ARG C 993 28.62 94.10 -4.21
CA ARG C 993 28.84 95.17 -5.17
C ARG C 993 27.75 95.19 -6.25
N GLN C 994 27.48 94.04 -6.85
CA GLN C 994 26.51 93.98 -7.92
C GLN C 994 25.13 94.48 -7.45
N LEU C 995 24.85 94.31 -6.16
CA LEU C 995 23.61 94.79 -5.58
C LEU C 995 23.68 96.22 -5.05
N GLY C 996 24.74 96.96 -5.37
CA GLY C 996 24.83 98.36 -4.93
C GLY C 996 25.02 98.62 -3.45
N LYS C 997 25.54 97.62 -2.73
CA LYS C 997 25.81 97.71 -1.29
C LYS C 997 27.28 98.08 -1.06
N LYS C 998 27.53 98.93 -0.08
CA LYS C 998 28.90 99.26 0.30
C LYS C 998 29.51 98.10 1.06
N THR C 999 30.80 97.84 0.79
CA THR C 999 31.48 96.67 1.31
C THR C 999 32.73 97.06 2.07
N VAL C 1000 33.01 96.31 3.13
CA VAL C 1000 34.26 96.45 3.87
C VAL C 1000 34.87 95.06 4.04
N VAL C 1001 36.10 94.90 3.55
CA VAL C 1001 36.78 93.63 3.58
C VAL C 1001 37.96 93.70 4.53
N VAL C 1002 38.16 92.64 5.30
CA VAL C 1002 39.34 92.51 6.15
C VAL C 1002 40.00 91.17 5.90
N ASN C 1003 41.25 91.19 5.45
CA ASN C 1003 42.03 89.97 5.23
C ASN C 1003 43.50 90.31 5.19
N CYS C 1004 44.34 89.35 5.55
CA CYS C 1004 45.78 89.60 5.71
C CYS C 1004 46.67 88.65 4.88
N ASN C 1005 46.07 88.06 3.86
CA ASN C 1005 46.79 87.15 2.99
C ASN C 1005 47.17 87.85 1.70
N PRO C 1006 48.48 88.07 1.47
CA PRO C 1006 48.95 88.83 0.32
C PRO C 1006 48.69 88.16 -1.02
N GLU C 1007 48.43 86.85 -1.02
CA GLU C 1007 48.25 86.09 -2.27
C GLU C 1007 46.84 86.15 -2.88
N THR C 1008 45.90 86.77 -2.16
CA THR C 1008 44.50 86.67 -2.46
C THR C 1008 43.97 87.82 -3.30
N VAL C 1009 42.96 87.50 -4.09
CA VAL C 1009 42.17 88.47 -4.82
C VAL C 1009 41.26 89.26 -3.87
N SER C 1010 40.91 88.66 -2.72
CA SER C 1010 40.18 89.43 -1.70
C SER C 1010 40.97 90.64 -1.19
N THR C 1011 42.31 90.56 -1.23
CA THR C 1011 43.12 91.67 -0.79
C THR C 1011 43.55 92.55 -1.95
N ASP C 1012 42.78 92.53 -3.04
CA ASP C 1012 43.00 93.47 -4.15
C ASP C 1012 41.96 94.57 -4.01
N PHE C 1013 42.45 95.81 -3.99
CA PHE C 1013 41.60 96.95 -3.60
C PHE C 1013 40.48 97.26 -4.58
N ASP C 1014 40.60 96.82 -5.81
CA ASP C 1014 39.55 97.13 -6.79
C ASP C 1014 38.27 96.31 -6.59
N GLU C 1015 38.27 95.37 -5.66
CA GLU C 1015 37.09 94.51 -5.44
C GLU C 1015 36.07 95.09 -4.46
N CYS C 1016 36.48 95.99 -3.58
CA CYS C 1016 35.56 96.54 -2.59
C CYS C 1016 35.73 98.02 -2.35
N ASP C 1017 34.77 98.59 -1.65
CA ASP C 1017 34.82 100.00 -1.31
C ASP C 1017 35.88 100.28 -0.24
N LYS C 1018 36.04 99.40 0.75
CA LYS C 1018 37.10 99.55 1.74
C LYS C 1018 37.81 98.25 2.12
N LEU C 1019 39.09 98.18 1.77
CA LEU C 1019 39.90 97.01 2.06
C LEU C 1019 40.81 97.38 3.21
N TYR C 1020 40.64 96.68 4.33
CA TYR C 1020 41.55 96.78 5.45
C TYR C 1020 42.45 95.57 5.38
N PHE C 1021 43.74 95.81 5.11
CA PHE C 1021 44.70 94.75 5.11
C PHE C 1021 45.14 94.58 6.55
N GLU C 1022 44.36 93.81 7.31
CA GLU C 1022 44.49 93.82 8.78
C GLU C 1022 44.31 92.46 9.49
N GLU C 1023 44.67 92.40 10.77
CA GLU C 1023 44.50 91.18 11.56
C GLU C 1023 43.04 90.78 11.55
N LEU C 1024 42.82 89.47 11.56
CA LEU C 1024 41.50 88.90 11.74
C LEU C 1024 41.38 88.48 13.19
N SER C 1025 41.61 89.41 14.11
CA SER C 1025 41.41 89.19 15.54
C SER C 1025 40.10 89.84 16.00
N LEU C 1026 39.50 89.28 17.05
CA LEU C 1026 38.38 89.95 17.71
C LEU C 1026 38.75 91.42 17.96
N GLU C 1027 39.90 91.65 18.57
CA GLU C 1027 40.29 93.02 18.87
C GLU C 1027 40.14 93.93 17.65
N ARG C 1028 40.79 93.52 16.55
CA ARG C 1028 40.94 94.40 15.39
C ARG C 1028 39.69 94.46 14.52
N ILE C 1029 38.93 93.38 14.48
CA ILE C 1029 37.65 93.42 13.80
C ILE C 1029 36.68 94.37 14.52
N LEU C 1030 36.69 94.31 15.85
CA LEU C 1030 35.86 95.20 16.65
C LEU C 1030 36.27 96.63 16.42
N ASP C 1031 37.58 96.87 16.41
CA ASP C 1031 38.10 98.21 16.13
C ASP C 1031 37.46 98.70 14.82
N ILE C 1032 37.56 97.90 13.75
CA ILE C 1032 37.16 98.34 12.40
C ILE C 1032 35.64 98.42 12.25
N TYR C 1033 34.94 97.38 12.71
CA TYR C 1033 33.47 97.37 12.68
C TYR C 1033 32.90 98.61 13.38
N HIS C 1034 33.37 98.88 14.59
CA HIS C 1034 32.82 99.97 15.38
C HIS C 1034 33.23 101.33 14.86
N GLN C 1035 34.39 101.41 14.24
CA GLN C 1035 34.88 102.67 13.64
C GLN C 1035 34.08 103.02 12.36
N GLU C 1036 33.78 101.99 11.56
CA GLU C 1036 32.99 102.17 10.35
C GLU C 1036 31.51 102.30 10.64
N ALA C 1037 31.10 101.81 11.83
CA ALA C 1037 29.69 101.55 12.15
C ALA C 1037 29.09 100.77 11.00
N CYS C 1038 29.66 99.59 10.78
CA CYS C 1038 29.22 98.71 9.69
C CYS C 1038 27.80 98.27 10.00
N GLY C 1039 27.04 98.07 8.94
CA GLY C 1039 25.67 97.57 9.06
C GLY C 1039 25.60 96.11 9.45
N GLY C 1040 26.66 95.37 9.16
CA GLY C 1040 26.70 93.97 9.54
C GLY C 1040 28.01 93.36 9.12
N CYS C 1041 28.15 92.06 9.42
CA CYS C 1041 29.36 91.32 9.16
C CYS C 1041 29.00 89.95 8.67
N ILE C 1042 29.65 89.50 7.61
CA ILE C 1042 29.46 88.14 7.10
C ILE C 1042 30.64 87.26 7.52
N ILE C 1043 30.38 86.29 8.38
CA ILE C 1043 31.45 85.44 8.95
C ILE C 1043 31.50 84.01 8.42
N SER C 1044 30.77 83.74 7.33
CA SER C 1044 30.52 82.37 6.87
C SER C 1044 31.16 82.04 5.52
N VAL C 1045 31.98 82.94 4.98
CA VAL C 1045 32.58 82.69 3.68
C VAL C 1045 34.10 82.78 3.67
N GLY C 1046 34.72 82.61 4.83
CA GLY C 1046 36.18 82.65 4.91
C GLY C 1046 36.78 81.54 5.76
N GLY C 1047 36.14 80.37 5.81
CA GLY C 1047 36.63 79.25 6.59
C GLY C 1047 36.55 79.43 8.10
N GLN C 1048 37.47 78.78 8.79
CA GLN C 1048 37.48 78.63 10.23
C GLN C 1048 37.68 79.95 11.01
N ILE C 1049 38.72 80.73 10.70
CA ILE C 1049 39.01 81.96 11.45
C ILE C 1049 37.72 82.78 11.71
N PRO C 1050 37.04 83.25 10.64
CA PRO C 1050 35.92 84.15 10.92
C PRO C 1050 34.79 83.45 11.65
N ASN C 1051 34.57 82.20 11.28
CA ASN C 1051 33.53 81.40 11.92
C ASN C 1051 33.74 81.21 13.43
N ASN C 1052 34.99 81.08 13.85
CA ASN C 1052 35.28 80.95 15.27
C ASN C 1052 35.08 82.22 16.05
N LEU C 1053 35.01 83.35 15.36
CA LEU C 1053 34.73 84.63 15.99
C LEU C 1053 33.22 84.90 16.12
N ALA C 1054 32.39 84.01 15.59
CA ALA C 1054 30.95 84.26 15.53
C ALA C 1054 30.37 84.71 16.86
N VAL C 1055 30.59 83.91 17.90
CA VAL C 1055 30.02 84.19 19.21
C VAL C 1055 30.67 85.43 19.89
N PRO C 1056 32.02 85.49 19.95
CA PRO C 1056 32.66 86.69 20.51
C PRO C 1056 32.20 87.99 19.87
N LEU C 1057 32.02 87.98 18.56
CA LEU C 1057 31.52 89.16 17.86
C LEU C 1057 30.08 89.48 18.24
N TYR C 1058 29.23 88.46 18.18
CA TYR C 1058 27.84 88.58 18.60
C TYR C 1058 27.77 89.32 19.93
N LYS C 1059 28.55 88.83 20.90
CA LYS C 1059 28.60 89.37 22.25
C LYS C 1059 29.15 90.78 22.39
N ASN C 1060 29.85 91.27 21.37
CA ASN C 1060 30.38 92.63 21.37
C ASN C 1060 29.66 93.52 20.36
N GLY C 1061 28.35 93.34 20.27
CA GLY C 1061 27.49 94.23 19.51
C GLY C 1061 27.61 94.19 18.00
N VAL C 1062 28.16 93.11 17.46
CA VAL C 1062 28.32 93.01 16.01
C VAL C 1062 27.13 92.28 15.43
N LYS C 1063 26.56 92.85 14.39
CA LYS C 1063 25.46 92.23 13.72
C LYS C 1063 25.97 91.24 12.68
N ILE C 1064 25.71 89.96 12.96
CA ILE C 1064 26.10 88.84 12.14
C ILE C 1064 24.98 88.52 11.17
N MET C 1065 25.30 88.46 9.87
CA MET C 1065 24.30 88.17 8.86
C MET C 1065 24.13 86.66 8.70
N GLY C 1066 22.89 86.23 8.55
CA GLY C 1066 22.59 84.82 8.35
C GLY C 1066 22.46 84.04 9.64
N THR C 1067 22.82 82.76 9.55
CA THR C 1067 22.68 81.78 10.64
C THR C 1067 23.26 82.30 11.94
N SER C 1068 22.43 82.27 12.99
CA SER C 1068 22.81 82.82 14.28
C SER C 1068 24.07 82.16 14.83
N PRO C 1069 24.94 82.96 15.48
CA PRO C 1069 26.07 82.38 16.18
C PRO C 1069 25.65 81.39 17.30
N LEU C 1070 24.44 81.57 17.84
CA LEU C 1070 23.88 80.65 18.82
C LEU C 1070 23.70 79.25 18.19
N GLN C 1071 23.28 79.21 16.92
CA GLN C 1071 23.14 77.99 16.16
C GLN C 1071 24.46 77.36 15.75
N ILE C 1072 25.43 78.19 15.43
CA ILE C 1072 26.77 77.69 15.14
C ILE C 1072 27.37 77.05 16.38
N ASP C 1073 27.09 77.61 17.55
CA ASP C 1073 27.58 77.06 18.78
C ASP C 1073 26.92 75.67 18.99
N ARG C 1074 25.58 75.65 18.96
CA ARG C 1074 24.80 74.42 19.15
C ARG C 1074 25.36 73.33 18.27
N ALA C 1075 25.67 73.66 17.01
CA ALA C 1075 26.13 72.66 16.02
C ALA C 1075 27.59 72.20 16.19
N GLU C 1076 28.47 73.05 16.74
CA GLU C 1076 29.83 72.61 17.06
C GLU C 1076 29.92 71.91 18.43
N ASP C 1077 28.82 71.87 19.17
CA ASP C 1077 28.76 71.16 20.44
C ASP C 1077 28.33 69.73 20.19
N ARG C 1078 29.29 68.84 20.14
CA ARG C 1078 29.03 67.48 19.78
C ARG C 1078 27.83 66.84 20.51
N SER C 1079 27.63 67.17 21.80
CA SER C 1079 26.55 66.56 22.58
C SER C 1079 25.16 67.10 22.19
N ILE C 1080 25.08 68.41 21.96
CA ILE C 1080 23.86 69.08 21.56
C ILE C 1080 23.49 68.60 20.14
N PHE C 1081 24.49 68.61 19.28
CA PHE C 1081 24.29 68.25 17.92
C PHE C 1081 23.73 66.83 17.81
N SER C 1082 24.42 65.91 18.48
CA SER C 1082 24.00 64.53 18.55
C SER C 1082 22.60 64.35 19.08
N ALA C 1083 22.25 65.11 20.11
CA ALA C 1083 20.93 64.94 20.75
C ALA C 1083 19.85 65.45 19.81
N VAL C 1084 20.13 66.55 19.13
CA VAL C 1084 19.30 67.03 18.04
C VAL C 1084 19.07 65.97 16.96
N LEU C 1085 20.14 65.33 16.48
CA LEU C 1085 20.02 64.26 15.51
C LEU C 1085 19.15 63.12 16.04
N ASP C 1086 19.32 62.72 17.30
CA ASP C 1086 18.45 61.67 17.84
C ASP C 1086 17.00 62.13 17.77
N GLU C 1087 16.73 63.34 18.17
CA GLU C 1087 15.36 63.84 18.14
C GLU C 1087 14.79 63.72 16.71
N LEU C 1088 15.59 64.10 15.71
CA LEU C 1088 15.18 64.12 14.33
C LEU C 1088 15.16 62.73 13.69
N LYS C 1089 15.58 61.73 14.46
CA LYS C 1089 15.74 60.37 14.00
C LYS C 1089 16.76 60.32 12.87
N VAL C 1090 17.88 61.00 13.01
CA VAL C 1090 18.89 60.95 11.98
C VAL C 1090 20.07 60.19 12.52
N ALA C 1091 20.54 59.21 11.77
CA ALA C 1091 21.56 58.29 12.32
C ALA C 1091 22.95 58.90 12.29
N GLN C 1092 23.82 58.31 13.11
CA GLN C 1092 25.21 58.73 13.26
C GLN C 1092 25.98 57.59 13.88
N ALA C 1093 27.29 57.61 13.74
CA ALA C 1093 28.13 56.58 14.34
C ALA C 1093 28.09 56.72 15.88
N PRO C 1094 27.95 55.59 16.58
CA PRO C 1094 28.06 55.56 18.03
C PRO C 1094 29.31 56.31 18.47
N TRP C 1095 29.18 57.12 19.51
CA TRP C 1095 30.32 57.87 19.99
C TRP C 1095 30.18 58.09 21.49
N LYS C 1096 31.28 58.46 22.14
CA LYS C 1096 31.25 58.78 23.55
C LYS C 1096 32.48 59.56 24.00
N ALA C 1097 32.26 60.57 24.84
CA ALA C 1097 33.37 61.22 25.53
C ALA C 1097 33.72 60.46 26.81
N VAL C 1098 35.01 60.26 27.05
CA VAL C 1098 35.47 59.51 28.20
C VAL C 1098 36.65 60.22 28.89
N ASN C 1099 36.82 59.95 30.19
CA ASN C 1099 37.93 60.47 30.98
C ASN C 1099 38.81 59.33 31.60
N THR C 1100 38.46 58.07 31.37
CA THR C 1100 39.23 56.91 31.83
C THR C 1100 39.61 55.95 30.68
N LEU C 1101 40.70 55.20 30.87
CA LEU C 1101 41.04 54.12 29.98
C LEU C 1101 39.99 53.00 30.03
N ASN C 1102 39.41 52.74 31.20
CA ASN C 1102 38.41 51.68 31.31
C ASN C 1102 37.08 52.01 30.62
N GLU C 1103 36.75 53.29 30.55
CA GLU C 1103 35.57 53.74 29.83
C GLU C 1103 35.83 53.54 28.33
N ALA C 1104 36.98 54.06 27.89
CA ALA C 1104 37.46 53.85 26.52
C ALA C 1104 37.32 52.39 26.12
N LEU C 1105 38.01 51.52 26.84
CA LEU C 1105 38.05 50.12 26.48
C LEU C 1105 36.66 49.48 26.52
N GLU C 1106 35.84 49.87 27.49
CA GLU C 1106 34.46 49.38 27.63
C GLU C 1106 33.61 49.77 26.42
N PHE C 1107 33.71 51.03 26.00
CA PHE C 1107 32.98 51.54 24.85
C PHE C 1107 33.43 50.89 23.54
N ALA C 1108 34.74 50.94 23.29
CA ALA C 1108 35.34 50.30 22.10
C ALA C 1108 34.96 48.83 22.03
N LYS C 1109 34.91 48.16 23.19
CA LYS C 1109 34.43 46.80 23.24
C LYS C 1109 32.94 46.72 22.91
N SER C 1110 32.16 47.68 23.38
CA SER C 1110 30.71 47.62 23.19
C SER C 1110 30.26 47.90 21.75
N VAL C 1111 31.10 48.54 20.95
CA VAL C 1111 30.79 48.83 19.53
C VAL C 1111 31.69 48.16 18.51
N ASP C 1112 32.77 47.54 18.99
CA ASP C 1112 33.81 46.88 18.16
C ASP C 1112 34.82 47.85 17.59
N TYR C 1113 36.08 47.46 17.64
CA TYR C 1113 37.14 48.13 16.92
C TYR C 1113 36.92 47.98 15.40
N PRO C 1114 37.41 48.93 14.58
CA PRO C 1114 38.21 50.08 15.03
C PRO C 1114 37.38 51.29 15.53
N CYS C 1115 38.08 52.25 16.15
CA CYS C 1115 37.49 53.44 16.75
C CYS C 1115 38.32 54.65 16.41
N LEU C 1116 37.66 55.73 16.03
CA LEU C 1116 38.34 57.00 15.93
C LEU C 1116 38.55 57.59 17.30
N LEU C 1117 39.54 58.46 17.40
CA LEU C 1117 39.96 59.02 18.68
C LEU C 1117 40.37 60.48 18.53
N ARG C 1118 39.73 61.36 19.28
CA ARG C 1118 40.06 62.79 19.31
C ARG C 1118 40.36 63.22 20.73
N PRO C 1119 41.64 63.32 21.07
CA PRO C 1119 42.01 63.93 22.35
C PRO C 1119 42.17 65.45 22.21
N ALA C 1127 46.33 65.31 15.72
CA ALA C 1127 45.16 65.51 16.57
C ALA C 1127 44.22 64.30 16.54
N MET C 1128 43.83 63.83 15.35
CA MET C 1128 42.92 62.69 15.18
C MET C 1128 43.68 61.37 15.00
N ASN C 1129 43.06 60.24 15.32
CA ASN C 1129 43.77 58.95 15.27
C ASN C 1129 42.84 57.74 15.39
N VAL C 1130 43.05 56.72 14.56
CA VAL C 1130 42.23 55.49 14.57
C VAL C 1130 43.00 54.40 15.29
N VAL C 1131 42.32 53.48 15.97
CA VAL C 1131 42.97 52.32 16.59
C VAL C 1131 42.15 51.05 16.41
N PHE C 1132 42.84 49.92 16.26
CA PHE C 1132 42.20 48.68 15.85
C PHE C 1132 42.16 47.63 16.92
N SER C 1133 42.73 47.93 18.08
CA SER C 1133 42.89 46.95 19.16
C SER C 1133 42.94 47.61 20.56
N GLU C 1134 42.71 46.77 21.57
CA GLU C 1134 42.97 47.13 22.98
C GLU C 1134 44.39 47.69 23.21
N ASP C 1135 45.40 47.18 22.53
CA ASP C 1135 46.74 47.76 22.60
C ASP C 1135 46.87 49.16 21.90
N PRO C 1152 39.38 65.08 28.46
CA PRO C 1152 38.69 63.86 28.02
C PRO C 1152 38.88 63.59 26.53
N VAL C 1153 38.72 62.32 26.18
CA VAL C 1153 38.89 61.89 24.80
C VAL C 1153 37.56 61.39 24.20
N VAL C 1154 37.23 61.93 23.03
CA VAL C 1154 36.06 61.49 22.26
C VAL C 1154 36.40 60.26 21.43
N LEU C 1155 35.51 59.27 21.51
CA LEU C 1155 35.65 58.04 20.79
C LEU C 1155 34.47 57.89 19.86
N THR C 1156 34.75 57.43 18.63
CA THR C 1156 33.71 57.20 17.64
C THR C 1156 33.91 55.87 16.93
N LYS C 1157 32.81 55.15 16.70
CA LYS C 1157 32.92 53.95 15.91
C LYS C 1157 33.37 54.31 14.51
N PHE C 1158 34.50 53.74 14.10
CA PHE C 1158 34.98 53.85 12.74
C PHE C 1158 34.22 52.85 11.88
N VAL C 1159 33.44 53.33 10.92
CA VAL C 1159 32.67 52.43 10.02
C VAL C 1159 33.49 52.05 8.78
N GLU C 1160 33.76 50.76 8.63
CA GLU C 1160 34.62 50.28 7.57
C GLU C 1160 33.81 50.00 6.32
N GLY C 1161 34.46 50.12 5.16
CA GLY C 1161 33.85 49.70 3.90
C GLY C 1161 32.69 50.60 3.52
N ALA C 1162 32.83 51.87 3.88
CA ALA C 1162 31.75 52.83 3.73
C ALA C 1162 32.08 53.88 2.66
N ARG C 1163 31.06 54.29 1.93
CA ARG C 1163 31.19 55.39 1.02
C ARG C 1163 31.11 56.67 1.83
N GLU C 1164 31.59 57.76 1.25
CA GLU C 1164 31.45 59.07 1.86
C GLU C 1164 30.85 60.03 0.86
N VAL C 1165 29.94 60.86 1.36
CA VAL C 1165 29.12 61.73 0.52
C VAL C 1165 29.16 63.12 1.14
N GLU C 1166 29.28 64.15 0.31
CA GLU C 1166 29.23 65.54 0.75
C GLU C 1166 27.90 66.14 0.31
N MET C 1167 27.25 66.86 1.21
CA MET C 1167 26.13 67.68 0.87
C MET C 1167 26.60 69.15 1.01
N ASP C 1168 26.62 69.90 -0.09
CA ASP C 1168 26.87 71.33 -0.04
C ASP C 1168 25.58 72.05 -0.34
N ALA C 1169 25.24 73.00 0.52
CA ALA C 1169 23.90 73.57 0.48
C ALA C 1169 23.80 75.01 0.97
N VAL C 1170 22.68 75.65 0.61
CA VAL C 1170 22.33 76.93 1.14
C VAL C 1170 20.95 76.85 1.72
N GLY C 1171 20.80 77.43 2.90
CA GLY C 1171 19.53 77.48 3.57
C GLY C 1171 18.96 78.89 3.54
N LYS C 1172 17.63 78.96 3.52
CA LYS C 1172 16.92 80.19 3.75
C LYS C 1172 15.78 79.97 4.73
N ASP C 1173 15.85 80.62 5.89
CA ASP C 1173 14.90 80.41 7.00
C ASP C 1173 14.67 78.94 7.30
N GLY C 1174 15.74 78.16 7.35
CA GLY C 1174 15.64 76.74 7.64
C GLY C 1174 15.25 75.83 6.48
N ARG C 1175 14.89 76.37 5.32
CA ARG C 1175 14.68 75.55 4.12
C ARG C 1175 15.92 75.54 3.23
N VAL C 1176 16.15 74.42 2.56
CA VAL C 1176 17.25 74.28 1.62
C VAL C 1176 16.86 74.77 0.23
N ILE C 1177 17.53 75.75 -0.31
CA ILE C 1177 17.16 76.26 -1.63
C ILE C 1177 18.25 76.09 -2.69
N SER C 1178 19.35 75.46 -2.30
CA SER C 1178 20.32 75.03 -3.26
C SER C 1178 21.09 73.92 -2.63
N HIS C 1179 21.39 72.88 -3.39
CA HIS C 1179 22.20 71.79 -2.87
C HIS C 1179 22.91 70.99 -3.95
N ALA C 1180 23.93 70.27 -3.52
CA ALA C 1180 24.70 69.42 -4.41
C ALA C 1180 25.33 68.25 -3.64
N ILE C 1181 25.14 67.04 -4.15
CA ILE C 1181 25.69 65.84 -3.53
C ILE C 1181 26.81 65.23 -4.36
N SER C 1182 27.97 65.03 -3.75
CA SER C 1182 29.11 64.37 -4.41
C SER C 1182 29.63 63.16 -3.64
N GLU C 1183 30.19 62.20 -4.36
CA GLU C 1183 30.68 60.94 -3.80
C GLU C 1183 32.20 60.91 -3.89
N HIS C 1184 32.88 60.50 -2.84
CA HIS C 1184 34.32 60.36 -2.89
C HIS C 1184 34.60 59.09 -3.67
N VAL C 1185 35.73 59.06 -4.33
CA VAL C 1185 36.22 57.80 -4.90
C VAL C 1185 36.58 56.86 -3.74
N GLU C 1186 37.23 57.42 -2.72
CA GLU C 1186 37.80 56.66 -1.63
C GLU C 1186 36.71 56.36 -0.63
N ASP C 1187 36.88 55.25 0.09
CA ASP C 1187 36.02 54.91 1.22
C ASP C 1187 36.24 55.92 2.36
N ALA C 1188 35.26 56.06 3.25
CA ALA C 1188 35.47 56.87 4.46
C ALA C 1188 36.76 56.43 5.12
N GLY C 1189 37.52 57.39 5.65
CA GLY C 1189 38.80 57.06 6.25
C GLY C 1189 39.87 57.89 5.63
N VAL C 1190 39.72 58.19 4.37
CA VAL C 1190 40.46 59.29 3.75
C VAL C 1190 39.69 60.58 3.96
N HIS C 1191 40.37 61.59 4.47
CA HIS C 1191 39.75 62.90 4.81
C HIS C 1191 39.17 63.58 3.57
N SER C 1192 38.00 64.19 3.73
CA SER C 1192 37.31 64.94 2.66
C SER C 1192 38.21 65.73 1.74
N GLY C 1193 39.10 66.52 2.34
CA GLY C 1193 40.05 67.31 1.60
C GLY C 1193 41.16 66.57 0.87
N ASP C 1194 41.43 65.31 1.22
CA ASP C 1194 42.40 64.53 0.48
C ASP C 1194 41.72 63.64 -0.55
N ALA C 1195 40.39 63.71 -0.57
CA ALA C 1195 39.57 62.79 -1.34
C ALA C 1195 39.40 63.32 -2.73
N THR C 1196 39.13 62.39 -3.63
CA THR C 1196 38.75 62.70 -4.97
C THR C 1196 37.22 62.67 -5.06
N LEU C 1197 36.63 63.75 -5.58
CA LEU C 1197 35.18 63.90 -5.59
C LEU C 1197 34.58 63.71 -6.95
N MET C 1198 33.47 62.99 -6.99
CA MET C 1198 32.69 62.78 -8.20
C MET C 1198 31.36 63.52 -8.05
N LEU C 1199 30.97 64.22 -9.11
CA LEU C 1199 29.70 64.89 -9.12
C LEU C 1199 29.08 64.70 -10.50
N PRO C 1200 27.82 64.26 -10.62
CA PRO C 1200 26.97 63.73 -9.56
C PRO C 1200 27.40 62.33 -9.03
N THR C 1201 26.64 61.75 -8.10
CA THR C 1201 27.08 60.51 -7.47
C THR C 1201 27.05 59.38 -8.47
N GLN C 1202 27.80 58.34 -8.18
CA GLN C 1202 28.04 57.25 -9.13
C GLN C 1202 27.56 55.89 -8.67
N THR C 1203 27.75 55.54 -7.40
CA THR C 1203 27.48 54.19 -6.94
C THR C 1203 26.57 54.18 -5.72
N ILE C 1204 25.97 55.31 -5.39
CA ILE C 1204 25.06 55.43 -4.26
C ILE C 1204 23.63 55.05 -4.68
N SER C 1205 22.95 54.33 -3.81
CA SER C 1205 21.59 53.91 -4.07
C SER C 1205 20.69 55.12 -4.07
N GLN C 1206 19.53 55.02 -4.71
CA GLN C 1206 18.61 56.14 -4.73
C GLN C 1206 17.95 56.39 -3.39
N GLY C 1207 17.71 55.32 -2.63
CA GLY C 1207 17.18 55.46 -1.28
C GLY C 1207 18.14 56.16 -0.35
N ALA C 1208 19.44 55.89 -0.46
CA ALA C 1208 20.43 56.65 0.32
C ALA C 1208 20.41 58.13 0.01
N ILE C 1209 20.23 58.46 -1.27
CA ILE C 1209 20.20 59.88 -1.66
C ILE C 1209 19.00 60.54 -1.01
N GLU C 1210 17.87 59.84 -1.03
CA GLU C 1210 16.67 60.36 -0.36
C GLU C 1210 16.97 60.61 1.12
N LYS C 1211 17.65 59.66 1.79
CA LYS C 1211 17.99 59.88 3.18
C LYS C 1211 18.95 61.05 3.37
N VAL C 1212 19.99 61.11 2.56
CA VAL C 1212 20.89 62.25 2.62
C VAL C 1212 20.08 63.55 2.53
N LYS C 1213 19.15 63.60 1.58
CA LYS C 1213 18.32 64.79 1.39
C LYS C 1213 17.41 65.04 2.59
N ASP C 1214 16.80 63.97 3.13
CA ASP C 1214 15.85 64.19 4.21
C ASP C 1214 16.55 64.65 5.46
N ALA C 1215 17.73 64.10 5.70
CA ALA C 1215 18.52 64.51 6.85
C ALA C 1215 18.95 65.98 6.72
N THR C 1216 19.29 66.38 5.52
CA THR C 1216 19.64 67.77 5.29
C THR C 1216 18.46 68.73 5.46
N ARG C 1217 17.24 68.32 5.05
CA ARG C 1217 16.04 69.11 5.29
C ARG C 1217 15.82 69.34 6.80
N LYS C 1218 15.94 68.28 7.58
CA LYS C 1218 15.73 68.39 9.00
C LYS C 1218 16.82 69.19 9.74
N ILE C 1219 18.07 69.02 9.34
CA ILE C 1219 19.16 69.77 9.94
C ILE C 1219 19.01 71.26 9.67
N ALA C 1220 18.75 71.63 8.43
CA ALA C 1220 18.60 73.04 8.07
C ALA C 1220 17.53 73.68 8.90
N LYS C 1221 16.45 72.95 9.15
CA LYS C 1221 15.35 73.48 9.93
C LYS C 1221 15.73 73.56 11.41
N ALA C 1222 16.35 72.51 11.96
CA ALA C 1222 16.72 72.46 13.39
C ALA C 1222 17.69 73.58 13.82
N PHE C 1223 18.52 74.05 12.89
CA PHE C 1223 19.47 75.08 13.17
C PHE C 1223 19.17 76.40 12.46
N ALA C 1224 17.94 76.52 11.99
CA ALA C 1224 17.43 77.73 11.35
C ALA C 1224 18.48 78.32 10.43
N ILE C 1225 18.94 77.53 9.48
CA ILE C 1225 20.05 77.96 8.66
C ILE C 1225 19.59 78.95 7.60
N SER C 1226 20.34 80.05 7.51
CA SER C 1226 20.15 81.11 6.50
C SER C 1226 21.52 81.46 6.02
N GLY C 1227 21.97 80.74 5.02
CA GLY C 1227 23.32 80.91 4.55
C GLY C 1227 23.87 79.59 4.11
N PRO C 1228 25.17 79.55 3.88
CA PRO C 1228 25.81 78.35 3.38
C PRO C 1228 26.10 77.37 4.50
N PHE C 1229 26.07 76.09 4.17
CA PHE C 1229 26.46 75.04 5.11
C PHE C 1229 26.79 73.78 4.36
N ASN C 1230 27.24 72.79 5.11
CA ASN C 1230 27.66 71.52 4.54
C ASN C 1230 27.47 70.40 5.58
N VAL C 1231 27.18 69.20 5.10
CA VAL C 1231 27.01 68.05 5.94
C VAL C 1231 27.72 66.90 5.29
N GLN C 1232 28.50 66.15 6.07
CA GLN C 1232 29.22 65.02 5.53
C GLN C 1232 28.57 63.75 6.01
N PHE C 1233 28.49 62.76 5.12
CA PHE C 1233 27.77 61.53 5.40
C PHE C 1233 28.60 60.26 5.16
N LEU C 1234 28.43 59.25 6.02
CA LEU C 1234 28.81 57.87 5.69
C LEU C 1234 27.61 57.16 5.10
N VAL C 1235 27.84 56.40 4.03
CA VAL C 1235 26.79 55.63 3.39
C VAL C 1235 27.24 54.22 3.19
N LYS C 1236 26.42 53.29 3.66
CA LYS C 1236 26.72 51.88 3.48
C LYS C 1236 25.43 51.22 3.13
N GLY C 1237 25.18 51.06 1.84
CA GLY C 1237 23.96 50.50 1.34
C GLY C 1237 22.88 51.54 1.46
N ASN C 1238 22.01 51.35 2.44
CA ASN C 1238 20.97 52.31 2.78
C ASN C 1238 21.12 52.92 4.13
N ASP C 1239 22.06 52.42 4.93
CA ASP C 1239 22.45 53.14 6.14
C ASP C 1239 23.12 54.44 5.75
N VAL C 1240 22.52 55.54 6.16
CA VAL C 1240 23.08 56.84 5.96
C VAL C 1240 23.33 57.48 7.35
N LEU C 1241 24.62 57.74 7.67
CA LEU C 1241 25.02 58.34 8.96
C LEU C 1241 25.63 59.72 8.79
N VAL C 1242 25.29 60.65 9.67
CA VAL C 1242 25.92 61.95 9.63
C VAL C 1242 27.23 61.92 10.37
N ILE C 1243 28.25 62.44 9.73
CA ILE C 1243 29.57 62.56 10.32
C ILE C 1243 29.69 63.89 11.01
N GLU C 1244 29.49 64.98 10.27
CA GLU C 1244 29.73 66.33 10.80
C GLU C 1244 28.84 67.27 10.04
N CYS C 1245 28.58 68.43 10.61
CA CYS C 1245 27.88 69.49 9.91
C CYS C 1245 28.66 70.79 10.09
N ASN C 1246 28.86 71.55 9.02
CA ASN C 1246 29.60 72.82 9.15
C ASN C 1246 28.71 73.93 8.72
N LEU C 1247 28.44 74.89 9.61
CA LEU C 1247 27.51 75.96 9.28
C LEU C 1247 28.27 77.11 8.64
N ARG C 1248 28.93 76.77 7.55
CA ARG C 1248 29.64 77.71 6.73
C ARG C 1248 29.95 77.09 5.38
N ALA C 1249 30.43 77.90 4.45
CA ALA C 1249 30.89 77.41 3.17
C ALA C 1249 32.02 76.41 3.39
N SER C 1250 31.93 75.29 2.69
CA SER C 1250 32.97 74.25 2.66
C SER C 1250 33.90 74.47 1.49
N ARG C 1251 35.03 73.77 1.50
CA ARG C 1251 36.01 73.86 0.45
C ARG C 1251 35.53 73.35 -0.91
N SER C 1252 34.45 72.59 -0.95
CA SER C 1252 33.95 72.11 -2.23
C SER C 1252 32.91 73.04 -2.84
N PHE C 1253 32.72 74.22 -2.29
CA PHE C 1253 31.71 75.12 -2.85
C PHE C 1253 32.02 75.66 -4.25
N PRO C 1254 33.30 75.91 -4.57
CA PRO C 1254 33.64 76.35 -5.96
C PRO C 1254 33.42 75.24 -7.01
N PHE C 1255 33.85 74.04 -6.66
CA PHE C 1255 33.72 72.87 -7.52
C PHE C 1255 32.24 72.73 -7.90
N VAL C 1256 31.45 72.56 -6.86
CA VAL C 1256 30.03 72.37 -6.98
C VAL C 1256 29.35 73.54 -7.69
N SER C 1257 29.76 74.76 -7.40
CA SER C 1257 29.10 75.93 -8.00
C SER C 1257 29.35 76.00 -9.49
N LYS C 1258 30.62 75.84 -9.86
CA LYS C 1258 30.99 75.95 -11.26
C LYS C 1258 30.43 74.79 -12.02
N THR C 1259 30.53 73.59 -11.42
CA THR C 1259 30.06 72.41 -12.09
C THR C 1259 28.58 72.51 -12.41
N LEU C 1260 27.77 72.97 -11.46
CA LEU C 1260 26.32 73.07 -11.71
C LEU C 1260 25.89 74.39 -12.35
N GLY C 1261 26.84 75.31 -12.59
CA GLY C 1261 26.53 76.61 -13.16
C GLY C 1261 25.63 77.45 -12.27
N VAL C 1262 25.86 77.40 -10.96
CA VAL C 1262 25.11 78.21 -9.99
C VAL C 1262 26.03 78.64 -8.88
N ASP C 1263 26.19 79.95 -8.69
CA ASP C 1263 27.04 80.47 -7.65
C ASP C 1263 26.31 80.34 -6.31
N PHE C 1264 26.63 79.27 -5.60
CA PHE C 1264 26.04 79.00 -4.28
C PHE C 1264 26.26 80.16 -3.33
N ILE C 1265 27.40 80.83 -3.43
CA ILE C 1265 27.72 81.96 -2.56
C ILE C 1265 26.95 83.19 -2.94
N ASP C 1266 26.74 83.41 -4.23
CA ASP C 1266 25.86 84.47 -4.67
C ASP C 1266 24.48 84.26 -4.08
N VAL C 1267 23.96 83.04 -4.17
CA VAL C 1267 22.65 82.75 -3.59
C VAL C 1267 22.63 82.99 -2.08
N ALA C 1268 23.66 82.51 -1.41
CA ALA C 1268 23.73 82.55 0.03
C ALA C 1268 23.87 83.97 0.50
N THR C 1269 24.69 84.75 -0.20
CA THR C 1269 24.89 86.15 0.18
C THR C 1269 23.57 86.92 0.11
N LYS C 1270 22.77 86.65 -0.91
CA LYS C 1270 21.43 87.27 -1.04
C LYS C 1270 20.46 86.90 0.07
N VAL C 1271 20.44 85.63 0.44
CA VAL C 1271 19.71 85.19 1.60
C VAL C 1271 20.14 85.95 2.84
N MET C 1272 21.43 86.04 3.06
CA MET C 1272 21.95 86.61 4.31
C MET C 1272 21.65 88.08 4.49
N ILE C 1273 21.55 88.83 3.39
CA ILE C 1273 21.20 90.24 3.51
C ILE C 1273 19.73 90.55 3.17
N GLY C 1274 18.93 89.52 3.04
CA GLY C 1274 17.52 89.70 2.76
C GLY C 1274 17.14 90.05 1.33
N GLU C 1275 18.06 89.95 0.38
CA GLU C 1275 17.71 90.17 -1.00
C GLU C 1275 16.82 89.03 -1.50
N ASN C 1276 15.95 89.33 -2.45
CA ASN C 1276 15.11 88.33 -3.06
C ASN C 1276 15.88 87.29 -3.85
N VAL C 1277 15.26 86.12 -4.01
CA VAL C 1277 15.85 84.97 -4.68
C VAL C 1277 14.78 84.14 -5.39
N ASP C 1278 14.90 83.98 -6.71
CA ASP C 1278 14.02 83.09 -7.46
C ASP C 1278 14.50 81.65 -7.33
N GLU C 1279 13.73 80.80 -6.65
CA GLU C 1279 14.11 79.42 -6.40
C GLU C 1279 13.73 78.46 -7.53
N LYS C 1280 13.07 78.96 -8.55
CA LYS C 1280 12.58 78.15 -9.65
C LYS C 1280 13.71 77.40 -10.31
N HIS C 1281 14.75 78.14 -10.68
CA HIS C 1281 15.89 77.56 -11.37
C HIS C 1281 17.05 77.21 -10.45
N LEU C 1282 16.85 77.18 -9.14
CA LEU C 1282 17.91 76.72 -8.27
C LEU C 1282 17.76 75.23 -7.95
N PRO C 1283 18.85 74.57 -7.56
CA PRO C 1283 18.79 73.17 -7.19
C PRO C 1283 18.25 72.96 -5.78
N THR C 1284 16.95 73.13 -5.60
CA THR C 1284 16.33 72.92 -4.30
C THR C 1284 16.26 71.41 -4.03
N LEU C 1285 15.87 71.01 -2.81
CA LEU C 1285 15.75 69.58 -2.53
C LEU C 1285 14.73 68.93 -3.43
N ASP C 1286 13.69 69.66 -3.78
CA ASP C 1286 12.63 69.10 -4.62
C ASP C 1286 12.99 69.04 -6.10
N HIS C 1287 13.81 69.96 -6.60
CA HIS C 1287 14.27 69.89 -8.00
C HIS C 1287 15.77 70.07 -8.15
N PRO C 1288 16.51 69.00 -7.85
CA PRO C 1288 17.95 69.10 -7.94
C PRO C 1288 18.38 69.41 -9.36
N ILE C 1289 19.61 69.92 -9.52
CA ILE C 1289 20.25 69.96 -10.83
C ILE C 1289 21.27 68.87 -10.83
N ILE C 1290 21.11 67.92 -11.74
CA ILE C 1290 21.98 66.77 -11.89
C ILE C 1290 22.50 66.70 -13.33
N PRO C 1291 23.80 66.93 -13.54
CA PRO C 1291 24.37 66.79 -14.87
C PRO C 1291 24.09 65.42 -15.47
N ALA C 1292 23.53 65.41 -16.68
CA ALA C 1292 23.24 64.19 -17.41
C ALA C 1292 24.33 63.89 -18.40
N ASP C 1293 24.85 64.90 -19.08
CA ASP C 1293 25.70 64.66 -20.22
C ASP C 1293 27.16 64.72 -19.93
N TYR C 1294 27.49 64.97 -18.67
CA TYR C 1294 28.87 65.06 -18.27
C TYR C 1294 29.04 64.80 -16.77
N VAL C 1295 30.28 64.51 -16.35
CA VAL C 1295 30.64 64.39 -14.94
C VAL C 1295 31.86 65.25 -14.65
N ALA C 1296 31.97 65.63 -13.38
CA ALA C 1296 33.02 66.45 -12.83
C ALA C 1296 33.77 65.66 -11.78
N ILE C 1297 35.08 65.77 -11.83
CA ILE C 1297 35.96 65.17 -10.87
C ILE C 1297 36.97 66.18 -10.30
N LYS C 1298 37.01 66.28 -8.97
CA LYS C 1298 38.02 67.04 -8.23
C LYS C 1298 39.08 66.10 -7.62
N ALA C 1299 40.36 66.39 -7.91
CA ALA C 1299 41.50 65.62 -7.38
C ALA C 1299 42.34 66.50 -6.48
N PRO C 1300 42.86 65.93 -5.38
CA PRO C 1300 43.75 66.64 -4.50
C PRO C 1300 45.17 66.67 -5.03
N MET C 1301 45.85 67.75 -4.66
CA MET C 1301 47.26 68.03 -4.95
C MET C 1301 48.09 67.81 -3.70
N PHE C 1302 49.32 67.37 -3.85
CA PHE C 1302 50.16 67.11 -2.69
C PHE C 1302 51.51 67.73 -2.93
N SER C 1303 52.27 67.94 -1.86
CA SER C 1303 53.59 68.52 -2.01
C SER C 1303 54.60 67.60 -1.31
N TRP C 1304 54.58 66.33 -1.67
CA TRP C 1304 55.45 65.36 -1.02
C TRP C 1304 56.92 65.62 -1.31
N PRO C 1305 57.29 65.93 -2.56
CA PRO C 1305 58.73 66.08 -2.72
C PRO C 1305 59.30 67.16 -1.82
N ARG C 1306 58.58 68.25 -1.60
CA ARG C 1306 59.09 69.30 -0.73
C ARG C 1306 59.03 69.00 0.78
N LEU C 1307 58.23 68.03 1.19
CA LEU C 1307 58.15 67.66 2.59
C LEU C 1307 59.12 66.53 2.83
N ARG C 1308 60.41 66.89 2.85
CA ARG C 1308 61.48 65.91 2.87
C ARG C 1308 61.23 64.84 3.92
N ASP C 1309 61.36 63.57 3.48
CA ASP C 1309 61.17 62.37 4.33
C ASP C 1309 59.74 62.09 4.81
N ALA C 1310 58.79 62.95 4.46
CA ALA C 1310 57.40 62.69 4.82
C ALA C 1310 56.91 61.36 4.22
N ASP C 1311 56.14 60.61 5.00
CA ASP C 1311 55.50 59.39 4.51
C ASP C 1311 54.32 59.81 3.67
N PRO C 1312 54.35 59.51 2.35
CA PRO C 1312 53.31 60.03 1.47
C PRO C 1312 52.08 59.16 1.48
N ILE C 1313 51.31 59.23 2.54
CA ILE C 1313 50.28 58.26 2.79
C ILE C 1313 49.20 59.00 3.54
N LEU C 1314 47.95 58.76 3.16
CA LEU C 1314 46.82 59.50 3.71
C LEU C 1314 46.38 58.99 5.05
N ARG C 1315 46.31 59.90 6.03
CA ARG C 1315 45.81 59.62 7.37
C ARG C 1315 44.38 60.16 7.57
N CYS C 1316 43.90 60.23 8.81
CA CYS C 1316 42.63 60.91 9.09
C CYS C 1316 42.82 62.43 9.20
N GLU C 1317 44.04 62.85 9.58
CA GLU C 1317 44.50 64.22 9.38
C GLU C 1317 44.86 64.42 7.92
N MET C 1318 44.55 65.60 7.42
CA MET C 1318 44.64 65.95 6.01
C MET C 1318 46.05 66.44 5.59
N ALA C 1319 46.44 66.16 4.35
CA ALA C 1319 47.78 66.48 3.85
C ALA C 1319 47.86 67.22 2.50
N SER C 1320 46.75 67.37 1.79
CA SER C 1320 46.83 67.93 0.45
C SER C 1320 46.99 69.44 0.51
N THR C 1321 47.59 70.00 -0.51
CA THR C 1321 47.95 71.42 -0.55
C THR C 1321 47.21 72.23 -1.63
N GLY C 1322 46.23 71.61 -2.31
CA GLY C 1322 45.47 72.26 -3.36
C GLY C 1322 44.57 71.26 -4.08
N GLU C 1323 43.92 71.70 -5.12
CA GLU C 1323 42.97 70.86 -5.81
C GLU C 1323 42.95 71.22 -7.27
N VAL C 1324 42.62 70.26 -8.11
CA VAL C 1324 42.24 70.51 -9.51
C VAL C 1324 40.91 69.85 -9.79
N ALA C 1325 40.28 70.27 -10.86
CA ALA C 1325 39.10 69.58 -11.36
C ALA C 1325 39.02 69.62 -12.88
N CYS C 1326 38.51 68.54 -13.46
CA CYS C 1326 38.30 68.41 -14.89
C CYS C 1326 36.97 67.72 -15.13
N PHE C 1327 36.57 67.70 -16.40
CA PHE C 1327 35.24 67.27 -16.83
C PHE C 1327 35.35 66.27 -17.96
N GLY C 1328 34.32 65.46 -18.12
CA GLY C 1328 34.33 64.42 -19.15
C GLY C 1328 32.94 63.86 -19.44
N GLU C 1329 32.82 63.18 -20.57
CA GLU C 1329 31.55 62.56 -20.90
C GLU C 1329 31.25 61.49 -19.87
N GLY C 1330 32.30 60.89 -19.34
CA GLY C 1330 32.19 59.94 -18.25
C GLY C 1330 33.31 60.06 -17.23
N ILE C 1331 33.30 59.14 -16.29
CA ILE C 1331 34.21 59.21 -15.16
C ILE C 1331 35.66 58.94 -15.56
N HIS C 1332 35.88 57.97 -16.41
CA HIS C 1332 37.24 57.59 -16.73
C HIS C 1332 37.98 58.76 -17.34
N THR C 1333 37.34 59.42 -18.30
CA THR C 1333 37.94 60.56 -18.98
C THR C 1333 38.22 61.71 -18.07
N ALA C 1334 37.21 62.04 -17.27
CA ALA C 1334 37.31 63.13 -16.31
C ALA C 1334 38.39 62.85 -15.29
N PHE C 1335 38.43 61.59 -14.83
CA PHE C 1335 39.41 61.16 -13.84
C PHE C 1335 40.83 61.24 -14.37
N LEU C 1336 41.05 60.78 -15.60
CA LEU C 1336 42.39 60.84 -16.19
C LEU C 1336 42.83 62.28 -16.36
N LYS C 1337 41.92 63.14 -16.76
CA LYS C 1337 42.26 64.53 -16.92
C LYS C 1337 42.59 65.19 -15.57
N ALA C 1338 41.78 64.89 -14.55
CA ALA C 1338 42.03 65.39 -13.20
C ALA C 1338 43.43 64.92 -12.71
N MET C 1339 43.71 63.63 -12.86
CA MET C 1339 44.99 63.10 -12.41
C MET C 1339 46.17 63.73 -13.13
N LEU C 1340 46.11 63.81 -14.45
CA LEU C 1340 47.16 64.51 -15.22
C LEU C 1340 47.35 65.95 -14.73
N SER C 1341 46.26 66.62 -14.39
CA SER C 1341 46.33 67.98 -13.87
C SER C 1341 47.09 68.06 -12.55
N THR C 1342 47.18 66.97 -11.79
CA THR C 1342 47.93 66.97 -10.56
C THR C 1342 49.42 66.74 -10.76
N GLY C 1343 49.87 66.45 -11.98
CA GLY C 1343 51.29 66.12 -12.20
C GLY C 1343 51.50 64.64 -12.43
N PHE C 1344 50.48 63.85 -12.12
CA PHE C 1344 50.54 62.41 -12.31
C PHE C 1344 50.83 62.12 -13.76
N LYS C 1345 51.70 61.15 -14.01
CA LYS C 1345 52.15 60.87 -15.37
C LYS C 1345 51.86 59.42 -15.70
N ILE C 1346 51.15 59.18 -16.79
CA ILE C 1346 50.68 57.83 -17.09
C ILE C 1346 51.90 56.99 -17.40
N PRO C 1347 52.05 55.83 -16.73
CA PRO C 1347 53.26 55.07 -16.91
C PRO C 1347 53.37 54.55 -18.32
N GLN C 1348 54.58 54.59 -18.84
CA GLN C 1348 54.88 54.04 -20.15
C GLN C 1348 55.69 52.77 -20.05
N LYS C 1349 56.06 52.40 -18.81
CA LYS C 1349 57.01 51.30 -18.59
C LYS C 1349 56.41 50.27 -17.63
N GLY C 1350 57.16 49.82 -16.64
CA GLY C 1350 56.67 48.82 -15.71
C GLY C 1350 56.04 49.48 -14.50
N ILE C 1351 55.23 48.68 -13.80
CA ILE C 1351 54.52 49.11 -12.63
C ILE C 1351 54.99 48.19 -11.50
N LEU C 1352 55.31 48.80 -10.34
CA LEU C 1352 55.68 48.04 -9.15
C LEU C 1352 54.47 47.94 -8.28
N ILE C 1353 54.17 46.72 -7.84
CA ILE C 1353 53.02 46.45 -7.00
C ILE C 1353 53.42 45.78 -5.70
N GLY C 1354 53.02 46.38 -4.58
CA GLY C 1354 53.21 45.75 -3.27
C GLY C 1354 51.97 46.07 -2.49
N ILE C 1355 51.31 45.03 -1.97
CA ILE C 1355 50.04 45.23 -1.23
C ILE C 1355 49.98 44.40 0.03
N GLN C 1356 49.26 44.91 1.03
CA GLN C 1356 49.01 44.16 2.20
C GLN C 1356 48.11 42.98 1.83
N GLN C 1357 48.35 41.83 2.47
CA GLN C 1357 47.67 40.59 2.13
C GLN C 1357 46.16 40.73 1.99
N SER C 1358 45.54 41.50 2.85
CA SER C 1358 44.10 41.50 2.86
C SER C 1358 43.54 42.13 1.61
N PHE C 1359 44.32 42.94 0.88
CA PHE C 1359 43.81 43.51 -0.37
C PHE C 1359 43.73 42.52 -1.53
N ARG C 1360 44.23 41.31 -1.38
CA ARG C 1360 44.35 40.39 -2.52
C ARG C 1360 43.05 40.04 -3.24
N PRO C 1361 42.00 39.62 -2.51
CA PRO C 1361 40.73 39.34 -3.17
C PRO C 1361 40.30 40.48 -4.08
N ARG C 1362 40.25 41.69 -3.58
CA ARG C 1362 39.87 42.80 -4.45
C ARG C 1362 40.92 43.24 -5.46
N PHE C 1363 42.20 43.00 -5.21
CA PHE C 1363 43.20 43.53 -6.12
C PHE C 1363 43.44 42.63 -7.32
N LEU C 1364 43.13 41.36 -7.20
CA LEU C 1364 43.41 40.42 -8.29
C LEU C 1364 42.96 40.97 -9.64
N GLY C 1365 41.72 41.46 -9.73
CA GLY C 1365 41.17 41.98 -10.98
C GLY C 1365 41.81 43.27 -11.43
N VAL C 1366 42.21 44.10 -10.49
CA VAL C 1366 42.97 45.28 -10.84
C VAL C 1366 44.27 44.86 -11.52
N ALA C 1367 44.91 43.81 -11.01
CA ALA C 1367 46.21 43.38 -11.53
C ALA C 1367 46.08 42.71 -12.89
N GLU C 1368 45.02 41.92 -13.06
CA GLU C 1368 44.79 41.26 -14.33
C GLU C 1368 44.58 42.30 -15.37
N GLN C 1369 43.86 43.34 -14.98
CA GLN C 1369 43.52 44.43 -15.88
C GLN C 1369 44.75 45.21 -16.32
N LEU C 1370 45.61 45.55 -15.38
CA LEU C 1370 46.86 46.22 -15.70
C LEU C 1370 47.70 45.34 -16.61
N HIS C 1371 47.71 44.03 -16.35
CA HIS C 1371 48.44 43.07 -17.21
C HIS C 1371 47.85 42.96 -18.61
N ASN C 1372 46.54 42.91 -18.70
CA ASN C 1372 45.88 42.87 -20.00
C ASN C 1372 46.03 44.15 -20.82
N GLU C 1373 46.30 45.27 -20.17
CA GLU C 1373 46.63 46.50 -20.89
C GLU C 1373 48.09 46.56 -21.31
N GLY C 1374 48.87 45.54 -21.01
CA GLY C 1374 50.23 45.46 -21.50
C GLY C 1374 51.33 45.98 -20.57
N PHE C 1375 50.99 46.37 -19.34
CA PHE C 1375 52.01 46.82 -18.40
C PHE C 1375 52.76 45.64 -17.81
N LYS C 1376 54.08 45.70 -17.91
CA LYS C 1376 54.95 44.76 -17.25
C LYS C 1376 54.88 44.98 -15.73
N LEU C 1377 54.70 43.91 -14.97
CA LEU C 1377 54.49 44.06 -13.54
C LEU C 1377 55.69 43.61 -12.72
N PHE C 1378 56.13 44.47 -11.81
CA PHE C 1378 57.10 44.10 -10.76
C PHE C 1378 56.40 44.09 -9.39
N ALA C 1379 56.93 43.28 -8.48
CA ALA C 1379 56.31 43.15 -7.17
C ALA C 1379 57.23 42.68 -6.06
N THR C 1380 56.90 43.10 -4.85
CA THR C 1380 57.59 42.64 -3.65
C THR C 1380 57.32 41.15 -3.44
N GLU C 1381 58.11 40.52 -2.58
CA GLU C 1381 58.24 39.07 -2.48
C GLU C 1381 56.92 38.28 -2.52
N ALA C 1382 56.09 38.46 -1.50
CA ALA C 1382 54.87 37.71 -1.35
C ALA C 1382 53.87 38.03 -2.45
N THR C 1383 53.78 39.32 -2.82
CA THR C 1383 52.86 39.81 -3.83
C THR C 1383 53.20 39.24 -5.18
N SER C 1384 54.49 39.08 -5.48
CA SER C 1384 54.93 38.45 -6.73
C SER C 1384 54.59 36.94 -6.78
N ASP C 1385 54.90 36.20 -5.73
CA ASP C 1385 54.47 34.80 -5.66
C ASP C 1385 52.99 34.68 -5.91
N TRP C 1386 52.21 35.55 -5.29
CA TRP C 1386 50.76 35.45 -5.36
C TRP C 1386 50.25 35.76 -6.75
N LEU C 1387 50.75 36.84 -7.35
CA LEU C 1387 50.38 37.14 -8.73
C LEU C 1387 50.69 35.96 -9.67
N ASN C 1388 51.90 35.43 -9.58
CA ASN C 1388 52.27 34.32 -10.42
C ASN C 1388 51.41 33.10 -10.16
N ALA C 1389 51.06 32.87 -8.92
CA ALA C 1389 50.21 31.71 -8.59
C ALA C 1389 48.84 31.87 -9.20
N ASN C 1390 48.46 33.12 -9.48
CA ASN C 1390 47.21 33.42 -10.15
C ASN C 1390 47.40 33.72 -11.65
N ASN C 1391 48.51 33.25 -12.23
CA ASN C 1391 48.78 33.43 -13.66
C ASN C 1391 48.71 34.86 -14.13
N VAL C 1392 49.19 35.76 -13.29
CA VAL C 1392 49.49 37.11 -13.72
C VAL C 1392 50.99 37.25 -13.61
N PRO C 1393 51.68 37.45 -14.74
CA PRO C 1393 53.15 37.46 -14.60
C PRO C 1393 53.69 38.67 -13.84
N ALA C 1394 54.55 38.42 -12.87
CA ALA C 1394 55.26 39.49 -12.16
C ALA C 1394 56.72 39.10 -11.96
N THR C 1395 57.63 40.05 -12.07
CA THR C 1395 59.04 39.89 -11.69
C THR C 1395 59.30 40.34 -10.23
N PRO C 1396 59.82 39.42 -9.38
CA PRO C 1396 59.96 39.85 -7.98
C PRO C 1396 61.11 40.83 -7.86
N VAL C 1397 61.04 41.67 -6.83
CA VAL C 1397 62.11 42.59 -6.52
C VAL C 1397 62.49 42.46 -5.05
N ALA C 1398 63.62 43.04 -4.71
CA ALA C 1398 64.19 42.94 -3.39
C ALA C 1398 63.58 44.01 -2.49
N TRP C 1399 63.46 43.70 -1.21
CA TRP C 1399 63.18 44.75 -0.26
C TRP C 1399 64.40 45.66 -0.14
N PRO C 1400 64.20 46.99 0.05
CA PRO C 1400 65.32 47.96 0.29
C PRO C 1400 66.25 47.57 1.48
N SER C 1401 65.63 47.05 2.54
CA SER C 1401 66.36 46.60 3.68
C SER C 1401 67.25 45.38 3.39
N GLN C 1402 67.18 44.82 2.18
CA GLN C 1402 67.86 43.57 1.89
C GLN C 1402 68.60 43.59 0.57
N GLU C 1403 69.14 44.74 0.21
CA GLU C 1403 69.77 44.89 -1.11
C GLU C 1403 71.20 44.38 -1.11
N GLY C 1404 71.45 43.33 -1.89
CA GLY C 1404 72.74 42.65 -1.94
C GLY C 1404 72.66 41.23 -1.41
N GLN C 1405 71.59 40.93 -0.67
CA GLN C 1405 71.48 39.64 -0.03
C GLN C 1405 70.93 38.56 -0.97
N ASN C 1406 70.54 38.96 -2.18
CA ASN C 1406 70.12 37.98 -3.19
C ASN C 1406 70.36 38.55 -4.58
N PRO C 1407 71.36 38.01 -5.30
CA PRO C 1407 71.70 38.59 -6.61
C PRO C 1407 70.69 38.27 -7.72
N SER C 1408 69.75 37.36 -7.45
CA SER C 1408 68.72 37.08 -8.42
C SER C 1408 67.68 38.22 -8.50
N LEU C 1409 67.66 39.10 -7.48
CA LEU C 1409 66.65 40.15 -7.38
C LEU C 1409 67.20 41.53 -7.58
N SER C 1410 66.55 42.33 -8.41
CA SER C 1410 67.01 43.68 -8.67
C SER C 1410 66.52 44.60 -7.58
N SER C 1411 67.26 45.67 -7.33
CA SER C 1411 66.81 46.69 -6.39
C SER C 1411 65.83 47.59 -7.10
N ILE C 1412 64.92 48.15 -6.32
CA ILE C 1412 63.88 49.01 -6.83
C ILE C 1412 64.47 50.32 -7.27
N ARG C 1413 65.37 50.87 -6.48
CA ARG C 1413 66.06 52.11 -6.83
C ARG C 1413 66.70 52.01 -8.20
N LYS C 1414 67.33 50.88 -8.46
CA LYS C 1414 67.97 50.65 -9.73
C LYS C 1414 66.95 50.49 -10.87
N LEU C 1415 65.86 49.77 -10.63
CA LEU C 1415 64.85 49.62 -11.66
C LEU C 1415 64.19 50.97 -11.97
N ILE C 1416 64.06 51.82 -10.97
CA ILE C 1416 63.49 53.14 -11.20
C ILE C 1416 64.46 53.96 -12.02
N ARG C 1417 65.70 54.09 -11.51
CA ARG C 1417 66.80 54.76 -12.23
C ARG C 1417 66.95 54.35 -13.66
N ASP C 1418 66.94 53.06 -13.89
CA ASP C 1418 67.08 52.53 -15.22
C ASP C 1418 65.90 52.86 -16.12
N GLY C 1419 64.79 53.25 -15.54
CA GLY C 1419 63.57 53.50 -16.31
C GLY C 1419 62.69 52.28 -16.53
N SER C 1420 62.92 51.18 -15.82
CA SER C 1420 62.06 50.00 -15.95
C SER C 1420 60.72 50.17 -15.25
N ILE C 1421 60.70 51.00 -14.22
CA ILE C 1421 59.52 51.20 -13.39
C ILE C 1421 59.15 52.67 -13.42
N ASP C 1422 57.95 53.00 -13.84
CA ASP C 1422 57.50 54.39 -13.74
C ASP C 1422 56.11 54.58 -13.14
N LEU C 1423 55.67 53.61 -12.34
CA LEU C 1423 54.54 53.81 -11.43
C LEU C 1423 54.73 52.87 -10.27
N VAL C 1424 54.46 53.36 -9.07
CA VAL C 1424 54.48 52.50 -7.90
C VAL C 1424 53.13 52.45 -7.25
N ILE C 1425 52.71 51.23 -6.94
CA ILE C 1425 51.48 50.99 -6.23
C ILE C 1425 51.89 50.34 -4.93
N ASN C 1426 51.62 51.04 -3.85
CA ASN C 1426 51.88 50.56 -2.53
C ASN C 1426 50.63 50.68 -1.62
N LEU C 1427 50.08 49.57 -1.17
CA LEU C 1427 48.83 49.58 -0.39
C LEU C 1427 49.04 48.95 0.96
N PRO C 1428 49.44 49.77 1.93
CA PRO C 1428 49.53 49.28 3.26
C PRO C 1428 48.19 49.44 3.98
N ASN C 1429 48.06 48.75 5.11
CA ASN C 1429 46.99 48.97 6.03
C ASN C 1429 47.57 48.73 7.43
N ASN C 1430 46.69 48.66 8.43
CA ASN C 1430 47.04 48.44 9.81
C ASN C 1430 47.79 47.13 10.07
N ASN C 1431 47.59 46.13 9.24
CA ASN C 1431 48.31 44.86 9.41
C ASN C 1431 49.59 44.73 8.62
N THR C 1432 50.05 45.81 8.02
CA THR C 1432 51.25 45.76 7.24
C THR C 1432 52.41 45.27 8.12
N LYS C 1433 53.18 44.31 7.62
CA LYS C 1433 54.30 43.75 8.39
C LYS C 1433 55.57 44.56 8.20
N PHE C 1434 55.86 44.93 6.97
CA PHE C 1434 57.08 45.64 6.67
C PHE C 1434 56.83 47.12 6.54
N VAL C 1435 56.66 47.75 7.70
CA VAL C 1435 56.23 49.11 7.74
C VAL C 1435 57.33 50.01 7.21
N HIS C 1436 58.52 49.85 7.75
CA HIS C 1436 59.61 50.70 7.30
C HIS C 1436 59.99 50.46 5.85
N ASP C 1437 60.11 49.19 5.46
CA ASP C 1437 60.49 48.86 4.08
C ASP C 1437 59.52 49.49 3.08
N ASN C 1438 58.22 49.38 3.37
CA ASN C 1438 57.20 49.94 2.47
C ASN C 1438 57.17 51.47 2.46
N TYR C 1439 57.50 52.06 3.61
CA TYR C 1439 57.74 53.49 3.71
C TYR C 1439 58.86 53.87 2.79
N VAL C 1440 59.96 53.12 2.83
CA VAL C 1440 61.07 53.43 1.95
C VAL C 1440 60.66 53.29 0.48
N ILE C 1441 59.92 52.25 0.12
CA ILE C 1441 59.45 52.16 -1.27
C ILE C 1441 58.64 53.41 -1.65
N ARG C 1442 57.65 53.77 -0.85
CA ARG C 1442 56.83 54.92 -1.12
C ARG C 1442 57.69 56.19 -1.28
N ARG C 1443 58.61 56.42 -0.36
CA ARG C 1443 59.39 57.64 -0.38
C ARG C 1443 60.41 57.64 -1.54
N THR C 1444 60.90 56.47 -1.93
CA THR C 1444 61.77 56.33 -3.11
C THR C 1444 61.08 56.78 -4.41
N ALA C 1445 59.79 56.44 -4.56
CA ALA C 1445 59.05 56.89 -5.73
C ALA C 1445 58.97 58.42 -5.72
N VAL C 1446 58.60 58.99 -4.59
CA VAL C 1446 58.39 60.40 -4.54
C VAL C 1446 59.66 61.07 -4.92
N ASP C 1447 60.75 60.69 -4.27
CA ASP C 1447 62.04 61.32 -4.49
C ASP C 1447 62.70 60.98 -5.83
N SER C 1448 62.18 60.00 -6.56
CA SER C 1448 62.62 59.74 -7.92
C SER C 1448 61.73 60.43 -8.92
N GLY C 1449 60.70 61.11 -8.43
CA GLY C 1449 59.72 61.79 -9.27
C GLY C 1449 58.91 60.86 -10.14
N ILE C 1450 58.55 59.68 -9.67
CA ILE C 1450 57.56 58.88 -10.37
C ILE C 1450 56.29 58.79 -9.55
N PRO C 1451 55.16 58.66 -10.25
CA PRO C 1451 53.91 58.64 -9.51
C PRO C 1451 53.77 57.42 -8.59
N LEU C 1452 53.06 57.66 -7.48
CA LEU C 1452 52.80 56.69 -6.45
C LEU C 1452 51.28 56.62 -6.15
N LEU C 1453 50.72 55.42 -6.15
CA LEU C 1453 49.34 55.25 -5.74
C LEU C 1453 49.33 54.46 -4.43
N THR C 1454 48.69 55.00 -3.38
CA THR C 1454 48.58 54.29 -2.10
C THR C 1454 47.17 54.01 -1.61
N ASN C 1455 46.14 54.29 -2.42
CA ASN C 1455 44.75 54.05 -2.08
C ASN C 1455 44.13 53.11 -3.08
N PHE C 1456 43.46 52.08 -2.57
CA PHE C 1456 42.95 51.01 -3.43
C PHE C 1456 41.91 51.49 -4.40
N GLN C 1457 41.01 52.36 -3.95
CA GLN C 1457 39.91 52.79 -4.82
C GLN C 1457 40.42 53.63 -5.97
N VAL C 1458 41.39 54.49 -5.66
CA VAL C 1458 42.01 55.30 -6.69
C VAL C 1458 42.76 54.42 -7.69
N THR C 1459 43.37 53.35 -7.17
CA THR C 1459 44.19 52.47 -7.99
C THR C 1459 43.31 51.64 -8.91
N LYS C 1460 42.16 51.22 -8.40
CA LYS C 1460 41.18 50.47 -9.18
C LYS C 1460 40.67 51.31 -10.32
N LEU C 1461 40.24 52.52 -9.99
CA LEU C 1461 39.71 53.47 -10.97
C LEU C 1461 40.75 53.84 -12.03
N PHE C 1462 41.99 54.02 -11.63
CA PHE C 1462 43.05 54.21 -12.60
C PHE C 1462 43.15 53.05 -13.59
N ALA C 1463 43.30 51.83 -13.10
CA ALA C 1463 43.37 50.63 -13.95
C ALA C 1463 42.20 50.54 -14.87
N GLU C 1464 41.01 50.88 -14.41
CA GLU C 1464 39.85 50.87 -15.29
C GLU C 1464 39.94 51.93 -16.36
N ALA C 1465 40.50 53.08 -16.01
CA ALA C 1465 40.47 54.25 -16.88
C ALA C 1465 41.52 54.23 -17.98
N VAL C 1466 42.69 53.66 -17.73
CA VAL C 1466 43.72 53.51 -18.79
C VAL C 1466 43.26 52.54 -19.85
N GLN C 1467 42.23 51.76 -19.58
CA GLN C 1467 41.67 50.91 -20.60
C GLN C 1467 41.17 51.70 -21.82
N LYS C 1468 41.04 53.02 -21.66
CA LYS C 1468 40.98 53.97 -22.77
C LYS C 1468 40.92 55.43 -22.29
N ASP C 1473 41.00 63.35 -24.44
CA ASP C 1473 40.01 64.36 -24.81
C ASP C 1473 40.39 65.76 -24.27
N SER C 1474 40.10 66.84 -24.99
CA SER C 1474 40.57 68.21 -24.65
C SER C 1474 39.43 69.18 -24.35
N LYS C 1475 38.25 68.63 -24.06
CA LYS C 1475 37.07 69.43 -23.71
C LYS C 1475 37.06 69.84 -22.22
N SER C 1476 36.18 70.77 -21.93
CA SER C 1476 36.09 71.38 -20.62
C SER C 1476 34.60 71.65 -20.32
N LEU C 1477 34.33 72.25 -19.18
CA LEU C 1477 32.96 72.46 -18.74
C LEU C 1477 32.09 73.12 -19.82
N PHE C 1478 32.53 74.26 -20.37
CA PHE C 1478 31.72 75.00 -21.38
C PHE C 1478 31.29 74.14 -22.57
N HIS C 1479 32.11 73.18 -22.97
CA HIS C 1479 31.75 72.29 -24.04
C HIS C 1479 30.50 71.57 -23.64
N TYR C 1480 30.56 70.92 -22.48
CA TYR C 1480 29.49 70.06 -22.00
C TYR C 1480 28.23 70.84 -21.60
N ARG C 1481 28.40 72.07 -21.10
CA ARG C 1481 27.25 72.89 -20.75
C ARG C 1481 26.46 73.34 -21.97
N GLN C 1482 27.08 73.32 -23.15
CA GLN C 1482 26.35 73.56 -24.42
C GLN C 1482 25.46 72.38 -24.83
N ALA D 32 -30.78 15.15 -47.13
CA ALA D 32 -31.41 14.56 -45.93
C ALA D 32 -32.70 15.29 -45.57
N GLN D 33 -33.61 14.56 -44.93
CA GLN D 33 -34.97 15.03 -44.70
C GLN D 33 -35.19 16.00 -43.51
N THR D 34 -35.98 17.04 -43.71
CA THR D 34 -36.21 18.03 -42.67
C THR D 34 -37.64 17.99 -42.16
N ALA D 35 -37.91 18.77 -41.13
CA ALA D 35 -39.24 18.87 -40.52
C ALA D 35 -39.21 20.01 -39.53
N HIS D 36 -40.37 20.51 -39.13
CA HIS D 36 -40.42 21.59 -38.18
C HIS D 36 -40.99 21.17 -36.84
N ILE D 37 -40.54 21.89 -35.80
CA ILE D 37 -41.22 21.95 -34.54
C ILE D 37 -42.01 23.24 -34.60
N VAL D 38 -43.32 23.11 -34.44
CA VAL D 38 -44.24 24.22 -34.46
C VAL D 38 -45.00 24.24 -33.14
N LEU D 39 -44.93 25.35 -32.43
CA LEU D 39 -45.64 25.51 -31.18
C LEU D 39 -46.94 26.28 -31.39
N GLU D 40 -47.90 26.11 -30.49
CA GLU D 40 -49.18 26.83 -30.59
C GLU D 40 -49.05 28.35 -30.52
N ASP D 41 -47.97 28.88 -29.97
CA ASP D 41 -47.80 30.33 -29.87
C ASP D 41 -47.18 30.98 -31.13
N GLY D 42 -46.93 30.18 -32.17
CA GLY D 42 -46.35 30.68 -33.40
C GLY D 42 -44.90 30.29 -33.60
N THR D 43 -44.16 30.01 -32.54
CA THR D 43 -42.77 29.61 -32.73
C THR D 43 -42.69 28.44 -33.74
N LYS D 44 -41.63 28.46 -34.55
CA LYS D 44 -41.41 27.48 -35.61
C LYS D 44 -39.90 27.34 -35.76
N MET D 45 -39.38 26.11 -35.81
CA MET D 45 -37.94 25.88 -36.03
C MET D 45 -37.73 24.67 -36.92
N LYS D 46 -36.81 24.79 -37.86
CA LYS D 46 -36.58 23.76 -38.84
C LYS D 46 -35.48 22.86 -38.38
N GLY D 47 -35.74 21.57 -38.35
CA GLY D 47 -34.74 20.61 -37.92
C GLY D 47 -34.50 19.56 -38.98
N TYR D 48 -33.45 18.77 -38.79
CA TYR D 48 -33.19 17.59 -39.58
C TYR D 48 -33.74 16.36 -38.86
N SER D 49 -34.49 15.54 -39.60
CA SER D 49 -35.15 14.35 -39.01
C SER D 49 -34.15 13.23 -38.80
N PHE D 50 -34.10 12.64 -37.62
CA PHE D 50 -33.26 11.47 -37.38
C PHE D 50 -34.04 10.28 -36.85
N GLY D 51 -35.32 10.50 -36.53
CA GLY D 51 -36.20 9.40 -36.15
C GLY D 51 -37.11 8.96 -37.28
N HIS D 52 -38.34 8.60 -36.92
CA HIS D 52 -39.30 8.12 -37.90
C HIS D 52 -39.85 9.30 -38.68
N PRO D 53 -39.82 9.23 -40.01
CA PRO D 53 -40.23 10.37 -40.77
C PRO D 53 -41.76 10.43 -40.84
N SER D 54 -42.38 10.87 -39.75
CA SER D 54 -43.80 11.07 -39.71
C SER D 54 -44.15 12.12 -38.66
N SER D 55 -45.24 12.87 -38.87
CA SER D 55 -45.62 13.94 -37.97
C SER D 55 -46.26 13.43 -36.67
N VAL D 56 -46.20 14.24 -35.62
CA VAL D 56 -46.81 13.90 -34.33
C VAL D 56 -47.07 15.17 -33.52
N ALA D 57 -48.18 15.19 -32.79
CA ALA D 57 -48.56 16.35 -31.96
C ALA D 57 -48.69 15.98 -30.50
N GLY D 58 -48.19 16.84 -29.60
CA GLY D 58 -48.32 16.64 -28.19
C GLY D 58 -47.98 17.86 -27.36
N GLU D 59 -47.91 17.66 -26.05
CA GLU D 59 -47.40 18.70 -25.18
C GLU D 59 -45.87 18.69 -25.25
N VAL D 60 -45.31 19.88 -25.52
CA VAL D 60 -43.86 20.02 -25.53
C VAL D 60 -43.42 20.26 -24.08
N VAL D 61 -42.40 19.50 -23.67
CA VAL D 61 -41.80 19.68 -22.38
C VAL D 61 -40.28 19.65 -22.48
N PHE D 62 -39.63 19.99 -21.38
CA PHE D 62 -38.16 19.96 -21.33
C PHE D 62 -37.75 19.31 -20.04
N ASN D 63 -36.58 18.71 -20.07
CA ASN D 63 -36.00 18.11 -18.89
C ASN D 63 -34.52 18.47 -18.83
N THR D 64 -34.04 18.92 -17.67
CA THR D 64 -32.65 19.33 -17.54
C THR D 64 -31.61 18.25 -17.23
N GLY D 65 -32.05 17.01 -17.08
CA GLY D 65 -31.13 15.92 -16.83
C GLY D 65 -30.29 15.73 -18.08
N LEU D 66 -28.99 15.54 -17.92
CA LEU D 66 -28.06 15.52 -19.03
C LEU D 66 -27.77 14.14 -19.55
N GLY D 67 -27.88 13.11 -18.72
CA GLY D 67 -27.56 11.77 -19.13
C GLY D 67 -28.67 10.79 -19.00
N GLY D 68 -28.46 9.62 -19.60
CA GLY D 68 -29.42 8.52 -19.58
C GLY D 68 -30.57 8.65 -20.57
N TYR D 69 -30.29 9.11 -21.79
CA TYR D 69 -31.35 9.30 -22.78
C TYR D 69 -32.10 7.98 -23.02
N PRO D 70 -31.40 6.84 -23.02
CA PRO D 70 -32.16 5.62 -23.23
C PRO D 70 -33.18 5.32 -22.14
N GLU D 71 -32.74 5.42 -20.91
CA GLU D 71 -33.63 5.23 -19.76
C GLU D 71 -34.71 6.31 -19.82
N ALA D 72 -34.29 7.57 -20.02
CA ALA D 72 -35.18 8.71 -19.98
C ALA D 72 -36.32 8.57 -20.94
N ILE D 73 -36.02 8.28 -22.23
CA ILE D 73 -37.07 8.25 -23.27
C ILE D 73 -38.00 7.04 -23.14
N THR D 74 -37.62 6.06 -22.31
CA THR D 74 -38.55 4.97 -21.97
C THR D 74 -39.29 5.20 -20.65
N ASP D 75 -39.23 6.42 -20.10
CA ASP D 75 -40.06 6.78 -18.96
C ASP D 75 -41.57 6.88 -19.33
N PRO D 76 -42.46 6.11 -18.69
CA PRO D 76 -43.89 6.25 -18.98
C PRO D 76 -44.46 7.64 -18.73
N ALA D 77 -43.85 8.44 -17.88
CA ALA D 77 -44.29 9.81 -17.70
C ALA D 77 -44.32 10.68 -18.96
N TYR D 78 -43.60 10.28 -20.01
CA TYR D 78 -43.52 11.09 -21.22
C TYR D 78 -44.60 10.76 -22.24
N LYS D 79 -45.45 9.78 -21.94
CA LYS D 79 -46.61 9.45 -22.78
C LYS D 79 -47.40 10.67 -23.22
N GLY D 80 -47.54 10.86 -24.53
CA GLY D 80 -48.19 12.05 -25.07
C GLY D 80 -47.32 13.26 -25.30
N GLN D 81 -46.05 13.14 -24.95
CA GLN D 81 -45.20 14.33 -24.91
C GLN D 81 -44.04 14.33 -25.90
N ILE D 82 -43.74 15.55 -26.34
CA ILE D 82 -42.61 15.86 -27.16
C ILE D 82 -41.52 16.40 -26.24
N LEU D 83 -40.46 15.62 -26.10
CA LEU D 83 -39.35 15.90 -25.16
C LEU D 83 -38.23 16.77 -25.74
N THR D 84 -37.92 17.86 -25.03
CA THR D 84 -36.84 18.73 -25.42
C THR D 84 -35.67 18.51 -24.49
N MET D 85 -34.53 18.06 -25.05
CA MET D 85 -33.36 17.71 -24.29
C MET D 85 -32.51 18.91 -24.03
N ALA D 86 -32.17 19.11 -22.78
CA ALA D 86 -31.18 20.10 -22.39
C ALA D 86 -29.78 19.81 -22.90
N ASN D 87 -29.39 18.56 -22.77
CA ASN D 87 -28.09 18.15 -23.24
C ASN D 87 -28.04 18.33 -24.74
N PRO D 88 -27.14 19.21 -25.21
CA PRO D 88 -27.16 19.51 -26.67
C PRO D 88 -26.60 18.37 -27.55
N ILE D 89 -25.92 17.40 -26.94
CA ILE D 89 -25.24 16.35 -27.70
C ILE D 89 -25.81 14.99 -27.33
N ILE D 90 -26.65 14.49 -28.23
CA ILE D 90 -27.46 13.33 -27.94
C ILE D 90 -27.13 12.20 -28.91
N GLY D 91 -27.02 10.98 -28.35
CA GLY D 91 -26.86 9.76 -29.13
C GLY D 91 -25.46 9.20 -29.08
N ASN D 92 -24.62 9.71 -28.20
CA ASN D 92 -23.23 9.32 -28.16
C ASN D 92 -23.01 7.82 -27.95
N GLY D 93 -23.84 7.19 -27.10
CA GLY D 93 -23.71 5.75 -26.84
C GLY D 93 -24.72 4.91 -27.63
N GLY D 94 -25.32 5.48 -28.67
CA GLY D 94 -26.27 4.73 -29.46
C GLY D 94 -27.41 4.24 -28.58
N ALA D 95 -27.90 3.03 -28.84
CA ALA D 95 -28.98 2.42 -28.05
C ALA D 95 -28.57 1.02 -27.64
N PRO D 96 -29.03 0.52 -26.50
CA PRO D 96 -28.58 -0.79 -26.01
C PRO D 96 -29.40 -1.91 -26.60
N ASP D 97 -29.33 -3.11 -26.00
CA ASP D 97 -30.18 -4.21 -26.45
C ASP D 97 -31.60 -3.98 -25.96
N THR D 98 -32.48 -3.55 -26.86
CA THR D 98 -33.81 -3.12 -26.51
C THR D 98 -34.78 -4.27 -26.46
N THR D 99 -34.31 -5.48 -26.75
CA THR D 99 -35.16 -6.67 -26.64
C THR D 99 -34.74 -7.55 -25.46
N ALA D 100 -33.53 -7.38 -24.91
CA ALA D 100 -33.06 -8.26 -23.85
C ALA D 100 -33.87 -8.07 -22.59
N LEU D 101 -34.26 -9.18 -21.98
CA LEU D 101 -34.99 -9.18 -20.71
C LEU D 101 -34.04 -9.60 -19.68
N ASP D 102 -34.36 -9.28 -18.45
CA ASP D 102 -33.59 -9.80 -17.32
C ASP D 102 -34.28 -11.09 -16.79
N GLU D 103 -33.80 -11.60 -15.67
CA GLU D 103 -34.38 -12.83 -15.12
C GLU D 103 -35.75 -12.63 -14.50
N LEU D 104 -36.20 -11.40 -14.33
CA LEU D 104 -37.56 -11.15 -13.88
C LEU D 104 -38.57 -11.07 -15.04
N GLY D 105 -38.08 -10.95 -16.27
CA GLY D 105 -38.94 -10.67 -17.40
C GLY D 105 -39.13 -9.20 -17.68
N LEU D 106 -38.34 -8.35 -17.05
CA LEU D 106 -38.35 -6.94 -17.36
C LEU D 106 -37.25 -6.64 -18.35
N SER D 107 -37.38 -5.50 -19.02
CA SER D 107 -36.35 -5.00 -19.91
C SER D 107 -35.05 -4.90 -19.13
N LYS D 108 -33.98 -5.43 -19.69
CA LYS D 108 -32.71 -5.38 -19.02
C LYS D 108 -32.18 -3.97 -18.91
N TYR D 109 -32.28 -3.19 -19.97
CA TYR D 109 -31.59 -1.89 -20.05
C TYR D 109 -32.55 -0.74 -20.08
N LEU D 110 -33.85 -0.98 -20.17
CA LEU D 110 -34.85 0.09 -20.29
C LEU D 110 -35.80 0.12 -19.11
N GLU D 111 -36.57 1.19 -19.02
CA GLU D 111 -37.44 1.40 -17.89
C GLU D 111 -38.92 1.11 -18.18
N SER D 112 -39.22 0.81 -19.43
CA SER D 112 -40.53 0.32 -19.77
C SER D 112 -40.38 -0.53 -21.03
N ASN D 113 -41.48 -1.13 -21.47
CA ASN D 113 -41.45 -2.01 -22.63
C ASN D 113 -41.14 -1.32 -23.93
N GLY D 114 -40.99 -0.01 -23.96
CA GLY D 114 -40.68 0.69 -25.21
C GLY D 114 -40.49 2.16 -25.03
N ILE D 115 -40.22 2.85 -26.10
CA ILE D 115 -40.09 4.30 -26.08
C ILE D 115 -41.45 4.98 -25.86
N LYS D 116 -41.53 5.90 -24.93
CA LYS D 116 -42.81 6.49 -24.49
C LYS D 116 -42.99 7.95 -24.91
N VAL D 117 -41.92 8.62 -25.30
CA VAL D 117 -42.05 9.98 -25.81
C VAL D 117 -42.79 9.88 -27.14
N SER D 118 -43.68 10.83 -27.40
CA SER D 118 -44.34 10.94 -28.71
C SER D 118 -43.36 11.46 -29.74
N GLY D 119 -42.36 12.22 -29.28
CA GLY D 119 -41.36 12.80 -30.16
C GLY D 119 -40.17 13.33 -29.39
N LEU D 120 -39.08 13.61 -30.09
CA LEU D 120 -37.84 14.01 -29.46
C LEU D 120 -37.23 15.27 -30.13
N LEU D 121 -36.68 16.17 -29.32
CA LEU D 121 -36.05 17.39 -29.85
C LEU D 121 -34.68 17.59 -29.27
N VAL D 122 -33.68 17.61 -30.14
CA VAL D 122 -32.31 17.83 -29.71
C VAL D 122 -31.61 18.84 -30.57
N LEU D 123 -30.46 19.30 -30.11
CA LEU D 123 -29.65 20.25 -30.87
C LEU D 123 -28.70 19.56 -31.84
N ASP D 124 -28.01 18.52 -31.31
CA ASP D 124 -27.09 17.74 -32.10
C ASP D 124 -27.33 16.25 -31.83
N TYR D 125 -27.35 15.48 -32.93
CA TYR D 125 -27.47 14.03 -32.88
C TYR D 125 -26.16 13.45 -33.37
N SER D 126 -25.60 12.53 -32.59
CA SER D 126 -24.47 11.73 -33.03
C SER D 126 -24.92 10.54 -33.85
N LYS D 127 -24.76 10.66 -35.15
CA LYS D 127 -25.04 9.56 -36.06
C LYS D 127 -24.13 8.40 -35.65
N ASP D 128 -22.86 8.71 -35.38
CA ASP D 128 -21.85 7.71 -34.98
C ASP D 128 -21.77 7.62 -33.48
N TYR D 129 -21.77 6.38 -32.96
CA TYR D 129 -21.80 6.16 -31.51
C TYR D 129 -20.66 5.26 -31.04
N ASN D 130 -20.44 5.17 -29.74
CA ASN D 130 -19.44 4.24 -29.27
C ASN D 130 -19.65 3.89 -27.82
N HIS D 131 -20.15 2.71 -27.56
CA HIS D 131 -20.23 2.27 -26.19
C HIS D 131 -20.27 0.79 -26.17
N TRP D 132 -19.73 0.21 -25.11
CA TRP D 132 -19.54 -1.22 -25.09
C TRP D 132 -20.84 -2.00 -25.09
N LEU D 133 -21.91 -1.39 -24.61
CA LEU D 133 -23.28 -1.94 -24.64
C LEU D 133 -24.18 -1.47 -25.80
N ALA D 134 -23.65 -0.69 -26.72
CA ALA D 134 -24.45 -0.19 -27.82
C ALA D 134 -24.68 -1.31 -28.86
N THR D 135 -25.92 -1.48 -29.31
CA THR D 135 -26.21 -2.43 -30.41
C THR D 135 -26.72 -1.74 -31.69
N LYS D 136 -27.07 -0.45 -31.61
CA LYS D 136 -27.44 0.29 -32.79
C LYS D 136 -27.42 1.79 -32.50
N SER D 137 -27.64 2.60 -33.52
CA SER D 137 -27.74 4.05 -33.32
C SER D 137 -29.09 4.36 -32.66
N LEU D 138 -29.19 5.50 -32.01
CA LEU D 138 -30.42 5.95 -31.39
C LEU D 138 -31.50 6.25 -32.44
N GLY D 139 -31.06 6.71 -33.61
CA GLY D 139 -31.98 7.04 -34.70
C GLY D 139 -32.60 5.80 -35.26
N GLN D 140 -31.82 4.75 -35.41
CA GLN D 140 -32.37 3.46 -35.84
C GLN D 140 -33.38 2.94 -34.86
N TRP D 141 -33.09 3.09 -33.58
CA TRP D 141 -34.03 2.70 -32.51
C TRP D 141 -35.35 3.48 -32.58
N LEU D 142 -35.23 4.80 -32.70
CA LEU D 142 -36.35 5.67 -32.89
C LEU D 142 -37.17 5.30 -34.12
N GLN D 143 -36.50 4.91 -35.19
CA GLN D 143 -37.21 4.55 -36.41
C GLN D 143 -38.03 3.27 -36.21
N GLU D 144 -37.40 2.25 -35.63
CA GLU D 144 -38.10 1.00 -35.28
C GLU D 144 -39.36 1.20 -34.47
N GLU D 145 -39.32 2.12 -33.52
CA GLU D 145 -40.48 2.37 -32.62
C GLU D 145 -41.44 3.41 -33.19
N LYS D 146 -41.22 3.81 -34.42
CA LYS D 146 -42.06 4.83 -35.07
C LYS D 146 -42.11 6.19 -34.31
N VAL D 147 -40.99 6.62 -33.74
CA VAL D 147 -40.95 7.88 -32.99
C VAL D 147 -40.26 8.98 -33.80
N PRO D 148 -40.98 10.06 -34.11
CA PRO D 148 -40.33 11.22 -34.76
C PRO D 148 -39.28 11.82 -33.90
N ALA D 149 -38.24 12.32 -34.52
CA ALA D 149 -37.15 13.01 -33.81
C ALA D 149 -36.45 13.95 -34.77
N ILE D 150 -36.12 15.16 -34.32
CA ILE D 150 -35.37 16.09 -35.18
C ILE D 150 -34.21 16.73 -34.41
N TYR D 151 -33.10 16.98 -35.08
CA TYR D 151 -32.01 17.74 -34.48
C TYR D 151 -31.82 19.08 -35.21
N GLY D 152 -30.92 19.88 -34.68
CA GLY D 152 -30.60 21.13 -35.31
C GLY D 152 -31.47 22.26 -34.85
N VAL D 153 -32.21 22.06 -33.76
CA VAL D 153 -33.08 23.12 -33.20
C VAL D 153 -32.56 23.64 -31.84
N ASP D 154 -32.80 24.92 -31.60
CA ASP D 154 -32.22 25.59 -30.45
C ASP D 154 -33.04 25.19 -29.24
N THR D 155 -32.61 24.10 -28.61
CA THR D 155 -33.30 23.54 -27.43
C THR D 155 -33.32 24.50 -26.23
N ARG D 156 -32.42 25.48 -26.20
CA ARG D 156 -32.43 26.44 -25.11
C ARG D 156 -33.55 27.44 -25.27
N MET D 157 -33.69 27.94 -26.49
CA MET D 157 -34.73 28.86 -26.83
C MET D 157 -36.08 28.24 -26.61
N LEU D 158 -36.21 27.00 -27.07
CA LEU D 158 -37.43 26.22 -26.80
C LEU D 158 -37.73 26.20 -25.32
N THR D 159 -36.73 25.85 -24.53
CA THR D 159 -36.89 25.73 -23.11
C THR D 159 -37.41 27.03 -22.50
N LYS D 160 -36.77 28.13 -22.83
CA LYS D 160 -37.16 29.41 -22.24
C LYS D 160 -38.61 29.77 -22.64
N ILE D 161 -39.02 29.37 -23.85
CA ILE D 161 -40.40 29.60 -24.29
C ILE D 161 -41.38 28.77 -23.50
N ILE D 162 -41.04 27.51 -23.27
CA ILE D 162 -41.91 26.58 -22.54
C ILE D 162 -42.00 26.96 -21.08
N ARG D 163 -40.86 27.31 -20.53
CA ARG D 163 -40.75 27.63 -19.12
CA ARG D 163 -40.79 27.55 -19.08
C ARG D 163 -41.92 28.49 -18.63
N ASP D 164 -42.61 28.02 -17.59
CA ASP D 164 -43.66 28.73 -16.85
C ASP D 164 -44.96 29.07 -17.61
N LYS D 165 -45.24 28.36 -18.71
CA LYS D 165 -46.49 28.53 -19.47
C LYS D 165 -47.49 27.43 -19.17
N GLY D 166 -47.21 26.57 -18.21
CA GLY D 166 -48.14 25.54 -17.82
C GLY D 166 -48.30 24.42 -18.82
N THR D 167 -48.67 24.75 -20.05
CA THR D 167 -48.90 23.74 -21.04
C THR D 167 -48.63 24.33 -22.40
N MET D 168 -47.50 23.99 -23.01
CA MET D 168 -47.23 24.37 -24.38
C MET D 168 -47.50 23.17 -25.29
N LEU D 169 -48.48 23.34 -26.18
CA LEU D 169 -48.77 22.34 -27.21
C LEU D 169 -47.87 22.59 -28.42
N GLY D 170 -47.46 21.51 -29.07
CA GLY D 170 -46.57 21.62 -30.22
C GLY D 170 -46.72 20.40 -31.11
N LYS D 171 -45.98 20.39 -32.19
CA LYS D 171 -46.01 19.22 -33.06
C LYS D 171 -44.77 19.18 -33.92
N ILE D 172 -44.30 17.96 -34.21
CA ILE D 172 -43.25 17.81 -35.20
C ILE D 172 -43.96 17.58 -36.54
N GLU D 173 -43.88 18.58 -37.43
CA GLU D 173 -44.61 18.57 -38.70
C GLU D 173 -43.73 18.37 -39.92
N PHE D 174 -44.01 17.30 -40.63
CA PHE D 174 -43.35 16.99 -41.87
C PHE D 174 -44.15 17.58 -43.01
N GLU D 175 -43.45 17.87 -44.11
CA GLU D 175 -44.08 18.36 -45.35
C GLU D 175 -45.00 17.30 -45.90
N GLY D 176 -46.25 17.68 -46.15
CA GLY D 176 -47.26 16.77 -46.68
C GLY D 176 -47.90 15.89 -45.63
N GLN D 177 -47.70 16.22 -44.36
CA GLN D 177 -48.26 15.44 -43.25
C GLN D 177 -48.71 16.40 -42.21
N PRO D 178 -49.85 17.04 -42.46
CA PRO D 178 -50.36 17.93 -41.44
C PRO D 178 -50.98 17.15 -40.29
N VAL D 179 -50.82 17.67 -39.09
CA VAL D 179 -51.53 17.16 -37.94
C VAL D 179 -52.06 18.36 -37.13
N ASP D 180 -53.16 18.13 -36.40
CA ASP D 180 -53.69 19.15 -35.50
C ASP D 180 -52.99 19.05 -34.16
N PHE D 181 -52.94 20.18 -33.47
CA PHE D 181 -52.54 20.22 -32.09
C PHE D 181 -53.52 19.39 -31.30
N VAL D 182 -53.01 18.69 -30.30
CA VAL D 182 -53.81 17.88 -29.39
C VAL D 182 -53.24 18.02 -27.98
N ASP D 183 -54.11 18.02 -26.96
CA ASP D 183 -53.68 18.02 -25.56
C ASP D 183 -53.90 16.63 -24.95
N PRO D 184 -52.82 15.89 -24.73
CA PRO D 184 -53.02 14.54 -24.25
C PRO D 184 -53.45 14.52 -22.81
N ASN D 185 -53.35 15.66 -22.13
CA ASN D 185 -53.81 15.76 -20.76
C ASN D 185 -55.32 15.73 -20.60
N LYS D 186 -56.03 15.93 -21.68
CA LYS D 186 -57.46 15.74 -21.67
C LYS D 186 -57.82 14.25 -21.53
N GLN D 187 -56.86 13.36 -21.76
CA GLN D 187 -57.04 11.92 -21.54
C GLN D 187 -56.48 11.44 -20.21
N ASN D 188 -57.06 10.33 -19.74
CA ASN D 188 -56.48 9.57 -18.65
C ASN D 188 -55.32 8.73 -19.20
N LEU D 189 -54.12 9.31 -19.18
CA LEU D 189 -52.91 8.63 -19.69
C LEU D 189 -52.51 7.47 -18.80
N ILE D 190 -52.84 7.54 -17.53
CA ILE D 190 -52.61 6.45 -16.60
C ILE D 190 -53.12 5.14 -17.23
N ALA D 191 -54.37 5.16 -17.70
CA ALA D 191 -54.96 3.98 -18.34
C ALA D 191 -54.25 3.54 -19.64
N GLU D 192 -53.77 4.49 -20.43
CA GLU D 192 -53.06 4.16 -21.66
C GLU D 192 -51.75 3.42 -21.40
N VAL D 193 -51.10 3.65 -20.26
CA VAL D 193 -49.81 2.97 -19.93
C VAL D 193 -49.88 1.92 -18.80
N SER D 194 -51.04 1.71 -18.19
CA SER D 194 -51.10 0.71 -17.13
C SER D 194 -51.07 -0.67 -17.75
N THR D 195 -50.60 -1.65 -17.00
CA THR D 195 -50.74 -3.06 -17.32
C THR D 195 -52.23 -3.45 -17.38
N LYS D 196 -52.58 -4.32 -18.30
CA LYS D 196 -53.95 -4.74 -18.53
C LYS D 196 -54.31 -5.92 -17.63
N ASP D 197 -53.30 -6.60 -17.10
CA ASP D 197 -53.56 -7.67 -16.17
C ASP D 197 -52.42 -7.83 -15.18
N VAL D 198 -52.72 -8.58 -14.13
CA VAL D 198 -51.83 -8.69 -13.01
C VAL D 198 -50.59 -9.45 -13.42
N LYS D 199 -49.45 -8.95 -13.01
CA LYS D 199 -48.21 -9.64 -13.28
C LYS D 199 -47.41 -9.74 -12.00
N VAL D 200 -46.73 -10.87 -11.83
CA VAL D 200 -45.94 -11.07 -10.65
C VAL D 200 -44.46 -11.07 -10.96
N TYR D 201 -43.69 -10.36 -10.14
CA TYR D 201 -42.22 -10.38 -10.18
C TYR D 201 -41.67 -10.80 -8.83
N GLY D 202 -40.53 -11.46 -8.83
CA GLY D 202 -39.99 -12.02 -7.60
C GLY D 202 -40.86 -13.16 -7.10
N LYS D 203 -41.32 -13.95 -8.06
CA LYS D 203 -42.16 -15.10 -7.78
C LYS D 203 -41.56 -15.95 -6.71
N GLY D 204 -42.29 -16.12 -5.61
CA GLY D 204 -41.81 -16.96 -4.52
C GLY D 204 -41.23 -16.22 -3.34
N ASN D 205 -40.96 -14.93 -3.50
CA ASN D 205 -40.36 -14.13 -2.44
C ASN D 205 -41.28 -13.98 -1.21
N PRO D 206 -40.70 -13.78 -0.01
CA PRO D 206 -41.47 -13.78 1.22
C PRO D 206 -42.46 -12.64 1.40
N THR D 207 -42.15 -11.43 0.94
CA THR D 207 -42.99 -10.24 1.20
C THR D 207 -43.89 -9.83 0.05
N LYS D 208 -45.21 -9.87 0.25
CA LYS D 208 -46.15 -9.61 -0.81
C LYS D 208 -46.40 -8.12 -0.91
N VAL D 209 -46.04 -7.52 -2.04
CA VAL D 209 -46.30 -6.10 -2.30
C VAL D 209 -47.20 -5.93 -3.53
N VAL D 210 -48.36 -5.32 -3.34
CA VAL D 210 -49.16 -4.91 -4.46
C VAL D 210 -48.61 -3.58 -4.99
N ALA D 211 -48.32 -3.55 -6.30
CA ALA D 211 -47.85 -2.35 -6.99
C ALA D 211 -48.92 -1.87 -7.95
N VAL D 212 -49.53 -0.73 -7.66
CA VAL D 212 -50.55 -0.19 -8.52
C VAL D 212 -49.89 0.57 -9.69
N ASP D 213 -50.03 0.02 -10.89
CA ASP D 213 -49.31 0.50 -12.04
C ASP D 213 -50.00 1.71 -12.61
N CYS D 214 -49.36 2.85 -12.49
CA CYS D 214 -49.84 4.08 -13.11
C CYS D 214 -48.79 4.58 -14.08
N GLY D 215 -48.06 3.65 -14.66
CA GLY D 215 -46.88 4.00 -15.48
C GLY D 215 -45.62 3.90 -14.66
N ILE D 216 -45.49 2.77 -13.98
CA ILE D 216 -44.34 2.45 -13.18
C ILE D 216 -43.10 2.28 -14.04
N LYS D 217 -41.96 2.69 -13.54
CA LYS D 217 -40.67 2.42 -14.15
C LYS D 217 -40.11 1.12 -13.61
N ASN D 218 -39.37 0.42 -14.47
CA ASN D 218 -38.90 -0.93 -14.16
C ASN D 218 -38.05 -1.00 -12.94
N ASN D 219 -37.30 0.02 -12.67
CA ASN D 219 -36.43 -0.02 -11.53
C ASN D 219 -37.15 0.00 -10.18
N VAL D 220 -38.36 0.54 -10.10
CA VAL D 220 -39.17 0.38 -8.89
C VAL D 220 -39.27 -1.15 -8.57
N ILE D 221 -39.57 -1.92 -9.61
CA ILE D 221 -39.78 -3.34 -9.46
C ILE D 221 -38.46 -4.04 -9.11
N ARG D 222 -37.38 -3.66 -9.76
CA ARG D 222 -36.09 -4.28 -9.47
C ARG D 222 -35.72 -4.06 -7.99
N LEU D 223 -35.89 -2.83 -7.51
CA LEU D 223 -35.49 -2.49 -6.13
C LEU D 223 -36.35 -3.19 -5.09
N LEU D 224 -37.63 -3.43 -5.43
CA LEU D 224 -38.54 -4.13 -4.52
C LEU D 224 -38.19 -5.61 -4.36
N VAL D 225 -38.10 -6.27 -5.50
CA VAL D 225 -37.73 -7.69 -5.59
C VAL D 225 -36.36 -7.94 -4.94
N LYS D 226 -35.40 -7.09 -5.20
CA LYS D 226 -34.08 -7.22 -4.59
C LYS D 226 -34.12 -7.17 -3.03
N ARG D 227 -35.14 -6.54 -2.46
CA ARG D 227 -35.28 -6.43 -1.01
C ARG D 227 -36.17 -7.47 -0.43
N GLY D 228 -36.66 -8.37 -1.27
CA GLY D 228 -37.37 -9.54 -0.80
C GLY D 228 -38.82 -9.56 -1.15
N ALA D 229 -39.26 -8.67 -2.04
CA ALA D 229 -40.67 -8.61 -2.41
C ALA D 229 -41.07 -9.53 -3.51
N GLU D 230 -42.28 -10.08 -3.41
CA GLU D 230 -42.99 -10.69 -4.52
C GLU D 230 -43.97 -9.65 -4.94
N VAL D 231 -43.75 -9.05 -6.11
CA VAL D 231 -44.46 -7.84 -6.52
C VAL D 231 -45.60 -8.20 -7.46
N HIS D 232 -46.83 -7.86 -7.03
CA HIS D 232 -48.01 -8.11 -7.79
C HIS D 232 -48.35 -6.80 -8.43
N LEU D 233 -48.06 -6.69 -9.74
CA LEU D 233 -48.27 -5.46 -10.49
C LEU D 233 -49.67 -5.50 -11.05
N VAL D 234 -50.52 -4.57 -10.62
CA VAL D 234 -51.96 -4.63 -10.94
C VAL D 234 -52.42 -3.41 -11.72
N PRO D 235 -53.40 -3.59 -12.59
CA PRO D 235 -53.84 -2.42 -13.35
C PRO D 235 -54.27 -1.28 -12.42
N TRP D 236 -54.24 -0.06 -12.95
CA TRP D 236 -54.57 1.14 -12.20
C TRP D 236 -56.02 1.13 -11.62
N ASN D 237 -56.94 0.45 -12.29
CA ASN D 237 -58.32 0.38 -11.82
C ASN D 237 -58.64 -0.99 -11.20
N HIS D 238 -57.61 -1.74 -10.85
CA HIS D 238 -57.79 -3.01 -10.18
C HIS D 238 -58.26 -2.79 -8.72
N ASP D 239 -59.22 -3.61 -8.29
CA ASP D 239 -59.74 -3.50 -6.92
C ASP D 239 -58.88 -4.34 -6.01
N PHE D 240 -57.94 -3.65 -5.40
CA PHE D 240 -56.93 -4.25 -4.52
C PHE D 240 -57.34 -4.19 -3.06
N THR D 241 -58.50 -3.58 -2.79
CA THR D 241 -58.93 -3.18 -1.44
C THR D 241 -59.23 -4.33 -0.44
N LYS D 242 -59.53 -5.52 -0.96
CA LYS D 242 -59.67 -6.71 -0.10
C LYS D 242 -58.59 -7.75 -0.36
N MET D 243 -57.62 -7.44 -1.21
CA MET D 243 -56.50 -8.34 -1.41
C MET D 243 -55.66 -8.47 -0.15
N GLU D 244 -55.03 -9.62 0.00
CA GLU D 244 -54.04 -9.81 1.04
C GLU D 244 -52.72 -9.33 0.50
N TYR D 245 -52.04 -8.46 1.26
CA TYR D 245 -50.68 -8.09 0.93
C TYR D 245 -50.02 -7.60 2.20
N ASP D 246 -48.70 -7.54 2.19
CA ASP D 246 -47.93 -6.99 3.31
C ASP D 246 -47.60 -5.53 3.17
N GLY D 247 -47.69 -5.02 1.94
CA GLY D 247 -47.46 -3.60 1.68
C GLY D 247 -48.05 -3.24 0.37
N ILE D 248 -48.27 -1.95 0.16
CA ILE D 248 -48.82 -1.50 -1.10
C ILE D 248 -48.04 -0.28 -1.59
N LEU D 249 -47.83 -0.21 -2.88
CA LEU D 249 -47.06 0.85 -3.47
C LEU D 249 -47.81 1.38 -4.66
N ILE D 250 -47.73 2.69 -4.91
CA ILE D 250 -48.38 3.25 -6.05
C ILE D 250 -47.41 4.08 -6.80
N ALA D 251 -47.17 3.76 -8.07
CA ALA D 251 -46.07 4.41 -8.78
C ALA D 251 -46.48 4.81 -10.17
N GLY D 252 -46.11 6.01 -10.57
CA GLY D 252 -46.30 6.34 -11.93
C GLY D 252 -45.85 7.72 -12.35
N GLY D 253 -46.21 8.02 -13.59
CA GLY D 253 -45.72 9.14 -14.30
C GLY D 253 -46.81 9.92 -14.97
N PRO D 254 -47.39 9.41 -16.08
CA PRO D 254 -48.09 10.36 -16.97
C PRO D 254 -49.45 10.78 -16.43
N GLY D 255 -49.84 12.02 -16.70
CA GLY D 255 -51.23 12.38 -16.69
C GLY D 255 -51.71 13.17 -15.50
N ASN D 256 -52.94 13.67 -15.65
CA ASN D 256 -53.65 14.35 -14.58
C ASN D 256 -54.21 13.26 -13.70
N PRO D 257 -53.81 13.26 -12.42
CA PRO D 257 -54.22 12.18 -11.54
C PRO D 257 -55.66 12.32 -11.20
N ALA D 258 -56.20 13.53 -11.31
CA ALA D 258 -57.62 13.73 -11.01
C ALA D 258 -58.53 12.88 -11.90
N LEU D 259 -58.04 12.51 -13.08
CA LEU D 259 -58.80 11.69 -14.04
C LEU D 259 -58.81 10.18 -13.72
N ALA D 260 -58.25 9.78 -12.57
CA ALA D 260 -58.14 8.38 -12.21
C ALA D 260 -59.06 8.07 -11.07
N GLU D 261 -60.36 8.40 -11.23
CA GLU D 261 -61.36 8.21 -10.17
C GLU D 261 -61.49 6.79 -9.60
N PRO D 262 -61.61 5.79 -10.47
CA PRO D 262 -61.67 4.45 -9.88
C PRO D 262 -60.61 4.27 -8.83
N LEU D 263 -59.37 4.69 -9.13
CA LEU D 263 -58.22 4.47 -8.25
C LEU D 263 -58.27 5.32 -6.99
N ILE D 264 -58.50 6.61 -7.15
CA ILE D 264 -58.59 7.52 -6.03
C ILE D 264 -59.59 6.96 -5.03
N GLN D 265 -60.73 6.47 -5.53
CA GLN D 265 -61.74 5.78 -4.71
C GLN D 265 -61.16 4.61 -3.93
N ASN D 266 -60.53 3.70 -4.66
CA ASN D 266 -59.94 2.52 -4.03
C ASN D 266 -58.94 2.84 -2.97
N VAL D 267 -58.08 3.81 -3.21
CA VAL D 267 -57.10 4.20 -2.18
C VAL D 267 -57.83 4.85 -1.00
N ARG D 268 -58.86 5.63 -1.28
CA ARG D 268 -59.67 6.26 -0.24
C ARG D 268 -60.30 5.21 0.66
N LYS D 269 -60.81 4.12 0.06
CA LYS D 269 -61.34 3.02 0.85
C LYS D 269 -60.30 2.48 1.84
N ILE D 270 -59.08 2.24 1.37
CA ILE D 270 -58.00 1.81 2.27
C ILE D 270 -57.79 2.79 3.44
N LEU D 271 -57.72 4.08 3.16
CA LEU D 271 -57.47 5.10 4.18
C LEU D 271 -58.61 5.23 5.17
N GLU D 272 -59.84 5.00 4.70
CA GLU D 272 -61.00 5.07 5.56
C GLU D 272 -61.23 3.80 6.38
N SER D 273 -60.43 2.78 6.19
CA SER D 273 -60.65 1.48 6.81
C SER D 273 -59.71 1.32 7.98
N ASP D 274 -59.67 0.13 8.54
CA ASP D 274 -58.77 -0.17 9.65
C ASP D 274 -57.48 -0.84 9.17
N ARG D 275 -57.27 -0.93 7.85
CA ARG D 275 -56.07 -1.58 7.30
C ARG D 275 -54.81 -0.76 7.61
N LYS D 276 -53.71 -1.45 7.91
CA LYS D 276 -52.48 -0.78 8.38
C LYS D 276 -51.20 -1.24 7.67
N GLU D 277 -51.39 -1.90 6.54
CA GLU D 277 -50.28 -2.30 5.74
C GLU D 277 -49.55 -1.03 5.29
N PRO D 278 -48.22 -1.02 5.39
CA PRO D 278 -47.50 0.17 4.98
C PRO D 278 -47.82 0.53 3.56
N LEU D 279 -47.92 1.81 3.27
CA LEU D 279 -48.22 2.31 1.93
C LEU D 279 -47.17 3.29 1.48
N PHE D 280 -46.73 3.14 0.24
CA PHE D 280 -45.62 3.90 -0.25
C PHE D 280 -45.92 4.41 -1.64
N GLY D 281 -45.96 5.71 -1.81
CA GLY D 281 -46.32 6.31 -3.10
C GLY D 281 -45.18 7.03 -3.77
N ILE D 282 -45.05 6.84 -5.07
CA ILE D 282 -44.05 7.54 -5.86
C ILE D 282 -44.68 8.35 -6.98
N SER D 283 -44.28 9.63 -7.03
CA SER D 283 -44.73 10.64 -8.02
C SER D 283 -46.24 10.69 -8.18
N THR D 284 -46.82 9.97 -9.16
CA THR D 284 -48.28 9.90 -9.26
C THR D 284 -48.90 9.41 -7.95
N GLY D 285 -48.24 8.43 -7.33
CA GLY D 285 -48.64 7.91 -6.03
C GLY D 285 -48.81 8.97 -4.96
N ASN D 286 -47.90 9.94 -4.92
CA ASN D 286 -48.06 11.05 -3.98
C ASN D 286 -49.35 11.75 -4.29
N LEU D 287 -49.62 12.00 -5.55
CA LEU D 287 -50.78 12.78 -5.92
C LEU D 287 -52.11 12.03 -5.72
N ILE D 288 -52.14 10.77 -6.16
CA ILE D 288 -53.28 9.89 -5.93
C ILE D 288 -53.57 9.75 -4.43
N THR D 289 -52.54 9.57 -3.63
CA THR D 289 -52.75 9.37 -2.21
C THR D 289 -53.28 10.62 -1.55
N GLY D 290 -52.69 11.76 -1.91
CA GLY D 290 -53.18 13.04 -1.50
C GLY D 290 -54.64 13.25 -1.84
N LEU D 291 -55.03 12.83 -3.05
CA LEU D 291 -56.39 13.00 -3.53
C LEU D 291 -57.29 12.10 -2.71
N ALA D 292 -56.88 10.85 -2.54
CA ALA D 292 -57.65 9.91 -1.71
C ALA D 292 -57.83 10.44 -0.30
N ALA D 293 -56.79 11.05 0.24
CA ALA D 293 -56.86 11.64 1.59
C ALA D 293 -57.75 12.89 1.71
N GLY D 294 -57.94 13.64 0.62
CA GLY D 294 -58.73 14.87 0.65
C GLY D 294 -58.00 16.16 0.26
N ALA D 295 -56.77 16.05 -0.24
CA ALA D 295 -56.04 17.23 -0.72
C ALA D 295 -56.34 17.60 -2.19
N LYS D 296 -56.04 18.83 -2.58
CA LYS D 296 -56.13 19.27 -3.99
C LYS D 296 -54.84 19.04 -4.76
N THR D 297 -54.95 18.86 -6.07
CA THR D 297 -53.82 18.84 -6.97
C THR D 297 -53.99 19.97 -7.95
N TYR D 298 -52.91 20.37 -8.61
CA TYR D 298 -53.00 21.42 -9.67
C TYR D 298 -51.90 21.22 -10.74
N LYS D 299 -52.15 21.75 -11.94
CA LYS D 299 -51.20 21.65 -13.04
C LYS D 299 -50.22 22.77 -12.78
N MET D 300 -48.92 22.44 -12.76
CA MET D 300 -47.88 23.39 -12.44
C MET D 300 -47.62 24.23 -13.67
N SER D 301 -47.37 25.52 -13.51
CA SER D 301 -46.93 26.32 -14.66
C SER D 301 -45.43 26.09 -14.90
N MET D 302 -44.70 25.87 -13.83
CA MET D 302 -43.31 25.48 -13.93
C MET D 302 -43.22 24.07 -13.35
N ALA D 303 -43.15 23.07 -14.24
CA ALA D 303 -43.07 21.65 -13.83
C ALA D 303 -41.71 21.34 -13.19
N ASN D 304 -41.59 20.20 -12.52
CA ASN D 304 -40.29 19.75 -12.06
C ASN D 304 -39.80 18.59 -12.94
N ARG D 305 -38.86 18.88 -13.86
CA ARG D 305 -38.25 17.87 -14.71
C ARG D 305 -36.74 17.98 -14.79
N GLY D 306 -36.04 17.05 -14.15
CA GLY D 306 -34.58 17.13 -14.09
C GLY D 306 -34.03 15.98 -13.29
N GLN D 307 -32.69 15.97 -13.17
CA GLN D 307 -31.94 15.04 -12.30
C GLN D 307 -31.18 15.75 -11.19
N ASN D 308 -31.40 17.07 -11.10
CA ASN D 308 -30.75 17.95 -10.14
C ASN D 308 -31.76 18.75 -9.27
N GLN D 309 -32.92 18.15 -8.95
CA GLN D 309 -33.99 18.86 -8.21
C GLN D 309 -33.81 18.71 -6.71
N PRO D 310 -33.47 19.82 -6.03
CA PRO D 310 -33.26 19.73 -4.57
C PRO D 310 -34.56 19.62 -3.75
N VAL D 311 -34.60 18.69 -2.80
CA VAL D 311 -35.68 18.62 -1.82
C VAL D 311 -35.13 18.65 -0.39
N LEU D 312 -35.94 19.13 0.53
CA LEU D 312 -35.58 19.13 1.95
C LEU D 312 -36.58 18.28 2.70
N ASN D 313 -36.09 17.42 3.60
CA ASN D 313 -36.92 16.72 4.55
C ASN D 313 -37.30 17.71 5.67
N ILE D 314 -38.55 18.18 5.66
CA ILE D 314 -39.09 19.11 6.67
C ILE D 314 -38.71 18.77 8.12
N THR D 315 -38.95 17.52 8.51
CA THR D 315 -38.63 16.99 9.82
C THR D 315 -37.20 17.18 10.32
N ASN D 316 -36.21 16.79 9.52
CA ASN D 316 -34.81 16.85 9.98
C ASN D 316 -33.87 17.70 9.15
N LYS D 317 -34.37 18.43 8.15
CA LYS D 317 -33.58 19.47 7.53
C LYS D 317 -32.43 18.89 6.65
N GLN D 318 -32.52 17.61 6.32
CA GLN D 318 -31.58 16.99 5.42
C GLN D 318 -32.00 17.27 4.01
N ALA D 319 -31.03 17.54 3.15
CA ALA D 319 -31.33 17.85 1.75
C ALA D 319 -30.93 16.72 0.80
N PHE D 320 -31.65 16.62 -0.30
CA PHE D 320 -31.42 15.54 -1.22
C PHE D 320 -31.62 16.01 -2.65
N ILE D 321 -30.78 15.50 -3.54
CA ILE D 321 -30.86 15.75 -4.98
C ILE D 321 -31.64 14.60 -5.59
N THR D 322 -32.59 14.92 -6.45
CA THR D 322 -33.59 13.96 -6.85
C THR D 322 -33.83 14.08 -8.34
N ALA D 323 -34.30 12.99 -8.93
CA ALA D 323 -34.82 13.05 -10.31
C ALA D 323 -36.34 13.19 -10.17
N GLN D 324 -36.89 14.15 -10.92
CA GLN D 324 -38.33 14.31 -10.99
C GLN D 324 -38.72 14.45 -12.43
N ASN D 325 -39.99 14.15 -12.67
CA ASN D 325 -40.62 14.28 -13.96
C ASN D 325 -42.15 14.37 -13.79
N HIS D 326 -42.60 15.49 -13.21
CA HIS D 326 -44.00 15.73 -12.94
C HIS D 326 -44.45 17.17 -13.19
N GLY D 327 -45.69 17.28 -13.68
CA GLY D 327 -46.29 18.56 -14.11
C GLY D 327 -47.52 18.91 -13.31
N TYR D 328 -48.01 17.96 -12.51
CA TYR D 328 -49.07 18.20 -11.56
C TYR D 328 -48.48 18.09 -10.16
N ALA D 329 -49.05 18.81 -9.21
CA ALA D 329 -48.51 18.85 -7.87
C ALA D 329 -49.65 18.91 -6.85
N LEU D 330 -49.32 18.55 -5.63
CA LEU D 330 -50.25 18.55 -4.53
C LEU D 330 -50.25 19.92 -3.87
N ASP D 331 -51.44 20.48 -3.71
CA ASP D 331 -51.65 21.68 -2.92
C ASP D 331 -51.14 21.43 -1.50
N ASN D 332 -50.44 22.40 -0.93
CA ASN D 332 -49.82 22.23 0.39
C ASN D 332 -50.76 22.20 1.60
N THR D 333 -52.04 22.54 1.42
CA THR D 333 -53.06 22.37 2.47
C THR D 333 -53.64 20.95 2.52
N LEU D 334 -53.27 20.18 3.56
CA LEU D 334 -53.60 18.75 3.68
C LEU D 334 -54.54 18.46 4.84
N PRO D 335 -55.35 17.41 4.71
CA PRO D 335 -56.34 17.16 5.75
C PRO D 335 -55.72 16.60 7.03
N ALA D 336 -56.40 16.79 8.15
CA ALA D 336 -56.00 16.31 9.47
C ALA D 336 -55.41 14.90 9.43
N GLY D 337 -54.31 14.72 10.16
CA GLY D 337 -53.57 13.48 10.20
C GLY D 337 -52.45 13.38 9.21
N TRP D 338 -52.39 14.31 8.25
CA TRP D 338 -51.39 14.28 7.16
C TRP D 338 -50.48 15.48 7.18
N LYS D 339 -49.17 15.25 7.01
CA LYS D 339 -48.16 16.29 7.13
C LYS D 339 -47.23 16.20 5.95
N PRO D 340 -46.72 17.35 5.48
CA PRO D 340 -45.72 17.30 4.39
C PRO D 340 -44.44 16.66 4.90
N LEU D 341 -43.76 15.95 4.02
CA LEU D 341 -42.54 15.23 4.34
C LEU D 341 -41.36 15.88 3.64
N PHE D 342 -41.47 16.07 2.34
CA PHE D 342 -40.44 16.74 1.59
C PHE D 342 -41.00 18.02 0.93
N VAL D 343 -40.15 19.03 0.82
CA VAL D 343 -40.49 20.24 0.11
C VAL D 343 -39.39 20.52 -0.93
N ASN D 344 -39.76 21.18 -2.01
CA ASN D 344 -38.82 21.54 -3.07
C ASN D 344 -38.10 22.80 -2.65
N VAL D 345 -36.77 22.76 -2.65
CA VAL D 345 -35.99 23.85 -2.08
C VAL D 345 -35.94 25.07 -3.02
N ASN D 346 -36.21 24.87 -4.30
CA ASN D 346 -36.27 25.99 -5.27
C ASN D 346 -37.58 26.74 -5.25
N ASP D 347 -38.70 26.02 -5.28
CA ASP D 347 -40.03 26.63 -5.52
C ASP D 347 -41.07 26.31 -4.45
N GLN D 348 -40.62 25.68 -3.35
CA GLN D 348 -41.46 25.39 -2.18
C GLN D 348 -42.67 24.48 -2.43
N THR D 349 -42.78 23.90 -3.61
CA THR D 349 -43.88 22.97 -3.87
C THR D 349 -43.70 21.70 -3.04
N ASN D 350 -44.80 21.01 -2.81
CA ASN D 350 -44.75 19.75 -2.10
C ASN D 350 -43.96 18.64 -2.82
N GLU D 351 -43.27 17.81 -2.05
CA GLU D 351 -42.48 16.70 -2.63
C GLU D 351 -42.67 15.40 -1.86
N GLY D 352 -43.71 15.38 -1.02
CA GLY D 352 -43.93 14.27 -0.12
C GLY D 352 -44.98 14.50 0.97
N ILE D 353 -45.63 13.44 1.38
CA ILE D 353 -46.52 13.48 2.51
C ILE D 353 -46.37 12.22 3.36
N MET D 354 -46.78 12.34 4.62
CA MET D 354 -46.87 11.24 5.56
C MET D 354 -48.08 11.39 6.49
N HIS D 355 -48.57 10.24 6.99
CA HIS D 355 -49.57 10.19 8.06
C HIS D 355 -48.81 10.33 9.38
N GLU D 356 -49.46 10.92 10.39
CA GLU D 356 -48.83 11.17 11.67
C GLU D 356 -48.68 9.95 12.58
N SER D 357 -49.37 8.85 12.27
CA SER D 357 -49.36 7.64 13.13
C SER D 357 -49.33 6.32 12.32
N LYS D 358 -50.03 6.27 11.18
CA LYS D 358 -50.00 5.09 10.29
C LYS D 358 -48.81 5.08 9.34
N PRO D 359 -48.40 3.88 8.87
CA PRO D 359 -47.23 3.80 8.02
C PRO D 359 -47.51 4.15 6.57
N PHE D 360 -48.17 5.25 6.32
CA PHE D 360 -48.44 5.68 4.92
C PHE D 360 -47.55 6.87 4.57
N PHE D 361 -46.79 6.75 3.50
CA PHE D 361 -46.09 7.91 3.00
C PHE D 361 -45.98 7.88 1.50
N ALA D 362 -45.63 9.03 0.96
CA ALA D 362 -45.44 9.18 -0.46
C ALA D 362 -44.41 10.25 -0.75
N VAL D 363 -43.68 10.04 -1.84
CA VAL D 363 -42.76 11.03 -2.39
C VAL D 363 -43.13 11.39 -3.84
N GLN D 364 -42.87 12.65 -4.21
CA GLN D 364 -43.25 13.19 -5.51
C GLN D 364 -42.21 12.90 -6.54
N PHE D 365 -41.03 12.53 -6.06
CA PHE D 365 -39.87 12.29 -6.89
C PHE D 365 -39.64 10.80 -7.03
N HIS D 366 -38.60 10.41 -7.76
CA HIS D 366 -38.35 9.02 -8.12
C HIS D 366 -37.09 8.49 -7.45
N PRO D 367 -37.26 7.78 -6.32
CA PRO D 367 -36.05 7.27 -5.62
C PRO D 367 -35.36 6.15 -6.39
N GLU D 368 -36.12 5.54 -7.29
CA GLU D 368 -35.61 4.54 -8.21
C GLU D 368 -34.79 5.13 -9.33
N VAL D 369 -34.86 6.45 -9.48
CA VAL D 369 -34.06 7.21 -10.44
C VAL D 369 -33.96 6.47 -11.78
N THR D 370 -32.76 6.27 -12.38
CA THR D 370 -32.63 5.55 -13.64
C THR D 370 -33.41 6.27 -14.74
N PRO D 371 -32.95 7.45 -15.18
CA PRO D 371 -31.73 8.12 -14.75
C PRO D 371 -31.85 9.00 -13.53
N GLY D 372 -30.72 9.31 -12.92
CA GLY D 372 -30.69 10.20 -11.78
C GLY D 372 -29.84 9.76 -10.58
N PRO D 373 -29.70 10.65 -9.59
CA PRO D 373 -28.84 10.44 -8.46
C PRO D 373 -29.36 9.41 -7.44
N ILE D 374 -28.51 8.44 -7.10
CA ILE D 374 -28.85 7.37 -6.18
C ILE D 374 -28.60 7.88 -4.78
N ASP D 375 -29.48 8.78 -4.37
CA ASP D 375 -29.35 9.44 -3.10
C ASP D 375 -30.57 9.23 -2.21
N THR D 376 -31.66 8.72 -2.77
CA THR D 376 -32.87 8.51 -1.99
C THR D 376 -33.44 7.09 -2.08
N GLU D 377 -32.55 6.13 -2.37
CA GLU D 377 -32.92 4.72 -2.39
C GLU D 377 -33.27 4.17 -0.99
N TYR D 378 -32.72 4.76 0.07
CA TYR D 378 -33.06 4.39 1.45
C TYR D 378 -34.58 4.35 1.75
N LEU D 379 -35.35 5.10 0.95
CA LEU D 379 -36.83 5.11 1.05
C LEU D 379 -37.44 3.74 0.81
N PHE D 380 -36.80 2.90 -0.01
CA PHE D 380 -37.22 1.51 -0.14
C PHE D 380 -36.91 0.68 1.14
N ASP D 381 -35.70 0.85 1.71
CA ASP D 381 -35.33 0.22 2.99
C ASP D 381 -36.29 0.65 4.06
N SER D 382 -36.68 1.92 4.03
CA SER D 382 -37.67 2.43 5.02
C SER D 382 -39.02 1.75 4.91
N PHE D 383 -39.50 1.60 3.69
CA PHE D 383 -40.76 0.93 3.42
C PHE D 383 -40.75 -0.48 4.00
N PHE D 384 -39.64 -1.19 3.81
CA PHE D 384 -39.55 -2.61 4.19
C PHE D 384 -39.43 -2.73 5.67
N SER D 385 -38.75 -1.77 6.30
CA SER D 385 -38.72 -1.69 7.76
C SER D 385 -40.09 -1.50 8.37
N LEU D 386 -40.93 -0.69 7.73
CA LEU D 386 -42.31 -0.49 8.19
C LEU D 386 -43.04 -1.83 8.17
N ILE D 387 -42.85 -2.61 7.10
CA ILE D 387 -43.51 -3.90 6.97
C ILE D 387 -43.03 -4.89 8.04
N LYS D 388 -41.72 -4.93 8.28
CA LYS D 388 -41.09 -5.84 9.23
C LYS D 388 -41.43 -5.53 10.68
N LYS D 389 -41.35 -4.26 11.08
CA LYS D 389 -41.72 -3.86 12.44
C LYS D 389 -43.21 -4.04 12.69
N GLY D 390 -44.02 -3.67 11.72
CA GLY D 390 -45.44 -4.03 11.71
C GLY D 390 -46.25 -3.87 12.99
N LYS D 391 -46.12 -2.71 13.63
CA LYS D 391 -46.95 -2.37 14.81
C LYS D 391 -47.35 -0.91 14.73
N ALA D 392 -47.89 -0.52 13.57
CA ALA D 392 -48.16 0.88 13.24
C ALA D 392 -46.97 1.82 13.49
N THR D 393 -45.74 1.34 13.24
CA THR D 393 -44.53 2.19 13.25
C THR D 393 -44.81 3.43 12.39
N THR D 394 -44.18 4.54 12.71
CA THR D 394 -44.36 5.76 11.91
C THR D 394 -43.21 6.00 10.92
N ILE D 395 -43.52 6.70 9.84
CA ILE D 395 -42.51 6.98 8.80
C ILE D 395 -41.22 7.63 9.32
N THR D 396 -41.37 8.57 10.24
CA THR D 396 -40.23 9.30 10.82
C THR D 396 -39.26 8.40 11.55
N SER D 397 -39.81 7.42 12.27
CA SER D 397 -38.98 6.54 13.11
C SER D 397 -38.02 5.69 12.31
N VAL D 398 -38.32 5.44 11.05
CA VAL D 398 -37.48 4.60 10.23
C VAL D 398 -36.71 5.41 9.19
N LEU D 399 -36.53 6.70 9.39
CA LEU D 399 -35.78 7.49 8.41
C LEU D 399 -34.41 7.82 8.94
N PRO D 400 -33.40 7.84 8.05
CA PRO D 400 -32.04 8.06 8.54
C PRO D 400 -31.99 9.29 9.44
N LYS D 401 -31.29 9.21 10.57
CA LYS D 401 -31.03 10.37 11.44
C LYS D 401 -29.82 11.19 10.93
N PRO D 402 -29.86 12.53 11.12
CA PRO D 402 -28.71 13.36 10.69
C PRO D 402 -27.39 12.99 11.36
N ALA D 403 -26.38 12.76 10.52
CA ALA D 403 -25.02 12.38 10.97
C ALA D 403 -24.17 13.61 11.30
N LEU D 404 -24.57 14.80 10.82
CA LEU D 404 -24.01 16.09 11.27
C LEU D 404 -25.10 17.17 11.51
N VAL D 405 -24.85 18.02 12.50
CA VAL D 405 -25.74 19.13 12.83
C VAL D 405 -24.88 20.36 12.79
N ALA D 406 -24.96 21.09 11.68
CA ALA D 406 -24.20 22.34 11.45
C ALA D 406 -24.39 23.49 12.49
N SER D 407 -23.41 23.63 13.40
CA SER D 407 -23.30 24.77 14.34
C SER D 407 -22.29 25.72 13.70
N ARG D 408 -22.60 27.02 13.68
CA ARG D 408 -21.72 28.00 13.06
C ARG D 408 -20.48 28.22 13.92
N VAL D 409 -19.33 28.03 13.29
CA VAL D 409 -18.04 28.22 13.94
C VAL D 409 -17.93 29.71 14.21
N GLU D 410 -17.41 30.08 15.38
CA GLU D 410 -17.14 31.48 15.70
C GLU D 410 -15.67 31.77 15.48
N VAL D 411 -15.43 32.72 14.57
CA VAL D 411 -14.09 33.18 14.25
C VAL D 411 -14.19 34.65 13.93
N SER D 412 -13.25 35.42 14.43
CA SER D 412 -13.21 36.83 14.19
C SER D 412 -12.06 37.25 13.27
N LYS D 413 -10.97 36.50 13.26
CA LYS D 413 -9.90 36.76 12.33
C LYS D 413 -9.30 35.50 11.69
N VAL D 414 -9.36 35.44 10.35
CA VAL D 414 -8.82 34.29 9.60
C VAL D 414 -7.54 34.59 8.85
N LEU D 415 -6.59 33.66 8.90
CA LEU D 415 -5.38 33.71 8.06
C LEU D 415 -5.60 32.84 6.86
N ILE D 416 -5.37 33.37 5.65
CA ILE D 416 -5.48 32.61 4.40
C ILE D 416 -4.10 32.48 3.76
N LEU D 417 -3.75 31.29 3.27
CA LEU D 417 -2.46 31.07 2.63
C LEU D 417 -2.57 30.98 1.13
N GLY D 418 -1.66 31.67 0.44
CA GLY D 418 -1.57 31.61 -1.00
C GLY D 418 -0.59 30.51 -1.40
N SER D 419 -0.42 30.31 -2.71
CA SER D 419 0.55 29.37 -3.27
C SER D 419 1.99 29.86 -3.35
N GLY D 420 2.20 31.14 -3.19
CA GLY D 420 3.45 31.75 -3.51
C GLY D 420 3.60 31.92 -5.00
N GLY D 421 4.84 31.93 -5.47
CA GLY D 421 5.12 32.14 -6.89
C GLY D 421 4.54 31.04 -7.72
N LEU D 422 4.07 31.39 -8.92
CA LEU D 422 3.51 30.40 -9.81
C LEU D 422 4.60 29.46 -10.39
N SER D 423 4.21 28.20 -10.53
CA SER D 423 5.10 27.13 -10.98
C SER D 423 4.20 26.13 -11.67
N ILE D 424 4.76 25.33 -12.58
CA ILE D 424 4.03 24.32 -13.30
C ILE D 424 3.24 23.44 -12.34
N GLY D 425 1.91 23.33 -12.56
CA GLY D 425 1.01 22.58 -11.65
C GLY D 425 0.45 23.27 -10.42
N GLN D 426 0.90 24.48 -10.17
CA GLN D 426 0.44 25.28 -9.05
C GLN D 426 0.45 26.75 -9.56
N ALA D 427 -0.62 27.07 -10.24
CA ALA D 427 -0.70 28.27 -11.04
C ALA D 427 -1.74 29.25 -10.44
N GLY D 428 -2.44 30.00 -11.28
CA GLY D 428 -3.24 31.08 -10.79
C GLY D 428 -4.59 30.71 -10.28
N GLU D 429 -4.92 29.43 -10.42
CA GLU D 429 -6.20 28.95 -9.93
C GLU D 429 -6.38 29.36 -8.45
N PHE D 430 -5.28 29.43 -7.70
CA PHE D 430 -5.36 29.77 -6.27
C PHE D 430 -5.47 31.26 -5.93
N ASP D 431 -4.97 32.11 -6.81
CA ASP D 431 -5.26 33.54 -6.77
C ASP D 431 -6.79 33.68 -6.89
N TYR D 432 -7.35 33.10 -7.95
CA TYR D 432 -8.79 33.10 -8.19
C TYR D 432 -9.60 32.54 -7.00
N SER D 433 -9.20 31.39 -6.48
CA SER D 433 -9.93 30.76 -5.36
C SER D 433 -9.87 31.61 -4.12
N GLY D 434 -8.66 31.99 -3.78
CA GLY D 434 -8.42 32.74 -2.55
C GLY D 434 -9.06 34.10 -2.54
N SER D 435 -9.23 34.71 -3.71
CA SER D 435 -10.00 35.94 -3.78
C SER D 435 -11.48 35.68 -3.45
N GLN D 436 -12.02 34.56 -3.92
CA GLN D 436 -13.40 34.25 -3.63
C GLN D 436 -13.57 33.99 -2.14
N ALA D 437 -12.62 33.30 -1.56
CA ALA D 437 -12.65 33.02 -0.12
C ALA D 437 -12.71 34.29 0.74
N VAL D 438 -11.90 35.29 0.38
CA VAL D 438 -11.85 36.54 1.14
C VAL D 438 -13.20 37.26 1.05
N LYS D 439 -13.81 37.21 -0.12
CA LYS D 439 -15.13 37.80 -0.32
C LYS D 439 -16.19 37.17 0.56
N ALA D 440 -16.16 35.84 0.63
CA ALA D 440 -17.07 35.11 1.49
C ALA D 440 -16.86 35.54 2.92
N MET D 441 -15.60 35.65 3.33
CA MET D 441 -15.25 35.98 4.70
C MET D 441 -15.74 37.35 5.11
N LYS D 442 -15.63 38.30 4.20
CA LYS D 442 -16.04 39.65 4.44
C LYS D 442 -17.56 39.72 4.53
N GLU D 443 -18.26 38.97 3.68
CA GLU D 443 -19.71 39.01 3.72
C GLU D 443 -20.18 38.62 5.11
N GLU D 444 -19.44 37.70 5.76
CA GLU D 444 -19.79 37.21 7.09
C GLU D 444 -19.05 37.95 8.18
N ASN D 445 -18.58 39.16 7.89
CA ASN D 445 -17.93 40.02 8.87
C ASN D 445 -16.70 39.44 9.53
N VAL D 446 -15.90 38.73 8.77
CA VAL D 446 -14.72 38.13 9.34
C VAL D 446 -13.48 38.81 8.83
N LYS D 447 -12.66 39.29 9.75
CA LYS D 447 -11.39 39.92 9.43
C LYS D 447 -10.45 38.89 8.82
N THR D 448 -9.65 39.31 7.86
CA THR D 448 -8.82 38.39 7.10
C THR D 448 -7.40 38.87 6.93
N VAL D 449 -6.46 37.95 7.12
CA VAL D 449 -5.07 38.18 6.82
C VAL D 449 -4.56 37.24 5.71
N LEU D 450 -3.88 37.81 4.71
CA LEU D 450 -3.37 37.02 3.62
C LEU D 450 -1.84 36.98 3.64
N MET D 451 -1.29 35.79 3.39
CA MET D 451 0.11 35.60 3.12
C MET D 451 0.31 35.11 1.71
N ASN D 452 0.92 35.91 0.86
CA ASN D 452 1.32 35.45 -0.43
C ASN D 452 2.42 36.33 -0.97
N PRO D 453 3.62 35.75 -1.17
CA PRO D 453 4.72 36.52 -1.74
C PRO D 453 4.57 36.78 -3.24
N ASN D 454 3.52 36.26 -3.86
CA ASN D 454 3.30 36.51 -5.26
C ASN D 454 2.65 37.87 -5.45
N ILE D 455 3.54 38.84 -5.61
CA ILE D 455 3.17 40.24 -5.83
C ILE D 455 2.34 40.45 -7.08
N ALA D 456 2.42 39.54 -8.05
CA ALA D 456 1.66 39.67 -9.30
C ALA D 456 0.21 39.18 -9.14
N SER D 457 -0.09 38.55 -8.02
CA SER D 457 -1.41 38.04 -7.81
C SER D 457 -2.37 39.19 -7.61
N VAL D 458 -3.60 39.00 -8.09
CA VAL D 458 -4.68 39.94 -7.81
C VAL D 458 -5.13 39.89 -6.32
N GLN D 459 -5.14 38.69 -5.76
CA GLN D 459 -5.31 38.47 -4.36
C GLN D 459 -4.67 39.55 -3.50
N THR D 460 -3.44 39.94 -3.81
CA THR D 460 -2.64 40.71 -2.89
C THR D 460 -2.92 42.18 -2.99
N ASN D 461 -3.80 42.61 -3.89
CA ASN D 461 -4.21 44.01 -3.90
C ASN D 461 -4.79 44.49 -2.56
N GLU D 462 -4.76 45.81 -2.38
CA GLU D 462 -5.30 46.45 -1.19
C GLU D 462 -6.84 46.69 -1.26
N VAL D 463 -7.34 47.07 -2.44
CA VAL D 463 -8.68 47.62 -2.55
C VAL D 463 -9.77 46.70 -3.15
N GLY D 464 -10.93 46.61 -2.47
CA GLY D 464 -12.11 45.89 -2.95
C GLY D 464 -12.57 44.77 -2.01
N LEU D 465 -13.79 44.30 -2.26
CA LEU D 465 -14.40 43.22 -1.48
C LEU D 465 -13.64 41.86 -1.46
N LYS D 466 -12.70 41.65 -2.37
CA LYS D 466 -11.94 40.40 -2.36
C LYS D 466 -10.56 40.59 -1.77
N GLN D 467 -10.29 41.75 -1.19
CA GLN D 467 -8.95 42.03 -0.68
C GLN D 467 -8.90 41.83 0.84
N ALA D 468 -7.85 41.17 1.33
CA ALA D 468 -7.71 40.94 2.74
C ALA D 468 -7.50 42.25 3.44
N ASP D 469 -7.84 42.32 4.71
CA ASP D 469 -7.60 43.54 5.47
C ASP D 469 -6.11 43.74 5.61
N THR D 470 -5.35 42.67 5.63
CA THR D 470 -3.89 42.77 5.78
C THR D 470 -3.14 41.75 4.92
N VAL D 471 -2.05 42.19 4.31
CA VAL D 471 -1.33 41.38 3.35
C VAL D 471 0.14 41.29 3.72
N TYR D 472 0.63 40.05 3.79
CA TYR D 472 2.04 39.79 4.08
C TYR D 472 2.74 39.18 2.88
N PHE D 473 3.73 39.87 2.34
CA PHE D 473 4.54 39.30 1.26
C PHE D 473 5.74 38.56 1.83
N LEU D 474 5.51 37.32 2.25
CA LEU D 474 6.51 36.53 2.90
C LEU D 474 6.47 35.09 2.44
N PRO D 475 7.59 34.32 2.66
CA PRO D 475 7.57 32.90 2.35
C PRO D 475 6.43 32.17 3.03
N ILE D 476 5.78 31.31 2.28
CA ILE D 476 4.81 30.42 2.86
C ILE D 476 5.54 29.19 3.41
N THR D 477 6.22 29.38 4.54
CA THR D 477 6.96 28.31 5.22
C THR D 477 6.61 28.44 6.67
N PRO D 478 6.70 27.34 7.41
CA PRO D 478 6.26 27.35 8.82
C PRO D 478 6.93 28.41 9.70
N GLN D 479 8.22 28.65 9.45
CA GLN D 479 8.94 29.70 10.14
C GLN D 479 8.17 31.01 10.06
N PHE D 480 7.75 31.40 8.87
CA PHE D 480 7.15 32.74 8.68
C PHE D 480 5.67 32.79 8.98
N VAL D 481 4.99 31.69 8.74
CA VAL D 481 3.58 31.65 9.07
C VAL D 481 3.44 31.67 10.58
N THR D 482 4.43 31.16 11.28
CA THR D 482 4.40 31.22 12.72
C THR D 482 4.55 32.65 13.16
N GLU D 483 5.54 33.33 12.63
CA GLU D 483 5.70 34.73 12.99
C GLU D 483 4.41 35.54 12.77
N VAL D 484 3.72 35.31 11.66
CA VAL D 484 2.51 36.06 11.36
C VAL D 484 1.39 35.74 12.35
N ILE D 485 1.21 34.45 12.62
CA ILE D 485 0.27 33.97 13.61
C ILE D 485 0.50 34.67 14.94
N LYS D 486 1.74 34.63 15.43
CA LYS D 486 2.13 35.30 16.68
C LYS D 486 1.71 36.74 16.67
N ALA D 487 2.04 37.44 15.58
CA ALA D 487 1.79 38.88 15.49
C ALA D 487 0.32 39.21 15.29
N GLU D 488 -0.42 38.37 14.59
CA GLU D 488 -1.78 38.70 14.22
C GLU D 488 -2.83 37.99 15.06
N GLN D 489 -2.39 36.94 15.77
CA GLN D 489 -3.28 36.18 16.63
C GLN D 489 -4.61 35.88 15.98
N PRO D 490 -4.58 35.23 14.82
CA PRO D 490 -5.82 34.80 14.19
C PRO D 490 -6.40 33.58 14.89
N ASP D 491 -7.71 33.38 14.81
CA ASP D 491 -8.37 32.22 15.41
C ASP D 491 -8.82 31.19 14.37
N GLY D 492 -8.73 31.54 13.10
CA GLY D 492 -8.99 30.61 12.01
C GLY D 492 -7.90 30.57 10.96
N LEU D 493 -7.78 29.43 10.31
CA LEU D 493 -6.79 29.22 9.26
C LEU D 493 -7.43 28.50 8.08
N ILE D 494 -7.34 29.14 6.92
CA ILE D 494 -7.65 28.53 5.63
C ILE D 494 -6.36 28.04 4.96
N LEU D 495 -6.22 26.71 4.88
CA LEU D 495 -5.05 26.08 4.24
C LEU D 495 -5.41 25.28 2.99
N GLY D 496 -6.65 25.40 2.55
CA GLY D 496 -7.11 24.66 1.39
C GLY D 496 -7.19 25.41 0.09
N MET D 497 -6.59 26.60 0.01
CA MET D 497 -6.69 27.44 -1.19
C MET D 497 -5.36 28.00 -1.65
N GLY D 498 -4.28 27.28 -1.34
CA GLY D 498 -2.96 27.66 -1.80
C GLY D 498 -2.17 26.49 -2.35
N GLY D 499 -2.86 25.55 -2.99
CA GLY D 499 -2.20 24.38 -3.53
C GLY D 499 -1.47 23.58 -2.46
N GLN D 500 -0.39 22.95 -2.91
CA GLN D 500 0.41 22.06 -2.08
C GLN D 500 1.33 22.78 -1.10
N THR D 501 1.81 23.94 -1.52
CA THR D 501 2.53 24.85 -0.67
C THR D 501 1.77 25.10 0.63
N ALA D 502 0.55 25.59 0.53
CA ALA D 502 -0.22 25.94 1.71
C ALA D 502 -0.62 24.70 2.51
N LEU D 503 -1.08 23.68 1.82
CA LEU D 503 -1.41 22.41 2.45
C LEU D 503 -0.26 21.89 3.29
N ASN D 504 0.92 21.72 2.68
CA ASN D 504 2.05 21.14 3.38
C ASN D 504 2.53 22.01 4.52
N CYS D 505 2.47 23.31 4.29
CA CYS D 505 2.84 24.21 5.34
C CYS D 505 1.90 24.05 6.56
N GLY D 506 0.58 23.97 6.30
CA GLY D 506 -0.42 23.81 7.34
C GLY D 506 -0.33 22.49 8.06
N VAL D 507 0.00 21.43 7.36
CA VAL D 507 0.14 20.12 8.01
C VAL D 507 1.37 20.10 8.90
N GLU D 508 2.43 20.75 8.48
CA GLU D 508 3.63 20.81 9.27
C GLU D 508 3.37 21.59 10.55
N LEU D 509 2.64 22.70 10.43
CA LEU D 509 2.30 23.52 11.59
C LEU D 509 1.50 22.71 12.59
N PHE D 510 0.58 21.93 12.06
CA PHE D 510 -0.29 21.06 12.85
C PHE D 510 0.50 19.99 13.58
N LYS D 511 1.31 19.27 12.83
CA LYS D 511 2.22 18.28 13.40
C LYS D 511 3.05 18.84 14.53
N ARG D 512 3.49 20.09 14.40
CA ARG D 512 4.32 20.73 15.43
C ARG D 512 3.51 21.31 16.57
N GLY D 513 2.20 21.35 16.44
CA GLY D 513 1.34 21.87 17.50
C GLY D 513 1.31 23.40 17.59
N VAL D 514 1.74 24.08 16.54
CA VAL D 514 1.72 25.51 16.54
C VAL D 514 0.26 26.02 16.55
N LEU D 515 -0.62 25.30 15.85
CA LEU D 515 -2.01 25.72 15.77
C LEU D 515 -2.70 25.61 17.14
N LYS D 516 -2.54 24.47 17.78
CA LYS D 516 -2.99 24.25 19.13
C LYS D 516 -2.39 25.30 20.06
N GLU D 517 -1.08 25.50 19.98
CA GLU D 517 -0.42 26.45 20.85
C GLU D 517 -0.99 27.87 20.83
N TYR D 518 -1.38 28.37 19.66
CA TYR D 518 -1.91 29.73 19.53
C TYR D 518 -3.40 29.77 19.32
N GLY D 519 -4.05 28.62 19.55
CA GLY D 519 -5.51 28.56 19.44
C GLY D 519 -6.03 28.89 18.06
N VAL D 520 -5.44 28.29 17.02
CA VAL D 520 -5.86 28.54 15.63
C VAL D 520 -6.60 27.33 15.08
N LYS D 521 -7.91 27.50 14.88
CA LYS D 521 -8.78 26.50 14.35
C LYS D 521 -8.66 26.42 12.82
N VAL D 522 -8.50 25.22 12.30
CA VAL D 522 -8.51 25.00 10.87
C VAL D 522 -9.95 25.01 10.39
N LEU D 523 -10.27 25.95 9.51
CA LEU D 523 -11.61 26.10 9.02
C LEU D 523 -11.79 25.21 7.80
N GLY D 524 -12.90 24.48 7.77
CA GLY D 524 -13.20 23.57 6.70
C GLY D 524 -12.68 22.18 7.04
N THR D 525 -12.20 21.50 6.02
CA THR D 525 -11.70 20.15 6.12
C THR D 525 -10.56 20.12 7.12
N SER D 526 -10.58 19.14 7.98
CA SER D 526 -9.62 19.03 9.02
C SER D 526 -8.25 18.56 8.51
N VAL D 527 -7.20 18.81 9.30
CA VAL D 527 -5.88 18.32 8.98
C VAL D 527 -5.85 16.81 8.94
N GLU D 528 -6.76 16.17 9.66
CA GLU D 528 -6.86 14.70 9.67
C GLU D 528 -7.40 14.18 8.34
N SER D 529 -8.47 14.77 7.86
CA SER D 529 -8.95 14.47 6.53
C SER D 529 -7.87 14.76 5.45
N ILE D 530 -7.15 15.86 5.61
CA ILE D 530 -6.14 16.20 4.67
C ILE D 530 -5.04 15.14 4.65
N MET D 531 -4.49 14.84 5.81
CA MET D 531 -3.45 13.85 5.87
C MET D 531 -3.91 12.54 5.26
N ALA D 532 -5.18 12.20 5.49
CA ALA D 532 -5.73 10.96 4.93
C ALA D 532 -5.83 10.94 3.40
N THR D 533 -5.83 12.13 2.77
CA THR D 533 -5.85 12.19 1.33
C THR D 533 -4.48 12.47 0.69
N GLU D 534 -3.51 12.91 1.49
CA GLU D 534 -2.21 13.30 0.96
C GLU D 534 -1.18 12.20 1.13
N ASP D 535 -1.37 11.38 2.16
CA ASP D 535 -0.59 10.19 2.43
C ASP D 535 -1.26 9.03 1.69
N ARG D 536 -0.55 8.44 0.74
CA ARG D 536 -1.15 7.45 -0.12
C ARG D 536 -1.53 6.17 0.64
N GLN D 537 -0.85 5.89 1.73
CA GLN D 537 -1.14 4.68 2.49
C GLN D 537 -2.40 4.89 3.29
N LEU D 538 -2.51 6.04 3.95
CA LEU D 538 -3.71 6.34 4.72
C LEU D 538 -4.93 6.38 3.85
N PHE D 539 -4.78 6.91 2.63
CA PHE D 539 -5.85 6.89 1.65
C PHE D 539 -6.29 5.46 1.40
N SER D 540 -5.34 4.58 1.13
CA SER D 540 -5.71 3.17 0.89
C SER D 540 -6.48 2.58 2.07
N ASP D 541 -6.04 2.89 3.30
CA ASP D 541 -6.67 2.35 4.52
C ASP D 541 -8.11 2.76 4.63
N LYS D 542 -8.35 4.02 4.30
CA LYS D 542 -9.66 4.60 4.35
C LYS D 542 -10.68 3.97 3.41
N LEU D 543 -10.24 3.74 2.19
CA LEU D 543 -11.10 3.17 1.17
C LEU D 543 -11.29 1.70 1.43
N ASN D 544 -10.27 1.04 1.95
CA ASN D 544 -10.42 -0.37 2.40
C ASN D 544 -11.40 -0.49 3.55
N GLU D 545 -11.47 0.52 4.42
CA GLU D 545 -12.48 0.48 5.47
C GLU D 545 -13.88 0.35 4.91
N ILE D 546 -14.17 1.02 3.80
CA ILE D 546 -15.49 0.90 3.17
C ILE D 546 -15.50 -0.04 1.96
N ASN D 547 -14.51 -0.93 1.87
CA ASN D 547 -14.36 -1.83 0.75
C ASN D 547 -14.53 -1.17 -0.57
N GLU D 548 -14.00 0.03 -0.72
CA GLU D 548 -13.98 0.63 -2.03
C GLU D 548 -12.89 0.00 -2.94
N LYS D 549 -12.94 0.32 -4.24
CA LYS D 549 -12.10 -0.32 -5.23
C LYS D 549 -10.87 0.53 -5.57
N ILE D 550 -9.71 -0.05 -5.30
CA ILE D 550 -8.43 0.53 -5.68
C ILE D 550 -7.64 -0.55 -6.36
N ALA D 551 -6.59 -0.14 -7.03
CA ALA D 551 -5.76 -1.06 -7.77
C ALA D 551 -4.77 -1.65 -6.81
N PRO D 552 -4.28 -2.84 -7.14
CA PRO D 552 -3.16 -3.39 -6.36
C PRO D 552 -2.03 -2.38 -6.20
N SER D 553 -1.59 -2.16 -4.97
CA SER D 553 -0.58 -1.17 -4.68
C SER D 553 0.10 -1.39 -3.33
N PHE D 554 1.27 -0.78 -3.15
CA PHE D 554 1.96 -0.70 -1.85
C PHE D 554 2.57 0.66 -1.75
N ALA D 555 2.35 1.31 -0.63
CA ALA D 555 3.02 2.56 -0.31
C ALA D 555 4.32 2.19 0.32
N VAL D 556 5.41 2.71 -0.19
CA VAL D 556 6.76 2.36 0.30
C VAL D 556 7.59 3.62 0.56
N GLU D 557 8.65 3.44 1.36
CA GLU D 557 9.51 4.54 1.77
C GLU D 557 10.98 4.34 1.42
N SER D 558 11.26 3.43 0.50
CA SER D 558 12.62 3.23 0.09
C SER D 558 12.61 2.64 -1.27
N ILE D 559 13.77 2.71 -1.91
CA ILE D 559 13.98 2.12 -3.22
C ILE D 559 13.94 0.58 -3.15
N GLU D 560 14.52 -0.01 -2.11
CA GLU D 560 14.47 -1.43 -1.96
C GLU D 560 13.02 -1.91 -1.86
N ASP D 561 12.19 -1.22 -1.06
CA ASP D 561 10.80 -1.63 -0.89
C ASP D 561 9.93 -1.48 -2.15
N ALA D 562 10.21 -0.44 -2.93
CA ALA D 562 9.53 -0.25 -4.16
C ALA D 562 9.82 -1.39 -5.12
N LEU D 563 11.08 -1.77 -5.25
CA LEU D 563 11.43 -2.91 -6.10
C LEU D 563 10.65 -4.14 -5.69
N LYS D 564 10.59 -4.42 -4.40
CA LYS D 564 9.77 -5.53 -3.89
C LYS D 564 8.29 -5.42 -4.29
N ALA D 565 7.70 -4.25 -4.07
CA ALA D 565 6.31 -4.05 -4.41
C ALA D 565 6.11 -4.31 -5.89
N ALA D 566 7.00 -3.78 -6.73
CA ALA D 566 6.78 -3.94 -8.17
C ALA D 566 6.84 -5.39 -8.61
N ASP D 567 7.68 -6.20 -7.99
CA ASP D 567 7.73 -7.63 -8.32
C ASP D 567 6.48 -8.41 -7.91
N THR D 568 5.95 -8.13 -6.75
CA THR D 568 4.65 -8.67 -6.32
C THR D 568 3.47 -8.29 -7.23
N ILE D 569 3.40 -7.01 -7.61
CA ILE D 569 2.33 -6.51 -8.41
C ILE D 569 2.51 -6.92 -9.86
N GLY D 570 3.74 -6.87 -10.34
CA GLY D 570 3.98 -7.12 -11.74
C GLY D 570 4.00 -5.85 -12.60
N TYR D 571 5.00 -5.80 -13.49
CA TYR D 571 5.22 -4.67 -14.35
C TYR D 571 4.18 -4.71 -15.43
N PRO D 572 3.75 -3.57 -15.93
CA PRO D 572 4.26 -2.25 -15.57
C PRO D 572 3.58 -1.63 -14.34
N VAL D 573 4.27 -0.72 -13.65
CA VAL D 573 3.69 -0.02 -12.49
C VAL D 573 3.83 1.50 -12.57
N MET D 574 2.90 2.19 -11.92
CA MET D 574 2.94 3.65 -11.78
C MET D 574 3.44 3.92 -10.38
N ILE D 575 4.35 4.88 -10.26
CA ILE D 575 4.68 5.42 -8.94
C ILE D 575 4.11 6.83 -8.89
N ARG D 576 3.56 7.18 -7.75
CA ARG D 576 3.11 8.55 -7.55
C ARG D 576 3.38 8.99 -6.09
N SER D 577 3.76 10.24 -5.91
CA SER D 577 4.32 10.72 -4.67
C SER D 577 3.18 11.08 -3.70
N ALA D 578 3.50 11.03 -2.41
CA ALA D 578 2.68 11.58 -1.37
C ALA D 578 2.98 13.05 -1.19
N TYR D 579 2.03 13.76 -0.66
CA TYR D 579 2.24 15.17 -0.31
C TYR D 579 2.75 15.97 -1.47
N ALA D 580 2.10 15.72 -2.61
CA ALA D 580 2.34 16.45 -3.83
C ALA D 580 1.13 16.42 -4.79
N LEU D 581 1.21 17.31 -5.79
CA LEU D 581 0.19 17.45 -6.82
C LEU D 581 0.85 17.51 -8.20
N GLY D 582 0.05 17.43 -9.27
CA GLY D 582 0.60 17.57 -10.60
C GLY D 582 1.62 16.49 -10.99
N GLY D 583 1.66 15.37 -10.22
CA GLY D 583 2.46 14.23 -10.59
C GLY D 583 3.94 14.41 -10.38
N LEU D 584 4.30 15.22 -9.41
CA LEU D 584 5.68 15.41 -9.05
C LEU D 584 6.27 14.07 -8.61
N GLY D 585 7.41 13.73 -9.22
CA GLY D 585 8.11 12.51 -8.97
C GLY D 585 7.44 11.27 -9.51
N SER D 586 6.39 11.41 -10.33
CA SER D 586 5.63 10.23 -10.76
C SER D 586 6.10 9.73 -12.10
N GLY D 587 5.65 8.53 -12.46
CA GLY D 587 5.99 7.99 -13.76
C GLY D 587 5.63 6.53 -13.91
N ILE D 588 5.32 6.16 -15.15
CA ILE D 588 5.12 4.78 -15.51
C ILE D 588 6.49 4.08 -15.57
N CYS D 589 6.51 2.84 -15.07
CA CYS D 589 7.70 2.03 -14.99
C CYS D 589 7.47 0.69 -15.65
N PRO D 590 7.90 0.53 -16.91
CA PRO D 590 7.76 -0.79 -17.54
C PRO D 590 8.70 -1.86 -16.99
N ASN D 591 9.72 -1.45 -16.26
CA ASN D 591 10.77 -2.38 -15.81
C ASN D 591 11.56 -1.90 -14.57
N ARG D 592 12.20 -2.86 -13.93
CA ARG D 592 13.08 -2.63 -12.78
C ARG D 592 13.95 -1.37 -12.86
N GLU D 593 14.61 -1.18 -13.99
CA GLU D 593 15.61 -0.11 -14.11
C GLU D 593 14.91 1.25 -14.15
N THR D 594 13.78 1.34 -14.84
CA THR D 594 13.00 2.55 -14.85
C THR D 594 12.49 2.89 -13.46
N LEU D 595 12.05 1.88 -12.72
CA LEU D 595 11.67 2.05 -11.33
C LEU D 595 12.81 2.53 -10.44
N MET D 596 14.03 2.01 -10.66
CA MET D 596 15.17 2.50 -9.92
C MET D 596 15.42 3.96 -10.20
N ASP D 597 15.48 4.32 -11.48
CA ASP D 597 15.79 5.70 -11.82
C ASP D 597 14.78 6.61 -11.18
N LEU D 598 13.48 6.33 -11.39
CA LEU D 598 12.44 7.25 -10.98
C LEU D 598 12.19 7.33 -9.47
N SER D 599 12.27 6.21 -8.78
CA SER D 599 11.99 6.24 -7.36
C SER D 599 13.09 7.01 -6.62
N THR D 600 14.33 6.88 -7.09
CA THR D 600 15.43 7.64 -6.55
C THR D 600 15.15 9.14 -6.62
N LYS D 601 14.74 9.58 -7.79
CA LYS D 601 14.37 10.97 -7.98
C LYS D 601 13.14 11.36 -7.22
N ALA D 602 12.16 10.48 -7.16
CA ALA D 602 10.97 10.77 -6.37
C ALA D 602 11.33 11.02 -4.90
N PHE D 603 12.28 10.26 -4.35
CA PHE D 603 12.57 10.39 -2.92
C PHE D 603 13.31 11.66 -2.51
N ALA D 604 13.89 12.39 -3.45
CA ALA D 604 14.43 13.71 -3.19
C ALA D 604 13.32 14.72 -2.91
N MET D 605 12.08 14.38 -3.29
CA MET D 605 10.94 15.28 -3.19
C MET D 605 9.77 14.80 -2.32
N THR D 606 9.79 13.57 -1.84
CA THR D 606 8.77 13.10 -0.89
C THR D 606 9.37 11.99 -0.05
N ASN D 607 8.68 11.62 1.02
CA ASN D 607 9.11 10.49 1.87
C ASN D 607 8.40 9.18 1.60
N GLN D 608 7.35 9.23 0.82
CA GLN D 608 6.52 8.05 0.52
C GLN D 608 6.04 8.16 -0.92
N ILE D 609 6.22 7.07 -1.67
CA ILE D 609 5.58 6.88 -2.98
C ILE D 609 4.63 5.69 -2.92
N LEU D 610 3.63 5.69 -3.79
CA LEU D 610 2.78 4.54 -4.01
C LEU D 610 3.22 3.84 -5.26
N VAL D 611 3.43 2.52 -5.17
CA VAL D 611 3.78 1.71 -6.34
C VAL D 611 2.54 0.95 -6.70
N GLU D 612 2.03 1.17 -7.92
CA GLU D 612 0.67 0.80 -8.26
C GLU D 612 0.62 0.13 -9.62
N LYS D 613 -0.21 -0.89 -9.73
CA LYS D 613 -0.48 -1.52 -11.00
C LYS D 613 -0.99 -0.52 -12.03
N SER D 614 -0.49 -0.66 -13.24
CA SER D 614 -0.80 0.31 -14.29
C SER D 614 -2.23 0.14 -14.77
N VAL D 615 -2.95 1.24 -14.92
CA VAL D 615 -4.23 1.21 -15.61
C VAL D 615 -4.17 2.27 -16.71
N THR D 616 -2.99 2.44 -17.28
CA THR D 616 -2.85 3.20 -18.48
C THR D 616 -3.93 2.82 -19.48
N GLY D 617 -4.56 3.82 -20.10
CA GLY D 617 -5.61 3.54 -21.10
C GLY D 617 -7.03 3.53 -20.58
N TRP D 618 -7.26 3.26 -19.29
CA TRP D 618 -8.63 3.36 -18.79
C TRP D 618 -9.03 4.82 -18.95
N LYS D 619 -10.34 5.08 -18.99
CA LYS D 619 -10.87 6.43 -19.03
C LYS D 619 -10.58 7.10 -17.70
N GLU D 620 -10.18 8.37 -17.72
CA GLU D 620 -9.96 9.14 -16.51
C GLU D 620 -11.10 10.10 -16.32
N ILE D 621 -11.81 9.94 -15.21
CA ILE D 621 -13.01 10.72 -14.91
C ILE D 621 -12.88 11.42 -13.55
N GLU D 622 -13.12 12.75 -13.56
CA GLU D 622 -13.07 13.60 -12.35
C GLU D 622 -14.45 14.13 -11.90
N TYR D 623 -14.61 14.31 -10.60
CA TYR D 623 -15.80 14.94 -10.03
C TYR D 623 -15.34 16.04 -9.06
N GLU D 624 -16.11 17.11 -9.01
CA GLU D 624 -15.93 18.11 -8.00
C GLU D 624 -17.06 17.88 -7.05
N VAL D 625 -16.72 17.78 -5.77
CA VAL D 625 -17.68 17.39 -4.76
C VAL D 625 -17.69 18.44 -3.69
N VAL D 626 -18.88 18.77 -3.23
CA VAL D 626 -19.08 19.67 -2.09
C VAL D 626 -19.77 18.95 -0.94
N ARG D 627 -19.33 19.23 0.28
CA ARG D 627 -19.97 18.66 1.44
C ARG D 627 -20.00 19.62 2.62
N ASP D 628 -21.17 19.85 3.18
CA ASP D 628 -21.34 20.86 4.21
C ASP D 628 -21.39 20.23 5.60
N ALA D 629 -21.50 21.06 6.62
CA ALA D 629 -21.44 20.59 7.98
C ALA D 629 -22.76 19.98 8.43
N ASP D 630 -23.76 20.04 7.57
CA ASP D 630 -25.00 19.30 7.78
C ASP D 630 -24.99 17.94 7.09
N ASP D 631 -23.88 17.62 6.42
CA ASP D 631 -23.73 16.34 5.76
C ASP D 631 -24.50 16.29 4.44
N ASN D 632 -24.85 17.46 3.92
CA ASN D 632 -25.33 17.55 2.56
C ASN D 632 -24.16 17.51 1.63
N CYS D 633 -24.20 16.64 0.62
CA CYS D 633 -23.05 16.32 -0.19
C CYS D 633 -23.50 16.17 -1.65
N VAL D 634 -22.98 17.03 -2.54
CA VAL D 634 -23.35 16.98 -3.95
C VAL D 634 -22.12 16.96 -4.85
N THR D 635 -22.28 16.43 -6.06
CA THR D 635 -21.24 16.58 -7.08
C THR D 635 -21.54 17.74 -8.02
N VAL D 636 -20.81 18.82 -7.91
CA VAL D 636 -21.09 20.02 -8.72
C VAL D 636 -20.70 19.93 -10.18
N CYS D 637 -19.74 19.10 -10.51
CA CYS D 637 -19.26 19.02 -11.86
C CYS D 637 -18.61 17.68 -12.10
N ASN D 638 -18.65 17.25 -13.34
CA ASN D 638 -17.94 16.08 -13.72
C ASN D 638 -17.27 16.27 -15.06
N MET D 639 -16.05 15.76 -15.14
CA MET D 639 -15.22 15.96 -16.29
C MET D 639 -14.70 14.65 -16.84
N GLU D 640 -14.79 14.53 -18.16
CA GLU D 640 -14.18 13.42 -18.86
C GLU D 640 -12.90 13.88 -19.50
N ASN D 641 -11.80 13.24 -19.10
CA ASN D 641 -10.53 13.44 -19.78
C ASN D 641 -10.55 12.77 -21.15
N VAL D 642 -10.17 13.50 -22.18
CA VAL D 642 -10.05 12.89 -23.48
C VAL D 642 -8.80 12.00 -23.56
N ASP D 643 -7.63 12.51 -23.18
CA ASP D 643 -6.42 11.67 -23.04
C ASP D 643 -6.61 10.76 -21.84
N ALA D 644 -6.27 9.50 -22.00
CA ALA D 644 -6.67 8.51 -21.02
C ALA D 644 -5.81 8.53 -19.77
N MET D 645 -5.97 7.53 -18.90
CA MET D 645 -5.09 7.37 -17.77
C MET D 645 -3.68 7.22 -18.25
N GLY D 646 -2.79 7.90 -17.54
CA GLY D 646 -1.41 7.91 -17.84
C GLY D 646 -0.92 9.27 -18.27
N VAL D 647 -1.80 10.10 -18.81
CA VAL D 647 -1.51 11.52 -19.04
C VAL D 647 -2.19 12.27 -17.89
N HIS D 648 -1.42 13.03 -17.12
CA HIS D 648 -1.96 13.77 -15.98
C HIS D 648 -3.16 14.65 -16.36
N THR D 649 -4.19 14.68 -15.54
CA THR D 649 -5.40 15.48 -15.81
C THR D 649 -5.07 16.89 -16.27
N GLY D 650 -4.04 17.45 -15.66
CA GLY D 650 -3.49 18.78 -16.00
C GLY D 650 -2.92 18.93 -17.39
N ASP D 651 -2.33 17.87 -17.92
CA ASP D 651 -1.76 17.88 -19.24
C ASP D 651 -2.68 17.23 -20.24
N SER D 652 -3.94 17.08 -19.88
CA SER D 652 -4.90 16.36 -20.72
C SER D 652 -5.87 17.32 -21.33
N VAL D 653 -6.44 16.91 -22.46
CA VAL D 653 -7.63 17.57 -22.98
C VAL D 653 -8.75 17.03 -22.11
N VAL D 654 -9.64 17.90 -21.70
CA VAL D 654 -10.71 17.52 -20.78
C VAL D 654 -12.05 18.11 -21.23
N VAL D 655 -13.12 17.33 -21.22
CA VAL D 655 -14.44 17.89 -21.57
C VAL D 655 -15.37 17.87 -20.39
N ALA D 656 -16.34 18.78 -20.42
CA ALA D 656 -17.40 18.81 -19.38
C ALA D 656 -18.73 19.19 -20.01
N PRO D 657 -19.81 18.50 -19.66
CA PRO D 657 -19.78 17.35 -18.81
C PRO D 657 -19.31 16.17 -19.59
N ALA D 658 -19.36 14.97 -18.99
CA ALA D 658 -18.88 13.78 -19.64
C ALA D 658 -19.73 13.47 -20.83
N GLN D 659 -19.15 12.78 -21.81
CA GLN D 659 -19.80 12.50 -23.08
C GLN D 659 -19.96 11.05 -23.40
N THR D 660 -19.12 10.18 -22.86
CA THR D 660 -19.14 8.77 -23.26
C THR D 660 -19.54 7.83 -22.15
N LEU D 661 -20.04 8.35 -21.04
CA LEU D 661 -20.57 7.49 -19.96
C LEU D 661 -22.08 7.19 -20.08
N SER D 662 -22.49 6.01 -19.63
CA SER D 662 -23.84 5.67 -19.46
C SER D 662 -24.37 6.25 -18.14
N ASN D 663 -25.68 6.25 -18.00
CA ASN D 663 -26.24 6.63 -16.74
C ASN D 663 -25.71 5.72 -15.61
N ALA D 664 -25.51 4.45 -15.88
CA ALA D 664 -25.10 3.55 -14.83
C ALA D 664 -23.66 3.85 -14.42
N GLU D 665 -22.81 4.15 -15.40
CA GLU D 665 -21.42 4.47 -15.10
C GLU D 665 -21.41 5.79 -14.37
N PHE D 666 -22.07 6.80 -14.94
CA PHE D 666 -21.99 8.12 -14.36
C PHE D 666 -22.54 8.13 -12.95
N GLN D 667 -23.59 7.39 -12.70
CA GLN D 667 -24.20 7.41 -11.36
C GLN D 667 -23.44 6.57 -10.34
N MET D 668 -22.89 5.48 -10.80
CA MET D 668 -22.04 4.66 -9.96
C MET D 668 -20.91 5.50 -9.41
N LEU D 669 -20.20 6.18 -10.30
CA LEU D 669 -19.02 6.96 -9.89
C LEU D 669 -19.41 8.16 -9.08
N ARG D 670 -20.52 8.78 -9.41
CA ARG D 670 -21.05 9.85 -8.60
C ARG D 670 -21.33 9.41 -7.17
N ARG D 671 -21.99 8.30 -7.01
CA ARG D 671 -22.36 7.86 -5.69
C ARG D 671 -21.16 7.38 -4.91
N THR D 672 -20.23 6.68 -5.56
CA THR D 672 -18.96 6.38 -4.94
C THR D 672 -18.22 7.62 -4.45
N SER D 673 -18.22 8.70 -5.27
CA SER D 673 -17.60 9.95 -4.87
C SER D 673 -18.19 10.46 -3.57
N ILE D 674 -19.51 10.49 -3.52
CA ILE D 674 -20.22 10.96 -2.34
C ILE D 674 -19.93 10.09 -1.13
N ASN D 675 -19.91 8.79 -1.30
CA ASN D 675 -19.59 7.92 -0.18
C ASN D 675 -18.19 8.16 0.34
N VAL D 676 -17.22 8.20 -0.58
CA VAL D 676 -15.82 8.38 -0.21
C VAL D 676 -15.60 9.72 0.46
N VAL D 677 -16.12 10.77 -0.14
CA VAL D 677 -15.95 12.10 0.43
C VAL D 677 -16.58 12.20 1.82
N ARG D 678 -17.75 11.60 1.99
CA ARG D 678 -18.40 11.50 3.30
C ARG D 678 -17.54 10.74 4.33
N HIS D 679 -17.13 9.55 3.99
CA HIS D 679 -16.28 8.74 4.85
C HIS D 679 -14.99 9.41 5.26
N LEU D 680 -14.43 10.23 4.36
CA LEU D 680 -13.17 10.92 4.64
C LEU D 680 -13.32 12.14 5.54
N GLY D 681 -14.54 12.50 5.92
CA GLY D 681 -14.76 13.60 6.83
C GLY D 681 -14.55 14.94 6.16
N ILE D 682 -14.69 15.01 4.84
CA ILE D 682 -14.37 16.26 4.13
C ILE D 682 -15.49 17.26 4.28
N VAL D 683 -15.13 18.50 4.62
CA VAL D 683 -16.09 19.57 4.70
C VAL D 683 -15.56 20.72 3.89
N GLY D 684 -16.21 20.99 2.79
CA GLY D 684 -15.79 22.03 1.88
C GLY D 684 -15.87 21.39 0.50
N GLU D 685 -14.85 21.60 -0.31
CA GLU D 685 -14.88 21.12 -1.66
C GLU D 685 -13.72 20.22 -1.83
N CYS D 686 -13.83 19.33 -2.80
CA CYS D 686 -12.70 18.54 -3.14
C CYS D 686 -12.87 17.94 -4.49
N ASN D 687 -11.76 17.45 -4.98
CA ASN D 687 -11.66 16.88 -6.30
C ASN D 687 -11.34 15.42 -6.12
N ILE D 688 -11.97 14.58 -6.94
CA ILE D 688 -11.77 13.11 -6.89
C ILE D 688 -11.59 12.54 -8.30
N GLN D 689 -10.67 11.58 -8.44
CA GLN D 689 -10.27 11.02 -9.71
C GLN D 689 -10.50 9.53 -9.76
N PHE D 690 -11.00 9.05 -10.90
CA PHE D 690 -11.30 7.65 -11.12
C PHE D 690 -10.63 7.11 -12.39
N ALA D 691 -10.28 5.82 -12.35
CA ALA D 691 -9.97 5.12 -13.57
C ALA D 691 -11.14 4.20 -13.84
N LEU D 692 -11.74 4.32 -15.01
CA LEU D 692 -12.90 3.53 -15.40
C LEU D 692 -12.49 2.66 -16.60
N HIS D 693 -12.78 1.36 -16.48
CA HIS D 693 -12.44 0.42 -17.53
C HIS D 693 -13.30 0.76 -18.74
N PRO D 694 -12.71 0.76 -19.95
CA PRO D 694 -13.44 1.34 -21.09
C PRO D 694 -14.59 0.49 -21.62
N THR D 695 -14.65 -0.77 -21.22
CA THR D 695 -15.65 -1.69 -21.74
C THR D 695 -16.24 -2.55 -20.65
N SER D 696 -16.40 -1.99 -19.46
CA SER D 696 -17.06 -2.68 -18.31
C SER D 696 -17.40 -1.66 -17.23
N MET D 697 -17.91 -2.12 -16.10
CA MET D 697 -18.20 -1.27 -14.94
C MET D 697 -17.08 -1.22 -13.93
N GLU D 698 -15.94 -1.84 -14.24
CA GLU D 698 -14.81 -1.93 -13.34
C GLU D 698 -14.19 -0.55 -13.21
N TYR D 699 -13.82 -0.17 -12.00
CA TYR D 699 -13.21 1.13 -11.78
C TYR D 699 -12.24 1.11 -10.62
N CYS D 700 -11.39 2.12 -10.60
CA CYS D 700 -10.40 2.33 -9.55
C CYS D 700 -10.49 3.77 -9.10
N ILE D 701 -10.46 3.98 -7.79
CA ILE D 701 -10.33 5.32 -7.24
C ILE D 701 -8.83 5.57 -7.16
N ILE D 702 -8.41 6.72 -7.72
CA ILE D 702 -7.00 7.07 -7.83
C ILE D 702 -6.54 8.02 -6.75
N GLU D 703 -7.23 9.13 -6.56
CA GLU D 703 -6.85 10.11 -5.55
C GLU D 703 -8.00 11.06 -5.29
N VAL D 704 -7.96 11.71 -4.13
CA VAL D 704 -8.87 12.81 -3.79
C VAL D 704 -7.99 13.96 -3.38
N ASN D 705 -8.28 15.15 -3.90
CA ASN D 705 -7.60 16.39 -3.46
C ASN D 705 -8.55 17.21 -2.59
N ALA D 706 -8.24 17.22 -1.30
CA ALA D 706 -9.11 17.81 -0.25
C ALA D 706 -8.71 19.26 -0.13
N ARG D 707 -9.06 20.03 -1.17
CA ARG D 707 -8.60 21.38 -1.36
C ARG D 707 -9.13 21.87 -2.71
N LEU D 708 -9.12 23.18 -2.87
CA LEU D 708 -9.38 23.77 -4.16
C LEU D 708 -8.26 23.39 -5.10
N SER D 709 -8.55 23.39 -6.38
CA SER D 709 -7.60 22.83 -7.34
C SER D 709 -7.73 23.47 -8.70
N ARG D 710 -6.87 23.05 -9.62
CA ARG D 710 -6.94 23.57 -10.97
C ARG D 710 -8.24 23.03 -11.60
N SER D 711 -8.67 21.84 -11.16
CA SER D 711 -9.94 21.26 -11.55
C SER D 711 -11.22 21.97 -10.98
N SER D 712 -11.16 22.47 -9.75
CA SER D 712 -12.25 23.29 -9.23
C SER D 712 -12.37 24.66 -9.93
N ALA D 713 -11.26 25.31 -10.22
CA ALA D 713 -11.31 26.54 -11.01
C ALA D 713 -12.00 26.24 -12.31
N LEU D 714 -11.50 25.23 -13.03
CA LEU D 714 -12.08 24.90 -14.33
C LEU D 714 -13.62 24.64 -14.20
N ALA D 715 -14.00 23.85 -13.21
CA ALA D 715 -15.39 23.49 -13.04
C ALA D 715 -16.24 24.72 -12.74
N SER D 716 -15.70 25.61 -11.92
CA SER D 716 -16.42 26.83 -11.57
C SER D 716 -16.71 27.64 -12.84
N LYS D 717 -15.79 27.64 -13.80
CA LYS D 717 -15.96 28.45 -14.97
C LYS D 717 -16.91 27.74 -15.89
N ALA D 718 -16.79 26.41 -15.92
CA ALA D 718 -17.63 25.65 -16.78
C ALA D 718 -19.07 25.76 -16.36
N THR D 719 -19.34 25.77 -15.06
CA THR D 719 -20.69 25.63 -14.56
C THR D 719 -21.31 26.94 -14.07
N GLY D 720 -20.50 27.94 -13.85
CA GLY D 720 -20.98 29.13 -13.22
C GLY D 720 -21.27 28.97 -11.75
N TYR D 721 -20.83 27.88 -11.14
CA TYR D 721 -20.97 27.67 -9.68
C TYR D 721 -19.62 27.98 -9.01
N PRO D 722 -19.54 29.02 -8.15
CA PRO D 722 -18.24 29.45 -7.59
C PRO D 722 -17.74 28.62 -6.40
N LEU D 723 -17.10 27.50 -6.71
CA LEU D 723 -16.78 26.46 -5.70
C LEU D 723 -16.00 26.99 -4.50
N ALA D 724 -15.08 27.92 -4.75
CA ALA D 724 -14.22 28.39 -3.66
C ALA D 724 -15.00 29.30 -2.72
N PHE D 725 -15.84 30.14 -3.30
CA PHE D 725 -16.76 30.97 -2.52
C PHE D 725 -17.62 30.11 -1.60
N ILE D 726 -18.26 29.10 -2.19
CA ILE D 726 -19.11 28.17 -1.47
C ILE D 726 -18.30 27.45 -0.42
N ALA D 727 -17.12 27.00 -0.80
CA ALA D 727 -16.25 26.24 0.12
C ALA D 727 -15.97 27.01 1.39
N ALA D 728 -15.71 28.30 1.22
CA ALA D 728 -15.37 29.18 2.29
C ALA D 728 -16.54 29.45 3.22
N LYS D 729 -17.74 29.65 2.65
CA LYS D 729 -18.99 29.76 3.44
C LYS D 729 -19.24 28.52 4.27
N ILE D 730 -19.09 27.37 3.63
CA ILE D 730 -19.19 26.09 4.28
C ILE D 730 -18.20 25.95 5.43
N ALA D 731 -17.02 26.53 5.27
CA ALA D 731 -16.00 26.43 6.30
C ALA D 731 -16.44 27.20 7.56
N LEU D 732 -17.44 28.06 7.43
CA LEU D 732 -17.99 28.79 8.56
C LEU D 732 -19.25 28.16 9.10
N GLY D 733 -19.54 26.94 8.68
CA GLY D 733 -20.71 26.21 9.19
C GLY D 733 -22.07 26.53 8.55
N ILE D 734 -22.08 27.40 7.54
CA ILE D 734 -23.27 27.63 6.77
C ILE D 734 -23.52 26.45 5.84
N PRO D 735 -24.72 25.86 5.92
CA PRO D 735 -25.04 24.74 5.03
C PRO D 735 -25.50 25.22 3.67
N LEU D 736 -25.46 24.32 2.67
CA LEU D 736 -25.70 24.65 1.25
C LEU D 736 -27.04 25.25 0.93
N PRO D 737 -28.11 24.71 1.49
CA PRO D 737 -29.43 25.37 1.31
C PRO D 737 -29.51 26.83 1.75
N GLU D 738 -28.71 27.26 2.73
CA GLU D 738 -28.66 28.68 3.19
C GLU D 738 -27.70 29.61 2.40
N ILE D 739 -27.11 29.11 1.31
CA ILE D 739 -26.18 29.88 0.52
C ILE D 739 -26.79 30.10 -0.86
N LYS D 740 -26.83 31.35 -1.30
CA LYS D 740 -27.50 31.71 -2.54
C LYS D 740 -26.68 31.32 -3.77
N ASN D 741 -27.38 30.80 -4.76
CA ASN D 741 -26.89 30.72 -6.10
C ASN D 741 -26.90 32.14 -6.69
N VAL D 742 -25.74 32.76 -6.72
CA VAL D 742 -25.62 34.15 -7.16
C VAL D 742 -25.99 34.34 -8.62
N VAL D 743 -25.97 33.28 -9.42
CA VAL D 743 -26.26 33.37 -10.83
C VAL D 743 -27.77 33.47 -11.05
N SER D 744 -28.50 32.56 -10.47
CA SER D 744 -29.94 32.59 -10.58
C SER D 744 -30.56 33.69 -9.71
N GLY D 745 -29.88 34.05 -8.62
CA GLY D 745 -30.41 35.07 -7.69
C GLY D 745 -31.66 34.68 -6.88
N LYS D 746 -32.19 33.50 -7.13
CA LYS D 746 -33.46 33.08 -6.52
C LYS D 746 -33.42 31.64 -5.98
N THR D 747 -32.30 30.93 -6.09
CA THR D 747 -32.21 29.54 -5.67
C THR D 747 -30.97 29.39 -4.79
N SER D 748 -30.77 28.18 -4.23
CA SER D 748 -29.65 27.95 -3.33
C SER D 748 -28.49 27.32 -4.08
N ALA D 749 -27.38 27.16 -3.35
CA ALA D 749 -26.25 26.42 -3.87
C ALA D 749 -26.39 24.91 -3.61
N CYS D 750 -27.54 24.47 -3.10
CA CYS D 750 -27.75 23.04 -2.95
C CYS D 750 -28.34 22.46 -4.25
N PHE D 751 -27.46 22.14 -5.20
CA PHE D 751 -27.86 21.54 -6.44
C PHE D 751 -26.68 21.11 -7.25
N GLU D 752 -26.95 20.54 -8.42
CA GLU D 752 -25.89 20.09 -9.35
C GLU D 752 -26.21 20.73 -10.68
N PRO D 753 -25.37 21.68 -11.12
CA PRO D 753 -25.69 22.41 -12.31
C PRO D 753 -26.09 21.54 -13.48
N SER D 754 -26.73 22.17 -14.45
CA SER D 754 -27.07 21.53 -15.69
C SER D 754 -26.50 22.43 -16.78
N LEU D 755 -25.69 21.84 -17.65
CA LEU D 755 -25.05 22.58 -18.69
C LEU D 755 -25.79 22.25 -19.99
N ASP D 756 -26.25 23.29 -20.71
CA ASP D 756 -26.80 23.12 -22.07
C ASP D 756 -25.79 23.52 -23.15
N TYR D 757 -24.53 23.17 -22.89
CA TYR D 757 -23.41 23.46 -23.74
C TYR D 757 -22.35 22.52 -23.26
N MET D 758 -21.28 22.39 -24.02
CA MET D 758 -20.12 21.57 -23.64
C MET D 758 -18.89 22.45 -23.59
N VAL D 759 -18.07 22.29 -22.56
CA VAL D 759 -16.76 22.99 -22.50
C VAL D 759 -15.63 22.02 -22.78
N THR D 760 -14.57 22.51 -23.42
CA THR D 760 -13.32 21.76 -23.66
C THR D 760 -12.15 22.55 -23.04
N LYS D 761 -11.31 21.92 -22.24
CA LYS D 761 -10.07 22.55 -21.77
C LYS D 761 -8.88 21.89 -22.40
N ILE D 762 -7.96 22.70 -22.94
CA ILE D 762 -6.73 22.20 -23.53
C ILE D 762 -5.53 22.85 -22.86
N PRO D 763 -4.45 22.09 -22.63
CA PRO D 763 -3.29 22.71 -21.97
C PRO D 763 -2.48 23.46 -22.97
N ARG D 764 -1.62 24.34 -22.47
CA ARG D 764 -0.65 25.02 -23.26
C ARG D 764 0.70 24.62 -22.76
N TRP D 765 1.56 24.15 -23.66
CA TRP D 765 2.96 23.87 -23.33
C TRP D 765 3.92 24.86 -23.96
N ASP D 766 5.07 25.03 -23.35
CA ASP D 766 6.16 25.78 -23.90
C ASP D 766 7.43 24.92 -23.72
N LEU D 767 7.77 24.07 -24.69
CA LEU D 767 8.87 23.13 -24.48
C LEU D 767 10.03 23.24 -25.44
N ASP D 768 9.82 23.88 -26.59
CA ASP D 768 10.87 24.04 -27.61
C ASP D 768 12.13 24.64 -27.09
N ARG D 769 12.00 25.65 -26.23
CA ARG D 769 13.16 26.27 -25.61
C ARG D 769 13.98 25.40 -24.63
N PHE D 770 13.39 24.35 -24.09
CA PHE D 770 14.15 23.46 -23.24
C PHE D 770 14.59 22.24 -24.06
N HIS D 771 15.78 22.35 -24.67
CA HIS D 771 16.28 21.32 -25.59
C HIS D 771 16.43 19.94 -24.92
N GLY D 772 16.76 19.92 -23.62
CA GLY D 772 16.95 18.67 -22.90
C GLY D 772 15.69 17.89 -22.53
N THR D 773 14.55 18.55 -22.60
CA THR D 773 13.27 18.01 -22.19
C THR D 773 12.50 17.62 -23.43
N SER D 774 11.92 16.43 -23.43
CA SER D 774 11.13 16.01 -24.59
C SER D 774 9.76 16.68 -24.54
N SER D 775 9.05 16.64 -25.68
CA SER D 775 7.68 17.10 -25.74
C SER D 775 6.68 15.98 -25.42
N ARG D 776 7.17 14.86 -24.95
CA ARG D 776 6.28 13.81 -24.53
C ARG D 776 5.61 14.19 -23.22
N ILE D 777 4.36 13.74 -23.04
CA ILE D 777 3.63 14.00 -21.82
C ILE D 777 3.13 12.71 -21.18
N GLY D 778 3.01 12.74 -19.87
CA GLY D 778 2.63 11.57 -19.08
C GLY D 778 2.07 11.98 -17.75
N SER D 779 2.40 11.20 -16.72
CA SER D 779 1.81 11.37 -15.36
C SER D 779 2.29 12.63 -14.61
N SER D 780 3.39 13.24 -15.04
CA SER D 780 3.91 14.42 -14.37
C SER D 780 3.74 15.63 -15.26
N MET D 781 2.89 16.54 -14.85
CA MET D 781 2.61 17.76 -15.62
C MET D 781 3.83 18.47 -16.11
N LYS D 782 3.72 18.94 -17.34
CA LYS D 782 4.65 19.87 -17.93
C LYS D 782 4.03 21.15 -18.53
N SER D 783 2.69 21.27 -18.56
CA SER D 783 2.07 22.40 -19.21
C SER D 783 2.24 23.65 -18.38
N VAL D 784 2.30 24.81 -19.05
CA VAL D 784 2.45 26.12 -18.36
C VAL D 784 1.15 26.96 -18.33
N GLY D 785 0.07 26.45 -18.90
CA GLY D 785 -1.17 27.17 -18.94
C GLY D 785 -2.29 26.29 -19.45
N GLU D 786 -3.49 26.85 -19.50
CA GLU D 786 -4.67 26.18 -20.05
C GLU D 786 -5.69 27.20 -20.57
N VAL D 787 -6.52 26.73 -21.49
CA VAL D 787 -7.65 27.49 -21.99
C VAL D 787 -8.95 26.69 -21.75
N MET D 788 -10.08 27.36 -21.88
CA MET D 788 -11.38 26.69 -21.85
C MET D 788 -12.24 27.31 -22.93
N ALA D 789 -12.79 26.50 -23.83
CA ALA D 789 -13.77 27.02 -24.80
C ALA D 789 -15.14 26.41 -24.55
N ILE D 790 -16.17 27.21 -24.83
CA ILE D 790 -17.53 26.72 -24.75
C ILE D 790 -18.18 26.68 -26.13
N GLY D 791 -18.86 25.59 -26.43
CA GLY D 791 -19.67 25.44 -27.65
C GLY D 791 -20.85 24.52 -27.39
N ARG D 792 -21.77 24.46 -28.34
CA ARG D 792 -22.89 23.53 -28.22
C ARG D 792 -22.78 22.32 -29.16
N THR D 793 -21.59 22.12 -29.70
CA THR D 793 -21.19 20.85 -30.31
C THR D 793 -19.79 20.65 -29.82
N PHE D 794 -19.42 19.40 -29.61
CA PHE D 794 -18.03 19.07 -29.29
C PHE D 794 -17.08 19.81 -30.25
N GLU D 795 -17.36 19.72 -31.53
CA GLU D 795 -16.49 20.27 -32.58
C GLU D 795 -16.34 21.79 -32.45
N GLU D 796 -17.42 22.49 -32.14
CA GLU D 796 -17.36 23.93 -31.93
C GLU D 796 -16.45 24.23 -30.73
N SER D 797 -16.76 23.61 -29.60
CA SER D 797 -16.01 23.79 -28.36
C SER D 797 -14.54 23.49 -28.58
N PHE D 798 -14.30 22.40 -29.27
CA PHE D 798 -12.96 21.85 -29.49
C PHE D 798 -12.07 22.67 -30.40
N GLN D 799 -12.58 23.12 -31.52
CA GLN D 799 -11.75 23.95 -32.42
C GLN D 799 -11.40 25.35 -31.87
N LYS D 800 -12.35 25.96 -31.14
CA LYS D 800 -12.09 27.21 -30.40
C LYS D 800 -10.95 27.02 -29.42
N ALA D 801 -11.02 25.96 -28.63
CA ALA D 801 -10.05 25.73 -27.59
C ALA D 801 -8.67 25.56 -28.20
N LEU D 802 -8.57 24.86 -29.33
CA LEU D 802 -7.28 24.72 -29.99
C LEU D 802 -6.74 26.09 -30.45
N ARG D 803 -7.61 26.91 -31.02
CA ARG D 803 -7.16 28.26 -31.38
C ARG D 803 -6.69 29.12 -30.18
N MET D 804 -7.35 28.97 -29.04
CA MET D 804 -7.01 29.73 -27.87
C MET D 804 -5.61 29.43 -27.35
N CYS D 805 -5.05 28.27 -27.66
CA CYS D 805 -3.79 27.85 -27.06
C CYS D 805 -2.59 28.61 -27.57
N HIS D 806 -2.61 29.00 -28.83
CA HIS D 806 -1.49 29.69 -29.41
C HIS D 806 -1.97 30.31 -30.69
N PRO D 807 -1.56 31.55 -30.97
CA PRO D 807 -2.05 32.23 -32.20
C PRO D 807 -1.79 31.50 -33.54
N SER D 808 -0.74 30.70 -33.61
CA SER D 808 -0.43 29.92 -34.83
C SER D 808 -1.37 28.75 -35.10
N ILE D 809 -2.19 28.36 -34.13
CA ILE D 809 -3.08 27.21 -34.29
C ILE D 809 -4.40 27.68 -34.88
N GLU D 810 -4.81 27.05 -35.96
CA GLU D 810 -6.02 27.47 -36.69
C GLU D 810 -7.28 26.74 -36.29
N GLY D 811 -7.10 25.60 -35.62
CA GLY D 811 -8.20 24.73 -35.17
C GLY D 811 -7.67 23.33 -35.22
N PHE D 812 -8.54 22.39 -35.54
CA PHE D 812 -8.12 21.00 -35.64
C PHE D 812 -7.68 20.73 -37.07
N THR D 813 -6.36 20.69 -37.27
CA THR D 813 -5.77 20.44 -38.59
C THR D 813 -4.65 19.46 -38.43
N PRO D 814 -4.21 18.87 -39.54
CA PRO D 814 -3.06 17.96 -39.52
C PRO D 814 -1.75 18.68 -39.67
N ARG D 815 -1.72 19.95 -39.31
CA ARG D 815 -0.53 20.76 -39.40
C ARG D 815 -0.14 21.13 -37.99
N LEU D 816 1.18 21.23 -37.76
CA LEU D 816 1.74 21.47 -36.43
C LEU D 816 1.65 22.94 -36.05
N PRO D 817 1.69 23.23 -34.74
CA PRO D 817 1.82 24.63 -34.32
C PRO D 817 3.15 25.24 -34.71
N MET D 818 3.25 26.56 -34.55
CA MET D 818 4.47 27.36 -34.85
C MET D 818 4.95 27.22 -36.29
N ASN D 819 4.06 26.86 -37.19
CA ASN D 819 4.42 26.54 -38.58
C ASN D 819 5.64 25.68 -38.75
N LYS D 820 5.69 24.58 -38.00
CA LYS D 820 6.74 23.60 -38.13
C LYS D 820 6.30 22.49 -39.06
N GLU D 821 7.23 21.99 -39.86
CA GLU D 821 6.93 20.90 -40.76
C GLU D 821 7.09 19.57 -39.99
N TRP D 822 6.36 18.55 -40.44
CA TRP D 822 6.50 17.25 -39.84
C TRP D 822 7.87 16.73 -40.23
N PRO D 823 8.56 16.05 -39.31
CA PRO D 823 9.83 15.39 -39.67
C PRO D 823 9.69 14.38 -40.82
N SER D 824 10.71 14.28 -41.65
CA SER D 824 10.67 13.33 -42.77
C SER D 824 10.72 11.88 -42.26
N ASN D 825 11.34 11.68 -41.09
CA ASN D 825 11.42 10.37 -40.43
C ASN D 825 10.25 10.05 -39.48
N LEU D 826 9.18 10.83 -39.58
CA LEU D 826 7.98 10.61 -38.80
C LEU D 826 7.52 9.13 -38.71
N ASP D 827 7.29 8.66 -37.49
CA ASP D 827 6.64 7.39 -37.22
C ASP D 827 5.28 7.73 -36.62
N LEU D 828 4.28 7.85 -37.48
CA LEU D 828 2.94 8.27 -37.06
C LEU D 828 2.33 7.37 -36.01
N ARG D 829 2.60 6.08 -36.05
CA ARG D 829 2.07 5.16 -35.03
C ARG D 829 2.70 5.43 -33.68
N LYS D 830 3.99 5.70 -33.68
CA LYS D 830 4.69 6.01 -32.44
C LYS D 830 4.09 7.27 -31.78
N GLU D 831 3.90 8.31 -32.58
CA GLU D 831 3.34 9.54 -32.08
C GLU D 831 1.98 9.32 -31.41
N LEU D 832 1.14 8.51 -32.05
CA LEU D 832 -0.18 8.23 -31.54
C LEU D 832 -0.13 7.42 -30.25
N SER D 833 0.77 6.46 -30.20
CA SER D 833 0.84 5.60 -29.04
C SER D 833 1.55 6.28 -27.86
N GLU D 834 2.44 7.21 -28.14
CA GLU D 834 3.18 7.96 -27.12
C GLU D 834 2.73 9.42 -27.01
N PRO D 835 1.92 9.75 -25.99
CA PRO D 835 1.36 11.07 -25.92
C PRO D 835 2.42 12.15 -25.91
N SER D 836 2.06 13.31 -26.45
CA SER D 836 2.97 14.42 -26.50
C SER D 836 2.16 15.66 -26.60
N SER D 837 2.87 16.79 -26.50
CA SER D 837 2.25 18.09 -26.70
C SER D 837 1.64 18.30 -28.07
N THR D 838 1.98 17.48 -29.06
CA THR D 838 1.46 17.66 -30.41
C THR D 838 0.63 16.52 -30.96
N ARG D 839 0.30 15.56 -30.13
CA ARG D 839 -0.44 14.42 -30.56
C ARG D 839 -1.78 14.77 -31.22
N ILE D 840 -2.48 15.78 -30.72
CA ILE D 840 -3.74 16.13 -31.35
C ILE D 840 -3.58 16.29 -32.89
N TYR D 841 -2.48 16.88 -33.34
CA TYR D 841 -2.30 17.18 -34.76
C TYR D 841 -1.82 15.94 -35.48
N ALA D 842 -1.15 15.06 -34.75
CA ALA D 842 -0.75 13.79 -35.29
C ALA D 842 -1.97 12.91 -35.59
N ILE D 843 -2.98 13.02 -34.73
CA ILE D 843 -4.26 12.35 -34.95
C ILE D 843 -4.95 12.87 -36.18
N ALA D 844 -5.05 14.18 -36.28
CA ALA D 844 -5.54 14.79 -37.51
C ALA D 844 -4.80 14.21 -38.72
N LYS D 845 -3.50 14.14 -38.63
CA LYS D 845 -2.75 13.70 -39.74
C LYS D 845 -3.09 12.26 -40.05
N ALA D 846 -3.16 11.42 -39.03
CA ALA D 846 -3.42 10.02 -39.25
C ALA D 846 -4.78 9.81 -39.89
N ILE D 847 -5.80 10.51 -39.38
CA ILE D 847 -7.13 10.41 -39.98
C ILE D 847 -7.04 10.80 -41.46
N ASP D 848 -6.34 11.87 -41.76
CA ASP D 848 -6.11 12.32 -43.12
C ASP D 848 -5.38 11.28 -43.96
N ASP D 849 -4.38 10.64 -43.39
CA ASP D 849 -3.61 9.60 -44.12
C ASP D 849 -4.31 8.24 -44.12
N ASN D 850 -5.60 8.19 -43.76
CA ASN D 850 -6.45 7.00 -43.88
C ASN D 850 -6.22 5.82 -42.96
N MET D 851 -5.63 6.10 -41.81
CA MET D 851 -5.58 5.13 -40.72
C MET D 851 -6.98 4.96 -40.19
N SER D 852 -7.32 3.73 -39.77
CA SER D 852 -8.66 3.49 -39.32
C SER D 852 -8.84 4.15 -37.99
N LEU D 853 -10.07 4.60 -37.73
CA LEU D 853 -10.42 5.09 -36.42
C LEU D 853 -10.24 4.01 -35.37
N ASP D 854 -10.55 2.77 -35.72
CA ASP D 854 -10.39 1.69 -34.78
C ASP D 854 -8.93 1.58 -34.33
N GLU D 855 -7.97 1.69 -35.25
CA GLU D 855 -6.56 1.58 -34.88
C GLU D 855 -6.04 2.80 -34.10
N ILE D 856 -6.57 3.97 -34.41
CA ILE D 856 -6.26 5.14 -33.64
C ILE D 856 -6.75 5.02 -32.18
N GLU D 857 -7.97 4.55 -31.98
CA GLU D 857 -8.46 4.32 -30.60
C GLU D 857 -7.55 3.31 -29.91
N LYS D 858 -7.08 2.36 -30.66
CA LYS D 858 -6.30 1.28 -30.08
C LYS D 858 -4.93 1.77 -29.60
N LEU D 859 -4.34 2.68 -30.34
CA LEU D 859 -3.02 3.19 -30.03
C LEU D 859 -3.07 4.37 -29.07
N THR D 860 -4.03 5.28 -29.24
CA THR D 860 -4.08 6.50 -28.42
C THR D 860 -4.80 6.32 -27.10
N TYR D 861 -5.71 5.37 -27.12
CA TYR D 861 -6.62 5.12 -26.02
C TYR D 861 -7.73 6.12 -25.96
N ILE D 862 -7.77 7.08 -26.86
CA ILE D 862 -8.84 8.05 -26.87
C ILE D 862 -10.10 7.36 -27.38
N ASP D 863 -11.18 7.48 -26.62
CA ASP D 863 -12.44 6.91 -27.03
C ASP D 863 -12.80 7.30 -28.45
N LYS D 864 -13.10 6.30 -29.25
CA LYS D 864 -13.51 6.49 -30.65
C LYS D 864 -14.58 7.57 -30.90
N TRP D 865 -15.50 7.78 -29.96
CA TRP D 865 -16.53 8.79 -30.18
C TRP D 865 -15.90 10.16 -30.49
N PHE D 866 -14.92 10.52 -29.68
CA PHE D 866 -14.18 11.76 -29.88
C PHE D 866 -13.51 11.77 -31.23
N LEU D 867 -13.03 10.62 -31.68
CA LEU D 867 -12.43 10.44 -33.00
C LEU D 867 -13.39 10.63 -34.20
N TYR D 868 -14.63 10.18 -34.04
CA TYR D 868 -15.70 10.44 -35.00
C TYR D 868 -15.87 11.92 -35.21
N LYS D 869 -15.94 12.68 -34.13
CA LYS D 869 -16.07 14.13 -34.23
C LYS D 869 -14.90 14.71 -34.99
N MET D 870 -13.71 14.22 -34.71
CA MET D 870 -12.51 14.75 -35.34
C MET D 870 -12.53 14.47 -36.84
N ARG D 871 -12.94 13.26 -37.21
CA ARG D 871 -13.14 12.94 -38.61
C ARG D 871 -14.18 13.86 -39.29
N ASP D 872 -15.31 14.12 -38.62
CA ASP D 872 -16.31 15.03 -39.15
C ASP D 872 -15.69 16.40 -39.49
N ILE D 873 -14.79 16.86 -38.64
CA ILE D 873 -14.17 18.15 -38.85
C ILE D 873 -13.33 18.11 -40.12
N LEU D 874 -12.47 17.11 -40.23
CA LEU D 874 -11.65 16.91 -41.43
C LEU D 874 -12.44 16.68 -42.73
N ASN D 875 -13.60 16.05 -42.66
CA ASN D 875 -14.47 15.94 -43.85
C ASN D 875 -15.02 17.27 -44.29
N MET D 876 -15.37 18.12 -43.33
CA MET D 876 -15.77 19.48 -43.67
C MET D 876 -14.65 20.29 -44.33
N GLU D 877 -13.42 20.10 -43.87
CA GLU D 877 -12.28 20.71 -44.52
C GLU D 877 -12.16 20.26 -45.98
N LYS D 878 -12.33 18.95 -46.22
CA LYS D 878 -12.25 18.44 -47.59
C LYS D 878 -13.33 19.06 -48.44
N THR D 879 -14.55 19.01 -47.93
CA THR D 879 -15.67 19.63 -48.61
C THR D 879 -15.32 21.07 -48.97
N LEU D 880 -14.87 21.84 -47.99
CA LEU D 880 -14.66 23.27 -48.21
C LEU D 880 -13.59 23.55 -49.27
N LYS D 881 -12.54 22.72 -49.28
CA LYS D 881 -11.42 22.84 -50.22
C LYS D 881 -11.84 22.68 -51.66
N GLY D 882 -12.87 21.89 -51.90
CA GLY D 882 -13.43 21.77 -53.21
C GLY D 882 -14.45 22.85 -53.56
N LEU D 883 -14.64 23.84 -52.70
CA LEU D 883 -15.55 24.95 -53.00
C LEU D 883 -14.85 26.30 -53.18
N ASN D 884 -15.63 27.30 -53.61
CA ASN D 884 -15.20 28.71 -53.68
C ASN D 884 -16.34 29.67 -53.30
N SER D 885 -16.05 30.96 -53.35
CA SER D 885 -17.01 32.00 -52.95
C SER D 885 -18.32 31.97 -53.71
N GLU D 886 -18.28 31.50 -54.94
CA GLU D 886 -19.48 31.30 -55.74
C GLU D 886 -20.12 29.93 -55.49
N SER D 887 -19.33 28.89 -55.28
CA SER D 887 -19.90 27.55 -55.19
C SER D 887 -20.36 27.14 -53.79
N MET D 888 -19.80 27.71 -52.75
CA MET D 888 -20.22 27.33 -51.41
C MET D 888 -21.63 27.84 -51.07
N THR D 889 -22.49 26.94 -50.65
CA THR D 889 -23.86 27.31 -50.32
C THR D 889 -23.94 27.83 -48.89
N GLU D 890 -25.08 28.45 -48.59
CA GLU D 890 -25.39 28.91 -47.26
C GLU D 890 -25.51 27.72 -46.28
N GLU D 891 -26.07 26.62 -46.74
CA GLU D 891 -26.26 25.47 -45.86
C GLU D 891 -24.90 25.02 -45.36
N THR D 892 -23.92 24.92 -46.26
CA THR D 892 -22.56 24.43 -45.95
C THR D 892 -21.75 25.35 -45.03
N LEU D 893 -21.79 26.65 -45.32
CA LEU D 893 -21.11 27.63 -44.50
C LEU D 893 -21.62 27.53 -43.06
N LYS D 894 -22.93 27.60 -42.91
CA LYS D 894 -23.61 27.46 -41.64
C LYS D 894 -23.12 26.24 -40.90
N ARG D 895 -23.01 25.12 -41.58
CA ARG D 895 -22.57 23.89 -40.91
C ARG D 895 -21.11 24.03 -40.49
N ALA D 896 -20.29 24.59 -41.37
CA ALA D 896 -18.90 24.73 -41.03
C ALA D 896 -18.73 25.54 -39.77
N LYS D 897 -19.47 26.63 -39.63
CA LYS D 897 -19.36 27.47 -38.43
C LYS D 897 -19.87 26.76 -37.16
N GLU D 898 -20.94 25.99 -37.34
CA GLU D 898 -21.54 25.21 -36.29
C GLU D 898 -20.62 24.16 -35.72
N ILE D 899 -19.64 23.69 -36.52
CA ILE D 899 -18.59 22.79 -36.01
C ILE D 899 -17.21 23.44 -35.81
N GLY D 900 -17.21 24.78 -35.64
CA GLY D 900 -16.06 25.50 -35.09
C GLY D 900 -15.07 26.07 -36.10
N PHE D 901 -15.35 25.93 -37.39
CA PHE D 901 -14.42 26.53 -38.38
C PHE D 901 -14.36 28.04 -38.27
N SER D 902 -13.17 28.60 -38.14
CA SER D 902 -12.99 30.05 -38.21
C SER D 902 -13.03 30.49 -39.66
N ASP D 903 -13.16 31.79 -39.84
CA ASP D 903 -13.09 32.43 -41.15
C ASP D 903 -11.71 32.27 -41.77
N LYS D 904 -10.66 32.27 -40.96
CA LYS D 904 -9.33 32.03 -41.47
C LYS D 904 -9.21 30.63 -42.09
N GLN D 905 -9.65 29.60 -41.37
CA GLN D 905 -9.64 28.25 -41.91
C GLN D 905 -10.43 28.11 -43.22
N ILE D 906 -11.65 28.66 -43.23
CA ILE D 906 -12.48 28.71 -44.42
C ILE D 906 -11.77 29.48 -45.53
N SER D 907 -11.18 30.62 -45.22
CA SER D 907 -10.53 31.42 -46.24
C SER D 907 -9.50 30.57 -46.98
N LYS D 908 -8.78 29.74 -46.26
CA LYS D 908 -7.71 28.98 -46.89
C LYS D 908 -8.27 27.88 -47.76
N CYS D 909 -9.47 27.41 -47.46
CA CYS D 909 -10.11 26.46 -48.35
C CYS D 909 -10.68 27.15 -49.60
N LEU D 910 -11.28 28.31 -49.43
CA LEU D 910 -11.98 28.93 -50.53
C LEU D 910 -11.05 29.69 -51.46
N GLY D 911 -9.88 30.10 -51.00
CA GLY D 911 -8.99 30.93 -51.80
C GLY D 911 -9.24 32.43 -51.62
N LEU D 912 -9.63 32.81 -50.41
CA LEU D 912 -9.95 34.17 -50.05
C LEU D 912 -9.07 34.60 -48.91
N THR D 913 -9.04 35.90 -48.66
CA THR D 913 -8.50 36.43 -47.45
C THR D 913 -9.51 36.21 -46.36
N GLU D 914 -9.06 36.36 -45.13
CA GLU D 914 -9.95 36.31 -44.00
C GLU D 914 -11.00 37.44 -44.07
N ALA D 915 -10.61 38.63 -44.50
CA ALA D 915 -11.53 39.76 -44.48
C ALA D 915 -12.65 39.47 -45.43
N GLN D 916 -12.26 38.97 -46.61
CA GLN D 916 -13.20 38.66 -47.68
C GLN D 916 -14.19 37.64 -47.23
N THR D 917 -13.67 36.61 -46.53
CA THR D 917 -14.48 35.52 -46.02
C THR D 917 -15.45 35.98 -44.92
N ARG D 918 -14.97 36.85 -44.04
CA ARG D 918 -15.87 37.51 -43.09
C ARG D 918 -17.03 38.25 -43.82
N GLU D 919 -16.69 39.06 -44.81
CA GLU D 919 -17.68 39.78 -45.63
C GLU D 919 -18.67 38.84 -46.29
N LEU D 920 -18.17 37.75 -46.85
CA LEU D 920 -19.01 36.77 -47.52
C LEU D 920 -20.04 36.18 -46.51
N ARG D 921 -19.57 35.86 -45.32
CA ARG D 921 -20.42 35.27 -44.32
C ARG D 921 -21.55 36.20 -43.86
N LEU D 922 -21.17 37.42 -43.53
CA LEU D 922 -22.13 38.41 -43.07
C LEU D 922 -23.11 38.72 -44.16
N LYS D 923 -22.65 38.64 -45.40
CA LYS D 923 -23.53 38.91 -46.56
C LYS D 923 -24.67 37.90 -46.62
N LYS D 924 -24.40 36.66 -46.21
CA LYS D 924 -25.44 35.65 -46.00
C LYS D 924 -26.11 35.72 -44.61
N ASN D 925 -25.81 36.75 -43.81
CA ASN D 925 -26.36 36.91 -42.48
C ASN D 925 -26.15 35.71 -41.53
N ILE D 926 -24.99 35.07 -41.65
CA ILE D 926 -24.66 33.97 -40.80
C ILE D 926 -23.75 34.53 -39.72
N HIS D 927 -24.24 34.54 -38.47
CA HIS D 927 -23.54 35.14 -37.34
C HIS D 927 -23.74 34.32 -36.05
N PRO D 928 -22.86 34.52 -35.07
CA PRO D 928 -23.09 33.71 -33.88
C PRO D 928 -24.10 34.38 -32.95
N TRP D 929 -24.54 33.64 -31.96
CA TRP D 929 -25.51 34.12 -31.01
C TRP D 929 -24.91 34.10 -29.62
N VAL D 930 -25.40 35.00 -28.78
CA VAL D 930 -24.80 35.25 -27.49
C VAL D 930 -25.68 34.56 -26.47
N LYS D 931 -25.09 33.68 -25.68
CA LYS D 931 -25.85 32.79 -24.77
C LYS D 931 -25.29 32.86 -23.38
N GLN D 932 -26.18 32.76 -22.41
CA GLN D 932 -25.80 32.75 -21.03
C GLN D 932 -25.52 31.35 -20.49
N ILE D 933 -24.57 31.33 -19.55
CA ILE D 933 -24.35 30.27 -18.60
C ILE D 933 -25.16 30.63 -17.38
N ASP D 934 -26.22 29.86 -17.11
CA ASP D 934 -27.08 30.17 -15.98
C ASP D 934 -27.07 29.11 -14.90
N THR D 935 -26.24 28.10 -15.06
CA THR D 935 -26.12 27.00 -14.07
C THR D 935 -27.26 25.99 -14.05
N LEU D 936 -28.38 26.29 -14.71
CA LEU D 936 -29.57 25.45 -14.64
C LEU D 936 -30.20 25.12 -15.98
N ALA D 937 -29.43 25.24 -17.07
CA ALA D 937 -29.93 25.05 -18.49
C ALA D 937 -31.33 25.67 -18.68
N ALA D 938 -31.42 26.94 -18.26
CA ALA D 938 -32.59 27.79 -18.47
C ALA D 938 -33.78 27.48 -17.57
N GLU D 939 -33.63 26.59 -16.62
CA GLU D 939 -34.73 26.29 -15.73
C GLU D 939 -35.13 27.58 -15.04
N TYR D 940 -34.14 28.31 -14.53
CA TYR D 940 -34.36 29.64 -13.97
C TYR D 940 -33.48 30.58 -14.74
N PRO D 941 -33.98 31.82 -14.97
CA PRO D 941 -33.15 32.83 -15.66
C PRO D 941 -32.00 33.38 -14.84
N SER D 942 -30.98 33.85 -15.54
CA SER D 942 -29.78 34.41 -14.95
C SER D 942 -29.98 35.90 -14.65
N VAL D 943 -29.59 36.32 -13.45
CA VAL D 943 -29.47 37.74 -13.12
C VAL D 943 -28.09 38.28 -13.55
N THR D 944 -27.11 37.42 -13.70
CA THR D 944 -25.80 37.82 -14.14
C THR D 944 -25.65 37.68 -15.65
N ASN D 945 -24.54 38.19 -16.18
CA ASN D 945 -24.25 38.06 -17.60
C ASN D 945 -22.91 37.45 -17.83
N TYR D 946 -22.88 36.15 -17.66
CA TYR D 946 -21.73 35.33 -17.94
C TYR D 946 -22.08 34.69 -19.30
N LEU D 947 -21.29 34.98 -20.31
CA LEU D 947 -21.66 34.76 -21.68
C LEU D 947 -20.59 34.02 -22.50
N TYR D 948 -21.08 33.31 -23.51
CA TYR D 948 -20.27 32.71 -24.56
C TYR D 948 -21.01 32.92 -25.85
N VAL D 949 -20.37 32.57 -26.96
CA VAL D 949 -20.93 32.83 -28.25
C VAL D 949 -20.98 31.51 -29.03
N THR D 950 -22.06 31.30 -29.80
CA THR D 950 -22.22 30.05 -30.49
C THR D 950 -22.97 30.24 -31.78
N TYR D 951 -22.62 29.45 -32.79
CA TYR D 951 -23.37 29.40 -34.05
C TYR D 951 -24.59 28.47 -33.99
N ASN D 952 -24.73 27.72 -32.88
CA ASN D 952 -25.79 26.72 -32.72
C ASN D 952 -26.91 27.27 -31.84
N GLY D 953 -27.61 28.24 -32.38
CA GLY D 953 -28.77 28.78 -31.71
C GLY D 953 -29.56 29.61 -32.69
N GLN D 954 -30.69 30.15 -32.22
CA GLN D 954 -31.57 30.96 -33.06
C GLN D 954 -31.92 32.29 -32.40
N GLU D 955 -31.25 32.63 -31.29
CA GLU D 955 -31.49 33.89 -30.58
C GLU D 955 -30.38 34.22 -29.61
N HIS D 956 -30.42 35.46 -29.16
CA HIS D 956 -29.52 36.00 -28.16
C HIS D 956 -30.19 35.94 -26.82
N ASP D 957 -29.42 35.73 -25.77
CA ASP D 957 -29.98 35.66 -24.43
C ASP D 957 -29.93 37.04 -23.71
N VAL D 958 -29.44 38.08 -24.36
CA VAL D 958 -29.36 39.41 -23.71
C VAL D 958 -29.58 40.49 -24.75
N ASN D 959 -29.71 41.72 -24.25
CA ASN D 959 -29.75 42.93 -25.11
C ASN D 959 -28.40 43.54 -25.24
N PHE D 960 -28.33 44.49 -26.15
CA PHE D 960 -27.11 45.20 -26.47
C PHE D 960 -27.31 46.71 -26.40
N ASP D 961 -27.73 47.15 -25.21
CA ASP D 961 -27.96 48.57 -24.95
C ASP D 961 -26.92 49.24 -24.10
N ASP D 962 -26.07 48.48 -23.42
CA ASP D 962 -25.03 49.05 -22.54
C ASP D 962 -23.98 49.82 -23.29
N HIS D 963 -23.51 49.30 -24.40
CA HIS D 963 -22.40 49.93 -25.15
C HIS D 963 -21.14 50.14 -24.28
N GLY D 964 -20.83 49.14 -23.49
CA GLY D 964 -19.75 49.22 -22.55
C GLY D 964 -18.39 49.32 -23.19
N MET D 965 -17.41 49.49 -22.29
CA MET D 965 -16.01 49.60 -22.64
C MET D 965 -15.40 48.21 -22.56
N MET D 966 -14.85 47.74 -23.67
CA MET D 966 -14.27 46.42 -23.74
C MET D 966 -12.86 46.40 -23.20
N VAL D 967 -12.54 45.38 -22.42
CA VAL D 967 -11.19 45.14 -21.97
C VAL D 967 -10.81 43.72 -22.37
N LEU D 968 -9.72 43.57 -23.11
CA LEU D 968 -9.23 42.27 -23.49
C LEU D 968 -8.24 41.72 -22.43
N GLY D 969 -8.39 40.42 -22.10
CA GLY D 969 -7.51 39.72 -21.22
C GLY D 969 -6.34 39.03 -21.91
N CYS D 970 -5.60 38.23 -21.12
CA CYS D 970 -4.26 37.77 -21.49
C CYS D 970 -4.27 36.47 -22.29
N GLY D 971 -5.33 35.68 -22.19
CA GLY D 971 -5.31 34.36 -22.76
C GLY D 971 -4.66 33.34 -21.83
N PRO D 972 -4.26 32.17 -22.37
CA PRO D 972 -3.58 31.24 -21.49
C PRO D 972 -2.28 31.83 -20.97
N TYR D 973 -1.93 31.50 -19.73
CA TYR D 973 -0.57 31.79 -19.28
C TYR D 973 0.46 30.93 -20.07
N HIS D 974 1.66 31.46 -20.26
CA HIS D 974 2.76 30.69 -20.79
C HIS D 974 3.98 31.45 -20.30
N ILE D 975 5.16 30.97 -20.66
CA ILE D 975 6.38 31.54 -20.14
C ILE D 975 6.53 32.92 -20.68
N GLY D 976 6.68 33.86 -19.77
CA GLY D 976 6.78 35.26 -20.18
C GLY D 976 5.48 36.02 -20.13
N SER D 977 4.40 35.30 -19.86
CA SER D 977 3.06 35.88 -19.82
C SER D 977 2.20 35.19 -18.78
N SER D 978 2.19 35.76 -17.61
CA SER D 978 1.58 35.11 -16.45
C SER D 978 0.54 36.04 -15.78
N VAL D 979 0.23 35.74 -14.53
CA VAL D 979 -0.80 36.43 -13.77
C VAL D 979 -0.64 37.95 -13.68
N GLU D 980 0.56 38.47 -13.84
CA GLU D 980 0.75 39.94 -13.94
C GLU D 980 -0.17 40.60 -14.98
N PHE D 981 -0.46 39.87 -16.06
CA PHE D 981 -1.31 40.40 -17.09
C PHE D 981 -2.78 40.23 -16.77
N ASP D 982 -3.07 39.42 -15.77
CA ASP D 982 -4.39 39.40 -15.22
C ASP D 982 -4.57 40.54 -14.24
N TRP D 983 -3.55 40.79 -13.41
CA TRP D 983 -3.52 41.94 -12.54
C TRP D 983 -3.81 43.26 -13.28
N CYS D 984 -3.04 43.51 -14.34
CA CYS D 984 -3.22 44.72 -15.16
C CYS D 984 -4.67 44.78 -15.63
N ALA D 985 -5.15 43.69 -16.25
CA ALA D 985 -6.50 43.71 -16.78
C ALA D 985 -7.56 43.96 -15.70
N VAL D 986 -7.42 43.29 -14.56
CA VAL D 986 -8.38 43.43 -13.47
C VAL D 986 -8.36 44.84 -12.86
N SER D 987 -7.18 45.41 -12.76
CA SER D 987 -7.05 46.76 -12.27
C SER D 987 -7.88 47.70 -13.16
N SER D 988 -7.82 47.46 -14.45
CA SER D 988 -8.49 48.28 -15.41
C SER D 988 -10.00 48.11 -15.32
N ILE D 989 -10.43 46.85 -15.22
CA ILE D 989 -11.84 46.49 -15.05
C ILE D 989 -12.42 47.11 -13.77
N ARG D 990 -11.65 47.05 -12.68
CA ARG D 990 -12.08 47.66 -11.40
C ARG D 990 -12.11 49.18 -11.43
N THR D 991 -11.15 49.79 -12.11
CA THR D 991 -11.16 51.23 -12.28
C THR D 991 -12.40 51.67 -13.04
N LEU D 992 -12.71 50.95 -14.11
CA LEU D 992 -13.87 51.33 -14.91
C LEU D 992 -15.14 51.23 -14.08
N ARG D 993 -15.31 50.11 -13.36
CA ARG D 993 -16.43 49.94 -12.47
C ARG D 993 -16.53 51.09 -11.46
N GLN D 994 -15.45 51.39 -10.80
CA GLN D 994 -15.46 52.38 -9.76
C GLN D 994 -15.93 53.71 -10.34
N LEU D 995 -15.67 53.93 -11.61
CA LEU D 995 -16.08 55.17 -12.28
C LEU D 995 -17.46 55.08 -12.90
N GLY D 996 -18.23 54.04 -12.59
CA GLY D 996 -19.60 53.92 -13.11
C GLY D 996 -19.75 53.66 -14.60
N LYS D 997 -18.71 53.12 -15.23
CA LYS D 997 -18.71 52.78 -16.67
C LYS D 997 -19.06 51.29 -16.86
N LYS D 998 -19.86 50.99 -17.87
CA LYS D 998 -20.20 49.61 -18.21
C LYS D 998 -18.99 48.95 -18.86
N THR D 999 -18.76 47.68 -18.52
CA THR D 999 -17.55 46.97 -18.91
C THR D 999 -17.90 45.70 -19.62
N VAL D 1000 -17.07 45.36 -20.60
CA VAL D 1000 -17.20 44.09 -21.31
C VAL D 1000 -15.83 43.46 -21.34
N VAL D 1001 -15.71 42.26 -20.76
CA VAL D 1001 -14.43 41.56 -20.68
C VAL D 1001 -14.47 40.33 -21.60
N VAL D 1002 -13.35 40.08 -22.28
CA VAL D 1002 -13.19 38.86 -23.06
C VAL D 1002 -11.86 38.23 -22.69
N ASN D 1003 -11.94 37.00 -22.18
CA ASN D 1003 -10.76 36.24 -21.84
C ASN D 1003 -11.11 34.76 -21.77
N CYS D 1004 -10.13 33.90 -22.03
CA CYS D 1004 -10.36 32.46 -22.11
C CYS D 1004 -9.48 31.61 -21.17
N ASN D 1005 -8.94 32.24 -20.14
CA ASN D 1005 -8.10 31.56 -19.18
C ASN D 1005 -8.89 31.27 -17.92
N PRO D 1006 -9.14 29.98 -17.65
CA PRO D 1006 -9.98 29.59 -16.55
C PRO D 1006 -9.42 29.92 -15.19
N GLU D 1007 -8.12 30.15 -15.09
CA GLU D 1007 -7.44 30.41 -13.80
C GLU D 1007 -7.56 31.83 -13.26
N THR D 1008 -8.10 32.74 -14.05
CA THR D 1008 -7.97 34.15 -13.83
C THR D 1008 -9.17 34.73 -13.12
N VAL D 1009 -8.90 35.77 -12.35
CA VAL D 1009 -9.92 36.59 -11.73
C VAL D 1009 -10.61 37.44 -12.78
N SER D 1010 -9.93 37.71 -13.90
CA SER D 1010 -10.60 38.41 -15.01
C SER D 1010 -11.78 37.58 -15.56
N THR D 1011 -11.73 36.27 -15.43
CA THR D 1011 -12.82 35.45 -15.89
C THR D 1011 -13.73 35.07 -14.76
N ASP D 1012 -13.77 35.91 -13.73
CA ASP D 1012 -14.81 35.78 -12.73
C ASP D 1012 -15.90 36.81 -13.03
N PHE D 1013 -17.14 36.34 -13.12
CA PHE D 1013 -18.26 37.17 -13.58
C PHE D 1013 -18.63 38.33 -12.65
N ASP D 1014 -18.27 38.25 -11.37
CA ASP D 1014 -18.64 39.37 -10.49
C ASP D 1014 -17.79 40.64 -10.68
N GLU D 1015 -16.78 40.60 -11.53
CA GLU D 1015 -15.89 41.73 -11.76
C GLU D 1015 -16.39 42.72 -12.84
N CYS D 1016 -17.26 42.26 -13.76
CA CYS D 1016 -17.73 43.13 -14.84
C CYS D 1016 -19.19 42.94 -15.20
N ASP D 1017 -19.70 43.87 -15.98
CA ASP D 1017 -21.08 43.81 -16.41
C ASP D 1017 -21.33 42.73 -17.43
N LYS D 1018 -20.37 42.49 -18.34
CA LYS D 1018 -20.47 41.40 -19.31
C LYS D 1018 -19.16 40.66 -19.57
N LEU D 1019 -19.13 39.40 -19.17
CA LEU D 1019 -17.97 38.56 -19.32
C LEU D 1019 -18.28 37.61 -20.44
N TYR D 1020 -17.51 37.72 -21.53
CA TYR D 1020 -17.53 36.74 -22.60
C TYR D 1020 -16.33 35.82 -22.41
N PHE D 1021 -16.60 34.56 -22.10
CA PHE D 1021 -15.54 33.62 -21.95
C PHE D 1021 -15.28 33.12 -23.35
N GLU D 1022 -14.45 33.83 -24.08
CA GLU D 1022 -14.36 33.63 -25.53
C GLU D 1022 -12.95 33.77 -26.16
N GLU D 1023 -12.80 33.33 -27.40
CA GLU D 1023 -11.54 33.46 -28.11
C GLU D 1023 -11.11 34.91 -28.17
N LEU D 1024 -9.79 35.12 -28.09
CA LEU D 1024 -9.21 36.42 -28.30
C LEU D 1024 -8.69 36.47 -29.70
N SER D 1025 -9.57 36.20 -30.67
CA SER D 1025 -9.23 36.33 -32.09
C SER D 1025 -9.83 37.62 -32.67
N LEU D 1026 -9.20 38.15 -33.71
CA LEU D 1026 -9.78 39.24 -34.47
C LEU D 1026 -11.23 38.88 -34.80
N GLU D 1027 -11.43 37.70 -35.37
CA GLU D 1027 -12.76 37.29 -35.72
C GLU D 1027 -13.75 37.51 -34.57
N ARG D 1028 -13.43 36.92 -33.42
CA ARG D 1028 -14.40 36.82 -32.32
C ARG D 1028 -14.52 38.12 -31.52
N ILE D 1029 -13.44 38.86 -31.44
CA ILE D 1029 -13.52 40.20 -30.84
C ILE D 1029 -14.40 41.15 -31.68
N LEU D 1030 -14.26 41.06 -32.99
CA LEU D 1030 -15.07 41.84 -33.87
C LEU D 1030 -16.54 41.45 -33.70
N ASP D 1031 -16.79 40.14 -33.66
CA ASP D 1031 -18.15 39.64 -33.49
C ASP D 1031 -18.74 40.30 -32.24
N ILE D 1032 -18.01 40.25 -31.13
CA ILE D 1032 -18.51 40.77 -29.84
C ILE D 1032 -18.59 42.29 -29.79
N TYR D 1033 -17.54 42.96 -30.22
CA TYR D 1033 -17.53 44.44 -30.24
C TYR D 1033 -18.68 44.97 -31.01
N HIS D 1034 -18.89 44.41 -32.20
CA HIS D 1034 -19.91 44.96 -33.11
C HIS D 1034 -21.29 44.61 -32.67
N GLN D 1035 -21.43 43.48 -31.99
CA GLN D 1035 -22.70 43.04 -31.48
C GLN D 1035 -23.14 43.89 -30.27
N GLU D 1036 -22.19 44.24 -29.42
CA GLU D 1036 -22.45 45.08 -28.27
C GLU D 1036 -22.53 46.55 -28.65
N ALA D 1037 -21.97 46.90 -29.81
CA ALA D 1037 -21.68 48.29 -30.16
C ALA D 1037 -20.96 48.94 -28.98
N CYS D 1038 -19.79 48.37 -28.65
CA CYS D 1038 -19.01 48.86 -27.53
C CYS D 1038 -18.54 50.26 -27.87
N GLY D 1039 -18.38 51.08 -26.84
CA GLY D 1039 -17.87 52.41 -26.97
C GLY D 1039 -16.39 52.46 -27.24
N GLY D 1040 -15.69 51.41 -26.89
CA GLY D 1040 -14.28 51.34 -27.22
C GLY D 1040 -13.72 50.03 -26.70
N CYS D 1041 -12.42 49.87 -26.92
CA CYS D 1041 -11.72 48.68 -26.51
C CYS D 1041 -10.36 49.05 -25.92
N ILE D 1042 -9.99 48.45 -24.77
CA ILE D 1042 -8.66 48.67 -24.19
C ILE D 1042 -7.77 47.47 -24.47
N ILE D 1043 -6.73 47.67 -25.27
CA ILE D 1043 -5.88 46.58 -25.74
C ILE D 1043 -4.51 46.55 -25.14
N SER D 1044 -4.29 47.34 -24.09
CA SER D 1044 -2.95 47.59 -23.54
C SER D 1044 -2.71 47.03 -22.14
N VAL D 1045 -3.65 46.24 -21.64
CA VAL D 1045 -3.49 45.69 -20.28
C VAL D 1045 -3.62 44.17 -20.21
N GLY D 1046 -3.37 43.49 -21.32
CA GLY D 1046 -3.38 42.04 -21.33
C GLY D 1046 -2.24 41.38 -22.08
N GLY D 1047 -1.07 42.00 -22.06
CA GLY D 1047 0.10 41.46 -22.76
C GLY D 1047 0.04 41.49 -24.29
N GLN D 1048 0.74 40.54 -24.89
CA GLN D 1048 0.98 40.46 -26.32
C GLN D 1048 -0.31 40.21 -27.18
N ILE D 1049 -1.10 39.20 -26.86
CA ILE D 1049 -2.28 38.89 -27.67
C ILE D 1049 -3.08 40.15 -28.03
N PRO D 1050 -3.64 40.86 -27.03
CA PRO D 1050 -4.49 42.00 -27.43
C PRO D 1050 -3.72 43.10 -28.16
N ASN D 1051 -2.51 43.35 -27.73
CA ASN D 1051 -1.67 44.34 -28.35
C ASN D 1051 -1.39 44.05 -29.81
N ASN D 1052 -1.21 42.79 -30.18
CA ASN D 1052 -0.98 42.44 -31.58
C ASN D 1052 -2.20 42.60 -32.44
N LEU D 1053 -3.39 42.71 -31.83
CA LEU D 1053 -4.61 42.95 -32.57
C LEU D 1053 -4.86 44.45 -32.82
N ALA D 1054 -4.01 45.30 -32.27
CA ALA D 1054 -4.28 46.74 -32.30
C ALA D 1054 -4.62 47.26 -33.69
N VAL D 1055 -3.75 46.98 -34.64
CA VAL D 1055 -3.93 47.48 -36.02
C VAL D 1055 -5.10 46.80 -36.77
N PRO D 1056 -5.16 45.46 -36.79
CA PRO D 1056 -6.33 44.83 -37.34
C PRO D 1056 -7.65 45.33 -36.78
N LEU D 1057 -7.72 45.58 -35.50
CA LEU D 1057 -8.95 46.10 -34.90
C LEU D 1057 -9.23 47.50 -35.39
N TYR D 1058 -8.22 48.35 -35.30
CA TYR D 1058 -8.33 49.71 -35.78
C TYR D 1058 -8.96 49.72 -37.18
N LYS D 1059 -8.42 48.89 -38.07
CA LYS D 1059 -8.88 48.77 -39.44
C LYS D 1059 -10.27 48.22 -39.64
N ASN D 1060 -10.84 47.60 -38.63
CA ASN D 1060 -12.18 47.08 -38.69
C ASN D 1060 -13.10 47.85 -37.76
N GLY D 1061 -12.92 49.15 -37.73
CA GLY D 1061 -13.88 50.03 -37.09
C GLY D 1061 -13.95 49.97 -35.59
N VAL D 1062 -12.91 49.46 -34.94
CA VAL D 1062 -12.91 49.40 -33.49
C VAL D 1062 -12.24 50.64 -32.97
N LYS D 1063 -12.87 51.28 -32.02
CA LYS D 1063 -12.25 52.37 -31.32
C LYS D 1063 -11.35 51.87 -30.18
N ILE D 1064 -10.06 52.11 -30.37
CA ILE D 1064 -9.03 51.77 -29.45
C ILE D 1064 -8.76 52.93 -28.48
N MET D 1065 -8.77 52.68 -27.18
CA MET D 1065 -8.54 53.74 -26.19
C MET D 1065 -7.06 53.91 -25.91
N GLY D 1066 -6.62 55.15 -25.80
CA GLY D 1066 -5.22 55.44 -25.55
C GLY D 1066 -4.36 55.52 -26.80
N THR D 1067 -3.08 55.18 -26.63
CA THR D 1067 -2.06 55.25 -27.67
C THR D 1067 -2.53 54.61 -28.96
N SER D 1068 -2.45 55.36 -30.03
CA SER D 1068 -2.90 54.92 -31.35
C SER D 1068 -2.21 53.62 -31.78
N PRO D 1069 -2.95 52.75 -32.46
CA PRO D 1069 -2.33 51.58 -33.05
C PRO D 1069 -1.27 51.93 -34.11
N LEU D 1070 -1.41 53.09 -34.74
CA LEU D 1070 -0.42 53.59 -35.70
C LEU D 1070 0.91 53.77 -34.98
N GLN D 1071 0.86 54.25 -33.75
CA GLN D 1071 2.07 54.44 -32.93
C GLN D 1071 2.63 53.12 -32.44
N ILE D 1072 1.76 52.17 -32.13
CA ILE D 1072 2.22 50.85 -31.71
C ILE D 1072 2.91 50.15 -32.87
N ASP D 1073 2.43 50.38 -34.07
CA ASP D 1073 3.07 49.82 -35.23
C ASP D 1073 4.45 50.44 -35.38
N ARG D 1074 4.47 51.77 -35.45
CA ARG D 1074 5.73 52.53 -35.60
C ARG D 1074 6.77 51.99 -34.61
N ALA D 1075 6.36 51.77 -33.36
CA ALA D 1075 7.29 51.34 -32.32
C ALA D 1075 7.74 49.88 -32.40
N GLU D 1076 6.91 48.99 -32.93
CA GLU D 1076 7.33 47.59 -33.12
C GLU D 1076 8.11 47.42 -34.44
N ASP D 1077 8.19 48.47 -35.23
CA ASP D 1077 8.98 48.43 -36.45
C ASP D 1077 10.40 48.84 -36.12
N ARG D 1078 11.28 47.85 -35.97
CA ARG D 1078 12.64 48.10 -35.56
C ARG D 1078 13.33 49.24 -36.34
N SER D 1079 13.04 49.37 -37.64
CA SER D 1079 13.70 50.38 -38.47
C SER D 1079 13.19 51.80 -38.22
N ILE D 1080 11.87 51.91 -38.05
CA ILE D 1080 11.21 53.17 -37.74
C ILE D 1080 11.61 53.63 -36.31
N PHE D 1081 11.55 52.67 -35.40
CA PHE D 1081 11.83 52.94 -34.01
C PHE D 1081 13.26 53.47 -33.85
N SER D 1082 14.19 52.76 -34.46
CA SER D 1082 15.57 53.14 -34.49
C SER D 1082 15.82 54.52 -35.11
N ALA D 1083 15.12 54.82 -36.19
CA ALA D 1083 15.32 56.09 -36.86
C ALA D 1083 14.79 57.23 -36.01
N VAL D 1084 13.65 56.98 -35.36
CA VAL D 1084 13.09 57.92 -34.37
C VAL D 1084 14.12 58.19 -33.28
N LEU D 1085 14.73 57.13 -32.75
CA LEU D 1085 15.74 57.31 -31.72
C LEU D 1085 16.91 58.12 -32.21
N ASP D 1086 17.36 57.88 -33.43
CA ASP D 1086 18.45 58.72 -34.00
C ASP D 1086 18.02 60.16 -34.04
N GLU D 1087 16.81 60.43 -34.50
CA GLU D 1087 16.32 61.79 -34.55
C GLU D 1087 16.37 62.44 -33.17
N LEU D 1088 15.98 61.68 -32.14
CA LEU D 1088 15.88 62.21 -30.78
C LEU D 1088 17.21 62.25 -30.09
N LYS D 1089 18.24 61.76 -30.78
CA LYS D 1089 19.58 61.61 -30.24
C LYS D 1089 19.58 60.66 -29.03
N VAL D 1090 18.88 59.54 -29.12
CA VAL D 1090 18.84 58.60 -28.03
C VAL D 1090 19.62 57.40 -28.46
N ALA D 1091 20.57 56.98 -27.66
CA ALA D 1091 21.49 55.94 -28.09
C ALA D 1091 20.86 54.55 -28.01
N GLN D 1092 21.48 53.63 -28.74
CA GLN D 1092 21.07 52.23 -28.81
C GLN D 1092 22.25 51.41 -29.32
N ALA D 1093 22.21 50.11 -29.11
CA ALA D 1093 23.24 49.24 -29.62
C ALA D 1093 23.19 49.19 -31.15
N PRO D 1094 24.37 49.27 -31.81
CA PRO D 1094 24.48 49.04 -33.24
C PRO D 1094 23.71 47.79 -33.64
N TRP D 1095 22.97 47.86 -34.73
CA TRP D 1095 22.24 46.71 -35.20
C TRP D 1095 22.14 46.73 -36.71
N LYS D 1096 21.76 45.60 -37.31
CA LYS D 1096 21.54 45.53 -38.74
C LYS D 1096 20.75 44.29 -39.15
N ALA D 1097 19.81 44.45 -40.07
CA ALA D 1097 19.15 43.30 -40.72
C ALA D 1097 19.99 42.84 -41.91
N VAL D 1098 20.17 41.52 -42.05
CA VAL D 1098 21.00 40.93 -43.12
C VAL D 1098 20.31 39.70 -43.74
N ASN D 1099 20.65 39.40 -45.01
CA ASN D 1099 20.19 38.14 -45.67
C ASN D 1099 21.34 37.15 -45.95
N THR D 1100 22.58 37.63 -45.86
CA THR D 1100 23.75 36.84 -46.25
C THR D 1100 24.60 36.55 -45.04
N LEU D 1101 25.35 35.46 -45.12
CA LEU D 1101 26.38 35.17 -44.14
C LEU D 1101 27.52 36.22 -44.20
N ASN D 1102 27.86 36.70 -45.39
CA ASN D 1102 28.95 37.68 -45.52
C ASN D 1102 28.60 39.05 -44.94
N GLU D 1103 27.32 39.39 -44.97
CA GLU D 1103 26.85 40.65 -44.36
C GLU D 1103 26.95 40.49 -42.86
N ALA D 1104 26.37 39.41 -42.36
CA ALA D 1104 26.50 39.03 -40.97
C ALA D 1104 27.94 39.18 -40.49
N LEU D 1105 28.84 38.42 -41.09
CA LEU D 1105 30.23 38.36 -40.63
C LEU D 1105 30.91 39.73 -40.73
N GLU D 1106 30.59 40.48 -41.79
CA GLU D 1106 31.11 41.83 -42.00
C GLU D 1106 30.69 42.77 -40.87
N PHE D 1107 29.39 42.72 -40.52
CA PHE D 1107 28.81 43.57 -39.46
C PHE D 1107 29.40 43.21 -38.11
N ALA D 1108 29.32 41.92 -37.77
CA ALA D 1108 29.88 41.41 -36.53
C ALA D 1108 31.35 41.77 -36.39
N LYS D 1109 32.08 41.71 -37.49
CA LYS D 1109 33.47 42.18 -37.50
C LYS D 1109 33.56 43.69 -37.27
N SER D 1110 32.62 44.43 -37.85
CA SER D 1110 32.68 45.90 -37.76
C SER D 1110 32.34 46.45 -36.36
N VAL D 1111 31.64 45.67 -35.54
CA VAL D 1111 31.25 46.11 -34.17
C VAL D 1111 31.88 45.28 -33.05
N ASP D 1112 32.51 44.17 -33.42
CA ASP D 1112 33.09 43.19 -32.49
C ASP D 1112 32.07 42.22 -31.88
N TYR D 1113 32.46 40.95 -31.82
CA TYR D 1113 31.72 39.94 -31.08
C TYR D 1113 31.76 40.27 -29.58
N PRO D 1114 30.73 39.88 -28.83
CA PRO D 1114 29.61 39.05 -29.30
C PRO D 1114 28.47 39.84 -29.93
N CYS D 1115 27.54 39.13 -30.54
CA CYS D 1115 26.38 39.68 -31.22
C CYS D 1115 25.12 38.91 -30.92
N LEU D 1116 24.02 39.61 -30.66
CA LEU D 1116 22.73 38.95 -30.57
C LEU D 1116 22.22 38.66 -31.97
N LEU D 1117 21.33 37.68 -32.04
CA LEU D 1117 20.83 37.19 -33.32
C LEU D 1117 19.35 36.83 -33.22
N ARG D 1118 18.52 37.43 -34.09
CA ARG D 1118 17.09 37.10 -34.19
C ARG D 1118 16.74 36.78 -35.65
N MET D 1128 15.81 33.64 -30.10
CA MET D 1128 16.96 34.51 -29.89
C MET D 1128 18.24 33.74 -29.61
N ASN D 1129 19.39 34.32 -29.91
CA ASN D 1129 20.66 33.61 -29.72
C ASN D 1129 21.88 34.52 -29.82
N VAL D 1130 22.85 34.36 -28.92
CA VAL D 1130 24.09 35.14 -28.92
C VAL D 1130 25.19 34.30 -29.52
N VAL D 1131 26.17 34.92 -30.18
CA VAL D 1131 27.34 34.21 -30.69
C VAL D 1131 28.62 35.02 -30.49
N PHE D 1132 29.72 34.32 -30.20
CA PHE D 1132 30.95 34.97 -29.76
C PHE D 1132 32.07 34.90 -30.75
N SER D 1133 31.83 34.22 -31.88
CA SER D 1133 32.88 33.94 -32.86
C SER D 1133 32.31 33.76 -34.26
N GLU D 1134 33.21 33.89 -35.24
CA GLU D 1134 32.92 33.60 -36.64
C GLU D 1134 32.34 32.21 -36.84
N ASP D 1135 32.89 31.22 -36.13
CA ASP D 1135 32.49 29.84 -36.34
C ASP D 1135 31.15 29.58 -35.68
N GLU D 1136 31.00 30.16 -34.49
CA GLU D 1136 29.79 29.97 -33.71
C GLU D 1136 28.56 30.43 -34.50
N MET D 1137 28.76 31.47 -35.31
CA MET D 1137 27.70 32.05 -36.11
C MET D 1137 27.32 31.16 -37.28
N LYS D 1138 28.30 30.90 -38.15
CA LYS D 1138 28.12 30.05 -39.32
C LYS D 1138 27.24 28.88 -38.96
N LYS D 1139 27.59 28.21 -37.86
CA LYS D 1139 26.88 26.99 -37.46
C LYS D 1139 25.51 27.22 -36.80
N PHE D 1140 25.19 28.46 -36.43
CA PHE D 1140 23.83 28.77 -35.97
C PHE D 1140 22.92 29.02 -37.17
N LEU D 1141 23.39 29.84 -38.11
CA LEU D 1141 22.65 30.18 -39.32
C LEU D 1141 22.21 28.92 -40.09
N GLU D 1142 23.07 27.92 -40.08
CA GLU D 1142 22.74 26.60 -40.59
C GLU D 1142 22.44 25.68 -39.40
N HIS D 1151 14.12 36.06 -46.16
CA HIS D 1151 14.12 35.54 -44.78
C HIS D 1151 15.34 35.99 -43.96
N PRO D 1152 15.34 37.27 -43.55
CA PRO D 1152 16.53 37.93 -43.01
C PRO D 1152 16.70 37.84 -41.49
N VAL D 1153 17.95 37.98 -41.04
CA VAL D 1153 18.30 37.87 -39.64
C VAL D 1153 18.81 39.22 -39.11
N VAL D 1154 18.22 39.66 -38.00
CA VAL D 1154 18.64 40.86 -37.30
C VAL D 1154 19.82 40.57 -36.39
N LEU D 1155 20.83 41.43 -36.48
CA LEU D 1155 22.03 41.33 -35.66
C LEU D 1155 22.17 42.55 -34.80
N THR D 1156 22.53 42.34 -33.53
CA THR D 1156 22.72 43.44 -32.58
C THR D 1156 23.99 43.27 -31.77
N LYS D 1157 24.73 44.36 -31.59
CA LYS D 1157 25.90 44.31 -30.73
C LYS D 1157 25.42 43.96 -29.32
N PHE D 1158 25.95 42.84 -28.80
CA PHE D 1158 25.74 42.45 -27.42
C PHE D 1158 26.72 43.25 -26.56
N VAL D 1159 26.19 44.10 -25.69
CA VAL D 1159 27.03 44.90 -24.80
C VAL D 1159 27.33 44.15 -23.50
N GLU D 1160 28.62 43.89 -23.25
CA GLU D 1160 29.02 43.11 -22.10
C GLU D 1160 29.23 43.99 -20.89
N GLY D 1161 29.05 43.42 -19.71
CA GLY D 1161 29.39 44.10 -18.48
C GLY D 1161 28.48 45.27 -18.23
N ALA D 1162 27.22 45.11 -18.63
CA ALA D 1162 26.28 46.21 -18.60
C ALA D 1162 25.16 45.95 -17.59
N ARG D 1163 24.75 47.02 -16.92
CA ARG D 1163 23.58 46.96 -16.07
C ARG D 1163 22.35 47.02 -16.97
N GLU D 1164 21.22 46.57 -16.45
CA GLU D 1164 19.96 46.68 -17.13
C GLU D 1164 18.96 47.36 -16.23
N VAL D 1165 18.18 48.25 -16.81
CA VAL D 1165 17.26 49.10 -16.07
C VAL D 1165 15.90 49.04 -16.77
N GLU D 1166 14.81 48.98 -15.98
CA GLU D 1166 13.45 49.01 -16.52
C GLU D 1166 12.83 50.34 -16.19
N MET D 1167 12.20 50.96 -17.18
CA MET D 1167 11.38 52.14 -16.94
C MET D 1167 9.92 51.73 -17.14
N ASP D 1168 9.13 51.80 -16.11
CA ASP D 1168 7.70 51.51 -16.24
C ASP D 1168 7.01 52.84 -16.08
N ALA D 1169 6.05 53.12 -16.93
CA ALA D 1169 5.47 54.43 -16.98
C ALA D 1169 4.06 54.50 -17.55
N VAL D 1170 3.41 55.62 -17.27
CA VAL D 1170 2.17 55.97 -17.88
C VAL D 1170 2.32 57.34 -18.55
N GLY D 1171 1.83 57.43 -19.77
CA GLY D 1171 1.82 58.69 -20.53
C GLY D 1171 0.42 59.27 -20.62
N LYS D 1172 0.37 60.58 -20.65
CA LYS D 1172 -0.85 61.31 -20.98
C LYS D 1172 -0.52 62.39 -22.00
N ASP D 1173 -1.09 62.26 -23.20
CA ASP D 1173 -0.80 63.15 -24.32
C ASP D 1173 0.70 63.37 -24.53
N GLY D 1174 1.46 62.29 -24.53
CA GLY D 1174 2.90 62.36 -24.75
C GLY D 1174 3.71 62.79 -23.54
N ARG D 1175 3.10 63.18 -22.42
CA ARG D 1175 3.84 63.46 -21.19
C ARG D 1175 3.77 62.30 -20.23
N VAL D 1176 4.84 62.08 -19.47
CA VAL D 1176 4.94 61.01 -18.47
C VAL D 1176 4.40 61.47 -17.15
N ILE D 1177 3.34 60.86 -16.67
CA ILE D 1177 2.74 61.30 -15.40
C ILE D 1177 2.82 60.24 -14.27
N SER D 1178 3.46 59.10 -14.55
CA SER D 1178 3.86 58.19 -13.50
C SER D 1178 5.01 57.38 -14.04
N HIS D 1179 5.98 57.10 -13.20
CA HIS D 1179 7.09 56.27 -13.64
C HIS D 1179 7.84 55.63 -12.48
N ALA D 1180 8.59 54.58 -12.80
CA ALA D 1180 9.37 53.86 -11.83
C ALA D 1180 10.54 53.15 -12.49
N ILE D 1181 11.71 53.35 -11.93
CA ILE D 1181 12.93 52.76 -12.45
C ILE D 1181 13.50 51.72 -11.49
N SER D 1182 13.72 50.51 -12.02
CA SER D 1182 14.34 49.43 -11.26
C SER D 1182 15.59 48.86 -11.94
N GLU D 1183 16.50 48.35 -11.15
CA GLU D 1183 17.76 47.80 -11.63
C GLU D 1183 17.76 46.28 -11.44
N HIS D 1184 18.22 45.54 -12.43
CA HIS D 1184 18.35 44.11 -12.30
C HIS D 1184 19.57 43.84 -11.45
N VAL D 1185 19.55 42.74 -10.70
CA VAL D 1185 20.76 42.29 -10.03
C VAL D 1185 21.78 41.86 -11.09
N GLU D 1186 21.28 41.13 -12.09
CA GLU D 1186 22.10 40.52 -13.11
C GLU D 1186 22.47 41.56 -14.16
N ASP D 1187 23.61 41.34 -14.79
CA ASP D 1187 24.04 42.12 -15.99
C ASP D 1187 23.10 41.84 -17.20
N ALA D 1188 23.01 42.76 -18.14
CA ALA D 1188 22.26 42.49 -19.37
C ALA D 1188 22.75 41.18 -19.94
N GLY D 1189 21.84 40.40 -20.49
CA GLY D 1189 22.20 39.06 -20.94
C GLY D 1189 21.32 38.03 -20.31
N VAL D 1190 20.92 38.27 -19.07
CA VAL D 1190 19.76 37.59 -18.51
C VAL D 1190 18.51 38.37 -18.86
N HIS D 1191 17.52 37.68 -19.39
CA HIS D 1191 16.26 38.27 -19.81
C HIS D 1191 15.49 38.89 -18.65
N SER D 1192 14.86 40.04 -18.91
CA SER D 1192 14.06 40.81 -17.91
C SER D 1192 13.25 39.98 -16.98
N GLY D 1193 12.50 39.07 -17.57
CA GLY D 1193 11.64 38.19 -16.81
C GLY D 1193 12.32 37.11 -16.01
N ASP D 1194 13.58 36.82 -16.28
CA ASP D 1194 14.33 35.86 -15.44
C ASP D 1194 15.17 36.60 -14.40
N ALA D 1195 15.13 37.94 -14.47
CA ALA D 1195 15.98 38.80 -13.70
C ALA D 1195 15.37 39.04 -12.34
N THR D 1196 16.26 39.36 -11.40
CA THR D 1196 15.87 39.82 -10.09
C THR D 1196 15.92 41.36 -10.08
N LEU D 1197 14.80 41.98 -9.68
CA LEU D 1197 14.65 43.41 -9.77
C LEU D 1197 14.75 44.12 -8.44
N MET D 1198 15.48 45.22 -8.42
CA MET D 1198 15.61 46.03 -7.26
C MET D 1198 14.89 47.33 -7.52
N LEU D 1199 14.13 47.78 -6.54
CA LEU D 1199 13.49 49.08 -6.59
C LEU D 1199 13.62 49.78 -5.22
N PRO D 1200 14.11 51.02 -5.14
CA PRO D 1200 14.68 51.80 -6.23
C PRO D 1200 16.09 51.31 -6.66
N THR D 1201 16.74 52.03 -7.56
CA THR D 1201 18.00 51.56 -8.10
C THR D 1201 19.06 51.64 -7.01
N GLN D 1202 20.14 50.91 -7.22
CA GLN D 1202 21.14 50.70 -6.20
C GLN D 1202 22.52 51.11 -6.60
N THR D 1203 22.93 50.83 -7.83
CA THR D 1203 24.31 51.08 -8.24
C THR D 1203 24.44 51.97 -9.46
N ILE D 1204 23.34 52.57 -9.87
CA ILE D 1204 23.31 53.38 -11.09
C ILE D 1204 23.73 54.80 -10.74
N SER D 1205 24.52 55.42 -11.61
CA SER D 1205 24.92 56.79 -11.45
C SER D 1205 23.72 57.69 -11.56
N GLN D 1206 23.79 58.85 -10.94
CA GLN D 1206 22.66 59.77 -11.04
C GLN D 1206 22.48 60.34 -12.46
N GLY D 1207 23.59 60.50 -13.18
CA GLY D 1207 23.57 60.99 -14.57
C GLY D 1207 22.90 60.00 -15.48
N ALA D 1208 23.14 58.71 -15.27
CA ALA D 1208 22.43 57.69 -16.05
C ALA D 1208 20.91 57.73 -15.82
N ILE D 1209 20.51 58.00 -14.58
CA ILE D 1209 19.10 58.08 -14.28
C ILE D 1209 18.48 59.25 -15.05
N GLU D 1210 19.19 60.37 -15.06
CA GLU D 1210 18.73 61.52 -15.79
C GLU D 1210 18.59 61.15 -17.24
N LYS D 1211 19.56 60.44 -17.81
CA LYS D 1211 19.43 60.03 -19.19
C LYS D 1211 18.27 59.11 -19.39
N VAL D 1212 18.13 58.10 -18.54
CA VAL D 1212 16.97 57.21 -18.63
C VAL D 1212 15.68 58.03 -18.67
N LYS D 1213 15.57 59.01 -17.78
CA LYS D 1213 14.40 59.85 -17.72
C LYS D 1213 14.24 60.67 -18.97
N ASP D 1214 15.35 61.22 -19.48
CA ASP D 1214 15.22 62.14 -20.61
C ASP D 1214 14.82 61.35 -21.84
N ALA D 1215 15.37 60.15 -21.99
CA ALA D 1215 15.02 59.32 -23.12
C ALA D 1215 13.55 58.91 -23.05
N THR D 1216 13.05 58.66 -21.85
CA THR D 1216 11.64 58.35 -21.68
C THR D 1216 10.73 59.50 -21.95
N ARG D 1217 11.12 60.71 -21.59
CA ARG D 1217 10.37 61.92 -21.95
C ARG D 1217 10.22 62.02 -23.47
N LYS D 1218 11.32 61.81 -24.18
CA LYS D 1218 11.29 62.00 -25.64
C LYS D 1218 10.50 60.92 -26.35
N ILE D 1219 10.63 59.70 -25.85
CA ILE D 1219 9.90 58.56 -26.44
C ILE D 1219 8.40 58.69 -26.25
N ALA D 1220 7.96 59.05 -25.06
CA ALA D 1220 6.56 59.30 -24.81
C ALA D 1220 6.01 60.33 -25.73
N LYS D 1221 6.78 61.39 -25.99
CA LYS D 1221 6.32 62.47 -26.85
C LYS D 1221 6.30 62.05 -28.31
N ALA D 1222 7.35 61.36 -28.77
CA ALA D 1222 7.49 60.92 -30.18
C ALA D 1222 6.39 59.96 -30.62
N PHE D 1223 5.87 59.17 -29.68
CA PHE D 1223 4.82 58.21 -29.97
C PHE D 1223 3.47 58.57 -29.35
N ALA D 1224 3.34 59.85 -28.96
CA ALA D 1224 2.11 60.41 -28.40
C ALA D 1224 1.43 59.44 -27.43
N ILE D 1225 2.16 59.01 -26.42
CA ILE D 1225 1.67 57.94 -25.58
C ILE D 1225 0.63 58.44 -24.60
N SER D 1226 -0.50 57.71 -24.55
CA SER D 1226 -1.63 57.97 -23.63
C SER D 1226 -2.05 56.64 -23.07
N GLY D 1227 -1.40 56.23 -22.00
CA GLY D 1227 -1.59 54.89 -21.48
C GLY D 1227 -0.29 54.35 -20.94
N PRO D 1228 -0.28 53.06 -20.64
CA PRO D 1228 0.89 52.43 -20.04
C PRO D 1228 1.93 52.07 -21.08
N PHE D 1229 3.18 52.09 -20.70
CA PHE D 1229 4.27 51.63 -21.54
C PHE D 1229 5.48 51.32 -20.72
N ASN D 1230 6.53 50.85 -21.38
CA ASN D 1230 7.75 50.45 -20.74
C ASN D 1230 8.93 50.55 -21.69
N VAL D 1231 10.11 50.84 -21.16
CA VAL D 1231 11.31 50.97 -21.97
C VAL D 1231 12.42 50.29 -21.23
N GLN D 1232 13.20 49.49 -21.92
CA GLN D 1232 14.26 48.77 -21.28
C GLN D 1232 15.58 49.36 -21.70
N PHE D 1233 16.53 49.47 -20.78
CA PHE D 1233 17.77 50.14 -21.03
C PHE D 1233 18.99 49.30 -20.68
N LEU D 1234 20.06 49.42 -21.46
CA LEU D 1234 21.40 49.06 -21.02
C LEU D 1234 22.05 50.28 -20.42
N VAL D 1235 22.73 50.12 -19.28
CA VAL D 1235 23.51 51.20 -18.66
C VAL D 1235 24.93 50.76 -18.34
N LYS D 1236 25.91 51.54 -18.79
CA LYS D 1236 27.29 51.21 -18.51
C LYS D 1236 27.95 52.51 -18.21
N GLY D 1237 28.01 52.84 -16.92
CA GLY D 1237 28.58 54.10 -16.45
C GLY D 1237 27.60 55.20 -16.66
N ASN D 1238 27.86 56.04 -17.66
CA ASN D 1238 26.91 57.03 -18.12
C ASN D 1238 26.33 56.75 -19.53
N ASP D 1239 26.86 55.76 -20.25
CA ASP D 1239 26.24 55.33 -21.49
C ASP D 1239 24.92 54.66 -21.20
N VAL D 1240 23.84 55.23 -21.73
CA VAL D 1240 22.50 54.71 -21.56
C VAL D 1240 21.96 54.43 -22.94
N LEU D 1241 21.71 53.13 -23.22
CA LEU D 1241 21.21 52.66 -24.51
C LEU D 1241 19.81 52.08 -24.40
N VAL D 1242 18.94 52.37 -25.36
CA VAL D 1242 17.63 51.75 -25.36
C VAL D 1242 17.66 50.40 -26.03
N ILE D 1243 17.07 49.43 -25.35
CA ILE D 1243 16.98 48.07 -25.85
C ILE D 1243 15.70 47.92 -26.62
N GLU D 1244 14.57 48.21 -25.98
CA GLU D 1244 13.28 47.98 -26.56
C GLU D 1244 12.32 48.91 -25.90
N CYS D 1245 11.19 49.13 -26.55
CA CYS D 1245 10.09 49.86 -25.94
C CYS D 1245 8.81 49.06 -26.14
N ASN D 1246 7.97 48.97 -25.14
CA ASN D 1246 6.70 48.27 -25.29
C ASN D 1246 5.58 49.21 -24.97
N LEU D 1247 4.66 49.44 -25.90
CA LEU D 1247 3.60 50.40 -25.70
C LEU D 1247 2.39 49.75 -25.05
N ARG D 1248 2.66 49.15 -23.90
CA ARG D 1248 1.67 48.48 -23.12
C ARG D 1248 2.21 48.24 -21.74
N ALA D 1249 1.35 47.79 -20.85
CA ALA D 1249 1.77 47.35 -19.53
C ALA D 1249 2.78 46.22 -19.65
N SER D 1250 3.87 46.33 -18.87
CA SER D 1250 4.88 45.29 -18.70
C SER D 1250 4.58 44.41 -17.48
N ARG D 1251 5.28 43.30 -17.40
CA ARG D 1251 5.09 42.34 -16.31
C ARG D 1251 5.57 42.87 -14.97
N SER D 1252 6.34 43.94 -14.94
CA SER D 1252 6.72 44.53 -13.64
C SER D 1252 5.76 45.61 -13.15
N PHE D 1253 4.60 45.79 -13.79
CA PHE D 1253 3.67 46.82 -13.35
C PHE D 1253 3.04 46.59 -11.96
N PRO D 1254 2.73 45.34 -11.59
CA PRO D 1254 2.25 45.09 -10.23
C PRO D 1254 3.28 45.39 -9.15
N PHE D 1255 4.51 44.94 -9.39
CA PHE D 1255 5.63 45.07 -8.44
C PHE D 1255 5.79 46.55 -8.11
N VAL D 1256 6.04 47.28 -9.17
CA VAL D 1256 6.19 48.70 -9.12
C VAL D 1256 5.01 49.39 -8.50
N SER D 1257 3.78 48.98 -8.84
CA SER D 1257 2.58 49.70 -8.38
C SER D 1257 2.40 49.52 -6.90
N LYS D 1258 2.52 48.29 -6.45
CA LYS D 1258 2.33 48.00 -5.06
C LYS D 1258 3.46 48.54 -4.26
N THR D 1259 4.67 48.39 -4.77
CA THR D 1259 5.82 48.92 -4.05
C THR D 1259 5.70 50.44 -3.82
N LEU D 1260 5.32 51.18 -4.83
CA LEU D 1260 5.24 52.64 -4.65
C LEU D 1260 3.91 53.11 -4.10
N GLY D 1261 2.97 52.19 -3.86
CA GLY D 1261 1.63 52.56 -3.42
C GLY D 1261 0.85 53.43 -4.42
N VAL D 1262 0.96 53.12 -5.71
CA VAL D 1262 0.22 53.82 -6.76
C VAL D 1262 -0.16 52.86 -7.87
N ASP D 1263 -1.45 52.70 -8.13
CA ASP D 1263 -1.92 51.80 -9.14
C ASP D 1263 -1.71 52.47 -10.51
N PHE D 1264 -0.60 52.08 -11.14
CA PHE D 1264 -0.23 52.61 -12.46
C PHE D 1264 -1.33 52.34 -13.48
N ILE D 1265 -1.99 51.19 -13.35
CA ILE D 1265 -3.09 50.86 -14.27
C ILE D 1265 -4.35 51.64 -13.99
N ASP D 1266 -4.66 51.90 -12.74
CA ASP D 1266 -5.73 52.85 -12.43
C ASP D 1266 -5.47 54.21 -13.07
N VAL D 1267 -4.28 54.72 -12.92
CA VAL D 1267 -3.93 55.99 -13.54
C VAL D 1267 -4.07 55.92 -15.08
N ALA D 1268 -3.54 54.85 -15.65
CA ALA D 1268 -3.49 54.70 -17.07
C ALA D 1268 -4.88 54.55 -17.64
N THR D 1269 -5.71 53.78 -16.93
CA THR D 1269 -7.09 53.60 -17.38
C THR D 1269 -7.85 54.92 -17.43
N LYS D 1270 -7.65 55.77 -16.44
CA LYS D 1270 -8.28 57.10 -16.41
C LYS D 1270 -7.82 58.03 -17.57
N VAL D 1271 -6.53 58.03 -17.84
CA VAL D 1271 -6.01 58.69 -19.02
C VAL D 1271 -6.68 58.19 -20.31
N MET D 1272 -6.78 56.88 -20.47
CA MET D 1272 -7.26 56.29 -21.71
C MET D 1272 -8.74 56.58 -21.98
N ILE D 1273 -9.55 56.75 -20.94
CA ILE D 1273 -10.93 57.11 -21.16
C ILE D 1273 -11.25 58.61 -20.90
N GLY D 1274 -10.22 59.43 -20.75
CA GLY D 1274 -10.41 60.85 -20.53
C GLY D 1274 -10.86 61.28 -19.14
N GLU D 1275 -10.83 60.41 -18.16
CA GLU D 1275 -11.12 60.84 -16.81
C GLU D 1275 -10.01 61.75 -16.29
N ASN D 1276 -10.34 62.65 -15.37
CA ASN D 1276 -9.36 63.52 -14.71
C ASN D 1276 -8.38 62.77 -13.88
N VAL D 1277 -7.22 63.39 -13.70
CA VAL D 1277 -6.13 62.84 -12.94
C VAL D 1277 -5.32 63.94 -12.23
N ASP D 1278 -5.26 63.88 -10.89
CA ASP D 1278 -4.40 64.79 -10.12
C ASP D 1278 -2.95 64.27 -10.14
N GLU D 1279 -2.06 65.01 -10.80
CA GLU D 1279 -0.66 64.61 -10.96
C GLU D 1279 0.23 65.06 -9.81
N LYS D 1280 -0.34 65.77 -8.85
CA LYS D 1280 0.42 66.34 -7.75
C LYS D 1280 1.13 65.26 -6.99
N HIS D 1281 0.39 64.23 -6.61
CA HIS D 1281 0.95 63.12 -5.86
C HIS D 1281 1.37 61.89 -6.68
N LEU D 1282 1.46 62.01 -7.98
CA LEU D 1282 1.93 60.90 -8.77
C LEU D 1282 3.43 61.03 -8.99
N PRO D 1283 4.10 59.92 -9.26
CA PRO D 1283 5.54 59.95 -9.57
C PRO D 1283 5.83 60.41 -11.00
N THR D 1284 5.67 61.70 -11.27
CA THR D 1284 5.97 62.24 -12.60
C THR D 1284 7.50 62.27 -12.78
N LEU D 1285 7.97 62.57 -13.99
CA LEU D 1285 9.44 62.65 -14.21
C LEU D 1285 10.04 63.71 -13.33
N ASP D 1286 9.27 64.77 -13.05
CA ASP D 1286 9.77 65.88 -12.25
C ASP D 1286 9.73 65.61 -10.74
N HIS D 1287 8.77 64.83 -10.25
CA HIS D 1287 8.78 64.46 -8.84
C HIS D 1287 8.56 62.96 -8.61
N PRO D 1288 9.63 62.18 -8.79
CA PRO D 1288 9.53 60.72 -8.66
C PRO D 1288 9.15 60.38 -7.24
N ILE D 1289 8.63 59.18 -7.03
CA ILE D 1289 8.47 58.64 -5.70
C ILE D 1289 9.55 57.61 -5.59
N ILE D 1290 10.44 57.81 -4.62
CA ILE D 1290 11.58 56.94 -4.37
C ILE D 1290 11.53 56.51 -2.91
N PRO D 1291 11.27 55.22 -2.63
CA PRO D 1291 11.31 54.75 -1.27
C PRO D 1291 12.64 55.08 -0.61
N ALA D 1292 12.57 55.69 0.58
CA ALA D 1292 13.76 56.02 1.36
C ALA D 1292 14.00 54.96 2.43
N ASP D 1293 12.94 54.51 3.08
CA ASP D 1293 13.11 53.71 4.29
C ASP D 1293 13.05 52.23 4.07
N TYR D 1294 12.88 51.83 2.81
CA TYR D 1294 12.78 50.41 2.47
C TYR D 1294 13.14 50.16 1.02
N VAL D 1295 13.44 48.90 0.70
CA VAL D 1295 13.66 48.46 -0.69
C VAL D 1295 12.82 47.23 -0.97
N ALA D 1296 12.52 47.06 -2.26
CA ALA D 1296 11.70 46.00 -2.80
C ALA D 1296 12.56 45.18 -3.75
N ILE D 1297 12.41 43.87 -3.65
CA ILE D 1297 13.05 42.93 -4.52
C ILE D 1297 12.08 41.91 -5.10
N LYS D 1298 12.09 41.77 -6.42
CA LYS D 1298 11.36 40.75 -7.14
C LYS D 1298 12.33 39.65 -7.62
N ALA D 1299 12.00 38.39 -7.29
CA ALA D 1299 12.76 37.21 -7.70
C ALA D 1299 11.92 36.32 -8.61
N PRO D 1300 12.56 35.73 -9.63
CA PRO D 1300 11.91 34.80 -10.50
C PRO D 1300 11.83 33.41 -9.89
N MET D 1301 10.77 32.70 -10.28
CA MET D 1301 10.45 31.33 -9.95
C MET D 1301 10.72 30.43 -11.17
N PHE D 1302 11.11 29.20 -10.94
CA PHE D 1302 11.47 28.32 -12.01
C PHE D 1302 10.80 27.00 -11.72
N SER D 1303 10.68 26.16 -12.74
CA SER D 1303 10.09 24.86 -12.55
C SER D 1303 11.05 23.82 -13.15
N TRP D 1304 12.30 23.86 -12.71
CA TRP D 1304 13.30 22.94 -13.22
C TRP D 1304 13.01 21.50 -12.87
N PRO D 1305 12.60 21.21 -11.62
CA PRO D 1305 12.42 19.76 -11.40
C PRO D 1305 11.40 19.15 -12.38
N ARG D 1306 10.33 19.86 -12.70
CA ARG D 1306 9.31 19.32 -13.60
C ARG D 1306 9.69 19.33 -15.08
N LEU D 1307 10.67 20.12 -15.47
CA LEU D 1307 11.18 20.08 -16.83
C LEU D 1307 12.32 19.07 -16.89
N ARG D 1308 11.95 17.80 -16.85
CA ARG D 1308 12.92 16.72 -16.79
C ARG D 1308 14.08 16.91 -17.80
N ASP D 1309 15.31 16.77 -17.29
CA ASP D 1309 16.56 16.90 -18.05
C ASP D 1309 16.87 18.31 -18.61
N ALA D 1310 15.99 19.28 -18.38
CA ALA D 1310 16.30 20.63 -18.79
C ALA D 1310 17.61 21.15 -18.13
N ASP D 1311 18.43 21.86 -18.91
CA ASP D 1311 19.61 22.51 -18.40
C ASP D 1311 19.13 23.77 -17.64
N PRO D 1312 19.36 23.82 -16.31
CA PRO D 1312 18.78 24.91 -15.51
C PRO D 1312 19.65 26.14 -15.52
N ILE D 1313 19.65 26.85 -16.64
CA ILE D 1313 20.65 27.86 -16.89
C ILE D 1313 19.97 28.90 -17.76
N LEU D 1314 20.22 30.16 -17.47
CA LEU D 1314 19.52 31.25 -18.10
C LEU D 1314 20.11 31.60 -19.45
N ARG D 1315 19.25 31.61 -20.47
CA ARG D 1315 19.61 32.02 -21.82
C ARG D 1315 19.08 33.44 -22.14
N CYS D 1316 19.08 33.83 -23.40
CA CYS D 1316 18.43 35.10 -23.79
C CYS D 1316 16.92 34.91 -23.97
N GLU D 1317 16.51 33.68 -24.29
CA GLU D 1317 15.13 33.25 -24.14
C GLU D 1317 14.86 32.99 -22.68
N MET D 1318 13.65 33.35 -22.27
CA MET D 1318 13.23 33.34 -20.91
C MET D 1318 12.70 31.96 -20.42
N ALA D 1319 12.91 31.65 -19.14
CA ALA D 1319 12.56 30.32 -18.58
C ALA D 1319 11.75 30.33 -17.25
N SER D 1320 11.56 31.48 -16.63
CA SER D 1320 10.91 31.48 -15.34
C SER D 1320 9.40 31.36 -15.49
N THR D 1321 8.75 30.82 -14.45
CA THR D 1321 7.35 30.45 -14.49
C THR D 1321 6.49 31.23 -13.50
N GLY D 1322 7.08 32.23 -12.85
CA GLY D 1322 6.36 33.06 -11.90
C GLY D 1322 7.33 33.97 -11.16
N GLU D 1323 6.81 34.69 -10.19
CA GLU D 1323 7.60 35.68 -9.51
C GLU D 1323 7.16 35.79 -8.07
N VAL D 1324 8.08 36.16 -7.18
CA VAL D 1324 7.76 36.62 -5.87
C VAL D 1324 8.42 37.95 -5.61
N ALA D 1325 7.93 38.65 -4.60
CA ALA D 1325 8.60 39.86 -4.11
C ALA D 1325 8.46 40.01 -2.60
N CYS D 1326 9.52 40.52 -1.97
CA CYS D 1326 9.59 40.83 -0.58
C CYS D 1326 10.30 42.17 -0.37
N PHE D 1327 10.23 42.65 0.87
CA PHE D 1327 10.61 44.00 1.24
C PHE D 1327 11.53 43.94 2.45
N GLY D 1328 12.33 44.96 2.61
CA GLY D 1328 13.29 45.01 3.71
C GLY D 1328 13.85 46.39 3.93
N GLU D 1329 14.43 46.60 5.10
CA GLU D 1329 15.06 47.89 5.40
C GLU D 1329 16.19 48.11 4.39
N GLY D 1330 16.82 47.01 3.96
CA GLY D 1330 17.88 47.05 2.97
C GLY D 1330 17.83 45.87 2.03
N ILE D 1331 18.80 45.83 1.13
CA ILE D 1331 18.76 44.88 0.02
C ILE D 1331 18.99 43.48 0.52
N HIS D 1332 19.89 43.32 1.45
CA HIS D 1332 20.23 41.97 1.91
C HIS D 1332 19.06 41.23 2.50
N THR D 1333 18.35 41.92 3.37
CA THR D 1333 17.15 41.37 3.96
C THR D 1333 16.04 41.03 2.98
N ALA D 1334 15.78 41.99 2.12
CA ALA D 1334 14.74 41.87 1.12
C ALA D 1334 15.08 40.73 0.16
N PHE D 1335 16.37 40.67 -0.21
CA PHE D 1335 16.84 39.65 -1.11
C PHE D 1335 16.69 38.27 -0.49
N LEU D 1336 17.09 38.11 0.77
CA LEU D 1336 16.98 36.79 1.39
C LEU D 1336 15.54 36.38 1.50
N LYS D 1337 14.66 37.33 1.81
CA LYS D 1337 13.23 36.99 1.88
C LYS D 1337 12.65 36.58 0.52
N ALA D 1338 13.01 37.33 -0.53
CA ALA D 1338 12.61 36.98 -1.87
C ALA D 1338 13.11 35.58 -2.28
N MET D 1339 14.38 35.30 -2.06
CA MET D 1339 14.93 34.01 -2.39
C MET D 1339 14.26 32.87 -1.61
N LEU D 1340 14.09 32.99 -0.30
CA LEU D 1340 13.33 32.01 0.47
C LEU D 1340 11.92 31.81 -0.11
N SER D 1341 11.28 32.90 -0.55
CA SER D 1341 9.96 32.78 -1.14
C SER D 1341 9.94 31.96 -2.41
N THR D 1342 11.10 31.78 -3.06
CA THR D 1342 11.16 30.96 -4.26
C THR D 1342 11.40 29.51 -3.96
N GLY D 1343 11.59 29.12 -2.69
CA GLY D 1343 11.89 27.73 -2.34
C GLY D 1343 13.36 27.53 -2.05
N PHE D 1344 14.18 28.54 -2.34
CA PHE D 1344 15.61 28.48 -2.08
C PHE D 1344 15.81 28.27 -0.61
N LYS D 1345 16.75 27.40 -0.25
CA LYS D 1345 16.95 27.03 1.15
C LYS D 1345 18.39 27.32 1.57
N ILE D 1346 18.58 28.08 2.63
CA ILE D 1346 19.92 28.56 2.98
C ILE D 1346 20.73 27.38 3.39
N PRO D 1347 21.93 27.19 2.77
CA PRO D 1347 22.69 25.98 3.04
C PRO D 1347 23.12 25.95 4.50
N GLN D 1348 23.05 24.76 5.10
CA GLN D 1348 23.57 24.53 6.44
C GLN D 1348 24.85 23.72 6.42
N LYS D 1349 25.30 23.29 5.24
CA LYS D 1349 26.38 22.33 5.13
C LYS D 1349 27.44 22.89 4.19
N GLY D 1350 27.94 22.07 3.28
CA GLY D 1350 28.98 22.50 2.38
C GLY D 1350 28.39 23.07 1.10
N ILE D 1351 29.21 23.85 0.41
CA ILE D 1351 28.86 24.49 -0.83
C ILE D 1351 29.84 23.98 -1.88
N LEU D 1352 29.31 23.58 -3.02
CA LEU D 1352 30.14 23.14 -4.15
C LEU D 1352 30.30 24.33 -5.08
N ILE D 1353 31.54 24.62 -5.46
CA ILE D 1353 31.89 25.73 -6.34
C ILE D 1353 32.63 25.24 -7.58
N GLY D 1354 32.11 25.57 -8.74
CA GLY D 1354 32.79 25.30 -9.99
C GLY D 1354 32.54 26.51 -10.85
N ILE D 1355 33.59 27.17 -11.32
CA ILE D 1355 33.44 28.37 -12.14
C ILE D 1355 34.37 28.40 -13.35
N GLN D 1356 33.90 29.01 -14.43
CA GLN D 1356 34.74 29.18 -15.60
C GLN D 1356 35.89 30.11 -15.21
N GLN D 1357 37.05 29.81 -15.75
CA GLN D 1357 38.28 30.50 -15.41
C GLN D 1357 38.15 32.02 -15.38
N SER D 1358 37.42 32.60 -16.32
CA SER D 1358 37.40 34.02 -16.40
C SER D 1358 36.68 34.66 -15.22
N PHE D 1359 35.86 33.92 -14.47
CA PHE D 1359 35.22 34.50 -13.29
C PHE D 1359 36.13 34.65 -12.07
N ARG D 1360 37.36 34.14 -12.14
CA ARG D 1360 38.24 34.10 -10.94
C ARG D 1360 38.58 35.43 -10.26
N PRO D 1361 39.05 36.42 -11.02
CA PRO D 1361 39.29 37.72 -10.40
C PRO D 1361 38.10 38.22 -9.58
N ARG D 1362 36.90 38.25 -10.14
CA ARG D 1362 35.72 38.68 -9.36
C ARG D 1362 35.24 37.67 -8.30
N PHE D 1363 35.49 36.39 -8.49
CA PHE D 1363 34.92 35.43 -7.57
C PHE D 1363 35.73 35.25 -6.29
N LEU D 1364 37.03 35.53 -6.34
CA LEU D 1364 37.90 35.31 -5.19
C LEU D 1364 37.27 35.84 -3.91
N GLY D 1365 36.79 37.08 -3.94
CA GLY D 1365 36.19 37.68 -2.77
C GLY D 1365 34.87 37.07 -2.34
N VAL D 1366 34.07 36.62 -3.31
CA VAL D 1366 32.86 35.91 -2.99
C VAL D 1366 33.23 34.64 -2.21
N ALA D 1367 34.30 33.99 -2.62
CA ALA D 1367 34.70 32.72 -1.99
C ALA D 1367 35.29 32.92 -0.61
N GLU D 1368 36.08 33.97 -0.45
CA GLU D 1368 36.66 34.25 0.84
C GLU D 1368 35.56 34.55 1.81
N GLN D 1369 34.56 35.27 1.33
CA GLN D 1369 33.43 35.65 2.13
C GLN D 1369 32.61 34.42 2.59
N LEU D 1370 32.31 33.52 1.67
CA LEU D 1370 31.61 32.31 2.04
C LEU D 1370 32.43 31.54 3.06
N HIS D 1371 33.75 31.50 2.87
CA HIS D 1371 34.67 30.80 3.81
C HIS D 1371 34.67 31.46 5.19
N ASN D 1372 34.72 32.78 5.22
CA ASN D 1372 34.70 33.48 6.48
C ASN D 1372 33.39 33.36 7.21
N GLU D 1373 32.30 33.08 6.50
CA GLU D 1373 31.03 32.80 7.15
C GLU D 1373 30.93 31.38 7.65
N GLY D 1374 31.94 30.55 7.41
CA GLY D 1374 31.96 29.20 7.99
C GLY D 1374 31.49 28.05 7.10
N PHE D 1375 31.24 28.33 5.83
CA PHE D 1375 30.86 27.27 4.93
C PHE D 1375 32.05 26.50 4.48
N LYS D 1376 32.00 25.19 4.63
CA LYS D 1376 32.97 24.29 4.06
C LYS D 1376 32.83 24.29 2.55
N LEU D 1377 33.94 24.40 1.85
CA LEU D 1377 33.87 24.56 0.41
C LEU D 1377 34.32 23.31 -0.33
N PHE D 1378 33.49 22.84 -1.27
CA PHE D 1378 33.94 21.84 -2.25
C PHE D 1378 34.07 22.47 -3.64
N ALA D 1379 34.94 21.90 -4.47
CA ALA D 1379 35.14 22.44 -5.80
C ALA D 1379 35.67 21.45 -6.84
N THR D 1380 35.31 21.70 -8.09
CA THR D 1380 35.82 20.97 -9.24
C THR D 1380 37.32 21.23 -9.40
N GLU D 1381 38.00 20.36 -10.16
CA GLU D 1381 39.48 20.24 -10.15
C GLU D 1381 40.27 21.56 -10.13
N ALA D 1382 40.14 22.33 -11.21
CA ALA D 1382 40.92 23.55 -11.38
C ALA D 1382 40.52 24.62 -10.37
N THR D 1383 39.23 24.74 -10.09
CA THR D 1383 38.72 25.69 -9.14
C THR D 1383 39.21 25.41 -7.76
N SER D 1384 39.34 24.14 -7.37
CA SER D 1384 39.86 23.77 -6.08
C SER D 1384 41.36 24.11 -5.96
N ASP D 1385 42.16 23.75 -6.95
CA ASP D 1385 43.58 24.16 -6.95
C ASP D 1385 43.68 25.64 -6.76
N TRP D 1386 42.86 26.39 -7.45
CA TRP D 1386 42.94 27.85 -7.45
C TRP D 1386 42.54 28.43 -6.12
N LEU D 1387 41.44 27.96 -5.56
CA LEU D 1387 41.06 28.40 -4.21
C LEU D 1387 42.19 28.13 -3.19
N ASN D 1388 42.71 26.91 -3.18
CA ASN D 1388 43.77 26.58 -2.24
C ASN D 1388 45.02 27.43 -2.49
N ALA D 1389 45.34 27.70 -3.74
CA ALA D 1389 46.51 28.52 -4.05
C ALA D 1389 46.33 29.94 -3.51
N ASN D 1390 45.07 30.33 -3.29
CA ASN D 1390 44.76 31.62 -2.68
C ASN D 1390 44.41 31.53 -1.21
N ASN D 1391 44.83 30.44 -0.55
CA ASN D 1391 44.55 30.20 0.86
C ASN D 1391 43.08 30.27 1.23
N VAL D 1392 42.22 29.75 0.37
CA VAL D 1392 40.82 29.52 0.72
C VAL D 1392 40.67 28.02 0.67
N PRO D 1393 40.43 27.37 1.82
CA PRO D 1393 40.42 25.88 1.77
C PRO D 1393 39.25 25.32 0.97
N ALA D 1394 39.57 24.41 0.06
CA ALA D 1394 38.53 23.68 -0.67
C ALA D 1394 38.93 22.24 -0.79
N THR D 1395 37.94 21.34 -0.69
CA THR D 1395 38.11 19.93 -0.99
C THR D 1395 37.76 19.64 -2.46
N PRO D 1396 38.73 19.11 -3.22
CA PRO D 1396 38.39 18.84 -4.61
C PRO D 1396 37.41 17.68 -4.75
N VAL D 1397 36.65 17.67 -5.83
CA VAL D 1397 35.73 16.59 -6.14
C VAL D 1397 35.92 16.16 -7.60
N ALA D 1398 35.35 15.02 -7.92
CA ALA D 1398 35.56 14.39 -9.19
C ALA D 1398 34.55 14.92 -10.17
N TRP D 1399 34.92 14.94 -11.42
CA TRP D 1399 33.93 15.19 -12.46
C TRP D 1399 33.05 13.95 -12.55
N PRO D 1400 31.73 14.11 -12.82
CA PRO D 1400 30.85 13.00 -13.07
C PRO D 1400 31.31 12.05 -14.17
N SER D 1401 31.86 12.61 -15.23
CA SER D 1401 32.39 11.80 -16.32
C SER D 1401 33.61 10.97 -15.94
N GLN D 1402 34.12 11.12 -14.71
CA GLN D 1402 35.36 10.48 -14.31
C GLN D 1402 35.28 9.83 -12.92
N GLU D 1403 34.11 9.27 -12.59
CA GLU D 1403 33.89 8.70 -11.28
C GLU D 1403 34.46 7.30 -11.20
N GLY D 1404 35.49 7.13 -10.38
CA GLY D 1404 36.21 5.86 -10.23
C GLY D 1404 37.65 5.97 -10.68
N GLN D 1405 37.96 7.00 -11.43
CA GLN D 1405 39.28 7.10 -12.00
C GLN D 1405 40.30 7.70 -11.04
N ASN D 1406 39.85 8.12 -9.87
CA ASN D 1406 40.74 8.60 -8.83
C ASN D 1406 40.15 8.38 -7.45
N PRO D 1407 40.72 7.45 -6.66
CA PRO D 1407 40.07 7.08 -5.40
C PRO D 1407 40.28 8.13 -4.29
N SER D 1408 41.12 9.10 -4.53
CA SER D 1408 41.26 10.17 -3.59
C SER D 1408 40.07 11.17 -3.66
N LEU D 1409 39.26 11.10 -4.71
CA LEU D 1409 38.17 12.08 -4.88
C LEU D 1409 36.79 11.51 -4.72
N SER D 1410 35.92 12.19 -3.97
CA SER D 1410 34.51 11.79 -3.79
C SER D 1410 33.65 12.23 -4.98
N SER D 1411 32.59 11.48 -5.26
CA SER D 1411 31.65 11.87 -6.28
C SER D 1411 30.68 12.87 -5.66
N ILE D 1412 30.18 13.74 -6.52
CA ILE D 1412 29.32 14.81 -6.12
C ILE D 1412 27.97 14.27 -5.72
N ARG D 1413 27.46 13.33 -6.53
CA ARG D 1413 26.19 12.64 -6.22
C ARG D 1413 26.21 12.11 -4.79
N LYS D 1414 27.32 11.49 -4.43
CA LYS D 1414 27.48 10.90 -3.13
C LYS D 1414 27.56 11.99 -2.03
N LEU D 1415 28.27 13.09 -2.30
CA LEU D 1415 28.37 14.13 -1.31
C LEU D 1415 27.03 14.79 -1.12
N ILE D 1416 26.22 14.86 -2.17
CA ILE D 1416 24.90 15.46 -2.03
C ILE D 1416 24.01 14.54 -1.25
N ARG D 1417 23.90 13.30 -1.69
CA ARG D 1417 23.17 12.22 -1.01
C ARG D 1417 23.52 12.07 0.45
N ASP D 1418 24.79 12.11 0.78
CA ASP D 1418 25.24 12.05 2.17
C ASP D 1418 24.87 13.26 2.99
N GLY D 1419 24.55 14.38 2.34
CA GLY D 1419 24.25 15.62 3.02
C GLY D 1419 25.44 16.52 3.26
N SER D 1420 26.58 16.23 2.65
CA SER D 1420 27.75 17.10 2.82
C SER D 1420 27.63 18.40 2.03
N ILE D 1421 26.88 18.37 0.95
CA ILE D 1421 26.74 19.51 0.07
C ILE D 1421 25.27 19.91 0.01
N ASP D 1422 24.91 21.13 0.35
CA ASP D 1422 23.53 21.56 0.14
C ASP D 1422 23.37 22.91 -0.55
N LEU D 1423 24.37 23.30 -1.32
CA LEU D 1423 24.23 24.39 -2.28
C LEU D 1423 25.25 24.17 -3.36
N VAL D 1424 24.85 24.39 -4.59
CA VAL D 1424 25.79 24.29 -5.69
C VAL D 1424 25.87 25.63 -6.39
N ILE D 1425 27.11 26.04 -6.66
CA ILE D 1425 27.43 27.21 -7.43
C ILE D 1425 28.16 26.76 -8.67
N ASN D 1426 27.53 26.96 -9.82
CA ASN D 1426 28.09 26.60 -11.09
C ASN D 1426 28.00 27.79 -12.05
N LEU D 1427 29.14 28.32 -12.47
CA LEU D 1427 29.16 29.52 -13.33
C LEU D 1427 29.85 29.25 -14.65
N PRO D 1428 29.09 28.77 -15.62
CA PRO D 1428 29.67 28.58 -16.92
C PRO D 1428 29.55 29.85 -17.73
N ASN D 1429 30.29 29.88 -18.82
CA ASN D 1429 30.12 30.91 -19.83
C ASN D 1429 30.46 30.24 -21.16
N ASN D 1430 30.59 31.02 -22.21
CA ASN D 1430 30.86 30.56 -23.56
C ASN D 1430 32.17 29.81 -23.70
N ASN D 1431 33.14 30.08 -22.85
CA ASN D 1431 34.41 29.36 -22.91
C ASN D 1431 34.53 28.16 -21.99
N THR D 1432 33.43 27.76 -21.38
CA THR D 1432 33.42 26.59 -20.55
C THR D 1432 33.97 25.38 -21.34
N LYS D 1433 34.90 24.64 -20.76
CA LYS D 1433 35.47 23.46 -21.42
C LYS D 1433 34.68 22.20 -21.19
N PHE D 1434 34.24 21.99 -19.98
CA PHE D 1434 33.51 20.78 -19.65
C PHE D 1434 32.00 21.05 -19.67
N VAL D 1435 31.45 21.11 -20.87
CA VAL D 1435 30.07 21.56 -21.03
C VAL D 1435 29.07 20.56 -20.53
N HIS D 1436 29.23 19.32 -20.97
CA HIS D 1436 28.40 18.24 -20.46
C HIS D 1436 28.54 17.98 -18.95
N ASP D 1437 29.78 17.90 -18.46
CA ASP D 1437 30.03 17.60 -17.07
C ASP D 1437 29.37 18.63 -16.17
N ASN D 1438 29.51 19.90 -16.52
CA ASN D 1438 28.91 20.99 -15.74
C ASN D 1438 27.39 21.05 -15.85
N TYR D 1439 26.84 20.68 -17.03
CA TYR D 1439 25.42 20.39 -17.16
C TYR D 1439 25.03 19.31 -16.16
N VAL D 1440 25.77 18.22 -16.10
CA VAL D 1440 25.37 17.16 -15.20
C VAL D 1440 25.42 17.64 -13.76
N ILE D 1441 26.45 18.39 -13.39
CA ILE D 1441 26.46 18.93 -12.03
C ILE D 1441 25.19 19.77 -11.76
N ARG D 1442 24.88 20.70 -12.64
CA ARG D 1442 23.72 21.56 -12.45
C ARG D 1442 22.44 20.71 -12.33
N ARG D 1443 22.25 19.76 -13.23
CA ARG D 1443 21.03 18.98 -13.20
C ARG D 1443 20.96 18.04 -11.96
N THR D 1444 22.09 17.57 -11.50
CA THR D 1444 22.14 16.77 -10.28
C THR D 1444 21.60 17.54 -9.08
N ALA D 1445 21.92 18.83 -8.98
CA ALA D 1445 21.46 19.62 -7.86
C ALA D 1445 19.96 19.72 -7.95
N VAL D 1446 19.45 20.00 -9.14
CA VAL D 1446 18.01 20.18 -9.29
C VAL D 1446 17.30 18.91 -8.88
N ASP D 1447 17.72 17.79 -9.41
CA ASP D 1447 17.06 16.52 -9.18
C ASP D 1447 17.29 15.96 -7.81
N SER D 1448 18.23 16.52 -7.07
CA SER D 1448 18.45 16.12 -5.66
C SER D 1448 17.73 17.07 -4.73
N GLY D 1449 17.11 18.08 -5.32
CA GLY D 1449 16.39 19.09 -4.58
C GLY D 1449 17.24 19.97 -3.72
N ILE D 1450 18.45 20.30 -4.15
CA ILE D 1450 19.21 21.36 -3.44
C ILE D 1450 19.36 22.59 -4.30
N PRO D 1451 19.50 23.76 -3.68
CA PRO D 1451 19.55 24.93 -4.47
C PRO D 1451 20.79 25.03 -5.32
N LEU D 1452 20.62 25.69 -6.46
CA LEU D 1452 21.65 25.90 -7.46
C LEU D 1452 21.74 27.39 -7.82
N LEU D 1453 22.96 27.93 -7.84
CA LEU D 1453 23.17 29.30 -8.32
C LEU D 1453 24.02 29.22 -9.56
N THR D 1454 23.57 29.81 -10.65
CA THR D 1454 24.35 29.82 -11.89
C THR D 1454 24.68 31.20 -12.46
N ASN D 1455 24.36 32.25 -11.72
CA ASN D 1455 24.64 33.61 -12.12
C ASN D 1455 25.54 34.32 -11.12
N PHE D 1456 26.60 34.95 -11.61
CA PHE D 1456 27.61 35.50 -10.70
C PHE D 1456 27.04 36.55 -9.78
N GLN D 1457 26.20 37.42 -10.33
CA GLN D 1457 25.76 38.58 -9.55
C GLN D 1457 24.88 38.14 -8.42
N VAL D 1458 24.03 37.19 -8.74
CA VAL D 1458 23.12 36.63 -7.74
C VAL D 1458 23.94 35.94 -6.65
N THR D 1459 25.03 35.33 -7.06
CA THR D 1459 25.88 34.55 -6.17
C THR D 1459 26.67 35.46 -5.23
N LYS D 1460 27.12 36.57 -5.78
CA LYS D 1460 27.79 37.61 -5.01
C LYS D 1460 26.87 38.17 -3.95
N LEU D 1461 25.68 38.58 -4.39
CA LEU D 1461 24.70 39.16 -3.52
C LEU D 1461 24.26 38.18 -2.43
N PHE D 1462 24.11 36.91 -2.78
CA PHE D 1462 23.85 35.89 -1.75
C PHE D 1462 24.90 35.82 -0.66
N ALA D 1463 26.16 35.64 -1.06
CA ALA D 1463 27.29 35.67 -0.15
C ALA D 1463 27.30 36.90 0.72
N GLU D 1464 27.02 38.05 0.17
CA GLU D 1464 27.00 39.26 0.97
C GLU D 1464 25.87 39.23 1.97
N ALA D 1465 24.73 38.67 1.58
CA ALA D 1465 23.52 38.75 2.37
C ALA D 1465 23.48 37.74 3.52
N VAL D 1466 24.07 36.56 3.37
CA VAL D 1466 24.16 35.60 4.49
C VAL D 1466 25.08 36.10 5.60
N GLN D 1467 25.90 37.11 5.32
CA GLN D 1467 26.69 37.73 6.38
C GLN D 1467 25.80 38.22 7.52
N LYS D 1468 24.49 38.29 7.28
CA LYS D 1468 23.47 38.40 8.33
C LYS D 1468 22.07 38.28 7.72
N ASP D 1473 13.85 38.45 9.51
CA ASP D 1473 12.68 39.19 10.05
C ASP D 1473 11.45 39.06 9.17
N SER D 1474 10.34 39.50 9.73
CA SER D 1474 9.02 39.09 9.28
C SER D 1474 8.10 40.23 8.85
N LYS D 1475 8.68 41.38 8.54
CA LYS D 1475 7.92 42.55 8.07
C LYS D 1475 7.63 42.48 6.58
N SER D 1476 6.72 43.36 6.19
CA SER D 1476 6.21 43.39 4.82
C SER D 1476 5.98 44.87 4.43
N LEU D 1477 5.46 45.08 3.23
CA LEU D 1477 5.31 46.41 2.70
C LEU D 1477 4.59 47.34 3.69
N PHE D 1478 3.40 46.95 4.18
CA PHE D 1478 2.60 47.82 5.09
C PHE D 1478 3.38 48.32 6.32
N HIS D 1479 4.30 47.49 6.82
CA HIS D 1479 5.15 47.93 7.92
C HIS D 1479 5.91 49.14 7.49
N TYR D 1480 6.62 49.00 6.38
CA TYR D 1480 7.55 50.05 5.89
C TYR D 1480 6.81 51.30 5.41
N ARG D 1481 5.61 51.13 4.86
CA ARG D 1481 4.82 52.26 4.38
C ARG D 1481 4.28 53.12 5.53
N GLN D 1482 4.23 52.56 6.74
CA GLN D 1482 3.93 53.34 7.96
C GLN D 1482 5.10 54.22 8.41
#